data_7RLI
#
_entry.id   7RLI
#
_cell.length_a   1.00
_cell.length_b   1.00
_cell.length_c   1.00
_cell.angle_alpha   90.00
_cell.angle_beta   90.00
_cell.angle_gamma   90.00
#
_symmetry.space_group_name_H-M   'P 1'
#
loop_
_entity.id
_entity.type
_entity.pdbx_description
1 polymer 'Transitional endoplasmic reticulum ATPase'
2 non-polymer 1-[4-(benzylamino)-7,8-dihydro-5H-pyrano[4,3-d]pyrimidin-2-yl]-2-methyl-1H-indole-4-carboxamide
3 non-polymer "ADENOSINE-5'-DIPHOSPHATE"
#
_entity_poly.entity_id   1
_entity_poly.type   'polypeptide(L)'
_entity_poly.pdbx_seq_one_letter_code
;HHHHHHGTSENLYFQGASGADSKGDDLSTAILKQKNRPNRLIVDEAINEDNSVVSLSQPKMDELQLFRGDTVLLKGKKRR
EAVCIVLSDDTCSDEKIRMNRVVRNNLRVRLGDVISIQPCPDVKYGKRIHVLPIDDTVEGITGNLFEVYLKPYFLEAYRP
IRKGDIFLVRGGMRAVEFKVVETDPSPYCIVAPDTVIHCEGEPIKREDEEESLNEVGYDDIGGCRKQLAQIKEMVELPLR
HPALFKAIGVKPPRGILLYGPPGTGKTLIARAVANETGAFFFLINGPEIMSKLAGESESNLRKAFEEAEKNAPAIIFIDE
LDAIAPKREKTHGEVERRIVSQLLTLMDGLKQRAHVIVMAATNRPNSIDPALRRFGRFDREVDIGIPDATGRLEILQIHT
KNMKLADDVDLEQVANETHGHVGADLAALCSEAALQAIRKKMDLIDLEDETIDAEVMNSLAVTMDDFRWALSQSNPSALR
ETVVEVPQVTWEDIGGLEDVKRELQELVQYPVEHPDKFLKFGMTPSKGVLFYGPPGCGKTLLAKAIANECQANFISIKGP
ELLTMWFGESEANVREIFDKARQAAPCVLFFDELDSIAKARGGNIGDGGGAADRVINQILTEMDGMSTKKNVFIIGATNR
PDIIDPAILRPGRLDQLIYIPLPDEKSRVAILKANLRKSPVAKDVDLEFLAKMTNGFSGADLTEICQRACKLAIRESIES
EIRRERERQTNPSAMEVEEDDPVPEIRRDHFEEAMRFARRSVSDNDIRKYEMFAQTLQQSRGFGSFRFPSGNQGGAGPSQ
GSGGGTGGSVYTEDNDDDLYG
;
_entity_poly.pdbx_strand_id   A,B,C,D,E,F,G,H,I,J,K,L
#
loop_
_chem_comp.id
_chem_comp.type
_chem_comp.name
_chem_comp.formula
ADP non-polymer ADENOSINE-5'-DIPHOSPHATE 'C10 H15 N5 O10 P2'
JDP non-polymer 1-[4-(benzylamino)-7,8-dihydro-5H-pyrano[4,3-d]pyrimidin-2-yl]-2-methyl-1H-indole-4-carboxamide 'C24 H23 N5 O2'
#
# COMPACT_ATOMS: atom_id res chain seq x y z
N ASN A 36 13.39 74.16 59.86
CA ASN A 36 12.08 73.65 59.48
C ASN A 36 11.50 72.76 60.58
N ARG A 37 12.10 72.83 61.77
CA ARG A 37 11.69 72.05 62.93
C ARG A 37 11.63 70.57 62.59
N PRO A 38 12.77 69.90 62.42
CA PRO A 38 12.75 68.48 62.04
C PRO A 38 12.25 67.58 63.17
N ASN A 39 10.97 67.70 63.50
CA ASN A 39 10.37 66.86 64.53
C ASN A 39 9.06 66.20 64.11
N ARG A 40 8.38 66.69 63.09
CA ARG A 40 7.13 66.11 62.64
C ARG A 40 7.38 65.13 61.50
N LEU A 41 6.66 64.01 61.53
CA LEU A 41 6.77 62.99 60.50
C LEU A 41 5.39 62.60 60.01
N ILE A 42 5.34 62.06 58.79
CA ILE A 42 4.08 61.63 58.21
C ILE A 42 3.57 60.38 58.91
N VAL A 43 2.29 60.08 58.70
CA VAL A 43 1.63 58.96 59.35
C VAL A 43 1.28 57.92 58.30
N ASP A 44 1.42 56.65 58.67
CA ASP A 44 1.01 55.55 57.79
C ASP A 44 0.32 54.46 58.59
N GLU A 45 0.11 53.30 57.96
CA GLU A 45 -0.53 52.17 58.60
C GLU A 45 0.52 51.25 59.22
N ALA A 46 0.15 50.63 60.34
CA ALA A 46 1.04 49.72 61.06
C ALA A 46 0.67 48.27 60.75
N ILE A 47 1.68 47.47 60.41
CA ILE A 47 1.45 46.07 60.10
C ILE A 47 1.33 45.21 61.35
N ASN A 48 1.69 45.73 62.52
CA ASN A 48 1.56 44.97 63.75
C ASN A 48 0.09 44.81 64.12
N GLU A 49 -0.25 43.66 64.69
CA GLU A 49 -1.61 43.35 65.08
C GLU A 49 -1.91 43.69 66.53
N ASP A 50 -0.95 44.31 67.24
CA ASP A 50 -1.15 44.67 68.63
C ASP A 50 -2.12 45.84 68.74
N ASN A 51 -2.66 46.03 69.94
CA ASN A 51 -3.66 47.07 70.16
C ASN A 51 -3.03 48.44 70.33
N SER A 52 -2.20 48.61 71.36
CA SER A 52 -1.56 49.89 71.63
C SER A 52 -0.04 49.70 71.60
N VAL A 53 0.52 49.76 70.39
CA VAL A 53 1.95 49.62 70.18
C VAL A 53 2.34 50.59 69.07
N VAL A 54 3.35 51.42 69.34
CA VAL A 54 3.89 52.38 68.37
C VAL A 54 5.31 51.96 68.05
N SER A 55 5.57 51.70 66.77
CA SER A 55 6.87 51.25 66.32
C SER A 55 7.57 52.38 65.56
N LEU A 56 8.88 52.52 65.83
CA LEU A 56 9.69 53.56 65.21
C LEU A 56 10.94 52.90 64.64
N SER A 57 11.85 53.73 64.16
CA SER A 57 13.12 53.26 63.61
C SER A 57 14.22 53.43 64.64
N GLN A 58 15.39 52.86 64.34
CA GLN A 58 16.52 52.86 65.27
C GLN A 58 16.97 54.28 65.66
N PRO A 59 17.15 55.22 64.71
CA PRO A 59 17.58 56.58 65.11
C PRO A 59 16.42 57.46 65.53
N LYS A 60 15.54 56.94 66.38
CA LYS A 60 14.40 57.73 66.84
C LYS A 60 14.40 57.89 68.37
N MET A 61 14.52 56.79 69.11
CA MET A 61 14.57 56.90 70.56
C MET A 61 15.94 57.34 71.06
N ASP A 62 16.97 57.23 70.23
CA ASP A 62 18.30 57.69 70.62
C ASP A 62 18.41 59.21 70.68
N GLU A 63 17.48 59.93 70.06
CA GLU A 63 17.49 61.39 70.10
C GLU A 63 16.63 61.92 71.24
N LEU A 64 15.53 61.25 71.57
CA LEU A 64 14.63 61.66 72.63
C LEU A 64 14.88 60.91 73.93
N GLN A 65 15.98 60.16 74.02
CA GLN A 65 16.39 59.38 75.19
C GLN A 65 15.23 58.72 75.91
N LEU A 66 14.39 58.01 75.16
CA LEU A 66 13.25 57.28 75.73
C LEU A 66 13.50 55.78 75.63
N PHE A 67 13.07 55.05 76.65
CA PHE A 67 13.25 53.62 76.70
C PHE A 67 12.07 52.91 76.04
N ARG A 68 12.04 51.59 76.13
CA ARG A 68 10.99 50.80 75.49
C ARG A 68 9.71 50.75 76.31
N GLY A 69 9.71 51.26 77.54
CA GLY A 69 8.52 51.24 78.36
C GLY A 69 8.23 52.58 79.03
N ASP A 70 8.56 53.68 78.35
CA ASP A 70 8.37 55.01 78.89
C ASP A 70 6.99 55.53 78.52
N THR A 71 6.70 56.76 78.93
CA THR A 71 5.42 57.41 78.68
C THR A 71 5.59 58.44 77.59
N VAL A 72 4.74 58.36 76.56
CA VAL A 72 4.80 59.25 75.42
C VAL A 72 3.50 60.03 75.34
N LEU A 73 3.63 61.32 75.02
CA LEU A 73 2.48 62.21 74.90
C LEU A 73 2.41 62.75 73.48
N LEU A 74 1.26 62.58 72.83
CA LEU A 74 1.04 63.02 71.46
C LEU A 74 -0.13 64.00 71.42
N LYS A 75 -0.01 65.00 70.55
CA LYS A 75 -1.03 66.01 70.38
C LYS A 75 -1.58 65.96 68.96
N GLY A 76 -2.50 66.88 68.67
CA GLY A 76 -3.09 66.98 67.35
C GLY A 76 -4.02 68.18 67.22
N LYS A 77 -5.08 68.02 66.45
CA LYS A 77 -6.07 69.06 66.28
C LYS A 77 -7.06 69.04 67.45
N LYS A 78 -7.98 70.00 67.44
CA LYS A 78 -9.05 70.12 68.44
C LYS A 78 -8.51 70.34 69.86
N ARG A 79 -7.23 70.71 69.96
CA ARG A 79 -6.58 70.97 71.26
C ARG A 79 -6.72 69.78 72.20
N ARG A 80 -6.36 68.61 71.69
CA ARG A 80 -6.43 67.37 72.45
C ARG A 80 -5.07 66.70 72.48
N GLU A 81 -4.84 65.92 73.53
CA GLU A 81 -3.59 65.20 73.74
C GLU A 81 -3.86 63.70 73.67
N ALA A 82 -2.78 62.93 73.77
CA ALA A 82 -2.87 61.47 73.75
C ALA A 82 -1.69 60.90 74.51
N VAL A 83 -1.81 59.64 74.92
CA VAL A 83 -0.76 58.95 75.64
C VAL A 83 -0.79 57.48 75.25
N CYS A 84 0.38 56.92 74.99
CA CYS A 84 0.50 55.53 74.55
C CYS A 84 1.83 54.97 75.05
N ILE A 85 2.24 53.85 74.48
CA ILE A 85 3.48 53.18 74.83
C ILE A 85 4.30 53.00 73.56
N VAL A 86 5.55 53.46 73.58
CA VAL A 86 6.45 53.34 72.44
C VAL A 86 7.16 51.99 72.53
N LEU A 87 7.12 51.22 71.44
CA LEU A 87 7.81 49.96 71.35
C LEU A 87 8.94 50.07 70.33
N SER A 88 10.10 49.50 70.67
CA SER A 88 11.27 49.57 69.81
C SER A 88 11.24 48.43 68.80
N ASP A 89 11.55 48.76 67.55
CA ASP A 89 11.61 47.77 66.48
C ASP A 89 12.62 48.24 65.45
N ASP A 90 13.39 47.28 64.92
CA ASP A 90 14.40 47.57 63.91
C ASP A 90 14.18 46.76 62.64
N THR A 91 12.99 46.18 62.47
CA THR A 91 12.67 45.40 61.29
C THR A 91 11.57 46.00 60.44
N CYS A 92 10.80 46.95 60.98
CA CYS A 92 9.69 47.56 60.25
C CYS A 92 10.19 48.33 59.02
N SER A 93 11.00 49.36 59.24
CA SER A 93 11.49 50.18 58.14
C SER A 93 12.86 50.77 58.47
N ASP A 94 13.29 51.75 57.67
CA ASP A 94 14.56 52.44 57.86
C ASP A 94 14.43 53.70 58.71
N GLU A 95 13.51 54.59 58.38
CA GLU A 95 13.24 55.76 59.20
C GLU A 95 11.76 56.10 59.04
N LYS A 96 10.94 55.59 59.95
CA LYS A 96 9.50 55.80 59.87
C LYS A 96 8.88 55.46 61.22
N ILE A 97 7.75 56.09 61.52
CA ILE A 97 7.00 55.85 62.75
C ILE A 97 5.67 55.22 62.40
N ARG A 98 5.35 54.11 63.06
CA ARG A 98 4.09 53.42 62.90
C ARG A 98 3.05 54.03 63.83
N MET A 99 1.78 53.73 63.58
CA MET A 99 0.71 54.41 64.28
C MET A 99 -0.57 53.61 64.08
N ASN A 100 -1.31 53.35 65.15
CA ASN A 100 -2.40 52.38 65.12
C ASN A 100 -3.73 53.03 64.76
N ARG A 101 -4.72 52.18 64.46
CA ARG A 101 -6.06 52.64 64.08
C ARG A 101 -6.94 52.99 65.26
N VAL A 102 -6.83 52.26 66.38
CA VAL A 102 -7.66 52.53 67.55
C VAL A 102 -7.41 53.90 68.13
N VAL A 103 -6.26 54.51 67.84
CA VAL A 103 -5.95 55.84 68.34
C VAL A 103 -5.91 56.89 67.24
N ARG A 104 -5.87 56.50 65.97
CA ARG A 104 -6.03 57.47 64.88
C ARG A 104 -7.38 58.16 64.95
N ASN A 105 -8.45 57.38 65.14
CA ASN A 105 -9.77 57.98 65.31
C ASN A 105 -9.92 58.63 66.68
N ASN A 106 -9.17 58.19 67.67
CA ASN A 106 -9.27 58.76 69.01
C ASN A 106 -8.68 60.16 69.07
N LEU A 107 -7.50 60.36 68.47
CA LEU A 107 -6.87 61.67 68.46
C LEU A 107 -7.35 62.52 67.29
N ARG A 108 -8.22 61.97 66.43
CA ARG A 108 -8.73 62.65 65.24
C ARG A 108 -7.60 62.99 64.27
N VAL A 109 -6.91 61.94 63.84
CA VAL A 109 -5.80 62.06 62.89
C VAL A 109 -6.16 61.27 61.65
N ARG A 110 -5.82 61.82 60.49
CA ARG A 110 -6.01 61.13 59.22
C ARG A 110 -4.65 61.00 58.53
N LEU A 111 -4.62 60.24 57.44
CA LEU A 111 -3.37 59.95 56.76
C LEU A 111 -2.78 61.21 56.13
N GLY A 112 -1.48 61.18 55.89
CA GLY A 112 -0.81 62.32 55.28
C GLY A 112 -0.74 63.55 56.16
N ASP A 113 -0.75 63.36 57.48
CA ASP A 113 -0.67 64.45 58.43
C ASP A 113 0.65 64.38 59.20
N VAL A 114 0.99 65.49 59.84
CA VAL A 114 2.22 65.59 60.63
C VAL A 114 1.89 65.33 62.08
N ILE A 115 2.82 64.69 62.79
CA ILE A 115 2.67 64.37 64.20
C ILE A 115 3.98 64.65 64.91
N SER A 116 3.91 65.33 66.05
CA SER A 116 5.07 65.67 66.86
C SER A 116 5.13 64.75 68.07
N ILE A 117 6.31 64.19 68.33
CA ILE A 117 6.52 63.26 69.43
C ILE A 117 7.61 63.79 70.34
N GLN A 118 7.39 63.64 71.64
CA GLN A 118 8.37 64.05 72.65
C GLN A 118 8.18 63.17 73.88
N PRO A 119 9.25 62.88 74.61
CA PRO A 119 9.11 62.10 75.84
C PRO A 119 8.42 62.89 76.93
N CYS A 120 7.79 62.16 77.84
CA CYS A 120 7.08 62.77 78.97
C CYS A 120 7.27 61.88 80.18
N PRO A 121 8.38 62.04 80.90
CA PRO A 121 8.65 61.20 82.10
C PRO A 121 7.87 61.68 83.32
N ASP A 122 6.57 61.40 83.31
CA ASP A 122 5.67 61.79 84.40
C ASP A 122 5.14 60.52 85.07
N VAL A 123 5.27 60.47 86.39
CA VAL A 123 4.77 59.34 87.16
C VAL A 123 3.26 59.47 87.33
N LYS A 124 2.53 58.44 86.93
CA LYS A 124 1.08 58.44 87.00
C LYS A 124 0.60 57.22 87.77
N TYR A 125 -0.57 57.37 88.41
CA TYR A 125 -1.14 56.29 89.21
C TYR A 125 -2.65 56.50 89.29
N GLY A 126 -3.41 55.61 88.67
CA GLY A 126 -4.85 55.70 88.73
C GLY A 126 -5.40 55.23 90.08
N LYS A 127 -6.41 55.94 90.56
CA LYS A 127 -7.05 55.60 91.83
C LYS A 127 -8.50 55.17 91.64
N ARG A 128 -9.32 55.99 90.97
CA ARG A 128 -10.72 55.67 90.74
C ARG A 128 -11.03 55.89 89.26
N ILE A 129 -11.77 54.94 88.66
CA ILE A 129 -12.17 55.03 87.28
C ILE A 129 -13.67 54.79 87.18
N HIS A 130 -14.27 55.29 86.10
CA HIS A 130 -15.70 55.13 85.88
C HIS A 130 -15.94 55.19 84.36
N VAL A 131 -16.11 54.02 83.75
CA VAL A 131 -16.35 53.92 82.32
C VAL A 131 -17.73 53.32 82.09
N LEU A 132 -18.33 53.67 80.96
CA LEU A 132 -19.65 53.18 80.60
C LEU A 132 -19.75 53.11 79.09
N PRO A 133 -20.46 52.14 78.54
CA PRO A 133 -20.56 52.01 77.09
C PRO A 133 -21.64 52.91 76.51
N ILE A 134 -21.63 53.03 75.19
CA ILE A 134 -22.64 53.79 74.46
C ILE A 134 -23.78 52.85 74.11
N ASP A 135 -25.01 53.38 74.18
CA ASP A 135 -26.19 52.57 73.91
C ASP A 135 -26.39 52.35 72.41
N ASP A 136 -25.39 51.77 71.76
CA ASP A 136 -25.48 51.46 70.34
C ASP A 136 -24.96 50.06 70.05
N THR A 137 -24.25 49.47 71.02
CA THR A 137 -23.65 48.15 70.85
C THR A 137 -23.81 47.28 72.09
N VAL A 138 -24.81 47.57 72.92
CA VAL A 138 -25.02 46.81 74.15
C VAL A 138 -26.39 46.14 74.11
N GLU A 139 -26.86 45.80 72.91
CA GLU A 139 -28.15 45.17 72.74
C GLU A 139 -28.06 43.71 73.12
N GLY A 140 -28.90 43.28 74.05
CA GLY A 140 -28.92 41.90 74.49
C GLY A 140 -27.95 41.55 75.60
N ILE A 141 -27.37 42.55 76.27
CA ILE A 141 -26.40 42.34 77.33
C ILE A 141 -27.03 42.80 78.64
N THR A 142 -27.04 41.90 79.63
CA THR A 142 -27.60 42.20 80.94
C THR A 142 -26.65 41.73 82.03
N GLY A 143 -26.89 42.24 83.25
CA GLY A 143 -26.06 41.88 84.38
C GLY A 143 -24.77 42.67 84.44
N ASN A 144 -23.91 42.26 85.38
CA ASN A 144 -22.63 42.92 85.56
C ASN A 144 -21.70 42.63 84.39
N LEU A 145 -20.94 43.66 83.99
CA LEU A 145 -20.01 43.52 82.87
C LEU A 145 -18.68 44.20 83.13
N PHE A 146 -18.37 44.57 84.38
CA PHE A 146 -17.12 45.25 84.69
C PHE A 146 -16.09 44.36 85.38
N GLU A 147 -16.53 43.43 86.22
CA GLU A 147 -15.63 42.55 86.96
C GLU A 147 -15.37 41.25 86.22
N VAL A 148 -15.91 41.09 85.02
CA VAL A 148 -15.76 39.84 84.27
C VAL A 148 -15.01 40.02 82.96
N TYR A 149 -15.08 41.17 82.29
CA TYR A 149 -14.27 41.43 81.11
C TYR A 149 -13.17 42.46 81.33
N LEU A 150 -13.50 43.62 81.88
CA LEU A 150 -12.51 44.69 82.03
C LEU A 150 -11.38 44.31 82.97
N LYS A 151 -11.68 43.70 84.13
CA LYS A 151 -10.62 43.34 85.05
C LYS A 151 -9.63 42.34 84.47
N PRO A 152 -10.05 41.25 83.80
CA PRO A 152 -9.08 40.31 83.25
C PRO A 152 -8.13 40.90 82.22
N TYR A 153 -8.60 41.76 81.32
CA TYR A 153 -7.76 42.27 80.25
C TYR A 153 -6.88 43.44 80.66
N PHE A 154 -7.21 44.14 81.76
CA PHE A 154 -6.37 45.27 82.17
C PHE A 154 -5.05 44.83 82.80
N LEU A 155 -5.03 43.72 83.51
CA LEU A 155 -3.82 43.30 84.22
C LEU A 155 -2.72 42.89 83.26
N GLU A 156 -1.47 43.12 83.68
CA GLU A 156 -0.28 42.79 82.90
C GLU A 156 -0.25 43.53 81.57
N ALA A 157 -0.88 44.71 81.53
CA ALA A 157 -0.87 45.53 80.32
C ALA A 157 -0.37 46.93 80.62
N TYR A 158 -0.79 47.50 81.75
CA TYR A 158 -0.40 48.85 82.17
C TYR A 158 -0.67 49.87 81.06
N ARG A 159 -1.81 49.71 80.39
CA ARG A 159 -2.10 50.64 79.30
C ARG A 159 -2.56 51.98 79.84
N PRO A 160 -2.03 53.08 79.33
CA PRO A 160 -2.46 54.41 79.78
C PRO A 160 -3.78 54.81 79.13
N ILE A 161 -4.40 55.83 79.73
CA ILE A 161 -5.66 56.36 79.22
C ILE A 161 -5.73 57.83 79.59
N ARG A 162 -6.16 58.66 78.64
CA ARG A 162 -6.32 60.09 78.84
C ARG A 162 -7.80 60.43 78.90
N LYS A 163 -8.09 61.66 79.33
CA LYS A 163 -9.48 62.09 79.50
C LYS A 163 -10.12 62.35 78.15
N GLY A 164 -11.33 61.84 77.97
CA GLY A 164 -12.07 62.04 76.73
C GLY A 164 -11.56 61.21 75.59
N ASP A 165 -11.48 59.90 75.78
CA ASP A 165 -11.00 58.99 74.74
C ASP A 165 -11.94 57.80 74.65
N ILE A 166 -12.16 57.32 73.43
CA ILE A 166 -13.01 56.16 73.19
C ILE A 166 -12.17 54.98 72.76
N PHE A 167 -11.74 54.17 73.73
CA PHE A 167 -10.95 52.98 73.43
C PHE A 167 -11.86 51.86 72.93
N LEU A 168 -11.28 50.96 72.14
CA LEU A 168 -12.00 49.83 71.56
C LEU A 168 -11.30 48.54 71.98
N VAL A 169 -12.09 47.55 72.42
CA VAL A 169 -11.56 46.29 72.88
C VAL A 169 -12.27 45.16 72.14
N ARG A 170 -11.48 44.20 71.68
CA ARG A 170 -11.98 43.03 70.98
C ARG A 170 -12.00 41.83 71.92
N GLY A 171 -13.05 41.05 71.83
CA GLY A 171 -13.23 39.87 72.67
C GLY A 171 -14.66 39.79 73.18
N GLY A 172 -14.97 38.68 73.82
CA GLY A 172 -16.31 38.49 74.34
C GLY A 172 -17.36 38.21 73.29
N MET A 173 -16.95 37.68 72.14
CA MET A 173 -17.87 37.33 71.06
C MET A 173 -18.63 38.56 70.56
N ARG A 174 -17.99 39.73 70.62
CA ARG A 174 -18.60 40.97 70.19
C ARG A 174 -17.53 42.06 70.14
N ALA A 175 -17.93 43.22 69.64
CA ALA A 175 -17.06 44.39 69.56
C ALA A 175 -17.76 45.54 70.29
N VAL A 176 -17.31 45.83 71.50
CA VAL A 176 -17.92 46.85 72.33
C VAL A 176 -16.84 47.84 72.77
N GLU A 177 -17.28 49.03 73.16
CA GLU A 177 -16.38 50.10 73.59
C GLU A 177 -16.97 50.77 74.81
N PHE A 178 -16.15 51.59 75.46
CA PHE A 178 -16.56 52.33 76.65
C PHE A 178 -16.02 53.75 76.58
N LYS A 179 -16.68 54.65 77.30
CA LYS A 179 -16.30 56.06 77.30
C LYS A 179 -16.36 56.58 78.73
N VAL A 180 -15.34 57.33 79.12
CA VAL A 180 -15.26 57.90 80.46
C VAL A 180 -15.86 59.31 80.44
N VAL A 181 -16.56 59.67 81.51
CA VAL A 181 -17.21 60.96 81.59
C VAL A 181 -16.77 61.71 82.85
N GLU A 182 -16.35 60.97 83.87
CA GLU A 182 -15.97 61.58 85.14
C GLU A 182 -15.09 60.63 85.92
N THR A 183 -13.84 61.04 86.16
CA THR A 183 -12.92 60.25 86.97
C THR A 183 -11.93 61.20 87.64
N ASP A 184 -10.81 60.67 88.11
CA ASP A 184 -9.79 61.49 88.73
C ASP A 184 -9.23 62.50 87.71
N PRO A 185 -8.82 63.68 88.16
CA PRO A 185 -8.35 64.72 87.21
C PRO A 185 -7.19 64.24 86.37
N SER A 186 -7.20 64.65 85.10
CA SER A 186 -6.16 64.23 84.17
C SER A 186 -4.82 64.82 84.56
N PRO A 187 -3.72 64.07 84.40
CA PRO A 187 -3.73 62.68 83.96
C PRO A 187 -3.81 61.69 85.13
N TYR A 188 -2.66 61.15 85.53
CA TYR A 188 -2.57 60.24 86.68
C TYR A 188 -3.53 59.06 86.53
N CYS A 189 -3.63 58.53 85.32
CA CYS A 189 -4.50 57.40 85.01
C CYS A 189 -3.65 56.20 84.64
N ILE A 190 -3.49 55.27 85.59
CA ILE A 190 -2.75 54.03 85.36
C ILE A 190 -3.60 52.88 85.87
N VAL A 191 -3.82 51.87 85.02
CA VAL A 191 -4.63 50.73 85.41
C VAL A 191 -3.89 49.89 86.43
N ALA A 192 -4.62 49.44 87.45
CA ALA A 192 -4.04 48.61 88.51
C ALA A 192 -5.16 47.79 89.13
N PRO A 193 -4.88 46.56 89.56
CA PRO A 193 -5.93 45.74 90.18
C PRO A 193 -6.50 46.34 91.45
N ASP A 194 -5.74 47.20 92.14
CA ASP A 194 -6.23 47.84 93.36
C ASP A 194 -7.24 48.94 93.08
N THR A 195 -7.32 49.43 91.84
CA THR A 195 -8.26 50.48 91.50
C THR A 195 -9.70 49.95 91.55
N VAL A 196 -10.61 50.83 91.92
CA VAL A 196 -12.01 50.48 92.02
C VAL A 196 -12.77 51.12 90.86
N ILE A 197 -13.97 50.60 90.59
CA ILE A 197 -14.81 51.09 89.50
C ILE A 197 -16.24 51.17 90.00
N HIS A 198 -17.06 51.96 89.30
CA HIS A 198 -18.45 52.13 89.67
C HIS A 198 -19.25 52.51 88.43
N CYS A 199 -20.56 52.36 88.52
CA CYS A 199 -21.47 52.64 87.42
C CYS A 199 -22.71 53.37 87.96
N GLU A 200 -23.38 54.09 87.06
CA GLU A 200 -24.60 54.80 87.39
C GLU A 200 -25.84 54.10 86.85
N GLY A 201 -25.78 53.57 85.64
CA GLY A 201 -26.88 52.87 85.03
C GLY A 201 -27.63 53.61 83.93
N GLU A 202 -26.99 54.58 83.28
CA GLU A 202 -27.63 55.35 82.21
C GLU A 202 -26.58 55.64 81.14
N PRO A 203 -26.57 54.85 80.07
CA PRO A 203 -25.60 55.11 78.98
C PRO A 203 -25.90 56.42 78.27
N ILE A 204 -24.84 57.04 77.77
CA ILE A 204 -24.93 58.31 77.04
C ILE A 204 -24.68 58.04 75.57
N LYS A 205 -25.55 58.55 74.72
CA LYS A 205 -25.42 58.35 73.29
C LYS A 205 -24.20 59.09 72.74
N ARG A 206 -23.64 58.55 71.66
CA ARG A 206 -22.50 59.16 71.01
C ARG A 206 -22.92 60.37 70.18
N GLU A 207 -21.94 61.19 69.82
CA GLU A 207 -22.15 62.36 69.00
C GLU A 207 -21.53 62.16 67.63
N ASP A 208 -21.63 63.19 66.78
CA ASP A 208 -21.12 63.14 65.43
C ASP A 208 -19.65 63.53 65.33
N GLU A 209 -19.05 63.99 66.43
CA GLU A 209 -17.64 64.35 66.41
C GLU A 209 -16.74 63.14 66.22
N GLU A 210 -17.09 62.00 66.81
CA GLU A 210 -16.31 60.78 66.71
C GLU A 210 -16.88 59.87 65.63
N GLU A 211 -16.06 58.90 65.23
CA GLU A 211 -16.44 57.92 64.21
C GLU A 211 -16.35 56.53 64.82
N SER A 212 -17.34 55.69 64.48
CA SER A 212 -17.36 54.32 64.99
C SER A 212 -16.22 53.52 64.39
N LEU A 213 -15.52 52.77 65.25
CA LEU A 213 -14.42 51.92 64.81
C LEU A 213 -14.89 50.55 64.33
N ASN A 214 -16.20 50.28 64.39
CA ASN A 214 -16.74 49.02 63.90
C ASN A 214 -16.75 48.94 62.38
N GLU A 215 -16.47 50.04 61.68
CA GLU A 215 -16.47 50.05 60.22
C GLU A 215 -15.17 49.46 59.69
N VAL A 216 -15.02 49.52 58.37
CA VAL A 216 -13.89 48.86 57.72
C VAL A 216 -12.76 49.85 57.48
N GLY A 217 -11.53 49.42 57.78
CA GLY A 217 -10.35 50.20 57.52
C GLY A 217 -9.29 49.39 56.80
N TYR A 218 -8.09 49.95 56.63
CA TYR A 218 -7.02 49.22 55.95
C TYR A 218 -6.61 47.95 56.68
N ASP A 219 -6.70 47.95 58.01
CA ASP A 219 -6.31 46.77 58.78
C ASP A 219 -7.26 45.60 58.60
N ASP A 220 -8.43 45.83 57.98
CA ASP A 220 -9.42 44.78 57.79
C ASP A 220 -9.22 43.99 56.52
N ILE A 221 -8.23 44.36 55.70
CA ILE A 221 -7.97 43.68 54.44
C ILE A 221 -6.88 42.65 54.69
N GLY A 222 -7.14 41.41 54.31
CA GLY A 222 -6.17 40.34 54.50
C GLY A 222 -5.85 39.59 53.22
N GLY A 223 -4.57 39.54 52.87
CA GLY A 223 -4.16 38.80 51.69
C GLY A 223 -3.74 39.70 50.54
N CYS A 224 -4.47 40.80 50.35
CA CYS A 224 -4.17 41.75 49.28
C CYS A 224 -3.17 42.76 49.80
N ARG A 225 -1.89 42.44 49.64
CA ARG A 225 -0.81 43.33 50.02
C ARG A 225 -0.23 44.08 48.82
N LYS A 226 0.22 43.34 47.80
CA LYS A 226 0.75 43.97 46.60
C LYS A 226 -0.30 44.77 45.86
N GLN A 227 -1.53 44.26 45.75
CA GLN A 227 -2.59 44.98 45.06
C GLN A 227 -3.08 46.19 45.82
N LEU A 228 -3.25 46.07 47.14
CA LEU A 228 -3.65 47.23 47.94
C LEU A 228 -2.56 48.30 47.98
N ALA A 229 -1.29 47.90 47.85
CA ALA A 229 -0.22 48.88 47.84
C ALA A 229 -0.31 49.82 46.65
N GLN A 230 -0.87 49.37 45.54
CA GLN A 230 -0.99 50.23 44.38
C GLN A 230 -2.02 51.35 44.57
N ILE A 231 -3.16 51.06 45.19
CA ILE A 231 -4.19 52.08 45.36
C ILE A 231 -3.70 53.23 46.23
N LYS A 232 -2.75 52.95 47.13
CA LYS A 232 -2.18 54.00 47.96
C LYS A 232 -1.48 55.08 47.13
N GLU A 233 -0.76 54.69 46.09
CA GLU A 233 -0.05 55.64 45.25
C GLU A 233 -0.89 56.14 44.08
N MET A 234 -2.20 55.89 44.09
CA MET A 234 -3.09 56.46 43.09
C MET A 234 -4.26 57.25 43.67
N VAL A 235 -4.70 57.00 44.89
CA VAL A 235 -5.83 57.75 45.45
C VAL A 235 -5.47 58.63 46.64
N GLU A 236 -4.25 58.52 47.18
CA GLU A 236 -3.84 59.37 48.29
C GLU A 236 -3.37 60.75 47.86
N LEU A 237 -2.96 60.91 46.61
CA LEU A 237 -2.52 62.23 46.17
C LEU A 237 -3.71 63.16 45.91
N PRO A 238 -4.73 62.76 45.13
CA PRO A 238 -5.82 63.70 44.86
C PRO A 238 -6.77 63.91 46.02
N LEU A 239 -6.92 62.94 46.91
CA LEU A 239 -7.90 63.06 48.00
C LEU A 239 -7.33 63.70 49.25
N ARG A 240 -6.02 63.58 49.50
CA ARG A 240 -5.42 64.16 50.69
C ARG A 240 -4.91 65.57 50.45
N HIS A 241 -4.58 65.92 49.20
CA HIS A 241 -4.00 67.21 48.87
C HIS A 241 -4.77 67.81 47.69
N PRO A 242 -5.95 68.38 47.95
CA PRO A 242 -6.75 68.93 46.85
C PRO A 242 -6.20 70.21 46.26
N ALA A 243 -5.74 71.14 47.09
CA ALA A 243 -5.21 72.41 46.58
C ALA A 243 -4.00 72.20 45.70
N LEU A 244 -3.21 71.16 45.94
CA LEU A 244 -2.05 70.90 45.09
C LEU A 244 -2.49 70.46 43.69
N PHE A 245 -3.60 69.72 43.60
CA PHE A 245 -4.11 69.32 42.30
C PHE A 245 -4.82 70.46 41.57
N LYS A 246 -5.56 71.31 42.29
CA LYS A 246 -6.02 72.55 41.68
C LYS A 246 -4.95 73.63 41.59
N ALA A 247 -3.68 73.26 41.80
CA ALA A 247 -2.55 74.15 41.51
C ALA A 247 -1.71 73.66 40.35
N ILE A 248 -1.44 72.35 40.27
CA ILE A 248 -0.64 71.78 39.21
C ILE A 248 -1.52 71.37 38.03
N GLY A 249 -0.92 71.14 36.88
CA GLY A 249 -1.61 70.69 35.69
C GLY A 249 -1.68 69.19 35.50
N VAL A 250 -1.29 68.40 36.49
CA VAL A 250 -1.34 66.94 36.38
C VAL A 250 -2.79 66.48 36.44
N LYS A 251 -3.15 65.57 35.54
CA LYS A 251 -4.50 65.00 35.53
C LYS A 251 -4.51 63.71 36.34
N PRO A 252 -5.27 63.65 37.44
CA PRO A 252 -5.35 62.42 38.21
C PRO A 252 -6.14 61.36 37.47
N PRO A 253 -5.98 60.08 37.84
CA PRO A 253 -6.81 59.04 37.22
C PRO A 253 -8.29 59.28 37.50
N ARG A 254 -9.12 59.02 36.50
CA ARG A 254 -10.56 59.28 36.58
C ARG A 254 -11.35 57.99 36.72
N GLY A 255 -10.68 56.88 37.00
CA GLY A 255 -11.37 55.62 37.14
C GLY A 255 -10.45 54.43 37.34
N ILE A 256 -10.80 53.57 38.30
CA ILE A 256 -10.00 52.40 38.65
C ILE A 256 -10.93 51.20 38.59
N LEU A 257 -10.50 50.15 37.90
CA LEU A 257 -11.30 48.94 37.75
C LEU A 257 -10.65 47.81 38.54
N LEU A 258 -11.36 47.30 39.53
CA LEU A 258 -10.91 46.18 40.34
C LEU A 258 -11.41 44.87 39.73
N TYR A 259 -10.69 43.79 40.00
CA TYR A 259 -11.01 42.53 39.34
C TYR A 259 -11.11 41.38 40.34
N GLY A 260 -11.19 40.15 39.82
CA GLY A 260 -11.24 38.97 40.65
C GLY A 260 -12.63 38.41 40.77
N PRO A 261 -12.73 37.14 41.18
CA PRO A 261 -14.03 36.51 41.37
C PRO A 261 -14.77 37.15 42.54
N PRO A 262 -16.09 36.95 42.63
CA PRO A 262 -16.84 37.55 43.73
C PRO A 262 -16.35 37.06 45.08
N GLY A 263 -16.38 37.95 46.06
CA GLY A 263 -15.93 37.64 47.40
C GLY A 263 -14.46 37.90 47.65
N THR A 264 -13.69 38.29 46.64
CA THR A 264 -12.27 38.56 46.86
C THR A 264 -12.05 39.80 47.68
N GLY A 265 -13.04 40.69 47.76
CA GLY A 265 -12.91 41.86 48.60
C GLY A 265 -12.84 43.18 47.86
N LYS A 266 -13.50 43.25 46.71
CA LYS A 266 -13.48 44.48 45.93
C LYS A 266 -14.30 45.60 46.54
N THR A 267 -15.15 45.30 47.53
CA THR A 267 -16.04 46.31 48.07
C THR A 267 -15.50 46.96 49.33
N LEU A 268 -15.03 46.17 50.31
CA LEU A 268 -14.50 46.77 51.51
C LEU A 268 -13.19 47.49 51.27
N ILE A 269 -12.47 47.16 50.20
CA ILE A 269 -11.29 47.94 49.83
C ILE A 269 -11.69 49.36 49.49
N ALA A 270 -12.71 49.51 48.63
CA ALA A 270 -13.20 50.83 48.27
C ALA A 270 -13.83 51.54 49.47
N ARG A 271 -14.50 50.82 50.35
CA ARG A 271 -15.06 51.46 51.53
C ARG A 271 -13.98 51.89 52.52
N ALA A 272 -12.89 51.13 52.63
CA ALA A 272 -11.82 51.49 53.55
C ALA A 272 -11.01 52.68 53.03
N VAL A 273 -10.68 52.69 51.73
CA VAL A 273 -9.96 53.82 51.16
C VAL A 273 -10.77 55.11 51.20
N ALA A 274 -12.07 55.01 51.51
CA ALA A 274 -12.92 56.17 51.72
C ALA A 274 -13.08 56.52 53.20
N ASN A 275 -13.25 55.51 54.05
CA ASN A 275 -13.40 55.75 55.47
C ASN A 275 -12.15 56.36 56.07
N GLU A 276 -10.97 55.88 55.68
CA GLU A 276 -9.73 56.39 56.24
C GLU A 276 -9.18 57.59 55.49
N THR A 277 -9.85 58.04 54.43
CA THR A 277 -9.44 59.25 53.73
C THR A 277 -10.42 60.40 53.88
N GLY A 278 -11.56 60.18 54.52
CA GLY A 278 -12.52 61.25 54.73
C GLY A 278 -13.23 61.69 53.47
N ALA A 279 -13.27 60.84 52.45
CA ALA A 279 -13.95 61.15 51.21
C ALA A 279 -15.37 60.61 51.25
N PHE A 280 -16.29 61.37 50.66
CA PHE A 280 -17.69 60.98 50.63
C PHE A 280 -17.85 59.73 49.80
N PHE A 281 -18.08 58.59 50.45
CA PHE A 281 -18.25 57.31 49.78
C PHE A 281 -19.71 57.16 49.38
N PHE A 282 -19.95 56.93 48.09
CA PHE A 282 -21.30 56.71 47.58
C PHE A 282 -21.29 55.41 46.80
N LEU A 283 -22.05 54.43 47.29
CA LEU A 283 -22.07 53.10 46.70
C LEU A 283 -23.31 52.94 45.83
N ILE A 284 -23.11 52.50 44.59
CA ILE A 284 -24.19 52.04 43.74
C ILE A 284 -23.87 50.61 43.30
N ASN A 285 -24.82 49.72 43.51
CA ASN A 285 -24.58 48.30 43.31
C ASN A 285 -24.49 47.97 41.82
N GLY A 286 -25.54 48.28 41.07
CA GLY A 286 -25.59 47.97 39.67
C GLY A 286 -26.85 47.26 39.23
N PRO A 287 -27.35 46.32 40.04
CA PRO A 287 -28.69 45.76 39.76
C PRO A 287 -29.82 46.71 40.09
N GLU A 288 -29.64 47.66 41.02
CA GLU A 288 -30.72 48.59 41.32
C GLU A 288 -31.01 49.51 40.14
N ILE A 289 -30.01 49.76 39.30
CA ILE A 289 -30.23 50.56 38.10
C ILE A 289 -31.23 49.86 37.17
N MET A 290 -31.07 48.56 36.98
CA MET A 290 -32.02 47.81 36.18
C MET A 290 -33.28 47.45 36.95
N SER A 291 -33.29 47.60 38.28
CA SER A 291 -34.48 47.27 39.05
C SER A 291 -35.61 48.25 38.81
N LYS A 292 -35.29 49.53 38.63
CA LYS A 292 -36.32 50.56 38.53
C LYS A 292 -36.81 50.70 37.09
N LEU A 293 -37.87 51.47 36.91
CA LEU A 293 -38.49 51.62 35.60
C LEU A 293 -37.57 52.33 34.63
N ALA A 294 -37.79 52.08 33.34
CA ALA A 294 -36.99 52.68 32.28
C ALA A 294 -37.34 54.15 32.14
N GLY A 295 -36.38 55.01 32.47
CA GLY A 295 -36.58 56.44 32.36
C GLY A 295 -36.07 57.20 33.57
N GLU A 296 -36.20 56.61 34.75
CA GLU A 296 -35.69 57.20 35.97
C GLU A 296 -34.40 56.55 36.44
N SER A 297 -34.07 55.36 35.91
CA SER A 297 -32.80 54.74 36.25
C SER A 297 -31.63 55.58 35.76
N GLU A 298 -31.73 56.11 34.54
CA GLU A 298 -30.69 57.00 34.05
C GLU A 298 -30.59 58.26 34.90
N SER A 299 -31.73 58.85 35.27
CA SER A 299 -31.72 60.02 36.13
C SER A 299 -31.12 59.75 37.49
N ASN A 300 -31.31 58.54 38.04
CA ASN A 300 -30.83 58.27 39.39
C ASN A 300 -29.31 58.19 39.42
N LEU A 301 -28.71 57.42 38.52
CA LEU A 301 -27.25 57.39 38.50
C LEU A 301 -26.66 58.64 37.86
N ARG A 302 -27.49 59.46 37.22
CA ARG A 302 -27.03 60.80 36.87
C ARG A 302 -26.89 61.66 38.11
N LYS A 303 -27.97 61.84 38.86
CA LYS A 303 -27.92 62.66 40.06
C LYS A 303 -26.96 62.12 41.10
N ALA A 304 -26.65 60.82 41.03
CA ALA A 304 -25.59 60.26 41.86
C ALA A 304 -24.27 60.97 41.63
N PHE A 305 -23.96 61.35 40.39
CA PHE A 305 -22.70 62.02 40.11
C PHE A 305 -22.66 63.46 40.61
N GLU A 306 -23.73 64.25 40.40
CA GLU A 306 -23.71 65.61 40.95
C GLU A 306 -23.77 65.65 42.47
N GLU A 307 -24.52 64.75 43.12
CA GLU A 307 -24.53 64.79 44.58
C GLU A 307 -23.15 64.42 45.13
N ALA A 308 -22.40 63.59 44.42
CA ALA A 308 -21.02 63.30 44.81
C ALA A 308 -20.10 64.49 44.59
N GLU A 309 -20.30 65.27 43.52
CA GLU A 309 -19.39 66.37 43.22
C GLU A 309 -19.41 67.42 44.31
N LYS A 310 -20.59 67.80 44.82
CA LYS A 310 -20.65 68.84 45.83
C LYS A 310 -20.10 68.35 47.17
N ASN A 311 -20.03 67.04 47.37
CA ASN A 311 -19.36 66.47 48.54
C ASN A 311 -17.90 66.17 48.24
N ALA A 312 -17.19 67.16 47.73
CA ALA A 312 -15.78 66.97 47.40
C ALA A 312 -14.93 67.03 48.67
N PRO A 313 -13.91 66.17 48.78
CA PRO A 313 -13.58 65.12 47.83
C PRO A 313 -14.51 63.92 47.98
N ALA A 314 -14.78 63.22 46.89
CA ALA A 314 -15.74 62.14 46.88
C ALA A 314 -15.12 60.91 46.22
N ILE A 315 -15.80 59.78 46.36
CA ILE A 315 -15.36 58.52 45.79
C ILE A 315 -16.59 57.68 45.46
N ILE A 316 -16.68 57.24 44.21
CA ILE A 316 -17.82 56.49 43.73
C ILE A 316 -17.36 55.08 43.38
N PHE A 317 -18.07 54.09 43.91
CA PHE A 317 -17.74 52.70 43.66
C PHE A 317 -18.96 52.01 43.06
N ILE A 318 -18.77 51.34 41.92
CA ILE A 318 -19.81 50.60 41.25
C ILE A 318 -19.57 49.12 41.50
N ASP A 319 -20.45 48.49 42.27
CA ASP A 319 -20.21 47.12 42.70
C ASP A 319 -20.36 46.13 41.55
N GLU A 320 -21.52 46.14 40.89
CA GLU A 320 -21.78 45.29 39.75
C GLU A 320 -21.64 46.12 38.48
N LEU A 321 -20.63 45.80 37.67
CA LEU A 321 -20.42 46.53 36.42
C LEU A 321 -20.63 45.61 35.22
N ASP A 322 -20.31 44.33 35.37
CA ASP A 322 -20.59 43.36 34.31
C ASP A 322 -22.10 43.24 34.08
N ALA A 323 -22.91 43.57 35.08
CA ALA A 323 -24.36 43.62 34.94
C ALA A 323 -24.85 44.93 34.36
N ILE A 324 -23.96 45.89 34.14
CA ILE A 324 -24.30 47.17 33.54
C ILE A 324 -23.99 47.20 32.06
N ALA A 325 -22.79 46.74 31.67
CA ALA A 325 -22.31 46.80 30.29
C ALA A 325 -21.78 45.44 29.86
N PRO A 326 -22.65 44.47 29.60
CA PRO A 326 -22.24 43.20 28.98
C PRO A 326 -22.30 43.26 27.45
N LYS A 327 -21.58 44.20 26.87
CA LYS A 327 -21.71 44.52 25.45
C LYS A 327 -20.84 43.56 24.64
N ARG A 328 -21.17 42.27 24.75
CA ARG A 328 -20.48 41.26 23.96
C ARG A 328 -21.44 40.34 23.23
N GLU A 329 -22.54 39.97 23.89
CA GLU A 329 -23.47 39.01 23.31
C GLU A 329 -24.92 39.40 23.57
N LYS A 330 -25.15 40.48 24.31
CA LYS A 330 -26.51 40.85 24.65
C LYS A 330 -27.21 41.45 23.44
N THR A 331 -26.72 42.61 22.98
CA THR A 331 -27.25 43.29 21.80
C THR A 331 -28.77 43.36 21.82
N HIS A 332 -29.34 43.44 23.03
CA HIS A 332 -30.78 43.36 23.22
C HIS A 332 -31.20 44.33 24.30
N GLY A 333 -32.23 45.11 24.02
CA GLY A 333 -32.71 46.09 24.97
C GLY A 333 -32.27 47.50 24.61
N GLU A 334 -33.25 48.33 24.24
CA GLU A 334 -32.95 49.72 23.92
C GLU A 334 -32.38 50.46 25.12
N VAL A 335 -32.90 50.19 26.32
CA VAL A 335 -32.44 50.90 27.51
C VAL A 335 -31.06 50.46 27.96
N GLU A 336 -30.63 49.24 27.62
CA GLU A 336 -29.30 48.80 28.02
C GLU A 336 -28.23 49.71 27.42
N ARG A 337 -28.28 49.92 26.11
CA ARG A 337 -27.36 50.82 25.45
C ARG A 337 -27.50 52.25 25.94
N ARG A 338 -28.72 52.70 26.23
CA ARG A 338 -28.91 54.03 26.76
C ARG A 338 -28.21 54.22 28.09
N ILE A 339 -28.33 53.25 29.01
CA ILE A 339 -27.65 53.34 30.29
C ILE A 339 -26.15 53.25 30.12
N VAL A 340 -25.68 52.36 29.23
CA VAL A 340 -24.24 52.25 29.01
C VAL A 340 -23.68 53.58 28.51
N SER A 341 -24.33 54.18 27.53
CA SER A 341 -23.88 55.48 27.03
C SER A 341 -24.03 56.57 28.09
N GLN A 342 -25.07 56.51 28.93
CA GLN A 342 -25.22 57.51 29.98
C GLN A 342 -24.06 57.45 30.95
N LEU A 343 -23.65 56.24 31.34
CA LEU A 343 -22.44 56.08 32.14
C LEU A 343 -21.21 56.57 31.42
N LEU A 344 -21.08 56.28 30.12
CA LEU A 344 -19.94 56.75 29.36
C LEU A 344 -19.88 58.27 29.32
N THR A 345 -21.03 58.93 29.18
CA THR A 345 -21.04 60.39 29.18
C THR A 345 -20.72 60.95 30.56
N LEU A 346 -21.30 60.37 31.61
CA LEU A 346 -21.05 60.83 32.97
C LEU A 346 -19.58 60.69 33.38
N MET A 347 -18.88 59.65 32.90
CA MET A 347 -17.47 59.50 33.20
C MET A 347 -16.55 60.20 32.21
N ASP A 348 -17.03 60.49 31.00
CA ASP A 348 -16.22 61.24 30.05
C ASP A 348 -16.07 62.69 30.47
N GLY A 349 -17.13 63.28 31.03
CA GLY A 349 -17.09 64.66 31.45
C GLY A 349 -16.54 64.84 32.85
N LEU A 350 -15.46 64.13 33.16
CA LEU A 350 -14.81 64.24 34.47
C LEU A 350 -13.59 65.15 34.34
N LYS A 351 -13.85 66.46 34.37
CA LYS A 351 -12.78 67.45 34.33
C LYS A 351 -12.20 67.65 35.73
N GLN A 352 -11.39 68.69 35.90
CA GLN A 352 -10.76 68.92 37.21
C GLN A 352 -11.83 69.18 38.27
N ARG A 353 -12.54 70.31 38.14
CA ARG A 353 -13.72 70.62 38.95
C ARG A 353 -13.57 70.24 40.41
N ALA A 354 -13.97 69.03 40.76
CA ALA A 354 -13.84 68.51 42.11
C ALA A 354 -13.16 67.14 42.09
N HIS A 355 -12.83 66.61 43.26
CA HIS A 355 -12.11 65.33 43.33
C HIS A 355 -13.15 64.22 43.49
N VAL A 356 -13.45 63.55 42.39
CA VAL A 356 -14.29 62.36 42.39
C VAL A 356 -13.52 61.23 41.72
N ILE A 357 -13.48 60.09 42.39
CA ILE A 357 -12.80 58.90 41.88
C ILE A 357 -13.86 57.83 41.69
N VAL A 358 -13.94 57.28 40.48
CA VAL A 358 -14.97 56.32 40.12
C VAL A 358 -14.32 54.94 40.01
N MET A 359 -14.38 54.17 41.08
CA MET A 359 -13.90 52.80 41.05
C MET A 359 -15.05 51.86 40.71
N ALA A 360 -14.70 50.70 40.18
CA ALA A 360 -15.70 49.73 39.75
C ALA A 360 -15.15 48.33 39.94
N ALA A 361 -16.06 47.37 40.04
CA ALA A 361 -15.69 45.98 40.26
C ALA A 361 -16.43 45.09 39.27
N THR A 362 -15.73 44.06 38.81
CA THR A 362 -16.27 43.08 37.87
C THR A 362 -15.43 41.81 37.99
N ASN A 363 -15.88 40.74 37.34
CA ASN A 363 -15.25 39.43 37.51
C ASN A 363 -14.13 39.24 36.51
N ARG A 364 -14.40 39.37 35.21
CA ARG A 364 -13.41 39.18 34.17
C ARG A 364 -13.06 40.50 33.48
N PRO A 365 -11.80 40.64 33.02
CA PRO A 365 -11.49 41.74 32.11
C PRO A 365 -12.30 41.78 30.82
N ASN A 366 -12.64 40.64 30.21
CA ASN A 366 -13.37 40.72 28.94
C ASN A 366 -14.88 40.92 29.11
N SER A 367 -15.41 40.83 30.33
CA SER A 367 -16.84 40.95 30.55
C SER A 367 -17.30 42.40 30.70
N ILE A 368 -16.53 43.34 30.17
CA ILE A 368 -16.80 44.76 30.29
C ILE A 368 -16.79 45.36 28.89
N ASP A 369 -17.68 46.31 28.64
CA ASP A 369 -17.73 47.01 27.36
C ASP A 369 -16.36 47.62 27.06
N PRO A 370 -15.75 47.31 25.93
CA PRO A 370 -14.43 47.90 25.61
C PRO A 370 -14.46 49.41 25.53
N ALA A 371 -15.59 50.02 25.22
CA ALA A 371 -15.69 51.48 25.21
C ALA A 371 -15.48 52.07 26.60
N LEU A 372 -15.61 51.27 27.65
CA LEU A 372 -15.38 51.73 29.02
C LEU A 372 -13.91 51.71 29.40
N ARG A 373 -13.06 51.08 28.59
CA ARG A 373 -11.64 50.97 28.88
C ARG A 373 -10.82 52.07 28.20
N ARG A 374 -11.48 53.01 27.54
CA ARG A 374 -10.77 54.08 26.85
C ARG A 374 -10.12 55.02 27.86
N PHE A 375 -9.28 55.92 27.35
CA PHE A 375 -8.62 56.90 28.20
C PHE A 375 -9.64 57.88 28.75
N GLY A 376 -9.51 58.20 30.04
CA GLY A 376 -10.42 59.09 30.70
C GLY A 376 -11.61 58.42 31.36
N ARG A 377 -11.83 57.12 31.11
CA ARG A 377 -12.90 56.39 31.76
C ARG A 377 -12.39 55.31 32.69
N PHE A 378 -11.59 54.37 32.18
CA PHE A 378 -10.93 53.37 33.03
C PHE A 378 -9.52 53.14 32.46
N ASP A 379 -8.57 53.94 32.94
CA ASP A 379 -7.20 53.82 32.50
C ASP A 379 -6.38 52.92 33.43
N ARG A 380 -6.62 53.03 34.73
CA ARG A 380 -5.91 52.23 35.72
C ARG A 380 -6.74 51.01 36.08
N GLU A 381 -6.15 49.83 35.98
CA GLU A 381 -6.81 48.58 36.31
C GLU A 381 -5.93 47.79 37.25
N VAL A 382 -6.52 47.29 38.33
CA VAL A 382 -5.83 46.47 39.31
C VAL A 382 -6.57 45.14 39.44
N ASP A 383 -5.84 44.04 39.28
CA ASP A 383 -6.40 42.70 39.34
C ASP A 383 -6.01 42.06 40.66
N ILE A 384 -7.01 41.59 41.40
CA ILE A 384 -6.79 40.86 42.64
C ILE A 384 -7.29 39.43 42.45
N GLY A 385 -6.75 38.52 43.25
CA GLY A 385 -7.05 37.11 43.11
C GLY A 385 -7.12 36.40 44.45
N ILE A 386 -6.99 35.09 44.38
CA ILE A 386 -7.09 34.25 45.59
C ILE A 386 -5.85 34.44 46.44
N PRO A 387 -5.98 34.77 47.72
CA PRO A 387 -4.80 34.89 48.59
C PRO A 387 -4.12 33.54 48.76
N ASP A 388 -2.79 33.59 48.95
CA ASP A 388 -2.02 32.38 49.18
C ASP A 388 -2.13 31.96 50.64
N ALA A 389 -1.37 30.95 51.04
CA ALA A 389 -1.42 30.48 52.42
C ALA A 389 -1.02 31.60 53.38
N THR A 390 0.05 32.33 53.05
CA THR A 390 0.43 33.48 53.87
C THR A 390 -0.64 34.57 53.84
N GLY A 391 -1.22 34.82 52.66
CA GLY A 391 -2.28 35.79 52.55
C GLY A 391 -3.55 35.36 53.25
N ARG A 392 -3.83 34.05 53.20
CA ARG A 392 -5.01 33.52 53.89
C ARG A 392 -4.84 33.50 55.40
N LEU A 393 -3.61 33.30 55.90
CA LEU A 393 -3.42 33.28 57.34
C LEU A 393 -3.84 34.60 57.98
N GLU A 394 -3.45 35.73 57.38
CA GLU A 394 -3.76 37.02 57.97
C GLU A 394 -5.24 37.38 57.79
N ILE A 395 -5.98 36.61 56.99
CA ILE A 395 -7.40 36.89 56.80
C ILE A 395 -8.28 36.13 57.78
N LEU A 396 -7.74 35.14 58.49
CA LEU A 396 -8.53 34.43 59.49
C LEU A 396 -8.67 35.22 60.77
N GLN A 397 -7.55 35.65 61.36
CA GLN A 397 -7.60 36.27 62.68
C GLN A 397 -8.38 37.59 62.69
N ILE A 398 -8.43 38.31 61.57
CA ILE A 398 -9.24 39.52 61.49
C ILE A 398 -10.71 39.21 61.66
N HIS A 399 -11.16 38.04 61.21
CA HIS A 399 -12.56 37.64 61.34
C HIS A 399 -12.86 36.85 62.61
N THR A 400 -11.85 36.46 63.38
CA THR A 400 -12.05 35.72 64.62
C THR A 400 -11.44 36.42 65.83
N LYS A 401 -11.08 37.69 65.70
CA LYS A 401 -10.57 38.43 66.85
C LYS A 401 -11.58 38.49 68.00
N ASN A 402 -12.88 38.43 67.72
CA ASN A 402 -13.89 38.51 68.77
C ASN A 402 -14.12 37.18 69.47
N MET A 403 -14.00 36.05 68.78
CA MET A 403 -14.24 34.74 69.37
C MET A 403 -12.93 34.17 69.89
N LYS A 404 -12.88 33.89 71.19
CA LYS A 404 -11.67 33.37 71.80
C LYS A 404 -11.42 31.94 71.35
N LEU A 405 -10.14 31.59 71.26
CA LEU A 405 -9.71 30.27 70.82
C LEU A 405 -9.15 29.48 72.00
N ALA A 406 -8.86 28.21 71.76
CA ALA A 406 -8.27 27.34 72.74
C ALA A 406 -6.76 27.26 72.51
N ASP A 407 -6.04 26.65 73.46
CA ASP A 407 -4.60 26.52 73.35
C ASP A 407 -4.18 25.54 72.27
N ASP A 408 -5.08 24.65 71.85
CA ASP A 408 -4.77 23.67 70.81
C ASP A 408 -5.35 24.03 69.46
N VAL A 409 -5.92 25.22 69.31
CA VAL A 409 -6.54 25.65 68.05
C VAL A 409 -5.57 26.62 67.38
N ASP A 410 -5.04 26.22 66.23
CA ASP A 410 -4.12 27.02 65.45
C ASP A 410 -4.70 27.28 64.07
N LEU A 411 -4.73 28.55 63.67
CA LEU A 411 -5.30 28.94 62.39
C LEU A 411 -4.32 28.77 61.23
N GLU A 412 -3.05 28.53 61.50
CA GLU A 412 -2.08 28.35 60.43
C GLU A 412 -2.29 27.05 59.67
N GLN A 413 -2.47 25.93 60.37
CA GLN A 413 -2.64 24.64 59.73
C GLN A 413 -3.97 24.52 58.99
N VAL A 414 -4.98 25.33 59.35
CA VAL A 414 -6.26 25.25 58.68
C VAL A 414 -6.26 26.05 57.38
N ALA A 415 -5.29 26.94 57.18
CA ALA A 415 -5.16 27.71 55.96
C ALA A 415 -4.13 27.11 55.01
N ASN A 416 -3.82 25.82 55.18
CA ASN A 416 -2.82 25.14 54.38
C ASN A 416 -3.42 24.18 53.37
N GLU A 417 -4.34 23.31 53.80
CA GLU A 417 -4.96 22.36 52.88
C GLU A 417 -5.98 23.01 51.97
N THR A 418 -6.44 24.21 52.28
CA THR A 418 -7.36 24.95 51.43
C THR A 418 -6.57 25.85 50.48
N HIS A 419 -6.95 25.81 49.20
CA HIS A 419 -6.29 26.64 48.20
C HIS A 419 -7.32 27.34 47.33
N GLY A 420 -8.53 26.79 47.26
CA GLY A 420 -9.56 27.34 46.42
C GLY A 420 -10.66 28.04 47.20
N HIS A 421 -10.26 28.79 48.22
CA HIS A 421 -11.20 29.53 49.05
C HIS A 421 -11.06 31.02 48.80
N VAL A 422 -12.15 31.67 48.41
CA VAL A 422 -12.18 33.10 48.24
C VAL A 422 -12.25 33.77 49.62
N GLY A 423 -11.92 35.06 49.68
CA GLY A 423 -11.88 35.75 50.96
C GLY A 423 -13.19 35.67 51.73
N ALA A 424 -14.32 35.69 51.03
CA ALA A 424 -15.62 35.51 51.65
C ALA A 424 -15.88 34.08 52.10
N ASP A 425 -15.22 33.10 51.48
CA ASP A 425 -15.39 31.71 51.88
C ASP A 425 -14.96 31.50 53.32
N LEU A 426 -13.78 32.00 53.70
CA LEU A 426 -13.32 31.86 55.07
C LEU A 426 -14.11 32.73 56.04
N ALA A 427 -14.59 33.90 55.59
CA ALA A 427 -15.46 34.71 56.44
C ALA A 427 -16.73 33.94 56.79
N ALA A 428 -17.31 33.25 55.81
CA ALA A 428 -18.44 32.39 56.09
C ALA A 428 -18.06 31.17 56.94
N LEU A 429 -16.87 30.60 56.70
CA LEU A 429 -16.44 29.42 57.43
C LEU A 429 -16.26 29.69 58.92
N CYS A 430 -15.71 30.84 59.27
CA CYS A 430 -15.55 31.18 60.69
C CYS A 430 -16.89 31.20 61.41
N SER A 431 -17.86 31.93 60.85
CA SER A 431 -19.18 31.95 61.46
C SER A 431 -19.82 30.57 61.48
N GLU A 432 -19.68 29.80 60.39
CA GLU A 432 -20.27 28.47 60.34
C GLU A 432 -19.71 27.56 61.43
N ALA A 433 -18.40 27.64 61.68
CA ALA A 433 -17.83 26.90 62.80
C ALA A 433 -18.37 27.41 64.14
N ALA A 434 -18.65 28.71 64.22
CA ALA A 434 -19.20 29.26 65.47
C ALA A 434 -20.55 28.64 65.83
N LEU A 435 -21.44 28.45 64.86
CA LEU A 435 -22.72 27.82 65.19
C LEU A 435 -22.55 26.40 65.71
N GLN A 436 -21.65 25.61 65.11
CA GLN A 436 -21.40 24.28 65.65
C GLN A 436 -20.83 24.35 67.06
N ALA A 437 -19.89 25.28 67.29
CA ALA A 437 -19.29 25.42 68.61
C ALA A 437 -20.34 25.74 69.67
N ILE A 438 -21.30 26.60 69.36
CA ILE A 438 -22.33 26.91 70.36
C ILE A 438 -23.44 25.87 70.41
N ARG A 439 -23.68 25.15 69.30
CA ARG A 439 -24.70 24.13 69.27
C ARG A 439 -24.31 22.89 70.06
N LYS A 440 -23.02 22.54 70.06
CA LYS A 440 -22.58 21.39 70.82
C LYS A 440 -22.71 21.58 72.33
N LYS A 441 -22.95 22.81 72.79
CA LYS A 441 -23.11 23.06 74.22
C LYS A 441 -24.49 23.55 74.60
N MET A 442 -25.25 24.16 73.69
CA MET A 442 -26.58 24.60 74.06
C MET A 442 -27.52 23.45 74.36
N ASP A 443 -27.28 22.28 73.76
CA ASP A 443 -28.13 21.11 74.05
C ASP A 443 -28.03 20.69 75.50
N LEU A 444 -26.83 20.74 76.08
CA LEU A 444 -26.65 20.37 77.47
C LEU A 444 -26.90 21.53 78.44
N ILE A 445 -26.64 22.76 78.02
CA ILE A 445 -26.88 23.90 78.90
C ILE A 445 -28.38 24.06 79.16
N ASP A 446 -29.19 24.02 78.11
CA ASP A 446 -30.64 24.09 78.21
C ASP A 446 -31.10 25.34 78.97
N LEU A 447 -30.71 26.51 78.48
CA LEU A 447 -31.08 27.79 79.07
C LEU A 447 -31.98 28.52 78.09
N GLU A 448 -33.28 28.27 78.19
CA GLU A 448 -34.28 28.90 77.32
C GLU A 448 -34.94 30.03 78.09
N ASP A 449 -34.76 31.26 77.60
CA ASP A 449 -35.32 32.44 78.24
C ASP A 449 -35.41 33.55 77.20
N GLU A 450 -36.06 34.65 77.58
CA GLU A 450 -36.22 35.80 76.69
C GLU A 450 -34.87 36.49 76.47
N THR A 451 -34.25 36.95 77.54
CA THR A 451 -32.96 37.63 77.45
C THR A 451 -31.84 36.67 77.86
N ILE A 452 -30.80 36.61 77.03
CA ILE A 452 -29.67 35.72 77.23
C ILE A 452 -28.62 36.45 78.06
N ASP A 453 -28.18 35.82 79.14
CA ASP A 453 -27.20 36.42 80.02
C ASP A 453 -25.85 36.54 79.33
N ALA A 454 -25.13 37.61 79.66
CA ALA A 454 -23.82 37.90 79.07
C ALA A 454 -22.67 37.20 79.80
N GLU A 455 -22.97 36.40 80.81
CA GLU A 455 -21.95 35.69 81.58
C GLU A 455 -21.57 34.34 80.98
N VAL A 456 -22.09 34.03 79.79
CA VAL A 456 -21.78 32.76 79.14
C VAL A 456 -20.92 32.92 77.88
N MET A 457 -20.96 34.07 77.21
CA MET A 457 -20.09 34.29 76.05
C MET A 457 -18.62 34.19 76.41
N ASN A 458 -18.24 34.52 77.64
CA ASN A 458 -16.85 34.38 78.06
C ASN A 458 -16.37 32.94 78.04
N SER A 459 -17.28 31.98 78.15
CA SER A 459 -16.94 30.56 78.12
C SER A 459 -17.07 29.96 76.73
N LEU A 460 -17.49 30.73 75.73
CA LEU A 460 -17.65 30.21 74.37
C LEU A 460 -16.27 30.17 73.73
N ALA A 461 -15.61 29.02 73.79
CA ALA A 461 -14.31 28.81 73.19
C ALA A 461 -14.46 27.80 72.06
N VAL A 462 -13.99 28.17 70.87
CA VAL A 462 -14.06 27.28 69.72
C VAL A 462 -13.02 26.18 69.87
N THR A 463 -13.34 25.00 69.36
CA THR A 463 -12.46 23.85 69.40
C THR A 463 -11.97 23.53 68.00
N MET A 464 -10.96 22.66 67.93
CA MET A 464 -10.41 22.27 66.64
C MET A 464 -11.41 21.41 65.86
N ASP A 465 -12.15 20.55 66.56
CA ASP A 465 -13.19 19.75 65.91
C ASP A 465 -14.28 20.62 65.32
N ASP A 466 -14.50 21.83 65.85
CA ASP A 466 -15.43 22.74 65.22
C ASP A 466 -14.97 23.11 63.82
N PHE A 467 -13.66 23.16 63.61
CA PHE A 467 -13.10 23.48 62.30
C PHE A 467 -12.93 22.25 61.41
N ARG A 468 -12.71 21.07 62.00
CA ARG A 468 -12.64 19.87 61.17
C ARG A 468 -13.91 19.66 60.36
N TRP A 469 -15.08 19.85 60.98
CA TRP A 469 -16.33 19.73 60.26
C TRP A 469 -16.54 20.88 59.28
N ALA A 470 -15.90 22.02 59.54
CA ALA A 470 -16.06 23.21 58.70
C ALA A 470 -15.51 23.04 57.30
N LEU A 471 -14.45 22.26 57.11
CA LEU A 471 -13.86 22.04 55.80
C LEU A 471 -14.46 20.83 55.09
N SER A 472 -15.49 20.22 55.65
CA SER A 472 -16.09 19.04 55.05
C SER A 472 -17.35 19.37 54.26
N GLN A 473 -18.33 20.01 54.88
CA GLN A 473 -19.58 20.33 54.20
C GLN A 473 -19.53 21.65 53.43
N SER A 474 -18.50 22.46 53.65
CA SER A 474 -18.39 23.75 52.97
C SER A 474 -17.93 23.51 51.53
N ASN A 475 -18.73 23.96 50.57
CA ASN A 475 -18.38 23.81 49.16
C ASN A 475 -17.91 25.14 48.62
N PRO A 476 -16.61 25.32 48.38
CA PRO A 476 -16.10 26.61 47.91
C PRO A 476 -16.53 26.88 46.48
N SER A 477 -16.49 28.16 46.11
CA SER A 477 -16.94 28.61 44.80
C SER A 477 -15.80 28.64 43.79
N ALA A 478 -14.74 29.40 44.09
CA ALA A 478 -13.63 29.57 43.16
C ALA A 478 -12.69 28.38 43.28
N LEU A 479 -12.83 27.42 42.37
CA LEU A 479 -11.94 26.26 42.33
C LEU A 479 -11.19 26.11 41.02
N ARG A 480 -11.77 26.48 39.89
CA ARG A 480 -11.14 26.33 38.59
C ARG A 480 -10.83 27.72 38.05
N GLU A 481 -9.66 28.24 38.43
CA GLU A 481 -9.21 29.55 38.00
C GLU A 481 -7.69 29.54 37.99
N THR A 482 -7.11 30.63 37.50
CA THR A 482 -5.66 30.75 37.43
C THR A 482 -5.11 31.11 38.81
N VAL A 483 -4.43 30.17 39.44
CA VAL A 483 -3.84 30.38 40.76
C VAL A 483 -2.49 31.07 40.54
N VAL A 484 -2.41 32.33 40.97
CA VAL A 484 -1.18 33.11 40.80
C VAL A 484 -0.56 33.37 42.16
N GLU A 485 0.32 32.48 42.60
CA GLU A 485 0.95 32.56 43.90
C GLU A 485 2.45 32.30 43.77
N VAL A 486 3.21 32.83 44.71
CA VAL A 486 4.66 32.63 44.77
C VAL A 486 4.91 31.27 45.41
N PRO A 487 5.67 30.39 44.77
CA PRO A 487 5.88 29.05 45.33
C PRO A 487 6.74 29.08 46.59
N GLN A 488 6.82 27.93 47.25
CA GLN A 488 7.57 27.77 48.48
C GLN A 488 8.76 26.83 48.32
N VAL A 489 9.01 26.34 47.11
CA VAL A 489 10.10 25.39 46.85
C VAL A 489 11.29 26.16 46.32
N THR A 490 12.44 26.01 46.99
CA THR A 490 13.65 26.73 46.68
C THR A 490 14.67 25.76 46.05
N TRP A 491 15.79 26.30 45.56
CA TRP A 491 16.87 25.49 45.04
C TRP A 491 17.56 24.66 46.10
N GLU A 492 17.57 25.12 47.35
CA GLU A 492 18.23 24.38 48.43
C GLU A 492 17.59 23.02 48.65
N ASP A 493 16.26 22.95 48.65
CA ASP A 493 15.60 21.67 48.84
C ASP A 493 15.70 20.75 47.62
N ILE A 494 16.16 21.27 46.50
CA ILE A 494 16.44 20.44 45.33
C ILE A 494 17.92 20.10 45.33
N GLY A 495 18.23 18.82 45.48
CA GLY A 495 19.60 18.37 45.41
C GLY A 495 20.02 18.11 43.98
N GLY A 496 21.32 18.25 43.72
CA GLY A 496 21.84 17.93 42.41
C GLY A 496 21.31 18.87 41.34
N LEU A 497 21.34 18.39 40.10
CA LEU A 497 20.93 19.14 38.92
C LEU A 497 21.69 20.47 38.83
N GLU A 498 22.99 20.38 39.13
CA GLU A 498 23.86 21.54 39.00
C GLU A 498 23.99 22.02 37.56
N ASP A 499 23.89 21.12 36.59
CA ASP A 499 23.93 21.53 35.19
C ASP A 499 22.75 22.44 34.84
N VAL A 500 21.55 22.11 35.30
CA VAL A 500 20.38 22.95 35.05
C VAL A 500 20.32 24.15 35.98
N LYS A 501 20.74 24.00 37.24
CA LYS A 501 20.82 25.12 38.16
C LYS A 501 21.66 26.26 37.63
N ARG A 502 22.79 25.96 37.00
CA ARG A 502 23.73 26.96 36.51
C ARG A 502 23.21 27.71 35.30
N GLU A 503 22.49 27.04 34.41
CA GLU A 503 21.99 27.72 33.21
C GLU A 503 20.68 28.46 33.50
N LEU A 504 19.81 27.90 34.34
CA LEU A 504 18.59 28.62 34.70
C LEU A 504 18.89 29.88 35.50
N GLN A 505 19.88 29.83 36.39
CA GLN A 505 20.28 30.99 37.17
C GLN A 505 20.93 32.09 36.32
N GLU A 506 21.53 31.72 35.18
CA GLU A 506 22.14 32.70 34.30
C GLU A 506 21.25 33.10 33.15
N LEU A 507 19.99 32.68 33.14
CA LEU A 507 19.09 32.91 32.02
C LEU A 507 17.86 33.69 32.40
N VAL A 508 17.34 33.52 33.62
CA VAL A 508 16.22 34.30 34.09
C VAL A 508 16.52 35.07 35.37
N GLN A 509 17.44 34.58 36.21
CA GLN A 509 17.79 35.31 37.42
C GLN A 509 18.65 36.54 37.15
N TYR A 510 19.57 36.43 36.19
CA TYR A 510 20.45 37.57 35.89
C TYR A 510 19.68 38.80 35.44
N PRO A 511 18.75 38.73 34.48
CA PRO A 511 18.01 39.93 34.08
C PRO A 511 17.12 40.48 35.19
N VAL A 512 16.77 39.69 36.20
CA VAL A 512 15.92 40.15 37.29
C VAL A 512 16.75 40.83 38.37
N GLU A 513 17.81 40.18 38.84
CA GLU A 513 18.60 40.73 39.92
C GLU A 513 19.67 41.72 39.45
N HIS A 514 20.07 41.68 38.18
CA HIS A 514 21.05 42.61 37.63
C HIS A 514 20.55 43.21 36.31
N PRO A 515 19.51 44.05 36.35
CA PRO A 515 19.09 44.74 35.12
C PRO A 515 20.19 45.58 34.48
N ASP A 516 21.00 46.27 35.27
CA ASP A 516 21.98 47.22 34.75
C ASP A 516 23.08 46.56 33.94
N LYS A 517 23.52 45.36 34.32
CA LYS A 517 24.60 44.69 33.60
C LYS A 517 24.17 44.25 32.21
N PHE A 518 22.87 44.28 31.91
CA PHE A 518 22.41 43.92 30.59
C PHE A 518 22.38 45.11 29.65
N LEU A 519 21.93 46.27 30.14
CA LEU A 519 22.07 47.50 29.37
C LEU A 519 23.52 47.93 29.21
N LYS A 520 24.38 47.60 30.18
CA LYS A 520 25.79 47.91 30.03
C LYS A 520 26.42 47.10 28.91
N PHE A 521 26.02 45.83 28.78
CA PHE A 521 26.55 44.97 27.73
C PHE A 521 25.71 44.97 26.48
N GLY A 522 24.59 45.68 26.47
CA GLY A 522 23.76 45.78 25.28
C GLY A 522 23.17 44.48 24.80
N MET A 523 22.79 43.58 25.72
CA MET A 523 22.21 42.30 25.35
C MET A 523 20.80 42.21 25.91
N THR A 524 19.84 41.91 25.05
CA THR A 524 18.46 41.72 25.49
C THR A 524 18.30 40.36 26.16
N PRO A 525 17.53 40.27 27.24
CA PRO A 525 17.30 38.97 27.88
C PRO A 525 16.46 38.07 27.00
N SER A 526 16.63 36.76 27.21
CA SER A 526 15.84 35.78 26.49
C SER A 526 14.38 35.84 26.93
N LYS A 527 13.47 35.59 25.99
CA LYS A 527 12.05 35.64 26.29
C LYS A 527 11.52 34.41 27.01
N GLY A 528 12.09 33.24 26.78
CA GLY A 528 11.61 32.04 27.42
C GLY A 528 12.48 30.85 27.08
N VAL A 529 12.31 29.81 27.88
CA VAL A 529 13.05 28.56 27.73
C VAL A 529 12.06 27.40 27.81
N LEU A 530 12.17 26.46 26.89
CA LEU A 530 11.41 25.22 26.95
C LEU A 530 12.36 24.10 27.31
N PHE A 531 12.03 23.35 28.35
CA PHE A 531 12.83 22.17 28.67
C PHE A 531 12.01 20.90 28.44
N TYR A 532 12.74 19.83 28.19
CA TYR A 532 12.18 18.54 27.82
C TYR A 532 12.86 17.46 28.65
N GLY A 533 12.14 16.37 28.84
CA GLY A 533 12.64 15.27 29.64
C GLY A 533 11.63 14.17 29.79
N PRO A 534 12.06 13.02 30.29
CA PRO A 534 11.14 11.91 30.52
C PRO A 534 10.09 12.28 31.55
N PRO A 535 8.89 11.71 31.46
CA PRO A 535 7.82 12.11 32.37
C PRO A 535 8.14 11.79 33.81
N GLY A 536 7.57 12.59 34.70
CA GLY A 536 7.75 12.41 36.13
C GLY A 536 9.17 12.65 36.60
N CYS A 537 9.79 13.73 36.14
CA CYS A 537 11.13 14.07 36.58
C CYS A 537 11.24 15.42 37.27
N GLY A 538 10.14 16.16 37.42
CA GLY A 538 10.17 17.39 38.19
C GLY A 538 10.33 18.66 37.38
N LYS A 539 9.83 18.65 36.15
CA LYS A 539 9.89 19.86 35.33
C LYS A 539 9.10 21.01 35.95
N THR A 540 7.90 20.72 36.45
CA THR A 540 7.11 21.74 37.13
C THR A 540 7.79 22.23 38.41
N LEU A 541 8.38 21.33 39.19
CA LEU A 541 9.08 21.74 40.39
C LEU A 541 10.30 22.59 40.06
N LEU A 542 11.02 22.27 38.98
CA LEU A 542 12.18 23.09 38.61
C LEU A 542 11.74 24.50 38.26
N ALA A 543 10.67 24.64 37.49
CA ALA A 543 10.14 25.95 37.16
C ALA A 543 9.65 26.69 38.40
N LYS A 544 9.02 25.99 39.34
CA LYS A 544 8.64 26.62 40.60
C LYS A 544 9.84 27.11 41.38
N ALA A 545 10.90 26.31 41.45
CA ALA A 545 12.10 26.68 42.20
C ALA A 545 12.78 27.90 41.61
N ILE A 546 12.89 27.98 40.29
CA ILE A 546 13.49 29.16 39.67
C ILE A 546 12.64 30.41 39.86
N ALA A 547 11.35 30.26 40.14
CA ALA A 547 10.51 31.40 40.47
C ALA A 547 10.81 31.94 41.86
N ASN A 548 11.08 31.06 42.83
CA ASN A 548 11.44 31.50 44.16
C ASN A 548 12.79 32.18 44.21
N GLU A 549 13.75 31.73 43.39
CA GLU A 549 15.06 32.35 43.37
C GLU A 549 14.98 33.80 42.92
N CYS A 550 14.13 34.09 41.93
CA CYS A 550 13.92 35.44 41.45
C CYS A 550 12.84 36.19 42.21
N GLN A 551 12.23 35.56 43.22
CA GLN A 551 11.11 36.14 43.97
C GLN A 551 10.02 36.61 43.02
N ALA A 552 9.64 35.75 42.07
CA ALA A 552 8.68 36.11 41.04
C ALA A 552 7.44 35.25 41.21
N ASN A 553 6.33 35.74 40.66
CA ASN A 553 5.07 35.03 40.73
C ASN A 553 5.12 33.83 39.76
N PHE A 554 4.23 32.87 39.95
CA PHE A 554 4.25 31.66 39.14
C PHE A 554 2.83 31.35 38.67
N ILE A 555 2.69 31.10 37.37
CA ILE A 555 1.42 30.73 36.77
C ILE A 555 1.62 29.43 36.02
N SER A 556 0.81 28.42 36.34
CA SER A 556 0.92 27.10 35.74
C SER A 556 -0.30 26.83 34.88
N ILE A 557 -0.06 26.45 33.63
CA ILE A 557 -1.12 26.08 32.70
C ILE A 557 -0.91 24.62 32.30
N LYS A 558 -1.75 23.74 32.82
CA LYS A 558 -1.59 22.32 32.57
C LYS A 558 -2.16 21.97 31.19
N GLY A 559 -2.03 20.71 30.80
CA GLY A 559 -2.49 20.24 29.51
C GLY A 559 -3.98 20.37 29.27
N PRO A 560 -4.82 19.94 30.22
CA PRO A 560 -6.27 20.06 30.01
C PRO A 560 -6.75 21.47 29.73
N GLU A 561 -6.21 22.49 30.39
CA GLU A 561 -6.63 23.85 30.09
C GLU A 561 -6.24 24.28 28.69
N LEU A 562 -5.11 23.80 28.18
CA LEU A 562 -4.70 24.08 26.80
C LEU A 562 -5.53 23.33 25.77
N LEU A 563 -5.90 22.09 26.05
CA LEU A 563 -6.66 21.28 25.11
C LEU A 563 -8.16 21.55 25.17
N THR A 564 -8.65 22.19 26.24
CA THR A 564 -10.06 22.53 26.32
C THR A 564 -10.44 23.56 25.27
N MET A 565 -9.62 24.60 25.10
CA MET A 565 -9.92 25.63 24.11
C MET A 565 -9.67 25.13 22.68
N TRP A 566 -8.86 24.09 22.51
CA TRP A 566 -8.70 23.51 21.18
C TRP A 566 -9.98 22.81 20.73
N PHE A 567 -10.56 21.97 21.60
CA PHE A 567 -11.81 21.31 21.27
C PHE A 567 -12.99 22.28 21.24
N GLY A 568 -13.00 23.25 22.14
CA GLY A 568 -14.12 24.16 22.27
C GLY A 568 -14.20 25.28 21.26
N GLU A 569 -13.16 25.46 20.44
CA GLU A 569 -13.12 26.51 19.43
C GLU A 569 -13.32 27.89 20.04
N SER A 570 -12.90 28.03 21.30
CA SER A 570 -13.03 29.27 22.06
C SER A 570 -11.62 29.69 22.46
N GLU A 571 -11.04 30.61 21.67
CA GLU A 571 -9.61 30.89 21.73
C GLU A 571 -9.29 32.25 22.30
N ALA A 572 -10.24 32.90 22.97
CA ALA A 572 -9.96 34.12 23.70
C ALA A 572 -9.36 33.86 25.07
N ASN A 573 -9.25 32.59 25.47
CA ASN A 573 -8.78 32.24 26.79
C ASN A 573 -7.30 32.54 26.99
N VAL A 574 -6.46 32.37 25.95
CA VAL A 574 -5.06 32.75 26.06
C VAL A 574 -4.88 34.25 26.23
N ARG A 575 -5.84 35.04 25.77
CA ARG A 575 -5.75 36.49 25.94
C ARG A 575 -5.66 36.87 27.41
N GLU A 576 -6.59 36.39 28.23
CA GLU A 576 -6.55 36.71 29.65
C GLU A 576 -5.37 36.03 30.35
N ILE A 577 -4.94 34.86 29.88
CA ILE A 577 -3.77 34.22 30.48
C ILE A 577 -2.56 35.12 30.33
N PHE A 578 -2.30 35.58 29.11
CA PHE A 578 -1.15 36.46 28.88
C PHE A 578 -1.36 37.84 29.48
N ASP A 579 -2.61 38.30 29.61
CA ASP A 579 -2.86 39.58 30.24
C ASP A 579 -2.55 39.55 31.72
N LYS A 580 -3.03 38.53 32.44
CA LYS A 580 -2.77 38.42 33.86
C LYS A 580 -1.37 37.93 34.17
N ALA A 581 -0.68 37.33 33.20
CA ALA A 581 0.73 37.02 33.38
C ALA A 581 1.62 38.25 33.32
N ARG A 582 1.21 39.29 32.60
CA ARG A 582 2.03 40.48 32.44
C ARG A 582 1.73 41.56 33.47
N GLN A 583 0.52 41.59 34.03
CA GLN A 583 0.21 42.59 35.05
C GLN A 583 0.84 42.24 36.39
N ALA A 584 1.15 40.97 36.62
CA ALA A 584 1.77 40.53 37.87
C ALA A 584 3.29 40.51 37.75
N ALA A 585 3.83 41.63 37.28
CA ALA A 585 5.28 41.74 37.12
C ALA A 585 5.95 41.90 38.48
N PRO A 586 6.96 41.06 38.77
CA PRO A 586 7.49 40.02 37.91
C PRO A 586 6.84 38.65 38.08
N CYS A 587 6.66 37.95 36.96
CA CYS A 587 5.95 36.68 36.96
C CYS A 587 6.72 35.68 36.11
N VAL A 588 6.28 34.42 36.17
CA VAL A 588 6.83 33.37 35.32
C VAL A 588 5.65 32.56 34.80
N LEU A 589 5.62 32.35 33.49
CA LEU A 589 4.52 31.63 32.84
C LEU A 589 5.03 30.24 32.49
N PHE A 590 4.29 29.23 32.94
CA PHE A 590 4.71 27.85 32.76
C PHE A 590 3.63 27.08 32.02
N PHE A 591 4.01 26.46 30.90
CA PHE A 591 3.09 25.69 30.07
C PHE A 591 3.46 24.22 30.22
N ASP A 592 2.58 23.45 30.83
CA ASP A 592 2.81 22.03 31.06
C ASP A 592 2.30 21.23 29.87
N GLU A 593 3.03 20.16 29.55
CA GLU A 593 2.75 19.27 28.42
C GLU A 593 2.26 20.04 27.20
N LEU A 594 3.12 20.89 26.66
CA LEU A 594 2.80 21.68 25.47
C LEU A 594 2.45 20.81 24.27
N ASP A 595 2.93 19.56 24.23
CA ASP A 595 2.68 18.65 23.12
C ASP A 595 1.31 18.00 23.19
N SER A 596 0.44 18.44 24.10
CA SER A 596 -0.87 17.81 24.25
C SER A 596 -1.70 17.95 22.98
N ILE A 597 -1.70 19.13 22.36
CA ILE A 597 -2.45 19.32 21.12
C ILE A 597 -1.87 18.47 20.00
N ALA A 598 -0.55 18.38 19.90
CA ALA A 598 0.06 17.54 18.88
C ALA A 598 -0.30 16.07 19.07
N LYS A 599 -0.29 15.59 20.31
CA LYS A 599 -0.73 14.22 20.56
C LYS A 599 -2.19 14.01 20.22
N ALA A 600 -3.05 14.97 20.58
CA ALA A 600 -4.47 14.86 20.25
C ALA A 600 -4.72 14.89 18.75
N ARG A 601 -3.87 15.57 17.97
CA ARG A 601 -4.01 15.62 16.53
C ARG A 601 -3.29 14.50 15.80
N GLY A 602 -2.38 13.79 16.48
CA GLY A 602 -1.68 12.69 15.86
C GLY A 602 -0.19 12.68 16.12
N GLY A 603 0.41 13.87 16.20
CA GLY A 603 1.82 13.98 16.49
C GLY A 603 2.67 14.39 15.31
N ASN A 604 3.65 13.55 14.95
CA ASN A 604 4.57 13.88 13.87
C ASN A 604 3.88 13.96 12.52
N ILE A 605 2.98 13.02 12.23
CA ILE A 605 2.27 13.02 10.96
C ILE A 605 0.79 13.29 11.20
N GLY A 606 0.14 12.40 11.94
CA GLY A 606 -1.27 12.55 12.23
C GLY A 606 -2.15 12.62 10.99
N ASP A 607 -2.74 13.78 10.74
CA ASP A 607 -3.55 13.99 9.56
C ASP A 607 -2.70 14.50 8.41
N GLY A 608 -3.35 14.97 7.34
CA GLY A 608 -2.61 15.52 6.22
C GLY A 608 -1.86 16.79 6.56
N GLY A 609 -2.29 17.49 7.61
CA GLY A 609 -1.64 18.72 8.02
C GLY A 609 -0.31 18.48 8.71
N GLY A 610 0.37 19.59 9.01
CA GLY A 610 1.67 19.52 9.64
C GLY A 610 1.60 19.48 11.16
N ALA A 611 2.40 20.34 11.81
CA ALA A 611 2.46 20.39 13.26
C ALA A 611 1.94 21.73 13.79
N ALA A 612 1.30 22.50 12.93
CA ALA A 612 0.78 23.81 13.31
C ALA A 612 -0.72 23.73 13.58
N ASP A 613 -1.13 24.35 14.68
CA ASP A 613 -2.55 24.42 15.01
C ASP A 613 -2.90 25.84 15.44
N ARG A 614 -4.12 26.03 15.94
CA ARG A 614 -4.61 27.35 16.30
C ARG A 614 -4.17 27.83 17.68
N VAL A 615 -4.18 26.95 18.69
CA VAL A 615 -3.83 27.38 20.04
C VAL A 615 -2.37 27.76 20.15
N ILE A 616 -1.48 26.95 19.59
CA ILE A 616 -0.07 27.31 19.57
C ILE A 616 0.15 28.58 18.77
N ASN A 617 -0.65 28.79 17.72
CA ASN A 617 -0.57 30.04 16.97
C ASN A 617 -0.93 31.23 17.84
N GLN A 618 -1.96 31.11 18.67
CA GLN A 618 -2.31 32.21 19.57
C GLN A 618 -1.20 32.48 20.58
N ILE A 619 -0.58 31.42 21.12
CA ILE A 619 0.53 31.61 22.03
C ILE A 619 1.70 32.30 21.34
N LEU A 620 1.99 31.91 20.10
CA LEU A 620 3.04 32.58 19.34
C LEU A 620 2.74 34.06 19.13
N THR A 621 1.49 34.38 18.77
CA THR A 621 1.11 35.77 18.57
C THR A 621 1.24 36.56 19.86
N GLU A 622 0.81 35.99 20.98
CA GLU A 622 0.91 36.70 22.25
C GLU A 622 2.34 36.88 22.71
N MET A 623 3.19 35.89 22.49
CA MET A 623 4.60 36.00 22.84
C MET A 623 5.37 36.97 21.95
N ASP A 624 4.99 37.08 20.67
CA ASP A 624 5.67 38.00 19.79
C ASP A 624 5.43 39.45 20.18
N GLY A 625 4.25 39.74 20.72
CA GLY A 625 3.87 41.09 21.08
C GLY A 625 4.25 41.53 22.48
N MET A 626 4.95 40.69 23.23
CA MET A 626 5.35 41.07 24.58
C MET A 626 6.56 41.98 24.56
N SER A 627 6.76 42.70 25.67
CA SER A 627 7.88 43.62 25.81
C SER A 627 9.03 42.92 26.53
N THR A 628 10.23 43.02 25.96
CA THR A 628 11.40 42.38 26.54
C THR A 628 11.85 43.05 27.84
N LYS A 629 11.54 44.33 28.04
CA LYS A 629 11.94 45.01 29.27
C LYS A 629 11.14 44.56 30.48
N LYS A 630 9.97 43.96 30.27
CA LYS A 630 9.22 43.38 31.36
C LYS A 630 9.88 42.09 31.84
N ASN A 631 9.58 41.72 33.08
CA ASN A 631 10.19 40.55 33.71
C ASN A 631 9.33 39.30 33.59
N VAL A 632 8.30 39.31 32.76
CA VAL A 632 7.49 38.13 32.51
C VAL A 632 8.34 37.12 31.75
N PHE A 633 8.17 35.83 32.07
CA PHE A 633 8.98 34.78 31.51
C PHE A 633 8.12 33.56 31.23
N ILE A 634 8.31 32.95 30.07
CA ILE A 634 7.52 31.81 29.63
C ILE A 634 8.39 30.57 29.65
N ILE A 635 7.91 29.52 30.31
CA ILE A 635 8.60 28.25 30.38
C ILE A 635 7.69 27.19 29.81
N GLY A 636 8.18 26.46 28.81
CA GLY A 636 7.45 25.36 28.20
C GLY A 636 8.00 24.03 28.67
N ALA A 637 7.09 23.12 29.02
CA ALA A 637 7.47 21.78 29.45
C ALA A 637 6.84 20.76 28.53
N THR A 638 7.63 19.79 28.09
CA THR A 638 7.14 18.74 27.22
C THR A 638 7.94 17.48 27.47
N ASN A 639 7.33 16.35 27.18
CA ASN A 639 8.02 15.06 27.22
C ASN A 639 8.29 14.52 25.82
N ARG A 640 7.56 14.98 24.82
CA ARG A 640 7.87 14.60 23.45
C ARG A 640 8.22 15.85 22.66
N PRO A 641 9.49 16.23 22.56
CA PRO A 641 9.86 17.42 21.80
C PRO A 641 9.99 17.22 20.31
N ASP A 642 9.88 15.98 19.83
CA ASP A 642 9.90 15.69 18.41
C ASP A 642 8.61 16.09 17.70
N ILE A 643 7.51 16.20 18.42
CA ILE A 643 6.22 16.57 17.85
C ILE A 643 5.87 18.03 18.15
N ILE A 644 6.72 18.73 18.89
CA ILE A 644 6.54 20.15 19.11
C ILE A 644 6.72 20.88 17.79
N ASP A 645 5.85 21.86 17.54
CA ASP A 645 5.90 22.61 16.29
C ASP A 645 7.24 23.35 16.22
N PRO A 646 7.93 23.33 15.08
CA PRO A 646 9.22 24.03 15.00
C PRO A 646 9.13 25.54 15.18
N ALA A 647 7.99 26.16 14.85
CA ALA A 647 7.90 27.61 14.89
C ALA A 647 7.94 28.17 16.31
N ILE A 648 7.51 27.40 17.32
CA ILE A 648 7.56 27.89 18.69
C ILE A 648 8.99 27.92 19.20
N LEU A 649 9.89 27.14 18.60
CA LEU A 649 11.29 27.09 18.99
C LEU A 649 12.15 28.06 18.18
N ARG A 650 11.54 28.89 17.35
CA ARG A 650 12.28 29.87 16.58
C ARG A 650 13.00 30.84 17.51
N PRO A 651 14.15 31.37 17.09
CA PRO A 651 14.86 32.35 17.93
C PRO A 651 13.97 33.54 18.25
N GLY A 652 13.99 33.94 19.52
CA GLY A 652 13.20 35.04 20.01
C GLY A 652 11.97 34.64 20.79
N ARG A 653 11.53 33.39 20.69
CA ARG A 653 10.36 32.94 21.45
C ARG A 653 10.73 31.88 22.48
N LEU A 654 11.30 30.76 22.06
CA LEU A 654 11.73 29.70 22.97
C LEU A 654 13.04 29.09 22.45
N ASP A 655 13.96 29.97 22.05
CA ASP A 655 15.22 29.53 21.45
C ASP A 655 16.05 28.71 22.43
N GLN A 656 15.89 28.96 23.73
CA GLN A 656 16.69 28.26 24.73
C GLN A 656 16.04 26.92 25.06
N LEU A 657 16.74 25.83 24.76
CA LEU A 657 16.28 24.48 25.07
C LEU A 657 17.28 23.84 26.01
N ILE A 658 16.81 23.37 27.15
CA ILE A 658 17.63 22.65 28.12
C ILE A 658 16.98 21.31 28.40
N TYR A 659 17.80 20.31 28.69
CA TYR A 659 17.34 18.94 28.85
C TYR A 659 17.32 18.58 30.33
N ILE A 660 16.18 18.05 30.79
CA ILE A 660 16.02 17.63 32.17
C ILE A 660 16.24 16.12 32.22
N PRO A 661 17.36 15.64 32.74
CA PRO A 661 17.62 14.20 32.74
C PRO A 661 16.96 13.50 33.91
N LEU A 662 17.22 12.20 34.04
CA LEU A 662 16.81 11.51 35.25
C LEU A 662 17.57 12.06 36.44
N PRO A 663 16.93 12.08 37.62
CA PRO A 663 17.63 12.55 38.81
C PRO A 663 18.84 11.67 39.11
N ASP A 664 19.94 12.30 39.51
CA ASP A 664 21.15 11.57 39.85
C ASP A 664 21.07 11.13 41.32
N GLU A 665 22.15 10.57 41.85
CA GLU A 665 22.14 10.11 43.23
C GLU A 665 21.87 11.24 44.20
N LYS A 666 22.49 12.39 43.99
CA LYS A 666 22.28 13.52 44.88
C LYS A 666 20.85 14.05 44.82
N SER A 667 20.24 14.05 43.63
CA SER A 667 18.87 14.53 43.47
C SER A 667 17.81 13.52 43.90
N ARG A 668 18.11 12.23 43.83
CA ARG A 668 17.14 11.23 44.27
C ARG A 668 16.91 11.26 45.77
N VAL A 669 17.94 11.56 46.57
CA VAL A 669 17.73 11.71 48.00
C VAL A 669 16.72 12.81 48.28
N ALA A 670 16.79 13.90 47.52
CA ALA A 670 15.81 14.97 47.66
C ALA A 670 14.40 14.50 47.36
N ILE A 671 14.20 13.69 46.31
CA ILE A 671 12.87 13.18 46.00
C ILE A 671 12.36 12.28 47.11
N LEU A 672 13.22 11.39 47.62
CA LEU A 672 12.79 10.54 48.73
C LEU A 672 12.42 11.35 49.97
N LYS A 673 13.25 12.31 50.35
CA LYS A 673 12.96 13.08 51.56
C LYS A 673 11.78 14.03 51.39
N ALA A 674 11.51 14.50 50.17
CA ALA A 674 10.32 15.29 49.94
C ALA A 674 9.05 14.46 50.15
N ASN A 675 9.06 13.22 49.67
CA ASN A 675 7.94 12.32 49.89
C ASN A 675 7.79 11.93 51.35
N LEU A 676 8.90 11.73 52.06
CA LEU A 676 8.86 11.24 53.43
C LEU A 676 8.91 12.36 54.47
N ARG A 677 8.85 13.63 54.04
CA ARG A 677 8.95 14.73 54.99
C ARG A 677 7.76 14.82 55.92
N LYS A 678 6.63 14.17 55.59
CA LYS A 678 5.46 14.16 56.44
C LYS A 678 5.24 12.83 57.13
N SER A 679 6.17 11.89 57.00
CA SER A 679 5.96 10.56 57.55
C SER A 679 6.97 10.26 58.66
N PRO A 680 6.61 9.42 59.62
CA PRO A 680 7.58 9.04 60.66
C PRO A 680 8.65 8.10 60.11
N VAL A 681 9.87 8.62 59.95
CA VAL A 681 10.96 7.84 59.39
C VAL A 681 11.84 7.34 60.53
N ALA A 682 12.13 6.04 60.52
CA ALA A 682 12.99 5.45 61.53
C ALA A 682 14.44 5.83 61.26
N LYS A 683 15.27 5.78 62.30
CA LYS A 683 16.67 6.14 62.19
C LYS A 683 17.44 5.20 61.28
N ASP A 684 17.17 3.89 61.35
CA ASP A 684 17.92 2.93 60.55
C ASP A 684 17.59 2.99 59.07
N VAL A 685 16.49 3.64 58.70
CA VAL A 685 16.09 3.74 57.29
C VAL A 685 17.01 4.76 56.62
N ASP A 686 18.00 4.27 55.87
CA ASP A 686 18.97 5.12 55.22
C ASP A 686 18.49 5.44 53.81
N LEU A 687 18.16 6.71 53.57
CA LEU A 687 17.71 7.15 52.26
C LEU A 687 18.87 7.30 51.27
N GLU A 688 20.08 7.56 51.75
CA GLU A 688 21.22 7.65 50.85
C GLU A 688 21.46 6.33 50.12
N PHE A 689 21.43 5.21 50.85
CA PHE A 689 21.59 3.91 50.23
C PHE A 689 20.46 3.60 49.27
N LEU A 690 19.22 3.91 49.66
CA LEU A 690 18.08 3.66 48.78
C LEU A 690 18.20 4.44 47.48
N ALA A 691 18.59 5.71 47.57
CA ALA A 691 18.80 6.51 46.37
C ALA A 691 19.98 6.01 45.54
N LYS A 692 21.03 5.50 46.20
CA LYS A 692 22.14 4.90 45.48
C LYS A 692 21.73 3.64 44.72
N MET A 693 20.85 2.83 45.29
CA MET A 693 20.46 1.58 44.64
C MET A 693 19.71 1.84 43.34
N THR A 694 18.74 2.75 43.38
CA THR A 694 17.98 3.09 42.18
C THR A 694 18.76 4.11 41.35
N ASN A 695 19.04 3.76 40.10
CA ASN A 695 19.83 4.61 39.23
C ASN A 695 19.02 5.18 38.06
N GLY A 696 18.39 4.33 37.27
CA GLY A 696 17.59 4.81 36.15
C GLY A 696 16.15 5.06 36.54
N PHE A 697 15.93 5.46 37.78
CA PHE A 697 14.60 5.64 38.33
C PHE A 697 14.17 7.09 38.19
N SER A 698 12.93 7.30 37.77
CA SER A 698 12.37 8.63 37.66
C SER A 698 11.81 9.07 39.01
N GLY A 699 11.44 10.36 39.11
CA GLY A 699 10.83 10.84 40.32
C GLY A 699 9.53 10.12 40.64
N ALA A 700 8.76 9.79 39.60
CA ALA A 700 7.54 9.02 39.80
C ALA A 700 7.81 7.62 40.34
N ASP A 701 8.91 6.99 39.91
CA ASP A 701 9.23 5.66 40.42
C ASP A 701 9.56 5.69 41.90
N LEU A 702 10.35 6.67 42.33
CA LEU A 702 10.59 6.84 43.76
C LEU A 702 9.33 7.22 44.51
N THR A 703 8.46 8.01 43.89
CA THR A 703 7.21 8.41 44.53
C THR A 703 6.34 7.20 44.83
N GLU A 704 6.16 6.31 43.86
CA GLU A 704 5.36 5.12 44.11
C GLU A 704 6.04 4.17 45.08
N ILE A 705 7.37 4.13 45.11
CA ILE A 705 8.04 3.34 46.15
C ILE A 705 7.68 3.86 47.54
N CYS A 706 7.76 5.19 47.72
CA CYS A 706 7.41 5.78 49.01
C CYS A 706 5.95 5.54 49.36
N GLN A 707 5.05 5.69 48.38
CA GLN A 707 3.63 5.47 48.60
C GLN A 707 3.34 4.02 48.97
N ARG A 708 4.00 3.07 48.32
CA ARG A 708 3.80 1.66 48.64
C ARG A 708 4.32 1.33 50.02
N ALA A 709 5.47 1.90 50.41
CA ALA A 709 5.97 1.70 51.77
C ALA A 709 5.00 2.28 52.80
N CYS A 710 4.47 3.47 52.53
CA CYS A 710 3.48 4.05 53.44
C CYS A 710 2.22 3.20 53.51
N LYS A 711 1.77 2.66 52.38
CA LYS A 711 0.60 1.79 52.38
C LYS A 711 0.84 0.54 53.20
N LEU A 712 2.01 -0.09 53.06
CA LEU A 712 2.34 -1.26 53.87
C LEU A 712 2.39 -0.93 55.35
N ALA A 713 2.99 0.21 55.71
CA ALA A 713 3.04 0.61 57.10
C ALA A 713 1.63 0.86 57.66
N ILE A 714 0.79 1.54 56.90
CA ILE A 714 -0.57 1.80 57.35
C ILE A 714 -1.35 0.50 57.52
N ARG A 715 -1.21 -0.43 56.57
CA ARG A 715 -1.91 -1.69 56.67
C ARG A 715 -1.44 -2.50 57.87
N GLU A 716 -0.12 -2.54 58.13
CA GLU A 716 0.36 -3.25 59.30
C GLU A 716 -0.13 -2.61 60.58
N SER A 717 -0.14 -1.28 60.65
CA SER A 717 -0.68 -0.58 61.80
C SER A 717 -2.16 -0.87 62.02
N ILE A 718 -2.95 -0.92 60.95
CA ILE A 718 -4.37 -1.21 61.09
C ILE A 718 -4.59 -2.65 61.55
N GLU A 719 -3.90 -3.61 60.93
CA GLU A 719 -4.11 -5.01 61.29
C GLU A 719 -3.54 -5.36 62.65
N SER A 720 -2.54 -4.62 63.13
CA SER A 720 -1.92 -4.91 64.42
C SER A 720 -2.76 -4.43 65.60
N GLU A 721 -3.79 -3.60 65.35
CA GLU A 721 -4.63 -3.14 66.44
C GLU A 721 -5.45 -4.27 67.06
N ILE A 722 -5.97 -5.17 66.23
CA ILE A 722 -6.81 -6.25 66.71
C ILE A 722 -5.96 -7.36 67.31
N VAL A 743 2.21 -0.22 64.61
CA VAL A 743 3.08 0.68 65.36
C VAL A 743 3.29 1.97 64.58
N PRO A 744 3.21 3.11 65.27
CA PRO A 744 3.28 4.42 64.62
C PRO A 744 4.70 4.85 64.22
N GLU A 745 5.33 4.04 63.37
CA GLU A 745 6.66 4.35 62.86
C GLU A 745 6.95 3.47 61.66
N ILE A 746 7.36 4.09 60.55
CA ILE A 746 7.75 3.33 59.36
C ILE A 746 9.07 2.65 59.65
N ARG A 747 9.12 1.34 59.45
CA ARG A 747 10.31 0.57 59.80
C ARG A 747 11.11 0.24 58.54
N ARG A 748 12.32 -0.28 58.75
CA ARG A 748 13.20 -0.66 57.64
C ARG A 748 12.57 -1.75 56.77
N ASP A 749 11.87 -2.69 57.39
CA ASP A 749 11.22 -3.76 56.66
C ASP A 749 10.14 -3.25 55.70
N HIS A 750 9.42 -2.19 56.07
CA HIS A 750 8.42 -1.63 55.17
C HIS A 750 9.04 -1.21 53.85
N PHE A 751 10.13 -0.47 53.89
CA PHE A 751 10.83 -0.04 52.68
C PHE A 751 11.51 -1.19 51.97
N GLU A 752 12.07 -2.14 52.71
CA GLU A 752 12.72 -3.29 52.09
C GLU A 752 11.73 -4.16 51.30
N GLU A 753 10.54 -4.40 51.87
CA GLU A 753 9.55 -5.22 51.18
C GLU A 753 8.91 -4.45 50.02
N ALA A 754 8.58 -3.18 50.21
CA ALA A 754 8.03 -2.37 49.15
C ALA A 754 9.03 -2.11 48.03
N MET A 755 10.32 -2.30 48.30
CA MET A 755 11.35 -2.19 47.27
C MET A 755 11.25 -3.30 46.24
N ARG A 756 10.57 -4.39 46.56
CA ARG A 756 10.46 -5.51 45.62
C ARG A 756 9.64 -5.13 44.40
N PHE A 757 8.55 -4.41 44.60
CA PHE A 757 7.70 -3.95 43.48
C PHE A 757 8.21 -2.64 42.92
N ALA A 758 9.49 -2.59 42.56
CA ALA A 758 10.11 -1.38 42.05
C ALA A 758 10.02 -1.36 40.54
N ARG A 759 9.25 -0.40 40.01
CA ARG A 759 9.08 -0.22 38.58
C ARG A 759 10.15 0.71 38.03
N ARG A 760 10.25 0.74 36.70
CA ARG A 760 11.12 1.69 36.02
C ARG A 760 10.39 2.09 34.73
N SER A 761 9.63 3.18 34.81
CA SER A 761 8.73 3.56 33.72
C SER A 761 9.47 4.09 32.50
N VAL A 762 10.69 4.59 32.68
CA VAL A 762 11.44 5.19 31.57
C VAL A 762 12.43 4.15 31.06
N SER A 763 12.31 3.81 29.78
CA SER A 763 13.17 2.82 29.16
C SER A 763 14.44 3.47 28.61
N ASP A 764 15.42 2.62 28.28
CA ASP A 764 16.67 3.12 27.72
C ASP A 764 16.49 3.71 26.33
N ASN A 765 15.56 3.13 25.55
CA ASN A 765 15.27 3.69 24.23
C ASN A 765 14.77 5.12 24.32
N ASP A 766 13.98 5.44 25.35
CA ASP A 766 13.56 6.82 25.57
C ASP A 766 14.75 7.72 25.85
N ILE A 767 15.70 7.30 26.68
CA ILE A 767 16.87 8.15 26.93
C ILE A 767 17.65 8.36 25.65
N ARG A 768 17.80 7.31 24.85
CA ARG A 768 18.52 7.45 23.59
C ARG A 768 17.81 8.42 22.65
N LYS A 769 16.48 8.34 22.56
CA LYS A 769 15.76 9.24 21.66
C LYS A 769 15.74 10.68 22.17
N TYR A 770 15.82 10.89 23.49
CA TYR A 770 15.97 12.25 23.98
C TYR A 770 17.36 12.80 23.70
N GLU A 771 18.39 11.96 23.84
CA GLU A 771 19.73 12.44 23.54
C GLU A 771 19.88 12.78 22.06
N MET A 772 19.39 11.92 21.16
CA MET A 772 19.46 12.25 19.74
C MET A 772 18.91 13.63 19.47
N PHE A 773 17.84 14.00 20.17
CA PHE A 773 17.34 15.38 20.12
C PHE A 773 18.32 16.36 20.75
N ALA A 774 18.99 15.99 21.84
CA ALA A 774 19.83 16.95 22.56
C ALA A 774 21.06 17.37 21.76
N GLN A 775 21.98 16.44 21.46
CA GLN A 775 23.02 16.85 20.52
C GLN A 775 22.60 16.75 19.05
N THR A 776 21.30 16.75 18.75
CA THR A 776 20.86 17.35 17.50
C THR A 776 21.11 18.86 17.51
N LEU A 777 20.78 19.53 18.62
CA LEU A 777 20.97 20.97 18.74
C LEU A 777 22.29 21.35 19.43
N GLN A 778 23.07 20.40 19.92
CA GLN A 778 24.35 20.78 20.51
C GLN A 778 25.37 21.17 19.44
N GLN A 779 25.73 20.21 18.58
CA GLN A 779 26.69 20.43 17.49
C GLN A 779 27.93 21.19 17.91
N SER A 780 28.77 20.58 18.76
CA SER A 780 30.00 21.21 19.21
C SER A 780 31.20 20.70 18.41
N ARG A 781 30.99 20.43 17.12
CA ARG A 781 32.04 19.89 16.27
C ARG A 781 32.55 20.99 15.33
N GLY A 782 33.63 20.67 14.63
CA GLY A 782 34.21 21.60 13.68
C GLY A 782 35.11 22.64 14.31
N PHE A 783 34.50 23.63 14.98
CA PHE A 783 35.26 24.70 15.61
C PHE A 783 35.59 24.40 17.06
N GLY A 784 36.18 23.23 17.33
CA GLY A 784 36.52 22.87 18.70
C GLY A 784 37.87 23.39 19.13
N SER A 785 38.80 23.52 18.20
CA SER A 785 40.15 24.02 18.49
C SER A 785 40.42 25.21 17.60
N PHE A 786 40.42 26.41 18.19
CA PHE A 786 40.70 27.64 17.46
C PHE A 786 41.83 28.39 18.15
N ARG A 787 42.77 28.90 17.36
CA ARG A 787 43.87 29.72 17.87
C ARG A 787 43.87 31.04 17.14
N PHE A 788 43.85 32.13 17.90
CA PHE A 788 43.92 33.46 17.30
C PHE A 788 45.35 33.77 16.87
N PRO A 789 45.54 34.59 15.83
CA PRO A 789 46.91 34.88 15.37
C PRO A 789 47.72 35.65 16.40
N SER A 790 47.18 36.77 16.88
CA SER A 790 47.90 37.60 17.86
C SER A 790 46.93 38.50 18.62
N ASN B 36 2.36 95.85 -7.55
CA ASN B 36 1.52 95.13 -6.61
C ASN B 36 2.13 95.14 -5.21
N ARG B 37 3.12 96.01 -5.01
CA ARG B 37 3.84 96.16 -3.75
C ARG B 37 4.36 94.81 -3.27
N PRO B 38 5.40 94.26 -3.92
CA PRO B 38 5.91 92.95 -3.51
C PRO B 38 6.61 92.98 -2.16
N ASN B 39 5.84 93.19 -1.10
CA ASN B 39 6.37 93.19 0.26
C ASN B 39 5.59 92.33 1.24
N ARG B 40 4.33 91.99 0.96
CA ARG B 40 3.53 91.18 1.86
C ARG B 40 3.61 89.72 1.45
N LEU B 41 3.71 88.84 2.45
CA LEU B 41 3.78 87.40 2.23
C LEU B 41 2.77 86.70 3.11
N ILE B 42 2.38 85.49 2.68
CA ILE B 42 1.42 84.71 3.45
C ILE B 42 2.07 84.20 4.74
N VAL B 43 1.22 83.75 5.66
CA VAL B 43 1.65 83.28 6.97
C VAL B 43 1.41 81.78 7.07
N ASP B 44 2.34 81.07 7.71
CA ASP B 44 2.17 79.64 7.98
C ASP B 44 2.66 79.29 9.37
N GLU B 45 2.77 78.00 9.66
CA GLU B 45 3.23 77.52 10.94
C GLU B 45 4.74 77.31 10.92
N ALA B 46 5.37 77.54 12.06
CA ALA B 46 6.82 77.38 12.20
C ALA B 46 7.14 76.07 12.90
N ILE B 47 8.07 75.31 12.32
CA ILE B 47 8.48 74.03 12.90
C ILE B 47 9.46 74.20 14.05
N ASN B 48 10.05 75.37 14.21
CA ASN B 48 10.98 75.60 15.30
C ASN B 48 10.23 75.63 16.64
N GLU B 49 10.87 75.11 17.67
CA GLU B 49 10.29 75.03 19.00
C GLU B 49 10.66 76.23 19.87
N ASP B 50 11.37 77.21 19.33
CA ASP B 50 11.76 78.39 20.09
C ASP B 50 10.56 79.27 20.36
N ASN B 51 10.70 80.17 21.34
CA ASN B 51 9.60 81.02 21.75
C ASN B 51 9.42 82.21 20.81
N SER B 52 10.44 83.07 20.71
CA SER B 52 10.37 84.26 19.86
C SER B 52 11.51 84.19 18.84
N VAL B 53 11.24 83.48 17.75
CA VAL B 53 12.19 83.33 16.65
C VAL B 53 11.41 83.37 15.34
N VAL B 54 11.82 84.24 14.42
CA VAL B 54 11.20 84.36 13.11
C VAL B 54 12.23 83.93 12.07
N SER B 55 11.89 82.92 11.30
CA SER B 55 12.77 82.37 10.28
C SER B 55 12.31 82.77 8.89
N LEU B 56 13.28 83.14 8.05
CA LEU B 56 12.99 83.57 6.68
C LEU B 56 13.90 82.79 5.74
N SER B 57 13.86 83.14 4.46
CA SER B 57 14.69 82.53 3.45
C SER B 57 15.91 83.41 3.16
N GLN B 58 16.85 82.86 2.39
CA GLN B 58 18.10 83.54 2.09
C GLN B 58 17.89 84.88 1.39
N PRO B 59 17.05 84.99 0.34
CA PRO B 59 16.87 86.30 -0.30
C PRO B 59 15.84 87.17 0.39
N LYS B 60 15.93 87.27 1.71
CA LYS B 60 14.98 88.09 2.46
C LYS B 60 15.68 89.21 3.22
N MET B 61 16.70 88.87 4.01
CA MET B 61 17.43 89.91 4.74
C MET B 61 18.41 90.66 3.85
N ASP B 62 18.75 90.11 2.69
CA ASP B 62 19.64 90.79 1.76
C ASP B 62 18.97 91.98 1.08
N GLU B 63 17.65 92.05 1.10
CA GLU B 63 16.93 93.19 0.52
C GLU B 63 16.66 94.28 1.54
N LEU B 64 16.41 93.91 2.79
CA LEU B 64 16.12 94.85 3.86
C LEU B 64 17.34 95.16 4.72
N GLN B 65 18.52 94.72 4.29
CA GLN B 65 19.81 94.93 4.96
C GLN B 65 19.71 94.82 6.47
N LEU B 66 19.11 93.74 6.96
CA LEU B 66 18.98 93.48 8.39
C LEU B 66 19.86 92.31 8.79
N PHE B 67 20.46 92.39 9.97
CA PHE B 67 21.35 91.36 10.47
C PHE B 67 20.54 90.32 11.25
N ARG B 68 21.24 89.37 11.87
CA ARG B 68 20.59 88.30 12.60
C ARG B 68 20.13 88.71 14.01
N GLY B 69 20.52 89.89 14.47
CA GLY B 69 20.12 90.35 15.79
C GLY B 69 19.59 91.77 15.81
N ASP B 70 18.92 92.17 14.74
CA ASP B 70 18.38 93.51 14.61
C ASP B 70 16.97 93.58 15.19
N THR B 71 16.37 94.76 15.11
CA THR B 71 15.03 95.00 15.63
C THR B 71 14.05 95.07 14.46
N VAL B 72 12.98 94.28 14.53
CA VAL B 72 11.99 94.21 13.48
C VAL B 72 10.64 94.67 14.05
N LEU B 73 9.91 95.43 13.24
CA LEU B 73 8.61 95.95 13.63
C LEU B 73 7.55 95.42 12.66
N LEU B 74 6.51 94.79 13.21
CA LEU B 74 5.43 94.22 12.42
C LEU B 74 4.11 94.84 12.82
N LYS B 75 3.24 95.04 11.83
CA LYS B 75 1.92 95.63 12.05
C LYS B 75 0.84 94.62 11.68
N GLY B 76 -0.40 95.07 11.80
CA GLY B 76 -1.54 94.25 11.44
C GLY B 76 -2.86 94.99 11.54
N LYS B 77 -3.91 94.30 11.95
CA LYS B 77 -5.21 94.91 12.13
C LYS B 77 -5.29 95.58 13.50
N LYS B 78 -6.42 96.25 13.75
CA LYS B 78 -6.69 96.92 15.02
C LYS B 78 -5.71 98.05 15.33
N ARG B 79 -4.96 98.49 14.32
CA ARG B 79 -3.98 99.57 14.46
C ARG B 79 -2.98 99.28 15.59
N ARG B 80 -2.40 98.09 15.53
CA ARG B 80 -1.43 97.65 16.52
C ARG B 80 -0.13 97.25 15.83
N GLU B 81 0.96 97.38 16.58
CA GLU B 81 2.29 97.03 16.10
C GLU B 81 2.83 95.85 16.88
N ALA B 82 4.02 95.40 16.48
CA ALA B 82 4.69 94.29 17.15
C ALA B 82 6.19 94.43 16.96
N VAL B 83 6.94 93.74 17.80
CA VAL B 83 8.41 93.76 17.73
C VAL B 83 8.92 92.39 18.14
N CYS B 84 9.88 91.87 17.39
CA CYS B 84 10.43 90.55 17.65
C CYS B 84 11.90 90.54 17.21
N ILE B 85 12.46 89.35 17.07
CA ILE B 85 13.84 89.17 16.64
C ILE B 85 13.85 88.25 15.42
N VAL B 86 14.49 88.69 14.34
CA VAL B 86 14.59 87.91 13.12
C VAL B 86 15.80 87.01 13.20
N LEU B 87 15.60 85.72 12.96
CA LEU B 87 16.68 84.74 12.95
C LEU B 87 16.88 84.23 11.52
N SER B 88 18.14 84.11 11.11
CA SER B 88 18.48 83.67 9.77
C SER B 88 18.52 82.15 9.70
N ASP B 89 17.91 81.60 8.65
CA ASP B 89 17.90 80.16 8.43
C ASP B 89 17.83 79.90 6.94
N ASP B 90 18.59 78.89 6.48
CA ASP B 90 18.63 78.52 5.08
C ASP B 90 18.21 77.06 4.86
N THR B 91 17.61 76.43 5.87
CA THR B 91 17.18 75.04 5.77
C THR B 91 15.67 74.88 5.84
N CYS B 92 14.94 75.89 6.30
CA CYS B 92 13.49 75.81 6.42
C CYS B 92 12.82 75.61 5.07
N SER B 93 12.97 76.58 4.18
CA SER B 93 12.32 76.52 2.87
C SER B 93 13.12 77.27 1.83
N ASP B 94 12.52 77.51 0.66
CA ASP B 94 13.15 78.24 -0.43
C ASP B 94 12.86 79.74 -0.39
N GLU B 95 11.60 80.13 -0.29
CA GLU B 95 11.25 81.54 -0.13
C GLU B 95 9.96 81.58 0.71
N LYS B 96 10.12 81.75 2.02
CA LYS B 96 8.98 81.75 2.92
C LYS B 96 9.42 82.33 4.25
N ILE B 97 8.47 82.93 4.96
CA ILE B 97 8.71 83.51 6.28
C ILE B 97 7.93 82.71 7.32
N ARG B 98 8.61 82.29 8.38
CA ARG B 98 8.01 81.58 9.49
C ARG B 98 7.45 82.58 10.50
N MET B 99 6.59 82.10 11.39
CA MET B 99 5.87 83.01 12.28
C MET B 99 5.28 82.18 13.41
N ASN B 100 5.46 82.64 14.65
CA ASN B 100 5.19 81.82 15.81
C ASN B 100 3.75 81.99 16.30
N ARG B 101 3.34 81.09 17.20
CA ARG B 101 1.99 81.09 17.76
C ARG B 101 1.81 82.07 18.90
N VAL B 102 2.83 82.25 19.75
CA VAL B 102 2.72 83.16 20.89
C VAL B 102 2.50 84.60 20.46
N VAL B 103 2.84 84.95 19.22
CA VAL B 103 2.63 86.30 18.71
C VAL B 103 1.55 86.37 17.63
N ARG B 104 1.14 85.24 17.05
CA ARG B 104 -0.03 85.26 16.17
C ARG B 104 -1.27 85.73 16.89
N ASN B 105 -1.52 85.21 18.09
CA ASN B 105 -2.66 85.68 18.89
C ASN B 105 -2.40 87.05 19.48
N ASN B 106 -1.12 87.41 19.68
CA ASN B 106 -0.80 88.71 20.26
C ASN B 106 -1.07 89.85 19.28
N LEU B 107 -0.67 89.68 18.02
CA LEU B 107 -0.90 90.71 17.00
C LEU B 107 -2.27 90.55 16.34
N ARG B 108 -3.03 89.52 16.72
CA ARG B 108 -4.33 89.22 16.15
C ARG B 108 -4.23 88.92 14.66
N VAL B 109 -3.44 87.88 14.35
CA VAL B 109 -3.22 87.43 12.98
C VAL B 109 -3.70 85.99 12.88
N ARG B 110 -4.35 85.68 11.76
CA ARG B 110 -4.78 84.32 11.49
C ARG B 110 -4.13 83.87 10.17
N LEU B 111 -4.28 82.57 9.87
CA LEU B 111 -3.63 81.99 8.72
C LEU B 111 -4.19 82.57 7.41
N GLY B 112 -3.39 82.48 6.35
CA GLY B 112 -3.83 82.98 5.06
C GLY B 112 -3.93 84.49 4.99
N ASP B 113 -3.16 85.20 5.80
CA ASP B 113 -3.18 86.66 5.81
C ASP B 113 -1.84 87.19 5.31
N VAL B 114 -1.83 88.47 4.97
CA VAL B 114 -0.63 89.15 4.48
C VAL B 114 0.02 89.88 5.63
N ILE B 115 1.35 89.92 5.62
CA ILE B 115 2.14 90.60 6.65
C ILE B 115 3.26 91.36 5.98
N SER B 116 3.46 92.60 6.39
CA SER B 116 4.51 93.46 5.86
C SER B 116 5.64 93.57 6.87
N ILE B 117 6.87 93.40 6.39
CA ILE B 117 8.05 93.41 7.25
C ILE B 117 9.01 94.49 6.74
N GLN B 118 9.61 95.22 7.69
CA GLN B 118 10.58 96.25 7.38
C GLN B 118 11.54 96.38 8.56
N PRO B 119 12.80 96.71 8.32
CA PRO B 119 13.74 96.91 9.43
C PRO B 119 13.41 98.18 10.19
N CYS B 120 13.81 98.18 11.46
CA CYS B 120 13.60 99.33 12.34
C CYS B 120 14.80 99.47 13.26
N PRO B 121 15.87 100.13 12.79
CA PRO B 121 17.09 100.30 13.60
C PRO B 121 16.93 101.41 14.65
N ASP B 122 16.18 101.11 15.70
CA ASP B 122 15.91 102.04 16.79
C ASP B 122 16.54 101.50 18.06
N VAL B 123 17.32 102.33 18.73
CA VAL B 123 17.96 101.94 19.99
C VAL B 123 16.93 102.06 21.10
N LYS B 124 16.74 100.97 21.85
CA LYS B 124 15.77 100.92 22.92
C LYS B 124 16.46 100.48 24.22
N TYR B 125 15.90 100.92 25.34
CA TYR B 125 16.45 100.59 26.65
C TYR B 125 15.36 100.71 27.69
N GLY B 126 14.96 99.58 28.27
CA GLY B 126 13.95 99.60 29.31
C GLY B 126 14.50 100.08 30.63
N LYS B 127 13.69 100.86 31.34
CA LYS B 127 14.07 101.40 32.64
C LYS B 127 13.19 100.84 33.76
N ARG B 128 11.87 100.97 33.64
CA ARG B 128 10.93 100.49 34.64
C ARG B 128 9.86 99.67 33.97
N ILE B 129 9.52 98.52 34.55
CA ILE B 129 8.47 97.65 34.04
C ILE B 129 7.51 97.30 35.16
N HIS B 130 6.29 96.95 34.79
CA HIS B 130 5.26 96.57 35.75
C HIS B 130 4.30 95.61 35.06
N VAL B 131 4.45 94.33 35.33
CA VAL B 131 3.60 93.29 34.75
C VAL B 131 2.84 92.60 35.87
N LEU B 132 1.66 92.08 35.53
CA LEU B 132 0.82 91.39 36.48
C LEU B 132 0.00 90.35 35.74
N PRO B 133 -0.27 89.21 36.35
CA PRO B 133 -1.02 88.15 35.68
C PRO B 133 -2.53 88.39 35.76
N ILE B 134 -3.26 87.61 34.97
CA ILE B 134 -4.72 87.63 34.97
C ILE B 134 -5.22 86.64 35.99
N ASP B 135 -6.30 86.99 36.69
CA ASP B 135 -6.85 86.13 37.73
C ASP B 135 -7.64 84.98 37.13
N ASP B 136 -6.98 84.17 36.29
CA ASP B 136 -7.62 83.00 35.69
C ASP B 136 -6.71 81.80 35.75
N THR B 137 -5.42 82.03 36.02
CA THR B 137 -4.43 80.96 36.05
C THR B 137 -3.45 81.11 37.21
N VAL B 138 -3.86 81.81 38.28
CA VAL B 138 -3.00 82.02 39.43
C VAL B 138 -3.62 81.40 40.67
N GLU B 139 -4.39 80.33 40.47
CA GLU B 139 -5.06 79.66 41.58
C GLU B 139 -4.05 78.80 42.34
N GLY B 140 -3.94 79.04 43.64
CA GLY B 140 -3.02 78.28 44.48
C GLY B 140 -1.61 78.81 44.54
N ILE B 141 -1.37 80.04 44.07
CA ILE B 141 -0.04 80.63 44.05
C ILE B 141 -0.03 81.80 45.04
N THR B 142 0.92 81.78 45.97
CA THR B 142 1.06 82.81 46.99
C THR B 142 2.51 83.24 47.09
N GLY B 143 2.72 84.40 47.72
CA GLY B 143 4.06 84.92 47.92
C GLY B 143 4.57 85.64 46.69
N ASN B 144 5.85 86.01 46.76
CA ASN B 144 6.50 86.71 45.67
C ASN B 144 6.69 85.79 44.47
N LEU B 145 6.49 86.34 43.27
CA LEU B 145 6.63 85.57 42.04
C LEU B 145 7.34 86.34 40.94
N PHE B 146 8.01 87.45 41.25
CA PHE B 146 8.68 88.26 40.24
C PHE B 146 10.19 88.11 40.26
N GLU B 147 10.80 87.92 41.43
CA GLU B 147 12.24 87.81 41.55
C GLU B 147 12.71 86.36 41.52
N VAL B 148 11.80 85.42 41.31
CA VAL B 148 12.15 84.00 41.29
C VAL B 148 11.90 83.32 39.95
N TYR B 149 10.93 83.76 39.15
CA TYR B 149 10.75 83.23 37.81
C TYR B 149 11.10 84.22 36.71
N LEU B 150 10.57 85.45 36.77
CA LEU B 150 10.79 86.41 35.69
C LEU B 150 12.25 86.81 35.56
N LYS B 151 12.93 87.08 36.67
CA LYS B 151 14.34 87.49 36.57
C LYS B 151 15.22 86.41 35.96
N PRO B 152 15.14 85.13 36.34
CA PRO B 152 16.02 84.12 35.73
C PRO B 152 15.84 83.96 34.23
N TYR B 153 14.62 83.99 33.72
CA TYR B 153 14.39 83.73 32.30
C TYR B 153 14.61 84.95 31.40
N PHE B 154 14.60 86.16 31.95
CA PHE B 154 14.81 87.33 31.12
C PHE B 154 16.27 87.50 30.69
N LEU B 155 17.23 87.13 31.53
CA LEU B 155 18.63 87.36 31.24
C LEU B 155 19.10 86.50 30.08
N GLU B 156 20.06 87.03 29.32
CA GLU B 156 20.66 86.35 28.17
C GLU B 156 19.62 86.04 27.10
N ALA B 157 18.57 86.87 27.04
CA ALA B 157 17.53 86.69 26.03
C ALA B 157 17.33 87.97 25.23
N TYR B 158 17.33 89.11 25.93
CA TYR B 158 17.12 90.43 25.32
C TYR B 158 15.85 90.46 24.47
N ARG B 159 14.80 89.82 24.98
CA ARG B 159 13.57 89.80 24.20
C ARG B 159 12.85 91.14 24.27
N PRO B 160 12.39 91.66 23.14
CA PRO B 160 11.65 92.93 23.15
C PRO B 160 10.21 92.72 23.57
N ILE B 161 9.56 93.84 23.92
CA ILE B 161 8.16 93.82 24.33
C ILE B 161 7.56 95.17 23.96
N ARG B 162 6.35 95.14 23.41
CA ARG B 162 5.63 96.35 23.04
C ARG B 162 4.46 96.54 23.99
N LYS B 163 3.86 97.72 23.92
CA LYS B 163 2.77 98.07 24.82
C LYS B 163 1.49 97.34 24.43
N GLY B 164 0.82 96.76 25.42
CA GLY B 164 -0.43 96.05 25.18
C GLY B 164 -0.24 94.71 24.52
N ASP B 165 0.57 93.85 25.12
CA ASP B 165 0.83 92.52 24.58
C ASP B 165 0.74 91.50 25.70
N ILE B 166 0.21 90.33 25.38
CA ILE B 166 0.08 89.24 26.35
C ILE B 166 1.05 88.13 26.00
N PHE B 167 2.25 88.17 26.56
CA PHE B 167 3.24 87.13 26.32
C PHE B 167 2.92 85.90 27.17
N LEU B 168 3.36 84.74 26.70
CA LEU B 168 3.15 83.48 27.36
C LEU B 168 4.51 82.83 27.64
N VAL B 169 4.68 82.31 28.85
CA VAL B 169 5.93 81.69 29.27
C VAL B 169 5.63 80.31 29.84
N ARG B 170 6.43 79.33 29.41
CA ARG B 170 6.32 77.96 29.88
C ARG B 170 7.40 77.68 30.91
N GLY B 171 7.01 76.96 31.95
CA GLY B 171 7.92 76.61 33.03
C GLY B 171 7.23 76.79 34.37
N GLY B 172 7.91 76.35 35.42
CA GLY B 172 7.35 76.45 36.75
C GLY B 172 6.23 75.49 37.04
N MET B 173 6.18 74.36 36.33
CA MET B 173 5.16 73.33 36.53
C MET B 173 3.75 73.88 36.28
N ARG B 174 3.65 74.85 35.37
CA ARG B 174 2.37 75.45 35.05
C ARG B 174 2.54 76.31 33.80
N ALA B 175 1.41 76.84 33.33
CA ALA B 175 1.37 77.73 32.16
C ALA B 175 0.68 79.02 32.59
N VAL B 176 1.48 80.06 32.82
CA VAL B 176 0.95 81.34 33.28
C VAL B 176 1.43 82.44 32.34
N GLU B 177 0.72 83.57 32.39
CA GLU B 177 1.02 84.70 31.53
C GLU B 177 0.91 85.97 32.35
N PHE B 178 1.39 87.07 31.77
CA PHE B 178 1.35 88.38 32.42
C PHE B 178 0.97 89.44 31.40
N LYS B 179 0.42 90.54 31.89
CA LYS B 179 -0.03 91.63 31.04
C LYS B 179 0.40 92.96 31.66
N VAL B 180 0.92 93.84 30.83
CA VAL B 180 1.38 95.16 31.27
C VAL B 180 0.24 96.16 31.10
N VAL B 181 0.13 97.08 32.05
CA VAL B 181 -0.94 98.08 32.02
C VAL B 181 -0.37 99.49 32.09
N GLU B 182 0.82 99.62 32.66
CA GLU B 182 1.43 100.94 32.84
C GLU B 182 2.92 100.79 33.03
N THR B 183 3.70 101.34 32.10
CA THR B 183 5.16 101.32 32.22
C THR B 183 5.70 102.56 31.48
N ASP B 184 6.99 102.54 31.16
CA ASP B 184 7.59 103.63 30.42
C ASP B 184 6.95 103.76 29.04
N PRO B 185 6.87 104.97 28.50
CA PRO B 185 6.18 105.16 27.21
C PRO B 185 6.79 104.33 26.10
N SER B 186 5.92 103.81 25.23
CA SER B 186 6.37 102.94 24.15
C SER B 186 7.20 103.74 23.15
N PRO B 187 8.26 103.15 22.59
CA PRO B 187 8.74 101.81 22.92
C PRO B 187 9.78 101.83 24.04
N TYR B 188 11.06 101.75 23.67
CA TYR B 188 12.16 101.82 24.62
C TYR B 188 12.04 100.77 25.71
N CYS B 189 11.61 99.57 25.35
CA CYS B 189 11.42 98.47 26.28
C CYS B 189 12.43 97.38 25.96
N ILE B 190 13.49 97.31 26.76
CA ILE B 190 14.51 96.27 26.61
C ILE B 190 14.77 95.68 27.99
N VAL B 191 14.70 94.35 28.09
CA VAL B 191 14.91 93.69 29.37
C VAL B 191 16.39 93.78 29.76
N ALA B 192 16.64 94.05 31.03
CA ALA B 192 17.99 94.15 31.56
C ALA B 192 17.96 93.87 33.04
N PRO B 193 18.99 93.23 33.60
CA PRO B 193 18.99 92.96 35.04
C PRO B 193 18.95 94.21 35.91
N ASP B 194 19.41 95.36 35.38
CA ASP B 194 19.37 96.60 36.14
C ASP B 194 17.96 97.18 36.25
N THR B 195 17.03 96.73 35.42
CA THR B 195 15.66 97.24 35.47
C THR B 195 14.97 96.78 36.75
N VAL B 196 14.07 97.62 37.25
CA VAL B 196 13.34 97.34 38.46
C VAL B 196 11.89 97.00 38.09
N ILE B 197 11.19 96.35 39.02
CA ILE B 197 9.80 95.96 38.81
C ILE B 197 9.02 96.26 40.09
N HIS B 198 7.70 96.34 39.96
CA HIS B 198 6.83 96.62 41.09
C HIS B 198 5.46 96.04 40.82
N CYS B 199 4.67 95.89 41.88
CA CYS B 199 3.33 95.34 41.80
C CYS B 199 2.39 96.14 42.68
N GLU B 200 1.10 96.06 42.37
CA GLU B 200 0.06 96.73 43.14
C GLU B 200 -0.73 95.77 44.02
N GLY B 201 -1.04 94.58 43.53
CA GLY B 201 -1.76 93.59 44.27
C GLY B 201 -3.20 93.37 43.88
N GLU B 202 -3.60 93.72 42.66
CA GLU B 202 -4.98 93.56 42.21
C GLU B 202 -4.95 93.14 40.74
N PRO B 203 -5.10 91.85 40.46
CA PRO B 203 -5.11 91.40 39.07
C PRO B 203 -6.35 91.90 38.34
N ILE B 204 -6.19 92.11 37.03
CA ILE B 204 -7.27 92.59 36.17
C ILE B 204 -7.71 91.44 35.27
N LYS B 205 -9.02 91.21 35.21
CA LYS B 205 -9.56 90.13 34.41
C LYS B 205 -9.38 90.42 32.92
N ARG B 206 -9.27 89.34 32.15
CA ARG B 206 -9.11 89.45 30.70
C ARG B 206 -10.45 89.80 30.05
N GLU B 207 -10.37 90.24 28.80
CA GLU B 207 -11.55 90.58 28.00
C GLU B 207 -11.72 89.56 26.88
N ASP B 208 -12.74 89.78 26.06
CA ASP B 208 -13.06 88.89 24.96
C ASP B 208 -12.28 89.22 23.68
N GLU B 209 -11.54 90.33 23.66
CA GLU B 209 -10.75 90.68 22.48
C GLU B 209 -9.62 89.70 22.25
N GLU B 210 -8.99 89.20 23.31
CA GLU B 210 -7.88 88.27 23.20
C GLU B 210 -8.37 86.84 23.39
N GLU B 211 -7.51 85.90 22.98
CA GLU B 211 -7.80 84.48 23.09
C GLU B 211 -6.72 83.82 23.95
N SER B 212 -7.15 82.90 24.82
CA SER B 212 -6.22 82.21 25.70
C SER B 212 -5.32 81.28 24.88
N LEU B 213 -4.02 81.32 25.16
CA LEU B 213 -3.05 80.47 24.48
C LEU B 213 -2.94 79.09 25.13
N ASN B 214 -3.67 78.84 26.22
CA ASN B 214 -3.66 77.54 26.86
C ASN B 214 -4.40 76.48 26.06
N GLU B 215 -5.13 76.87 25.01
CA GLU B 215 -5.88 75.93 24.20
C GLU B 215 -4.97 75.22 23.20
N VAL B 216 -5.56 74.41 22.34
CA VAL B 216 -4.79 73.57 21.44
C VAL B 216 -4.64 74.24 20.08
N GLY B 217 -3.41 74.18 19.56
CA GLY B 217 -3.11 74.67 18.22
C GLY B 217 -2.34 73.66 17.40
N TYR B 218 -1.88 74.06 16.21
CA TYR B 218 -1.13 73.13 15.37
C TYR B 218 0.18 72.69 16.01
N ASP B 219 0.81 73.55 16.81
CA ASP B 219 2.06 73.19 17.45
C ASP B 219 1.90 72.13 18.53
N ASP B 220 0.66 71.82 18.93
CA ASP B 220 0.41 70.84 19.97
C ASP B 220 0.29 69.42 19.45
N ILE B 221 0.37 69.23 18.13
CA ILE B 221 0.24 67.91 17.53
C ILE B 221 1.66 67.37 17.32
N GLY B 222 1.91 66.16 17.81
CA GLY B 222 3.21 65.55 17.67
C GLY B 222 3.17 64.17 17.04
N GLY B 223 3.89 63.98 15.95
CA GLY B 223 3.95 62.69 15.30
C GLY B 223 3.19 62.65 13.99
N CYS B 224 2.03 63.30 13.95
CA CYS B 224 1.20 63.33 12.75
C CYS B 224 1.64 64.50 11.88
N ARG B 225 2.62 64.25 11.01
CA ARG B 225 3.11 65.24 10.07
C ARG B 225 2.51 65.05 8.69
N LYS B 226 2.67 63.86 8.10
CA LYS B 226 2.10 63.58 6.79
C LYS B 226 0.59 63.63 6.80
N GLN B 227 -0.06 63.09 7.84
CA GLN B 227 -1.51 63.11 7.92
C GLN B 227 -2.07 64.49 8.18
N LEU B 228 -1.46 65.25 9.08
CA LEU B 228 -1.91 66.62 9.34
C LEU B 228 -1.67 67.52 8.13
N ALA B 229 -0.66 67.22 7.31
CA ALA B 229 -0.41 68.03 6.12
C ALA B 229 -1.57 67.96 5.14
N GLN B 230 -2.31 66.84 5.11
CA GLN B 230 -3.43 66.73 4.19
C GLN B 230 -4.60 67.63 4.56
N ILE B 231 -4.93 67.74 5.85
CA ILE B 231 -6.07 68.55 6.26
C ILE B 231 -5.85 70.03 5.91
N LYS B 232 -4.60 70.47 5.84
CA LYS B 232 -4.32 71.84 5.45
C LYS B 232 -4.81 72.15 4.05
N GLU B 233 -4.64 71.23 3.11
CA GLU B 233 -5.07 71.45 1.73
C GLU B 233 -6.51 71.01 1.48
N MET B 234 -7.27 70.73 2.54
CA MET B 234 -8.69 70.45 2.38
C MET B 234 -9.61 71.35 3.21
N VAL B 235 -9.15 71.93 4.32
CA VAL B 235 -10.03 72.78 5.12
C VAL B 235 -9.61 74.24 5.15
N GLU B 236 -8.44 74.59 4.63
CA GLU B 236 -8.01 75.99 4.59
C GLU B 236 -8.61 76.79 3.44
N LEU B 237 -9.05 76.12 2.38
CA LEU B 237 -9.64 76.86 1.27
C LEU B 237 -11.07 77.30 1.59
N PRO B 238 -11.97 76.42 2.06
CA PRO B 238 -13.35 76.88 2.30
C PRO B 238 -13.51 77.74 3.54
N LEU B 239 -12.66 77.58 4.56
CA LEU B 239 -12.84 78.31 5.80
C LEU B 239 -12.12 79.65 5.82
N ARG B 240 -11.04 79.81 5.07
CA ARG B 240 -10.31 81.07 5.06
C ARG B 240 -10.79 82.01 3.96
N HIS B 241 -11.38 81.48 2.88
CA HIS B 241 -11.80 82.27 1.75
C HIS B 241 -13.24 81.90 1.41
N PRO B 242 -14.21 82.43 2.15
CA PRO B 242 -15.62 82.06 1.89
C PRO B 242 -16.19 82.68 0.62
N ALA B 243 -15.91 83.96 0.37
CA ALA B 243 -16.45 84.62 -0.82
C ALA B 243 -15.97 83.96 -2.11
N LEU B 244 -14.76 83.38 -2.10
CA LEU B 244 -14.26 82.71 -3.29
C LEU B 244 -15.07 81.44 -3.57
N PHE B 245 -15.51 80.74 -2.51
CA PHE B 245 -16.33 79.55 -2.71
C PHE B 245 -17.77 79.89 -3.07
N LYS B 246 -18.34 80.95 -2.49
CA LYS B 246 -19.60 81.47 -3.02
C LYS B 246 -19.44 82.29 -4.29
N ALA B 247 -18.28 82.23 -4.93
CA ALA B 247 -18.11 82.79 -6.28
C ALA B 247 -17.87 81.71 -7.32
N ILE B 248 -17.07 80.69 -7.02
CA ILE B 248 -16.77 79.62 -7.95
C ILE B 248 -17.77 78.49 -7.78
N GLY B 249 -17.83 77.60 -8.77
CA GLY B 249 -18.70 76.44 -8.73
C GLY B 249 -18.08 75.18 -8.16
N VAL B 250 -16.90 75.25 -7.56
CA VAL B 250 -16.25 74.08 -6.99
C VAL B 250 -16.99 73.67 -5.72
N LYS B 251 -17.24 72.37 -5.57
CA LYS B 251 -17.89 71.85 -4.37
C LYS B 251 -16.82 71.42 -3.38
N PRO B 252 -16.76 72.03 -2.20
CA PRO B 252 -15.78 71.60 -1.19
C PRO B 252 -16.17 70.26 -0.60
N PRO B 253 -15.23 69.55 0.03
CA PRO B 253 -15.60 68.32 0.73
C PRO B 253 -16.59 68.59 1.84
N ARG B 254 -17.56 67.68 1.99
CA ARG B 254 -18.63 67.83 2.96
C ARG B 254 -18.46 66.88 4.15
N GLY B 255 -17.29 66.28 4.29
CA GLY B 255 -17.05 65.37 5.39
C GLY B 255 -15.71 64.68 5.33
N ILE B 256 -15.03 64.62 6.47
CA ILE B 256 -13.70 64.03 6.58
C ILE B 256 -13.75 63.02 7.72
N LEU B 257 -13.29 61.80 7.47
CA LEU B 257 -13.30 60.75 8.47
C LEU B 257 -11.88 60.45 8.91
N LEU B 258 -11.60 60.66 10.19
CA LEU B 258 -10.30 60.38 10.78
C LEU B 258 -10.30 58.97 11.34
N TYR B 259 -9.10 58.37 11.43
CA TYR B 259 -9.04 56.98 11.83
C TYR B 259 -8.01 56.75 12.92
N GLY B 260 -7.72 55.48 13.21
CA GLY B 260 -6.72 55.13 14.20
C GLY B 260 -7.33 54.69 15.51
N PRO B 261 -6.54 54.00 16.33
CA PRO B 261 -7.03 53.56 17.64
C PRO B 261 -7.26 54.75 18.55
N PRO B 262 -8.04 54.57 19.63
CA PRO B 262 -8.29 55.70 20.53
C PRO B 262 -7.01 56.25 21.13
N GLY B 263 -6.98 57.56 21.33
CA GLY B 263 -5.82 58.23 21.87
C GLY B 263 -4.80 58.68 20.85
N THR B 264 -4.99 58.37 19.57
CA THR B 264 -4.03 58.80 18.56
C THR B 264 -4.08 60.30 18.34
N GLY B 265 -5.18 60.95 18.72
CA GLY B 265 -5.25 62.39 18.62
C GLY B 265 -6.25 62.90 17.60
N LYS B 266 -7.33 62.17 17.40
CA LYS B 266 -8.35 62.58 16.44
C LYS B 266 -9.17 63.77 16.90
N THR B 267 -9.09 64.13 18.18
CA THR B 267 -9.95 65.19 18.71
C THR B 267 -9.24 66.55 18.74
N LEU B 268 -8.02 66.61 19.28
CA LEU B 268 -7.34 67.89 19.31
C LEU B 268 -6.92 68.36 17.93
N ILE B 269 -6.80 67.45 16.96
CA ILE B 269 -6.58 67.88 15.58
C ILE B 269 -7.76 68.71 15.08
N ALA B 270 -8.97 68.19 15.28
CA ALA B 270 -10.17 68.93 14.89
C ALA B 270 -10.35 70.20 15.69
N ARG B 271 -9.99 70.18 16.98
CA ARG B 271 -10.10 71.40 17.77
C ARG B 271 -9.06 72.44 17.36
N ALA B 272 -7.86 72.02 16.95
CA ALA B 272 -6.83 72.96 16.54
C ALA B 272 -7.13 73.57 15.18
N VAL B 273 -7.59 72.75 14.21
CA VAL B 273 -7.95 73.29 12.91
C VAL B 273 -9.15 74.21 12.98
N ALA B 274 -9.83 74.26 14.12
CA ALA B 274 -10.91 75.22 14.37
C ALA B 274 -10.44 76.44 15.15
N ASN B 275 -9.61 76.22 16.17
CA ASN B 275 -9.10 77.33 16.97
C ASN B 275 -8.23 78.26 16.15
N GLU B 276 -7.38 77.71 15.28
CA GLU B 276 -6.49 78.55 14.49
C GLU B 276 -7.09 79.00 13.17
N THR B 277 -8.33 78.61 12.87
CA THR B 277 -9.03 79.09 11.68
C THR B 277 -10.21 79.98 11.99
N GLY B 278 -10.56 80.17 13.26
CA GLY B 278 -11.65 81.04 13.63
C GLY B 278 -13.02 80.51 13.25
N ALA B 279 -13.15 79.20 13.07
CA ALA B 279 -14.41 78.56 12.73
C ALA B 279 -15.09 78.09 14.00
N PHE B 280 -16.42 78.23 14.03
CA PHE B 280 -17.20 77.82 15.19
C PHE B 280 -17.10 76.31 15.35
N PHE B 281 -16.36 75.87 16.36
CA PHE B 281 -16.17 74.46 16.64
C PHE B 281 -17.31 73.99 17.53
N PHE B 282 -18.02 72.95 17.09
CA PHE B 282 -19.11 72.36 17.86
C PHE B 282 -18.84 70.87 17.97
N LEU B 283 -18.61 70.40 19.20
CA LEU B 283 -18.27 69.01 19.44
C LEU B 283 -19.48 68.24 19.91
N ILE B 284 -19.76 67.12 19.27
CA ILE B 284 -20.72 66.14 19.76
C ILE B 284 -20.00 64.79 19.87
N ASN B 285 -20.09 64.20 21.07
CA ASN B 285 -19.31 63.01 21.37
C ASN B 285 -19.85 61.80 20.61
N GLY B 286 -21.11 61.48 20.83
CA GLY B 286 -21.71 60.32 20.21
C GLY B 286 -22.45 59.41 21.17
N PRO B 287 -21.90 59.20 22.38
CA PRO B 287 -22.69 58.51 23.41
C PRO B 287 -23.78 59.36 24.03
N GLU B 288 -23.66 60.70 24.01
CA GLU B 288 -24.73 61.52 24.56
C GLU B 288 -25.99 61.42 23.73
N ILE B 289 -25.86 61.14 22.44
CA ILE B 289 -27.04 60.94 21.60
C ILE B 289 -27.85 59.74 22.09
N MET B 290 -27.18 58.63 22.40
CA MET B 290 -27.88 57.49 22.97
C MET B 290 -28.17 57.64 24.46
N SER B 291 -27.57 58.62 25.12
CA SER B 291 -27.82 58.80 26.55
C SER B 291 -29.23 59.31 26.83
N LYS B 292 -29.75 60.17 25.96
CA LYS B 292 -31.03 60.81 26.21
C LYS B 292 -32.18 59.94 25.71
N LEU B 293 -33.39 60.34 26.05
CA LEU B 293 -34.57 59.55 25.71
C LEU B 293 -34.80 59.52 24.21
N ALA B 294 -35.49 58.47 23.76
CA ALA B 294 -35.78 58.28 22.35
C ALA B 294 -36.85 59.27 21.91
N GLY B 295 -36.45 60.20 21.04
CA GLY B 295 -37.37 61.20 20.52
C GLY B 295 -36.79 62.59 20.51
N GLU B 296 -35.96 62.91 21.51
CA GLU B 296 -35.28 64.19 21.56
C GLU B 296 -33.81 64.09 21.17
N SER B 297 -33.26 62.88 21.14
CA SER B 297 -31.89 62.70 20.67
C SER B 297 -31.76 63.10 19.21
N GLU B 298 -32.72 62.70 18.37
CA GLU B 298 -32.71 63.12 16.99
C GLU B 298 -32.84 64.63 16.86
N SER B 299 -33.74 65.24 17.64
CA SER B 299 -33.89 66.68 17.62
C SER B 299 -32.62 67.42 18.06
N ASN B 300 -31.87 66.84 19.00
CA ASN B 300 -30.70 67.56 19.53
C ASN B 300 -29.60 67.62 18.48
N LEU B 301 -29.25 66.48 17.86
CA LEU B 301 -28.24 66.54 16.83
C LEU B 301 -28.78 67.10 15.53
N ARG B 302 -30.11 67.25 15.41
CA ARG B 302 -30.65 68.06 14.33
C ARG B 302 -30.35 69.54 14.55
N LYS B 303 -30.80 70.09 15.69
CA LYS B 303 -30.58 71.49 15.97
C LYS B 303 -29.10 71.82 16.08
N ALA B 304 -28.26 70.83 16.36
CA ALA B 304 -26.82 71.02 16.30
C ALA B 304 -26.37 71.49 14.92
N PHE B 305 -27.00 70.99 13.86
CA PHE B 305 -26.61 71.39 12.51
C PHE B 305 -27.06 72.81 12.16
N GLU B 306 -28.30 73.20 12.47
CA GLU B 306 -28.70 74.57 12.21
C GLU B 306 -27.98 75.59 13.07
N GLU B 307 -27.71 75.30 14.35
CA GLU B 307 -26.98 76.28 15.14
C GLU B 307 -25.56 76.46 14.61
N ALA B 308 -24.99 75.41 14.02
CA ALA B 308 -23.69 75.54 13.37
C ALA B 308 -23.76 76.35 12.10
N GLU B 309 -24.84 76.22 11.33
CA GLU B 309 -24.93 76.92 10.04
C GLU B 309 -24.91 78.43 10.22
N LYS B 310 -25.65 78.96 11.19
CA LYS B 310 -25.70 80.41 11.35
C LYS B 310 -24.39 80.95 11.91
N ASN B 311 -23.58 80.10 12.52
CA ASN B 311 -22.22 80.47 12.92
C ASN B 311 -21.21 80.14 11.84
N ALA B 312 -21.48 80.60 10.62
CA ALA B 312 -20.59 80.34 9.51
C ALA B 312 -19.37 81.27 9.57
N PRO B 313 -18.17 80.77 9.27
CA PRO B 313 -17.91 79.37 8.94
C PRO B 313 -17.85 78.51 10.19
N ALA B 314 -18.26 77.25 10.07
CA ALA B 314 -18.37 76.36 11.21
C ALA B 314 -17.66 75.05 10.92
N ILE B 315 -17.49 74.25 11.96
CA ILE B 315 -16.82 72.95 11.85
C ILE B 315 -17.44 72.03 12.90
N ILE B 316 -17.91 70.87 12.45
CA ILE B 316 -18.57 69.91 13.32
C ILE B 316 -17.72 68.65 13.39
N PHE B 317 -17.43 68.20 14.60
CA PHE B 317 -16.63 67.00 14.80
C PHE B 317 -17.43 66.02 15.63
N ILE B 318 -17.54 64.79 15.15
CA ILE B 318 -18.24 63.72 15.84
C ILE B 318 -17.19 62.78 16.41
N ASP B 319 -17.08 62.75 17.74
CA ASP B 319 -16.00 62.02 18.38
C ASP B 319 -16.19 60.51 18.27
N GLU B 320 -17.34 60.01 18.73
CA GLU B 320 -17.67 58.60 18.64
C GLU B 320 -18.66 58.42 17.48
N LEU B 321 -18.22 57.71 16.44
CA LEU B 321 -19.08 57.45 15.30
C LEU B 321 -19.38 55.96 15.16
N ASP B 322 -18.42 55.12 15.55
CA ASP B 322 -18.68 53.68 15.58
C ASP B 322 -19.78 53.33 16.58
N ALA B 323 -19.99 54.19 17.57
CA ALA B 323 -21.09 54.02 18.52
C ALA B 323 -22.39 54.60 18.00
N ILE B 324 -22.37 55.24 16.83
CA ILE B 324 -23.57 55.80 16.22
C ILE B 324 -24.13 54.87 15.15
N ALA B 325 -23.27 54.35 14.28
CA ALA B 325 -23.68 53.52 13.15
C ALA B 325 -22.84 52.26 13.08
N PRO B 326 -23.08 51.29 13.98
CA PRO B 326 -22.47 49.96 13.87
C PRO B 326 -23.33 49.00 13.04
N LYS B 327 -23.61 49.37 11.79
CA LYS B 327 -24.60 48.68 10.97
C LYS B 327 -23.92 47.48 10.30
N ARG B 328 -23.44 46.56 11.13
CA ARG B 328 -22.86 45.33 10.62
C ARG B 328 -23.43 44.09 11.30
N GLU B 329 -23.66 44.17 12.61
CA GLU B 329 -24.12 43.01 13.35
C GLU B 329 -25.19 43.38 14.37
N LYS B 330 -25.50 44.66 14.50
CA LYS B 330 -26.47 45.07 15.52
C LYS B 330 -27.88 44.69 15.10
N THR B 331 -28.37 45.29 14.01
CA THR B 331 -29.68 44.99 13.45
C THR B 331 -30.75 44.96 14.53
N HIS B 332 -30.57 45.78 15.56
CA HIS B 332 -31.43 45.73 16.74
C HIS B 332 -31.65 47.16 17.25
N GLY B 333 -32.91 47.49 17.50
CA GLY B 333 -33.25 48.82 17.96
C GLY B 333 -33.84 49.67 16.86
N GLU B 334 -35.13 50.00 17.01
CA GLU B 334 -35.79 50.86 16.04
C GLU B 334 -35.16 52.24 15.98
N VAL B 335 -34.76 52.78 17.13
CA VAL B 335 -34.19 54.12 17.16
C VAL B 335 -32.78 54.18 16.60
N GLU B 336 -32.04 53.07 16.63
CA GLU B 336 -30.69 53.09 16.07
C GLU B 336 -30.71 53.44 14.58
N ARG B 337 -31.54 52.74 13.81
CA ARG B 337 -31.69 53.06 12.40
C ARG B 337 -32.27 54.44 12.17
N ARG B 338 -33.19 54.88 13.02
CA ARG B 338 -33.72 56.24 12.90
C ARG B 338 -32.64 57.29 13.06
N ILE B 339 -31.77 57.15 14.06
CA ILE B 339 -30.69 58.10 14.24
C ILE B 339 -29.69 58.02 13.10
N VAL B 340 -29.36 56.80 12.65
CA VAL B 340 -28.43 56.67 11.54
C VAL B 340 -28.96 57.38 10.30
N SER B 341 -30.24 57.16 9.97
CA SER B 341 -30.83 57.83 8.83
C SER B 341 -30.96 59.33 9.06
N GLN B 342 -31.21 59.77 10.31
CA GLN B 342 -31.28 61.20 10.59
C GLN B 342 -29.95 61.87 10.31
N LEU B 343 -28.85 61.24 10.73
CA LEU B 343 -27.51 61.72 10.38
C LEU B 343 -27.28 61.70 8.88
N LEU B 344 -27.71 60.64 8.20
CA LEU B 344 -27.55 60.58 6.76
C LEU B 344 -28.31 61.71 6.06
N THR B 345 -29.50 62.03 6.53
CA THR B 345 -30.26 63.13 5.93
C THR B 345 -29.61 64.48 6.24
N LEU B 346 -29.17 64.68 7.47
CA LEU B 346 -28.53 65.94 7.85
C LEU B 346 -27.24 66.19 7.09
N MET B 347 -26.47 65.15 6.76
CA MET B 347 -25.27 65.31 5.97
C MET B 347 -25.49 65.26 4.47
N ASP B 348 -26.60 64.67 4.01
CA ASP B 348 -26.91 64.66 2.59
C ASP B 348 -27.32 66.04 2.11
N GLY B 349 -28.06 66.78 2.94
CA GLY B 349 -28.52 68.10 2.57
C GLY B 349 -27.51 69.19 2.87
N LEU B 350 -26.24 68.93 2.56
CA LEU B 350 -25.17 69.90 2.77
C LEU B 350 -24.86 70.58 1.44
N LYS B 351 -25.68 71.57 1.10
CA LYS B 351 -25.48 72.36 -0.10
C LYS B 351 -24.46 73.46 0.17
N GLN B 352 -24.32 74.42 -0.75
CA GLN B 352 -23.34 75.49 -0.57
C GLN B 352 -23.67 76.30 0.67
N ARG B 353 -24.80 77.02 0.65
CA ARG B 353 -25.36 77.71 1.80
C ARG B 353 -24.30 78.40 2.67
N ALA B 354 -23.79 77.67 3.66
CA ALA B 354 -22.74 78.18 4.53
C ALA B 354 -21.59 77.17 4.61
N HIS B 355 -20.48 77.56 5.23
CA HIS B 355 -19.30 76.70 5.30
C HIS B 355 -19.38 75.89 6.59
N VAL B 356 -19.82 74.64 6.48
CA VAL B 356 -19.79 73.69 7.58
C VAL B 356 -19.03 72.46 7.12
N ILE B 357 -18.08 72.03 7.95
CA ILE B 357 -17.27 70.85 7.68
C ILE B 357 -17.56 69.84 8.78
N VAL B 358 -17.95 68.64 8.40
CA VAL B 358 -18.37 67.61 9.34
C VAL B 358 -17.28 66.55 9.37
N MET B 359 -16.38 66.66 10.34
CA MET B 359 -15.37 65.64 10.56
C MET B 359 -15.87 64.63 11.58
N ALA B 360 -15.30 63.42 11.52
CA ALA B 360 -15.72 62.36 12.41
C ALA B 360 -14.53 61.46 12.70
N ALA B 361 -14.62 60.73 13.81
CA ALA B 361 -13.55 59.86 14.25
C ALA B 361 -14.12 58.49 14.61
N THR B 362 -13.35 57.46 14.28
CA THR B 362 -13.71 56.08 14.56
C THR B 362 -12.42 55.25 14.54
N ASN B 363 -12.53 53.98 14.96
CA ASN B 363 -11.33 53.16 15.15
C ASN B 363 -10.98 52.42 13.87
N ARG B 364 -11.91 51.67 13.29
CA ARG B 364 -11.66 50.90 12.08
C ARG B 364 -12.43 51.48 10.89
N PRO B 365 -11.88 51.36 9.67
CA PRO B 365 -12.69 51.63 8.48
C PRO B 365 -13.93 50.74 8.34
N ASN B 366 -13.91 49.46 8.72
CA ASN B 366 -15.11 48.65 8.50
C ASN B 366 -16.15 48.81 9.60
N SER B 367 -15.85 49.51 10.69
CA SER B 367 -16.79 49.65 11.80
C SER B 367 -17.76 50.81 11.60
N ILE B 368 -17.98 51.22 10.36
CA ILE B 368 -18.84 52.35 10.03
C ILE B 368 -19.85 51.88 8.98
N ASP B 369 -21.07 52.38 9.10
CA ASP B 369 -22.12 52.07 8.13
C ASP B 369 -21.64 52.43 6.73
N PRO B 370 -21.64 51.49 5.78
CA PRO B 370 -21.19 51.81 4.42
C PRO B 370 -22.02 52.90 3.75
N ALA B 371 -23.27 53.09 4.16
CA ALA B 371 -24.07 54.17 3.60
C ALA B 371 -23.52 55.54 3.98
N LEU B 372 -22.67 55.61 5.00
CA LEU B 372 -22.04 56.86 5.39
C LEU B 372 -20.82 57.20 4.55
N ARG B 373 -20.32 56.25 3.75
CA ARG B 373 -19.14 56.45 2.93
C ARG B 373 -19.47 56.89 1.51
N ARG B 374 -20.74 57.13 1.22
CA ARG B 374 -21.16 57.53 -0.12
C ARG B 374 -20.67 58.94 -0.42
N PHE B 375 -20.80 59.34 -1.68
CA PHE B 375 -20.40 60.68 -2.08
C PHE B 375 -21.32 61.72 -1.47
N GLY B 376 -20.72 62.80 -0.98
CA GLY B 376 -21.47 63.85 -0.31
C GLY B 376 -21.62 63.69 1.17
N ARG B 377 -21.24 62.53 1.73
CA ARG B 377 -21.27 62.34 3.18
C ARG B 377 -19.88 62.16 3.77
N PHE B 378 -19.12 61.17 3.31
CA PHE B 378 -17.72 61.02 3.73
C PHE B 378 -16.94 60.57 2.49
N ASP B 379 -16.43 61.55 1.75
CA ASP B 379 -15.64 61.26 0.56
C ASP B 379 -14.15 61.25 0.87
N ARG B 380 -13.69 62.17 1.71
CA ARG B 380 -12.29 62.25 2.08
C ARG B 380 -12.07 61.52 3.40
N GLU B 381 -11.11 60.59 3.40
CA GLU B 381 -10.77 59.83 4.59
C GLU B 381 -9.26 59.91 4.81
N VAL B 382 -8.87 60.19 6.05
CA VAL B 382 -7.46 60.26 6.43
C VAL B 382 -7.23 59.29 7.59
N ASP B 383 -6.26 58.41 7.44
CA ASP B 383 -5.94 57.41 8.43
C ASP B 383 -4.67 57.80 9.16
N ILE B 384 -4.73 57.87 10.48
CA ILE B 384 -3.57 58.14 11.31
C ILE B 384 -3.30 56.92 12.17
N GLY B 385 -2.04 56.79 12.61
CA GLY B 385 -1.62 55.61 13.33
C GLY B 385 -0.61 55.94 14.41
N ILE B 386 0.11 54.93 14.84
CA ILE B 386 1.08 55.08 15.93
C ILE B 386 2.29 55.86 15.42
N PRO B 387 2.68 56.93 16.10
CA PRO B 387 3.89 57.66 15.68
C PRO B 387 5.13 56.81 15.85
N ASP B 388 6.11 57.06 14.98
CA ASP B 388 7.38 56.35 15.05
C ASP B 388 8.27 56.97 16.12
N ALA B 389 9.52 56.53 16.22
CA ALA B 389 10.43 57.08 17.22
C ALA B 389 10.65 58.57 16.99
N THR B 390 10.84 58.99 15.74
CA THR B 390 10.93 60.40 15.44
C THR B 390 9.63 61.13 15.73
N GLY B 391 8.50 60.52 15.39
CA GLY B 391 7.21 61.10 15.69
C GLY B 391 6.91 61.15 17.18
N ARG B 392 7.35 60.11 17.90
CA ARG B 392 7.16 60.09 19.34
C ARG B 392 8.07 61.06 20.07
N LEU B 393 9.27 61.34 19.55
CA LEU B 393 10.17 62.27 20.22
C LEU B 393 9.53 63.65 20.32
N GLU B 394 8.93 64.14 19.23
CA GLU B 394 8.35 65.47 19.25
C GLU B 394 7.06 65.53 20.07
N ILE B 395 6.52 64.37 20.48
CA ILE B 395 5.30 64.37 21.28
C ILE B 395 5.58 64.38 22.77
N LEU B 396 6.82 64.14 23.18
CA LEU B 396 7.14 64.19 24.61
C LEU B 396 7.32 65.63 25.09
N GLN B 397 8.18 66.41 24.42
CA GLN B 397 8.49 67.74 24.94
C GLN B 397 7.29 68.67 24.95
N ILE B 398 6.31 68.49 24.06
CA ILE B 398 5.11 69.30 24.10
C ILE B 398 4.33 69.07 25.39
N HIS B 399 4.38 67.86 25.94
CA HIS B 399 3.68 67.57 27.19
C HIS B 399 4.54 67.78 28.44
N THR B 400 5.83 68.06 28.30
CA THR B 400 6.70 68.29 29.44
C THR B 400 7.39 69.66 29.39
N LYS B 401 6.92 70.55 28.52
CA LYS B 401 7.50 71.90 28.49
C LYS B 401 7.36 72.62 29.82
N ASN B 402 6.35 72.31 30.62
CA ASN B 402 6.15 72.99 31.90
C ASN B 402 7.02 72.43 33.02
N MET B 403 7.32 71.13 33.01
CA MET B 403 8.12 70.52 34.06
C MET B 403 9.58 70.51 33.66
N LYS B 404 10.43 71.15 34.46
CA LYS B 404 11.84 71.24 34.15
C LYS B 404 12.52 69.89 34.32
N LEU B 405 13.53 69.65 33.48
CA LEU B 405 14.27 68.39 33.48
C LEU B 405 15.66 68.61 34.06
N ALA B 406 16.37 67.51 34.25
CA ALA B 406 17.74 67.54 34.73
C ALA B 406 18.71 67.42 33.56
N ASP B 407 19.99 67.64 33.83
CA ASP B 407 21.00 67.56 32.78
C ASP B 407 21.24 66.14 32.28
N ASP B 408 20.85 65.13 33.07
CA ASP B 408 21.03 63.73 32.68
C ASP B 408 19.75 63.08 32.20
N VAL B 409 18.67 63.85 32.03
CA VAL B 409 17.38 63.31 31.59
C VAL B 409 17.21 63.66 30.12
N ASP B 410 17.20 62.64 29.27
CA ASP B 410 17.02 62.81 27.83
C ASP B 410 15.77 62.06 27.38
N LEU B 411 14.90 62.75 26.65
CA LEU B 411 13.66 62.18 26.18
C LEU B 411 13.82 61.35 24.91
N GLU B 412 14.97 61.43 24.24
CA GLU B 412 15.18 60.66 23.02
C GLU B 412 15.30 59.17 23.30
N GLN B 413 16.10 58.78 24.29
CA GLN B 413 16.30 57.37 24.60
C GLN B 413 15.07 56.71 25.18
N VAL B 414 14.15 57.48 25.77
CA VAL B 414 12.95 56.90 26.36
C VAL B 414 11.88 56.65 25.30
N ALA B 415 12.00 57.27 24.13
CA ALA B 415 11.06 57.05 23.03
C ALA B 415 11.61 56.04 22.02
N ASN B 416 12.55 55.21 22.44
CA ASN B 416 13.19 54.23 21.55
C ASN B 416 12.72 52.81 21.82
N GLU B 417 12.76 52.37 23.07
CA GLU B 417 12.34 51.02 23.42
C GLU B 417 10.83 50.84 23.37
N THR B 418 10.06 51.92 23.37
CA THR B 418 8.62 51.86 23.25
C THR B 418 8.21 51.97 21.79
N HIS B 419 7.32 51.09 21.36
CA HIS B 419 6.84 51.10 19.98
C HIS B 419 5.32 50.99 19.94
N GLY B 420 4.73 50.44 21.00
CA GLY B 420 3.30 50.24 21.06
C GLY B 420 2.60 51.20 21.98
N HIS B 421 3.01 52.46 21.94
CA HIS B 421 2.42 53.50 22.78
C HIS B 421 1.63 54.48 21.91
N VAL B 422 0.35 54.63 22.22
CA VAL B 422 -0.49 55.61 21.53
C VAL B 422 -0.17 57.00 22.08
N GLY B 423 -0.57 58.04 21.33
CA GLY B 423 -0.22 59.39 21.74
C GLY B 423 -0.70 59.75 23.12
N ALA B 424 -1.85 59.23 23.54
CA ALA B 424 -2.34 59.42 24.90
C ALA B 424 -1.56 58.62 25.94
N ASP B 425 -0.93 57.51 25.52
CA ASP B 425 -0.14 56.72 26.45
C ASP B 425 1.01 57.54 27.03
N LEU B 426 1.76 58.23 26.19
CA LEU B 426 2.86 59.06 26.66
C LEU B 426 2.38 60.30 27.41
N ALA B 427 1.22 60.85 27.02
CA ALA B 427 0.65 61.96 27.77
C ALA B 427 0.34 61.52 29.21
N ALA B 428 -0.22 60.32 29.37
CA ALA B 428 -0.42 59.78 30.71
C ALA B 428 0.89 59.45 31.40
N LEU B 429 1.88 58.94 30.66
CA LEU B 429 3.16 58.55 31.25
C LEU B 429 3.91 59.74 31.83
N CYS B 430 3.89 60.89 31.15
CA CYS B 430 4.56 62.07 31.68
C CYS B 430 3.99 62.46 33.03
N SER B 431 2.67 62.59 33.12
CA SER B 431 2.05 62.91 34.40
C SER B 431 2.33 61.85 35.44
N GLU B 432 2.24 60.57 35.06
CA GLU B 432 2.48 59.49 36.01
C GLU B 432 3.89 59.54 36.59
N ALA B 433 4.89 59.85 35.76
CA ALA B 433 6.24 60.07 36.27
C ALA B 433 6.29 61.30 37.18
N ALA B 434 5.48 62.31 36.90
CA ALA B 434 5.47 63.49 37.75
C ALA B 434 5.03 63.19 39.19
N LEU B 435 4.01 62.34 39.37
CA LEU B 435 3.61 62.00 40.74
C LEU B 435 4.73 61.29 41.48
N GLN B 436 5.44 60.36 40.85
CA GLN B 436 6.56 59.72 41.52
C GLN B 436 7.65 60.74 41.86
N ALA B 437 7.94 61.65 40.93
CA ALA B 437 8.96 62.65 41.17
C ALA B 437 8.63 63.52 42.38
N ILE B 438 7.36 63.91 42.55
CA ILE B 438 7.00 64.72 43.71
C ILE B 438 6.79 63.89 44.96
N ARG B 439 6.42 62.62 44.82
CA ARG B 439 6.21 61.75 45.97
C ARG B 439 7.53 61.37 46.64
N LYS B 440 8.59 61.18 45.86
CA LYS B 440 9.87 60.84 46.46
C LYS B 440 10.46 61.96 47.30
N LYS B 441 9.91 63.18 47.21
CA LYS B 441 10.41 64.29 48.01
C LYS B 441 9.40 64.82 49.02
N MET B 442 8.10 64.63 48.80
CA MET B 442 7.14 65.12 49.78
C MET B 442 7.23 64.38 51.10
N ASP B 443 7.68 63.12 51.10
CA ASP B 443 7.83 62.37 52.33
C ASP B 443 8.87 63.01 53.26
N LEU B 444 9.96 63.51 52.69
CA LEU B 444 11.00 64.15 53.50
C LEU B 444 10.74 65.64 53.73
N ILE B 445 10.07 66.32 52.79
CA ILE B 445 9.78 67.73 52.98
C ILE B 445 8.79 67.93 54.13
N ASP B 446 7.71 67.15 54.14
CA ASP B 446 6.72 67.17 55.22
C ASP B 446 6.17 68.58 55.44
N LEU B 447 5.59 69.17 54.40
CA LEU B 447 4.99 70.50 54.47
C LEU B 447 3.49 70.34 54.26
N GLU B 448 2.77 70.13 55.36
CA GLU B 448 1.31 69.97 55.33
C GLU B 448 0.67 71.30 55.76
N ASP B 449 -0.07 71.90 54.85
CA ASP B 449 -0.73 73.19 55.11
C ASP B 449 -1.89 73.34 54.13
N GLU B 450 -2.70 74.37 54.36
CA GLU B 450 -3.85 74.64 53.49
C GLU B 450 -3.38 75.10 52.11
N THR B 451 -2.63 76.21 52.07
CA THR B 451 -2.13 76.73 50.81
C THR B 451 -0.66 76.36 50.63
N ILE B 452 -0.34 75.84 49.45
CA ILE B 452 1.00 75.37 49.13
C ILE B 452 1.78 76.52 48.52
N ASP B 453 2.96 76.79 49.07
CA ASP B 453 3.80 77.88 48.59
C ASP B 453 4.30 77.61 47.19
N ALA B 454 4.44 78.68 46.41
CA ALA B 454 4.89 78.60 45.03
C ALA B 454 6.40 78.62 44.90
N GLU B 455 7.14 78.66 46.00
CA GLU B 455 8.59 78.70 45.99
C GLU B 455 9.22 77.32 45.96
N VAL B 456 8.42 76.26 45.79
CA VAL B 456 8.94 74.91 45.74
C VAL B 456 8.80 74.27 44.36
N MET B 457 7.85 74.69 43.53
CA MET B 457 7.74 74.15 42.18
C MET B 457 9.00 74.40 41.35
N ASN B 458 9.72 75.49 41.62
CA ASN B 458 10.97 75.75 40.92
C ASN B 458 12.02 74.68 41.17
N SER B 459 11.94 73.98 42.28
CA SER B 459 12.88 72.91 42.61
C SER B 459 12.38 71.53 42.18
N LEU B 460 11.18 71.43 41.62
CA LEU B 460 10.64 70.15 41.18
C LEU B 460 11.28 69.78 39.85
N ALA B 461 12.35 69.00 39.91
CA ALA B 461 13.04 68.53 38.71
C ALA B 461 12.88 67.02 38.61
N VAL B 462 12.40 66.56 37.46
CA VAL B 462 12.21 65.13 37.25
C VAL B 462 13.56 64.47 37.05
N THR B 463 13.68 63.22 37.49
CA THR B 463 14.89 62.45 37.35
C THR B 463 14.67 61.32 36.35
N MET B 464 15.78 60.69 35.95
CA MET B 464 15.69 59.58 35.01
C MET B 464 15.04 58.36 35.65
N ASP B 465 15.32 58.12 36.94
CA ASP B 465 14.68 57.02 37.66
C ASP B 465 13.17 57.22 37.75
N ASP B 466 12.69 58.47 37.70
CA ASP B 466 11.26 58.68 37.63
C ASP B 466 10.66 58.06 36.37
N PHE B 467 11.43 58.06 35.28
CA PHE B 467 10.99 57.48 34.02
C PHE B 467 11.26 55.98 33.92
N ARG B 468 12.31 55.49 34.59
CA ARG B 468 12.56 54.05 34.58
C ARG B 468 11.37 53.28 35.13
N TRP B 469 10.77 53.75 36.24
CA TRP B 469 9.59 53.10 36.79
C TRP B 469 8.38 53.31 35.91
N ALA B 470 8.37 54.38 35.11
CA ALA B 470 7.22 54.72 34.28
C ALA B 470 6.97 53.71 33.17
N LEU B 471 8.00 53.08 32.63
CA LEU B 471 7.85 52.09 31.56
C LEU B 471 7.68 50.68 32.11
N SER B 472 7.56 50.51 33.42
CA SER B 472 7.43 49.19 34.02
C SER B 472 5.99 48.84 34.34
N GLN B 473 5.31 49.66 35.13
CA GLN B 473 3.93 49.38 35.51
C GLN B 473 2.91 49.89 34.50
N SER B 474 3.32 50.70 33.53
CA SER B 474 2.39 51.22 32.53
C SER B 474 2.09 50.14 31.51
N ASN B 475 0.81 49.80 31.36
CA ASN B 475 0.40 48.78 30.40
C ASN B 475 -0.22 49.46 29.20
N PRO B 476 0.47 49.53 28.06
CA PRO B 476 -0.08 50.23 26.90
C PRO B 476 -1.25 49.47 26.29
N SER B 477 -2.06 50.20 25.52
CA SER B 477 -3.28 49.65 24.93
C SER B 477 -3.02 49.09 23.54
N ALA B 478 -2.52 49.92 22.63
CA ALA B 478 -2.32 49.52 21.24
C ALA B 478 -1.00 48.77 21.13
N LEU B 479 -1.08 47.44 21.13
CA LEU B 479 0.11 46.60 20.95
C LEU B 479 0.03 45.68 19.75
N ARG B 480 -1.14 45.18 19.38
CA ARG B 480 -1.30 44.25 18.26
C ARG B 480 -2.07 44.97 17.17
N GLU B 481 -1.32 45.69 16.32
CA GLU B 481 -1.90 46.43 15.21
C GLU B 481 -0.85 46.51 14.11
N THR B 482 -1.25 47.05 12.96
CA THR B 482 -0.35 47.20 11.83
C THR B 482 0.55 48.40 12.06
N VAL B 483 1.83 48.15 12.31
CA VAL B 483 2.81 49.21 12.53
C VAL B 483 3.27 49.68 11.15
N VAL B 484 2.92 50.92 10.79
CA VAL B 484 3.28 51.48 9.49
C VAL B 484 4.28 52.60 9.70
N GLU B 485 5.56 52.27 9.67
CA GLU B 485 6.63 53.22 9.90
C GLU B 485 7.74 53.04 8.87
N VAL B 486 8.48 54.11 8.63
CA VAL B 486 9.60 54.10 7.70
C VAL B 486 10.81 53.51 8.45
N PRO B 487 11.45 52.47 7.91
CA PRO B 487 12.56 51.84 8.63
C PRO B 487 13.78 52.74 8.69
N GLN B 488 14.76 52.32 9.49
CA GLN B 488 15.99 53.05 9.70
C GLN B 488 17.21 52.32 9.15
N VAL B 489 17.03 51.17 8.51
CA VAL B 489 18.11 50.36 7.97
C VAL B 489 18.28 50.68 6.50
N THR B 490 19.49 51.07 6.10
CA THR B 490 19.81 51.49 4.75
C THR B 490 20.67 50.42 4.08
N TRP B 491 20.92 50.58 2.78
CA TRP B 491 21.81 49.69 2.05
C TRP B 491 23.26 49.82 2.49
N GLU B 492 23.68 50.98 2.99
CA GLU B 492 25.05 51.18 3.42
C GLU B 492 25.42 50.24 4.57
N ASP B 493 24.53 50.09 5.55
CA ASP B 493 24.83 49.22 6.68
C ASP B 493 24.74 47.74 6.32
N ILE B 494 24.21 47.42 5.14
CA ILE B 494 24.23 46.05 4.63
C ILE B 494 25.43 45.90 3.71
N GLY B 495 26.36 45.05 4.10
CA GLY B 495 27.51 44.76 3.26
C GLY B 495 27.19 43.64 2.28
N GLY B 496 27.88 43.67 1.15
CA GLY B 496 27.73 42.61 0.19
C GLY B 496 26.33 42.59 -0.44
N LEU B 497 25.97 41.40 -0.93
CA LEU B 497 24.69 41.19 -1.61
C LEU B 497 24.50 42.17 -2.76
N GLU B 498 25.60 42.39 -3.50
CA GLU B 498 25.55 43.24 -4.69
C GLU B 498 24.64 42.67 -5.77
N ASP B 499 24.53 41.35 -5.86
CA ASP B 499 23.64 40.74 -6.84
C ASP B 499 22.18 41.12 -6.57
N VAL B 500 21.76 41.09 -5.30
CA VAL B 500 20.40 41.48 -4.95
C VAL B 500 20.22 42.99 -4.90
N LYS B 501 21.23 43.73 -4.44
CA LYS B 501 21.19 45.19 -4.45
C LYS B 501 20.93 45.76 -5.83
N ARG B 502 21.54 45.19 -6.87
CA ARG B 502 21.43 45.69 -8.22
C ARG B 502 20.06 45.42 -8.84
N GLU B 503 19.44 44.28 -8.53
CA GLU B 503 18.14 43.99 -9.11
C GLU B 503 17.01 44.65 -8.34
N LEU B 504 17.12 44.72 -7.01
CA LEU B 504 16.11 45.41 -6.24
C LEU B 504 16.09 46.91 -6.53
N GLN B 505 17.25 47.53 -6.73
CA GLN B 505 17.33 48.93 -7.07
C GLN B 505 16.79 49.24 -8.45
N GLU B 506 16.80 48.27 -9.37
CA GLU B 506 16.29 48.46 -10.72
C GLU B 506 14.87 47.94 -10.88
N LEU B 507 14.21 47.55 -9.80
CA LEU B 507 12.90 46.93 -9.88
C LEU B 507 11.83 47.69 -9.10
N VAL B 508 12.20 48.32 -7.99
CA VAL B 508 11.26 49.14 -7.24
C VAL B 508 11.75 50.58 -7.07
N GLN B 509 13.05 50.82 -7.05
CA GLN B 509 13.56 52.18 -6.94
C GLN B 509 13.38 52.98 -8.22
N TYR B 510 13.58 52.34 -9.38
CA TYR B 510 13.46 53.06 -10.65
C TYR B 510 12.07 53.65 -10.85
N PRO B 511 10.97 52.89 -10.70
CA PRO B 511 9.64 53.51 -10.88
C PRO B 511 9.31 54.58 -9.86
N VAL B 512 10.00 54.61 -8.73
CA VAL B 512 9.74 55.62 -7.69
C VAL B 512 10.52 56.90 -7.96
N GLU B 513 11.83 56.77 -8.21
CA GLU B 513 12.65 57.96 -8.41
C GLU B 513 12.64 58.47 -9.84
N HIS B 514 12.29 57.63 -10.82
CA HIS B 514 12.21 58.04 -12.22
C HIS B 514 10.90 57.60 -12.84
N PRO B 515 9.76 58.19 -12.42
CA PRO B 515 8.50 57.88 -13.09
C PRO B 515 8.50 58.15 -14.59
N ASP B 516 9.11 59.25 -15.03
CA ASP B 516 9.04 59.69 -16.41
C ASP B 516 9.72 58.73 -17.38
N LYS B 517 10.83 58.11 -16.99
CA LYS B 517 11.55 57.21 -17.87
C LYS B 517 10.76 55.94 -18.16
N PHE B 518 9.69 55.68 -17.41
CA PHE B 518 8.87 54.51 -17.65
C PHE B 518 7.76 54.80 -18.65
N LEU B 519 7.12 55.96 -18.54
CA LEU B 519 6.19 56.40 -19.58
C LEU B 519 6.90 56.71 -20.88
N LYS B 520 8.15 57.15 -20.83
CA LYS B 520 8.90 57.39 -22.06
C LYS B 520 9.17 56.08 -22.80
N PHE B 521 9.47 55.02 -22.06
CA PHE B 521 9.74 53.72 -22.66
C PHE B 521 8.50 52.83 -22.75
N GLY B 522 7.36 53.29 -22.25
CA GLY B 522 6.13 52.54 -22.34
C GLY B 522 6.14 51.20 -21.65
N MET B 523 6.79 51.10 -20.49
CA MET B 523 6.87 49.86 -19.74
C MET B 523 6.22 50.07 -18.37
N THR B 524 5.26 49.21 -18.04
CA THR B 524 4.63 49.27 -16.73
C THR B 524 5.55 48.66 -15.67
N PRO B 525 5.62 49.25 -14.48
CA PRO B 525 6.45 48.68 -13.41
C PRO B 525 5.88 47.36 -12.92
N SER B 526 6.75 46.53 -12.38
CA SER B 526 6.34 45.26 -11.82
C SER B 526 5.54 45.51 -10.54
N LYS B 527 4.55 44.64 -10.29
CA LYS B 527 3.68 44.77 -9.14
C LYS B 527 4.32 44.28 -7.84
N GLY B 528 5.18 43.29 -7.89
CA GLY B 528 5.79 42.77 -6.68
C GLY B 528 6.82 41.71 -6.99
N VAL B 529 7.65 41.43 -6.00
CA VAL B 529 8.72 40.45 -6.09
C VAL B 529 8.66 39.57 -4.85
N LEU B 530 8.74 38.26 -5.04
CA LEU B 530 8.86 37.30 -3.95
C LEU B 530 10.27 36.76 -3.96
N PHE B 531 10.97 36.86 -2.83
CA PHE B 531 12.28 36.23 -2.74
C PHE B 531 12.24 35.07 -1.76
N TYR B 532 13.17 34.15 -1.96
CA TYR B 532 13.24 32.89 -1.22
C TYR B 532 14.67 32.67 -0.80
N GLY B 533 14.84 31.92 0.28
CA GLY B 533 16.15 31.65 0.82
C GLY B 533 16.08 30.85 2.09
N PRO B 534 17.23 30.34 2.54
CA PRO B 534 17.27 29.59 3.79
C PRO B 534 16.88 30.47 4.96
N PRO B 535 16.30 29.90 6.01
CA PRO B 535 15.81 30.72 7.13
C PRO B 535 16.95 31.46 7.83
N GLY B 536 16.60 32.61 8.40
CA GLY B 536 17.56 33.41 9.13
C GLY B 536 18.66 34.00 8.28
N CYS B 537 18.30 34.55 7.12
CA CYS B 537 19.28 35.18 6.26
C CYS B 537 19.02 36.65 6.00
N GLY B 538 17.97 37.24 6.56
CA GLY B 538 17.76 38.68 6.46
C GLY B 538 16.82 39.11 5.36
N LYS B 539 15.83 38.27 5.04
CA LYS B 539 14.84 38.65 4.03
C LYS B 539 14.03 39.86 4.48
N THR B 540 13.60 39.90 5.73
CA THR B 540 12.90 41.05 6.26
C THR B 540 13.77 42.31 6.27
N LEU B 541 15.04 42.17 6.66
CA LEU B 541 15.94 43.32 6.64
C LEU B 541 16.18 43.82 5.22
N LEU B 542 16.29 42.92 4.24
CA LEU B 542 16.48 43.38 2.87
C LEU B 542 15.28 44.19 2.39
N ALA B 543 14.07 43.71 2.68
CA ALA B 543 12.87 44.45 2.34
C ALA B 543 12.80 45.78 3.06
N LYS B 544 13.21 45.83 4.33
CA LYS B 544 13.26 47.10 5.03
C LYS B 544 14.26 48.07 4.41
N ALA B 545 15.43 47.57 4.01
CA ALA B 545 16.45 48.42 3.42
C ALA B 545 16.00 49.01 2.09
N ILE B 546 15.35 48.22 1.24
CA ILE B 546 14.85 48.74 -0.03
C ILE B 546 13.74 49.74 0.16
N ALA B 547 13.06 49.73 1.31
CA ALA B 547 12.07 50.75 1.61
C ALA B 547 12.72 52.08 1.96
N ASN B 548 13.85 52.07 2.66
CA ASN B 548 14.56 53.30 2.97
C ASN B 548 15.18 53.93 1.72
N GLU B 549 15.64 53.12 0.78
CA GLU B 549 16.23 53.66 -0.45
C GLU B 549 15.20 54.46 -1.24
N CYS B 550 13.96 53.96 -1.29
CA CYS B 550 12.88 54.65 -1.98
C CYS B 550 12.15 55.65 -1.09
N GLN B 551 12.56 55.79 0.18
CA GLN B 551 11.88 56.64 1.15
C GLN B 551 10.40 56.30 1.21
N ALA B 552 10.08 55.01 1.31
CA ALA B 552 8.71 54.55 1.29
C ALA B 552 8.37 53.93 2.63
N ASN B 553 7.07 53.87 2.92
CA ASN B 553 6.60 53.28 4.16
C ASN B 553 6.74 51.77 4.09
N PHE B 554 6.72 51.10 5.24
CA PHE B 554 6.93 49.66 5.28
C PHE B 554 5.86 49.02 6.17
N ILE B 555 5.21 47.98 5.64
CA ILE B 555 4.21 47.23 6.38
C ILE B 555 4.63 45.76 6.36
N SER B 556 4.75 45.17 7.55
CA SER B 556 5.18 43.78 7.68
C SER B 556 4.03 42.93 8.21
N ILE B 557 3.75 41.84 7.51
CA ILE B 557 2.72 40.89 7.90
C ILE B 557 3.40 39.55 8.13
N LYS B 558 3.55 39.16 9.40
CA LYS B 558 4.25 37.93 9.73
C LYS B 558 3.32 36.74 9.53
N GLY B 559 3.85 35.53 9.74
CA GLY B 559 3.10 34.31 9.56
C GLY B 559 1.87 34.14 10.43
N PRO B 560 1.99 34.39 11.74
CA PRO B 560 0.83 34.25 12.63
C PRO B 560 -0.36 35.09 12.23
N GLU B 561 -0.17 36.33 11.78
CA GLU B 561 -1.31 37.14 11.34
C GLU B 561 -1.97 36.57 10.09
N LEU B 562 -1.20 35.94 9.21
CA LEU B 562 -1.76 35.29 8.04
C LEU B 562 -2.48 33.99 8.37
N LEU B 563 -1.98 33.21 9.32
CA LEU B 563 -2.58 31.94 9.68
C LEU B 563 -3.72 32.08 10.67
N THR B 564 -3.83 33.24 11.35
CA THR B 564 -4.95 33.45 12.27
C THR B 564 -6.27 33.52 11.53
N MET B 565 -6.32 34.24 10.41
CA MET B 565 -7.55 34.34 9.65
C MET B 565 -7.86 33.06 8.88
N TRP B 566 -6.86 32.21 8.64
CA TRP B 566 -7.15 30.92 8.03
C TRP B 566 -7.90 30.01 9.00
N PHE B 567 -7.43 29.91 10.24
CA PHE B 567 -8.14 29.10 11.23
C PHE B 567 -9.45 29.74 11.65
N GLY B 568 -9.50 31.07 11.76
CA GLY B 568 -10.66 31.76 12.27
C GLY B 568 -11.80 31.93 11.28
N GLU B 569 -11.59 31.60 10.01
CA GLU B 569 -12.62 31.74 8.97
C GLU B 569 -13.15 33.17 8.89
N SER B 570 -12.27 34.12 9.23
CA SER B 570 -12.60 35.55 9.22
C SER B 570 -11.63 36.21 8.25
N GLU B 571 -12.10 36.43 7.02
CA GLU B 571 -11.23 36.77 5.91
C GLU B 571 -11.41 38.21 5.42
N ALA B 572 -12.04 39.06 6.20
CA ALA B 572 -12.10 40.47 5.90
C ALA B 572 -10.85 41.21 6.34
N ASN B 573 -9.91 40.52 7.00
CA ASN B 573 -8.73 41.17 7.55
C ASN B 573 -7.75 41.61 6.47
N VAL B 574 -7.63 40.87 5.37
CA VAL B 574 -6.79 41.30 4.26
C VAL B 574 -7.34 42.55 3.60
N ARG B 575 -8.65 42.80 3.70
CA ARG B 575 -9.24 44.00 3.12
C ARG B 575 -8.61 45.26 3.72
N GLU B 576 -8.59 45.37 5.05
CA GLU B 576 -7.99 46.54 5.66
C GLU B 576 -6.48 46.57 5.48
N ILE B 577 -5.82 45.41 5.41
CA ILE B 577 -4.38 45.39 5.17
C ILE B 577 -4.07 46.06 3.83
N PHE B 578 -4.75 45.62 2.77
CA PHE B 578 -4.52 46.22 1.46
C PHE B 578 -5.06 47.64 1.36
N ASP B 579 -6.09 47.97 2.14
CA ASP B 579 -6.59 49.34 2.14
C ASP B 579 -5.60 50.31 2.75
N LYS B 580 -5.05 49.97 3.91
CA LYS B 580 -4.08 50.84 4.57
C LYS B 580 -2.70 50.76 3.94
N ALA B 581 -2.42 49.73 3.15
CA ALA B 581 -1.19 49.70 2.37
C ALA B 581 -1.23 50.65 1.18
N ARG B 582 -2.42 50.93 0.64
CA ARG B 582 -2.53 51.78 -0.54
C ARG B 582 -2.76 53.25 -0.20
N GLN B 583 -3.32 53.56 0.97
CA GLN B 583 -3.52 54.95 1.35
C GLN B 583 -2.21 55.61 1.78
N ALA B 584 -1.24 54.82 2.21
CA ALA B 584 0.06 55.34 2.65
C ALA B 584 1.06 55.35 1.49
N ALA B 585 0.63 55.94 0.38
CA ALA B 585 1.48 56.01 -0.79
C ALA B 585 2.57 57.05 -0.59
N PRO B 586 3.84 56.70 -0.81
CA PRO B 586 4.29 55.37 -1.24
C PRO B 586 4.62 54.40 -0.10
N CYS B 587 4.28 53.13 -0.30
CA CYS B 587 4.43 52.13 0.74
C CYS B 587 5.04 50.87 0.14
N VAL B 588 5.39 49.93 1.00
CA VAL B 588 5.88 48.62 0.59
C VAL B 588 5.21 47.60 1.48
N LEU B 589 4.61 46.58 0.88
CA LEU B 589 3.90 45.54 1.60
C LEU B 589 4.76 44.29 1.63
N PHE B 590 4.99 43.77 2.82
CA PHE B 590 5.89 42.65 3.00
C PHE B 590 5.14 41.51 3.68
N PHE B 591 5.15 40.34 3.05
CA PHE B 591 4.49 39.16 3.56
C PHE B 591 5.55 38.16 3.99
N ASP B 592 5.66 37.93 5.30
CA ASP B 592 6.64 37.02 5.85
C ASP B 592 6.10 35.61 5.89
N GLU B 593 6.97 34.63 5.64
CA GLU B 593 6.65 33.21 5.59
C GLU B 593 5.30 32.95 4.94
N LEU B 594 5.18 33.32 3.66
CA LEU B 594 3.95 33.10 2.90
C LEU B 594 3.53 31.63 2.85
N ASP B 595 4.47 30.71 3.01
CA ASP B 595 4.18 29.28 2.95
C ASP B 595 3.60 28.74 4.25
N SER B 596 3.25 29.61 5.19
CA SER B 596 2.74 29.14 6.48
C SER B 596 1.45 28.35 6.32
N ILE B 597 0.53 28.85 5.48
CA ILE B 597 -0.72 28.14 5.25
C ILE B 597 -0.47 26.79 4.57
N ALA B 598 0.45 26.75 3.61
CA ALA B 598 0.75 25.48 2.95
C ALA B 598 1.34 24.48 3.93
N LYS B 599 2.25 24.93 4.81
CA LYS B 599 2.77 24.04 5.84
C LYS B 599 1.68 23.56 6.79
N ALA B 600 0.79 24.46 7.19
CA ALA B 600 -0.31 24.06 8.08
C ALA B 600 -1.27 23.09 7.42
N ARG B 601 -1.42 23.16 6.10
CA ARG B 601 -2.30 22.24 5.37
C ARG B 601 -1.60 20.96 4.92
N GLY B 602 -0.27 20.94 4.93
CA GLY B 602 0.47 19.74 4.55
C GLY B 602 1.63 20.01 3.62
N GLY B 603 1.49 21.00 2.74
CA GLY B 603 2.56 21.37 1.84
C GLY B 603 2.33 20.95 0.40
N ASN B 604 3.25 20.16 -0.15
CA ASN B 604 3.17 19.76 -1.55
C ASN B 604 1.95 18.89 -1.83
N ILE B 605 1.65 17.93 -0.96
CA ILE B 605 0.51 17.04 -1.15
C ILE B 605 -0.53 17.32 -0.07
N GLY B 606 -0.15 17.07 1.18
CA GLY B 606 -1.06 17.30 2.30
C GLY B 606 -2.32 16.47 2.21
N ASP B 607 -3.46 17.15 2.01
CA ASP B 607 -4.73 16.48 1.85
C ASP B 607 -5.00 16.17 0.39
N GLY B 608 -6.23 15.78 0.07
CA GLY B 608 -6.57 15.52 -1.32
C GLY B 608 -6.53 16.75 -2.20
N GLY B 609 -6.63 17.94 -1.60
CA GLY B 609 -6.60 19.17 -2.35
C GLY B 609 -5.21 19.53 -2.81
N GLY B 610 -5.14 20.60 -3.61
CA GLY B 610 -3.88 21.05 -4.17
C GLY B 610 -3.13 22.01 -3.27
N ALA B 611 -2.68 23.13 -3.83
CA ALA B 611 -1.92 24.12 -3.08
C ALA B 611 -2.68 25.43 -2.98
N ALA B 612 -3.96 25.43 -3.33
CA ALA B 612 -4.79 26.62 -3.29
C ALA B 612 -5.64 26.63 -2.02
N ASP B 613 -5.67 27.79 -1.37
CA ASP B 613 -6.52 27.97 -0.20
C ASP B 613 -7.26 29.30 -0.30
N ARG B 614 -7.95 29.69 0.77
CA ARG B 614 -8.77 30.89 0.77
C ARG B 614 -7.99 32.17 1.02
N VAL B 615 -7.04 32.19 1.96
CA VAL B 615 -6.33 33.41 2.29
C VAL B 615 -5.45 33.86 1.12
N ILE B 616 -4.70 32.94 0.52
CA ILE B 616 -3.92 33.30 -0.66
C ILE B 616 -4.84 33.75 -1.80
N ASN B 617 -6.03 33.17 -1.89
CA ASN B 617 -6.99 33.62 -2.88
C ASN B 617 -7.40 35.07 -2.65
N GLN B 618 -7.62 35.45 -1.39
CA GLN B 618 -7.96 36.84 -1.09
C GLN B 618 -6.81 37.78 -1.44
N ILE B 619 -5.57 37.37 -1.15
CA ILE B 619 -4.42 38.19 -1.52
C ILE B 619 -4.33 38.34 -3.03
N LEU B 620 -4.57 37.25 -3.77
CA LEU B 620 -4.56 37.33 -5.23
C LEU B 620 -5.64 38.29 -5.74
N THR B 621 -6.84 38.20 -5.18
CA THR B 621 -7.91 39.10 -5.60
C THR B 621 -7.57 40.56 -5.31
N GLU B 622 -6.99 40.82 -4.14
CA GLU B 622 -6.64 42.20 -3.81
C GLU B 622 -5.50 42.73 -4.66
N MET B 623 -4.51 41.89 -4.98
CA MET B 623 -3.42 42.30 -5.84
C MET B 623 -3.84 42.49 -7.29
N ASP B 624 -4.81 41.72 -7.78
CA ASP B 624 -5.27 41.87 -9.14
C ASP B 624 -5.97 43.21 -9.35
N GLY B 625 -6.66 43.71 -8.33
CA GLY B 625 -7.41 44.93 -8.41
C GLY B 625 -6.64 46.20 -8.10
N MET B 626 -5.35 46.11 -7.84
CA MET B 626 -4.57 47.31 -7.52
C MET B 626 -4.21 48.06 -8.80
N SER B 627 -3.87 49.33 -8.63
CA SER B 627 -3.49 50.20 -9.73
C SER B 627 -1.97 50.22 -9.87
N THR B 628 -1.48 50.01 -11.08
CA THR B 628 -0.05 49.98 -11.33
C THR B 628 0.60 51.35 -11.22
N LYS B 629 -0.17 52.44 -11.42
CA LYS B 629 0.40 53.77 -11.32
C LYS B 629 0.69 54.17 -9.88
N LYS B 630 0.08 53.51 -8.90
CA LYS B 630 0.42 53.74 -7.51
C LYS B 630 1.77 53.12 -7.19
N ASN B 631 2.40 53.63 -6.12
CA ASN B 631 3.73 53.20 -5.72
C ASN B 631 3.71 52.12 -4.64
N VAL B 632 2.56 51.52 -4.38
CA VAL B 632 2.47 50.41 -3.44
C VAL B 632 3.18 49.21 -4.05
N PHE B 633 3.88 48.45 -3.22
CA PHE B 633 4.69 47.33 -3.67
C PHE B 633 4.57 46.18 -2.69
N ILE B 634 4.41 44.97 -3.23
CA ILE B 634 4.22 43.78 -2.41
C ILE B 634 5.46 42.91 -2.51
N ILE B 635 6.00 42.52 -1.37
CA ILE B 635 7.16 41.65 -1.29
C ILE B 635 6.77 40.41 -0.51
N GLY B 636 6.96 39.25 -1.11
CA GLY B 636 6.70 37.97 -0.47
C GLY B 636 8.00 37.31 -0.04
N ALA B 637 8.01 36.79 1.18
CA ALA B 637 9.17 36.09 1.71
C ALA B 637 8.78 34.67 2.08
N THR B 638 9.59 33.72 1.68
CA THR B 638 9.34 32.32 1.98
C THR B 638 10.67 31.59 2.08
N ASN B 639 10.66 30.50 2.82
CA ASN B 639 11.81 29.60 2.89
C ASN B 639 11.57 28.30 2.15
N ARG B 640 10.30 27.94 1.91
CA ARG B 640 10.00 26.78 1.09
C ARG B 640 9.21 27.23 -0.12
N PRO B 641 9.85 27.54 -1.25
CA PRO B 641 9.11 27.97 -2.44
C PRO B 641 8.53 26.84 -3.27
N ASP B 642 8.83 25.59 -2.93
CA ASP B 642 8.26 24.44 -3.62
C ASP B 642 6.80 24.20 -3.26
N ILE B 643 6.35 24.68 -2.10
CA ILE B 643 4.98 24.49 -1.65
C ILE B 643 4.16 25.76 -1.84
N ILE B 644 4.77 26.83 -2.34
CA ILE B 644 4.03 28.04 -2.68
C ILE B 644 3.10 27.74 -3.84
N ASP B 645 1.89 28.25 -3.77
CA ASP B 645 0.91 28.01 -4.81
C ASP B 645 1.41 28.61 -6.12
N PRO B 646 1.32 27.90 -7.25
CA PRO B 646 1.81 28.45 -8.51
C PRO B 646 1.06 29.70 -8.97
N ALA B 647 -0.20 29.88 -8.59
CA ALA B 647 -0.98 31.00 -9.11
C ALA B 647 -0.50 32.35 -8.59
N ILE B 648 0.10 32.40 -7.40
CA ILE B 648 0.60 33.66 -6.88
C ILE B 648 1.84 34.12 -7.64
N LEU B 649 2.55 33.20 -8.29
CA LEU B 649 3.75 33.51 -9.06
C LEU B 649 3.44 33.76 -10.53
N ARG B 650 2.15 33.82 -10.90
CA ARG B 650 1.78 34.10 -12.27
C ARG B 650 2.27 35.48 -12.68
N PRO B 651 2.57 35.68 -13.96
CA PRO B 651 3.00 37.02 -14.41
C PRO B 651 1.96 38.07 -14.10
N GLY B 652 2.41 39.20 -13.58
CA GLY B 652 1.55 40.30 -13.19
C GLY B 652 1.31 40.42 -11.71
N ARG B 653 1.59 39.39 -10.92
CA ARG B 653 1.41 39.46 -9.47
C ARG B 653 2.72 39.36 -8.72
N LEU B 654 3.48 38.28 -8.90
CA LEU B 654 4.78 38.10 -8.26
C LEU B 654 5.72 37.41 -9.24
N ASP B 655 5.70 37.86 -10.48
CA ASP B 655 6.50 37.22 -11.54
C ASP B 655 7.98 37.30 -11.25
N GLN B 656 8.42 38.33 -10.53
CA GLN B 656 9.84 38.50 -10.25
C GLN B 656 10.24 37.67 -9.03
N LEU B 657 11.12 36.70 -9.25
CA LEU B 657 11.64 35.85 -8.19
C LEU B 657 13.15 36.04 -8.12
N ILE B 658 13.64 36.40 -6.94
CA ILE B 658 15.07 36.55 -6.70
C ILE B 658 15.45 35.67 -5.52
N TYR B 659 16.68 35.17 -5.52
CA TYR B 659 17.13 34.21 -4.54
C TYR B 659 18.05 34.90 -3.55
N ILE B 660 17.78 34.73 -2.26
CA ILE B 660 18.60 35.30 -1.20
C ILE B 660 19.53 34.21 -0.69
N PRO B 661 20.82 34.27 -1.01
CA PRO B 661 21.73 33.20 -0.59
C PRO B 661 22.24 33.39 0.82
N LEU B 662 23.14 32.53 1.25
CA LEU B 662 23.82 32.75 2.51
C LEU B 662 24.69 34.01 2.40
N PRO B 663 24.83 34.75 3.49
CA PRO B 663 25.71 35.92 3.45
C PRO B 663 27.14 35.53 3.12
N ASP B 664 27.78 36.34 2.29
CA ASP B 664 29.17 36.10 1.91
C ASP B 664 30.08 36.72 2.97
N GLU B 665 31.39 36.72 2.71
CA GLU B 665 32.33 37.26 3.68
C GLU B 665 32.07 38.73 3.95
N LYS B 666 31.80 39.51 2.90
CA LYS B 666 31.54 40.94 3.08
C LYS B 666 30.25 41.19 3.85
N SER B 667 29.22 40.38 3.63
CA SER B 667 27.94 40.55 4.32
C SER B 667 27.95 40.01 5.74
N ARG B 668 28.77 38.99 6.04
CA ARG B 668 28.84 38.47 7.39
C ARG B 668 29.42 39.46 8.38
N VAL B 669 30.40 40.27 7.96
CA VAL B 669 30.92 41.31 8.84
C VAL B 669 29.81 42.26 9.26
N ALA B 670 28.91 42.58 8.33
CA ALA B 670 27.76 43.41 8.67
C ALA B 670 26.86 42.76 9.72
N ILE B 671 26.60 41.46 9.60
CA ILE B 671 25.78 40.79 10.60
C ILE B 671 26.46 40.80 11.97
N LEU B 672 27.77 40.52 12.01
CA LEU B 672 28.48 40.57 13.29
C LEU B 672 28.44 41.96 13.90
N LYS B 673 28.72 43.00 13.11
CA LYS B 673 28.76 44.34 13.67
C LYS B 673 27.38 44.87 14.03
N ALA B 674 26.33 44.41 13.35
CA ALA B 674 24.97 44.78 13.75
C ALA B 674 24.63 44.22 15.12
N ASN B 675 25.01 42.96 15.37
CA ASN B 675 24.81 42.35 16.67
C ASN B 675 25.66 43.00 17.75
N LEU B 676 26.88 43.38 17.44
CA LEU B 676 27.81 43.92 18.43
C LEU B 676 27.82 45.44 18.50
N ARG B 677 26.92 46.11 17.77
CA ARG B 677 26.91 47.57 17.76
C ARG B 677 26.52 48.16 19.11
N LYS B 678 25.90 47.38 19.99
CA LYS B 678 25.53 47.86 21.32
C LYS B 678 26.41 47.29 22.42
N SER B 679 27.46 46.56 22.07
CA SER B 679 28.27 45.90 23.08
C SER B 679 29.69 46.47 23.09
N PRO B 680 30.38 46.44 24.24
CA PRO B 680 31.76 46.89 24.28
C PRO B 680 32.69 45.90 23.60
N VAL B 681 33.19 46.26 22.42
CA VAL B 681 34.06 45.39 21.65
C VAL B 681 35.51 45.81 21.85
N ALA B 682 36.36 44.84 22.17
CA ALA B 682 37.77 45.12 22.37
C ALA B 682 38.45 45.33 21.02
N LYS B 683 39.58 46.01 21.03
CA LYS B 683 40.32 46.31 19.80
C LYS B 683 40.86 45.06 19.13
N ASP B 684 41.36 44.10 19.91
CA ASP B 684 41.96 42.91 19.33
C ASP B 684 40.94 41.97 18.73
N VAL B 685 39.65 42.13 19.05
CA VAL B 685 38.61 41.27 18.50
C VAL B 685 38.38 41.65 17.05
N ASP B 686 38.93 40.86 16.13
CA ASP B 686 38.83 41.14 14.70
C ASP B 686 37.61 40.43 14.14
N LEU B 687 36.62 41.21 13.71
CA LEU B 687 35.41 40.65 13.12
C LEU B 687 35.63 40.19 11.68
N GLU B 688 36.58 40.78 10.96
CA GLU B 688 36.86 40.34 9.60
C GLU B 688 37.31 38.89 9.59
N PHE B 689 38.24 38.52 10.47
CA PHE B 689 38.69 37.14 10.55
C PHE B 689 37.57 36.20 10.97
N LEU B 690 36.75 36.61 11.94
CA LEU B 690 35.64 35.77 12.39
C LEU B 690 34.66 35.52 11.25
N ALA B 691 34.33 36.56 10.48
CA ALA B 691 33.45 36.38 9.33
C ALA B 691 34.10 35.56 8.23
N LYS B 692 35.42 35.66 8.06
CA LYS B 692 36.12 34.82 7.11
C LYS B 692 36.08 33.35 7.50
N MET B 693 36.19 33.04 8.80
CA MET B 693 36.22 31.65 9.24
C MET B 693 34.89 30.95 8.95
N THR B 694 33.78 31.60 9.28
CA THR B 694 32.47 31.03 9.03
C THR B 694 32.07 31.29 7.59
N ASN B 695 31.79 30.23 6.84
CA ASN B 695 31.45 30.35 5.43
C ASN B 695 30.01 29.98 5.13
N GLY B 696 29.60 28.77 5.49
CA GLY B 696 28.23 28.34 5.24
C GLY B 696 27.31 28.69 6.39
N PHE B 697 27.59 29.80 7.07
CA PHE B 697 26.86 30.20 8.26
C PHE B 697 25.75 31.17 7.88
N SER B 698 24.58 30.97 8.46
CA SER B 698 23.45 31.87 8.24
C SER B 698 23.54 33.05 9.21
N GLY B 699 22.68 34.05 8.99
CA GLY B 699 22.64 35.17 9.91
C GLY B 699 22.26 34.76 11.31
N ALA B 700 21.37 33.76 11.43
CA ALA B 700 21.01 33.24 12.74
C ALA B 700 22.19 32.55 13.42
N ASP B 701 23.05 31.88 12.67
CA ASP B 701 24.21 31.22 13.27
C ASP B 701 25.18 32.23 13.84
N LEU B 702 25.45 33.31 13.11
CA LEU B 702 26.27 34.39 13.65
C LEU B 702 25.59 35.08 14.82
N THR B 703 24.26 35.22 14.77
CA THR B 703 23.53 35.85 15.86
C THR B 703 23.70 35.08 17.16
N GLU B 704 23.53 33.76 17.11
CA GLU B 704 23.70 32.98 18.33
C GLU B 704 25.16 32.93 18.78
N ILE B 705 26.12 33.01 17.86
CA ILE B 705 27.51 33.14 18.28
C ILE B 705 27.71 34.42 19.09
N CYS B 706 27.18 35.54 18.58
CA CYS B 706 27.31 36.81 19.31
C CYS B 706 26.59 36.75 20.65
N GLN B 707 25.39 36.17 20.67
CA GLN B 707 24.64 36.06 21.92
C GLN B 707 25.36 35.19 22.94
N ARG B 708 25.96 34.09 22.49
CA ARG B 708 26.70 33.22 23.41
C ARG B 708 27.95 33.91 23.93
N ALA B 709 28.65 34.67 23.09
CA ALA B 709 29.79 35.44 23.58
C ALA B 709 29.37 36.48 24.59
N CYS B 710 28.26 37.18 24.33
CA CYS B 710 27.75 38.14 25.31
C CYS B 710 27.34 37.47 26.61
N LYS B 711 26.72 36.28 26.52
CA LYS B 711 26.35 35.55 27.73
C LYS B 711 27.58 35.15 28.54
N LEU B 712 28.64 34.67 27.88
CA LEU B 712 29.87 34.34 28.57
C LEU B 712 30.49 35.56 29.22
N ALA B 713 30.52 36.70 28.52
CA ALA B 713 31.07 37.91 29.10
C ALA B 713 30.26 38.36 30.31
N ILE B 714 28.93 38.33 30.21
CA ILE B 714 28.09 38.73 31.33
C ILE B 714 28.30 37.81 32.53
N ARG B 715 28.37 36.50 32.28
CA ARG B 715 28.60 35.56 33.38
C ARG B 715 29.95 35.77 34.04
N GLU B 716 31.01 35.99 33.26
CA GLU B 716 32.30 36.25 33.86
C GLU B 716 32.29 37.55 34.65
N SER B 717 31.64 38.59 34.13
CA SER B 717 31.52 39.84 34.88
C SER B 717 30.76 39.66 36.18
N ILE B 718 29.68 38.88 36.18
CA ILE B 718 28.92 38.66 37.40
C ILE B 718 29.73 37.86 38.42
N GLU B 719 30.37 36.77 37.97
CA GLU B 719 31.12 35.94 38.90
C GLU B 719 32.40 36.62 39.41
N SER B 720 32.96 37.54 38.64
CA SER B 720 34.19 38.21 39.03
C SER B 720 33.98 39.28 40.09
N GLU B 721 32.73 39.67 40.35
CA GLU B 721 32.46 40.69 41.36
C GLU B 721 32.79 40.18 42.76
N ILE B 722 32.45 38.93 43.06
CA ILE B 722 32.67 38.38 44.39
C ILE B 722 34.14 37.99 44.57
N VAL B 743 34.79 42.14 34.21
CA VAL B 743 35.32 43.37 33.62
C VAL B 743 34.40 43.84 32.49
N PRO B 744 34.11 45.15 32.46
CA PRO B 744 33.17 45.72 31.49
C PRO B 744 33.73 45.87 30.09
N GLU B 745 34.14 44.74 29.49
CA GLU B 745 34.64 44.74 28.12
C GLU B 745 34.67 43.31 27.62
N ILE B 746 34.07 43.08 26.45
CA ILE B 746 34.11 41.76 25.83
C ILE B 746 35.52 41.51 25.30
N ARG B 747 36.12 40.41 25.73
CA ARG B 747 37.51 40.12 25.37
C ARG B 747 37.57 39.10 24.24
N ARG B 748 38.78 38.93 23.71
CA ARG B 748 39.02 37.98 22.63
C ARG B 748 38.68 36.55 23.04
N ASP B 749 39.00 36.20 24.29
CA ASP B 749 38.71 34.86 24.79
C ASP B 749 37.22 34.56 24.82
N HIS B 750 36.36 35.55 25.10
CA HIS B 750 34.93 35.32 25.09
C HIS B 750 34.46 34.82 23.73
N PHE B 751 34.87 35.48 22.66
CA PHE B 751 34.51 35.06 21.31
C PHE B 751 35.20 33.76 20.91
N GLU B 752 36.46 33.56 21.31
CA GLU B 752 37.16 32.33 20.98
C GLU B 752 36.52 31.11 21.62
N GLU B 753 36.11 31.21 22.89
CA GLU B 753 35.47 30.09 23.56
C GLU B 753 34.06 29.85 23.06
N ALA B 754 33.28 30.92 22.88
CA ALA B 754 31.93 30.79 22.33
C ALA B 754 31.93 30.32 20.89
N MET B 755 33.05 30.45 20.18
CA MET B 755 33.18 29.93 18.83
C MET B 755 33.14 28.41 18.78
N ARG B 756 33.39 27.75 19.91
CA ARG B 756 33.40 26.29 19.95
C ARG B 756 32.01 25.72 19.69
N PHE B 757 30.98 26.32 20.28
CA PHE B 757 29.60 25.89 20.08
C PHE B 757 28.99 26.54 18.86
N ALA B 758 29.68 26.42 17.72
CA ALA B 758 29.23 27.04 16.49
C ALA B 758 28.36 26.06 15.70
N ARG B 759 27.08 26.39 15.56
CA ARG B 759 26.14 25.58 14.82
C ARG B 759 26.12 25.99 13.35
N ARG B 760 25.50 25.15 12.53
CA ARG B 760 25.26 25.48 11.13
C ARG B 760 23.89 24.89 10.77
N SER B 761 22.85 25.71 10.91
CA SER B 761 21.48 25.22 10.79
C SER B 761 21.10 24.88 9.36
N VAL B 762 21.77 25.46 8.37
CA VAL B 762 21.43 25.23 6.97
C VAL B 762 22.37 24.18 6.40
N SER B 763 21.80 23.08 5.92
CA SER B 763 22.58 21.99 5.38
C SER B 763 22.83 22.20 3.89
N ASP B 764 23.78 21.42 3.35
CA ASP B 764 24.11 21.51 1.93
C ASP B 764 22.96 21.02 1.05
N ASN B 765 22.21 20.02 1.52
CA ASN B 765 21.06 19.55 0.77
C ASN B 765 20.03 20.66 0.58
N ASP B 766 19.85 21.51 1.58
CA ASP B 766 18.99 22.68 1.42
C ASP B 766 19.48 23.62 0.35
N ILE B 767 20.78 23.90 0.30
CA ILE B 767 21.28 24.79 -0.75
C ILE B 767 21.07 24.17 -2.11
N ARG B 768 21.29 22.85 -2.23
CA ARG B 768 21.06 22.18 -3.50
C ARG B 768 19.60 22.26 -3.92
N LYS B 769 18.67 22.05 -2.98
CA LYS B 769 17.26 22.10 -3.34
C LYS B 769 16.79 23.51 -3.64
N TYR B 770 17.41 24.54 -3.05
CA TYR B 770 17.06 25.90 -3.46
C TYR B 770 17.62 26.22 -4.84
N GLU B 771 18.82 25.74 -5.15
CA GLU B 771 19.35 25.99 -6.49
C GLU B 771 18.52 25.30 -7.56
N MET B 772 18.16 24.03 -7.34
CA MET B 772 17.31 23.34 -8.32
C MET B 772 16.08 24.19 -8.65
N PHE B 773 15.51 24.85 -7.64
CA PHE B 773 14.45 25.82 -7.89
C PHE B 773 14.95 27.04 -8.67
N ALA B 774 16.17 27.52 -8.38
CA ALA B 774 16.63 28.77 -8.99
C ALA B 774 16.86 28.64 -10.50
N GLN B 775 17.80 27.80 -10.92
CA GLN B 775 17.83 27.58 -12.37
C GLN B 775 16.84 26.51 -12.84
N THR B 776 15.78 26.22 -12.07
CA THR B 776 14.53 25.83 -12.71
C THR B 776 13.95 26.99 -13.51
N LEU B 777 13.95 28.19 -12.93
CA LEU B 777 13.42 29.37 -13.61
C LEU B 777 14.47 30.20 -14.33
N GLN B 778 15.76 29.86 -14.22
CA GLN B 778 16.77 30.62 -14.98
C GLN B 778 16.71 30.26 -16.46
N GLN B 779 17.01 29.01 -16.81
CA GLN B 779 17.00 28.52 -18.18
C GLN B 779 17.69 29.47 -19.16
N SER B 780 19.01 29.61 -19.05
CA SER B 780 19.78 30.46 -19.94
C SER B 780 20.45 29.64 -21.03
N ARG B 781 19.79 28.57 -21.48
CA ARG B 781 20.34 27.67 -22.49
C ARG B 781 19.66 27.93 -23.83
N GLY B 782 20.20 27.30 -24.87
CA GLY B 782 19.66 27.42 -26.20
C GLY B 782 20.07 28.68 -26.92
N PHE B 783 19.50 29.81 -26.54
CA PHE B 783 19.79 31.09 -27.17
C PHE B 783 20.92 31.83 -26.48
N GLY B 784 22.06 31.16 -26.26
CA GLY B 784 23.18 31.82 -25.61
C GLY B 784 24.08 32.58 -26.55
N SER B 785 24.17 32.13 -27.80
CA SER B 785 25.01 32.78 -28.81
C SER B 785 24.12 33.11 -30.00
N PHE B 786 23.83 34.40 -30.17
CA PHE B 786 23.03 34.87 -31.30
C PHE B 786 23.78 35.96 -32.03
N ARG B 787 23.77 35.89 -33.36
CA ARG B 787 24.37 36.92 -34.21
C ARG B 787 23.33 37.44 -35.18
N PHE B 788 23.14 38.76 -35.20
CA PHE B 788 22.22 39.37 -36.13
C PHE B 788 22.83 39.42 -37.53
N PRO B 789 22.01 39.36 -38.58
CA PRO B 789 22.56 39.38 -39.95
C PRO B 789 23.27 40.69 -40.29
N SER B 790 22.59 41.81 -40.09
CA SER B 790 23.15 43.11 -40.41
C SER B 790 22.42 44.22 -39.67
N ASN C 36 -50.96 67.46 -46.04
CA ASN C 36 -50.69 67.48 -44.60
C ASN C 36 -49.56 68.44 -44.28
N ARG C 37 -49.22 69.30 -45.24
CA ARG C 37 -48.15 70.29 -45.12
C ARG C 37 -46.85 69.62 -44.66
N PRO C 38 -46.19 68.87 -45.54
CA PRO C 38 -44.95 68.17 -45.12
C PRO C 38 -43.80 69.13 -44.89
N ASN C 39 -43.89 69.94 -43.83
CA ASN C 39 -42.83 70.87 -43.46
C ASN C 39 -42.44 70.81 -42.00
N ARG C 40 -43.27 70.27 -41.11
CA ARG C 40 -42.95 70.20 -39.69
C ARG C 40 -42.35 68.84 -39.36
N LEU C 41 -41.34 68.83 -38.51
CA LEU C 41 -40.67 67.61 -38.08
C LEU C 41 -40.56 67.59 -36.56
N ILE C 42 -40.43 66.40 -36.02
CA ILE C 42 -40.31 66.24 -34.58
C ILE C 42 -38.95 66.73 -34.12
N VAL C 43 -38.82 66.95 -32.80
CA VAL C 43 -37.61 67.48 -32.20
C VAL C 43 -36.98 66.41 -31.34
N ASP C 44 -35.64 66.36 -31.35
CA ASP C 44 -34.91 65.44 -30.48
C ASP C 44 -33.67 66.14 -29.90
N GLU C 45 -32.79 65.36 -29.29
CA GLU C 45 -31.57 65.87 -28.70
C GLU C 45 -30.42 65.79 -29.71
N ALA C 46 -29.53 66.76 -29.63
CA ALA C 46 -28.37 66.83 -30.52
C ALA C 46 -27.12 66.33 -29.82
N ILE C 47 -26.39 65.44 -30.49
CA ILE C 47 -25.17 64.88 -29.92
C ILE C 47 -23.98 65.83 -30.05
N ASN C 48 -24.08 66.86 -30.89
CA ASN C 48 -22.99 67.81 -31.03
C ASN C 48 -22.84 68.66 -29.77
N GLU C 49 -21.60 68.99 -29.44
CA GLU C 49 -21.30 69.77 -28.25
C GLU C 49 -21.20 71.26 -28.53
N ASP C 50 -21.49 71.69 -29.76
CA ASP C 50 -21.43 73.09 -30.11
C ASP C 50 -22.57 73.86 -29.47
N ASN C 51 -22.43 75.19 -29.40
CA ASN C 51 -23.41 76.03 -28.73
C ASN C 51 -24.63 76.30 -29.63
N SER C 52 -24.40 76.94 -30.77
CA SER C 52 -25.49 77.27 -31.70
C SER C 52 -25.19 76.62 -33.05
N VAL C 53 -25.58 75.36 -33.18
CA VAL C 53 -25.40 74.59 -34.40
C VAL C 53 -26.63 73.72 -34.59
N VAL C 54 -27.26 73.79 -35.75
CA VAL C 54 -28.42 72.98 -36.09
C VAL C 54 -28.02 72.04 -37.23
N SER C 55 -28.14 70.74 -36.99
CA SER C 55 -27.76 69.72 -37.96
C SER C 55 -29.00 69.09 -38.56
N LEU C 56 -28.95 68.87 -39.87
CA LEU C 56 -30.06 68.29 -40.61
C LEU C 56 -29.52 67.14 -41.46
N SER C 57 -30.39 66.58 -42.29
CA SER C 57 -30.01 65.50 -43.19
C SER C 57 -29.77 66.05 -44.60
N GLN C 58 -29.23 65.20 -45.47
CA GLN C 58 -28.86 65.60 -46.82
C GLN C 58 -30.05 66.15 -47.62
N PRO C 59 -31.22 65.48 -47.64
CA PRO C 59 -32.34 66.02 -48.43
C PRO C 59 -33.15 67.06 -47.66
N LYS C 60 -32.45 68.01 -47.02
CA LYS C 60 -33.14 69.06 -46.29
C LYS C 60 -32.84 70.45 -46.82
N MET C 61 -31.56 70.78 -46.99
CA MET C 61 -31.21 72.09 -47.54
C MET C 61 -31.36 72.14 -49.05
N ASP C 62 -31.45 70.98 -49.70
CA ASP C 62 -31.65 70.95 -51.14
C ASP C 62 -33.06 71.34 -51.55
N GLU C 63 -34.02 71.33 -50.61
CA GLU C 63 -35.38 71.75 -50.90
C GLU C 63 -35.61 73.22 -50.60
N LEU C 64 -34.94 73.74 -49.56
CA LEU C 64 -35.08 75.14 -49.16
C LEU C 64 -33.96 76.01 -49.68
N GLN C 65 -33.13 75.48 -50.60
CA GLN C 65 -32.00 76.17 -51.23
C GLN C 65 -31.24 77.08 -50.27
N LEU C 66 -30.86 76.54 -49.12
CA LEU C 66 -30.09 77.28 -48.12
C LEU C 66 -28.68 76.71 -48.03
N PHE C 67 -27.71 77.60 -47.85
CA PHE C 67 -26.31 77.20 -47.78
C PHE C 67 -25.94 76.87 -46.33
N ARG C 68 -24.65 76.63 -46.08
CA ARG C 68 -24.18 76.25 -44.76
C ARG C 68 -23.98 77.44 -43.83
N GLY C 69 -24.10 78.67 -44.35
CA GLY C 69 -23.92 79.84 -43.51
C GLY C 69 -24.99 80.89 -43.72
N ASP C 70 -26.22 80.45 -44.00
CA ASP C 70 -27.34 81.33 -44.25
C ASP C 70 -28.05 81.67 -42.94
N THR C 71 -29.11 82.46 -43.04
CA THR C 71 -29.90 82.89 -41.90
C THR C 71 -31.20 82.10 -41.87
N VAL C 72 -31.50 81.48 -40.74
CA VAL C 72 -32.71 80.68 -40.58
C VAL C 72 -33.57 81.30 -39.49
N LEU C 73 -34.88 81.30 -39.74
CA LEU C 73 -35.85 81.85 -38.80
C LEU C 73 -36.81 80.75 -38.36
N LEU C 74 -36.93 80.56 -37.05
CA LEU C 74 -37.78 79.53 -36.46
C LEU C 74 -38.82 80.19 -35.55
N LYS C 75 -40.03 79.63 -35.56
CA LYS C 75 -41.12 80.12 -34.74
C LYS C 75 -41.55 79.05 -33.75
N GLY C 76 -42.58 79.38 -32.97
CA GLY C 76 -43.13 78.44 -32.00
C GLY C 76 -44.37 78.98 -31.32
N LYS C 77 -44.54 78.65 -30.04
CA LYS C 77 -45.66 79.14 -29.27
C LYS C 77 -45.36 80.55 -28.74
N LYS C 78 -46.34 81.13 -28.06
CA LYS C 78 -46.23 82.46 -27.44
C LYS C 78 -45.97 83.57 -28.46
N ARG C 79 -46.18 83.28 -29.75
CA ARG C 79 -45.98 84.25 -30.82
C ARG C 79 -44.57 84.85 -30.79
N ARG C 80 -43.59 83.95 -30.74
CA ARG C 80 -42.18 84.34 -30.69
C ARG C 80 -41.43 83.69 -31.84
N GLU C 81 -40.35 84.33 -32.26
CA GLU C 81 -39.51 83.86 -33.35
C GLU C 81 -38.13 83.52 -32.80
N ALA C 82 -37.28 83.00 -33.69
CA ALA C 82 -35.92 82.64 -33.34
C ALA C 82 -35.05 82.73 -34.57
N VAL C 83 -33.74 82.82 -34.36
CA VAL C 83 -32.78 82.88 -35.46
C VAL C 83 -31.51 82.17 -35.02
N CYS C 84 -30.97 81.34 -35.91
CA CYS C 84 -29.78 80.55 -35.61
C CYS C 84 -28.99 80.35 -36.90
N ILE C 85 -28.06 79.41 -36.88
CA ILE C 85 -27.23 79.08 -38.04
C ILE C 85 -27.39 77.59 -38.34
N VAL C 86 -27.72 77.26 -39.58
CA VAL C 86 -27.88 75.89 -40.01
C VAL C 86 -26.53 75.35 -40.44
N LEU C 87 -26.13 74.20 -39.90
CA LEU C 87 -24.90 73.52 -40.28
C LEU C 87 -25.24 72.22 -40.99
N SER C 88 -24.50 71.95 -42.08
CA SER C 88 -24.74 70.77 -42.88
C SER C 88 -23.98 69.58 -42.31
N ASP C 89 -24.65 68.43 -42.23
CA ASP C 89 -24.04 67.21 -41.75
C ASP C 89 -24.71 66.02 -42.42
N ASP C 90 -23.91 65.02 -42.78
CA ASP C 90 -24.41 63.82 -43.43
C ASP C 90 -24.06 62.56 -42.65
N THR C 91 -23.65 62.70 -41.40
CA THR C 91 -23.29 61.57 -40.55
C THR C 91 -24.22 61.38 -39.36
N CYS C 92 -25.01 62.39 -39.00
CA CYS C 92 -25.91 62.32 -37.86
C CYS C 92 -26.96 61.24 -38.04
N SER C 93 -27.81 61.39 -39.06
CA SER C 93 -28.89 60.45 -39.29
C SER C 93 -29.25 60.38 -40.77
N ASP C 94 -30.39 59.75 -41.08
CA ASP C 94 -30.88 59.63 -42.45
C ASP C 94 -31.82 60.75 -42.85
N GLU C 95 -32.85 61.04 -42.04
CA GLU C 95 -33.72 62.17 -42.29
C GLU C 95 -34.21 62.67 -40.92
N LYS C 96 -33.51 63.66 -40.38
CA LYS C 96 -33.84 64.18 -39.07
C LYS C 96 -33.14 65.52 -38.88
N ILE C 97 -33.75 66.38 -38.05
CA ILE C 97 -33.20 67.69 -37.73
C ILE C 97 -32.81 67.71 -36.26
N ARG C 98 -31.58 68.14 -35.99
CA ARG C 98 -31.07 68.30 -34.64
C ARG C 98 -31.45 69.67 -34.10
N MET C 99 -31.35 69.83 -32.78
CA MET C 99 -31.85 71.04 -32.16
C MET C 99 -31.26 71.13 -30.76
N ASN C 100 -30.74 72.30 -30.39
CA ASN C 100 -29.91 72.43 -29.20
C ASN C 100 -30.74 72.77 -27.97
N ARG C 101 -30.11 72.66 -26.80
CA ARG C 101 -30.76 72.94 -25.52
C ARG C 101 -30.80 74.42 -25.17
N VAL C 102 -29.76 75.17 -25.51
CA VAL C 102 -29.72 76.60 -25.17
C VAL C 102 -30.81 77.38 -25.86
N VAL C 103 -31.39 76.85 -26.94
CA VAL C 103 -32.48 77.52 -27.64
C VAL C 103 -33.81 76.80 -27.49
N ARG C 104 -33.83 75.54 -27.03
CA ARG C 104 -35.09 74.89 -26.71
C ARG C 104 -35.83 75.64 -25.60
N ASN C 105 -35.12 76.01 -24.54
CA ASN C 105 -35.73 76.81 -23.48
C ASN C 105 -35.95 78.25 -23.91
N ASN C 106 -35.15 78.73 -24.87
CA ASN C 106 -35.30 80.11 -25.32
C ASN C 106 -36.56 80.31 -26.15
N LEU C 107 -36.84 79.38 -27.07
CA LEU C 107 -38.04 79.47 -27.90
C LEU C 107 -39.25 78.83 -27.22
N ARG C 108 -39.05 78.25 -26.03
CA ARG C 108 -40.10 77.56 -25.27
C ARG C 108 -40.63 76.36 -26.06
N VAL C 109 -39.72 75.44 -26.36
CA VAL C 109 -40.04 74.22 -27.09
C VAL C 109 -39.70 73.04 -26.20
N ARG C 110 -40.55 72.02 -26.22
CA ARG C 110 -40.30 70.79 -25.50
C ARG C 110 -40.28 69.63 -26.50
N LEU C 111 -39.89 68.45 -26.03
CA LEU C 111 -39.73 67.30 -26.89
C LEU C 111 -41.08 66.85 -27.45
N GLY C 112 -41.02 66.14 -28.57
CA GLY C 112 -42.24 65.63 -29.19
C GLY C 112 -43.12 66.71 -29.79
N ASP C 113 -42.55 67.84 -30.18
CA ASP C 113 -43.28 68.94 -30.79
C ASP C 113 -42.88 69.11 -32.25
N VAL C 114 -43.71 69.84 -32.98
CA VAL C 114 -43.47 70.11 -34.40
C VAL C 114 -42.79 71.47 -34.53
N ILE C 115 -41.90 71.57 -35.51
CA ILE C 115 -41.18 72.81 -35.78
C ILE C 115 -41.12 73.02 -37.29
N SER C 116 -41.41 74.24 -37.72
CA SER C 116 -41.40 74.61 -39.13
C SER C 116 -40.15 75.43 -39.42
N ILE C 117 -39.45 75.08 -40.50
CA ILE C 117 -38.21 75.73 -40.88
C ILE C 117 -38.34 76.27 -42.31
N GLN C 118 -37.82 77.48 -42.50
CA GLN C 118 -37.83 78.11 -43.82
C GLN C 118 -36.63 79.06 -43.90
N PRO C 119 -36.05 79.23 -45.08
CA PRO C 119 -34.93 80.16 -45.21
C PRO C 119 -35.41 81.60 -45.09
N CYS C 120 -34.49 82.47 -44.67
CA CYS C 120 -34.77 83.89 -44.51
C CYS C 120 -33.54 84.68 -44.93
N PRO C 121 -33.38 84.94 -46.23
CA PRO C 121 -32.20 85.70 -46.72
C PRO C 121 -32.34 87.19 -46.50
N ASP C 122 -32.18 87.60 -45.24
CA ASP C 122 -32.27 89.00 -44.85
C ASP C 122 -30.92 89.47 -44.35
N VAL C 123 -30.45 90.59 -44.90
CA VAL C 123 -29.17 91.17 -44.49
C VAL C 123 -29.37 91.92 -43.18
N LYS C 124 -28.57 91.58 -42.18
CA LYS C 124 -28.66 92.18 -40.86
C LYS C 124 -27.30 92.74 -40.45
N TYR C 125 -27.34 93.77 -39.61
CA TYR C 125 -26.12 94.41 -39.15
C TYR C 125 -26.40 95.11 -37.82
N GLY C 126 -25.81 94.62 -36.75
CA GLY C 126 -25.98 95.24 -35.45
C GLY C 126 -25.17 96.52 -35.32
N LYS C 127 -25.77 97.50 -34.67
CA LYS C 127 -25.12 98.79 -34.44
C LYS C 127 -24.88 99.05 -32.96
N ARG C 128 -25.92 98.98 -32.13
CA ARG C 128 -25.80 99.20 -30.69
C ARG C 128 -26.48 98.07 -29.96
N ILE C 129 -25.83 97.58 -28.90
CA ILE C 129 -26.37 96.50 -28.07
C ILE C 129 -26.28 96.92 -26.62
N HIS C 130 -27.14 96.31 -25.80
CA HIS C 130 -27.17 96.61 -24.37
C HIS C 130 -27.71 95.36 -23.66
N VAL C 131 -26.80 94.58 -23.08
CA VAL C 131 -27.16 93.37 -22.36
C VAL C 131 -26.77 93.53 -20.90
N LEU C 132 -27.49 92.84 -20.02
CA LEU C 132 -27.24 92.88 -18.60
C LEU C 132 -27.65 91.55 -17.99
N PRO C 133 -26.95 91.08 -16.96
CA PRO C 133 -27.29 89.79 -16.36
C PRO C 133 -28.41 89.92 -15.35
N ILE C 134 -28.92 88.76 -14.92
CA ILE C 134 -29.94 88.68 -13.89
C ILE C 134 -29.25 88.58 -12.54
N ASP C 135 -29.82 89.22 -11.53
CA ASP C 135 -29.24 89.22 -10.19
C ASP C 135 -29.50 87.90 -9.47
N ASP C 136 -29.07 86.79 -10.07
CA ASP C 136 -29.23 85.48 -9.45
C ASP C 136 -27.94 84.66 -9.58
N THR C 137 -27.03 85.11 -10.44
CA THR C 137 -25.79 84.39 -10.70
C THR C 137 -24.59 85.34 -10.82
N VAL C 138 -24.68 86.52 -10.22
CA VAL C 138 -23.61 87.50 -10.30
C VAL C 138 -23.10 87.81 -8.89
N GLU C 139 -23.18 86.83 -8.00
CA GLU C 139 -22.73 87.00 -6.62
C GLU C 139 -21.22 86.92 -6.57
N GLY C 140 -20.59 87.95 -6.02
CA GLY C 140 -19.15 88.01 -5.90
C GLY C 140 -18.41 88.54 -7.11
N ILE C 141 -19.10 89.17 -8.04
CA ILE C 141 -18.49 89.70 -9.27
C ILE C 141 -18.57 91.22 -9.21
N THR C 142 -17.43 91.88 -9.37
CA THR C 142 -17.35 93.33 -9.33
C THR C 142 -16.50 93.82 -10.51
N GLY C 143 -16.61 95.12 -10.78
CA GLY C 143 -15.86 95.73 -11.86
C GLY C 143 -16.50 95.51 -13.22
N ASN C 144 -15.76 95.92 -14.24
CA ASN C 144 -16.23 95.77 -15.62
C ASN C 144 -16.24 94.30 -16.02
N LEU C 145 -17.28 93.92 -16.78
CA LEU C 145 -17.41 92.55 -17.23
C LEU C 145 -17.88 92.45 -18.68
N PHE C 146 -17.82 93.54 -19.46
CA PHE C 146 -18.27 93.52 -20.84
C PHE C 146 -17.14 93.53 -21.85
N GLU C 147 -16.03 94.20 -21.57
CA GLU C 147 -14.90 94.29 -22.49
C GLU C 147 -13.87 93.21 -22.24
N VAL C 148 -14.13 92.30 -21.30
CA VAL C 148 -13.17 91.25 -20.96
C VAL C 148 -13.69 89.84 -21.24
N TYR C 149 -14.98 89.57 -21.17
CA TYR C 149 -15.53 88.29 -21.57
C TYR C 149 -16.35 88.35 -22.85
N LEU C 150 -17.32 89.26 -22.95
CA LEU C 150 -18.20 89.30 -24.10
C LEU C 150 -17.46 89.60 -25.40
N LYS C 151 -16.55 90.59 -25.39
CA LYS C 151 -15.84 90.93 -26.62
C LYS C 151 -14.99 89.78 -27.15
N PRO C 152 -14.21 89.06 -26.33
CA PRO C 152 -13.40 87.96 -26.88
C PRO C 152 -14.21 86.84 -27.52
N TYR C 153 -15.34 86.45 -26.94
CA TYR C 153 -16.09 85.30 -27.45
C TYR C 153 -17.00 85.65 -28.62
N PHE C 154 -17.35 86.92 -28.81
CA PHE C 154 -18.23 87.26 -29.93
C PHE C 154 -17.53 87.21 -31.28
N LEU C 155 -16.24 87.56 -31.34
CA LEU C 155 -15.54 87.64 -32.61
C LEU C 155 -15.36 86.25 -33.23
N GLU C 156 -15.35 86.22 -34.56
CA GLU C 156 -15.18 85.00 -35.35
C GLU C 156 -16.29 83.99 -35.07
N ALA C 157 -17.47 84.49 -34.69
CA ALA C 157 -18.61 83.63 -34.44
C ALA C 157 -19.82 84.06 -35.27
N TYR C 158 -20.05 85.38 -35.36
CA TYR C 158 -21.16 85.95 -36.10
C TYR C 158 -22.50 85.33 -35.68
N ARG C 159 -22.64 85.12 -34.37
CA ARG C 159 -23.88 84.50 -33.91
C ARG C 159 -25.02 85.50 -33.91
N PRO C 160 -26.18 85.13 -34.43
CA PRO C 160 -27.33 86.03 -34.43
C PRO C 160 -28.02 86.05 -33.07
N ILE C 161 -28.85 87.08 -32.88
CA ILE C 161 -29.61 87.24 -31.65
C ILE C 161 -30.90 87.97 -31.98
N ARG C 162 -32.00 87.50 -31.40
CA ARG C 162 -33.30 88.11 -31.60
C ARG C 162 -33.73 88.81 -30.30
N LYS C 163 -34.79 89.61 -30.41
CA LYS C 163 -35.25 90.39 -29.27
C LYS C 163 -35.96 89.50 -28.26
N GLY C 164 -35.62 89.66 -26.99
CA GLY C 164 -36.26 88.90 -25.94
C GLY C 164 -35.79 87.45 -25.88
N ASP C 165 -34.47 87.26 -25.77
CA ASP C 165 -33.90 85.93 -25.70
C ASP C 165 -32.86 85.89 -24.58
N ILE C 166 -32.80 84.76 -23.88
CA ILE C 166 -31.84 84.57 -22.80
C ILE C 166 -30.79 83.56 -23.22
N PHE C 167 -29.69 84.05 -23.78
CA PHE C 167 -28.59 83.18 -24.19
C PHE C 167 -27.75 82.79 -22.98
N LEU C 168 -27.10 81.63 -23.08
CA LEU C 168 -26.25 81.10 -22.02
C LEU C 168 -24.86 80.89 -22.56
N VAL C 169 -23.85 81.31 -21.80
CA VAL C 169 -22.45 81.20 -22.21
C VAL C 169 -21.67 80.51 -21.10
N ARG C 170 -20.84 79.55 -21.50
CA ARG C 170 -19.98 78.83 -20.59
C ARG C 170 -18.55 79.36 -20.67
N GLY C 171 -17.92 79.47 -19.52
CA GLY C 171 -16.57 79.99 -19.42
C GLY C 171 -16.45 80.96 -18.25
N GLY C 172 -15.21 81.35 -17.97
CA GLY C 172 -14.97 82.27 -16.87
C GLY C 172 -15.12 81.65 -15.50
N MET C 173 -14.93 80.34 -15.40
CA MET C 173 -15.01 79.63 -14.11
C MET C 173 -16.40 79.78 -13.48
N ARG C 174 -17.44 79.90 -14.31
CA ARG C 174 -18.79 80.07 -13.82
C ARG C 174 -19.75 79.90 -14.99
N ALA C 175 -21.04 79.91 -14.68
CA ALA C 175 -22.11 79.82 -15.67
C ALA C 175 -23.03 81.02 -15.47
N VAL C 176 -22.89 82.00 -16.35
CA VAL C 176 -23.67 83.24 -16.26
C VAL C 176 -24.38 83.47 -17.58
N GLU C 177 -25.42 84.31 -17.53
CA GLU C 177 -26.23 84.61 -18.69
C GLU C 177 -26.54 86.11 -18.69
N PHE C 178 -27.05 86.59 -19.82
CA PHE C 178 -27.41 87.99 -19.97
C PHE C 178 -28.74 88.08 -20.70
N LYS C 179 -29.43 89.20 -20.50
CA LYS C 179 -30.74 89.43 -21.11
C LYS C 179 -30.79 90.86 -21.63
N VAL C 180 -31.31 91.02 -22.85
CA VAL C 180 -31.44 92.33 -23.47
C VAL C 180 -32.81 92.90 -23.18
N VAL C 181 -32.88 94.21 -22.95
CA VAL C 181 -34.14 94.87 -22.61
C VAL C 181 -34.42 96.00 -23.58
N GLU C 182 -33.38 96.57 -24.18
CA GLU C 182 -33.54 97.72 -25.06
C GLU C 182 -32.32 97.83 -25.96
N THR C 183 -32.54 97.69 -27.27
CA THR C 183 -31.48 97.85 -28.24
C THR C 183 -32.09 98.33 -29.56
N ASP C 184 -31.36 98.19 -30.66
CA ASP C 184 -31.88 98.57 -31.96
C ASP C 184 -33.09 97.72 -32.31
N PRO C 185 -34.04 98.27 -33.07
CA PRO C 185 -35.28 97.52 -33.37
C PRO C 185 -35.00 96.21 -34.07
N SER C 186 -35.77 95.19 -33.72
CA SER C 186 -35.58 93.86 -34.28
C SER C 186 -35.92 93.86 -35.77
N PRO C 187 -35.17 93.12 -36.59
CA PRO C 187 -33.98 92.36 -36.18
C PRO C 187 -32.71 93.18 -36.31
N TYR C 188 -31.98 92.96 -37.41
CA TYR C 188 -30.76 93.72 -37.71
C TYR C 188 -29.74 93.64 -36.56
N CYS C 189 -29.63 92.47 -35.97
CA CYS C 189 -28.72 92.23 -34.85
C CYS C 189 -27.63 91.27 -35.29
N ILE C 190 -26.44 91.82 -35.58
CA ILE C 190 -25.28 91.02 -35.96
C ILE C 190 -24.10 91.48 -35.13
N VAL C 191 -23.43 90.55 -34.47
CA VAL C 191 -22.29 90.91 -33.63
C VAL C 191 -21.11 91.33 -34.51
N ALA C 192 -20.43 92.39 -34.09
CA ALA C 192 -19.27 92.90 -34.83
C ALA C 192 -18.39 93.66 -33.85
N PRO C 193 -17.06 93.62 -34.02
CA PRO C 193 -16.19 94.35 -33.11
C PRO C 193 -16.41 95.86 -33.13
N ASP C 194 -16.95 96.41 -34.21
CA ASP C 194 -17.23 97.84 -34.29
C ASP C 194 -18.43 98.25 -33.45
N THR C 195 -19.28 97.30 -33.06
CA THR C 195 -20.46 97.62 -32.27
C THR C 195 -20.04 98.07 -30.86
N VAL C 196 -20.83 98.98 -30.30
CA VAL C 196 -20.59 99.50 -28.98
C VAL C 196 -21.60 98.91 -28.01
N ILE C 197 -21.28 98.98 -26.71
CA ILE C 197 -22.16 98.46 -25.67
C ILE C 197 -22.19 99.46 -24.52
N HIS C 198 -23.21 99.34 -23.68
CA HIS C 198 -23.38 100.23 -22.54
C HIS C 198 -24.18 99.53 -21.47
N CYS C 199 -24.09 100.07 -20.25
CA CYS C 199 -24.79 99.50 -19.10
C CYS C 199 -25.40 100.62 -18.27
N GLU C 200 -26.41 100.26 -17.48
CA GLU C 200 -27.08 101.20 -16.59
C GLU C 200 -26.69 101.01 -15.13
N GLY C 201 -26.55 99.77 -14.69
CA GLY C 201 -26.16 99.47 -13.34
C GLY C 201 -27.25 98.94 -12.42
N GLU C 202 -28.33 98.38 -12.97
CA GLU C 202 -29.43 97.86 -12.16
C GLU C 202 -29.95 96.59 -12.82
N PRO C 203 -29.53 95.43 -12.33
CA PRO C 203 -30.03 94.18 -12.91
C PRO C 203 -31.52 93.98 -12.64
N ILE C 204 -32.18 93.30 -13.56
CA ILE C 204 -33.61 93.01 -13.47
C ILE C 204 -33.80 91.53 -13.17
N LYS C 205 -34.61 91.24 -12.16
CA LYS C 205 -34.85 89.86 -11.76
C LYS C 205 -35.63 89.11 -12.84
N ARG C 206 -35.40 87.80 -12.89
CA ARG C 206 -36.09 86.95 -13.86
C ARG C 206 -37.52 86.69 -13.41
N GLU C 207 -38.33 86.20 -14.34
CA GLU C 207 -39.72 85.87 -14.09
C GLU C 207 -39.91 84.35 -14.16
N ASP C 208 -41.14 83.91 -13.98
CA ASP C 208 -41.48 82.49 -13.99
C ASP C 208 -41.77 81.96 -15.38
N GLU C 209 -41.81 82.83 -16.39
CA GLU C 209 -42.05 82.37 -17.76
C GLU C 209 -40.88 81.56 -18.30
N GLU C 210 -39.65 81.92 -17.96
CA GLU C 210 -38.47 81.23 -18.43
C GLU C 210 -37.98 80.24 -17.37
N GLU C 211 -37.12 79.32 -17.81
CA GLU C 211 -36.53 78.31 -16.96
C GLU C 211 -35.02 78.45 -16.97
N SER C 212 -34.40 78.31 -15.80
CA SER C 212 -32.96 78.42 -15.69
C SER C 212 -32.28 77.25 -16.40
N LEU C 213 -31.26 77.55 -17.19
CA LEU C 213 -30.50 76.53 -17.90
C LEU C 213 -29.39 75.93 -17.06
N ASN C 214 -29.21 76.41 -15.82
CA ASN C 214 -28.21 75.85 -14.92
C ASN C 214 -28.60 74.47 -14.39
N GLU C 215 -29.83 74.03 -14.61
CA GLU C 215 -30.29 72.74 -14.13
C GLU C 215 -29.81 71.63 -15.04
N VAL C 216 -30.25 70.40 -14.75
CA VAL C 216 -29.74 69.23 -15.45
C VAL C 216 -30.67 68.86 -16.60
N GLY C 217 -30.07 68.55 -17.75
CA GLY C 217 -30.79 68.07 -18.91
C GLY C 217 -30.16 66.82 -19.49
N TYR C 218 -30.65 66.37 -20.65
CA TYR C 218 -30.10 65.18 -21.28
C TYR C 218 -28.63 65.35 -21.67
N ASP C 219 -28.22 66.56 -22.03
CA ASP C 219 -26.84 66.80 -22.43
C ASP C 219 -25.86 66.69 -21.27
N ASP C 220 -26.36 66.64 -20.03
CA ASP C 220 -25.51 66.57 -18.85
C ASP C 220 -25.13 65.15 -18.47
N ILE C 221 -25.66 64.15 -19.18
CA ILE C 221 -25.39 62.75 -18.88
C ILE C 221 -24.23 62.31 -19.78
N GLY C 222 -23.19 61.75 -19.18
CA GLY C 222 -22.06 61.28 -19.94
C GLY C 222 -21.71 59.82 -19.67
N GLY C 223 -21.66 59.01 -20.72
CA GLY C 223 -21.30 57.62 -20.57
C GLY C 223 -22.47 56.68 -20.74
N CYS C 224 -23.62 57.07 -20.21
CA CYS C 224 -24.84 56.24 -20.29
C CYS C 224 -25.56 56.59 -21.58
N ARG C 225 -25.20 55.89 -22.66
CA ARG C 225 -25.85 56.05 -23.95
C ARG C 225 -26.88 54.96 -24.22
N LYS C 226 -26.46 53.68 -24.15
CA LYS C 226 -27.38 52.58 -24.36
C LYS C 226 -28.46 52.52 -23.28
N GLN C 227 -28.09 52.76 -22.02
CA GLN C 227 -29.06 52.73 -20.93
C GLN C 227 -30.02 53.90 -20.96
N LEU C 228 -29.53 55.11 -21.22
CA LEU C 228 -30.40 56.26 -21.34
C LEU C 228 -31.32 56.17 -22.55
N ALA C 229 -30.88 55.48 -23.61
CA ALA C 229 -31.72 55.32 -24.78
C ALA C 229 -33.00 54.54 -24.47
N GLN C 230 -32.96 53.64 -23.49
CA GLN C 230 -34.14 52.88 -23.15
C GLN C 230 -35.22 53.71 -22.48
N ILE C 231 -34.85 54.62 -21.57
CA ILE C 231 -35.84 55.42 -20.87
C ILE C 231 -36.62 56.31 -21.83
N LYS C 232 -36.01 56.69 -22.96
CA LYS C 232 -36.71 57.48 -23.96
C LYS C 232 -37.92 56.76 -24.51
N GLU C 233 -37.83 55.46 -24.77
CA GLU C 233 -38.94 54.70 -25.31
C GLU C 233 -39.83 54.10 -24.23
N MET C 234 -39.68 54.53 -22.99
CA MET C 234 -40.61 54.13 -21.93
C MET C 234 -41.28 55.28 -21.19
N VAL C 235 -40.69 56.48 -21.15
CA VAL C 235 -41.31 57.58 -20.42
C VAL C 235 -41.75 58.73 -21.32
N GLU C 236 -41.39 58.73 -22.60
CA GLU C 236 -41.82 59.79 -23.51
C GLU C 236 -43.23 59.58 -24.06
N LEU C 237 -43.74 58.35 -24.05
CA LEU C 237 -45.09 58.14 -24.56
C LEU C 237 -46.14 58.59 -23.54
N PRO C 238 -46.08 58.18 -22.27
CA PRO C 238 -47.15 58.59 -21.34
C PRO C 238 -47.06 60.04 -20.89
N LEU C 239 -45.87 60.63 -20.86
CA LEU C 239 -45.73 61.99 -20.35
C LEU C 239 -45.91 63.07 -21.42
N ARG C 240 -45.61 62.76 -22.68
CA ARG C 240 -45.76 63.75 -23.73
C ARG C 240 -47.13 63.71 -24.39
N HIS C 241 -47.81 62.56 -24.35
CA HIS C 241 -49.11 62.38 -25.01
C HIS C 241 -50.08 61.78 -24.00
N PRO C 242 -50.64 62.60 -23.11
CA PRO C 242 -51.56 62.05 -22.10
C PRO C 242 -52.92 61.65 -22.65
N ALA C 243 -53.51 62.47 -23.53
CA ALA C 243 -54.82 62.14 -24.08
C ALA C 243 -54.81 60.84 -24.86
N LEU C 244 -53.68 60.50 -25.49
CA LEU C 244 -53.60 59.24 -26.21
C LEU C 244 -53.65 58.05 -25.26
N PHE C 245 -53.07 58.19 -24.08
CA PHE C 245 -53.13 57.11 -23.09
C PHE C 245 -54.49 57.03 -22.41
N LYS C 246 -55.13 58.16 -22.12
CA LYS C 246 -56.53 58.12 -21.72
C LYS C 246 -57.49 57.91 -22.88
N ALA C 247 -56.99 57.53 -24.05
CA ALA C 247 -57.83 57.08 -25.15
C ALA C 247 -57.66 55.60 -25.46
N ILE C 248 -56.42 55.09 -25.43
CA ILE C 248 -56.14 53.69 -25.72
C ILE C 248 -56.17 52.88 -24.43
N GLY C 249 -56.27 51.56 -24.56
CA GLY C 249 -56.27 50.65 -23.43
C GLY C 249 -54.90 50.12 -23.03
N VAL C 250 -53.82 50.66 -23.58
CA VAL C 250 -52.48 50.19 -23.23
C VAL C 250 -52.14 50.67 -21.83
N LYS C 251 -51.57 49.77 -21.02
CA LYS C 251 -51.14 50.12 -19.68
C LYS C 251 -49.67 50.52 -19.69
N PRO C 252 -49.33 51.76 -19.35
CA PRO C 252 -47.93 52.16 -19.31
C PRO C 252 -47.21 51.52 -18.13
N PRO C 253 -45.89 51.46 -18.17
CA PRO C 253 -45.15 50.96 -16.99
C PRO C 253 -45.41 51.83 -15.78
N ARG C 254 -45.54 51.18 -14.62
CA ARG C 254 -45.86 51.85 -13.38
C ARG C 254 -44.66 51.94 -12.44
N GLY C 255 -43.46 51.65 -12.95
CA GLY C 255 -42.27 51.71 -12.12
C GLY C 255 -41.02 51.24 -12.83
N ILE C 256 -39.94 51.99 -12.67
CA ILE C 256 -38.66 51.70 -13.30
C ILE C 256 -37.60 51.69 -12.21
N LEU C 257 -36.80 50.63 -12.18
CA LEU C 257 -35.75 50.51 -11.17
C LEU C 257 -34.38 50.66 -11.83
N LEU C 258 -33.65 51.68 -11.41
CA LEU C 258 -32.30 51.94 -11.89
C LEU C 258 -31.29 51.25 -10.99
N TYR C 259 -30.13 50.95 -11.54
CA TYR C 259 -29.16 50.16 -10.79
C TYR C 259 -27.77 50.77 -10.82
N GLY C 260 -26.78 50.04 -10.34
CA GLY C 260 -25.40 50.49 -10.36
C GLY C 260 -24.94 50.96 -9.01
N PRO C 261 -23.62 51.04 -8.83
CA PRO C 261 -23.06 51.54 -7.57
C PRO C 261 -23.35 53.02 -7.40
N PRO C 262 -23.26 53.54 -6.17
CA PRO C 262 -23.55 54.96 -5.96
C PRO C 262 -22.62 55.85 -6.76
N GLY C 263 -23.17 56.97 -7.23
CA GLY C 263 -22.43 57.91 -8.04
C GLY C 263 -22.48 57.66 -9.53
N THR C 264 -23.10 56.56 -9.98
CA THR C 264 -23.18 56.29 -11.41
C THR C 264 -24.10 57.27 -12.12
N GLY C 265 -24.98 57.93 -11.40
CA GLY C 265 -25.82 58.95 -12.00
C GLY C 265 -27.29 58.59 -12.08
N LYS C 266 -27.78 57.84 -11.09
CA LYS C 266 -29.18 57.44 -11.07
C LYS C 266 -30.11 58.59 -10.72
N THR C 267 -29.59 59.71 -10.22
CA THR C 267 -30.45 60.79 -9.76
C THR C 267 -30.64 61.88 -10.81
N LEU C 268 -29.56 62.36 -11.42
CA LEU C 268 -29.72 63.40 -12.43
C LEU C 268 -30.37 62.87 -13.69
N ILE C 269 -30.32 61.56 -13.94
CA ILE C 269 -31.09 60.99 -15.04
C ILE C 269 -32.58 61.21 -14.82
N ALA C 270 -33.07 60.86 -13.62
CA ALA C 270 -34.46 61.08 -13.29
C ALA C 270 -34.82 62.56 -13.24
N ARG C 271 -33.91 63.41 -12.78
CA ARG C 271 -34.20 64.83 -12.78
C ARG C 271 -34.22 65.42 -14.19
N ALA C 272 -33.38 64.92 -15.09
CA ALA C 272 -33.36 65.42 -16.46
C ALA C 272 -34.58 64.96 -17.25
N VAL C 273 -34.96 63.69 -17.11
CA VAL C 273 -36.16 63.21 -17.81
C VAL C 273 -37.42 63.87 -17.29
N ALA C 274 -37.34 64.61 -16.19
CA ALA C 274 -38.44 65.42 -15.69
C ALA C 274 -38.33 66.87 -16.09
N ASN C 275 -37.13 67.44 -16.03
CA ASN C 275 -36.93 68.83 -16.42
C ASN C 275 -37.22 69.06 -17.89
N GLU C 276 -36.80 68.13 -18.76
CA GLU C 276 -37.01 68.30 -20.19
C GLU C 276 -38.34 67.73 -20.67
N THR C 277 -39.15 67.15 -19.79
CA THR C 277 -40.48 66.69 -20.15
C THR C 277 -41.59 67.48 -19.50
N GLY C 278 -41.28 68.44 -18.62
CA GLY C 278 -42.29 69.25 -18.00
C GLY C 278 -43.16 68.52 -17.00
N ALA C 279 -42.68 67.40 -16.47
CA ALA C 279 -43.40 66.62 -15.48
C ALA C 279 -42.98 67.05 -14.08
N PHE C 280 -43.96 67.07 -13.18
CA PHE C 280 -43.71 67.47 -11.80
C PHE C 280 -42.79 66.46 -11.14
N PHE C 281 -41.53 66.84 -10.94
CA PHE C 281 -40.53 65.97 -10.32
C PHE C 281 -40.63 66.13 -8.81
N PHE C 282 -40.83 65.01 -8.12
CA PHE C 282 -40.88 65.01 -6.66
C PHE C 282 -39.88 63.97 -6.16
N LEU C 283 -38.86 64.44 -5.45
CA LEU C 283 -37.79 63.57 -4.98
C LEU C 283 -37.99 63.22 -3.52
N ILE C 284 -37.93 61.93 -3.21
CA ILE C 284 -37.86 61.46 -1.84
C ILE C 284 -36.61 60.58 -1.73
N ASN C 285 -35.77 60.90 -0.74
CA ASN C 285 -34.47 60.26 -0.64
C ASN C 285 -34.60 58.82 -0.17
N GLY C 286 -35.21 58.62 1.00
CA GLY C 286 -35.36 57.31 1.57
C GLY C 286 -34.90 57.20 3.01
N PRO C 287 -33.81 57.87 3.38
CA PRO C 287 -33.47 57.98 4.81
C PRO C 287 -34.35 58.95 5.57
N GLU C 288 -34.95 59.94 4.91
CA GLU C 288 -35.83 60.87 5.64
C GLU C 288 -37.08 60.16 6.13
N ILE C 289 -37.51 59.10 5.44
CA ILE C 289 -38.65 58.32 5.91
C ILE C 289 -38.35 57.68 7.27
N MET C 290 -37.16 57.10 7.42
CA MET C 290 -36.77 56.56 8.71
C MET C 290 -36.29 57.63 9.69
N SER C 291 -36.03 58.85 9.22
CA SER C 291 -35.56 59.90 10.11
C SER C 291 -36.67 60.36 11.07
N LYS C 292 -37.91 60.41 10.60
CA LYS C 292 -38.99 60.97 11.39
C LYS C 292 -39.59 59.91 12.29
N LEU C 293 -40.48 60.35 13.19
CA LEU C 293 -41.06 59.47 14.18
C LEU C 293 -41.97 58.43 13.53
N ALA C 294 -42.14 57.30 14.21
CA ALA C 294 -42.98 56.21 13.72
C ALA C 294 -44.45 56.60 13.81
N GLY C 295 -45.07 56.76 12.66
CA GLY C 295 -46.48 57.09 12.61
C GLY C 295 -46.80 58.18 11.61
N GLU C 296 -45.88 59.13 11.43
CA GLU C 296 -46.03 60.18 10.44
C GLU C 296 -45.17 59.94 9.21
N SER C 297 -44.18 59.05 9.30
CA SER C 297 -43.37 58.71 8.13
C SER C 297 -44.24 58.06 7.06
N GLU C 298 -45.12 57.14 7.46
CA GLU C 298 -46.05 56.54 6.50
C GLU C 298 -46.96 57.59 5.89
N SER C 299 -47.49 58.50 6.71
CA SER C 299 -48.35 59.56 6.19
C SER C 299 -47.62 60.48 5.24
N ASN C 300 -46.33 60.73 5.45
CA ASN C 300 -45.61 61.68 4.61
C ASN C 300 -45.41 61.12 3.21
N LEU C 301 -44.92 59.89 3.10
CA LEU C 301 -44.77 59.32 1.76
C LEU C 301 -46.11 58.85 1.20
N ARG C 302 -47.16 58.80 2.03
CA ARG C 302 -48.49 58.66 1.48
C ARG C 302 -48.93 59.94 0.77
N LYS C 303 -48.93 61.06 1.48
CA LYS C 303 -49.35 62.32 0.90
C LYS C 303 -48.43 62.74 -0.25
N ALA C 304 -47.20 62.23 -0.27
CA ALA C 304 -46.34 62.43 -1.42
C ALA C 304 -46.98 61.91 -2.71
N PHE C 305 -47.70 60.80 -2.64
CA PHE C 305 -48.32 60.25 -3.84
C PHE C 305 -49.52 61.05 -4.30
N GLU C 306 -50.42 61.46 -3.40
CA GLU C 306 -51.54 62.30 -3.83
C GLU C 306 -51.12 63.68 -4.31
N GLU C 307 -50.13 64.31 -3.66
CA GLU C 307 -49.71 65.63 -4.16
C GLU C 307 -49.09 65.51 -5.54
N ALA C 308 -48.46 64.37 -5.85
CA ALA C 308 -47.96 64.14 -7.19
C ALA C 308 -49.07 63.90 -8.20
N GLU C 309 -50.15 63.22 -7.79
CA GLU C 309 -51.22 62.91 -8.72
C GLU C 309 -51.90 64.15 -9.28
N LYS C 310 -52.18 65.14 -8.43
CA LYS C 310 -52.87 66.33 -8.92
C LYS C 310 -51.95 67.20 -9.76
N ASN C 311 -50.64 67.00 -9.66
CA ASN C 311 -49.69 67.65 -10.56
C ASN C 311 -49.38 66.76 -11.76
N ALA C 312 -50.42 66.29 -12.43
CA ALA C 312 -50.23 65.42 -13.59
C ALA C 312 -49.84 66.25 -14.81
N PRO C 313 -48.90 65.75 -15.64
CA PRO C 313 -48.17 64.49 -15.41
C PRO C 313 -47.06 64.68 -14.39
N ALA C 314 -46.76 63.62 -13.64
CA ALA C 314 -45.80 63.70 -12.55
C ALA C 314 -44.79 62.56 -12.69
N ILE C 315 -43.74 62.65 -11.89
CA ILE C 315 -42.67 61.66 -11.88
C ILE C 315 -42.09 61.61 -10.47
N ILE C 316 -42.06 60.41 -9.89
CA ILE C 316 -41.58 60.21 -8.53
C ILE C 316 -40.32 59.37 -8.59
N PHE C 317 -39.27 59.84 -7.92
CA PHE C 317 -38.00 59.13 -7.89
C PHE C 317 -37.62 58.88 -6.44
N ILE C 318 -37.32 57.63 -6.11
CA ILE C 318 -36.92 57.23 -4.78
C ILE C 318 -35.41 56.98 -4.82
N ASP C 319 -34.65 57.83 -4.14
CA ASP C 319 -33.20 57.78 -4.26
C ASP C 319 -32.62 56.55 -3.55
N GLU C 320 -32.93 56.41 -2.27
CA GLU C 320 -32.49 55.26 -1.49
C GLU C 320 -33.66 54.30 -1.35
N LEU C 321 -33.53 53.12 -1.94
CA LEU C 321 -34.58 52.11 -1.85
C LEU C 321 -34.10 50.88 -1.08
N ASP C 322 -32.80 50.56 -1.20
CA ASP C 322 -32.24 49.48 -0.40
C ASP C 322 -32.32 49.81 1.09
N ALA C 323 -32.39 51.08 1.44
CA ALA C 323 -32.59 51.51 2.82
C ALA C 323 -34.05 51.52 3.23
N ILE C 324 -34.95 51.23 2.30
CA ILE C 324 -36.38 51.16 2.58
C ILE C 324 -36.84 49.73 2.78
N ALA C 325 -36.43 48.82 1.89
CA ALA C 325 -36.88 47.43 1.90
C ALA C 325 -35.68 46.48 1.80
N PRO C 326 -34.90 46.34 2.88
CA PRO C 326 -33.85 45.30 2.93
C PRO C 326 -34.37 43.98 3.49
N LYS C 327 -35.41 43.43 2.85
CA LYS C 327 -36.16 42.30 3.40
C LYS C 327 -35.41 41.01 3.03
N ARG C 328 -34.19 40.89 3.54
CA ARG C 328 -33.43 39.66 3.35
C ARG C 328 -32.84 39.15 4.65
N GLU C 329 -32.38 40.05 5.52
CA GLU C 329 -31.72 39.63 6.74
C GLU C 329 -32.12 40.50 7.93
N LYS C 330 -32.94 41.53 7.69
CA LYS C 330 -33.28 42.44 8.76
C LYS C 330 -34.28 41.78 9.70
N THR C 331 -35.48 41.49 9.20
CA THR C 331 -36.54 40.80 9.96
C THR C 331 -36.71 41.42 11.35
N HIS C 332 -36.46 42.72 11.45
CA HIS C 332 -36.44 43.40 12.73
C HIS C 332 -37.06 44.78 12.58
N GLY C 333 -37.97 45.12 13.49
CA GLY C 333 -38.64 46.40 13.43
C GLY C 333 -40.05 46.28 12.88
N GLU C 334 -41.03 46.53 13.75
CA GLU C 334 -42.42 46.49 13.32
C GLU C 334 -42.71 47.54 12.26
N VAL C 335 -42.13 48.73 12.39
CA VAL C 335 -42.40 49.80 11.44
C VAL C 335 -41.73 49.58 10.08
N GLU C 336 -40.65 48.80 10.04
CA GLU C 336 -40.01 48.54 8.75
C GLU C 336 -40.96 47.83 7.79
N ARG C 337 -41.58 46.74 8.24
CA ARG C 337 -42.57 46.04 7.44
C ARG C 337 -43.78 46.90 7.15
N ARG C 338 -44.21 47.72 8.09
CA ARG C 338 -45.33 48.62 7.85
C ARG C 338 -45.04 49.59 6.72
N ILE C 339 -43.84 50.20 6.71
CA ILE C 339 -43.50 51.11 5.62
C ILE C 339 -43.34 50.37 4.31
N VAL C 340 -42.73 49.17 4.34
CA VAL C 340 -42.58 48.42 3.10
C VAL C 340 -43.95 48.10 2.50
N SER C 341 -44.88 47.63 3.33
CA SER C 341 -46.22 47.34 2.85
C SER C 341 -46.95 48.63 2.43
N GLN C 342 -46.71 49.76 3.12
CA GLN C 342 -47.35 51.00 2.72
C GLN C 342 -46.90 51.42 1.33
N LEU C 343 -45.61 51.30 1.04
CA LEU C 343 -45.11 51.52 -0.31
C LEU C 343 -45.71 50.53 -1.30
N LEU C 344 -45.81 49.26 -0.92
CA LEU C 344 -46.41 48.27 -1.82
C LEU C 344 -47.86 48.62 -2.13
N THR C 345 -48.62 49.09 -1.15
CA THR C 345 -50.01 49.47 -1.41
C THR C 345 -50.09 50.73 -2.26
N LEU C 346 -49.25 51.72 -1.98
CA LEU C 346 -49.25 52.95 -2.76
C LEU C 346 -48.88 52.74 -4.22
N MET C 347 -47.99 51.79 -4.51
CA MET C 347 -47.64 51.48 -5.89
C MET C 347 -48.54 50.44 -6.53
N ASP C 348 -49.23 49.62 -5.74
CA ASP C 348 -50.17 48.66 -6.31
C ASP C 348 -51.41 49.35 -6.86
N GLY C 349 -51.87 50.39 -6.18
CA GLY C 349 -53.05 51.12 -6.61
C GLY C 349 -52.75 52.21 -7.61
N LEU C 350 -51.89 51.89 -8.59
CA LEU C 350 -51.54 52.83 -9.65
C LEU C 350 -52.36 52.49 -10.89
N LYS C 351 -53.60 52.96 -10.91
CA LYS C 351 -54.47 52.78 -12.06
C LYS C 351 -54.19 53.86 -13.10
N GLN C 352 -55.06 53.98 -14.11
CA GLN C 352 -54.83 54.97 -15.16
C GLN C 352 -54.83 56.39 -14.58
N ARG C 353 -55.99 56.83 -14.08
CA ARG C 353 -56.13 58.07 -13.33
C ARG C 353 -55.31 59.22 -13.90
N ALA C 354 -54.08 59.36 -13.41
CA ALA C 354 -53.16 60.39 -13.89
C ALA C 354 -51.82 59.75 -14.25
N HIS C 355 -50.93 60.54 -14.86
CA HIS C 355 -49.64 60.02 -15.31
C HIS C 355 -48.62 60.25 -14.20
N VAL C 356 -48.34 59.20 -13.43
CA VAL C 356 -47.29 59.21 -12.43
C VAL C 356 -46.36 58.03 -12.71
N ILE C 357 -45.07 58.31 -12.77
CA ILE C 357 -44.05 57.31 -13.00
C ILE C 357 -43.17 57.25 -11.76
N VAL C 358 -43.02 56.07 -11.18
CA VAL C 358 -42.31 55.89 -9.93
C VAL C 358 -41.00 55.19 -10.23
N MET C 359 -39.93 55.96 -10.41
CA MET C 359 -38.60 55.42 -10.58
C MET C 359 -37.91 55.29 -9.23
N ALA C 360 -36.94 54.38 -9.16
CA ALA C 360 -36.23 54.13 -7.92
C ALA C 360 -34.80 53.73 -8.23
N ALA C 361 -33.92 53.91 -7.25
CA ALA C 361 -32.51 53.61 -7.41
C ALA C 361 -32.03 52.78 -6.22
N THR C 362 -31.14 51.84 -6.53
CA THR C 362 -30.54 50.95 -5.54
C THR C 362 -29.25 50.41 -6.12
N ASN C 363 -28.46 49.72 -5.29
CA ASN C 363 -27.12 49.31 -5.70
C ASN C 363 -27.14 47.94 -6.35
N ARG C 364 -27.70 46.94 -5.69
CA ARG C 364 -27.76 45.57 -6.22
C ARG C 364 -29.19 45.18 -6.57
N PRO C 365 -29.37 44.33 -7.58
CA PRO C 365 -30.68 43.69 -7.78
C PRO C 365 -31.16 42.85 -6.60
N ASN C 366 -30.29 42.14 -5.87
CA ASN C 366 -30.83 41.30 -4.80
C ASN C 366 -31.07 42.07 -3.49
N SER C 367 -30.66 43.34 -3.40
CA SER C 367 -30.82 44.10 -2.16
C SER C 367 -32.18 44.78 -2.06
N ILE C 368 -33.18 44.27 -2.77
CA ILE C 368 -34.52 44.84 -2.81
C ILE C 368 -35.51 43.74 -2.47
N ASP C 369 -36.55 44.10 -1.73
CA ASP C 369 -37.62 43.16 -1.39
C ASP C 369 -38.18 42.54 -2.67
N PRO C 370 -38.20 41.21 -2.79
CA PRO C 370 -38.75 40.59 -4.01
C PRO C 370 -40.20 40.92 -4.25
N ALA C 371 -40.97 41.23 -3.20
CA ALA C 371 -42.35 41.63 -3.39
C ALA C 371 -42.47 42.95 -4.15
N LEU C 372 -41.40 43.73 -4.23
CA LEU C 372 -41.39 44.97 -4.98
C LEU C 372 -41.15 44.75 -6.47
N ARG C 373 -40.73 43.56 -6.87
CA ARG C 373 -40.43 43.24 -8.26
C ARG C 373 -41.61 42.62 -8.99
N ARG C 374 -42.77 42.52 -8.34
CA ARG C 374 -43.94 41.92 -8.95
C ARG C 374 -44.47 42.82 -10.06
N PHE C 375 -45.42 42.28 -10.84
CA PHE C 375 -46.03 43.04 -11.91
C PHE C 375 -46.87 44.17 -11.34
N GLY C 376 -46.77 45.34 -11.96
CA GLY C 376 -47.48 46.52 -11.50
C GLY C 376 -46.73 47.36 -10.49
N ARG C 377 -45.60 46.90 -9.96
CA ARG C 377 -44.79 47.69 -9.06
C ARG C 377 -43.43 48.04 -9.65
N PHE C 378 -42.63 47.04 -10.03
CA PHE C 378 -41.38 47.30 -10.75
C PHE C 378 -41.23 46.21 -11.81
N ASP C 379 -41.77 46.48 -13.00
CA ASP C 379 -41.67 45.54 -14.10
C ASP C 379 -40.47 45.84 -15.00
N ARG C 380 -40.20 47.12 -15.24
CA ARG C 380 -39.08 47.51 -16.07
C ARG C 380 -37.88 47.85 -15.20
N GLU C 381 -36.75 47.21 -15.50
CA GLU C 381 -35.51 47.45 -14.77
C GLU C 381 -34.40 47.75 -15.75
N VAL C 382 -33.63 48.81 -15.47
CA VAL C 382 -32.50 49.20 -16.30
C VAL C 382 -31.26 49.25 -15.41
N ASP C 383 -30.22 48.55 -15.83
CA ASP C 383 -28.97 48.47 -15.08
C ASP C 383 -27.91 49.33 -15.76
N ILE C 384 -27.32 50.24 -15.00
CA ILE C 384 -26.23 51.07 -15.49
C ILE C 384 -24.98 50.74 -14.69
N GLY C 385 -23.82 51.01 -15.30
CA GLY C 385 -22.56 50.63 -14.71
C GLY C 385 -21.48 51.66 -14.97
N ILE C 386 -20.24 51.22 -14.82
CA ILE C 386 -19.09 52.11 -14.98
C ILE C 386 -18.91 52.46 -16.45
N PRO C 387 -18.84 53.73 -16.82
CA PRO C 387 -18.59 54.09 -18.22
C PRO C 387 -17.21 53.65 -18.67
N ASP C 388 -17.10 53.32 -19.95
CA ASP C 388 -15.82 52.93 -20.53
C ASP C 388 -14.97 54.16 -20.83
N ALA C 389 -13.83 53.97 -21.49
CA ALA C 389 -12.98 55.10 -21.81
C ALA C 389 -13.70 56.09 -22.72
N THR C 390 -14.42 55.59 -23.73
CA THR C 390 -15.23 56.47 -24.56
C THR C 390 -16.35 57.12 -23.76
N GLY C 391 -17.00 56.36 -22.89
CA GLY C 391 -18.04 56.91 -22.03
C GLY C 391 -17.50 57.90 -21.02
N ARG C 392 -16.31 57.62 -20.50
CA ARG C 392 -15.68 58.53 -19.56
C ARG C 392 -15.18 59.81 -20.22
N LEU C 393 -14.75 59.76 -21.47
CA LEU C 393 -14.27 60.96 -22.13
C LEU C 393 -15.35 62.02 -22.21
N GLU C 394 -16.58 61.63 -22.58
CA GLU C 394 -17.65 62.61 -22.71
C GLU C 394 -18.15 63.09 -21.36
N ILE C 395 -17.72 62.47 -20.27
CA ILE C 395 -18.17 62.90 -18.94
C ILE C 395 -17.21 63.90 -18.31
N LEU C 396 -16.02 64.08 -18.87
CA LEU C 396 -15.09 65.07 -18.34
C LEU C 396 -15.46 66.48 -18.79
N GLN C 397 -15.60 66.69 -20.10
CA GLN C 397 -15.79 68.05 -20.61
C GLN C 397 -17.09 68.68 -20.13
N ILE C 398 -18.12 67.89 -19.85
CA ILE C 398 -19.36 68.45 -19.30
C ILE C 398 -19.13 69.07 -17.93
N HIS C 399 -18.19 68.53 -17.15
CA HIS C 399 -17.89 69.08 -15.83
C HIS C 399 -16.76 70.10 -15.84
N THR C 400 -16.08 70.31 -16.96
CA THR C 400 -15.01 71.30 -17.05
C THR C 400 -15.26 72.33 -18.14
N LYS C 401 -16.48 72.40 -18.67
CA LYS C 401 -16.78 73.44 -19.66
C LYS C 401 -16.56 74.85 -19.13
N ASN C 402 -16.69 75.07 -17.82
CA ASN C 402 -16.53 76.40 -17.26
C ASN C 402 -15.07 76.78 -17.02
N MET C 403 -14.20 75.80 -16.70
CA MET C 403 -12.80 76.10 -16.43
C MET C 403 -11.99 75.92 -17.71
N LYS C 404 -11.33 76.98 -18.13
CA LYS C 404 -10.54 76.95 -19.36
C LYS C 404 -9.30 76.08 -19.19
N LEU C 405 -8.91 75.43 -20.28
CA LEU C 405 -7.76 74.53 -20.29
C LEU C 405 -6.61 75.18 -21.05
N ALA C 406 -5.45 74.52 -20.99
CA ALA C 406 -4.27 74.95 -21.72
C ALA C 406 -4.15 74.15 -23.02
N ASP C 407 -3.23 74.59 -23.88
CA ASP C 407 -3.03 73.91 -25.16
C ASP C 407 -2.40 72.54 -25.01
N ASP C 408 -1.75 72.26 -23.87
CA ASP C 408 -1.11 70.97 -23.62
C ASP C 408 -1.92 70.08 -22.70
N VAL C 409 -3.14 70.47 -22.35
CA VAL C 409 -3.98 69.70 -21.44
C VAL C 409 -5.03 68.98 -22.28
N ASP C 410 -4.96 67.65 -22.31
CA ASP C 410 -5.89 66.82 -23.06
C ASP C 410 -6.61 65.87 -22.10
N LEU C 411 -7.93 65.86 -22.16
CA LEU C 411 -8.75 65.03 -21.29
C LEU C 411 -8.87 63.59 -21.77
N GLU C 412 -8.45 63.29 -23.00
CA GLU C 412 -8.54 61.93 -23.50
C GLU C 412 -7.55 60.99 -22.81
N GLN C 413 -6.29 61.41 -22.67
CA GLN C 413 -5.28 60.57 -22.06
C GLN C 413 -5.51 60.37 -20.57
N VAL C 414 -6.22 61.28 -19.91
CA VAL C 414 -6.46 61.13 -18.48
C VAL C 414 -7.61 60.18 -18.19
N ALA C 415 -8.45 59.89 -19.19
CA ALA C 415 -9.55 58.94 -19.04
C ALA C 415 -9.18 57.55 -19.56
N ASN C 416 -7.88 57.26 -19.66
CA ASN C 416 -7.40 55.99 -20.20
C ASN C 416 -6.85 55.07 -19.12
N GLU C 417 -5.97 55.57 -18.26
CA GLU C 417 -5.40 54.74 -17.21
C GLU C 417 -6.37 54.48 -16.06
N THR C 418 -7.46 55.24 -15.98
CA THR C 418 -8.49 55.01 -14.97
C THR C 418 -9.58 54.11 -15.55
N HIS C 419 -9.96 53.11 -14.77
CA HIS C 419 -11.00 52.18 -15.19
C HIS C 419 -12.01 51.96 -14.09
N GLY C 420 -11.60 52.21 -12.84
CA GLY C 420 -12.46 51.99 -11.70
C GLY C 420 -12.97 53.27 -11.08
N HIS C 421 -13.35 54.23 -11.92
CA HIS C 421 -13.86 55.52 -11.47
C HIS C 421 -15.34 55.62 -11.80
N VAL C 422 -16.16 55.86 -10.78
CA VAL C 422 -17.58 56.09 -10.96
C VAL C 422 -17.79 57.51 -11.47
N GLY C 423 -18.97 57.78 -12.04
CA GLY C 423 -19.22 59.08 -12.62
C GLY C 423 -19.02 60.23 -11.67
N ALA C 424 -19.34 60.03 -10.38
CA ALA C 424 -19.09 61.03 -9.36
C ALA C 424 -17.61 61.16 -9.01
N ASP C 425 -16.81 60.10 -9.23
CA ASP C 425 -15.39 60.17 -8.95
C ASP C 425 -14.71 61.24 -9.79
N LEU C 426 -14.98 61.26 -11.10
CA LEU C 426 -14.40 62.28 -11.97
C LEU C 426 -14.99 63.66 -11.72
N ALA C 427 -16.25 63.74 -11.34
CA ALA C 427 -16.83 65.03 -10.97
C ALA C 427 -16.09 65.62 -9.77
N ALA C 428 -15.79 64.79 -8.78
CA ALA C 428 -14.96 65.24 -7.66
C ALA C 428 -13.53 65.54 -8.08
N LEU C 429 -12.97 64.73 -8.99
CA LEU C 429 -11.59 64.91 -9.42
C LEU C 429 -11.37 66.24 -10.13
N CYS C 430 -12.32 66.65 -10.97
CA CYS C 430 -12.19 67.94 -11.66
C CYS C 430 -12.09 69.08 -10.67
N SER C 431 -13.03 69.14 -9.71
CA SER C 431 -12.97 70.18 -8.70
C SER C 431 -11.69 70.08 -7.88
N GLU C 432 -11.30 68.87 -7.49
CA GLU C 432 -10.09 68.70 -6.68
C GLU C 432 -8.85 69.22 -7.39
N ALA C 433 -8.74 68.98 -8.70
CA ALA C 433 -7.65 69.57 -9.47
C ALA C 433 -7.77 71.08 -9.52
N ALA C 434 -9.01 71.61 -9.52
CA ALA C 434 -9.17 73.06 -9.54
C ALA C 434 -8.59 73.73 -8.30
N LEU C 435 -8.77 73.15 -7.11
CA LEU C 435 -8.17 73.76 -5.92
C LEU C 435 -6.65 73.79 -6.00
N GLN C 436 -6.02 72.72 -6.48
CA GLN C 436 -4.57 72.77 -6.64
C GLN C 436 -4.16 73.82 -7.67
N ALA C 437 -4.90 73.92 -8.77
CA ALA C 437 -4.57 74.91 -9.79
C ALA C 437 -4.63 76.32 -9.25
N ILE C 438 -5.63 76.64 -8.41
CA ILE C 438 -5.70 77.98 -7.85
C ILE C 438 -4.78 78.17 -6.64
N ARG C 439 -4.46 77.09 -5.92
CA ARG C 439 -3.57 77.18 -4.78
C ARG C 439 -2.13 77.43 -5.18
N LYS C 440 -1.69 76.85 -6.30
CA LYS C 440 -0.32 77.07 -6.74
C LYS C 440 -0.06 78.50 -7.17
N LYS C 441 -1.10 79.33 -7.34
CA LYS C 441 -0.92 80.72 -7.72
C LYS C 441 -1.36 81.71 -6.65
N MET C 442 -2.28 81.33 -5.76
CA MET C 442 -2.69 82.28 -4.74
C MET C 442 -1.58 82.60 -3.75
N ASP C 443 -0.63 81.67 -3.55
CA ASP C 443 0.49 81.94 -2.66
C ASP C 443 1.35 83.09 -3.16
N LEU C 444 1.57 83.18 -4.47
CA LEU C 444 2.37 84.25 -5.03
C LEU C 444 1.55 85.50 -5.35
N ILE C 445 0.26 85.35 -5.67
CA ILE C 445 -0.57 86.52 -5.94
C ILE C 445 -0.75 87.36 -4.68
N ASP C 446 -1.10 86.70 -3.57
CA ASP C 446 -1.25 87.36 -2.28
C ASP C 446 -2.23 88.53 -2.34
N LEU C 447 -3.46 88.25 -2.75
CA LEU C 447 -4.52 89.25 -2.83
C LEU C 447 -5.59 88.90 -1.81
N GLU C 448 -5.42 89.40 -0.59
CA GLU C 448 -6.37 89.17 0.50
C GLU C 448 -7.26 90.40 0.63
N ASP C 449 -8.55 90.21 0.41
CA ASP C 449 -9.52 91.30 0.50
C ASP C 449 -10.90 90.70 0.71
N GLU C 450 -11.87 91.56 1.00
CA GLU C 450 -13.24 91.12 1.22
C GLU C 450 -13.87 90.60 -0.07
N THR C 451 -13.93 91.44 -1.09
CA THR C 451 -14.49 91.05 -2.37
C THR C 451 -13.38 90.75 -3.37
N ILE C 452 -13.50 89.61 -4.04
CA ILE C 452 -12.49 89.13 -4.98
C ILE C 452 -12.86 89.66 -6.37
N ASP C 453 -11.89 90.30 -7.02
CA ASP C 453 -12.12 90.88 -8.34
C ASP C 453 -12.34 89.78 -9.38
N ALA C 454 -13.19 90.08 -10.36
CA ALA C 454 -13.54 89.15 -11.41
C ALA C 454 -12.57 89.17 -12.59
N GLU C 455 -11.52 89.98 -12.51
CA GLU C 455 -10.54 90.10 -13.57
C GLU C 455 -9.42 89.08 -13.46
N VAL C 456 -9.52 88.13 -12.55
CA VAL C 456 -8.50 87.11 -12.38
C VAL C 456 -8.97 85.72 -12.77
N MET C 457 -10.28 85.43 -12.73
CA MET C 457 -10.76 84.12 -13.18
C MET C 457 -10.44 83.85 -14.64
N ASN C 458 -10.35 84.89 -15.47
CA ASN C 458 -9.98 84.73 -16.87
C ASN C 458 -8.59 84.15 -17.04
N SER C 459 -7.71 84.35 -16.06
CA SER C 459 -6.35 83.82 -16.09
C SER C 459 -6.21 82.47 -15.41
N LEU C 460 -7.28 81.95 -14.82
CA LEU C 460 -7.22 80.66 -14.14
C LEU C 460 -7.29 79.55 -15.18
N ALA C 461 -6.12 79.08 -15.59
CA ALA C 461 -6.00 77.99 -16.56
C ALA C 461 -5.40 76.78 -15.86
N VAL C 462 -6.09 75.65 -15.95
CA VAL C 462 -5.60 74.42 -15.34
C VAL C 462 -4.43 73.88 -16.16
N THR C 463 -3.49 73.24 -15.46
CA THR C 463 -2.32 72.65 -16.09
C THR C 463 -2.41 71.13 -16.01
N MET C 464 -1.52 70.47 -16.76
CA MET C 464 -1.51 69.02 -16.75
C MET C 464 -1.01 68.47 -15.42
N ASP C 465 -0.04 69.15 -14.81
CA ASP C 465 0.44 68.76 -13.49
C ASP C 465 -0.64 68.86 -12.43
N ASP C 466 -1.65 69.73 -12.65
CA ASP C 466 -2.78 69.75 -11.73
C ASP C 466 -3.53 68.42 -11.75
N PHE C 467 -3.54 67.76 -12.90
CA PHE C 467 -4.20 66.47 -13.05
C PHE C 467 -3.29 65.30 -12.68
N ARG C 468 -1.98 65.44 -12.85
CA ARG C 468 -1.09 64.35 -12.43
C ARG C 468 -1.23 64.05 -10.94
N TRP C 469 -1.32 65.10 -10.11
CA TRP C 469 -1.52 64.89 -8.68
C TRP C 469 -2.93 64.39 -8.38
N ALA C 470 -3.88 64.67 -9.27
CA ALA C 470 -5.28 64.30 -9.06
C ALA C 470 -5.51 62.80 -9.05
N LEU C 471 -4.74 62.03 -9.83
CA LEU C 471 -4.88 60.59 -9.89
C LEU C 471 -4.01 59.86 -8.89
N SER C 472 -3.33 60.60 -8.00
CA SER C 472 -2.45 59.99 -7.02
C SER C 472 -3.10 59.84 -5.66
N GLN C 473 -3.59 60.92 -5.08
CA GLN C 473 -4.20 60.86 -3.77
C GLN C 473 -5.69 60.51 -3.80
N SER C 474 -6.32 60.52 -4.97
CA SER C 474 -7.73 60.20 -5.08
C SER C 474 -7.92 58.69 -4.99
N ASN C 475 -8.70 58.24 -4.01
CA ASN C 475 -8.96 56.83 -3.82
C ASN C 475 -10.35 56.51 -4.32
N PRO C 476 -10.48 55.85 -5.47
CA PRO C 476 -11.82 55.58 -6.02
C PRO C 476 -12.55 54.53 -5.20
N SER C 477 -13.87 54.53 -5.35
CA SER C 477 -14.74 53.65 -4.57
C SER C 477 -14.99 52.33 -5.30
N ALA C 478 -15.54 52.39 -6.51
CA ALA C 478 -15.91 51.19 -7.26
C ALA C 478 -14.67 50.64 -7.95
N LEU C 479 -14.04 49.64 -7.34
CA LEU C 479 -12.88 48.97 -7.94
C LEU C 479 -13.09 47.48 -8.17
N ARG C 480 -13.83 46.79 -7.32
CA ARG C 480 -14.03 45.34 -7.44
C ARG C 480 -15.51 45.11 -7.80
N GLU C 481 -15.78 45.16 -9.09
CA GLU C 481 -17.12 44.94 -9.61
C GLU C 481 -17.00 44.35 -11.02
N THR C 482 -18.15 43.98 -11.59
CA THR C 482 -18.17 43.41 -12.92
C THR C 482 -18.04 44.52 -13.95
N VAL C 483 -16.89 44.59 -14.63
CA VAL C 483 -16.64 45.59 -15.66
C VAL C 483 -17.27 45.08 -16.95
N VAL C 484 -18.33 45.75 -17.41
CA VAL C 484 -19.02 45.34 -18.63
C VAL C 484 -18.79 46.39 -19.70
N GLU C 485 -17.75 46.20 -20.50
CA GLU C 485 -17.38 47.16 -21.54
C GLU C 485 -17.05 46.41 -22.82
N VAL C 486 -17.21 47.10 -23.94
CA VAL C 486 -16.90 46.57 -25.27
C VAL C 486 -15.38 46.69 -25.46
N PRO C 487 -14.68 45.61 -25.79
CA PRO C 487 -13.22 45.68 -25.92
C PRO C 487 -12.80 46.49 -27.15
N GLN C 488 -11.50 46.75 -27.22
CA GLN C 488 -10.92 47.52 -28.31
C GLN C 488 -9.98 46.69 -29.18
N VAL C 489 -9.86 45.40 -28.92
CA VAL C 489 -8.96 44.51 -29.65
C VAL C 489 -9.77 43.80 -30.72
N THR C 490 -9.32 43.91 -31.97
CA THR C 490 -10.01 43.38 -33.14
C THR C 490 -9.21 42.19 -33.68
N TRP C 491 -9.78 41.47 -34.64
CA TRP C 491 -9.08 40.39 -35.32
C TRP C 491 -7.91 40.87 -36.17
N GLU C 492 -7.97 42.10 -36.67
CA GLU C 492 -6.90 42.61 -37.51
C GLU C 492 -5.58 42.69 -36.75
N ASP C 493 -5.61 43.17 -35.50
CA ASP C 493 -4.39 43.27 -34.72
C ASP C 493 -3.89 41.92 -34.24
N ILE C 494 -4.69 40.86 -34.38
CA ILE C 494 -4.24 39.50 -34.09
C ILE C 494 -3.80 38.86 -35.40
N GLY C 495 -2.51 38.55 -35.50
CA GLY C 495 -2.01 37.86 -36.66
C GLY C 495 -2.16 36.35 -36.52
N GLY C 496 -2.28 35.69 -37.66
CA GLY C 496 -2.34 34.23 -37.64
C GLY C 496 -3.60 33.72 -36.97
N LEU C 497 -3.52 32.48 -36.49
CA LEU C 497 -4.64 31.79 -35.85
C LEU C 497 -5.86 31.76 -36.77
N GLU C 498 -5.59 31.51 -38.05
CA GLU C 498 -6.65 31.37 -39.03
C GLU C 498 -7.55 30.17 -38.75
N ASP C 499 -7.00 29.11 -38.17
CA ASP C 499 -7.81 27.95 -37.82
C ASP C 499 -8.87 28.31 -36.78
N VAL C 500 -8.51 29.08 -35.76
CA VAL C 500 -9.47 29.52 -34.76
C VAL C 500 -10.33 30.68 -35.23
N LYS C 501 -9.77 31.60 -36.01
CA LYS C 501 -10.55 32.69 -36.59
C LYS C 501 -11.72 32.20 -37.41
N ARG C 502 -11.53 31.13 -38.18
CA ARG C 502 -12.57 30.61 -39.07
C ARG C 502 -13.69 29.92 -38.32
N GLU C 503 -13.38 29.22 -37.23
CA GLU C 503 -14.43 28.52 -36.50
C GLU C 503 -15.16 29.45 -35.53
N LEU C 504 -14.43 30.38 -34.89
CA LEU C 504 -15.10 31.35 -34.03
C LEU C 504 -16.02 32.27 -34.81
N GLN C 505 -15.63 32.68 -36.01
CA GLN C 505 -16.46 33.52 -36.85
C GLN C 505 -17.70 32.81 -37.36
N GLU C 506 -17.66 31.49 -37.47
CA GLU C 506 -18.81 30.71 -37.92
C GLU C 506 -19.62 30.12 -36.79
N LEU C 507 -19.32 30.49 -35.55
CA LEU C 507 -19.95 29.88 -34.39
C LEU C 507 -20.68 30.88 -33.52
N VAL C 508 -20.17 32.12 -33.41
CA VAL C 508 -20.86 33.16 -32.67
C VAL C 508 -21.17 34.38 -33.53
N GLN C 509 -20.38 34.66 -34.56
CA GLN C 509 -20.67 35.80 -35.42
C GLN C 509 -21.85 35.54 -36.35
N TYR C 510 -21.98 34.32 -36.87
CA TYR C 510 -23.07 34.02 -37.79
C TYR C 510 -24.45 34.22 -37.15
N PRO C 511 -24.74 33.69 -35.96
CA PRO C 511 -26.06 33.94 -35.36
C PRO C 511 -26.31 35.39 -35.00
N VAL C 512 -25.28 36.21 -34.88
CA VAL C 512 -25.45 37.62 -34.54
C VAL C 512 -25.69 38.46 -35.79
N GLU C 513 -24.85 38.30 -36.82
CA GLU C 513 -24.98 39.12 -38.02
C GLU C 513 -25.98 38.56 -39.02
N HIS C 514 -26.30 37.26 -38.96
CA HIS C 514 -27.28 36.65 -39.86
C HIS C 514 -28.29 35.82 -39.07
N PRO C 515 -29.16 36.46 -38.27
CA PRO C 515 -30.22 35.69 -37.59
C PRO C 515 -31.12 34.93 -38.54
N ASP C 516 -31.48 35.51 -39.69
CA ASP C 516 -32.46 34.92 -40.59
C ASP C 516 -32.00 33.61 -41.22
N LYS C 517 -30.70 33.48 -41.54
CA LYS C 517 -30.21 32.27 -42.17
C LYS C 517 -30.25 31.07 -41.23
N PHE C 518 -30.47 31.31 -39.94
CA PHE C 518 -30.58 30.20 -38.99
C PHE C 518 -32.00 29.69 -38.87
N LEU C 519 -32.98 30.60 -38.83
CA LEU C 519 -34.38 30.17 -38.92
C LEU C 519 -34.71 29.60 -40.29
N LYS C 520 -34.03 30.06 -41.35
CA LYS C 520 -34.27 29.47 -42.67
C LYS C 520 -33.80 28.03 -42.72
N PHE C 521 -32.67 27.73 -42.08
CA PHE C 521 -32.13 26.38 -42.06
C PHE C 521 -32.58 25.58 -40.86
N GLY C 522 -33.34 26.18 -39.95
CA GLY C 522 -33.86 25.45 -38.80
C GLY C 522 -32.83 24.91 -37.86
N MET C 523 -31.73 25.63 -37.65
CA MET C 523 -30.66 25.20 -36.75
C MET C 523 -30.52 26.20 -35.62
N THR C 524 -30.57 25.71 -34.39
CA THR C 524 -30.36 26.58 -33.23
C THR C 524 -28.88 26.87 -33.06
N PRO C 525 -28.53 28.10 -32.69
CA PRO C 525 -27.12 28.42 -32.45
C PRO C 525 -26.60 27.72 -31.21
N SER C 526 -25.28 27.51 -31.20
CA SER C 526 -24.63 26.90 -30.05
C SER C 526 -24.66 27.87 -28.87
N LYS C 527 -24.79 27.31 -27.66
CA LYS C 527 -24.85 28.11 -26.45
C LYS C 527 -23.51 28.64 -25.98
N GLY C 528 -22.42 27.91 -26.22
CA GLY C 528 -21.13 28.36 -25.76
C GLY C 528 -20.04 27.43 -26.23
N VAL C 529 -18.80 27.93 -26.15
CA VAL C 529 -17.61 27.20 -26.56
C VAL C 529 -16.57 27.35 -25.46
N LEU C 530 -15.96 26.24 -25.07
CA LEU C 530 -14.82 26.25 -24.16
C LEU C 530 -13.56 25.93 -24.96
N PHE C 531 -12.55 26.79 -24.86
CA PHE C 531 -11.29 26.47 -25.48
C PHE C 531 -10.21 26.24 -24.42
N TYR C 532 -9.21 25.47 -24.82
CA TYR C 532 -8.15 25.02 -23.93
C TYR C 532 -6.83 25.23 -24.64
N GLY C 533 -5.77 25.39 -23.85
CA GLY C 533 -4.46 25.63 -24.37
C GLY C 533 -3.44 25.85 -23.28
N PRO C 534 -2.16 25.84 -23.64
CA PRO C 534 -1.11 26.10 -22.66
C PRO C 534 -1.23 27.51 -22.10
N PRO C 535 -0.81 27.72 -20.86
CA PRO C 535 -1.00 29.04 -20.24
C PRO C 535 -0.22 30.13 -20.96
N GLY C 536 -0.75 31.35 -20.89
CA GLY C 536 -0.12 32.49 -21.51
C GLY C 536 -0.10 32.45 -23.02
N CYS C 537 -1.22 32.08 -23.64
CA CYS C 537 -1.30 32.06 -25.09
C CYS C 537 -2.37 32.98 -25.66
N GLY C 538 -3.11 33.71 -24.84
CA GLY C 538 -4.03 34.71 -25.34
C GLY C 538 -5.46 34.26 -25.46
N LYS C 539 -5.89 33.34 -24.57
CA LYS C 539 -7.27 32.90 -24.59
C LYS C 539 -8.23 34.05 -24.27
N THR C 540 -7.90 34.87 -23.27
CA THR C 540 -8.72 36.04 -22.97
C THR C 540 -8.74 37.04 -24.09
N LEU C 541 -7.60 37.29 -24.74
CA LEU C 541 -7.56 38.19 -25.88
C LEU C 541 -8.37 37.67 -27.05
N LEU C 542 -8.35 36.35 -27.30
CA LEU C 542 -9.14 35.80 -28.38
C LEU C 542 -10.63 36.02 -28.13
N ALA C 543 -11.08 35.77 -26.90
CA ALA C 543 -12.47 36.02 -26.54
C ALA C 543 -12.83 37.48 -26.65
N LYS C 544 -11.92 38.38 -26.26
CA LYS C 544 -12.16 39.81 -26.43
C LYS C 544 -12.29 40.18 -27.90
N ALA C 545 -11.42 39.64 -28.75
CA ALA C 545 -11.45 39.95 -30.18
C ALA C 545 -12.74 39.50 -30.84
N ILE C 546 -13.22 38.30 -30.51
CA ILE C 546 -14.48 37.82 -31.08
C ILE C 546 -15.67 38.63 -30.59
N ALA C 547 -15.54 39.33 -29.46
CA ALA C 547 -16.59 40.23 -29.01
C ALA C 547 -16.65 41.50 -29.84
N ASN C 548 -15.49 42.03 -30.25
CA ASN C 548 -15.47 43.20 -31.12
C ASN C 548 -16.00 42.91 -32.51
N GLU C 549 -15.76 41.70 -33.03
CA GLU C 549 -16.25 41.35 -34.35
C GLU C 549 -17.77 41.35 -34.39
N CYS C 550 -18.41 40.88 -33.33
CA CYS C 550 -19.85 40.86 -33.22
C CYS C 550 -20.42 42.14 -32.62
N GLN C 551 -19.55 43.10 -32.28
CA GLN C 551 -19.96 44.33 -31.61
C GLN C 551 -20.79 44.02 -30.36
N ALA C 552 -20.29 43.10 -29.54
CA ALA C 552 -21.02 42.64 -28.37
C ALA C 552 -20.26 43.02 -27.12
N ASN C 553 -20.97 43.08 -26.01
CA ASN C 553 -20.36 43.43 -24.72
C ASN C 553 -19.53 42.24 -24.24
N PHE C 554 -18.63 42.49 -23.30
CA PHE C 554 -17.73 41.45 -22.82
C PHE C 554 -17.69 41.48 -21.30
N ILE C 555 -17.87 40.32 -20.68
CA ILE C 555 -17.81 40.16 -19.24
C ILE C 555 -16.78 39.08 -18.93
N SER C 556 -15.79 39.42 -18.11
CA SER C 556 -14.71 38.50 -17.77
C SER C 556 -14.82 38.12 -16.29
N ILE C 557 -14.81 36.82 -16.02
CA ILE C 557 -14.83 36.29 -14.66
C ILE C 557 -13.57 35.48 -14.46
N LYS C 558 -12.62 36.03 -13.70
CA LYS C 558 -11.34 35.37 -13.50
C LYS C 558 -11.48 34.28 -12.45
N GLY C 559 -10.40 33.55 -12.20
CA GLY C 559 -10.39 32.46 -11.27
C GLY C 559 -10.70 32.83 -9.83
N PRO C 560 -10.07 33.88 -9.30
CA PRO C 560 -10.35 34.27 -7.90
C PRO C 560 -11.82 34.56 -7.62
N GLU C 561 -12.54 35.22 -8.53
CA GLU C 561 -13.96 35.45 -8.29
C GLU C 561 -14.77 34.17 -8.27
N LEU C 562 -14.38 33.16 -9.05
CA LEU C 562 -15.02 31.87 -9.02
C LEU C 562 -14.70 31.05 -7.78
N LEU C 563 -13.46 31.13 -7.29
CA LEU C 563 -13.04 30.38 -6.13
C LEU C 563 -13.40 31.05 -4.82
N THR C 564 -13.72 32.35 -4.84
CA THR C 564 -14.13 33.05 -3.62
C THR C 564 -15.46 32.52 -3.11
N MET C 565 -16.43 32.32 -4.00
CA MET C 565 -17.73 31.81 -3.58
C MET C 565 -17.68 30.33 -3.24
N TRP C 566 -16.68 29.60 -3.74
CA TRP C 566 -16.53 28.21 -3.33
C TRP C 566 -16.10 28.10 -1.87
N PHE C 567 -15.09 28.87 -1.48
CA PHE C 567 -14.66 28.88 -0.08
C PHE C 567 -15.68 29.54 0.83
N GLY C 568 -16.33 30.60 0.37
CA GLY C 568 -17.23 31.37 1.19
C GLY C 568 -18.61 30.79 1.39
N GLU C 569 -18.95 29.71 0.68
CA GLU C 569 -20.26 29.07 0.78
C GLU C 569 -21.39 30.06 0.51
N SER C 570 -21.10 31.05 -0.33
CA SER C 570 -22.05 32.10 -0.69
C SER C 570 -22.22 32.02 -2.20
N GLU C 571 -23.29 31.36 -2.64
CA GLU C 571 -23.42 30.95 -4.04
C GLU C 571 -24.52 31.68 -4.77
N ALA C 572 -25.00 32.80 -4.24
CA ALA C 572 -25.92 33.67 -4.97
C ALA C 572 -25.20 34.58 -5.93
N ASN C 573 -23.86 34.56 -5.94
CA ASN C 573 -23.09 35.49 -6.76
C ASN C 573 -23.20 35.19 -8.24
N VAL C 574 -23.29 33.91 -8.63
CA VAL C 574 -23.50 33.57 -10.04
C VAL C 574 -24.86 34.03 -10.53
N ARG C 575 -25.83 34.20 -9.64
CA ARG C 575 -27.15 34.69 -10.04
C ARG C 575 -27.05 36.06 -10.69
N GLU C 576 -26.42 37.02 -10.02
CA GLU C 576 -26.27 38.35 -10.60
C GLU C 576 -25.33 38.36 -11.80
N ILE C 577 -24.32 37.49 -11.81
CA ILE C 577 -23.44 37.40 -12.97
C ILE C 577 -24.24 37.05 -14.22
N PHE C 578 -25.04 35.98 -14.14
CA PHE C 578 -25.86 35.58 -15.28
C PHE C 578 -27.00 36.55 -15.54
N ASP C 579 -27.49 37.25 -14.52
CA ASP C 579 -28.54 38.24 -14.73
C ASP C 579 -28.03 39.44 -15.50
N LYS C 580 -26.88 39.97 -15.11
CA LYS C 580 -26.31 41.13 -15.81
C LYS C 580 -25.64 40.75 -17.11
N ALA C 581 -25.32 39.47 -17.32
CA ALA C 581 -24.86 39.03 -18.63
C ALA C 581 -25.98 38.96 -19.66
N ARG C 582 -27.22 38.73 -19.22
CA ARG C 582 -28.34 38.60 -20.15
C ARG C 582 -29.06 39.91 -20.42
N GLN C 583 -29.01 40.87 -19.49
CA GLN C 583 -29.66 42.15 -19.74
C GLN C 583 -28.87 43.01 -20.70
N ALA C 584 -27.57 42.77 -20.83
CA ALA C 584 -26.72 43.54 -21.74
C ALA C 584 -26.63 42.85 -23.10
N ALA C 585 -27.79 42.53 -23.66
CA ALA C 585 -27.83 41.87 -24.94
C ALA C 585 -27.51 42.87 -26.06
N PRO C 586 -26.55 42.54 -26.94
CA PRO C 586 -25.79 41.30 -26.94
C PRO C 586 -24.49 41.34 -26.14
N CYS C 587 -24.18 40.23 -25.48
CA CYS C 587 -23.03 40.17 -24.59
C CYS C 587 -22.29 38.87 -24.83
N VAL C 588 -21.11 38.75 -24.21
CA VAL C 588 -20.33 37.52 -24.24
C VAL C 588 -19.81 37.29 -22.83
N LEU C 589 -20.02 36.09 -22.32
CA LEU C 589 -19.61 35.74 -20.97
C LEU C 589 -18.37 34.88 -21.04
N PHE C 590 -17.33 35.29 -20.34
CA PHE C 590 -16.04 34.61 -20.40
C PHE C 590 -15.63 34.16 -19.01
N PHE C 591 -15.36 32.87 -18.88
CA PHE C 591 -14.95 32.27 -17.62
C PHE C 591 -13.48 31.88 -17.73
N ASP C 592 -12.63 32.56 -16.98
CA ASP C 592 -11.20 32.31 -17.01
C ASP C 592 -10.84 31.24 -15.99
N GLU C 593 -9.87 30.40 -16.36
CA GLU C 593 -9.39 29.28 -15.56
C GLU C 593 -10.53 28.56 -14.84
N LEU C 594 -11.45 27.99 -15.61
CA LEU C 594 -12.58 27.25 -15.06
C LEU C 594 -12.15 26.09 -14.18
N ASP C 595 -10.95 25.55 -14.37
CA ASP C 595 -10.45 24.42 -13.61
C ASP C 595 -9.91 24.83 -12.24
N SER C 596 -10.12 26.07 -11.82
CA SER C 596 -9.57 26.53 -10.54
C SER C 596 -10.16 25.74 -9.38
N ILE C 597 -11.47 25.50 -9.39
CA ILE C 597 -12.09 24.73 -8.32
C ILE C 597 -11.58 23.30 -8.31
N ALA C 598 -11.42 22.69 -9.49
CA ALA C 598 -10.90 21.33 -9.56
C ALA C 598 -9.47 21.26 -9.02
N LYS C 599 -8.63 22.24 -9.35
CA LYS C 599 -7.29 22.27 -8.79
C LYS C 599 -7.31 22.47 -7.28
N ALA C 600 -8.18 23.35 -6.78
CA ALA C 600 -8.29 23.55 -5.34
C ALA C 600 -8.79 22.32 -4.61
N ARG C 601 -9.61 21.49 -5.26
CA ARG C 601 -10.11 20.28 -4.65
C ARG C 601 -9.21 19.06 -4.87
N GLY C 602 -8.28 19.14 -5.81
CA GLY C 602 -7.35 18.04 -6.04
C GLY C 602 -7.16 17.71 -7.51
N GLY C 603 -8.21 17.87 -8.31
CA GLY C 603 -8.12 17.63 -9.73
C GLY C 603 -8.80 16.36 -10.20
N ASN C 604 -8.04 15.46 -10.82
CA ASN C 604 -8.61 14.24 -11.38
C ASN C 604 -9.15 13.32 -10.30
N ILE C 605 -8.43 13.15 -9.20
CA ILE C 605 -8.87 12.29 -8.12
C ILE C 605 -9.17 13.12 -6.88
N GLY C 606 -8.14 13.79 -6.35
CA GLY C 606 -8.30 14.63 -5.18
C GLY C 606 -8.82 13.87 -3.97
N ASP C 607 -10.05 14.17 -3.56
CA ASP C 607 -10.67 13.47 -2.44
C ASP C 607 -11.45 12.26 -2.94
N GLY C 608 -12.27 11.67 -2.07
CA GLY C 608 -13.08 10.54 -2.48
C GLY C 608 -14.12 10.89 -3.52
N GLY C 609 -14.49 12.16 -3.60
CA GLY C 609 -15.49 12.60 -4.56
C GLY C 609 -14.94 12.67 -5.98
N GLY C 610 -15.85 12.96 -6.91
CA GLY C 610 -15.48 13.02 -8.32
C GLY C 610 -15.00 14.38 -8.75
N ALA C 611 -15.53 14.88 -9.86
CA ALA C 611 -15.14 16.17 -10.41
C ALA C 611 -16.28 17.17 -10.36
N ALA C 612 -17.34 16.85 -9.62
CA ALA C 612 -18.50 17.71 -9.51
C ALA C 612 -18.46 18.50 -8.21
N ASP C 613 -18.73 19.80 -8.30
CA ASP C 613 -18.81 20.64 -7.12
C ASP C 613 -20.05 21.53 -7.20
N ARG C 614 -20.17 22.47 -6.28
CA ARG C 614 -21.35 23.31 -6.19
C ARG C 614 -21.34 24.50 -7.15
N VAL C 615 -20.21 25.19 -7.31
CA VAL C 615 -20.17 26.37 -8.16
C VAL C 615 -20.38 26.01 -9.63
N ILE C 616 -19.71 24.97 -10.11
CA ILE C 616 -19.95 24.52 -11.48
C ILE C 616 -21.39 24.06 -11.64
N ASN C 617 -21.98 23.46 -10.59
CA ASN C 617 -23.39 23.09 -10.63
C ASN C 617 -24.28 24.32 -10.82
N GLN C 618 -23.99 25.41 -10.12
CA GLN C 618 -24.78 26.62 -10.30
C GLN C 618 -24.64 27.18 -11.71
N ILE C 619 -23.43 27.15 -12.27
CA ILE C 619 -23.22 27.60 -13.65
C ILE C 619 -24.01 26.72 -14.61
N LEU C 620 -24.00 25.41 -14.40
CA LEU C 620 -24.79 24.51 -15.24
C LEU C 620 -26.27 24.83 -15.16
N THR C 621 -26.78 25.04 -13.94
CA THR C 621 -28.20 25.37 -13.78
C THR C 621 -28.55 26.68 -14.48
N GLU C 622 -27.69 27.69 -14.36
CA GLU C 622 -27.97 28.97 -15.00
C GLU C 622 -27.89 28.88 -16.52
N MET C 623 -26.95 28.10 -17.05
CA MET C 623 -26.83 27.92 -18.48
C MET C 623 -27.96 27.09 -19.07
N ASP C 624 -28.49 26.12 -18.32
CA ASP C 624 -29.58 25.32 -18.82
C ASP C 624 -30.86 26.14 -18.99
N GLY C 625 -31.06 27.13 -18.13
CA GLY C 625 -32.26 27.95 -18.15
C GLY C 625 -32.21 29.15 -19.05
N MET C 626 -31.13 29.35 -19.81
CA MET C 626 -31.05 30.50 -20.69
C MET C 626 -31.83 30.26 -21.97
N SER C 627 -32.15 31.36 -22.66
CA SER C 627 -32.88 31.31 -23.91
C SER C 627 -31.91 31.34 -25.09
N THR C 628 -32.09 30.41 -26.01
CA THR C 628 -31.22 30.32 -27.18
C THR C 628 -31.41 31.48 -28.16
N LYS C 629 -32.58 32.11 -28.17
CA LYS C 629 -32.83 33.22 -29.08
C LYS C 629 -32.09 34.48 -28.66
N LYS C 630 -31.68 34.59 -27.40
CA LYS C 630 -30.85 35.69 -26.97
C LYS C 630 -29.43 35.53 -27.50
N ASN C 631 -28.71 36.65 -27.56
CA ASN C 631 -27.37 36.68 -28.13
C ASN C 631 -26.28 36.58 -27.06
N VAL C 632 -26.64 36.22 -25.83
CA VAL C 632 -25.65 36.01 -24.78
C VAL C 632 -24.85 34.75 -25.13
N PHE C 633 -23.57 34.77 -24.85
CA PHE C 633 -22.67 33.68 -25.21
C PHE C 633 -21.67 33.45 -24.10
N ILE C 634 -21.43 32.18 -23.78
CA ILE C 634 -20.54 31.80 -22.68
C ILE C 634 -19.29 31.17 -23.27
N ILE C 635 -18.13 31.67 -22.85
CA ILE C 635 -16.86 31.15 -23.28
C ILE C 635 -16.09 30.71 -22.04
N GLY C 636 -15.66 29.44 -22.04
CA GLY C 636 -14.87 28.90 -20.95
C GLY C 636 -13.42 28.76 -21.38
N ALA C 637 -12.53 29.17 -20.49
CA ALA C 637 -11.10 29.07 -20.73
C ALA C 637 -10.46 28.21 -19.64
N THR C 638 -9.61 27.29 -20.06
CA THR C 638 -8.92 26.42 -19.11
C THR C 638 -7.58 26.02 -19.72
N ASN C 639 -6.65 25.69 -18.84
CA ASN C 639 -5.37 25.14 -19.24
C ASN C 639 -5.26 23.66 -18.94
N ARG C 640 -6.05 23.15 -18.02
CA ARG C 640 -6.09 21.72 -17.76
C ARG C 640 -7.49 21.21 -18.05
N PRO C 641 -7.78 20.74 -19.26
CA PRO C 641 -9.12 20.24 -19.59
C PRO C 641 -9.38 18.80 -19.15
N ASP C 642 -8.36 18.11 -18.66
CA ASP C 642 -8.53 16.75 -18.15
C ASP C 642 -9.22 16.70 -16.80
N ILE C 643 -9.18 17.80 -16.04
CA ILE C 643 -9.81 17.86 -14.73
C ILE C 643 -11.13 18.63 -14.77
N ILE C 644 -11.50 19.14 -15.93
CA ILE C 644 -12.80 19.79 -16.10
C ILE C 644 -13.88 18.74 -15.96
N ASP C 645 -14.95 19.08 -15.25
CA ASP C 645 -16.05 18.15 -15.04
C ASP C 645 -16.67 17.78 -16.37
N PRO C 646 -16.94 16.49 -16.63
CA PRO C 646 -17.53 16.12 -17.91
C PRO C 646 -18.92 16.71 -18.16
N ALA C 647 -19.69 17.01 -17.11
CA ALA C 647 -21.06 17.45 -17.32
C ALA C 647 -21.15 18.84 -17.94
N ILE C 648 -20.15 19.69 -17.73
CA ILE C 648 -20.19 21.02 -18.33
C ILE C 648 -19.96 20.96 -19.83
N LEU C 649 -19.33 19.89 -20.32
CA LEU C 649 -19.05 19.69 -21.73
C LEU C 649 -20.14 18.90 -22.44
N ARG C 650 -21.24 18.61 -21.74
CA ARG C 650 -22.35 17.89 -22.35
C ARG C 650 -22.92 18.71 -23.51
N PRO C 651 -23.47 18.04 -24.53
CA PRO C 651 -24.08 18.77 -25.64
C PRO C 651 -25.18 19.69 -25.16
N GLY C 652 -25.17 20.93 -25.67
CA GLY C 652 -26.14 21.94 -25.30
C GLY C 652 -25.60 22.99 -24.36
N ARG C 653 -24.48 22.75 -23.67
CA ARG C 653 -23.90 23.74 -22.78
C ARG C 653 -22.55 24.25 -23.27
N LEU C 654 -21.58 23.36 -23.45
CA LEU C 654 -20.26 23.74 -23.96
C LEU C 654 -19.76 22.64 -24.88
N ASP C 655 -20.63 22.16 -25.75
CA ASP C 655 -20.30 21.05 -26.64
C ASP C 655 -19.16 21.40 -27.58
N GLN C 656 -19.01 22.67 -27.92
CA GLN C 656 -17.97 23.08 -28.86
C GLN C 656 -16.66 23.29 -28.13
N LEU C 657 -15.66 22.47 -28.47
CA LEU C 657 -14.32 22.57 -27.90
C LEU C 657 -13.34 22.86 -29.02
N ILE C 658 -12.58 23.94 -28.87
CA ILE C 658 -11.54 24.31 -29.83
C ILE C 658 -10.22 24.44 -29.08
N TYR C 659 -9.13 24.14 -29.75
CA TYR C 659 -7.82 24.10 -29.12
C TYR C 659 -7.02 25.33 -29.53
N ILE C 660 -6.47 26.03 -28.54
CA ILE C 660 -5.65 27.22 -28.78
C ILE C 660 -4.19 26.79 -28.72
N PRO C 661 -3.49 26.71 -29.84
CA PRO C 661 -2.10 26.24 -29.81
C PRO C 661 -1.13 27.35 -29.48
N LEU C 662 0.16 27.04 -29.52
CA LEU C 662 1.16 28.08 -29.41
C LEU C 662 1.06 29.02 -30.61
N PRO C 663 1.35 30.30 -30.42
CA PRO C 663 1.33 31.22 -31.56
C PRO C 663 2.36 30.80 -32.61
N ASP C 664 1.96 30.91 -33.88
CA ASP C 664 2.86 30.58 -34.98
C ASP C 664 3.70 31.80 -35.31
N GLU C 665 4.49 31.72 -36.39
CA GLU C 665 5.36 32.83 -36.76
C GLU C 665 4.57 34.10 -37.04
N LYS C 666 3.44 33.98 -37.75
CA LYS C 666 2.62 35.13 -38.06
C LYS C 666 2.01 35.75 -36.82
N SER C 667 1.59 34.92 -35.86
CA SER C 667 0.98 35.41 -34.63
C SER C 667 1.97 35.94 -33.61
N ARG C 668 3.21 35.44 -33.62
CA ARG C 668 4.22 35.92 -32.69
C ARG C 668 4.63 37.36 -32.98
N VAL C 669 4.68 37.76 -34.25
CA VAL C 669 4.97 39.15 -34.57
C VAL C 669 3.93 40.06 -33.94
N ALA C 670 2.66 39.64 -33.94
CA ALA C 670 1.61 40.40 -33.28
C ALA C 670 1.86 40.55 -31.79
N ILE C 671 2.29 39.48 -31.11
CA ILE C 671 2.56 39.57 -29.68
C ILE C 671 3.72 40.52 -29.42
N LEU C 672 4.79 40.43 -30.21
CA LEU C 672 5.92 41.34 -30.03
C LEU C 672 5.49 42.80 -30.25
N LYS C 673 4.77 43.08 -31.33
CA LYS C 673 4.39 44.46 -31.61
C LYS C 673 3.34 44.99 -30.64
N ALA C 674 2.50 44.13 -30.06
CA ALA C 674 1.59 44.58 -29.03
C ALA C 674 2.34 45.02 -27.79
N ASN C 675 3.36 44.27 -27.39
CA ASN C 675 4.20 44.65 -26.27
C ASN C 675 5.01 45.91 -26.55
N LEU C 676 5.51 46.07 -27.77
CA LEU C 676 6.38 47.19 -28.10
C LEU C 676 5.65 48.38 -28.71
N ARG C 677 4.31 48.34 -28.75
CA ARG C 677 3.56 49.43 -29.35
C ARG C 677 3.67 50.74 -28.58
N LYS C 678 4.09 50.69 -27.32
CA LYS C 678 4.28 51.90 -26.51
C LYS C 678 5.74 52.24 -26.29
N SER C 679 6.66 51.54 -26.94
CA SER C 679 8.08 51.76 -26.69
C SER C 679 8.78 52.30 -27.93
N PRO C 680 9.84 53.08 -27.77
CA PRO C 680 10.60 53.53 -28.95
C PRO C 680 11.39 52.40 -29.58
N VAL C 681 10.95 51.93 -30.73
CA VAL C 681 11.60 50.83 -31.42
C VAL C 681 12.50 51.38 -32.53
N ALA C 682 13.74 50.93 -32.54
CA ALA C 682 14.69 51.36 -33.57
C ALA C 682 14.37 50.67 -34.90
N LYS C 683 14.80 51.28 -36.00
CA LYS C 683 14.53 50.75 -37.33
C LYS C 683 15.20 49.40 -37.56
N ASP C 684 16.43 49.23 -37.09
CA ASP C 684 17.16 47.99 -37.34
C ASP C 684 16.61 46.82 -36.55
N VAL C 685 15.80 47.07 -35.52
CA VAL C 685 15.24 45.99 -34.71
C VAL C 685 14.15 45.31 -35.51
N ASP C 686 14.46 44.15 -36.09
CA ASP C 686 13.53 43.41 -36.92
C ASP C 686 12.75 42.42 -36.07
N LEU C 687 11.44 42.67 -35.91
CA LEU C 687 10.60 41.77 -35.14
C LEU C 687 10.23 40.50 -35.90
N GLU C 688 10.23 40.54 -37.23
CA GLU C 688 9.96 39.33 -38.01
C GLU C 688 11.00 38.25 -37.74
N PHE C 689 12.28 38.63 -37.76
CA PHE C 689 13.34 37.67 -37.45
C PHE C 689 13.26 37.16 -36.02
N LEU C 690 12.97 38.05 -35.07
CA LEU C 690 12.86 37.63 -33.68
C LEU C 690 11.72 36.64 -33.49
N ALA C 691 10.58 36.89 -34.12
CA ALA C 691 9.47 35.95 -34.05
C ALA C 691 9.78 34.65 -34.78
N LYS C 692 10.55 34.71 -35.87
CA LYS C 692 10.98 33.49 -36.54
C LYS C 692 11.90 32.65 -35.68
N MET C 693 12.80 33.27 -34.92
CA MET C 693 13.75 32.51 -34.11
C MET C 693 13.04 31.71 -33.02
N THR C 694 12.10 32.34 -32.31
CA THR C 694 11.36 31.65 -31.26
C THR C 694 10.21 30.88 -31.89
N ASN C 695 10.17 29.57 -31.67
CA ASN C 695 9.16 28.72 -32.26
C ASN C 695 8.20 28.14 -31.24
N GLY C 696 8.72 27.44 -30.22
CA GLY C 696 7.86 26.87 -29.20
C GLY C 696 7.63 27.81 -28.05
N PHE C 697 7.61 29.11 -28.34
CA PHE C 697 7.51 30.15 -27.31
C PHE C 697 6.04 30.55 -27.14
N SER C 698 5.63 30.70 -25.89
CA SER C 698 4.29 31.16 -25.59
C SER C 698 4.24 32.68 -25.61
N GLY C 699 3.03 33.23 -25.54
CA GLY C 699 2.89 34.68 -25.46
C GLY C 699 3.56 35.25 -24.23
N ALA C 700 3.50 34.53 -23.11
CA ALA C 700 4.20 34.97 -21.90
C ALA C 700 5.71 34.98 -22.08
N ASP C 701 6.26 34.04 -22.84
CA ASP C 701 7.71 34.01 -23.06
C ASP C 701 8.16 35.22 -23.87
N LEU C 702 7.43 35.56 -24.92
CA LEU C 702 7.72 36.78 -25.66
C LEU C 702 7.49 38.03 -24.81
N THR C 703 6.48 38.00 -23.94
CA THR C 703 6.21 39.15 -23.08
C THR C 703 7.37 39.43 -22.15
N GLU C 704 7.91 38.40 -21.50
CA GLU C 704 9.05 38.62 -20.63
C GLU C 704 10.31 38.98 -21.40
N ILE C 705 10.47 38.50 -22.64
CA ILE C 705 11.58 38.97 -23.46
C ILE C 705 11.48 40.47 -23.68
N CYS C 706 10.29 40.95 -24.06
CA CYS C 706 10.11 42.38 -24.28
C CYS C 706 10.31 43.18 -23.00
N GLN C 707 9.80 42.67 -21.88
CA GLN C 707 9.96 43.35 -20.59
C GLN C 707 11.43 43.42 -20.19
N ARG C 708 12.18 42.34 -20.40
CA ARG C 708 13.60 42.34 -20.06
C ARG C 708 14.39 43.29 -20.95
N ALA C 709 14.05 43.35 -22.25
CA ALA C 709 14.70 44.32 -23.13
C ALA C 709 14.39 45.75 -22.68
N CYS C 710 13.14 46.03 -22.32
CA CYS C 710 12.79 47.35 -21.82
C CYS C 710 13.52 47.67 -20.52
N LYS C 711 13.65 46.69 -19.63
CA LYS C 711 14.39 46.90 -18.38
C LYS C 711 15.85 47.22 -18.65
N LEU C 712 16.48 46.50 -19.57
CA LEU C 712 17.87 46.79 -19.93
C LEU C 712 18.01 48.18 -20.53
N ALA C 713 17.10 48.56 -21.43
CA ALA C 713 17.14 49.89 -22.00
C ALA C 713 16.98 50.97 -20.94
N ILE C 714 16.03 50.80 -20.02
CA ILE C 714 15.81 51.78 -18.96
C ILE C 714 17.03 51.88 -18.07
N ARG C 715 17.63 50.74 -17.71
CA ARG C 715 18.82 50.77 -16.86
C ARG C 715 19.99 51.45 -17.55
N GLU C 716 20.20 51.17 -18.84
CA GLU C 716 21.27 51.85 -19.55
C GLU C 716 21.02 53.35 -19.65
N SER C 717 19.77 53.75 -19.91
CA SER C 717 19.43 55.16 -19.92
C SER C 717 19.67 55.83 -18.58
N ILE C 718 19.32 55.17 -17.48
CA ILE C 718 19.53 55.75 -16.16
C ILE C 718 21.01 55.87 -15.84
N GLU C 719 21.79 54.81 -16.09
CA GLU C 719 23.20 54.85 -15.77
C GLU C 719 24.00 55.76 -16.68
N SER C 720 23.52 56.00 -17.91
CA SER C 720 24.24 56.84 -18.85
C SER C 720 24.08 58.33 -18.55
N GLU C 721 23.15 58.71 -17.68
CA GLU C 721 22.97 60.12 -17.36
C GLU C 721 24.18 60.67 -16.60
N ILE C 722 24.73 59.90 -15.67
CA ILE C 722 25.84 60.37 -14.86
C ILE C 722 27.14 60.30 -15.64
N VAL C 743 20.18 56.68 -23.60
CA VAL C 743 19.63 57.25 -24.82
C VAL C 743 18.17 56.80 -24.99
N PRO C 744 17.30 57.75 -25.35
CA PRO C 744 15.86 57.48 -25.45
C PRO C 744 15.45 56.70 -26.70
N GLU C 745 15.99 55.50 -26.85
CA GLU C 745 15.66 54.63 -27.97
C GLU C 745 16.14 53.22 -27.66
N ILE C 746 15.25 52.25 -27.79
CA ILE C 746 15.62 50.85 -27.61
C ILE C 746 16.46 50.42 -28.81
N ARG C 747 17.65 49.90 -28.55
CA ARG C 747 18.58 49.55 -29.61
C ARG C 747 18.56 48.05 -29.86
N ARG C 748 19.22 47.65 -30.96
CA ARG C 748 19.31 46.24 -31.33
C ARG C 748 20.02 45.43 -30.26
N ASP C 749 21.05 45.99 -29.65
CA ASP C 749 21.80 45.30 -28.60
C ASP C 749 20.93 44.99 -27.38
N HIS C 750 19.97 45.86 -27.04
CA HIS C 750 19.10 45.58 -25.91
C HIS C 750 18.33 44.28 -26.11
N PHE C 751 17.72 44.10 -27.28
CA PHE C 751 17.01 42.88 -27.60
C PHE C 751 17.93 41.69 -27.78
N GLU C 752 19.11 41.88 -28.37
CA GLU C 752 20.06 40.79 -28.54
C GLU C 752 20.55 40.25 -27.21
N GLU C 753 20.87 41.13 -26.26
CA GLU C 753 21.35 40.68 -24.95
C GLU C 753 20.24 40.08 -24.12
N ALA C 754 19.05 40.70 -24.12
CA ALA C 754 17.90 40.17 -23.40
C ALA C 754 17.40 38.87 -24.00
N MET C 755 17.76 38.57 -25.25
CA MET C 755 17.42 37.30 -25.87
C MET C 755 18.15 36.13 -25.23
N ARG C 756 19.24 36.39 -24.51
CA ARG C 756 19.99 35.31 -23.89
C ARG C 756 19.19 34.62 -22.79
N PHE C 757 18.48 35.39 -21.98
CA PHE C 757 17.64 34.83 -20.91
C PHE C 757 16.26 34.48 -21.43
N ALA C 758 16.22 33.70 -22.50
CA ALA C 758 14.96 33.32 -23.13
C ALA C 758 14.45 32.01 -22.54
N ARG C 759 13.34 32.08 -21.83
CA ARG C 759 12.71 30.92 -21.22
C ARG C 759 11.74 30.27 -22.19
N ARG C 760 11.31 29.05 -21.85
CA ARG C 760 10.26 28.37 -22.59
C ARG C 760 9.43 27.60 -21.57
N SER C 761 8.36 28.23 -21.09
CA SER C 761 7.61 27.70 -19.97
C SER C 761 6.78 26.47 -20.34
N VAL C 762 6.45 26.31 -21.62
CA VAL C 762 5.61 25.19 -22.05
C VAL C 762 6.51 24.09 -22.60
N SER C 763 6.43 22.91 -22.00
CA SER C 763 7.24 21.78 -22.40
C SER C 763 6.55 20.98 -23.50
N ASP C 764 7.33 20.10 -24.15
CA ASP C 764 6.79 19.27 -25.22
C ASP C 764 5.79 18.25 -24.68
N ASN C 765 6.02 17.76 -23.46
CA ASN C 765 5.07 16.83 -22.85
C ASN C 765 3.70 17.47 -22.69
N ASP C 766 3.65 18.75 -22.36
CA ASP C 766 2.39 19.47 -22.31
C ASP C 766 1.69 19.50 -23.66
N ILE C 767 2.42 19.77 -24.74
CA ILE C 767 1.79 19.79 -26.05
C ILE C 767 1.25 18.41 -26.40
N ARG C 768 2.02 17.37 -26.07
CA ARG C 768 1.57 16.01 -26.33
C ARG C 768 0.29 15.69 -25.55
N LYS C 769 0.23 16.08 -24.27
CA LYS C 769 -0.95 15.79 -23.48
C LYS C 769 -2.15 16.62 -23.89
N TYR C 770 -1.96 17.82 -24.44
CA TYR C 770 -3.09 18.56 -25.00
C TYR C 770 -3.57 17.92 -26.29
N GLU C 771 -2.65 17.46 -27.13
CA GLU C 771 -3.10 16.80 -28.36
C GLU C 771 -3.86 15.52 -28.06
N MET C 772 -3.35 14.68 -27.16
CA MET C 772 -4.10 13.47 -26.80
C MET C 772 -5.54 13.80 -26.45
N PHE C 773 -5.77 14.92 -25.77
CA PHE C 773 -7.12 15.41 -25.55
C PHE C 773 -7.79 15.85 -26.85
N ALA C 774 -7.05 16.48 -27.76
CA ALA C 774 -7.66 17.06 -28.96
C ALA C 774 -8.22 15.99 -29.90
N GLN C 775 -7.36 15.14 -30.47
CA GLN C 775 -7.96 14.03 -31.20
C GLN C 775 -8.34 12.85 -30.31
N THR C 776 -8.54 13.06 -28.99
CA THR C 776 -9.54 12.27 -28.28
C THR C 776 -10.93 12.57 -28.80
N LEU C 777 -11.25 13.86 -28.99
CA LEU C 777 -12.56 14.26 -29.47
C LEU C 777 -12.62 14.49 -30.97
N GLN C 778 -11.50 14.39 -31.69
CA GLN C 778 -11.58 14.53 -33.16
C GLN C 778 -12.20 13.28 -33.79
N GLN C 779 -11.53 12.14 -33.67
CA GLN C 779 -11.99 10.87 -34.22
C GLN C 779 -12.49 10.98 -35.67
N SER C 780 -11.59 11.26 -36.61
CA SER C 780 -11.95 11.36 -38.02
C SER C 780 -11.62 10.07 -38.75
N ARG C 781 -11.77 8.94 -38.08
CA ARG C 781 -11.45 7.64 -38.66
C ARG C 781 -12.73 6.91 -39.02
N GLY C 782 -12.57 5.79 -39.73
CA GLY C 782 -13.69 4.96 -40.13
C GLY C 782 -14.41 5.46 -41.36
N PHE C 783 -15.19 6.53 -41.20
CA PHE C 783 -15.96 7.09 -42.30
C PHE C 783 -15.20 8.18 -43.04
N GLY C 784 -13.96 7.90 -43.46
CA GLY C 784 -13.18 8.90 -44.16
C GLY C 784 -13.42 8.92 -45.66
N SER C 785 -13.77 7.77 -46.23
CA SER C 785 -14.04 7.65 -47.67
C SER C 785 -15.44 7.06 -47.84
N PHE C 786 -16.39 7.89 -48.25
CA PHE C 786 -17.75 7.46 -48.49
C PHE C 786 -18.16 7.84 -49.91
N ARG C 787 -18.82 6.92 -50.61
CA ARG C 787 -19.34 7.17 -51.95
C ARG C 787 -20.83 6.86 -51.96
N PHE C 788 -21.64 7.83 -52.38
CA PHE C 788 -23.08 7.62 -52.49
C PHE C 788 -23.39 6.78 -53.73
N PRO C 789 -24.47 5.99 -53.71
CA PRO C 789 -24.79 5.15 -54.86
C PRO C 789 -25.14 5.95 -56.10
N SER C 790 -26.09 6.87 -55.98
CA SER C 790 -26.52 7.68 -57.11
C SER C 790 -27.21 8.95 -56.64
N ASN D 36 -93.09 17.01 -17.01
CA ASN D 36 -92.18 17.98 -16.42
C ASN D 36 -91.72 19.00 -17.47
N ARG D 37 -92.42 19.03 -18.60
CA ARG D 37 -92.13 19.92 -19.72
C ARG D 37 -90.66 19.80 -20.13
N PRO D 38 -90.26 18.70 -20.77
CA PRO D 38 -88.85 18.54 -21.14
C PRO D 38 -88.41 19.48 -22.24
N ASN D 39 -88.36 20.78 -21.93
CA ASN D 39 -87.91 21.79 -22.89
C ASN D 39 -86.85 22.73 -22.35
N ARG D 40 -86.70 22.87 -21.03
CA ARG D 40 -85.72 23.77 -20.45
C ARG D 40 -84.45 22.99 -20.13
N LEU D 41 -83.30 23.63 -20.39
CA LEU D 41 -82.00 23.04 -20.13
C LEU D 41 -81.13 24.03 -19.37
N ILE D 42 -80.15 23.50 -18.65
CA ILE D 42 -79.25 24.33 -17.87
C ILE D 42 -78.32 25.10 -18.81
N VAL D 43 -77.67 26.13 -18.27
CA VAL D 43 -76.80 27.01 -19.04
C VAL D 43 -75.37 26.81 -18.57
N ASP D 44 -74.43 26.85 -19.52
CA ASP D 44 -73.01 26.79 -19.19
C ASP D 44 -72.22 27.77 -20.05
N GLU D 45 -70.90 27.65 -20.03
CA GLU D 45 -70.01 28.50 -20.81
C GLU D 45 -69.70 27.85 -22.15
N ALA D 46 -69.54 28.69 -23.17
CA ALA D 46 -69.24 28.24 -24.52
C ALA D 46 -67.76 28.40 -24.82
N ILE D 47 -67.14 27.33 -25.34
CA ILE D 47 -65.73 27.38 -25.68
C ILE D 47 -65.46 28.07 -27.01
N ASN D 48 -66.48 28.29 -27.82
CA ASN D 48 -66.29 28.98 -29.09
C ASN D 48 -65.98 30.45 -28.86
N GLU D 49 -65.12 31.00 -29.70
CA GLU D 49 -64.70 32.39 -29.61
C GLU D 49 -65.54 33.33 -30.45
N ASP D 50 -66.58 32.83 -31.10
CA ASP D 50 -67.45 33.65 -31.94
C ASP D 50 -68.29 34.57 -31.07
N ASN D 51 -68.84 35.62 -31.71
CA ASN D 51 -69.61 36.62 -30.98
C ASN D 51 -71.03 36.15 -30.70
N SER D 52 -71.80 35.90 -31.76
CA SER D 52 -73.19 35.47 -31.63
C SER D 52 -73.35 34.12 -32.32
N VAL D 53 -73.04 33.06 -31.58
CA VAL D 53 -73.16 31.68 -32.05
C VAL D 53 -73.65 30.82 -30.89
N VAL D 54 -74.71 30.07 -31.12
CA VAL D 54 -75.28 29.16 -30.12
C VAL D 54 -75.10 27.74 -30.65
N SER D 55 -74.40 26.91 -29.88
CA SER D 55 -74.12 25.54 -30.27
C SER D 55 -74.95 24.58 -29.43
N LEU D 56 -75.49 23.56 -30.10
CA LEU D 56 -76.32 22.56 -29.46
C LEU D 56 -75.80 21.18 -29.83
N SER D 57 -76.54 20.15 -29.43
CA SER D 57 -76.20 18.78 -29.73
C SER D 57 -77.02 18.29 -30.92
N GLN D 58 -76.67 17.11 -31.42
CA GLN D 58 -77.32 16.54 -32.61
C GLN D 58 -78.83 16.34 -32.42
N PRO D 59 -79.30 15.75 -31.30
CA PRO D 59 -80.76 15.57 -31.16
C PRO D 59 -81.45 16.80 -30.59
N LYS D 60 -81.13 17.98 -31.15
CA LYS D 60 -81.76 19.20 -30.67
C LYS D 60 -82.54 19.91 -31.78
N MET D 61 -81.91 20.14 -32.93
CA MET D 61 -82.61 20.78 -34.03
C MET D 61 -83.52 19.81 -34.77
N ASP D 62 -83.33 18.50 -34.59
CA ASP D 62 -84.20 17.52 -35.22
C ASP D 62 -85.58 17.45 -34.59
N GLU D 63 -85.74 18.00 -33.38
CA GLU D 63 -87.05 18.03 -32.73
C GLU D 63 -87.79 19.32 -33.02
N LEU D 64 -87.08 20.44 -33.15
CA LEU D 64 -87.68 21.74 -33.41
C LEU D 64 -87.62 22.13 -34.88
N GLN D 65 -87.25 21.18 -35.75
CA GLN D 65 -87.15 21.34 -37.20
C GLN D 65 -86.60 22.72 -37.61
N LEU D 66 -85.46 23.10 -37.03
CA LEU D 66 -84.80 24.36 -37.34
C LEU D 66 -83.50 24.08 -38.08
N PHE D 67 -83.18 24.93 -39.04
CA PHE D 67 -81.98 24.77 -39.85
C PHE D 67 -80.81 25.50 -39.18
N ARG D 68 -79.67 25.56 -39.87
CA ARG D 68 -78.48 26.18 -39.32
C ARG D 68 -78.48 27.69 -39.46
N GLY D 69 -79.44 28.27 -40.18
CA GLY D 69 -79.49 29.71 -40.35
C GLY D 69 -80.87 30.30 -40.11
N ASP D 70 -81.63 29.70 -39.20
CA ASP D 70 -82.99 30.13 -38.91
C ASP D 70 -82.98 31.19 -37.81
N THR D 71 -84.17 31.65 -37.43
CA THR D 71 -84.34 32.67 -36.42
C THR D 71 -84.83 32.01 -35.13
N VAL D 72 -84.14 32.28 -34.03
CA VAL D 72 -84.46 31.70 -32.73
C VAL D 72 -84.83 32.83 -31.77
N LEU D 73 -85.85 32.59 -30.97
CA LEU D 73 -86.32 33.55 -29.98
C LEU D 73 -86.19 32.95 -28.59
N LEU D 74 -85.51 33.66 -27.70
CA LEU D 74 -85.28 33.23 -26.34
C LEU D 74 -85.84 34.25 -25.36
N LYS D 75 -86.40 33.74 -24.26
CA LYS D 75 -86.99 34.59 -23.22
C LYS D 75 -86.22 34.41 -21.92
N GLY D 76 -86.70 35.09 -20.88
CA GLY D 76 -86.11 35.00 -19.57
C GLY D 76 -86.88 35.77 -18.52
N LYS D 77 -86.18 36.35 -17.56
CA LYS D 77 -86.80 37.15 -16.52
C LYS D 77 -87.03 38.58 -17.05
N LYS D 78 -87.67 39.40 -16.21
CA LYS D 78 -87.96 40.81 -16.50
C LYS D 78 -88.85 40.99 -17.71
N ARG D 79 -89.52 39.92 -18.15
CA ARG D 79 -90.43 39.95 -19.29
C ARG D 79 -89.75 40.51 -20.54
N ARG D 80 -88.59 39.93 -20.85
CA ARG D 80 -87.80 40.34 -22.00
C ARG D 80 -87.54 39.15 -22.89
N GLU D 81 -87.34 39.43 -24.18
CA GLU D 81 -87.08 38.41 -25.18
C GLU D 81 -85.66 38.60 -25.75
N ALA D 82 -85.27 37.68 -26.61
CA ALA D 82 -83.97 37.74 -27.26
C ALA D 82 -84.05 37.04 -28.60
N VAL D 83 -83.08 37.33 -29.47
CA VAL D 83 -83.02 36.73 -30.79
C VAL D 83 -81.55 36.55 -31.17
N CYS D 84 -81.20 35.39 -31.70
CA CYS D 84 -79.83 35.07 -32.07
C CYS D 84 -79.86 34.12 -33.26
N ILE D 85 -78.72 33.48 -33.52
CA ILE D 85 -78.58 32.53 -34.63
C ILE D 85 -78.08 31.22 -34.05
N VAL D 86 -78.78 30.13 -34.35
CA VAL D 86 -78.39 28.80 -33.89
C VAL D 86 -77.42 28.19 -34.89
N LEU D 87 -76.28 27.72 -34.38
CA LEU D 87 -75.29 27.05 -35.20
C LEU D 87 -75.21 25.57 -34.81
N SER D 88 -75.13 24.71 -35.81
CA SER D 88 -75.10 23.27 -35.59
C SER D 88 -73.67 22.80 -35.32
N ASP D 89 -73.51 21.96 -34.31
CA ASP D 89 -72.21 21.40 -33.97
C ASP D 89 -72.41 20.03 -33.36
N ASP D 90 -71.53 19.09 -33.71
CA ASP D 90 -71.60 17.72 -33.20
C ASP D 90 -70.32 17.32 -32.50
N THR D 91 -69.46 18.28 -32.16
CA THR D 91 -68.20 18.00 -31.48
C THR D 91 -68.13 18.59 -30.08
N CYS D 92 -69.01 19.54 -29.75
CA CYS D 92 -69.00 20.18 -28.43
C CYS D 92 -69.27 19.17 -27.31
N SER D 93 -70.46 18.57 -27.33
CA SER D 93 -70.83 17.63 -26.27
C SER D 93 -71.81 16.58 -26.80
N ASP D 94 -72.44 15.84 -25.89
CA ASP D 94 -73.41 14.81 -26.23
C ASP D 94 -74.84 15.33 -26.25
N GLU D 95 -75.27 16.00 -25.19
CA GLU D 95 -76.60 16.64 -25.17
C GLU D 95 -76.48 17.88 -24.27
N LYS D 96 -76.23 19.03 -24.89
CA LYS D 96 -76.04 20.26 -24.15
C LYS D 96 -76.15 21.43 -25.11
N ILE D 97 -76.59 22.58 -24.58
CA ILE D 97 -76.70 23.81 -25.35
C ILE D 97 -75.70 24.82 -24.83
N ARG D 98 -74.93 25.40 -25.75
CA ARG D 98 -73.96 26.44 -25.44
C ARG D 98 -74.65 27.80 -25.45
N MET D 99 -73.99 28.80 -24.88
CA MET D 99 -74.63 30.08 -24.67
C MET D 99 -73.55 31.11 -24.37
N ASN D 100 -73.60 32.26 -25.04
CA ASN D 100 -72.48 33.19 -25.03
C ASN D 100 -72.60 34.22 -23.90
N ARG D 101 -71.50 34.94 -23.67
CA ARG D 101 -71.44 35.94 -22.61
C ARG D 101 -72.04 37.28 -23.01
N VAL D 102 -71.88 37.69 -24.27
CA VAL D 102 -72.41 38.99 -24.71
C VAL D 102 -73.92 39.05 -24.62
N VAL D 103 -74.60 37.90 -24.58
CA VAL D 103 -76.05 37.87 -24.46
C VAL D 103 -76.53 37.33 -23.11
N ARG D 104 -75.66 36.70 -22.32
CA ARG D 104 -76.02 36.35 -20.96
C ARG D 104 -76.36 37.59 -20.13
N ASN D 105 -75.51 38.61 -20.22
CA ASN D 105 -75.80 39.86 -19.53
C ASN D 105 -76.91 40.64 -20.21
N ASN D 106 -77.10 40.43 -21.52
CA ASN D 106 -78.13 41.16 -22.24
C ASN D 106 -79.52 40.68 -21.87
N LEU D 107 -79.72 39.36 -21.78
CA LEU D 107 -81.01 38.80 -21.41
C LEU D 107 -81.17 38.69 -19.90
N ARG D 108 -80.13 39.05 -19.14
CA ARG D 108 -80.11 38.96 -17.68
C ARG D 108 -80.27 37.51 -17.22
N VAL D 109 -79.33 36.68 -17.66
CA VAL D 109 -79.30 35.27 -17.31
C VAL D 109 -77.99 34.99 -16.57
N ARG D 110 -78.08 34.16 -15.55
CA ARG D 110 -76.90 33.73 -14.81
C ARG D 110 -76.81 32.20 -14.88
N LEU D 111 -75.69 31.65 -14.40
CA LEU D 111 -75.44 30.22 -14.52
C LEU D 111 -76.43 29.44 -13.65
N GLY D 112 -76.60 28.16 -14.01
CA GLY D 112 -77.50 27.31 -13.27
C GLY D 112 -78.97 27.66 -13.42
N ASP D 113 -79.35 28.28 -14.53
CA ASP D 113 -80.73 28.66 -14.79
C ASP D 113 -81.29 27.86 -15.95
N VAL D 114 -82.61 27.87 -16.06
CA VAL D 114 -83.30 27.15 -17.13
C VAL D 114 -83.60 28.13 -18.26
N ILE D 115 -83.54 27.61 -19.49
CA ILE D 115 -83.82 28.41 -20.68
C ILE D 115 -84.66 27.58 -21.63
N SER D 116 -85.71 28.20 -22.17
CA SER D 116 -86.61 27.54 -23.12
C SER D 116 -86.32 28.04 -24.52
N ILE D 117 -86.22 27.11 -25.47
CA ILE D 117 -85.89 27.43 -26.85
C ILE D 117 -86.99 26.90 -27.76
N GLN D 118 -87.34 27.70 -28.76
CA GLN D 118 -88.35 27.31 -29.74
C GLN D 118 -88.05 28.04 -31.04
N PRO D 119 -88.34 27.43 -32.19
CA PRO D 119 -88.12 28.12 -33.47
C PRO D 119 -89.12 29.25 -33.66
N CYS D 120 -88.71 30.23 -34.45
CA CYS D 120 -89.56 31.38 -34.76
C CYS D 120 -89.33 31.78 -36.21
N PRO D 121 -90.01 31.13 -37.15
CA PRO D 121 -89.83 31.44 -38.59
C PRO D 121 -90.59 32.71 -39.00
N ASP D 122 -90.05 33.85 -38.60
CA ASP D 122 -90.62 35.15 -38.90
C ASP D 122 -89.67 35.93 -39.80
N VAL D 123 -90.20 36.44 -40.91
CA VAL D 123 -89.41 37.22 -41.84
C VAL D 123 -89.25 38.63 -41.30
N LYS D 124 -88.00 39.09 -41.18
CA LYS D 124 -87.70 40.40 -40.65
C LYS D 124 -86.85 41.17 -41.64
N TYR D 125 -86.97 42.50 -41.58
CA TYR D 125 -86.21 43.37 -42.48
C TYR D 125 -86.09 44.74 -41.84
N GLY D 126 -84.87 45.12 -41.46
CA GLY D 126 -84.65 46.43 -40.89
C GLY D 126 -84.68 47.52 -41.94
N LYS D 127 -85.26 48.66 -41.57
CA LYS D 127 -85.35 49.82 -42.45
C LYS D 127 -84.55 51.00 -41.92
N ARG D 128 -84.81 51.42 -40.68
CA ARG D 128 -84.11 52.54 -40.08
C ARG D 128 -83.62 52.14 -38.70
N ILE D 129 -82.37 52.51 -38.39
CA ILE D 129 -81.78 52.21 -37.09
C ILE D 129 -81.17 53.49 -36.52
N HIS D 130 -81.04 53.52 -35.20
CA HIS D 130 -80.47 54.68 -34.51
C HIS D 130 -79.84 54.18 -33.22
N VAL D 131 -78.52 54.04 -33.22
CA VAL D 131 -77.78 53.58 -32.05
C VAL D 131 -76.83 54.69 -31.61
N LEU D 132 -76.53 54.70 -30.31
CA LEU D 132 -75.65 55.69 -29.72
C LEU D 132 -74.94 55.06 -28.53
N PRO D 133 -73.69 55.44 -28.28
CA PRO D 133 -72.95 54.84 -27.17
C PRO D 133 -73.27 55.53 -25.85
N ILE D 134 -72.82 54.92 -24.77
CA ILE D 134 -72.94 55.46 -23.42
C ILE D 134 -71.72 56.31 -23.14
N ASP D 135 -71.92 57.42 -22.44
CA ASP D 135 -70.84 58.34 -22.12
C ASP D 135 -69.98 57.81 -20.98
N ASP D 136 -69.42 56.62 -21.15
CA ASP D 136 -68.54 56.04 -20.15
C ASP D 136 -67.30 55.42 -20.80
N THR D 137 -67.35 55.24 -22.13
CA THR D 137 -66.26 54.62 -22.86
C THR D 137 -65.98 55.33 -24.18
N VAL D 138 -66.34 56.61 -24.29
CA VAL D 138 -66.13 57.36 -25.52
C VAL D 138 -65.22 58.54 -25.25
N GLU D 139 -64.31 58.39 -24.28
CA GLU D 139 -63.40 59.46 -23.93
C GLU D 139 -62.28 59.53 -24.95
N GLY D 140 -62.09 60.72 -25.54
CA GLY D 140 -61.06 60.91 -26.54
C GLY D 140 -61.43 60.57 -27.95
N ILE D 141 -62.72 60.38 -28.24
CA ILE D 141 -63.20 60.02 -29.57
C ILE D 141 -64.01 61.19 -30.12
N THR D 142 -63.64 61.65 -31.31
CA THR D 142 -64.30 62.77 -31.97
C THR D 142 -64.57 62.42 -33.43
N GLY D 143 -65.46 63.20 -34.04
CA GLY D 143 -65.81 63.01 -35.43
C GLY D 143 -66.83 61.90 -35.62
N ASN D 144 -67.06 61.57 -36.89
CA ASN D 144 -68.01 60.53 -37.25
C ASN D 144 -67.48 59.16 -36.85
N LEU D 145 -68.39 58.31 -36.36
CA LEU D 145 -68.01 56.97 -35.93
C LEU D 145 -69.03 55.91 -36.35
N PHE D 146 -69.94 56.23 -37.28
CA PHE D 146 -70.96 55.27 -37.70
C PHE D 146 -70.70 54.67 -39.08
N GLU D 147 -70.13 55.44 -40.00
CA GLU D 147 -69.87 54.99 -41.36
C GLU D 147 -68.47 54.41 -41.52
N VAL D 148 -67.70 54.32 -40.44
CA VAL D 148 -66.34 53.82 -40.49
C VAL D 148 -66.12 52.54 -39.69
N TYR D 149 -66.84 52.31 -38.60
CA TYR D 149 -66.76 51.04 -37.88
C TYR D 149 -68.01 50.19 -38.02
N LEU D 150 -69.20 50.76 -37.76
CA LEU D 150 -70.41 49.95 -37.77
C LEU D 150 -70.73 49.39 -39.14
N LYS D 151 -70.61 50.19 -40.21
CA LYS D 151 -70.92 49.68 -41.54
C LYS D 151 -70.02 48.52 -41.96
N PRO D 152 -68.69 48.57 -41.77
CA PRO D 152 -67.85 47.44 -42.20
C PRO D 152 -68.17 46.12 -41.50
N TYR D 153 -68.44 46.14 -40.20
CA TYR D 153 -68.64 44.90 -39.46
C TYR D 153 -70.04 44.33 -39.58
N PHE D 154 -71.04 45.12 -39.98
CA PHE D 154 -72.38 44.60 -40.11
C PHE D 154 -72.58 43.72 -41.33
N LEU D 155 -71.89 44.01 -42.43
CA LEU D 155 -72.10 43.29 -43.67
C LEU D 155 -71.59 41.85 -43.56
N GLU D 156 -72.26 40.94 -44.28
CA GLU D 156 -71.91 39.53 -44.33
C GLU D 156 -72.02 38.88 -42.94
N ALA D 157 -72.89 39.43 -42.10
CA ALA D 157 -73.12 38.88 -40.77
C ALA D 157 -74.60 38.58 -40.54
N TYR D 158 -75.46 39.49 -40.98
CA TYR D 158 -76.91 39.35 -40.83
C TYR D 158 -77.29 39.08 -39.36
N ARG D 159 -76.61 39.78 -38.46
CA ARG D 159 -76.91 39.53 -37.05
C ARG D 159 -78.22 40.22 -36.65
N PRO D 160 -79.09 39.51 -35.94
CA PRO D 160 -80.34 40.11 -35.49
C PRO D 160 -80.13 40.98 -34.25
N ILE D 161 -81.13 41.81 -33.97
CA ILE D 161 -81.10 42.71 -32.82
C ILE D 161 -82.53 42.96 -32.38
N ARG D 162 -82.76 42.91 -31.07
CA ARG D 162 -84.07 43.16 -30.49
C ARG D 162 -84.05 44.50 -29.77
N LYS D 163 -85.24 44.96 -29.40
CA LYS D 163 -85.38 46.26 -28.77
C LYS D 163 -84.89 46.21 -27.32
N GLY D 164 -84.10 47.20 -26.94
CA GLY D 164 -83.60 47.27 -25.58
C GLY D 164 -82.50 46.27 -25.28
N ASP D 165 -81.44 46.28 -26.08
CA ASP D 165 -80.33 45.37 -25.91
C ASP D 165 -79.02 46.14 -26.01
N ILE D 166 -78.04 45.75 -25.20
CA ILE D 166 -76.73 46.39 -25.22
C ILE D 166 -75.70 45.42 -25.79
N PHE D 167 -75.49 45.49 -27.10
CA PHE D 167 -74.50 44.64 -27.74
C PHE D 167 -73.09 45.20 -27.52
N LEU D 168 -72.10 44.31 -27.56
CA LEU D 168 -70.71 44.66 -27.37
C LEU D 168 -69.92 44.24 -28.59
N VAL D 169 -69.05 45.12 -29.07
CA VAL D 169 -68.24 44.86 -30.26
C VAL D 169 -66.77 45.13 -29.92
N ARG D 170 -65.91 44.20 -30.34
CA ARG D 170 -64.48 44.31 -30.15
C ARG D 170 -63.82 44.75 -31.44
N GLY D 171 -62.85 45.64 -31.32
CA GLY D 171 -62.12 46.17 -32.46
C GLY D 171 -61.94 47.67 -32.32
N GLY D 172 -61.14 48.24 -33.21
CA GLY D 172 -60.89 49.66 -33.17
C GLY D 172 -59.97 50.10 -32.06
N MET D 173 -59.11 49.19 -31.57
CA MET D 173 -58.15 49.49 -30.51
C MET D 173 -58.85 49.94 -29.23
N ARG D 174 -60.05 49.41 -28.99
CA ARG D 174 -60.82 49.77 -27.81
C ARG D 174 -62.00 48.81 -27.69
N ALA D 175 -62.73 48.94 -26.59
CA ALA D 175 -63.93 48.15 -26.32
C ALA D 175 -65.08 49.12 -26.06
N VAL D 176 -65.94 49.29 -27.05
CA VAL D 176 -67.05 50.22 -26.96
C VAL D 176 -68.35 49.49 -27.28
N GLU D 177 -69.46 50.08 -26.84
CA GLU D 177 -70.78 49.50 -27.04
C GLU D 177 -71.75 50.60 -27.44
N PHE D 178 -72.94 50.18 -27.88
CA PHE D 178 -73.97 51.10 -28.30
C PHE D 178 -75.32 50.60 -27.79
N LYS D 179 -76.26 51.53 -27.65
CA LYS D 179 -77.59 51.21 -27.13
C LYS D 179 -78.62 51.94 -27.98
N VAL D 180 -79.69 51.23 -28.35
CA VAL D 180 -80.76 51.79 -29.15
C VAL D 180 -81.86 52.31 -28.22
N VAL D 181 -82.46 53.44 -28.60
CA VAL D 181 -83.48 54.07 -27.79
C VAL D 181 -84.76 54.27 -28.60
N GLU D 182 -84.63 54.38 -29.91
CA GLU D 182 -85.79 54.64 -30.77
C GLU D 182 -85.46 54.21 -32.19
N THR D 183 -86.22 53.23 -32.69
CA THR D 183 -86.07 52.77 -34.07
C THR D 183 -87.41 52.23 -34.55
N ASP D 184 -87.40 51.45 -35.62
CA ASP D 184 -88.62 50.85 -36.12
C ASP D 184 -89.20 49.89 -35.08
N PRO D 185 -90.53 49.74 -35.04
CA PRO D 185 -91.15 48.91 -34.01
C PRO D 185 -90.65 47.48 -34.04
N SER D 186 -90.47 46.90 -32.85
CA SER D 186 -89.95 45.55 -32.75
C SER D 186 -90.95 44.54 -33.31
N PRO D 187 -90.48 43.48 -34.00
CA PRO D 187 -89.06 43.28 -34.31
C PRO D 187 -88.67 43.88 -35.66
N TYR D 188 -88.61 43.05 -36.70
CA TYR D 188 -88.32 43.49 -38.05
C TYR D 188 -87.00 44.26 -38.12
N CYS D 189 -86.00 43.78 -37.38
CA CYS D 189 -84.68 44.41 -37.32
C CYS D 189 -83.66 43.45 -37.95
N ILE D 190 -83.28 43.75 -39.19
CA ILE D 190 -82.27 42.98 -39.90
C ILE D 190 -81.27 43.95 -40.50
N VAL D 191 -79.98 43.74 -40.23
CA VAL D 191 -78.95 44.62 -40.74
C VAL D 191 -78.80 44.44 -42.24
N ALA D 192 -78.66 45.56 -42.96
CA ALA D 192 -78.51 45.53 -44.41
C ALA D 192 -77.79 46.80 -44.83
N PRO D 193 -76.94 46.74 -45.86
CA PRO D 193 -76.23 47.95 -46.30
C PRO D 193 -77.16 49.05 -46.78
N ASP D 194 -78.38 48.72 -47.23
CA ASP D 194 -79.34 49.71 -47.66
C ASP D 194 -79.96 50.49 -46.51
N THR D 195 -79.86 50.00 -45.29
CA THR D 195 -80.42 50.68 -44.13
C THR D 195 -79.65 51.96 -43.85
N VAL D 196 -80.36 52.96 -43.35
CA VAL D 196 -79.78 54.24 -43.02
C VAL D 196 -79.69 54.38 -41.50
N ILE D 197 -78.84 55.30 -41.05
CA ILE D 197 -78.63 55.54 -39.63
C ILE D 197 -78.59 57.04 -39.40
N HIS D 198 -78.79 57.45 -38.14
CA HIS D 198 -78.78 58.85 -37.78
C HIS D 198 -78.41 58.98 -36.31
N CYS D 199 -78.01 60.19 -35.92
CA CYS D 199 -77.61 60.48 -34.56
C CYS D 199 -78.18 61.82 -34.14
N GLU D 200 -78.28 62.01 -32.82
CA GLU D 200 -78.77 63.25 -32.24
C GLU D 200 -77.64 64.10 -31.64
N GLY D 201 -76.69 63.46 -30.97
CA GLY D 201 -75.57 64.15 -30.39
C GLY D 201 -75.58 64.30 -28.88
N GLU D 202 -76.32 63.45 -28.17
CA GLU D 202 -76.40 63.51 -26.71
C GLU D 202 -76.45 62.10 -26.15
N PRO D 203 -75.32 61.57 -25.69
CA PRO D 203 -75.32 60.22 -25.13
C PRO D 203 -76.10 60.16 -23.83
N ILE D 204 -76.69 58.99 -23.57
CA ILE D 204 -77.48 58.75 -22.37
C ILE D 204 -76.69 57.82 -21.44
N LYS D 205 -76.59 58.21 -20.18
CA LYS D 205 -75.84 57.42 -19.21
C LYS D 205 -76.55 56.10 -18.92
N ARG D 206 -75.75 55.10 -18.57
CA ARG D 206 -76.28 53.78 -18.25
C ARG D 206 -76.91 53.79 -16.85
N GLU D 207 -77.70 52.76 -16.58
CA GLU D 207 -78.35 52.58 -15.29
C GLU D 207 -77.74 51.38 -14.56
N ASP D 208 -78.27 51.10 -13.38
CA ASP D 208 -77.78 50.00 -12.55
C ASP D 208 -78.43 48.66 -12.89
N GLU D 209 -79.43 48.65 -13.77
CA GLU D 209 -80.06 47.40 -14.16
C GLU D 209 -79.11 46.50 -14.95
N GLU D 210 -78.28 47.08 -15.80
CA GLU D 210 -77.34 46.33 -16.63
C GLU D 210 -75.97 46.32 -15.99
N GLU D 211 -75.13 45.40 -16.46
CA GLU D 211 -73.76 45.24 -15.99
C GLU D 211 -72.80 45.43 -17.15
N SER D 212 -71.70 46.13 -16.89
CA SER D 212 -70.70 46.38 -17.92
C SER D 212 -70.01 45.09 -18.31
N LEU D 213 -69.87 44.86 -19.61
CA LEU D 213 -69.19 43.68 -20.12
C LEU D 213 -67.67 43.86 -20.19
N ASN D 214 -67.17 45.03 -19.84
CA ASN D 214 -65.73 45.28 -19.84
C ASN D 214 -65.02 44.57 -18.69
N GLU D 215 -65.76 44.01 -17.74
CA GLU D 215 -65.17 43.33 -16.59
C GLU D 215 -64.72 41.92 -16.98
N VAL D 216 -64.26 41.17 -15.99
CA VAL D 216 -63.67 39.87 -16.25
C VAL D 216 -64.71 38.76 -16.05
N GLY D 217 -64.72 37.82 -16.99
CA GLY D 217 -65.58 36.65 -16.90
C GLY D 217 -64.81 35.37 -17.15
N TYR D 218 -65.50 34.23 -17.25
CA TYR D 218 -64.83 32.97 -17.49
C TYR D 218 -64.12 32.93 -18.83
N ASP D 219 -64.64 33.64 -19.84
CA ASP D 219 -64.02 33.64 -21.16
C ASP D 219 -62.69 34.39 -21.18
N ASP D 220 -62.37 35.13 -20.12
CA ASP D 220 -61.14 35.91 -20.06
C ASP D 220 -59.96 35.12 -19.52
N ILE D 221 -60.17 33.87 -19.11
CA ILE D 221 -59.10 33.04 -18.55
C ILE D 221 -58.56 32.18 -19.68
N GLY D 222 -57.25 32.23 -19.88
CA GLY D 222 -56.61 31.45 -20.92
C GLY D 222 -55.49 30.56 -20.41
N GLY D 223 -55.59 29.27 -20.68
CA GLY D 223 -54.54 28.34 -20.28
C GLY D 223 -54.96 27.45 -19.12
N CYS D 224 -55.68 28.01 -18.16
CA CYS D 224 -56.13 27.26 -16.99
C CYS D 224 -57.47 26.63 -17.32
N ARG D 225 -57.42 25.42 -17.87
CA ARG D 225 -58.61 24.65 -18.19
C ARG D 225 -58.90 23.58 -17.13
N LYS D 226 -57.93 22.70 -16.87
CA LYS D 226 -58.10 21.68 -15.85
C LYS D 226 -58.27 22.27 -14.46
N GLN D 227 -57.49 23.30 -14.12
CA GLN D 227 -57.58 23.93 -12.81
C GLN D 227 -58.86 24.73 -12.63
N LEU D 228 -59.27 25.49 -13.64
CA LEU D 228 -60.52 26.22 -13.55
C LEU D 228 -61.72 25.30 -13.51
N ALA D 229 -61.61 24.11 -14.12
CA ALA D 229 -62.72 23.16 -14.10
C ALA D 229 -63.04 22.70 -12.68
N GLN D 230 -62.04 22.67 -11.79
CA GLN D 230 -62.29 22.25 -10.42
C GLN D 230 -63.12 23.26 -9.64
N ILE D 231 -62.86 24.55 -9.78
CA ILE D 231 -63.59 25.55 -9.02
C ILE D 231 -65.08 25.53 -9.36
N LYS D 232 -65.43 25.10 -10.57
CA LYS D 232 -66.83 25.00 -10.96
C LYS D 232 -67.59 24.02 -10.08
N GLU D 233 -66.98 22.89 -9.74
CA GLU D 233 -67.64 21.88 -8.92
C GLU D 233 -67.40 22.08 -7.43
N MET D 234 -66.88 23.24 -7.03
CA MET D 234 -66.77 23.57 -5.61
C MET D 234 -67.43 24.87 -5.21
N VAL D 235 -67.62 25.84 -6.11
CA VAL D 235 -68.24 27.11 -5.73
C VAL D 235 -69.60 27.34 -6.39
N GLU D 236 -70.00 26.53 -7.36
CA GLU D 236 -71.30 26.69 -7.99
C GLU D 236 -72.45 26.09 -7.19
N LEU D 237 -72.18 25.14 -6.31
CA LEU D 237 -73.25 24.56 -5.51
C LEU D 237 -73.68 25.50 -4.38
N PRO D 238 -72.78 26.03 -3.55
CA PRO D 238 -73.24 26.88 -2.45
C PRO D 238 -73.70 28.26 -2.87
N LEU D 239 -73.18 28.80 -3.97
CA LEU D 239 -73.50 30.17 -4.36
C LEU D 239 -74.72 30.27 -5.26
N ARG D 240 -75.01 29.22 -6.04
CA ARG D 240 -76.16 29.26 -6.94
C ARG D 240 -77.42 28.70 -6.29
N HIS D 241 -77.28 27.82 -5.30
CA HIS D 241 -78.42 27.17 -4.65
C HIS D 241 -78.28 27.32 -3.13
N PRO D 242 -78.62 28.49 -2.58
CA PRO D 242 -78.45 28.69 -1.14
C PRO D 242 -79.47 27.93 -0.29
N ALA D 243 -80.74 27.92 -0.69
CA ALA D 243 -81.76 27.24 0.09
C ALA D 243 -81.49 25.74 0.19
N LEU D 244 -80.86 25.15 -0.82
CA LEU D 244 -80.52 23.73 -0.75
C LEU D 244 -79.47 23.46 0.31
N PHE D 245 -78.52 24.39 0.48
CA PHE D 245 -77.51 24.23 1.53
C PHE D 245 -78.05 24.53 2.92
N LYS D 246 -78.93 25.51 3.06
CA LYS D 246 -79.66 25.66 4.32
C LYS D 246 -80.82 24.68 4.44
N ALA D 247 -80.88 23.65 3.61
CA ALA D 247 -81.79 22.53 3.80
C ALA D 247 -81.07 21.23 4.13
N ILE D 248 -79.95 20.96 3.46
CA ILE D 248 -79.19 19.74 3.69
C ILE D 248 -78.14 19.97 4.77
N GLY D 249 -77.60 18.89 5.32
CA GLY D 249 -76.55 18.95 6.32
C GLY D 249 -75.13 18.91 5.78
N VAL D 250 -74.94 19.02 4.47
CA VAL D 250 -73.60 18.99 3.88
C VAL D 250 -72.89 20.29 4.21
N LYS D 251 -71.62 20.19 4.63
CA LYS D 251 -70.82 21.36 4.90
C LYS D 251 -70.02 21.75 3.67
N PRO D 252 -70.24 22.92 3.10
CA PRO D 252 -69.45 23.35 1.93
C PRO D 252 -68.03 23.69 2.33
N PRO D 253 -67.10 23.70 1.38
CA PRO D 253 -65.74 24.15 1.70
C PRO D 253 -65.73 25.59 2.19
N ARG D 254 -64.90 25.85 3.20
CA ARG D 254 -64.82 27.15 3.83
C ARG D 254 -63.56 27.92 3.44
N GLY D 255 -62.85 27.43 2.42
CA GLY D 255 -61.64 28.10 2.00
C GLY D 255 -60.90 27.37 0.90
N ILE D 256 -60.45 28.11 -0.11
CA ILE D 256 -59.75 27.56 -1.26
C ILE D 256 -58.45 28.34 -1.42
N LEU D 257 -57.35 27.62 -1.54
CA LEU D 257 -56.04 28.26 -1.68
C LEU D 257 -55.52 28.03 -3.10
N LEU D 258 -55.31 29.13 -3.82
CA LEU D 258 -54.77 29.09 -5.17
C LEU D 258 -53.26 29.23 -5.12
N TYR D 259 -52.58 28.71 -6.13
CA TYR D 259 -51.12 28.68 -6.09
C TYR D 259 -50.50 29.21 -7.36
N GLY D 260 -49.19 29.03 -7.50
CA GLY D 260 -48.49 29.45 -8.69
C GLY D 260 -47.72 30.73 -8.50
N PRO D 261 -46.75 30.99 -9.38
CA PRO D 261 -45.97 32.23 -9.29
C PRO D 261 -46.85 33.43 -9.61
N PRO D 262 -46.41 34.64 -9.23
CA PRO D 262 -47.22 35.82 -9.49
C PRO D 262 -47.46 36.03 -10.98
N GLY D 263 -48.65 36.51 -11.31
CA GLY D 263 -49.04 36.73 -12.70
C GLY D 263 -49.71 35.56 -13.37
N THR D 264 -49.81 34.42 -12.70
CA THR D 264 -50.45 33.26 -13.32
C THR D 264 -51.96 33.46 -13.47
N GLY D 265 -52.53 34.37 -12.70
CA GLY D 265 -53.95 34.67 -12.86
C GLY D 265 -54.81 34.27 -11.69
N LYS D 266 -54.25 34.32 -10.48
CA LYS D 266 -55.01 33.95 -9.28
C LYS D 266 -56.06 34.98 -8.90
N THR D 267 -56.01 36.18 -9.48
CA THR D 267 -56.93 37.24 -9.05
C THR D 267 -58.15 37.35 -9.96
N LEU D 268 -57.96 37.39 -11.28
CA LEU D 268 -59.11 37.49 -12.15
C LEU D 268 -59.95 36.21 -12.16
N ILE D 269 -59.37 35.08 -11.76
CA ILE D 269 -60.17 33.87 -11.58
C ILE D 269 -61.20 34.09 -10.47
N ALA D 270 -60.74 34.58 -9.33
CA ALA D 270 -61.64 34.87 -8.22
C ALA D 270 -62.62 35.98 -8.56
N ARG D 271 -62.19 36.99 -9.33
CA ARG D 271 -63.12 38.05 -9.71
C ARG D 271 -64.15 37.55 -10.71
N ALA D 272 -63.79 36.63 -11.60
CA ALA D 272 -64.73 36.11 -12.59
C ALA D 272 -65.75 35.17 -11.95
N VAL D 273 -65.28 34.27 -11.07
CA VAL D 273 -66.23 33.38 -10.38
C VAL D 273 -67.17 34.13 -9.46
N ALA D 274 -66.92 35.42 -9.23
CA ALA D 274 -67.84 36.29 -8.49
C ALA D 274 -68.72 37.12 -9.41
N ASN D 275 -68.14 37.66 -10.49
CA ASN D 275 -68.91 38.46 -11.43
C ASN D 275 -69.99 37.63 -12.12
N GLU D 276 -69.66 36.41 -12.51
CA GLU D 276 -70.64 35.58 -13.22
C GLU D 276 -71.51 34.75 -12.28
N THR D 277 -71.31 34.85 -10.97
CA THR D 277 -72.18 34.18 -10.02
C THR D 277 -73.03 35.12 -9.19
N GLY D 278 -72.84 36.43 -9.33
CA GLY D 278 -73.64 37.38 -8.59
C GLY D 278 -73.35 37.43 -7.12
N ALA D 279 -72.17 36.98 -6.70
CA ALA D 279 -71.77 37.00 -5.30
C ALA D 279 -70.98 38.27 -5.02
N PHE D 280 -71.19 38.82 -3.82
CA PHE D 280 -70.52 40.05 -3.43
C PHE D 280 -69.03 39.78 -3.30
N PHE D 281 -68.25 40.28 -4.25
CA PHE D 281 -66.80 40.10 -4.27
C PHE D 281 -66.17 41.20 -3.43
N PHE D 282 -65.38 40.82 -2.45
CA PHE D 282 -64.67 41.76 -1.60
C PHE D 282 -63.19 41.38 -1.61
N LEU D 283 -62.36 42.26 -2.15
CA LEU D 283 -60.94 42.00 -2.31
C LEU D 283 -60.16 42.69 -1.21
N ILE D 284 -59.30 41.93 -0.53
CA ILE D 284 -58.29 42.47 0.36
C ILE D 284 -56.94 41.97 -0.10
N ASN D 285 -56.01 42.92 -0.31
CA ASN D 285 -54.74 42.58 -0.92
C ASN D 285 -53.85 41.81 0.05
N GLY D 286 -53.56 42.39 1.21
CA GLY D 286 -52.71 41.77 2.18
C GLY D 286 -51.60 42.67 2.69
N PRO D 287 -51.00 43.49 1.82
CA PRO D 287 -50.09 44.53 2.31
C PRO D 287 -50.79 45.71 2.96
N GLU D 288 -52.05 45.98 2.62
CA GLU D 288 -52.75 47.09 3.27
C GLU D 288 -53.00 46.80 4.74
N ILE D 289 -53.11 45.53 5.11
CA ILE D 289 -53.26 45.17 6.52
C ILE D 289 -52.04 45.61 7.30
N MET D 290 -50.83 45.36 6.78
CA MET D 290 -49.63 45.83 7.44
C MET D 290 -49.35 47.31 7.18
N SER D 291 -50.02 47.93 6.22
CA SER D 291 -49.79 49.34 5.93
C SER D 291 -50.28 50.24 7.06
N LYS D 292 -51.41 49.88 7.67
CA LYS D 292 -52.04 50.76 8.65
C LYS D 292 -51.45 50.52 10.04
N LEU D 293 -51.82 51.38 10.98
CA LEU D 293 -51.25 51.32 12.32
C LEU D 293 -51.70 50.06 13.05
N ALA D 294 -50.88 49.65 14.02
CA ALA D 294 -51.15 48.46 14.81
C ALA D 294 -52.31 48.72 15.77
N GLY D 295 -53.42 48.04 15.53
CA GLY D 295 -54.59 48.17 16.37
C GLY D 295 -55.88 48.29 15.59
N GLU D 296 -55.82 48.96 14.44
CA GLU D 296 -56.97 49.07 13.55
C GLU D 296 -56.88 48.14 12.36
N SER D 297 -55.69 47.60 12.06
CA SER D 297 -55.58 46.63 10.99
C SER D 297 -56.38 45.37 11.29
N GLU D 298 -56.32 44.89 12.53
CA GLU D 298 -57.15 43.75 12.92
C GLU D 298 -58.63 44.08 12.82
N SER D 299 -59.04 45.26 13.26
CA SER D 299 -60.43 45.67 13.15
C SER D 299 -60.89 45.77 11.71
N ASN D 300 -60.02 46.18 10.79
CA ASN D 300 -60.44 46.39 9.42
C ASN D 300 -60.74 45.06 8.73
N LEU D 301 -59.83 44.09 8.83
CA LEU D 301 -60.12 42.79 8.23
C LEU D 301 -61.09 41.99 9.08
N ARG D 302 -61.36 42.43 10.32
CA ARG D 302 -62.50 41.87 11.04
C ARG D 302 -63.80 42.33 10.42
N LYS D 303 -64.02 43.65 10.35
CA LYS D 303 -65.26 44.18 9.79
C LYS D 303 -65.43 43.79 8.33
N ALA D 304 -64.33 43.48 7.64
CA ALA D 304 -64.43 42.92 6.30
C ALA D 304 -65.27 41.65 6.27
N PHE D 305 -65.14 40.81 7.30
CA PHE D 305 -65.91 39.57 7.33
C PHE D 305 -67.40 39.79 7.60
N GLU D 306 -67.76 40.64 8.57
CA GLU D 306 -69.19 40.89 8.79
C GLU D 306 -69.84 41.65 7.64
N GLU D 307 -69.14 42.62 7.01
CA GLU D 307 -69.79 43.30 5.89
C GLU D 307 -70.01 42.34 4.73
N ALA D 308 -69.16 41.34 4.58
CA ALA D 308 -69.38 40.29 3.59
C ALA D 308 -70.54 39.39 3.94
N GLU D 309 -70.73 39.07 5.23
CA GLU D 309 -71.79 38.15 5.62
C GLU D 309 -73.17 38.68 5.27
N LYS D 310 -73.44 39.96 5.53
CA LYS D 310 -74.76 40.49 5.25
C LYS D 310 -75.02 40.64 3.76
N ASN D 311 -73.96 40.65 2.95
CA ASN D 311 -74.09 40.60 1.50
C ASN D 311 -74.04 39.17 1.00
N ALA D 312 -74.87 38.30 1.58
CA ALA D 312 -74.88 36.91 1.17
C ALA D 312 -75.66 36.75 -0.14
N PRO D 313 -75.19 35.89 -1.06
CA PRO D 313 -73.94 35.15 -0.93
C PRO D 313 -72.73 36.02 -1.25
N ALA D 314 -71.60 35.74 -0.61
CA ALA D 314 -70.42 36.58 -0.73
C ALA D 314 -69.21 35.71 -1.07
N ILE D 315 -68.12 36.37 -1.42
CA ILE D 315 -66.87 35.70 -1.77
C ILE D 315 -65.73 36.62 -1.40
N ILE D 316 -64.80 36.12 -0.59
CA ILE D 316 -63.66 36.89 -0.10
C ILE D 316 -62.39 36.31 -0.70
N PHE D 317 -61.57 37.16 -1.29
CA PHE D 317 -60.31 36.74 -1.89
C PHE D 317 -59.19 37.53 -1.25
N ILE D 318 -58.18 36.82 -0.76
CA ILE D 318 -57.00 37.44 -0.16
C ILE D 318 -55.86 37.31 -1.16
N ASP D 319 -55.41 38.45 -1.70
CA ASP D 319 -54.44 38.42 -2.78
C ASP D 319 -53.07 38.01 -2.29
N GLU D 320 -52.54 38.73 -1.31
CA GLU D 320 -51.25 38.41 -0.71
C GLU D 320 -51.49 37.71 0.62
N LEU D 321 -51.10 36.44 0.70
CA LEU D 321 -51.26 35.68 1.93
C LEU D 321 -49.92 35.29 2.51
N ASP D 322 -48.91 35.06 1.65
CA ASP D 322 -47.57 34.81 2.13
C ASP D 322 -47.01 36.02 2.87
N ALA D 323 -47.54 37.21 2.59
CA ALA D 323 -47.18 38.43 3.30
C ALA D 323 -47.99 38.61 4.58
N ILE D 324 -48.94 37.73 4.85
CA ILE D 324 -49.75 37.77 6.06
C ILE D 324 -49.23 36.80 7.10
N ALA D 325 -48.94 35.55 6.70
CA ALA D 325 -48.53 34.49 7.61
C ALA D 325 -47.27 33.80 7.09
N PRO D 326 -46.10 34.44 7.18
CA PRO D 326 -44.84 33.77 6.89
C PRO D 326 -44.22 33.12 8.13
N LYS D 327 -44.98 32.21 8.75
CA LYS D 327 -44.64 31.67 10.07
C LYS D 327 -43.66 30.52 9.88
N ARG D 328 -42.50 30.84 9.31
CA ARG D 328 -41.44 29.85 9.18
C ARG D 328 -40.10 30.35 9.69
N GLU D 329 -39.80 31.62 9.46
CA GLU D 329 -38.50 32.17 9.84
C GLU D 329 -38.62 33.58 10.40
N LYS D 330 -39.83 34.13 10.42
CA LYS D 330 -39.98 35.51 10.89
C LYS D 330 -39.85 35.57 12.41
N THR D 331 -40.78 34.93 13.12
CA THR D 331 -40.77 34.86 14.58
C THR D 331 -40.49 36.22 15.21
N HIS D 332 -40.93 37.28 14.55
CA HIS D 332 -40.61 38.63 14.94
C HIS D 332 -41.81 39.52 14.73
N GLY D 333 -42.15 40.31 15.74
CA GLY D 333 -43.30 41.18 15.64
C GLY D 333 -44.49 40.65 16.42
N GLU D 334 -44.85 41.35 17.50
CA GLU D 334 -46.01 40.95 18.29
C GLU D 334 -47.29 41.01 17.47
N VAL D 335 -47.43 42.03 16.63
CA VAL D 335 -48.66 42.19 15.84
C VAL D 335 -48.78 41.17 14.72
N GLU D 336 -47.66 40.62 14.23
CA GLU D 336 -47.74 39.62 13.17
C GLU D 336 -48.53 38.40 13.63
N ARG D 337 -48.16 37.84 14.78
CA ARG D 337 -48.89 36.72 15.35
C ARG D 337 -50.33 37.10 15.70
N ARG D 338 -50.56 38.32 16.19
CA ARG D 338 -51.91 38.75 16.49
C ARG D 338 -52.79 38.75 15.24
N ILE D 339 -52.29 39.27 14.12
CA ILE D 339 -53.06 39.27 12.89
C ILE D 339 -53.25 37.86 12.36
N VAL D 340 -52.21 37.02 12.45
CA VAL D 340 -52.35 35.65 11.98
C VAL D 340 -53.44 34.92 12.76
N SER D 341 -53.41 35.06 14.09
CA SER D 341 -54.45 34.44 14.91
C SER D 341 -55.82 35.08 14.67
N GLN D 342 -55.87 36.39 14.41
CA GLN D 342 -57.15 37.03 14.12
C GLN D 342 -57.77 36.45 12.86
N LEU D 343 -56.96 36.26 11.81
CA LEU D 343 -57.43 35.56 10.61
C LEU D 343 -57.85 34.13 10.91
N LEU D 344 -57.08 33.42 11.74
CA LEU D 344 -57.44 32.05 12.09
C LEU D 344 -58.78 32.00 12.82
N THR D 345 -59.04 32.95 13.70
CA THR D 345 -60.32 32.99 14.40
C THR D 345 -61.46 33.36 13.47
N LEU D 346 -61.25 34.34 12.60
CA LEU D 346 -62.27 34.76 11.65
C LEU D 346 -62.66 33.66 10.67
N MET D 347 -61.71 32.81 10.27
CA MET D 347 -62.01 31.69 9.40
C MET D 347 -62.44 30.42 10.13
N ASP D 348 -62.09 30.28 11.41
CA ASP D 348 -62.53 29.13 12.17
C ASP D 348 -64.02 29.22 12.48
N GLY D 349 -64.52 30.42 12.74
CA GLY D 349 -65.93 30.60 13.05
C GLY D 349 -66.80 30.76 11.82
N LEU D 350 -66.55 29.95 10.80
CA LEU D 350 -67.33 29.98 9.57
C LEU D 350 -68.36 28.84 9.61
N LYS D 351 -69.46 29.11 10.31
CA LYS D 351 -70.57 28.16 10.38
C LYS D 351 -71.45 28.30 9.15
N GLN D 352 -72.63 27.67 9.17
CA GLN D 352 -73.52 27.74 8.02
C GLN D 352 -73.95 29.17 7.75
N ARG D 353 -74.71 29.76 8.66
CA ARG D 353 -75.07 31.18 8.66
C ARG D 353 -75.37 31.72 7.27
N ALA D 354 -74.35 32.23 6.59
CA ALA D 354 -74.48 32.74 5.23
C ALA D 354 -73.43 32.11 4.33
N HIS D 355 -73.53 32.35 3.02
CA HIS D 355 -72.59 31.76 2.07
C HIS D 355 -71.45 32.73 1.84
N VAL D 356 -70.32 32.47 2.51
CA VAL D 356 -69.09 33.20 2.29
C VAL D 356 -68.00 32.19 1.96
N ILE D 357 -67.27 32.45 0.88
CA ILE D 357 -66.17 31.61 0.44
C ILE D 357 -64.90 32.44 0.51
N VAL D 358 -63.90 31.95 1.22
CA VAL D 358 -62.68 32.69 1.46
C VAL D 358 -61.57 32.04 0.65
N MET D 359 -61.32 32.58 -0.54
CA MET D 359 -60.21 32.14 -1.37
C MET D 359 -58.97 32.98 -1.07
N ALA D 360 -57.81 32.41 -1.35
CA ALA D 360 -56.55 33.09 -1.08
C ALA D 360 -55.52 32.68 -2.11
N ALA D 361 -54.51 33.52 -2.28
CA ALA D 361 -53.47 33.28 -3.25
C ALA D 361 -52.10 33.47 -2.61
N THR D 362 -51.16 32.62 -3.01
CA THR D 362 -49.79 32.64 -2.53
C THR D 362 -48.92 31.94 -3.57
N ASN D 363 -47.59 32.02 -3.38
CA ASN D 363 -46.67 31.54 -4.40
C ASN D 363 -46.33 30.07 -4.16
N ARG D 364 -45.84 29.71 -2.98
CA ARG D 364 -45.47 28.34 -2.66
C ARG D 364 -46.43 27.72 -1.65
N PRO D 365 -46.64 26.41 -1.73
CA PRO D 365 -47.32 25.72 -0.61
C PRO D 365 -46.62 25.83 0.74
N ASN D 366 -45.29 25.83 0.81
CA ASN D 366 -44.66 25.88 2.14
C ASN D 366 -44.56 27.29 2.71
N SER D 367 -44.87 28.34 1.93
CA SER D 367 -44.74 29.71 2.41
C SER D 367 -45.97 30.20 3.16
N ILE D 368 -46.76 29.28 3.70
CA ILE D 368 -48.00 29.60 4.41
C ILE D 368 -47.94 28.94 5.78
N ASP D 369 -48.48 29.62 6.77
CA ASP D 369 -48.55 29.07 8.12
C ASP D 369 -49.28 27.73 8.09
N PRO D 370 -48.67 26.65 8.59
CA PRO D 370 -49.36 25.35 8.58
C PRO D 370 -50.65 25.34 9.37
N ALA D 371 -50.80 26.22 10.36
CA ALA D 371 -52.05 26.30 11.10
C ALA D 371 -53.20 26.78 10.21
N LEU D 372 -52.90 27.38 9.06
CA LEU D 372 -53.92 27.81 8.13
C LEU D 372 -54.40 26.69 7.22
N ARG D 373 -53.71 25.56 7.21
CA ARG D 373 -54.06 24.43 6.35
C ARG D 373 -54.94 23.40 7.06
N ARG D 374 -55.34 23.69 8.30
CA ARG D 374 -56.16 22.75 9.07
C ARG D 374 -57.55 22.65 8.45
N PHE D 375 -58.32 21.69 8.94
CA PHE D 375 -59.69 21.51 8.46
C PHE D 375 -60.56 22.67 8.92
N GLY D 376 -61.39 23.16 8.01
CA GLY D 376 -62.24 24.29 8.28
C GLY D 376 -61.65 25.64 7.94
N ARG D 377 -60.36 25.70 7.61
CA ARG D 377 -59.74 26.95 7.18
C ARG D 377 -59.29 26.92 5.74
N PHE D 378 -58.43 25.97 5.37
CA PHE D 378 -58.06 25.76 3.96
C PHE D 378 -57.94 24.25 3.73
N ASP D 379 -59.07 23.65 3.34
CA ASP D 379 -59.10 22.22 3.07
C ASP D 379 -58.87 21.93 1.58
N ARG D 380 -59.46 22.75 0.72
CA ARG D 380 -59.32 22.57 -0.72
C ARG D 380 -58.21 23.47 -1.24
N GLU D 381 -57.26 22.87 -1.96
CA GLU D 381 -56.16 23.61 -2.55
C GLU D 381 -56.05 23.27 -4.03
N VAL D 382 -55.91 24.29 -4.85
CA VAL D 382 -55.77 24.12 -6.30
C VAL D 382 -54.49 24.82 -6.73
N ASP D 383 -53.61 24.09 -7.42
CA ASP D 383 -52.33 24.60 -7.87
C ASP D 383 -52.40 24.86 -9.37
N ILE D 384 -52.07 26.08 -9.77
CA ILE D 384 -51.99 26.45 -11.17
C ILE D 384 -50.55 26.81 -11.49
N GLY D 385 -50.20 26.69 -12.78
CA GLY D 385 -48.83 26.88 -13.21
C GLY D 385 -48.75 27.55 -14.56
N ILE D 386 -47.59 27.40 -15.19
CA ILE D 386 -47.33 28.04 -16.48
C ILE D 386 -48.14 27.34 -17.56
N PRO D 387 -48.94 28.06 -18.34
CA PRO D 387 -49.66 27.42 -19.45
C PRO D 387 -48.71 26.89 -20.51
N ASP D 388 -49.14 25.80 -21.16
CA ASP D 388 -48.34 25.21 -22.23
C ASP D 388 -48.55 25.98 -23.52
N ALA D 389 -48.00 25.49 -24.63
CA ALA D 389 -48.16 26.17 -25.90
C ALA D 389 -49.63 26.28 -26.30
N THR D 390 -50.38 25.19 -26.13
CA THR D 390 -51.82 25.25 -26.37
C THR D 390 -52.52 26.18 -25.39
N GLY D 391 -52.12 26.16 -24.12
CA GLY D 391 -52.68 27.05 -23.13
C GLY D 391 -52.30 28.50 -23.37
N ARG D 392 -51.07 28.72 -23.84
CA ARG D 392 -50.62 30.06 -24.15
C ARG D 392 -51.26 30.62 -25.41
N LEU D 393 -51.59 29.77 -26.39
CA LEU D 393 -52.20 30.27 -27.61
C LEU D 393 -53.54 30.95 -27.31
N GLU D 394 -54.37 30.33 -26.47
CA GLU D 394 -55.68 30.91 -26.18
C GLU D 394 -55.58 32.13 -25.28
N ILE D 395 -54.40 32.41 -24.72
CA ILE D 395 -54.25 33.58 -23.85
C ILE D 395 -53.78 34.80 -24.63
N LEU D 396 -53.33 34.65 -25.87
CA LEU D 396 -52.93 35.80 -26.65
C LEU D 396 -54.13 36.53 -27.23
N GLN D 397 -55.02 35.82 -27.94
CA GLN D 397 -56.10 36.49 -28.65
C GLN D 397 -57.08 37.20 -27.72
N ILE D 398 -57.24 36.72 -26.48
CA ILE D 398 -58.09 37.42 -25.53
C ILE D 398 -57.54 38.80 -25.20
N HIS D 399 -56.22 38.97 -25.22
CA HIS D 399 -55.62 40.27 -24.95
C HIS D 399 -55.36 41.12 -26.19
N THR D 400 -55.58 40.57 -27.39
CA THR D 400 -55.40 41.32 -28.62
C THR D 400 -56.65 41.36 -29.48
N LYS D 401 -57.80 40.99 -28.92
CA LYS D 401 -59.05 41.09 -29.68
C LYS D 401 -59.36 42.51 -30.14
N ASN D 402 -58.88 43.53 -29.41
CA ASN D 402 -59.16 44.91 -29.79
C ASN D 402 -58.22 45.44 -30.87
N MET D 403 -56.97 44.98 -30.92
CA MET D 403 -56.00 45.47 -31.90
C MET D 403 -56.01 44.55 -33.11
N LYS D 404 -56.32 45.11 -34.28
CA LYS D 404 -56.39 44.32 -35.50
C LYS D 404 -55.01 43.87 -35.93
N LEU D 405 -54.95 42.69 -36.54
CA LEU D 405 -53.72 42.10 -37.00
C LEU D 405 -53.64 42.14 -38.52
N ALA D 406 -52.48 41.76 -39.05
CA ALA D 406 -52.26 41.68 -40.49
C ALA D 406 -52.44 40.24 -40.95
N ASP D 407 -52.47 40.05 -42.27
CA ASP D 407 -52.64 38.72 -42.84
C ASP D 407 -51.42 37.82 -42.62
N ASP D 408 -50.25 38.41 -42.35
CA ASP D 408 -49.04 37.66 -42.14
C ASP D 408 -48.65 37.53 -40.67
N VAL D 409 -49.52 37.98 -39.76
CA VAL D 409 -49.23 37.95 -38.33
C VAL D 409 -50.02 36.79 -37.73
N ASP D 410 -49.30 35.78 -37.24
CA ASP D 410 -49.91 34.61 -36.62
C ASP D 410 -49.42 34.48 -35.18
N LEU D 411 -50.36 34.34 -34.26
CA LEU D 411 -50.05 34.24 -32.84
C LEU D 411 -49.64 32.84 -32.41
N GLU D 412 -49.83 31.83 -33.27
CA GLU D 412 -49.46 30.47 -32.90
C GLU D 412 -47.95 30.29 -32.85
N GLN D 413 -47.22 30.77 -33.86
CA GLN D 413 -45.78 30.61 -33.89
C GLN D 413 -45.06 31.43 -32.82
N VAL D 414 -45.69 32.50 -32.32
CA VAL D 414 -45.04 33.32 -31.30
C VAL D 414 -45.20 32.72 -29.92
N ALA D 415 -46.14 31.79 -29.73
CA ALA D 415 -46.32 31.10 -28.46
C ALA D 415 -45.64 29.74 -28.43
N ASN D 416 -44.64 29.55 -29.30
CA ASN D 416 -43.94 28.28 -29.42
C ASN D 416 -42.54 28.33 -28.83
N GLU D 417 -41.75 29.32 -29.20
CA GLU D 417 -40.39 29.44 -28.69
C GLU D 417 -40.34 29.92 -27.24
N THR D 418 -41.42 30.49 -26.73
CA THR D 418 -41.51 30.91 -25.34
C THR D 418 -42.09 29.78 -24.50
N HIS D 419 -41.44 29.51 -23.37
CA HIS D 419 -41.90 28.47 -22.46
C HIS D 419 -41.93 28.98 -21.03
N GLY D 420 -41.13 30.01 -20.74
CA GLY D 420 -41.02 30.54 -19.40
C GLY D 420 -41.72 31.88 -19.23
N HIS D 421 -42.89 32.02 -19.83
CA HIS D 421 -43.67 33.24 -19.75
C HIS D 421 -44.91 33.01 -18.91
N VAL D 422 -45.07 33.80 -17.85
CA VAL D 422 -46.26 33.76 -17.03
C VAL D 422 -47.40 34.47 -17.75
N GLY D 423 -48.64 34.23 -17.33
CA GLY D 423 -49.79 34.80 -18.01
C GLY D 423 -49.74 36.31 -18.12
N ALA D 424 -49.20 36.99 -17.10
CA ALA D 424 -49.00 38.43 -17.15
C ALA D 424 -47.88 38.84 -18.07
N ASP D 425 -46.90 37.97 -18.32
CA ASP D 425 -45.80 38.29 -19.23
C ASP D 425 -46.32 38.58 -20.62
N LEU D 426 -47.19 37.72 -21.15
CA LEU D 426 -47.75 37.95 -22.48
C LEU D 426 -48.73 39.11 -22.50
N ALA D 427 -49.45 39.33 -21.41
CA ALA D 427 -50.32 40.51 -21.33
C ALA D 427 -49.50 41.79 -21.45
N ALA D 428 -48.35 41.84 -20.78
CA ALA D 428 -47.45 42.96 -20.94
C ALA D 428 -46.82 43.01 -22.34
N LEU D 429 -46.49 41.84 -22.91
CA LEU D 429 -45.85 41.79 -24.21
C LEU D 429 -46.75 42.33 -25.32
N CYS D 430 -48.04 42.02 -25.28
CA CYS D 430 -48.96 42.54 -26.29
C CYS D 430 -48.97 44.06 -26.29
N SER D 431 -49.16 44.67 -25.12
CA SER D 431 -49.13 46.12 -25.04
C SER D 431 -47.78 46.67 -25.47
N GLU D 432 -46.69 46.04 -25.03
CA GLU D 432 -45.35 46.52 -25.38
C GLU D 432 -45.13 46.52 -26.89
N ALA D 433 -45.60 45.49 -27.58
CA ALA D 433 -45.54 45.50 -29.04
C ALA D 433 -46.43 46.59 -29.62
N ALA D 434 -47.55 46.90 -28.95
CA ALA D 434 -48.42 47.96 -29.45
C ALA D 434 -47.72 49.33 -29.47
N LEU D 435 -46.94 49.66 -28.45
CA LEU D 435 -46.22 50.94 -28.47
C LEU D 435 -45.23 51.01 -29.63
N GLN D 436 -44.50 49.93 -29.90
CA GLN D 436 -43.61 49.95 -31.05
C GLN D 436 -44.38 50.10 -32.36
N ALA D 437 -45.52 49.40 -32.47
CA ALA D 437 -46.33 49.49 -33.69
C ALA D 437 -46.80 50.90 -33.94
N ILE D 438 -47.22 51.63 -32.89
CA ILE D 438 -47.66 53.01 -33.10
C ILE D 438 -46.52 54.00 -33.18
N ARG D 439 -45.37 53.68 -32.57
CA ARG D 439 -44.21 54.56 -32.61
C ARG D 439 -43.55 54.58 -33.98
N LYS D 440 -43.54 53.43 -34.66
CA LYS D 440 -42.93 53.39 -35.98
C LYS D 440 -43.70 54.20 -37.02
N LYS D 441 -44.92 54.64 -36.71
CA LYS D 441 -45.70 55.45 -37.63
C LYS D 441 -45.97 56.86 -37.13
N MET D 442 -45.96 57.11 -35.83
CA MET D 442 -46.20 58.47 -35.36
C MET D 442 -45.08 59.43 -35.76
N ASP D 443 -43.86 58.93 -35.94
CA ASP D 443 -42.76 59.78 -36.37
C ASP D 443 -43.00 60.37 -37.76
N LEU D 444 -43.58 59.60 -38.67
CA LEU D 444 -43.87 60.08 -40.01
C LEU D 444 -45.23 60.76 -40.12
N ILE D 445 -46.21 60.35 -39.30
CA ILE D 445 -47.52 60.99 -39.35
C ILE D 445 -47.43 62.43 -38.87
N ASP D 446 -46.77 62.65 -37.74
CA ASP D 446 -46.53 63.99 -37.19
C ASP D 446 -47.84 64.75 -37.01
N LEU D 447 -48.76 64.20 -36.22
CA LEU D 447 -50.05 64.83 -35.93
C LEU D 447 -50.08 65.17 -34.45
N GLU D 448 -49.60 66.36 -34.11
CA GLU D 448 -49.57 66.84 -32.74
C GLU D 448 -50.73 67.79 -32.53
N ASP D 449 -51.65 67.42 -31.63
CA ASP D 449 -52.82 68.23 -31.35
C ASP D 449 -53.36 67.83 -29.97
N GLU D 450 -54.32 68.60 -29.49
CA GLU D 450 -54.94 68.33 -28.19
C GLU D 450 -55.75 67.05 -28.23
N THR D 451 -56.75 67.01 -29.10
CA THR D 451 -57.59 65.83 -29.23
C THR D 451 -57.19 65.02 -30.46
N ILE D 452 -57.03 63.71 -30.26
CA ILE D 452 -56.59 62.80 -31.31
C ILE D 452 -57.81 62.26 -32.03
N ASP D 453 -57.82 62.37 -33.36
CA ASP D 453 -58.93 61.92 -34.16
C ASP D 453 -59.06 60.40 -34.10
N ALA D 454 -60.31 59.93 -34.15
CA ALA D 454 -60.61 58.51 -34.09
C ALA D 454 -60.56 57.82 -35.44
N GLU D 455 -60.21 58.55 -36.50
CA GLU D 455 -60.14 58.00 -37.85
C GLU D 455 -58.79 57.37 -38.17
N VAL D 456 -57.90 57.26 -37.19
CA VAL D 456 -56.59 56.67 -37.41
C VAL D 456 -56.40 55.34 -36.70
N MET D 457 -57.13 55.06 -35.61
CA MET D 457 -57.03 53.76 -34.96
C MET D 457 -57.43 52.61 -35.88
N ASN D 458 -58.33 52.86 -36.84
CA ASN D 458 -58.70 51.83 -37.80
C ASN D 458 -57.53 51.38 -38.66
N SER D 459 -56.53 52.23 -38.84
CA SER D 459 -55.34 51.90 -39.62
C SER D 459 -54.19 51.35 -38.78
N LEU D 460 -54.37 51.28 -37.46
CA LEU D 460 -53.32 50.77 -36.57
C LEU D 460 -53.33 49.25 -36.64
N ALA D 461 -52.49 48.69 -37.52
CA ALA D 461 -52.35 47.25 -37.67
C ALA D 461 -50.96 46.84 -37.21
N VAL D 462 -50.90 45.88 -36.29
CA VAL D 462 -49.62 45.39 -35.79
C VAL D 462 -48.96 44.53 -36.86
N THR D 463 -47.63 44.56 -36.88
CA THR D 463 -46.84 43.79 -37.82
C THR D 463 -46.08 42.70 -37.08
N MET D 464 -45.53 41.77 -37.85
CA MET D 464 -44.77 40.68 -37.25
C MET D 464 -43.47 41.19 -36.64
N ASP D 465 -42.83 42.17 -37.29
CA ASP D 465 -41.62 42.77 -36.75
C ASP D 465 -41.88 43.48 -35.43
N ASP D 466 -43.12 43.92 -35.19
CA ASP D 466 -43.44 44.47 -33.88
C ASP D 466 -43.28 43.40 -32.80
N PHE D 467 -43.56 42.14 -33.14
CA PHE D 467 -43.42 41.04 -32.19
C PHE D 467 -42.01 40.47 -32.15
N ARG D 468 -41.26 40.54 -33.25
CA ARG D 468 -39.88 40.07 -33.22
C ARG D 468 -39.06 40.81 -32.17
N TRP D 469 -39.22 42.14 -32.09
CA TRP D 469 -38.52 42.91 -31.06
C TRP D 469 -39.08 42.64 -29.67
N ALA D 470 -40.34 42.21 -29.59
CA ALA D 470 -41.01 41.97 -28.31
C ALA D 470 -40.39 40.84 -27.51
N LEU D 471 -39.87 39.81 -28.17
CA LEU D 471 -39.27 38.66 -27.50
C LEU D 471 -37.78 38.84 -27.26
N SER D 472 -37.24 40.02 -27.57
CA SER D 472 -35.80 40.27 -27.43
C SER D 472 -35.48 41.00 -26.14
N GLN D 473 -36.08 42.18 -25.92
CA GLN D 473 -35.79 42.96 -24.72
C GLN D 473 -36.66 42.57 -23.53
N SER D 474 -37.69 41.76 -23.73
CA SER D 474 -38.56 41.36 -22.62
C SER D 474 -37.86 40.28 -21.81
N ASN D 475 -37.68 40.54 -20.52
CA ASN D 475 -37.03 39.59 -19.64
C ASN D 475 -38.09 38.92 -18.77
N PRO D 476 -38.44 37.66 -19.03
CA PRO D 476 -39.50 37.01 -18.26
C PRO D 476 -39.05 36.72 -16.84
N SER D 477 -40.03 36.54 -15.96
CA SER D 477 -39.78 36.32 -14.54
C SER D 477 -39.65 34.84 -14.20
N ALA D 478 -40.68 34.06 -14.50
CA ALA D 478 -40.70 32.64 -14.15
C ALA D 478 -39.92 31.85 -15.19
N LEU D 479 -38.67 31.54 -14.89
CA LEU D 479 -37.84 30.73 -15.76
C LEU D 479 -37.33 29.44 -15.13
N ARG D 480 -37.05 29.43 -13.83
CA ARG D 480 -36.52 28.26 -13.13
C ARG D 480 -37.59 27.75 -12.17
N GLU D 481 -38.48 26.92 -12.70
CA GLU D 481 -39.55 26.32 -11.94
C GLU D 481 -39.89 24.97 -12.54
N THR D 482 -40.78 24.24 -11.87
CA THR D 482 -41.19 22.92 -12.35
C THR D 482 -42.21 23.09 -13.48
N VAL D 483 -41.80 22.77 -14.70
CA VAL D 483 -42.67 22.87 -15.87
C VAL D 483 -43.50 21.59 -15.92
N VAL D 484 -44.80 21.72 -15.68
CA VAL D 484 -45.70 20.57 -15.68
C VAL D 484 -46.63 20.66 -16.88
N GLU D 485 -46.23 20.07 -18.00
CA GLU D 485 -46.99 20.12 -19.24
C GLU D 485 -47.05 18.73 -19.87
N VAL D 486 -48.08 18.50 -20.65
CA VAL D 486 -48.27 17.26 -21.39
C VAL D 486 -47.39 17.31 -22.64
N PRO D 487 -46.53 16.33 -22.87
CA PRO D 487 -45.63 16.39 -24.02
C PRO D 487 -46.38 16.22 -25.33
N GLN D 488 -45.65 16.45 -26.42
CA GLN D 488 -46.20 16.35 -27.77
C GLN D 488 -45.58 15.22 -28.58
N VAL D 489 -44.70 14.43 -27.98
CA VAL D 489 -44.01 13.34 -28.67
C VAL D 489 -44.74 12.04 -28.37
N THR D 490 -45.14 11.33 -29.42
CA THR D 490 -45.93 10.12 -29.34
C THR D 490 -45.06 8.92 -29.72
N TRP D 491 -45.59 7.71 -29.54
CA TRP D 491 -44.89 6.50 -29.96
C TRP D 491 -44.77 6.39 -31.46
N GLU D 492 -45.69 6.97 -32.21
CA GLU D 492 -45.65 6.87 -33.67
C GLU D 492 -44.39 7.52 -34.24
N ASP D 493 -44.01 8.70 -33.72
CA ASP D 493 -42.82 9.37 -34.22
C ASP D 493 -41.54 8.69 -33.75
N ILE D 494 -41.63 7.77 -32.80
CA ILE D 494 -40.48 6.97 -32.40
C ILE D 494 -40.52 5.66 -33.17
N GLY D 495 -39.52 5.43 -34.02
CA GLY D 495 -39.41 4.19 -34.73
C GLY D 495 -38.68 3.14 -33.91
N GLY D 496 -39.00 1.88 -34.18
CA GLY D 496 -38.30 0.80 -33.51
C GLY D 496 -38.56 0.78 -32.01
N LEU D 497 -37.61 0.17 -31.29
CA LEU D 497 -37.70 -0.01 -29.83
C LEU D 497 -39.00 -0.72 -29.46
N GLU D 498 -39.35 -1.72 -30.25
CA GLU D 498 -40.52 -2.55 -29.96
C GLU D 498 -40.37 -3.31 -28.65
N ASP D 499 -39.15 -3.70 -28.28
CA ASP D 499 -38.94 -4.37 -27.01
C ASP D 499 -39.32 -3.50 -25.83
N VAL D 500 -38.95 -2.22 -25.86
CA VAL D 500 -39.31 -1.29 -24.79
C VAL D 500 -40.75 -0.79 -24.92
N LYS D 501 -41.24 -0.58 -26.14
CA LYS D 501 -42.62 -0.20 -26.36
C LYS D 501 -43.60 -1.19 -25.76
N ARG D 502 -43.33 -2.48 -25.87
CA ARG D 502 -44.22 -3.52 -25.39
C ARG D 502 -44.26 -3.63 -23.88
N GLU D 503 -43.13 -3.40 -23.20
CA GLU D 503 -43.12 -3.51 -21.75
C GLU D 503 -43.59 -2.22 -21.08
N LEU D 504 -43.24 -1.07 -21.65
CA LEU D 504 -43.75 0.19 -21.10
C LEU D 504 -45.26 0.30 -21.25
N GLN D 505 -45.82 -0.15 -22.36
CA GLN D 505 -47.26 -0.13 -22.58
C GLN D 505 -48.00 -1.09 -21.66
N GLU D 506 -47.35 -2.15 -21.19
CA GLU D 506 -47.99 -3.10 -20.30
C GLU D 506 -47.65 -2.85 -18.84
N LEU D 507 -47.00 -1.74 -18.53
CA LEU D 507 -46.53 -1.48 -17.18
C LEU D 507 -47.09 -0.18 -16.60
N VAL D 508 -47.33 0.84 -17.42
CA VAL D 508 -47.95 2.06 -16.96
C VAL D 508 -49.23 2.40 -17.72
N GLN D 509 -49.36 1.97 -18.98
CA GLN D 509 -50.58 2.24 -19.72
C GLN D 509 -51.74 1.36 -19.28
N TYR D 510 -51.47 0.09 -18.95
CA TYR D 510 -52.55 -0.81 -18.53
C TYR D 510 -53.27 -0.33 -17.28
N PRO D 511 -52.58 0.04 -16.19
CA PRO D 511 -53.33 0.53 -15.01
C PRO D 511 -54.05 1.85 -15.24
N VAL D 512 -53.69 2.60 -16.27
CA VAL D 512 -54.36 3.87 -16.56
C VAL D 512 -55.60 3.66 -17.42
N GLU D 513 -55.46 2.92 -18.52
CA GLU D 513 -56.58 2.73 -19.43
C GLU D 513 -57.51 1.59 -19.02
N HIS D 514 -57.03 0.65 -18.21
CA HIS D 514 -57.85 -0.47 -17.75
C HIS D 514 -57.71 -0.63 -16.23
N PRO D 515 -58.23 0.31 -15.44
CA PRO D 515 -58.23 0.10 -13.98
C PRO D 515 -58.94 -1.15 -13.52
N ASP D 516 -60.08 -1.50 -14.14
CA ASP D 516 -60.91 -2.60 -13.68
C ASP D 516 -60.25 -3.96 -13.81
N LYS D 517 -59.46 -4.17 -14.86
CA LYS D 517 -58.81 -5.47 -15.06
C LYS D 517 -57.75 -5.75 -14.01
N PHE D 518 -57.36 -4.73 -13.23
CA PHE D 518 -56.38 -4.95 -12.18
C PHE D 518 -57.04 -5.34 -10.87
N LEU D 519 -58.15 -4.71 -10.52
CA LEU D 519 -58.96 -5.18 -9.39
C LEU D 519 -59.59 -6.53 -9.66
N LYS D 520 -59.90 -6.84 -10.91
CA LYS D 520 -60.44 -8.16 -11.23
C LYS D 520 -59.40 -9.25 -10.99
N PHE D 521 -58.15 -8.97 -11.32
CA PHE D 521 -57.07 -9.94 -11.15
C PHE D 521 -56.35 -9.78 -9.81
N GLY D 522 -56.72 -8.77 -9.01
CA GLY D 522 -56.13 -8.60 -7.70
C GLY D 522 -54.64 -8.31 -7.71
N MET D 523 -54.15 -7.56 -8.69
CA MET D 523 -52.73 -7.23 -8.78
C MET D 523 -52.57 -5.72 -8.69
N THR D 524 -51.72 -5.29 -7.76
CA THR D 524 -51.43 -3.87 -7.64
C THR D 524 -50.46 -3.43 -8.74
N PRO D 525 -50.66 -2.24 -9.31
CA PRO D 525 -49.73 -1.75 -10.33
C PRO D 525 -48.38 -1.42 -9.73
N SER D 526 -47.35 -1.49 -10.58
CA SER D 526 -46.01 -1.15 -10.17
C SER D 526 -45.91 0.36 -9.90
N LYS D 527 -45.09 0.72 -8.92
CA LYS D 527 -44.93 2.11 -8.53
C LYS D 527 -44.03 2.91 -9.47
N GLY D 528 -43.03 2.28 -10.08
CA GLY D 528 -42.13 3.00 -10.95
C GLY D 528 -41.14 2.06 -11.61
N VAL D 529 -40.51 2.57 -12.67
CA VAL D 529 -39.53 1.83 -13.43
C VAL D 529 -38.33 2.73 -13.65
N LEU D 530 -37.13 2.20 -13.42
CA LEU D 530 -35.89 2.89 -13.73
C LEU D 530 -35.26 2.21 -14.94
N PHE D 531 -34.97 2.98 -15.98
CA PHE D 531 -34.25 2.40 -17.11
C PHE D 531 -32.85 3.00 -17.19
N TYR D 532 -31.96 2.23 -17.82
CA TYR D 532 -30.55 2.54 -17.90
C TYR D 532 -30.10 2.32 -19.34
N GLY D 533 -29.05 3.03 -19.72
CA GLY D 533 -28.54 2.94 -21.06
C GLY D 533 -27.39 3.91 -21.29
N PRO D 534 -26.69 3.74 -22.40
CA PRO D 534 -25.59 4.66 -22.74
C PRO D 534 -26.11 6.06 -22.94
N PRO D 535 -25.29 7.07 -22.65
CA PRO D 535 -25.77 8.46 -22.73
C PRO D 535 -26.17 8.84 -24.15
N GLY D 536 -27.12 9.77 -24.22
CA GLY D 536 -27.59 10.27 -25.50
C GLY D 536 -28.32 9.25 -26.33
N CYS D 537 -29.22 8.49 -25.71
CA CYS D 537 -30.02 7.50 -26.44
C CYS D 537 -31.51 7.76 -26.37
N GLY D 538 -31.98 8.79 -25.70
CA GLY D 538 -33.38 9.15 -25.73
C GLY D 538 -34.20 8.63 -24.56
N LYS D 539 -33.57 8.51 -23.39
CA LYS D 539 -34.30 8.08 -22.21
C LYS D 539 -35.38 9.08 -21.82
N THR D 540 -35.08 10.38 -21.86
CA THR D 540 -36.07 11.40 -21.59
C THR D 540 -37.19 11.41 -22.63
N LEU D 541 -36.85 11.24 -23.90
CA LEU D 541 -37.87 11.18 -24.94
C LEU D 541 -38.77 9.95 -24.78
N LEU D 542 -38.20 8.81 -24.38
CA LEU D 542 -39.02 7.63 -24.17
C LEU D 542 -40.04 7.86 -23.04
N ALA D 543 -39.58 8.46 -21.94
CA ALA D 543 -40.48 8.79 -20.84
C ALA D 543 -41.53 9.80 -21.27
N LYS D 544 -41.16 10.78 -22.08
CA LYS D 544 -42.16 11.72 -22.59
C LYS D 544 -43.19 11.03 -23.48
N ALA D 545 -42.75 10.11 -24.34
CA ALA D 545 -43.66 9.41 -25.23
C ALA D 545 -44.66 8.54 -24.48
N ILE D 546 -44.21 7.83 -23.44
CA ILE D 546 -45.12 7.03 -22.64
C ILE D 546 -46.10 7.88 -21.86
N ALA D 547 -45.78 9.15 -21.61
CA ALA D 547 -46.74 10.05 -20.99
C ALA D 547 -47.86 10.45 -21.95
N ASN D 548 -47.55 10.65 -23.23
CA ASN D 548 -48.58 10.96 -24.21
C ASN D 548 -49.51 9.78 -24.47
N GLU D 549 -48.98 8.56 -24.44
CA GLU D 549 -49.83 7.39 -24.66
C GLU D 549 -50.90 7.28 -23.57
N CYS D 550 -50.55 7.57 -22.34
CA CYS D 550 -51.49 7.54 -21.22
C CYS D 550 -52.21 8.86 -21.03
N GLN D 551 -51.93 9.87 -21.87
CA GLN D 551 -52.50 11.20 -21.72
C GLN D 551 -52.26 11.72 -20.31
N ALA D 552 -51.03 11.62 -19.82
CA ALA D 552 -50.70 11.99 -18.46
C ALA D 552 -49.73 13.15 -18.49
N ASN D 553 -49.67 13.89 -17.39
CA ASN D 553 -48.78 15.03 -17.26
C ASN D 553 -47.35 14.51 -17.10
N PHE D 554 -46.37 15.39 -17.35
CA PHE D 554 -44.97 14.98 -17.29
C PHE D 554 -44.18 16.00 -16.49
N ILE D 555 -43.40 15.52 -15.54
CA ILE D 555 -42.53 16.36 -14.72
C ILE D 555 -41.11 15.81 -14.84
N SER D 556 -40.18 16.67 -15.24
CA SER D 556 -38.79 16.29 -15.44
C SER D 556 -37.92 16.96 -14.40
N ILE D 557 -37.10 16.17 -13.71
CA ILE D 557 -36.15 16.66 -12.72
C ILE D 557 -34.76 16.26 -13.19
N LYS D 558 -34.00 17.24 -13.68
CA LYS D 558 -32.68 16.97 -14.23
C LYS D 558 -31.67 16.84 -13.08
N GLY D 559 -30.43 16.52 -13.42
CA GLY D 559 -29.38 16.32 -12.45
C GLY D 559 -29.05 17.52 -11.59
N PRO D 560 -28.87 18.70 -12.20
CA PRO D 560 -28.56 19.89 -11.38
C PRO D 560 -29.57 20.21 -10.30
N GLU D 561 -30.87 20.05 -10.56
CA GLU D 561 -31.85 20.29 -9.50
C GLU D 561 -31.74 19.28 -8.36
N LEU D 562 -31.36 18.05 -8.66
CA LEU D 562 -31.12 17.05 -7.62
C LEU D 562 -29.84 17.29 -6.84
N LEU D 563 -28.79 17.74 -7.49
CA LEU D 563 -27.50 17.97 -6.83
C LEU D 563 -27.42 19.32 -6.14
N THR D 564 -28.33 20.25 -6.47
CA THR D 564 -28.33 21.55 -5.80
C THR D 564 -28.72 21.40 -4.33
N MET D 565 -29.75 20.61 -4.04
CA MET D 565 -30.16 20.43 -2.65
C MET D 565 -29.20 19.53 -1.89
N TRP D 566 -28.39 18.73 -2.57
CA TRP D 566 -27.37 17.96 -1.87
C TRP D 566 -26.26 18.87 -1.34
N PHE D 567 -25.76 19.78 -2.17
CA PHE D 567 -24.75 20.72 -1.72
C PHE D 567 -25.32 21.76 -0.76
N GLY D 568 -26.55 22.21 -0.99
CA GLY D 568 -27.15 23.27 -0.20
C GLY D 568 -27.69 22.87 1.14
N GLU D 569 -27.75 21.57 1.45
CA GLU D 569 -28.26 21.07 2.73
C GLU D 569 -29.69 21.57 2.97
N SER D 570 -30.43 21.76 1.89
CA SER D 570 -31.81 22.25 1.93
C SER D 570 -32.66 21.19 1.26
N GLU D 571 -33.28 20.33 2.07
CA GLU D 571 -33.87 19.10 1.57
C GLU D 571 -35.40 19.09 1.64
N ALA D 572 -36.02 20.25 1.82
CA ALA D 572 -37.47 20.36 1.71
C ALA D 572 -37.93 20.47 0.28
N ASN D 573 -37.01 20.53 -0.69
CA ASN D 573 -37.37 20.73 -2.08
C ASN D 573 -38.05 19.52 -2.69
N VAL D 574 -37.66 18.30 -2.30
CA VAL D 574 -38.36 17.11 -2.78
C VAL D 574 -39.79 17.04 -2.28
N ARG D 575 -40.08 17.69 -1.14
CA ARG D 575 -41.45 17.71 -0.62
C ARG D 575 -42.41 18.31 -1.63
N GLU D 576 -42.12 19.52 -2.11
CA GLU D 576 -43.00 20.14 -3.10
C GLU D 576 -42.97 19.42 -4.44
N ILE D 577 -41.84 18.81 -4.80
CA ILE D 577 -41.79 18.05 -6.05
C ILE D 577 -42.80 16.91 -6.01
N PHE D 578 -42.76 16.12 -4.94
CA PHE D 578 -43.69 15.01 -4.81
C PHE D 578 -45.12 15.48 -4.53
N ASP D 579 -45.28 16.66 -3.91
CA ASP D 579 -46.61 17.19 -3.69
C ASP D 579 -47.28 17.61 -4.98
N LYS D 580 -46.57 18.35 -5.83
CA LYS D 580 -47.12 18.79 -7.10
C LYS D 580 -47.13 17.69 -8.15
N ALA D 581 -46.37 16.62 -7.95
CA ALA D 581 -46.50 15.45 -8.81
C ALA D 581 -47.76 14.65 -8.55
N ARG D 582 -48.28 14.69 -7.32
CA ARG D 582 -49.45 13.90 -6.97
C ARG D 582 -50.76 14.66 -7.14
N GLN D 583 -50.74 15.99 -7.07
CA GLN D 583 -51.96 16.75 -7.27
C GLN D 583 -52.37 16.81 -8.74
N ALA D 584 -51.41 16.63 -9.65
CA ALA D 584 -51.68 16.66 -11.08
C ALA D 584 -51.96 15.25 -11.60
N ALA D 585 -52.89 14.58 -10.94
CA ALA D 585 -53.24 13.23 -11.34
C ALA D 585 -54.10 13.26 -12.61
N PRO D 586 -53.73 12.50 -13.64
CA PRO D 586 -52.57 11.61 -13.68
C PRO D 586 -51.28 12.25 -14.18
N CYS D 587 -50.16 11.88 -13.58
CA CYS D 587 -48.88 12.50 -13.89
C CYS D 587 -47.82 11.41 -14.02
N VAL D 588 -46.64 11.81 -14.48
CA VAL D 588 -45.49 10.93 -14.55
C VAL D 588 -44.29 11.71 -14.05
N LEU D 589 -43.55 11.14 -13.10
CA LEU D 589 -42.40 11.78 -12.50
C LEU D 589 -41.14 11.17 -13.09
N PHE D 590 -40.27 12.01 -13.62
CA PHE D 590 -39.08 11.55 -14.30
C PHE D 590 -37.84 12.15 -13.64
N PHE D 591 -36.93 11.28 -13.22
CA PHE D 591 -35.69 11.70 -12.57
C PHE D 591 -34.54 11.42 -13.53
N ASP D 592 -33.92 12.49 -14.02
CA ASP D 592 -32.81 12.38 -14.97
C ASP D 592 -31.50 12.27 -14.21
N GLU D 593 -30.59 11.45 -14.77
CA GLU D 593 -29.27 11.17 -14.20
C GLU D 593 -29.32 11.03 -12.68
N LEU D 594 -30.06 10.04 -12.20
CA LEU D 594 -30.17 9.77 -10.76
C LEU D 594 -28.83 9.50 -10.10
N ASP D 595 -27.84 9.06 -10.85
CA ASP D 595 -26.52 8.75 -10.31
C ASP D 595 -25.66 9.99 -10.12
N SER D 596 -26.22 11.19 -10.28
CA SER D 596 -25.42 12.41 -10.15
C SER D 596 -24.82 12.54 -8.76
N ILE D 597 -25.61 12.27 -7.71
CA ILE D 597 -25.10 12.35 -6.36
C ILE D 597 -24.01 11.32 -6.12
N ALA D 598 -24.19 10.10 -6.63
CA ALA D 598 -23.16 9.07 -6.47
C ALA D 598 -21.87 9.47 -7.16
N LYS D 599 -21.96 10.03 -8.37
CA LYS D 599 -20.77 10.52 -9.05
C LYS D 599 -20.10 11.65 -8.27
N ALA D 600 -20.90 12.59 -7.75
CA ALA D 600 -20.34 13.68 -6.97
C ALA D 600 -19.69 13.22 -5.68
N ARG D 601 -20.16 12.11 -5.10
CA ARG D 601 -19.56 11.56 -3.89
C ARG D 601 -18.45 10.57 -4.15
N GLY D 602 -18.31 10.07 -5.38
CA GLY D 602 -17.24 9.16 -5.70
C GLY D 602 -17.69 7.95 -6.51
N GLY D 603 -18.92 7.48 -6.27
CA GLY D 603 -19.45 6.36 -7.01
C GLY D 603 -19.51 5.06 -6.23
N ASN D 604 -18.85 4.02 -6.76
CA ASN D 604 -18.90 2.71 -6.13
C ASN D 604 -18.26 2.69 -4.75
N ILE D 605 -17.10 3.34 -4.61
CA ILE D 605 -16.40 3.37 -3.33
C ILE D 605 -16.41 4.79 -2.79
N GLY D 606 -15.77 5.71 -3.52
CA GLY D 606 -15.71 7.10 -3.10
C GLY D 606 -15.05 7.28 -1.76
N ASP D 607 -15.84 7.71 -0.76
CA ASP D 607 -15.34 7.88 0.59
C ASP D 607 -15.51 6.59 1.39
N GLY D 608 -15.33 6.68 2.70
CA GLY D 608 -15.52 5.50 3.54
C GLY D 608 -16.95 5.01 3.57
N GLY D 609 -17.91 5.89 3.25
CA GLY D 609 -19.31 5.52 3.26
C GLY D 609 -19.69 4.67 2.07
N GLY D 610 -20.94 4.21 2.08
CA GLY D 610 -21.44 3.36 1.02
C GLY D 610 -22.02 4.12 -0.14
N ALA D 611 -23.23 3.73 -0.58
CA ALA D 611 -23.89 4.36 -1.71
C ALA D 611 -25.16 5.08 -1.28
N ALA D 612 -25.36 5.25 0.03
CA ALA D 612 -26.53 5.90 0.57
C ALA D 612 -26.23 7.35 0.92
N ASP D 613 -27.14 8.23 0.52
CA ASP D 613 -27.02 9.64 0.87
C ASP D 613 -28.37 10.17 1.35
N ARG D 614 -28.46 11.49 1.55
CA ARG D 614 -29.66 12.10 2.10
C ARG D 614 -30.75 12.36 1.06
N VAL D 615 -30.40 12.83 -0.14
CA VAL D 615 -31.42 13.16 -1.12
C VAL D 615 -32.13 11.92 -1.62
N ILE D 616 -31.39 10.87 -1.93
CA ILE D 616 -32.02 9.61 -2.32
C ILE D 616 -32.87 9.05 -1.18
N ASN D 617 -32.43 9.27 0.06
CA ASN D 617 -33.23 8.87 1.21
C ASN D 617 -34.57 9.61 1.24
N GLN D 618 -34.57 10.91 0.96
CA GLN D 618 -35.82 11.65 0.92
C GLN D 618 -36.73 11.13 -0.19
N ILE D 619 -36.17 10.83 -1.36
CA ILE D 619 -36.97 10.27 -2.45
C ILE D 619 -37.55 8.93 -2.05
N LEU D 620 -36.77 8.08 -1.39
CA LEU D 620 -37.28 6.81 -0.91
C LEU D 620 -38.42 7.00 0.09
N THR D 621 -38.26 7.93 1.03
CA THR D 621 -39.33 8.19 2.00
C THR D 621 -40.59 8.69 1.32
N GLU D 622 -40.46 9.58 0.34
CA GLU D 622 -41.63 10.10 -0.35
C GLU D 622 -42.31 9.04 -1.21
N MET D 623 -41.54 8.17 -1.85
CA MET D 623 -42.10 7.09 -2.65
C MET D 623 -42.76 6.01 -1.80
N ASP D 624 -42.24 5.75 -0.60
CA ASP D 624 -42.85 4.74 0.25
C ASP D 624 -44.22 5.16 0.73
N GLY D 625 -44.44 6.45 0.93
CA GLY D 625 -45.68 6.99 1.44
C GLY D 625 -46.74 7.29 0.41
N MET D 626 -46.49 7.01 -0.87
CA MET D 626 -47.46 7.30 -1.90
C MET D 626 -48.53 6.22 -1.95
N SER D 627 -49.66 6.57 -2.55
CA SER D 627 -50.79 5.66 -2.68
C SER D 627 -50.75 4.98 -4.04
N THR D 628 -50.87 3.65 -4.04
CA THR D 628 -50.82 2.89 -5.28
C THR D 628 -52.04 3.09 -6.15
N LYS D 629 -53.19 3.47 -5.58
CA LYS D 629 -54.39 3.70 -6.38
C LYS D 629 -54.31 4.97 -7.21
N LYS D 630 -53.43 5.90 -6.85
CA LYS D 630 -53.20 7.07 -7.68
C LYS D 630 -52.41 6.69 -8.93
N ASN D 631 -52.53 7.53 -9.95
CA ASN D 631 -51.90 7.28 -11.24
C ASN D 631 -50.55 7.98 -11.40
N VAL D 632 -49.99 8.49 -10.32
CA VAL D 632 -48.65 9.08 -10.36
C VAL D 632 -47.65 7.97 -10.59
N PHE D 633 -46.62 8.25 -11.39
CA PHE D 633 -45.64 7.25 -11.78
C PHE D 633 -44.26 7.88 -11.79
N ILE D 634 -43.28 7.16 -11.24
CA ILE D 634 -41.92 7.65 -11.12
C ILE D 634 -41.03 6.87 -12.08
N ILE D 635 -40.27 7.59 -12.90
CA ILE D 635 -39.34 7.00 -13.85
C ILE D 635 -37.95 7.53 -13.53
N GLY D 636 -37.01 6.63 -13.30
CA GLY D 636 -35.63 6.98 -13.03
C GLY D 636 -34.77 6.68 -14.26
N ALA D 637 -33.91 7.64 -14.60
CA ALA D 637 -33.00 7.50 -15.72
C ALA D 637 -31.56 7.62 -15.23
N THR D 638 -30.72 6.70 -15.67
CA THR D 638 -29.32 6.72 -15.29
C THR D 638 -28.50 6.11 -16.42
N ASN D 639 -27.24 6.51 -16.48
CA ASN D 639 -26.28 5.91 -17.38
C ASN D 639 -25.29 5.01 -16.67
N ARG D 640 -25.11 5.18 -15.37
CA ARG D 640 -24.28 4.27 -14.61
C ARG D 640 -25.12 3.61 -13.54
N PRO D 641 -25.71 2.43 -13.80
CA PRO D 641 -26.54 1.76 -12.80
C PRO D 641 -25.76 0.96 -11.78
N ASP D 642 -24.44 0.82 -11.94
CA ASP D 642 -23.60 0.13 -10.98
C ASP D 642 -23.37 0.94 -9.72
N ILE D 643 -23.51 2.26 -9.78
CA ILE D 643 -23.30 3.14 -8.63
C ILE D 643 -24.62 3.59 -8.03
N ILE D 644 -25.74 3.19 -8.62
CA ILE D 644 -27.05 3.48 -8.04
C ILE D 644 -27.19 2.72 -6.74
N ASP D 645 -27.75 3.38 -5.73
CA ASP D 645 -27.90 2.74 -4.42
C ASP D 645 -28.83 1.55 -4.56
N PRO D 646 -28.49 0.40 -3.96
CA PRO D 646 -29.37 -0.78 -4.09
C PRO D 646 -30.76 -0.59 -3.47
N ALA D 647 -30.90 0.28 -2.46
CA ALA D 647 -32.17 0.39 -1.76
C ALA D 647 -33.27 1.02 -2.62
N ILE D 648 -32.91 1.86 -3.59
CA ILE D 648 -33.93 2.45 -4.46
C ILE D 648 -34.50 1.44 -5.42
N LEU D 649 -33.77 0.36 -5.69
CA LEU D 649 -34.19 -0.71 -6.59
C LEU D 649 -34.91 -1.84 -5.85
N ARG D 650 -35.17 -1.67 -4.55
CA ARG D 650 -35.88 -2.68 -3.79
C ARG D 650 -37.28 -2.87 -4.36
N PRO D 651 -37.84 -4.09 -4.24
CA PRO D 651 -39.20 -4.30 -4.72
C PRO D 651 -40.18 -3.36 -4.05
N GLY D 652 -41.07 -2.78 -4.85
CA GLY D 652 -42.06 -1.84 -4.38
C GLY D 652 -41.75 -0.39 -4.69
N ARG D 653 -40.51 -0.06 -5.02
CA ARG D 653 -40.16 1.32 -5.36
C ARG D 653 -39.73 1.47 -6.82
N LEU D 654 -38.70 0.75 -7.26
CA LEU D 654 -38.25 0.79 -8.64
C LEU D 654 -37.80 -0.62 -9.05
N ASP D 655 -38.63 -1.61 -8.70
CA ASP D 655 -38.27 -3.00 -8.96
C ASP D 655 -38.15 -3.29 -10.44
N GLN D 656 -38.87 -2.55 -11.27
CA GLN D 656 -38.85 -2.79 -12.71
C GLN D 656 -37.67 -2.07 -13.35
N LEU D 657 -36.74 -2.84 -13.91
CA LEU D 657 -35.58 -2.30 -14.60
C LEU D 657 -35.63 -2.76 -16.05
N ILE D 658 -35.58 -1.81 -16.97
CA ILE D 658 -35.55 -2.10 -18.40
C ILE D 658 -34.32 -1.41 -18.99
N TYR D 659 -33.76 -2.01 -20.03
CA TYR D 659 -32.51 -1.54 -20.61
C TYR D 659 -32.80 -0.84 -21.93
N ILE D 660 -32.27 0.38 -22.08
CA ILE D 660 -32.43 1.16 -23.29
C ILE D 660 -31.17 0.97 -24.13
N PRO D 661 -31.23 0.22 -25.23
CA PRO D 661 -30.01 -0.02 -26.01
C PRO D 661 -29.74 1.10 -27.00
N LEU D 662 -28.72 0.93 -27.82
CA LEU D 662 -28.51 1.84 -28.93
C LEU D 662 -29.67 1.74 -29.90
N PRO D 663 -30.03 2.85 -30.55
CA PRO D 663 -31.10 2.79 -31.55
C PRO D 663 -30.72 1.85 -32.69
N ASP D 664 -31.70 1.07 -33.14
CA ASP D 664 -31.48 0.15 -34.25
C ASP D 664 -31.68 0.90 -35.57
N GLU D 665 -31.66 0.19 -36.69
CA GLU D 665 -31.82 0.84 -37.99
C GLU D 665 -33.15 1.55 -38.10
N LYS D 666 -34.23 0.91 -37.64
CA LYS D 666 -35.54 1.52 -37.71
C LYS D 666 -35.65 2.77 -36.83
N SER D 667 -35.02 2.75 -35.65
CA SER D 667 -35.07 3.89 -34.74
C SER D 667 -34.11 5.01 -35.13
N ARG D 668 -33.01 4.71 -35.81
CA ARG D 668 -32.09 5.76 -36.23
C ARG D 668 -32.69 6.67 -37.29
N VAL D 669 -33.52 6.13 -38.19
CA VAL D 669 -34.20 6.99 -39.16
C VAL D 669 -35.05 8.02 -38.44
N ALA D 670 -35.71 7.61 -37.36
CA ALA D 670 -36.48 8.55 -36.56
C ALA D 670 -35.62 9.66 -35.97
N ILE D 671 -34.43 9.33 -35.46
CA ILE D 671 -33.54 10.36 -34.91
C ILE D 671 -33.10 11.33 -36.00
N LEU D 672 -32.73 10.80 -37.17
CA LEU D 672 -32.33 11.68 -38.27
C LEU D 672 -33.47 12.60 -38.69
N LYS D 673 -34.68 12.05 -38.89
CA LYS D 673 -35.78 12.88 -39.34
C LYS D 673 -36.28 13.85 -38.28
N ALA D 674 -36.12 13.53 -37.00
CA ALA D 674 -36.46 14.48 -35.96
C ALA D 674 -35.52 15.68 -36.00
N ASN D 675 -34.23 15.44 -36.21
CA ASN D 675 -33.28 16.53 -36.35
C ASN D 675 -33.50 17.34 -37.62
N LEU D 676 -33.88 16.69 -38.72
CA LEU D 676 -34.01 17.36 -40.00
C LEU D 676 -35.43 17.81 -40.30
N ARG D 677 -36.36 17.67 -39.35
CA ARG D 677 -37.74 18.04 -39.61
C ARG D 677 -37.93 19.53 -39.81
N LYS D 678 -36.97 20.36 -39.40
CA LYS D 678 -37.04 21.80 -39.60
C LYS D 678 -36.11 22.30 -40.68
N SER D 679 -35.44 21.41 -41.40
CA SER D 679 -34.45 21.84 -42.37
C SER D 679 -34.88 21.46 -43.78
N PRO D 680 -34.46 22.22 -44.80
CA PRO D 680 -34.77 21.84 -46.18
C PRO D 680 -33.98 20.62 -46.63
N VAL D 681 -34.64 19.48 -46.75
CA VAL D 681 -33.97 18.25 -47.13
C VAL D 681 -34.21 18.00 -48.61
N ALA D 682 -33.13 17.72 -49.34
CA ALA D 682 -33.22 17.43 -50.76
C ALA D 682 -33.78 16.02 -50.96
N LYS D 683 -34.35 15.78 -52.13
CA LYS D 683 -34.95 14.49 -52.46
C LYS D 683 -33.92 13.36 -52.49
N ASP D 684 -32.74 13.63 -53.06
CA ASP D 684 -31.74 12.58 -53.20
C ASP D 684 -31.10 12.19 -51.88
N VAL D 685 -31.26 12.99 -50.83
CA VAL D 685 -30.67 12.69 -49.53
C VAL D 685 -31.50 11.57 -48.89
N ASP D 686 -30.98 10.35 -48.94
CA ASP D 686 -31.69 9.19 -48.42
C ASP D 686 -31.27 8.96 -46.97
N LEU D 687 -32.21 9.16 -46.05
CA LEU D 687 -31.95 8.94 -44.63
C LEU D 687 -31.93 7.46 -44.26
N GLU D 688 -32.64 6.61 -45.01
CA GLU D 688 -32.61 5.19 -44.73
C GLU D 688 -31.20 4.62 -44.88
N PHE D 689 -30.52 4.97 -45.97
CA PHE D 689 -29.15 4.52 -46.17
C PHE D 689 -28.21 5.08 -45.11
N LEU D 690 -28.37 6.36 -44.76
CA LEU D 690 -27.52 6.95 -43.73
C LEU D 690 -27.69 6.25 -42.38
N ALA D 691 -28.93 5.96 -42.01
CA ALA D 691 -29.19 5.22 -40.78
C ALA D 691 -28.68 3.79 -40.86
N LYS D 692 -28.73 3.17 -42.04
CA LYS D 692 -28.17 1.84 -42.21
C LYS D 692 -26.66 1.83 -42.05
N MET D 693 -25.97 2.86 -42.53
CA MET D 693 -24.51 2.89 -42.45
C MET D 693 -24.04 2.96 -41.01
N THR D 694 -24.63 3.83 -40.21
CA THR D 694 -24.26 3.96 -38.81
C THR D 694 -24.97 2.89 -38.00
N ASN D 695 -24.21 2.06 -37.30
CA ASN D 695 -24.79 0.96 -36.53
C ASN D 695 -24.62 1.14 -35.03
N GLY D 696 -23.39 1.32 -34.56
CA GLY D 696 -23.17 1.50 -33.13
C GLY D 696 -23.21 2.96 -32.73
N PHE D 697 -24.04 3.73 -33.41
CA PHE D 697 -24.11 5.18 -33.21
C PHE D 697 -25.24 5.50 -32.24
N SER D 698 -24.96 6.41 -31.31
CA SER D 698 -25.96 6.87 -30.37
C SER D 698 -26.78 7.99 -30.99
N GLY D 699 -27.86 8.37 -30.30
CA GLY D 699 -28.66 9.50 -30.77
C GLY D 699 -27.87 10.78 -30.82
N ALA D 700 -26.96 10.97 -29.86
CA ALA D 700 -26.08 12.13 -29.88
C ALA D 700 -25.14 12.14 -31.08
N ASP D 701 -24.66 10.96 -31.49
CA ASP D 701 -23.76 10.90 -32.65
C ASP D 701 -24.48 11.30 -33.93
N LEU D 702 -25.70 10.81 -34.12
CA LEU D 702 -26.51 11.26 -35.26
C LEU D 702 -26.87 12.74 -35.14
N THR D 703 -27.10 13.23 -33.92
CA THR D 703 -27.43 14.64 -33.73
C THR D 703 -26.30 15.53 -34.19
N GLU D 704 -25.07 15.23 -33.78
CA GLU D 704 -23.94 16.04 -34.22
C GLU D 704 -23.66 15.88 -35.70
N ILE D 705 -23.94 14.72 -36.30
CA ILE D 705 -23.84 14.61 -37.74
C ILE D 705 -24.79 15.57 -38.43
N CYS D 706 -26.05 15.60 -37.97
CA CYS D 706 -27.02 16.52 -38.57
C CYS D 706 -26.62 17.98 -38.35
N GLN D 707 -26.14 18.30 -37.15
CA GLN D 707 -25.72 19.66 -36.84
C GLN D 707 -24.53 20.08 -37.71
N ARG D 708 -23.58 19.18 -37.92
CA ARG D 708 -22.42 19.49 -38.75
C ARG D 708 -22.83 19.67 -40.21
N ALA D 709 -23.75 18.84 -40.71
CA ALA D 709 -24.24 19.04 -42.06
C ALA D 709 -24.97 20.37 -42.20
N CYS D 710 -25.78 20.75 -41.22
CA CYS D 710 -26.44 22.04 -41.25
C CYS D 710 -25.44 23.19 -41.19
N LYS D 711 -24.39 23.04 -40.38
CA LYS D 711 -23.35 24.07 -40.32
C LYS D 711 -22.64 24.23 -41.65
N LEU D 712 -22.31 23.12 -42.31
CA LEU D 712 -21.69 23.19 -43.63
C LEU D 712 -22.61 23.85 -44.64
N ALA D 713 -23.89 23.49 -44.64
CA ALA D 713 -24.83 24.12 -45.56
C ALA D 713 -24.96 25.61 -45.30
N ILE D 714 -25.05 26.02 -44.04
CA ILE D 714 -25.16 27.44 -43.71
C ILE D 714 -23.91 28.18 -44.14
N ARG D 715 -22.73 27.60 -43.90
CA ARG D 715 -21.50 28.26 -44.30
C ARG D 715 -21.39 28.39 -45.82
N GLU D 716 -21.77 27.35 -46.56
CA GLU D 716 -21.74 27.46 -48.01
C GLU D 716 -22.72 28.50 -48.51
N SER D 717 -23.92 28.55 -47.92
CA SER D 717 -24.88 29.58 -48.28
C SER D 717 -24.38 30.98 -47.99
N ILE D 718 -23.70 31.18 -46.86
CA ILE D 718 -23.19 32.51 -46.53
C ILE D 718 -22.06 32.90 -47.48
N GLU D 719 -21.12 31.99 -47.73
CA GLU D 719 -19.99 32.33 -48.58
C GLU D 719 -20.38 32.46 -50.05
N SER D 720 -21.46 31.80 -50.48
CA SER D 720 -21.89 31.86 -51.87
C SER D 720 -22.59 33.16 -52.21
N GLU D 721 -22.98 33.95 -51.22
CA GLU D 721 -23.66 35.22 -51.50
C GLU D 721 -22.73 36.21 -52.19
N ILE D 722 -21.48 36.28 -51.75
CA ILE D 722 -20.53 37.24 -52.31
C ILE D 722 -20.00 36.75 -53.65
N VAL D 743 -27.03 28.34 -51.48
CA VAL D 743 -28.34 27.93 -51.99
C VAL D 743 -29.19 27.40 -50.85
N PRO D 744 -30.47 27.80 -50.81
CA PRO D 744 -31.37 27.44 -49.71
C PRO D 744 -31.90 26.01 -49.78
N GLU D 745 -30.98 25.04 -49.75
CA GLU D 745 -31.35 23.64 -49.75
C GLU D 745 -30.15 22.81 -49.34
N ILE D 746 -30.32 21.93 -48.36
CA ILE D 746 -29.25 21.03 -47.95
C ILE D 746 -29.08 19.98 -49.03
N ARG D 747 -27.85 19.83 -49.52
CA ARG D 747 -27.58 18.93 -50.63
C ARG D 747 -26.95 17.64 -50.13
N ARG D 748 -26.86 16.66 -51.03
CA ARG D 748 -26.27 15.37 -50.71
C ARG D 748 -24.81 15.50 -50.29
N ASP D 749 -24.07 16.41 -50.94
CA ASP D 749 -22.68 16.63 -50.61
C ASP D 749 -22.49 17.13 -49.18
N HIS D 750 -23.41 17.95 -48.68
CA HIS D 750 -23.29 18.43 -47.30
C HIS D 750 -23.27 17.27 -46.31
N PHE D 751 -24.20 16.33 -46.45
CA PHE D 751 -24.22 15.15 -45.59
C PHE D 751 -23.06 14.20 -45.85
N GLU D 752 -22.66 14.04 -47.11
CA GLU D 752 -21.54 13.17 -47.42
C GLU D 752 -20.22 13.67 -46.83
N GLU D 753 -19.97 14.98 -46.90
CA GLU D 753 -18.75 15.53 -46.35
C GLU D 753 -18.78 15.56 -44.82
N ALA D 754 -19.91 15.96 -44.23
CA ALA D 754 -20.06 15.95 -42.78
C ALA D 754 -20.04 14.55 -42.20
N MET D 755 -20.29 13.52 -43.02
CA MET D 755 -20.20 12.14 -42.59
C MET D 755 -18.77 11.72 -42.27
N ARG D 756 -17.78 12.47 -42.77
CA ARG D 756 -16.38 12.13 -42.51
C ARG D 756 -16.02 12.28 -41.04
N PHE D 757 -16.49 13.35 -40.41
CA PHE D 757 -16.24 13.57 -38.98
C PHE D 757 -17.28 12.88 -38.12
N ALA D 758 -17.46 11.58 -38.35
CA ALA D 758 -18.45 10.80 -37.63
C ALA D 758 -17.83 10.18 -36.39
N ARG D 759 -18.27 10.63 -35.22
CA ARG D 759 -17.79 10.12 -33.95
C ARG D 759 -18.63 8.92 -33.50
N ARG D 760 -18.13 8.22 -32.50
CA ARG D 760 -18.88 7.13 -31.86
C ARG D 760 -18.53 7.18 -30.37
N SER D 761 -19.35 7.91 -29.61
CA SER D 761 -19.02 8.19 -28.22
C SER D 761 -19.16 6.98 -27.31
N VAL D 762 -19.95 5.98 -27.71
CA VAL D 762 -20.19 4.81 -26.87
C VAL D 762 -19.29 3.68 -27.36
N SER D 763 -18.42 3.19 -26.48
CA SER D 763 -17.50 2.12 -26.82
C SER D 763 -18.13 0.75 -26.58
N ASP D 764 -17.48 -0.27 -27.13
CA ASP D 764 -17.97 -1.64 -26.97
C ASP D 764 -17.86 -2.11 -25.53
N ASN D 765 -16.83 -1.66 -24.82
CA ASN D 765 -16.69 -2.02 -23.41
C ASN D 765 -17.87 -1.53 -22.60
N ASP D 766 -18.40 -0.34 -22.92
CA ASP D 766 -19.61 0.14 -22.28
C ASP D 766 -20.80 -0.77 -22.54
N ILE D 767 -20.99 -1.22 -23.77
CA ILE D 767 -22.11 -2.13 -24.04
C ILE D 767 -21.95 -3.42 -23.26
N ARG D 768 -20.72 -3.93 -23.19
CA ARG D 768 -20.48 -5.15 -22.44
C ARG D 768 -20.79 -4.96 -20.96
N LYS D 769 -20.38 -3.83 -20.38
CA LYS D 769 -20.63 -3.60 -18.97
C LYS D 769 -22.10 -3.33 -18.68
N TYR D 770 -22.85 -2.78 -19.63
CA TYR D 770 -24.29 -2.67 -19.42
C TYR D 770 -24.97 -4.03 -19.52
N GLU D 771 -24.53 -4.88 -20.44
CA GLU D 771 -25.13 -6.20 -20.53
C GLU D 771 -24.86 -7.02 -19.28
N MET D 772 -23.61 -7.02 -18.78
CA MET D 772 -23.32 -7.74 -17.54
C MET D 772 -24.31 -7.36 -16.45
N PHE D 773 -24.68 -6.08 -16.38
CA PHE D 773 -25.75 -5.65 -15.49
C PHE D 773 -27.10 -6.21 -15.91
N ALA D 774 -27.38 -6.30 -17.22
CA ALA D 774 -28.72 -6.70 -17.66
C ALA D 774 -29.04 -8.16 -17.33
N GLN D 775 -28.31 -9.11 -17.92
CA GLN D 775 -28.53 -10.47 -17.41
C GLN D 775 -27.73 -10.78 -16.15
N THR D 776 -27.30 -9.77 -15.38
CA THR D 776 -27.21 -9.97 -13.94
C THR D 776 -28.60 -10.18 -13.34
N LEU D 777 -29.57 -9.36 -13.75
CA LEU D 777 -30.93 -9.46 -13.24
C LEU D 777 -31.85 -10.28 -14.12
N GLN D 778 -31.41 -10.75 -15.29
CA GLN D 778 -32.28 -11.62 -16.09
C GLN D 778 -32.41 -13.00 -15.47
N GLN D 779 -31.29 -13.75 -15.40
CA GLN D 779 -31.25 -15.10 -14.84
C GLN D 779 -32.38 -15.99 -15.32
N SER D 780 -32.39 -16.34 -16.61
CA SER D 780 -33.42 -17.22 -17.16
C SER D 780 -32.91 -18.64 -17.26
N ARG D 781 -32.08 -19.07 -16.31
CA ARG D 781 -31.50 -20.40 -16.31
C ARG D 781 -32.19 -21.28 -15.28
N GLY D 782 -31.87 -22.56 -15.32
CA GLY D 782 -32.43 -23.52 -14.37
C GLY D 782 -33.82 -24.00 -14.74
N PHE D 783 -34.82 -23.15 -14.54
CA PHE D 783 -36.20 -23.50 -14.84
C PHE D 783 -36.60 -23.13 -16.24
N GLY D 784 -35.83 -23.53 -17.25
CA GLY D 784 -36.16 -23.19 -18.62
C GLY D 784 -37.10 -24.18 -19.27
N SER D 785 -37.06 -25.44 -18.85
CA SER D 785 -37.91 -26.50 -19.40
C SER D 785 -38.66 -27.13 -18.23
N PHE D 786 -39.95 -26.85 -18.13
CA PHE D 786 -40.79 -27.43 -17.09
C PHE D 786 -42.00 -28.09 -17.75
N ARG D 787 -42.35 -29.29 -17.27
CA ARG D 787 -43.52 -30.01 -17.72
C ARG D 787 -44.39 -30.35 -16.51
N PHE D 788 -45.66 -29.96 -16.58
CA PHE D 788 -46.60 -30.29 -15.52
C PHE D 788 -47.02 -31.75 -15.62
N PRO D 789 -47.35 -32.39 -14.49
CA PRO D 789 -47.73 -33.81 -14.54
C PRO D 789 -49.03 -34.05 -15.32
N SER D 790 -50.09 -33.33 -14.95
CA SER D 790 -51.38 -33.50 -15.60
C SER D 790 -52.27 -32.28 -15.37
N ASN E 36 -81.86 -4.31 50.33
CA ASN E 36 -81.43 -3.14 49.58
C ASN E 36 -82.16 -3.03 48.24
N ARG E 37 -83.24 -3.81 48.11
CA ARG E 37 -84.06 -3.85 46.90
C ARG E 37 -83.20 -4.11 45.67
N PRO E 38 -82.69 -5.33 45.49
CA PRO E 38 -81.82 -5.61 44.35
C PRO E 38 -82.56 -5.60 43.02
N ASN E 39 -83.01 -4.42 42.60
CA ASN E 39 -83.71 -4.26 41.33
C ASN E 39 -83.19 -3.12 40.47
N ARG E 40 -82.47 -2.16 41.03
CA ARG E 40 -81.94 -1.03 40.27
C ARG E 40 -80.51 -1.32 39.86
N LEU E 41 -80.17 -0.94 38.62
CA LEU E 41 -78.83 -1.13 38.08
C LEU E 41 -78.35 0.16 37.46
N ILE E 42 -77.02 0.30 37.38
CA ILE E 42 -76.43 1.49 36.79
C ILE E 42 -76.66 1.51 35.29
N VAL E 43 -76.46 2.68 34.69
CA VAL E 43 -76.69 2.90 33.27
C VAL E 43 -75.36 3.15 32.58
N ASP E 44 -75.21 2.61 31.37
CA ASP E 44 -74.03 2.87 30.56
C ASP E 44 -74.41 3.09 29.10
N GLU E 45 -73.42 3.10 28.21
CA GLU E 45 -73.64 3.29 26.79
C GLU E 45 -73.79 1.93 26.11
N ALA E 46 -74.62 1.90 25.06
CA ALA E 46 -74.87 0.70 24.30
C ALA E 46 -74.08 0.71 23.00
N ILE E 47 -73.38 -0.39 22.72
CA ILE E 47 -72.59 -0.49 21.49
C ILE E 47 -73.44 -0.82 20.27
N ASN E 48 -74.68 -1.25 20.47
CA ASN E 48 -75.55 -1.57 19.34
C ASN E 48 -75.96 -0.30 18.62
N GLU E 49 -76.07 -0.38 17.30
CA GLU E 49 -76.44 0.76 16.47
C GLU E 49 -77.93 0.84 16.20
N ASP E 50 -78.73 -0.01 16.81
CA ASP E 50 -80.17 -0.01 16.61
C ASP E 50 -80.80 1.21 17.31
N ASN E 51 -82.02 1.54 16.91
CA ASN E 51 -82.69 2.73 17.44
C ASN E 51 -83.30 2.46 18.81
N SER E 52 -84.25 1.52 18.88
CA SER E 52 -84.92 1.20 20.14
C SER E 52 -84.70 -0.29 20.45
N VAL E 53 -83.57 -0.57 21.08
CA VAL E 53 -83.19 -1.92 21.49
C VAL E 53 -82.51 -1.84 22.83
N VAL E 54 -82.98 -2.62 23.80
CA VAL E 54 -82.40 -2.68 25.14
C VAL E 54 -81.82 -4.08 25.32
N SER E 55 -80.53 -4.16 25.59
CA SER E 55 -79.84 -5.42 25.77
C SER E 55 -79.49 -5.64 27.22
N LEU E 56 -79.69 -6.88 27.68
CA LEU E 56 -79.44 -7.26 29.05
C LEU E 56 -78.57 -8.52 29.05
N SER E 57 -78.35 -9.07 30.25
CA SER E 57 -77.57 -10.29 30.41
C SER E 57 -78.50 -11.48 30.56
N GLN E 58 -77.93 -12.68 30.52
CA GLN E 58 -78.69 -13.92 30.57
C GLN E 58 -79.54 -14.04 31.84
N PRO E 59 -78.99 -13.79 33.06
CA PRO E 59 -79.83 -13.91 34.25
C PRO E 59 -80.65 -12.65 34.54
N LYS E 60 -81.30 -12.12 33.51
CA LYS E 60 -82.13 -10.93 33.70
C LYS E 60 -83.59 -11.18 33.36
N MET E 61 -83.85 -11.72 32.17
CA MET E 61 -85.24 -12.01 31.80
C MET E 61 -85.75 -13.28 32.46
N ASP E 62 -84.86 -14.13 32.97
CA ASP E 62 -85.29 -15.34 33.66
C ASP E 62 -85.89 -15.06 35.02
N GLU E 63 -85.66 -13.87 35.58
CA GLU E 63 -86.25 -13.50 36.86
C GLU E 63 -87.58 -12.76 36.69
N LEU E 64 -87.71 -11.97 35.64
CA LEU E 64 -88.92 -11.21 35.37
C LEU E 64 -89.83 -11.88 34.35
N GLN E 65 -89.53 -13.13 34.00
CA GLN E 65 -90.29 -13.96 33.06
C GLN E 65 -90.81 -13.16 31.86
N LEU E 66 -89.92 -12.41 31.20
CA LEU E 66 -90.26 -11.65 30.02
C LEU E 66 -89.59 -12.25 28.79
N PHE E 67 -90.31 -12.23 27.67
CA PHE E 67 -89.80 -12.80 26.43
C PHE E 67 -89.02 -11.74 25.66
N ARG E 68 -88.61 -12.07 24.43
CA ARG E 68 -87.82 -11.17 23.61
C ARG E 68 -88.66 -10.12 22.90
N GLY E 69 -89.98 -10.23 22.94
CA GLY E 69 -90.83 -9.25 22.29
C GLY E 69 -91.97 -8.76 23.16
N ASP E 70 -91.73 -8.65 24.46
CA ASP E 70 -92.73 -8.22 25.42
C ASP E 70 -92.71 -6.71 25.57
N THR E 71 -93.56 -6.19 26.44
CA THR E 71 -93.68 -4.76 26.69
C THR E 71 -93.03 -4.44 28.03
N VAL E 72 -92.12 -3.47 28.02
CA VAL E 72 -91.39 -3.07 29.22
C VAL E 72 -91.72 -1.62 29.53
N LEU E 73 -91.90 -1.33 30.82
CA LEU E 73 -92.21 0.01 31.29
C LEU E 73 -91.10 0.48 32.22
N LEU E 74 -90.53 1.65 31.92
CA LEU E 74 -89.45 2.22 32.69
C LEU E 74 -89.87 3.60 33.21
N LYS E 75 -89.42 3.91 34.43
CA LYS E 75 -89.74 5.18 35.07
C LYS E 75 -88.44 5.96 35.32
N GLY E 76 -88.60 7.12 35.94
CA GLY E 76 -87.45 7.96 36.29
C GLY E 76 -87.86 9.17 37.09
N LYS E 77 -87.17 10.28 36.87
CA LYS E 77 -87.47 11.53 37.55
C LYS E 77 -88.62 12.24 36.83
N LYS E 78 -89.06 13.37 37.40
CA LYS E 78 -90.11 14.21 36.84
C LYS E 78 -91.45 13.50 36.75
N ARG E 79 -91.59 12.36 37.44
CA ARG E 79 -92.83 11.57 37.44
C ARG E 79 -93.27 11.22 36.02
N ARG E 80 -92.34 10.65 35.26
CA ARG E 80 -92.59 10.27 33.89
C ARG E 80 -92.25 8.78 33.71
N GLU E 81 -92.92 8.17 32.75
CA GLU E 81 -92.74 6.76 32.43
C GLU E 81 -92.14 6.63 31.03
N ALA E 82 -91.85 5.38 30.65
CA ALA E 82 -91.31 5.09 29.33
C ALA E 82 -91.69 3.67 28.95
N VAL E 83 -91.62 3.39 27.65
CA VAL E 83 -91.94 2.06 27.13
C VAL E 83 -91.03 1.78 25.94
N CYS E 84 -90.47 0.58 25.89
CA CYS E 84 -89.55 0.18 24.84
C CYS E 84 -89.70 -1.31 24.59
N ILE E 85 -88.72 -1.89 23.91
CA ILE E 85 -88.70 -3.32 23.59
C ILE E 85 -87.39 -3.89 24.11
N VAL E 86 -87.47 -4.95 24.90
CA VAL E 86 -86.31 -5.63 25.45
C VAL E 86 -85.83 -6.67 24.46
N LEU E 87 -84.55 -6.63 24.11
CA LEU E 87 -83.92 -7.60 23.23
C LEU E 87 -82.93 -8.45 24.03
N SER E 88 -82.95 -9.76 23.78
CA SER E 88 -82.09 -10.68 24.48
C SER E 88 -80.72 -10.77 23.79
N ASP E 89 -79.67 -10.73 24.60
CA ASP E 89 -78.30 -10.84 24.09
C ASP E 89 -77.43 -11.48 25.16
N ASP E 90 -76.54 -12.37 24.73
CA ASP E 90 -75.63 -13.07 25.64
C ASP E 90 -74.16 -12.82 25.28
N THR E 91 -73.89 -11.82 24.44
CA THR E 91 -72.53 -11.50 24.03
C THR E 91 -72.07 -10.13 24.50
N CYS E 92 -72.98 -9.26 24.92
CA CYS E 92 -72.62 -7.91 25.37
C CYS E 92 -71.73 -7.95 26.61
N SER E 93 -72.26 -8.49 27.71
CA SER E 93 -71.50 -8.52 28.95
C SER E 93 -71.91 -9.72 29.81
N ASP E 94 -71.50 -9.72 31.08
CA ASP E 94 -71.84 -10.78 32.02
C ASP E 94 -73.09 -10.49 32.81
N GLU E 95 -73.19 -9.31 33.43
CA GLU E 95 -74.42 -8.91 34.13
C GLU E 95 -74.51 -7.38 34.02
N LYS E 96 -75.23 -6.91 33.00
CA LYS E 96 -75.35 -5.48 32.76
C LYS E 96 -76.52 -5.24 31.81
N ILE E 97 -77.12 -4.06 31.93
CA ILE E 97 -78.23 -3.65 31.07
C ILE E 97 -77.78 -2.49 30.20
N ARG E 98 -78.01 -2.61 28.90
CA ARG E 98 -77.71 -1.56 27.94
C ARG E 98 -78.88 -0.59 27.85
N MET E 99 -78.63 0.57 27.27
CA MET E 99 -79.63 1.63 27.30
C MET E 99 -79.24 2.67 26.26
N ASN E 100 -80.20 3.09 25.44
CA ASN E 100 -79.90 3.87 24.24
C ASN E 100 -79.92 5.37 24.52
N ARG E 101 -79.41 6.15 23.55
CA ARG E 101 -79.33 7.60 23.66
C ARG E 101 -80.63 8.30 23.31
N VAL E 102 -81.37 7.79 22.33
CA VAL E 102 -82.62 8.44 21.92
C VAL E 102 -83.66 8.45 23.02
N VAL E 103 -83.52 7.57 24.02
CA VAL E 103 -84.45 7.53 25.14
C VAL E 103 -83.82 7.99 26.45
N ARG E 104 -82.49 8.08 26.53
CA ARG E 104 -81.86 8.69 27.71
C ARG E 104 -82.30 10.15 27.87
N ASN E 105 -82.28 10.91 26.78
CA ASN E 105 -82.76 12.29 26.84
C ASN E 105 -84.28 12.35 26.93
N ASN E 106 -84.96 11.32 26.43
CA ASN E 106 -86.43 11.32 26.46
C ASN E 106 -86.95 11.12 27.88
N LEU E 107 -86.38 10.18 28.63
CA LEU E 107 -86.80 9.93 30.00
C LEU E 107 -86.08 10.83 30.99
N ARG E 108 -85.16 11.66 30.51
CA ARG E 108 -84.35 12.55 31.35
C ARG E 108 -83.49 11.75 32.33
N VAL E 109 -82.63 10.90 31.76
CA VAL E 109 -81.72 10.08 32.52
C VAL E 109 -80.30 10.43 32.12
N ARG E 110 -79.41 10.47 33.10
CA ARG E 110 -77.99 10.72 32.84
C ARG E 110 -77.20 9.53 33.39
N LEU E 111 -75.90 9.49 33.07
CA LEU E 111 -75.06 8.37 33.43
C LEU E 111 -74.91 8.28 34.95
N GLY E 112 -74.56 7.08 35.42
CA GLY E 112 -74.36 6.86 36.83
C GLY E 112 -75.64 6.94 37.65
N ASP E 113 -76.79 6.65 37.06
CA ASP E 113 -78.06 6.69 37.73
C ASP E 113 -78.64 5.28 37.84
N VAL E 114 -79.62 5.12 38.73
CA VAL E 114 -80.29 3.85 38.93
C VAL E 114 -81.56 3.81 38.11
N ILE E 115 -81.90 2.62 37.61
CA ILE E 115 -83.10 2.42 36.81
C ILE E 115 -83.75 1.12 37.24
N SER E 116 -85.07 1.16 37.44
CA SER E 116 -85.85 -0.01 37.83
C SER E 116 -86.62 -0.54 36.64
N ILE E 117 -86.56 -1.85 36.43
CA ILE E 117 -87.20 -2.50 35.30
C ILE E 117 -88.16 -3.58 35.81
N GLN E 118 -89.32 -3.65 35.18
CA GLN E 118 -90.33 -4.65 35.52
C GLN E 118 -91.16 -4.94 34.27
N PRO E 119 -91.63 -6.16 34.11
CA PRO E 119 -92.49 -6.47 32.96
C PRO E 119 -93.85 -5.82 33.10
N CYS E 120 -94.48 -5.58 31.94
CA CYS E 120 -95.80 -4.97 31.88
C CYS E 120 -96.59 -5.61 30.75
N PRO E 121 -97.21 -6.76 31.00
CA PRO E 121 -97.98 -7.45 29.96
C PRO E 121 -99.36 -6.83 29.72
N ASP E 122 -99.35 -5.66 29.08
CA ASP E 122 -100.56 -4.92 28.77
C ASP E 122 -100.77 -4.89 27.27
N VAL E 123 -101.96 -5.25 26.82
CA VAL E 123 -102.28 -5.24 25.39
C VAL E 123 -102.62 -3.81 24.99
N LYS E 124 -101.92 -3.31 23.97
CA LYS E 124 -102.09 -1.95 23.49
C LYS E 124 -102.41 -1.96 22.00
N TYR E 125 -103.14 -0.94 21.55
CA TYR E 125 -103.52 -0.83 20.15
C TYR E 125 -103.80 0.63 19.84
N GLY E 126 -102.95 1.23 19.01
CA GLY E 126 -103.17 2.61 18.62
C GLY E 126 -104.28 2.74 17.59
N LYS E 127 -105.07 3.80 17.74
CA LYS E 127 -106.16 4.08 16.81
C LYS E 127 -105.94 5.37 16.04
N ARG E 128 -105.70 6.49 16.72
CA ARG E 128 -105.47 7.77 16.08
C ARG E 128 -104.22 8.41 16.67
N ILE E 129 -103.39 8.97 15.80
CA ILE E 129 -102.16 9.63 16.21
C ILE E 129 -102.10 11.01 15.54
N HIS E 130 -101.35 11.91 16.17
CA HIS E 130 -101.19 13.26 15.65
C HIS E 130 -99.84 13.78 16.12
N VAL E 131 -98.85 13.75 15.23
CA VAL E 131 -97.51 14.23 15.54
C VAL E 131 -97.19 15.41 14.64
N LEU E 132 -96.32 16.29 15.13
CA LEU E 132 -95.91 17.48 14.41
C LEU E 132 -94.49 17.83 14.82
N PRO E 133 -93.68 18.36 13.91
CA PRO E 133 -92.29 18.69 14.25
C PRO E 133 -92.19 20.06 14.91
N ILE E 134 -91.01 20.33 15.44
CA ILE E 134 -90.69 21.62 16.03
C ILE E 134 -90.12 22.52 14.95
N ASP E 135 -90.47 23.81 15.03
CA ASP E 135 -90.03 24.77 14.02
C ASP E 135 -88.58 25.18 14.26
N ASP E 136 -87.66 24.20 14.27
CA ASP E 136 -86.25 24.48 14.44
C ASP E 136 -85.42 23.67 13.46
N THR E 137 -86.04 22.66 12.83
CA THR E 137 -85.33 21.78 11.91
C THR E 137 -86.18 21.46 10.67
N VAL E 138 -87.14 22.33 10.33
CA VAL E 138 -88.01 22.09 9.19
C VAL E 138 -87.83 23.22 8.18
N GLU E 139 -86.63 23.80 8.13
CA GLU E 139 -86.35 24.89 7.22
C GLU E 139 -86.15 24.35 5.81
N GLY E 140 -86.91 24.86 4.85
CA GLY E 140 -86.81 24.42 3.47
C GLY E 140 -87.62 23.20 3.12
N ILE E 141 -88.57 22.79 3.96
CA ILE E 141 -89.39 21.62 3.72
C ILE E 141 -90.83 22.08 3.51
N THR E 142 -91.42 21.67 2.38
CA THR E 142 -92.78 22.04 2.02
C THR E 142 -93.55 20.80 1.56
N GLY E 143 -94.86 20.94 1.52
CA GLY E 143 -95.71 19.85 1.09
C GLY E 143 -95.96 18.82 2.18
N ASN E 144 -96.61 17.73 1.78
CA ASN E 144 -96.92 16.64 2.71
C ASN E 144 -95.65 15.92 3.12
N LEU E 145 -95.60 15.55 4.41
CA LEU E 145 -94.44 14.84 4.95
C LEU E 145 -94.82 13.70 5.89
N PHE E 146 -96.09 13.28 5.91
CA PHE E 146 -96.53 12.22 6.81
C PHE E 146 -96.76 10.88 6.11
N GLU E 147 -97.22 10.89 4.86
CA GLU E 147 -97.50 9.67 4.12
C GLU E 147 -96.32 9.21 3.28
N VAL E 148 -95.19 9.92 3.36
CA VAL E 148 -94.02 9.58 2.56
C VAL E 148 -92.81 9.17 3.39
N TYR E 149 -92.63 9.66 4.60
CA TYR E 149 -91.56 9.19 5.48
C TYR E 149 -92.07 8.38 6.67
N LEU E 150 -93.05 8.90 7.41
CA LEU E 150 -93.49 8.21 8.62
C LEU E 150 -94.13 6.86 8.34
N LYS E 151 -94.99 6.77 7.32
CA LYS E 151 -95.64 5.49 7.02
C LYS E 151 -94.64 4.41 6.63
N PRO E 152 -93.65 4.66 5.77
CA PRO E 152 -92.71 3.58 5.40
C PRO E 152 -91.91 3.03 6.57
N TYR E 153 -91.43 3.88 7.48
CA TYR E 153 -90.56 3.42 8.56
C TYR E 153 -91.31 2.82 9.73
N PHE E 154 -92.61 3.10 9.90
CA PHE E 154 -93.34 2.53 11.02
C PHE E 154 -93.65 1.05 10.84
N LEU E 155 -93.89 0.59 9.62
CA LEU E 155 -94.30 -0.78 9.40
C LEU E 155 -93.16 -1.75 9.70
N GLU E 156 -93.54 -2.95 10.16
CA GLU E 156 -92.60 -4.02 10.49
C GLU E 156 -91.64 -3.60 11.61
N ALA E 157 -92.09 -2.69 12.46
CA ALA E 157 -91.29 -2.25 13.59
C ALA E 157 -92.03 -2.42 14.91
N TYR E 158 -93.33 -2.07 14.90
CA TYR E 158 -94.18 -2.17 16.09
C TYR E 158 -93.56 -1.43 17.29
N ARG E 159 -92.98 -0.27 17.00
CA ARG E 159 -92.34 0.45 18.10
C ARG E 159 -93.38 1.14 18.97
N PRO E 160 -93.26 1.03 20.29
CA PRO E 160 -94.22 1.70 21.18
C PRO E 160 -93.87 3.18 21.34
N ILE E 161 -94.85 3.91 21.86
CA ILE E 161 -94.69 5.35 22.09
C ILE E 161 -95.58 5.73 23.27
N ARG E 162 -95.04 6.54 24.17
CA ARG E 162 -95.78 7.03 25.33
C ARG E 162 -96.08 8.51 25.15
N LYS E 163 -96.95 9.02 26.01
CA LYS E 163 -97.38 10.41 25.90
C LYS E 163 -96.28 11.35 26.38
N GLY E 164 -96.03 12.39 25.60
CA GLY E 164 -95.02 13.38 25.97
C GLY E 164 -93.60 12.89 25.77
N ASP E 165 -93.29 12.43 24.55
CA ASP E 165 -91.95 11.94 24.24
C ASP E 165 -91.49 12.52 22.91
N ILE E 166 -90.20 12.84 22.82
CA ILE E 166 -89.63 13.38 21.59
C ILE E 166 -88.73 12.35 20.96
N PHE E 167 -89.28 11.55 20.06
CA PHE E 167 -88.49 10.56 19.34
C PHE E 167 -87.69 11.21 18.22
N LEU E 168 -86.57 10.58 17.87
CA LEU E 168 -85.68 11.06 16.83
C LEU E 168 -85.54 9.98 15.76
N VAL E 169 -85.64 10.39 14.50
CA VAL E 169 -85.55 9.47 13.37
C VAL E 169 -84.51 9.98 12.39
N ARG E 170 -83.65 9.07 11.94
CA ARG E 170 -82.61 9.36 10.97
C ARG E 170 -83.04 8.88 9.58
N GLY E 171 -82.75 9.69 8.58
CA GLY E 171 -83.11 9.40 7.21
C GLY E 171 -83.66 10.62 6.52
N GLY E 172 -83.87 10.51 5.21
CA GLY E 172 -84.39 11.62 4.45
C GLY E 172 -83.39 12.74 4.23
N MET E 173 -82.09 12.43 4.26
CA MET E 173 -81.03 13.42 4.02
C MET E 173 -81.09 14.55 5.05
N ARG E 174 -81.55 14.24 6.26
CA ARG E 174 -81.65 15.24 7.32
C ARG E 174 -81.92 14.52 8.63
N ALA E 175 -81.93 15.29 9.72
CA ALA E 175 -82.22 14.80 11.05
C ALA E 175 -83.37 15.63 11.61
N VAL E 176 -84.56 15.05 11.62
CA VAL E 176 -85.76 15.73 12.06
C VAL E 176 -86.45 14.89 13.13
N GLU E 177 -87.30 15.55 13.92
CA GLU E 177 -88.01 14.90 15.01
C GLU E 177 -89.45 15.40 15.02
N PHE E 178 -90.29 14.72 15.79
CA PHE E 178 -91.69 15.08 15.93
C PHE E 178 -92.10 14.95 17.39
N LYS E 179 -93.15 15.68 17.75
CA LYS E 179 -93.65 15.70 19.12
C LYS E 179 -95.17 15.62 19.09
N VAL E 180 -95.73 14.78 19.95
CA VAL E 180 -97.18 14.60 20.05
C VAL E 180 -97.73 15.53 21.11
N VAL E 181 -98.91 16.08 20.86
CA VAL E 181 -99.52 17.03 21.78
C VAL E 181 -100.93 16.58 22.16
N GLU E 182 -101.57 15.80 21.30
CA GLU E 182 -102.93 15.36 21.55
C GLU E 182 -103.22 14.12 20.72
N THR E 183 -103.50 13.01 21.40
CA THR E 183 -103.87 11.77 20.71
C THR E 183 -104.77 10.97 21.64
N ASP E 184 -104.92 9.67 21.37
CA ASP E 184 -105.72 8.81 22.23
C ASP E 184 -105.10 8.74 23.63
N PRO E 185 -105.93 8.57 24.66
CA PRO E 185 -105.41 8.59 26.04
C PRO E 185 -104.35 7.52 26.27
N SER E 186 -103.33 7.88 27.04
CA SER E 186 -102.23 6.96 27.30
C SER E 186 -102.70 5.77 28.13
N PRO E 187 -102.19 4.56 27.85
CA PRO E 187 -101.26 4.28 26.75
C PRO E 187 -101.98 3.89 25.47
N TYR E 188 -102.05 2.58 25.21
CA TYR E 188 -102.77 2.04 24.05
C TYR E 188 -102.27 2.66 22.75
N CYS E 189 -100.96 2.84 22.64
CA CYS E 189 -100.34 3.43 21.47
C CYS E 189 -99.47 2.37 20.79
N ILE E 190 -99.98 1.80 19.70
CA ILE E 190 -99.26 0.82 18.91
C ILE E 190 -99.37 1.22 17.45
N VAL E 191 -98.23 1.32 16.77
CA VAL E 191 -98.22 1.71 15.37
C VAL E 191 -98.80 0.60 14.51
N ALA E 192 -99.63 0.97 13.54
CA ALA E 192 -100.26 0.02 12.64
C ALA E 192 -100.62 0.74 11.35
N PRO E 193 -100.52 0.07 10.19
CA PRO E 193 -100.88 0.73 8.93
C PRO E 193 -102.33 1.18 8.88
N ASP E 194 -103.23 0.56 9.64
CA ASP E 194 -104.63 0.97 9.67
C ASP E 194 -104.86 2.26 10.42
N THR E 195 -103.91 2.70 11.24
CA THR E 195 -104.05 3.94 11.98
C THR E 195 -104.02 5.14 11.05
N VAL E 196 -104.77 6.17 11.42
CA VAL E 196 -104.85 7.38 10.64
C VAL E 196 -104.07 8.49 11.35
N ILE E 197 -103.72 9.53 10.60
CA ILE E 197 -102.96 10.66 11.13
C ILE E 197 -103.58 11.95 10.59
N HIS E 198 -103.29 13.05 11.27
CA HIS E 198 -103.80 14.35 10.85
C HIS E 198 -102.86 15.44 11.35
N CYS E 199 -103.00 16.63 10.77
CA CYS E 199 -102.17 17.77 11.11
C CYS E 199 -103.03 19.02 11.18
N GLU E 200 -102.52 20.02 11.91
CA GLU E 200 -103.19 21.31 12.05
C GLU E 200 -102.53 22.40 11.22
N GLY E 201 -101.20 22.42 11.17
CA GLY E 201 -100.48 23.40 10.40
C GLY E 201 -99.79 24.50 11.18
N GLU E 202 -99.51 24.28 12.47
CA GLU E 202 -98.85 25.29 13.30
C GLU E 202 -97.88 24.58 14.23
N PRO E 203 -96.59 24.56 13.90
CA PRO E 203 -95.62 23.92 14.79
C PRO E 203 -95.46 24.69 16.09
N ILE E 204 -95.15 23.94 17.15
CA ILE E 204 -94.96 24.49 18.48
C ILE E 204 -93.47 24.46 18.83
N LYS E 205 -92.94 25.59 19.29
CA LYS E 205 -91.53 25.67 19.62
C LYS E 205 -91.20 24.83 20.84
N ARG E 206 -89.96 24.36 20.89
CA ARG E 206 -89.49 23.55 22.01
C ARG E 206 -89.22 24.44 23.23
N GLU E 207 -89.10 23.79 24.38
CA GLU E 207 -88.81 24.46 25.63
C GLU E 207 -87.41 24.08 26.10
N ASP E 208 -87.02 24.61 27.26
CA ASP E 208 -85.70 24.36 27.83
C ASP E 208 -85.65 23.10 28.68
N GLU E 209 -86.78 22.44 28.91
CA GLU E 209 -86.79 21.20 29.67
C GLU E 209 -86.08 20.07 28.94
N GLU E 210 -86.24 19.99 27.62
CA GLU E 210 -85.62 18.95 26.81
C GLU E 210 -84.34 19.45 26.19
N GLU E 211 -83.53 18.50 25.71
CA GLU E 211 -82.26 18.78 25.06
C GLU E 211 -82.29 18.23 23.64
N SER E 212 -81.75 18.99 22.70
CA SER E 212 -81.72 18.56 21.31
C SER E 212 -80.77 17.38 21.14
N LEU E 213 -81.23 16.36 20.42
CA LEU E 213 -80.42 15.18 20.15
C LEU E 213 -79.50 15.36 18.94
N ASN E 214 -79.56 16.50 18.28
CA ASN E 214 -78.68 16.78 17.15
C ASN E 214 -77.24 17.06 17.57
N GLU E 215 -76.99 17.22 18.87
CA GLU E 215 -75.65 17.50 19.36
C GLU E 215 -74.83 16.21 19.42
N VAL E 216 -73.61 16.33 19.96
CA VAL E 216 -72.67 15.21 19.94
C VAL E 216 -72.74 14.45 21.26
N GLY E 217 -72.76 13.12 21.16
CA GLY E 217 -72.70 12.25 22.32
C GLY E 217 -71.65 11.17 22.16
N TYR E 218 -71.61 10.21 23.09
CA TYR E 218 -70.62 9.14 23.01
C TYR E 218 -70.79 8.28 21.77
N ASP E 219 -72.03 8.11 21.29
CA ASP E 219 -72.27 7.29 20.11
C ASP E 219 -71.73 7.92 18.84
N ASP E 220 -71.35 9.20 18.88
CA ASP E 220 -70.87 9.90 17.70
C ASP E 220 -69.38 9.74 17.49
N ILE E 221 -68.68 9.06 18.38
CA ILE E 221 -67.24 8.87 18.29
C ILE E 221 -67.00 7.51 17.62
N GLY E 222 -66.21 7.50 16.56
CA GLY E 222 -65.90 6.27 15.86
C GLY E 222 -64.42 6.01 15.71
N GLY E 223 -63.96 4.86 16.18
CA GLY E 223 -62.57 4.49 16.04
C GLY E 223 -61.81 4.55 17.35
N CYS E 224 -62.11 5.57 18.16
CA CYS E 224 -61.44 5.74 19.45
C CYS E 224 -62.21 4.96 20.50
N ARG E 225 -61.85 3.69 20.67
CA ARG E 225 -62.44 2.83 21.68
C ARG E 225 -61.56 2.72 22.93
N LYS E 226 -60.31 2.28 22.74
CA LYS E 226 -59.39 2.17 23.87
C LYS E 226 -59.09 3.53 24.50
N GLN E 227 -58.89 4.57 23.69
CA GLN E 227 -58.61 5.90 24.21
C GLN E 227 -59.81 6.54 24.90
N LEU E 228 -61.00 6.42 24.31
CA LEU E 228 -62.20 6.94 24.94
C LEU E 228 -62.55 6.19 26.22
N ALA E 229 -62.18 4.91 26.31
CA ALA E 229 -62.44 4.15 27.52
C ALA E 229 -61.71 4.71 28.72
N GLN E 230 -60.54 5.34 28.51
CA GLN E 230 -59.80 5.90 29.63
C GLN E 230 -60.48 7.13 30.24
N ILE E 231 -61.03 8.01 29.41
CA ILE E 231 -61.66 9.22 29.94
C ILE E 231 -62.86 8.89 30.83
N LYS E 232 -63.50 7.75 30.59
CA LYS E 232 -64.62 7.33 31.43
C LYS E 232 -64.19 7.13 32.87
N GLU E 233 -63.03 6.53 33.11
CA GLU E 233 -62.55 6.27 34.46
C GLU E 233 -61.72 7.43 35.02
N MET E 234 -61.74 8.58 34.37
CA MET E 234 -61.10 9.77 34.94
C MET E 234 -62.03 10.97 35.09
N VAL E 235 -63.10 11.09 34.31
CA VAL E 235 -63.98 12.25 34.44
C VAL E 235 -65.39 11.92 34.95
N GLU E 236 -65.75 10.64 35.05
CA GLU E 236 -67.06 10.27 35.56
C GLU E 236 -67.13 10.26 37.08
N LEU E 237 -66.00 10.16 37.78
CA LEU E 237 -66.06 10.17 39.23
C LEU E 237 -66.25 11.58 39.77
N PRO E 238 -65.47 12.59 39.36
CA PRO E 238 -65.65 13.93 39.94
C PRO E 238 -66.90 14.66 39.45
N LEU E 239 -67.37 14.38 38.23
CA LEU E 239 -68.48 15.13 37.68
C LEU E 239 -69.84 14.52 38.01
N ARG E 240 -69.91 13.22 38.23
CA ARG E 240 -71.18 12.58 38.55
C ARG E 240 -71.45 12.51 40.04
N HIS E 241 -70.39 12.51 40.86
CA HIS E 241 -70.51 12.38 42.31
C HIS E 241 -69.72 13.49 42.99
N PRO E 242 -70.27 14.71 43.05
CA PRO E 242 -69.51 15.82 43.64
C PRO E 242 -69.40 15.74 45.15
N ALA E 243 -70.48 15.39 45.85
CA ALA E 243 -70.44 15.32 47.30
C ALA E 243 -69.44 14.30 47.80
N LEU E 244 -69.22 13.21 47.05
CA LEU E 244 -68.24 12.22 47.44
C LEU E 244 -66.82 12.79 47.38
N PHE E 245 -66.55 13.65 46.41
CA PHE E 245 -65.24 14.28 46.32
C PHE E 245 -65.05 15.39 47.36
N LYS E 246 -66.08 16.17 47.64
CA LYS E 246 -66.03 17.05 48.80
C LYS E 246 -66.26 16.33 50.12
N ALA E 247 -66.21 15.00 50.13
CA ALA E 247 -66.18 14.23 51.37
C ALA E 247 -64.85 13.52 51.58
N ILE E 248 -64.27 12.94 50.53
CA ILE E 248 -63.01 12.22 50.62
C ILE E 248 -61.86 13.18 50.37
N GLY E 249 -60.64 12.76 50.73
CA GLY E 249 -59.44 13.54 50.51
C GLY E 249 -58.71 13.23 49.22
N VAL E 250 -59.31 12.47 48.31
CA VAL E 250 -58.66 12.15 47.04
C VAL E 250 -58.65 13.39 46.15
N LYS E 251 -57.52 13.66 45.52
CA LYS E 251 -57.40 14.78 44.60
C LYS E 251 -57.69 14.30 43.18
N PRO E 252 -58.73 14.80 42.52
CA PRO E 252 -59.00 14.40 41.13
C PRO E 252 -57.98 15.01 40.19
N PRO E 253 -57.83 14.46 38.99
CA PRO E 253 -56.94 15.09 38.00
C PRO E 253 -57.42 16.49 37.67
N ARG E 254 -56.45 17.39 37.50
CA ARG E 254 -56.74 18.80 37.25
C ARG E 254 -56.45 19.19 35.80
N GLY E 255 -56.24 18.21 34.94
CA GLY E 255 -55.96 18.51 33.55
C GLY E 255 -55.64 17.28 32.72
N ILE E 256 -56.22 17.21 31.52
CA ILE E 256 -56.04 16.08 30.62
C ILE E 256 -55.62 16.64 29.27
N LEU E 257 -54.55 16.09 28.71
CA LEU E 257 -54.04 16.56 27.43
C LEU E 257 -54.29 15.50 26.37
N LEU E 258 -55.07 15.85 25.35
CA LEU E 258 -55.37 14.97 24.23
C LEU E 258 -54.36 15.21 23.12
N TYR E 259 -54.16 14.19 22.29
CA TYR E 259 -53.10 14.30 21.29
C TYR E 259 -53.59 13.89 19.91
N GLY E 260 -52.67 13.75 18.96
CA GLY E 260 -53.00 13.33 17.63
C GLY E 260 -53.01 14.47 16.63
N PRO E 261 -52.92 14.14 15.35
CA PRO E 261 -52.98 15.18 14.31
C PRO E 261 -54.35 15.82 14.25
N PRO E 262 -54.46 17.00 13.64
CA PRO E 262 -55.77 17.67 13.58
C PRO E 262 -56.79 16.82 12.84
N GLY E 263 -58.04 16.90 13.30
CA GLY E 263 -59.13 16.13 12.73
C GLY E 263 -59.34 14.76 13.33
N THR E 264 -58.48 14.33 14.26
CA THR E 264 -58.66 13.01 14.87
C THR E 264 -59.88 12.98 15.78
N GLY E 265 -60.36 14.14 16.23
CA GLY E 265 -61.56 14.16 17.03
C GLY E 265 -61.36 14.58 18.48
N LYS E 266 -60.38 15.45 18.72
CA LYS E 266 -60.11 15.91 20.07
C LYS E 266 -61.16 16.86 20.61
N THR E 267 -62.03 17.39 19.75
CA THR E 267 -62.98 18.41 20.18
C THR E 267 -64.35 17.82 20.52
N LEU E 268 -64.91 16.98 19.63
CA LEU E 268 -66.22 16.41 19.95
C LEU E 268 -66.14 15.41 21.08
N ILE E 269 -64.97 14.84 21.36
CA ILE E 269 -64.82 14.00 22.54
C ILE E 269 -65.07 14.82 23.80
N ALA E 270 -64.42 15.98 23.90
CA ALA E 270 -64.62 16.88 25.03
C ALA E 270 -66.04 17.42 25.08
N ARG E 271 -66.64 17.70 23.93
CA ARG E 271 -68.02 18.18 23.93
C ARG E 271 -69.00 17.09 24.33
N ALA E 272 -68.74 15.83 23.96
CA ALA E 272 -69.63 14.73 24.32
C ALA E 272 -69.53 14.38 25.79
N VAL E 273 -68.30 14.33 26.34
CA VAL E 273 -68.15 14.05 27.76
C VAL E 273 -68.72 15.15 28.63
N ALA E 274 -69.08 16.29 28.05
CA ALA E 274 -69.77 17.36 28.74
C ALA E 274 -71.28 17.33 28.51
N ASN E 275 -71.71 17.07 27.27
CA ASN E 275 -73.12 17.00 26.97
C ASN E 275 -73.81 15.86 27.70
N GLU E 276 -73.16 14.69 27.78
CA GLU E 276 -73.77 13.55 28.44
C GLU E 276 -73.48 13.48 29.93
N THR E 277 -72.72 14.44 30.47
CA THR E 277 -72.50 14.50 31.91
C THR E 277 -73.13 15.70 32.57
N GLY E 278 -73.74 16.60 31.80
CA GLY E 278 -74.41 17.75 32.38
C GLY E 278 -73.47 18.78 32.97
N ALA E 279 -72.22 18.78 32.54
CA ALA E 279 -71.23 19.75 33.01
C ALA E 279 -71.18 20.94 32.07
N PHE E 280 -71.00 22.12 32.66
CA PHE E 280 -70.94 23.35 31.88
C PHE E 280 -69.71 23.33 30.98
N PHE E 281 -69.92 23.11 29.69
CA PHE E 281 -68.83 23.06 28.72
C PHE E 281 -68.53 24.49 28.25
N PHE E 282 -67.27 24.90 28.40
CA PHE E 282 -66.83 26.21 27.95
C PHE E 282 -65.61 26.00 27.05
N LEU E 283 -65.76 26.37 25.78
CA LEU E 283 -64.72 26.15 24.79
C LEU E 283 -63.96 27.45 24.54
N ILE E 284 -62.64 27.37 24.62
CA ILE E 284 -61.76 28.44 24.15
C ILE E 284 -60.80 27.84 23.13
N ASN E 285 -60.75 28.47 21.97
CA ASN E 285 -60.01 27.91 20.85
C ASN E 285 -58.51 28.01 21.08
N GLY E 286 -58.01 29.23 21.26
CA GLY E 286 -56.60 29.46 21.45
C GLY E 286 -56.03 30.54 20.55
N PRO E 287 -56.47 30.62 19.30
CA PRO E 287 -56.12 31.79 18.47
C PRO E 287 -56.86 33.05 18.85
N GLU E 288 -58.06 32.95 19.44
CA GLU E 288 -58.77 34.16 19.83
C GLU E 288 -58.05 34.90 20.95
N ILE E 289 -57.29 34.18 21.77
CA ILE E 289 -56.49 34.83 22.81
C ILE E 289 -55.46 35.76 22.17
N MET E 290 -54.77 35.30 21.14
CA MET E 290 -53.84 36.16 20.42
C MET E 290 -54.52 37.12 19.46
N SER E 291 -55.80 36.90 19.16
CA SER E 291 -56.49 37.79 18.22
C SER E 291 -56.72 39.17 18.82
N LYS E 292 -57.01 39.25 20.13
CA LYS E 292 -57.38 40.50 20.75
C LYS E 292 -56.13 41.28 21.18
N LEU E 293 -56.35 42.52 21.61
CA LEU E 293 -55.25 43.40 21.97
C LEU E 293 -54.54 42.90 23.22
N ALA E 294 -53.26 43.27 23.35
CA ALA E 294 -52.44 42.89 24.49
C ALA E 294 -52.89 43.63 25.74
N GLY E 295 -53.44 42.89 26.69
CA GLY E 295 -53.88 43.47 27.93
C GLY E 295 -55.24 42.97 28.37
N GLU E 296 -56.12 42.71 27.42
CA GLU E 296 -57.44 42.15 27.70
C GLU E 296 -57.52 40.66 27.37
N SER E 297 -56.57 40.14 26.60
CA SER E 297 -56.54 38.71 26.32
C SER E 297 -56.32 37.91 27.60
N GLU E 298 -55.39 38.38 28.45
CA GLU E 298 -55.18 37.73 29.73
C GLU E 298 -56.43 37.80 30.61
N SER E 299 -57.08 38.96 30.65
CA SER E 299 -58.31 39.10 31.42
C SER E 299 -59.43 38.21 30.90
N ASN E 300 -59.50 37.97 29.59
CA ASN E 300 -60.61 37.19 29.05
C ASN E 300 -60.49 35.72 29.45
N LEU E 301 -59.31 35.11 29.25
CA LEU E 301 -59.16 33.73 29.68
C LEU E 301 -58.99 33.63 31.19
N ARG E 302 -58.77 34.75 31.88
CA ARG E 302 -58.90 34.73 33.33
C ARG E 302 -60.36 34.59 33.73
N LYS E 303 -61.21 35.52 33.29
CA LYS E 303 -62.62 35.47 33.65
C LYS E 303 -63.29 34.22 33.12
N ALA E 304 -62.73 33.60 32.09
CA ALA E 304 -63.21 32.29 31.65
C ALA E 304 -63.15 31.26 32.77
N PHE E 305 -62.11 31.31 33.62
CA PHE E 305 -62.01 30.35 34.71
C PHE E 305 -63.00 30.60 35.84
N GLU E 306 -63.19 31.85 36.28
CA GLU E 306 -64.19 32.10 37.30
C GLU E 306 -65.62 31.87 36.82
N GLU E 307 -65.96 32.23 35.57
CA GLU E 307 -67.31 31.96 35.12
C GLU E 307 -67.58 30.46 35.04
N ALA E 308 -66.55 29.67 34.77
CA ALA E 308 -66.70 28.22 34.82
C ALA E 308 -66.86 27.69 36.24
N GLU E 309 -66.17 28.29 37.21
CA GLU E 309 -66.23 27.78 38.58
C GLU E 309 -67.64 27.86 39.15
N LYS E 310 -68.33 28.99 38.95
CA LYS E 310 -69.67 29.12 39.53
C LYS E 310 -70.69 28.23 38.82
N ASN E 311 -70.37 27.78 37.61
CA ASN E 311 -71.18 26.78 36.93
C ASN E 311 -70.68 25.37 37.21
N ALA E 312 -70.51 25.05 38.49
CA ALA E 312 -70.02 23.74 38.87
C ALA E 312 -71.15 22.71 38.78
N PRO E 313 -70.86 21.49 38.29
CA PRO E 313 -69.55 21.09 37.78
C PRO E 313 -69.33 21.62 36.36
N ALA E 314 -68.07 21.90 36.02
CA ALA E 314 -67.74 22.52 34.75
C ALA E 314 -66.64 21.72 34.07
N ILE E 315 -66.40 22.06 32.81
CA ILE E 315 -65.37 21.40 32.01
C ILE E 315 -64.85 22.41 31.00
N ILE E 316 -63.54 22.62 30.99
CA ILE E 316 -62.90 23.60 30.12
C ILE E 316 -62.01 22.85 29.13
N PHE E 317 -62.18 23.16 27.84
CA PHE E 317 -61.41 22.52 26.80
C PHE E 317 -60.70 23.61 26.00
N ILE E 318 -59.39 23.46 25.84
CA ILE E 318 -58.57 24.39 25.07
C ILE E 318 -58.24 23.72 23.75
N ASP E 319 -58.78 24.24 22.65
CA ASP E 319 -58.66 23.57 21.37
C ASP E 319 -57.23 23.68 20.82
N GLU E 320 -56.73 24.89 20.69
CA GLU E 320 -55.37 25.13 20.22
C GLU E 320 -54.50 25.45 21.43
N LEU E 321 -53.55 24.58 21.73
CA LEU E 321 -52.64 24.80 22.85
C LEU E 321 -51.21 24.98 22.37
N ASP E 322 -50.84 24.31 21.27
CA ASP E 322 -49.54 24.53 20.68
C ASP E 322 -49.39 25.97 20.17
N ALA E 323 -50.50 26.63 19.89
CA ALA E 323 -50.51 28.04 19.52
C ALA E 323 -50.50 28.97 20.72
N ILE E 324 -50.58 28.41 21.93
CA ILE E 324 -50.54 29.19 23.15
C ILE E 324 -49.14 29.18 23.79
N ALA E 325 -48.52 28.00 23.87
CA ALA E 325 -47.23 27.83 24.53
C ALA E 325 -46.28 27.04 23.63
N PRO E 326 -45.74 27.67 22.57
CA PRO E 326 -44.68 27.05 21.78
C PRO E 326 -43.29 27.41 22.31
N LYS E 327 -43.03 27.08 23.58
CA LYS E 327 -41.85 27.57 24.29
C LYS E 327 -40.69 26.64 23.97
N ARG E 328 -40.33 26.59 22.70
CA ARG E 328 -39.16 25.82 22.28
C ARG E 328 -38.23 26.62 21.38
N GLU E 329 -38.79 27.45 20.49
CA GLU E 329 -37.97 28.18 19.55
C GLU E 329 -38.47 29.61 19.35
N LYS E 330 -39.57 29.96 19.99
CA LYS E 330 -40.15 31.29 19.78
C LYS E 330 -39.31 32.34 20.50
N THR E 331 -39.27 32.27 21.83
CA THR E 331 -38.47 33.17 22.66
C THR E 331 -38.64 34.63 22.23
N HIS E 332 -39.84 34.96 21.73
CA HIS E 332 -40.09 36.27 21.14
C HIS E 332 -41.49 36.71 21.51
N GLY E 333 -41.61 37.95 21.98
CA GLY E 333 -42.89 38.47 22.38
C GLY E 333 -43.05 38.51 23.89
N GLU E 334 -43.09 39.71 24.46
CA GLU E 334 -43.30 39.86 25.89
C GLU E 334 -44.63 39.29 26.34
N VAL E 335 -45.68 39.48 25.53
CA VAL E 335 -47.01 39.01 25.91
C VAL E 335 -47.15 37.51 25.81
N GLU E 336 -46.35 36.84 24.97
CA GLU E 336 -46.44 35.38 24.87
C GLU E 336 -46.13 34.72 26.21
N ARG E 337 -45.00 35.09 26.81
CA ARG E 337 -44.66 34.58 28.13
C ARG E 337 -45.66 34.99 29.19
N ARG E 338 -46.19 36.21 29.10
CA ARG E 338 -47.19 36.64 30.06
C ARG E 338 -48.44 35.77 30.00
N ILE E 339 -48.92 35.46 28.80
CA ILE E 339 -50.10 34.60 28.67
C ILE E 339 -49.78 33.17 29.12
N VAL E 340 -48.59 32.67 28.78
CA VAL E 340 -48.23 31.32 29.20
C VAL E 340 -48.22 31.23 30.72
N SER E 341 -47.59 32.20 31.38
CA SER E 341 -47.57 32.21 32.83
C SER E 341 -48.96 32.45 33.41
N GLN E 342 -49.81 33.26 32.75
CA GLN E 342 -51.16 33.46 33.25
C GLN E 342 -51.94 32.17 33.24
N LEU E 343 -51.82 31.38 32.17
CA LEU E 343 -52.40 30.04 32.13
C LEU E 343 -51.82 29.14 33.21
N LEU E 344 -50.50 29.19 33.41
CA LEU E 344 -49.88 28.37 34.44
C LEU E 344 -50.41 28.73 35.82
N THR E 345 -50.62 30.02 36.10
CA THR E 345 -51.16 30.42 37.39
C THR E 345 -52.62 30.00 37.54
N LEU E 346 -53.42 30.19 36.49
CA LEU E 346 -54.83 29.81 36.53
C LEU E 346 -55.03 28.33 36.72
N MET E 347 -54.15 27.48 36.18
CA MET E 347 -54.25 26.04 36.38
C MET E 347 -53.52 25.55 37.63
N ASP E 348 -52.56 26.30 38.14
CA ASP E 348 -51.89 25.91 39.37
C ASP E 348 -52.81 26.08 40.58
N GLY E 349 -53.63 27.13 40.58
CA GLY E 349 -54.53 27.38 41.68
C GLY E 349 -55.85 26.64 41.55
N LEU E 350 -55.79 25.37 41.16
CA LEU E 350 -56.98 24.53 41.02
C LEU E 350 -57.09 23.65 42.27
N LYS E 351 -57.63 24.23 43.33
CA LYS E 351 -57.88 23.49 44.56
C LYS E 351 -59.19 22.73 44.46
N GLN E 352 -59.69 22.20 45.59
CA GLN E 352 -60.92 21.43 45.56
C GLN E 352 -62.08 22.30 45.10
N ARG E 353 -62.45 23.30 45.92
CA ARG E 353 -63.40 24.35 45.57
C ARG E 353 -64.61 23.82 44.79
N ALA E 354 -64.50 23.82 43.47
CA ALA E 354 -65.55 23.31 42.60
C ALA E 354 -64.97 22.30 41.60
N HIS E 355 -65.83 21.62 40.85
CA HIS E 355 -65.36 20.60 39.91
C HIS E 355 -65.18 21.25 38.55
N VAL E 356 -63.92 21.57 38.22
CA VAL E 356 -63.56 22.05 36.90
C VAL E 356 -62.45 21.15 36.36
N ILE E 357 -62.64 20.68 35.13
CA ILE E 357 -61.68 19.83 34.45
C ILE E 357 -61.19 20.59 33.23
N VAL E 358 -59.88 20.74 33.12
CA VAL E 358 -59.28 21.54 32.05
C VAL E 358 -58.60 20.58 31.09
N MET E 359 -59.30 20.22 30.02
CA MET E 359 -58.73 19.42 28.95
C MET E 359 -58.15 20.33 27.87
N ALA E 360 -57.20 19.78 27.12
CA ALA E 360 -56.53 20.55 26.09
C ALA E 360 -56.14 19.63 24.95
N ALA E 361 -55.95 20.21 23.77
CA ALA E 361 -55.61 19.46 22.59
C ALA E 361 -54.43 20.11 21.89
N THR E 362 -53.55 19.26 21.34
CA THR E 362 -52.36 19.70 20.61
C THR E 362 -51.94 18.54 19.71
N ASN E 363 -50.97 18.80 18.83
CA ASN E 363 -50.60 17.83 17.81
C ASN E 363 -49.50 16.91 18.31
N ARG E 364 -48.38 17.44 18.78
CA ARG E 364 -47.25 16.65 19.26
C ARG E 364 -47.09 16.79 20.78
N PRO E 365 -46.61 15.74 21.45
CA PRO E 365 -46.16 15.90 22.83
C PRO E 365 -45.04 16.92 23.03
N ASN E 366 -44.08 17.07 22.11
CA ASN E 366 -43.00 18.01 22.38
C ASN E 366 -43.34 19.45 22.02
N SER E 367 -44.49 19.71 21.38
CA SER E 367 -44.85 21.06 20.96
C SER E 367 -45.56 21.84 22.05
N ILE E 368 -45.37 21.46 23.31
CA ILE E 368 -46.02 22.08 24.44
C ILE E 368 -44.96 22.48 25.45
N ASP E 369 -45.15 23.63 26.09
CA ASP E 369 -44.24 24.10 27.13
C ASP E 369 -44.07 23.03 28.20
N PRO E 370 -42.85 22.58 28.49
CA PRO E 370 -42.67 21.55 29.52
C PRO E 370 -43.17 21.98 30.90
N ALA E 371 -43.20 23.28 31.18
CA ALA E 371 -43.75 23.75 32.45
C ALA E 371 -45.22 23.45 32.59
N LEU E 372 -45.91 23.17 31.48
CA LEU E 372 -47.32 22.81 31.51
C LEU E 372 -47.55 21.34 31.84
N ARG E 373 -46.50 20.52 31.81
CA ARG E 373 -46.61 19.09 32.06
C ARG E 373 -46.33 18.73 33.52
N ARG E 374 -46.12 19.72 34.38
CA ARG E 374 -45.83 19.48 35.78
C ARG E 374 -47.06 18.92 36.49
N PHE E 375 -46.85 18.46 37.71
CA PHE E 375 -47.94 17.93 38.51
C PHE E 375 -48.91 19.06 38.89
N GLY E 376 -50.20 18.77 38.78
CA GLY E 376 -51.22 19.74 39.06
C GLY E 376 -51.67 20.56 37.88
N ARG E 377 -50.98 20.47 36.75
CA ARG E 377 -51.40 21.18 35.53
C ARG E 377 -51.81 20.22 34.43
N PHE E 378 -50.93 19.32 34.01
CA PHE E 378 -51.28 18.27 33.05
C PHE E 378 -50.56 16.99 33.49
N ASP E 379 -51.22 16.21 34.33
CA ASP E 379 -50.66 14.96 34.80
C ASP E 379 -51.12 13.78 33.94
N ARG E 380 -52.39 13.78 33.54
CA ARG E 380 -52.94 12.71 32.73
C ARG E 380 -52.89 13.12 31.25
N GLU E 381 -52.30 12.26 30.43
CA GLU E 381 -52.20 12.49 28.99
C GLU E 381 -52.71 11.27 28.26
N VAL E 382 -53.57 11.50 27.27
CA VAL E 382 -54.11 10.43 26.44
C VAL E 382 -53.80 10.76 24.98
N ASP E 383 -53.18 9.81 24.28
CA ASP E 383 -52.78 9.98 22.90
C ASP E 383 -53.72 9.19 22.00
N ILE E 384 -54.32 9.87 21.03
CA ILE E 384 -55.18 9.23 20.04
C ILE E 384 -54.52 9.37 18.68
N GLY E 385 -54.88 8.47 17.77
CA GLY E 385 -54.25 8.41 16.47
C GLY E 385 -55.22 8.02 15.38
N ILE E 386 -54.67 7.58 14.26
CA ILE E 386 -55.47 7.22 13.09
C ILE E 386 -56.23 5.93 13.38
N PRO E 387 -57.55 5.91 13.20
CA PRO E 387 -58.29 4.65 13.39
C PRO E 387 -57.90 3.62 12.34
N ASP E 388 -57.98 2.35 12.74
CA ASP E 388 -57.68 1.25 11.83
C ASP E 388 -58.88 0.97 10.94
N ALA E 389 -58.82 -0.10 10.15
CA ALA E 389 -59.93 -0.43 9.26
C ALA E 389 -61.19 -0.70 10.06
N THR E 390 -61.08 -1.45 11.16
CA THR E 390 -62.23 -1.66 12.03
C THR E 390 -62.69 -0.36 12.67
N GLY E 391 -61.75 0.48 13.11
CA GLY E 391 -62.09 1.76 13.67
C GLY E 391 -62.68 2.72 12.65
N ARG E 392 -62.17 2.65 11.42
CA ARG E 392 -62.71 3.49 10.35
C ARG E 392 -64.08 3.04 9.88
N LEU E 393 -64.38 1.73 9.94
CA LEU E 393 -65.68 1.27 9.49
C LEU E 393 -66.80 1.89 10.32
N GLU E 394 -66.63 1.93 11.65
CA GLU E 394 -67.68 2.47 12.51
C GLU E 394 -67.77 3.99 12.42
N ILE E 395 -66.80 4.64 11.76
CA ILE E 395 -66.85 6.09 11.63
C ILE E 395 -67.54 6.54 10.36
N LEU E 396 -67.79 5.63 9.41
CA LEU E 396 -68.51 6.00 8.20
C LEU E 396 -70.01 6.09 8.43
N GLN E 397 -70.62 5.04 8.98
CA GLN E 397 -72.08 5.01 9.08
C GLN E 397 -72.62 6.09 10.01
N ILE E 398 -71.86 6.54 11.00
CA ILE E 398 -72.32 7.64 11.84
C ILE E 398 -72.48 8.92 11.04
N HIS E 399 -71.66 9.12 10.02
CA HIS E 399 -71.75 10.32 9.18
C HIS E 399 -72.65 10.14 7.96
N THR E 400 -73.13 8.93 7.69
CA THR E 400 -74.01 8.70 6.55
C THR E 400 -75.35 8.09 6.95
N LYS E 401 -75.67 8.10 8.25
CA LYS E 401 -76.97 7.59 8.68
C LYS E 401 -78.14 8.35 8.04
N ASN E 402 -77.96 9.62 7.68
CA ASN E 402 -79.04 10.39 7.08
C ASN E 402 -79.22 10.13 5.59
N MET E 403 -78.14 9.84 4.86
CA MET E 403 -78.23 9.62 3.42
C MET E 403 -78.38 8.13 3.15
N LYS E 404 -79.47 7.76 2.49
CA LYS E 404 -79.75 6.36 2.20
C LYS E 404 -78.79 5.82 1.15
N LEU E 405 -78.45 4.54 1.28
CA LEU E 405 -77.54 3.88 0.38
C LEU E 405 -78.29 2.91 -0.52
N ALA E 406 -77.56 2.36 -1.49
CA ALA E 406 -78.11 1.37 -2.40
C ALA E 406 -77.73 -0.03 -1.93
N ASP E 407 -78.33 -1.04 -2.55
CA ASP E 407 -78.07 -2.43 -2.18
C ASP E 407 -76.67 -2.88 -2.57
N ASP E 408 -76.01 -2.18 -3.50
CA ASP E 408 -74.67 -2.54 -3.94
C ASP E 408 -73.59 -1.63 -3.35
N VAL E 409 -73.95 -0.75 -2.42
CA VAL E 409 -73.00 0.18 -1.81
C VAL E 409 -72.66 -0.34 -0.43
N ASP E 410 -71.40 -0.74 -0.24
CA ASP E 410 -70.91 -1.26 1.03
C ASP E 410 -69.77 -0.37 1.53
N LEU E 411 -69.87 0.07 2.78
CA LEU E 411 -68.88 0.95 3.38
C LEU E 411 -67.67 0.20 3.91
N GLU E 412 -67.73 -1.13 4.01
CA GLU E 412 -66.59 -1.89 4.51
C GLU E 412 -65.42 -1.89 3.54
N GLN E 413 -65.68 -2.14 2.25
CA GLN E 413 -64.61 -2.19 1.27
C GLN E 413 -63.99 -0.83 0.99
N VAL E 414 -64.71 0.25 1.27
CA VAL E 414 -64.16 1.58 1.02
C VAL E 414 -63.25 2.04 2.15
N ALA E 415 -63.34 1.40 3.32
CA ALA E 415 -62.47 1.71 4.45
C ALA E 415 -61.28 0.75 4.54
N ASN E 416 -60.94 0.10 3.44
CA ASN E 416 -59.87 -0.89 3.41
C ASN E 416 -58.62 -0.38 2.71
N GLU E 417 -58.77 0.18 1.51
CA GLU E 417 -57.62 0.69 0.77
C GLU E 417 -57.10 2.00 1.33
N THR E 418 -57.87 2.70 2.16
CA THR E 418 -57.43 3.91 2.80
C THR E 418 -56.83 3.59 4.16
N HIS E 419 -55.66 4.17 4.44
CA HIS E 419 -54.99 3.95 5.70
C HIS E 419 -54.53 5.29 6.30
N GLY E 420 -54.35 6.29 5.44
CA GLY E 420 -53.86 7.58 5.89
C GLY E 420 -54.93 8.65 5.91
N HIS E 421 -56.12 8.28 6.36
CA HIS E 421 -57.25 9.21 6.45
C HIS E 421 -57.56 9.50 7.91
N VAL E 422 -57.53 10.79 8.27
CA VAL E 422 -57.91 11.22 9.60
C VAL E 422 -59.44 11.21 9.70
N GLY E 423 -59.95 11.22 10.94
CA GLY E 423 -61.39 11.13 11.14
C GLY E 423 -62.18 12.20 10.41
N ALA E 424 -61.62 13.41 10.30
CA ALA E 424 -62.24 14.48 9.53
C ALA E 424 -62.14 14.26 8.02
N ASP E 425 -61.15 13.49 7.57
CA ASP E 425 -61.02 13.21 6.14
C ASP E 425 -62.25 12.48 5.61
N LEU E 426 -62.68 11.43 6.31
CA LEU E 426 -63.86 10.69 5.88
C LEU E 426 -65.14 11.48 6.08
N ALA E 427 -65.20 12.32 7.11
CA ALA E 427 -66.35 13.21 7.28
C ALA E 427 -66.50 14.13 6.08
N ALA E 428 -65.38 14.68 5.60
CA ALA E 428 -65.41 15.48 4.39
C ALA E 428 -65.71 14.64 3.16
N LEU E 429 -65.18 13.41 3.09
CA LEU E 429 -65.38 12.55 1.93
C LEU E 429 -66.84 12.18 1.73
N CYS E 430 -67.56 11.89 2.82
CA CYS E 430 -68.98 11.56 2.70
C CYS E 430 -69.76 12.70 2.06
N SER E 431 -69.60 13.91 2.59
CA SER E 431 -70.27 15.05 2.00
C SER E 431 -69.83 15.27 0.56
N GLU E 432 -68.53 15.15 0.28
CA GLU E 432 -68.03 15.37 -1.07
C GLU E 432 -68.65 14.40 -2.07
N ALA E 433 -68.80 13.13 -1.67
CA ALA E 433 -69.52 12.19 -2.52
C ALA E 433 -70.98 12.57 -2.67
N ALA E 434 -71.58 13.17 -1.64
CA ALA E 434 -72.97 13.59 -1.73
C ALA E 434 -73.19 14.63 -2.82
N LEU E 435 -72.29 15.62 -2.96
CA LEU E 435 -72.47 16.60 -4.03
C LEU E 435 -72.40 15.96 -5.40
N GLN E 436 -71.49 15.02 -5.63
CA GLN E 436 -71.47 14.33 -6.91
C GLN E 436 -72.75 13.53 -7.14
N ALA E 437 -73.23 12.86 -6.09
CA ALA E 437 -74.46 12.08 -6.22
C ALA E 437 -75.65 12.96 -6.62
N ILE E 438 -75.76 14.15 -6.04
CA ILE E 438 -76.88 15.02 -6.42
C ILE E 438 -76.62 15.78 -7.71
N ARG E 439 -75.36 16.03 -8.06
CA ARG E 439 -75.02 16.73 -9.29
C ARG E 439 -75.27 15.87 -10.52
N LYS E 440 -75.03 14.57 -10.43
CA LYS E 440 -75.27 13.71 -11.58
C LYS E 440 -76.74 13.59 -11.94
N LYS E 441 -77.66 14.05 -11.07
CA LYS E 441 -79.08 14.00 -11.36
C LYS E 441 -79.73 15.37 -11.50
N MET E 442 -79.17 16.42 -10.89
CA MET E 442 -79.79 17.73 -11.03
C MET E 442 -79.71 18.26 -12.46
N ASP E 443 -78.70 17.83 -13.23
CA ASP E 443 -78.59 18.27 -14.62
C ASP E 443 -79.77 17.79 -15.45
N LEU E 444 -80.24 16.56 -15.22
CA LEU E 444 -81.37 16.02 -15.95
C LEU E 444 -82.72 16.39 -15.33
N ILE E 445 -82.77 16.55 -14.01
CA ILE E 445 -84.03 16.91 -13.35
C ILE E 445 -84.46 18.32 -13.77
N ASP E 446 -83.52 19.28 -13.71
CA ASP E 446 -83.75 20.65 -14.13
C ASP E 446 -84.96 21.27 -13.43
N LEU E 447 -84.91 21.30 -12.10
CA LEU E 447 -85.97 21.89 -11.27
C LEU E 447 -85.41 23.11 -10.58
N GLU E 448 -85.51 24.26 -11.25
CA GLU E 448 -85.02 25.52 -10.71
C GLU E 448 -86.21 26.30 -10.16
N ASP E 449 -86.20 26.55 -8.85
CA ASP E 449 -87.28 27.27 -8.19
C ASP E 449 -86.73 27.84 -6.88
N GLU E 450 -87.55 28.68 -6.24
CA GLU E 450 -87.17 29.30 -4.97
C GLU E 450 -87.11 28.25 -3.86
N THR E 451 -88.23 27.58 -3.61
CA THR E 451 -88.29 26.56 -2.58
C THR E 451 -88.22 25.17 -3.21
N ILE E 452 -87.35 24.33 -2.66
CA ILE E 452 -87.11 22.99 -3.17
C ILE E 452 -88.05 22.02 -2.45
N ASP E 453 -88.79 21.24 -3.24
CA ASP E 453 -89.75 20.29 -2.68
C ASP E 453 -89.04 19.19 -1.91
N ALA E 454 -89.69 18.72 -0.86
CA ALA E 454 -89.14 17.67 0.00
C ALA E 454 -89.45 16.27 -0.50
N GLU E 455 -90.13 16.14 -1.64
CA GLU E 455 -90.50 14.85 -2.20
C GLU E 455 -89.40 14.26 -3.08
N VAL E 456 -88.22 14.87 -3.13
CA VAL E 456 -87.13 14.38 -3.95
C VAL E 456 -85.96 13.85 -3.13
N MET E 457 -85.77 14.31 -1.88
CA MET E 457 -84.71 13.77 -1.04
C MET E 457 -84.88 12.28 -0.78
N ASN E 458 -86.11 11.77 -0.77
CA ASN E 458 -86.34 10.34 -0.60
C ASN E 458 -85.73 9.52 -1.72
N SER E 459 -85.56 10.11 -2.90
CA SER E 459 -84.98 9.42 -4.05
C SER E 459 -83.48 9.63 -4.17
N LEU E 460 -82.88 10.43 -3.28
CA LEU E 460 -81.45 10.70 -3.34
C LEU E 460 -80.71 9.51 -2.72
N ALA E 461 -80.30 8.57 -3.57
CA ALA E 461 -79.55 7.39 -3.15
C ALA E 461 -78.15 7.48 -3.72
N VAL E 462 -77.15 7.37 -2.85
CA VAL E 462 -75.76 7.42 -3.28
C VAL E 462 -75.41 6.11 -3.98
N THR E 463 -74.51 6.20 -4.96
CA THR E 463 -74.06 5.05 -5.72
C THR E 463 -72.59 4.77 -5.39
N MET E 464 -72.13 3.59 -5.82
CA MET E 464 -70.74 3.22 -5.58
C MET E 464 -69.78 4.08 -6.40
N ASP E 465 -70.17 4.43 -7.62
CA ASP E 465 -69.37 5.32 -8.45
C ASP E 465 -69.23 6.69 -7.83
N ASP E 466 -70.20 7.11 -6.99
CA ASP E 466 -70.02 8.36 -6.27
C ASP E 466 -68.82 8.28 -5.33
N PHE E 467 -68.54 7.10 -4.80
CA PHE E 467 -67.40 6.90 -3.90
C PHE E 467 -66.11 6.59 -4.65
N ARG E 468 -66.20 5.96 -5.83
CA ARG E 468 -64.98 5.73 -6.60
C ARG E 468 -64.25 7.03 -6.93
N TRP E 469 -64.99 8.06 -7.32
CA TRP E 469 -64.38 9.36 -7.59
C TRP E 469 -63.92 10.03 -6.31
N ALA E 470 -64.53 9.69 -5.17
CA ALA E 470 -64.21 10.31 -3.90
C ALA E 470 -62.81 10.02 -3.41
N LEU E 471 -62.25 8.84 -3.71
CA LEU E 471 -60.92 8.47 -3.28
C LEU E 471 -59.86 8.85 -4.31
N SER E 472 -60.23 9.56 -5.36
CA SER E 472 -59.29 9.94 -6.41
C SER E 472 -58.78 11.36 -6.26
N GLN E 473 -59.68 12.34 -6.19
CA GLN E 473 -59.26 13.74 -6.07
C GLN E 473 -59.05 14.17 -4.62
N SER E 474 -59.46 13.37 -3.65
CA SER E 474 -59.29 13.74 -2.25
C SER E 474 -57.85 13.51 -1.84
N ASN E 475 -57.20 14.57 -1.36
CA ASN E 475 -55.80 14.47 -0.94
C ASN E 475 -55.76 14.48 0.58
N PRO E 476 -55.50 13.34 1.22
CA PRO E 476 -55.50 13.29 2.69
C PRO E 476 -54.31 14.04 3.27
N SER E 477 -54.45 14.41 4.54
CA SER E 477 -53.45 15.20 5.23
C SER E 477 -52.43 14.32 5.95
N ALA E 478 -52.90 13.47 6.86
CA ALA E 478 -52.01 12.64 7.68
C ALA E 478 -51.61 11.40 6.88
N LEU E 479 -50.42 11.45 6.27
CA LEU E 479 -49.89 10.32 5.53
C LEU E 479 -48.56 9.80 6.06
N ARG E 480 -47.70 10.67 6.58
CA ARG E 480 -46.37 10.28 7.08
C ARG E 480 -46.38 10.46 8.59
N GLU E 481 -46.83 9.42 9.29
CA GLU E 481 -46.88 9.42 10.75
C GLU E 481 -46.73 7.98 11.23
N THR E 482 -46.65 7.81 12.54
CA THR E 482 -46.52 6.49 13.12
C THR E 482 -47.88 5.80 13.16
N VAL E 483 -48.05 4.78 12.33
CA VAL E 483 -49.30 4.03 12.26
C VAL E 483 -49.25 2.99 13.38
N VAL E 484 -50.11 3.15 14.39
CA VAL E 484 -50.14 2.24 15.52
C VAL E 484 -51.45 1.46 15.49
N GLU E 485 -51.44 0.31 14.84
CA GLU E 485 -52.63 -0.51 14.68
C GLU E 485 -52.28 -1.98 14.96
N VAL E 486 -53.30 -2.74 15.35
CA VAL E 486 -53.17 -4.17 15.61
C VAL E 486 -53.23 -4.89 14.27
N PRO E 487 -52.24 -5.72 13.93
CA PRO E 487 -52.25 -6.37 12.62
C PRO E 487 -53.35 -7.41 12.51
N GLN E 488 -53.53 -7.91 11.29
CA GLN E 488 -54.54 -8.90 10.98
C GLN E 488 -53.95 -10.25 10.57
N VAL E 489 -52.63 -10.40 10.60
CA VAL E 489 -51.96 -11.61 10.19
C VAL E 489 -51.66 -12.45 11.43
N THR E 490 -52.11 -13.69 11.43
CA THR E 490 -52.01 -14.60 12.55
C THR E 490 -50.98 -15.69 12.23
N TRP E 491 -50.64 -16.51 13.22
CA TRP E 491 -49.76 -17.65 13.01
C TRP E 491 -50.38 -18.73 12.14
N GLU E 492 -51.71 -18.84 12.13
CA GLU E 492 -52.38 -19.87 11.33
C GLU E 492 -52.12 -19.67 9.85
N ASP E 493 -52.20 -18.43 9.36
CA ASP E 493 -51.96 -18.17 7.94
C ASP E 493 -50.49 -18.28 7.57
N ILE E 494 -49.60 -18.37 8.54
CA ILE E 494 -48.19 -18.63 8.28
C ILE E 494 -47.95 -20.13 8.44
N GLY E 495 -47.58 -20.78 7.35
CA GLY E 495 -47.24 -22.19 7.41
C GLY E 495 -45.77 -22.38 7.78
N GLY E 496 -45.49 -23.52 8.40
CA GLY E 496 -44.12 -23.85 8.71
C GLY E 496 -43.52 -22.90 9.74
N LEU E 497 -42.19 -22.82 9.72
CA LEU E 497 -41.42 -22.01 10.66
C LEU E 497 -41.76 -22.37 12.11
N GLU E 498 -41.90 -23.67 12.35
CA GLU E 498 -42.14 -24.17 13.69
C GLU E 498 -40.98 -23.89 14.63
N ASP E 499 -39.76 -23.84 14.12
CA ASP E 499 -38.61 -23.51 14.96
C ASP E 499 -38.72 -22.09 15.52
N VAL E 500 -39.12 -21.13 14.70
CA VAL E 500 -39.29 -19.75 15.15
C VAL E 500 -40.61 -19.56 15.89
N LYS E 501 -41.68 -20.23 15.49
CA LYS E 501 -42.95 -20.18 16.19
C LYS E 501 -42.82 -20.59 17.65
N ARG E 502 -42.02 -21.61 17.94
CA ARG E 502 -41.88 -22.14 19.29
C ARG E 502 -41.07 -21.22 20.19
N GLU E 503 -40.05 -20.54 19.66
CA GLU E 503 -39.25 -19.67 20.50
C GLU E 503 -39.89 -18.29 20.66
N LEU E 504 -40.52 -17.77 19.61
CA LEU E 504 -41.23 -16.50 19.75
C LEU E 504 -42.41 -16.61 20.70
N GLN E 505 -43.14 -17.71 20.68
CA GLN E 505 -44.26 -17.93 21.59
C GLN E 505 -43.83 -18.10 23.03
N GLU E 506 -42.60 -18.55 23.27
CA GLU E 506 -42.09 -18.71 24.63
C GLU E 506 -41.25 -17.54 25.09
N LEU E 507 -41.19 -16.47 24.32
CA LEU E 507 -40.31 -15.34 24.61
C LEU E 507 -41.06 -14.03 24.80
N VAL E 508 -42.16 -13.83 24.08
CA VAL E 508 -42.97 -12.63 24.26
C VAL E 508 -44.42 -12.97 24.62
N GLN E 509 -44.94 -14.12 24.19
CA GLN E 509 -46.30 -14.48 24.55
C GLN E 509 -46.43 -14.92 26.01
N TYR E 510 -45.43 -15.65 26.52
CA TYR E 510 -45.51 -16.12 27.91
C TYR E 510 -45.61 -14.97 28.91
N PRO E 511 -44.77 -13.94 28.88
CA PRO E 511 -44.92 -12.85 29.84
C PRO E 511 -46.21 -12.06 29.68
N VAL E 512 -46.87 -12.14 28.53
CA VAL E 512 -48.13 -11.42 28.32
C VAL E 512 -49.32 -12.23 28.82
N GLU E 513 -49.42 -13.49 28.43
CA GLU E 513 -50.57 -14.31 28.80
C GLU E 513 -50.42 -14.96 30.17
N HIS E 514 -49.19 -15.11 30.68
CA HIS E 514 -48.95 -15.68 32.01
C HIS E 514 -48.00 -14.80 32.81
N PRO E 515 -48.43 -13.60 33.23
CA PRO E 515 -47.57 -12.79 34.11
C PRO E 515 -47.20 -13.50 35.41
N ASP E 516 -48.13 -14.23 36.03
CA ASP E 516 -47.92 -14.81 37.35
C ASP E 516 -46.83 -15.87 37.37
N LYS E 517 -46.71 -16.67 36.33
CA LYS E 517 -45.71 -17.73 36.30
C LYS E 517 -44.29 -17.18 36.24
N PHE E 518 -44.14 -15.89 35.96
CA PHE E 518 -42.81 -15.30 35.92
C PHE E 518 -42.39 -14.77 37.29
N LEU E 519 -43.31 -14.13 38.01
CA LEU E 519 -43.05 -13.79 39.41
C LEU E 519 -42.95 -15.02 40.29
N LYS E 520 -43.64 -16.10 39.95
CA LYS E 520 -43.51 -17.33 40.72
C LYS E 520 -42.12 -17.93 40.57
N PHE E 521 -41.56 -17.87 39.37
CA PHE E 521 -40.23 -18.40 39.10
C PHE E 521 -39.13 -17.36 39.25
N GLY E 522 -39.48 -16.11 39.54
CA GLY E 522 -38.49 -15.07 39.76
C GLY E 522 -37.61 -14.77 38.58
N MET E 523 -38.15 -14.82 37.36
CA MET E 523 -37.39 -14.54 36.15
C MET E 523 -37.99 -13.33 35.44
N THR E 524 -37.15 -12.35 35.16
CA THR E 524 -37.61 -11.18 34.41
C THR E 524 -37.72 -11.52 32.92
N PRO E 525 -38.75 -11.00 32.25
CA PRO E 525 -38.88 -11.26 30.82
C PRO E 525 -37.80 -10.53 30.03
N SER E 526 -37.50 -11.07 28.86
CA SER E 526 -36.52 -10.45 27.98
C SER E 526 -37.08 -9.15 27.42
N LYS E 527 -36.19 -8.17 27.22
CA LYS E 527 -36.59 -6.87 26.72
C LYS E 527 -36.84 -6.83 25.23
N GLY E 528 -36.15 -7.64 24.44
CA GLY E 528 -36.34 -7.61 23.01
C GLY E 528 -35.51 -8.69 22.33
N VAL E 529 -35.88 -8.96 21.08
CA VAL E 529 -35.21 -9.95 20.26
C VAL E 529 -34.94 -9.35 18.89
N LEU E 530 -33.73 -9.52 18.40
CA LEU E 530 -33.37 -9.13 17.03
C LEU E 530 -33.21 -10.40 16.21
N PHE E 531 -33.93 -10.48 15.10
CA PHE E 531 -33.72 -11.61 14.20
C PHE E 531 -33.10 -11.13 12.89
N TYR E 532 -32.42 -12.06 12.23
CA TYR E 532 -31.64 -11.79 11.04
C TYR E 532 -31.95 -12.87 10.02
N GLY E 533 -31.78 -12.52 8.75
CA GLY E 533 -32.07 -13.44 7.68
C GLY E 533 -31.88 -12.80 6.32
N PRO E 534 -31.88 -13.60 5.28
CA PRO E 534 -31.75 -13.07 3.92
C PRO E 534 -32.93 -12.17 3.59
N PRO E 535 -32.72 -11.18 2.73
CA PRO E 535 -33.79 -10.23 2.44
C PRO E 535 -34.99 -10.88 1.79
N GLY E 536 -36.17 -10.30 2.03
CA GLY E 536 -37.40 -10.80 1.45
C GLY E 536 -37.81 -12.16 1.95
N CYS E 537 -37.74 -12.37 3.26
CA CYS E 537 -38.15 -13.64 3.84
C CYS E 537 -39.29 -13.51 4.85
N GLY E 538 -39.79 -12.30 5.11
CA GLY E 538 -40.96 -12.16 5.96
C GLY E 538 -40.67 -11.82 7.40
N LYS E 539 -39.57 -11.11 7.65
CA LYS E 539 -39.26 -10.70 9.02
C LYS E 539 -40.32 -9.76 9.58
N THR E 540 -40.78 -8.80 8.78
CA THR E 540 -41.84 -7.92 9.21
C THR E 540 -43.16 -8.66 9.45
N LEU E 541 -43.49 -9.60 8.57
CA LEU E 541 -44.70 -10.39 8.76
C LEU E 541 -44.62 -11.27 10.00
N LEU E 542 -43.43 -11.83 10.31
CA LEU E 542 -43.30 -12.63 11.52
C LEU E 542 -43.54 -11.78 12.76
N ALA E 543 -42.97 -10.58 12.80
CA ALA E 543 -43.20 -9.67 13.91
C ALA E 543 -44.65 -9.25 13.99
N LYS E 544 -45.32 -9.02 12.87
CA LYS E 544 -46.74 -8.73 12.90
C LYS E 544 -47.56 -9.88 13.44
N ALA E 545 -47.24 -11.11 13.04
CA ALA E 545 -47.96 -12.29 13.50
C ALA E 545 -47.83 -12.50 15.00
N ILE E 546 -46.62 -12.33 15.55
CA ILE E 546 -46.44 -12.48 16.99
C ILE E 546 -47.15 -11.37 17.77
N ALA E 547 -47.46 -10.25 17.13
CA ALA E 547 -48.26 -9.22 17.78
C ALA E 547 -49.72 -9.61 17.89
N ASN E 548 -50.27 -10.28 16.87
CA ASN E 548 -51.64 -10.76 16.93
C ASN E 548 -51.82 -11.88 17.96
N GLU E 549 -50.81 -12.74 18.12
CA GLU E 549 -50.92 -13.82 19.10
C GLU E 549 -51.05 -13.27 20.51
N CYS E 550 -50.32 -12.20 20.82
CA CYS E 550 -50.38 -11.55 22.13
C CYS E 550 -51.46 -10.49 22.20
N GLN E 551 -52.20 -10.26 21.11
CA GLN E 551 -53.20 -9.20 21.03
C GLN E 551 -52.58 -7.85 21.42
N ALA E 552 -51.42 -7.55 20.85
CA ALA E 552 -50.68 -6.35 21.21
C ALA E 552 -50.62 -5.42 20.00
N ASN E 553 -50.38 -4.14 20.26
CA ASN E 553 -50.28 -3.16 19.21
C ASN E 553 -48.94 -3.34 18.49
N PHE E 554 -48.83 -2.79 17.28
CA PHE E 554 -47.63 -2.97 16.48
C PHE E 554 -47.20 -1.63 15.91
N ILE E 555 -45.91 -1.31 16.09
CA ILE E 555 -45.32 -0.09 15.55
C ILE E 555 -44.13 -0.48 14.70
N SER E 556 -44.12 -0.05 13.44
CA SER E 556 -43.06 -0.38 12.50
C SER E 556 -42.26 0.87 12.16
N ILE E 557 -40.95 0.78 12.30
CA ILE E 557 -40.03 1.86 11.95
C ILE E 557 -39.10 1.34 10.87
N LYS E 558 -39.32 1.80 9.63
CA LYS E 558 -38.55 1.33 8.50
C LYS E 558 -37.20 2.04 8.47
N GLY E 559 -36.35 1.65 7.52
CA GLY E 559 -35.03 2.21 7.38
C GLY E 559 -34.96 3.70 7.12
N PRO E 560 -35.75 4.20 6.16
CA PRO E 560 -35.72 5.64 5.87
C PRO E 560 -36.02 6.53 7.07
N GLU E 561 -36.98 6.16 7.93
CA GLU E 561 -37.24 6.97 9.11
C GLU E 561 -36.06 6.98 10.08
N LEU E 562 -35.32 5.88 10.17
CA LEU E 562 -34.13 5.82 10.99
C LEU E 562 -32.97 6.60 10.41
N LEU E 563 -32.79 6.57 9.09
CA LEU E 563 -31.68 7.26 8.45
C LEU E 563 -31.96 8.74 8.21
N THR E 564 -33.22 9.16 8.27
CA THR E 564 -33.54 10.57 8.10
C THR E 564 -32.98 11.41 9.25
N MET E 565 -33.15 10.94 10.48
CA MET E 565 -32.63 11.68 11.62
C MET E 565 -31.11 11.58 11.74
N TRP E 566 -30.50 10.58 11.12
CA TRP E 566 -29.04 10.53 11.10
C TRP E 566 -28.46 11.63 10.22
N PHE E 567 -29.01 11.80 9.01
CA PHE E 567 -28.55 12.87 8.13
C PHE E 567 -28.98 14.24 8.64
N GLY E 568 -30.17 14.34 9.20
CA GLY E 568 -30.72 15.62 9.61
C GLY E 568 -30.21 16.17 10.92
N GLU E 569 -29.44 15.39 11.67
CA GLU E 569 -28.88 15.83 12.96
C GLU E 569 -30.00 16.27 13.92
N SER E 570 -31.18 15.67 13.75
CA SER E 570 -32.36 15.97 14.57
C SER E 570 -32.74 14.67 15.25
N GLU E 571 -32.32 14.52 16.51
CA GLU E 571 -32.37 13.23 17.19
C GLU E 571 -33.38 13.17 18.32
N ALA E 572 -34.31 14.12 18.38
CA ALA E 572 -35.42 14.05 19.31
C ALA E 572 -36.54 13.14 18.81
N ASN E 573 -36.42 12.62 17.58
CA ASN E 573 -37.48 11.84 16.98
C ASN E 573 -37.66 10.48 17.65
N VAL E 574 -36.57 9.85 18.10
CA VAL E 574 -36.69 8.59 18.84
C VAL E 574 -37.38 8.79 20.18
N ARG E 575 -37.34 9.99 20.74
CA ARG E 575 -38.02 10.27 21.99
C ARG E 575 -39.51 10.00 21.88
N GLU E 576 -40.18 10.60 20.89
CA GLU E 576 -41.61 10.36 20.72
C GLU E 576 -41.91 8.95 20.26
N ILE E 577 -41.01 8.32 19.50
CA ILE E 577 -41.22 6.93 19.10
C ILE E 577 -41.32 6.04 20.33
N PHE E 578 -40.34 6.15 21.23
CA PHE E 578 -40.37 5.35 22.45
C PHE E 578 -41.46 5.79 23.41
N ASP E 579 -41.84 7.06 23.38
CA ASP E 579 -42.92 7.54 24.24
C ASP E 579 -44.26 6.94 23.82
N LYS E 580 -44.58 7.00 22.53
CA LYS E 580 -45.83 6.46 22.04
C LYS E 580 -45.82 4.94 21.94
N ALA E 581 -44.65 4.31 21.95
CA ALA E 581 -44.58 2.87 22.06
C ALA E 581 -44.92 2.36 23.45
N ARG E 582 -44.66 3.15 24.48
CA ARG E 582 -44.89 2.73 25.85
C ARG E 582 -46.28 3.10 26.38
N GLN E 583 -46.91 4.14 25.83
CA GLN E 583 -48.25 4.51 26.28
C GLN E 583 -49.30 3.56 25.74
N ALA E 584 -49.01 2.90 24.63
CA ALA E 584 -49.95 1.95 24.01
C ALA E 584 -49.71 0.54 24.51
N ALA E 585 -49.65 0.41 25.83
CA ALA E 585 -49.43 -0.90 26.45
C ALA E 585 -50.68 -1.75 26.34
N PRO E 586 -50.57 -2.98 25.82
CA PRO E 586 -49.33 -3.60 25.36
C PRO E 586 -49.03 -3.38 23.86
N CYS E 587 -47.75 -3.18 23.55
CA CYS E 587 -47.34 -2.84 22.20
C CYS E 587 -46.12 -3.68 21.84
N VAL E 588 -45.74 -3.59 20.56
CA VAL E 588 -44.52 -4.24 20.08
C VAL E 588 -43.83 -3.24 19.15
N LEU E 589 -42.55 -3.01 19.39
CA LEU E 589 -41.78 -2.06 18.62
C LEU E 589 -40.88 -2.81 17.66
N PHE E 590 -40.98 -2.48 16.37
CA PHE E 590 -40.27 -3.21 15.34
C PHE E 590 -39.39 -2.25 14.56
N PHE E 591 -38.09 -2.56 14.51
CA PHE E 591 -37.12 -1.74 13.81
C PHE E 591 -36.67 -2.50 12.56
N ASP E 592 -37.03 -1.99 11.40
CA ASP E 592 -36.69 -2.62 10.14
C ASP E 592 -35.33 -2.13 9.65
N GLU E 593 -34.58 -3.04 9.04
CA GLU E 593 -33.23 -2.79 8.52
C GLU E 593 -32.42 -1.90 9.46
N LEU E 594 -32.17 -2.38 10.68
CA LEU E 594 -31.39 -1.65 11.66
C LEU E 594 -29.98 -1.32 11.18
N ASP E 595 -29.45 -2.09 10.23
CA ASP E 595 -28.10 -1.88 9.72
C ASP E 595 -28.03 -0.78 8.68
N SER E 596 -29.12 -0.01 8.49
CA SER E 596 -29.12 1.03 7.48
C SER E 596 -28.06 2.09 7.75
N ILE E 597 -27.93 2.52 9.00
CA ILE E 597 -26.92 3.51 9.35
C ILE E 597 -25.52 2.96 9.14
N ALA E 598 -25.29 1.70 9.51
CA ALA E 598 -23.97 1.10 9.30
C ALA E 598 -23.63 1.02 7.81
N LYS E 599 -24.61 0.64 6.97
CA LYS E 599 -24.36 0.64 5.54
C LYS E 599 -24.09 2.04 5.01
N ALA E 600 -24.85 3.03 5.48
CA ALA E 600 -24.61 4.41 5.04
C ALA E 600 -23.25 4.94 5.48
N ARG E 601 -22.73 4.47 6.60
CA ARG E 601 -21.42 4.89 7.08
C ARG E 601 -20.27 4.05 6.55
N GLY E 602 -20.56 2.87 6.00
CA GLY E 602 -19.52 2.03 5.43
C GLY E 602 -19.64 0.57 5.81
N GLY E 603 -20.12 0.30 7.03
CA GLY E 603 -20.30 -1.07 7.47
C GLY E 603 -19.29 -1.53 8.50
N ASN E 604 -18.57 -2.61 8.18
CA ASN E 604 -17.62 -3.19 9.12
C ASN E 604 -16.46 -2.26 9.42
N ILE E 605 -15.91 -1.61 8.40
CA ILE E 605 -14.79 -0.70 8.59
C ILE E 605 -15.24 0.73 8.28
N GLY E 606 -15.63 0.97 7.04
CA GLY E 606 -16.08 2.29 6.64
C GLY E 606 -15.04 3.37 6.82
N ASP E 607 -15.28 4.29 7.77
CA ASP E 607 -14.33 5.34 8.09
C ASP E 607 -13.39 4.89 9.19
N GLY E 608 -12.62 5.82 9.76
CA GLY E 608 -11.74 5.48 10.85
C GLY E 608 -12.47 5.03 12.11
N GLY E 609 -13.73 5.43 12.24
CA GLY E 609 -14.52 5.07 13.41
C GLY E 609 -14.96 3.62 13.37
N GLY E 610 -15.59 3.21 14.48
CA GLY E 610 -16.04 1.84 14.62
C GLY E 610 -17.43 1.61 14.07
N ALA E 611 -18.29 0.96 14.86
CA ALA E 611 -19.65 0.65 14.44
C ALA E 611 -20.67 1.39 15.30
N ALA E 612 -20.22 2.37 16.07
CA ALA E 612 -21.10 3.12 16.95
C ALA E 612 -21.44 4.47 16.32
N ASP E 613 -22.72 4.82 16.37
CA ASP E 613 -23.18 6.11 15.88
C ASP E 613 -24.13 6.73 16.89
N ARG E 614 -24.76 7.84 16.51
CA ARG E 614 -25.62 8.58 17.42
C ARG E 614 -27.04 8.03 17.51
N VAL E 615 -27.64 7.62 16.40
CA VAL E 615 -29.03 7.15 16.44
C VAL E 615 -29.15 5.85 17.21
N ILE E 616 -28.25 4.89 16.95
CA ILE E 616 -28.27 3.67 17.72
C ILE E 616 -27.98 3.95 19.20
N ASN E 617 -27.15 4.95 19.47
CA ASN E 617 -26.91 5.35 20.86
C ASN E 617 -28.19 5.84 21.52
N GLN E 618 -29.01 6.63 20.81
CA GLN E 618 -30.26 7.08 21.37
C GLN E 618 -31.21 5.91 21.63
N ILE E 619 -31.26 4.95 20.71
CA ILE E 619 -32.09 3.76 20.92
C ILE E 619 -31.61 2.98 22.14
N LEU E 620 -30.29 2.83 22.29
CA LEU E 620 -29.76 2.16 23.47
C LEU E 620 -30.14 2.87 24.75
N THR E 621 -30.02 4.21 24.76
CA THR E 621 -30.39 4.98 25.95
C THR E 621 -31.87 4.82 26.27
N GLU E 622 -32.73 4.86 25.26
CA GLU E 622 -34.16 4.72 25.51
C GLU E 622 -34.54 3.31 25.96
N MET E 623 -33.89 2.29 25.42
CA MET E 623 -34.14 0.91 25.85
C MET E 623 -33.61 0.63 27.24
N ASP E 624 -32.51 1.25 27.64
CA ASP E 624 -31.97 1.01 28.98
C ASP E 624 -32.90 1.55 30.06
N GLY E 625 -33.60 2.65 29.77
CA GLY E 625 -34.47 3.29 30.72
C GLY E 625 -35.88 2.78 30.77
N MET E 626 -36.22 1.75 30.00
CA MET E 626 -37.57 1.23 30.00
C MET E 626 -37.80 0.32 31.22
N SER E 627 -39.07 0.12 31.55
CA SER E 627 -39.46 -0.73 32.67
C SER E 627 -39.77 -2.13 32.18
N THR E 628 -39.19 -3.13 32.82
CA THR E 628 -39.39 -4.52 32.43
C THR E 628 -40.80 -5.02 32.74
N LYS E 629 -41.49 -4.42 33.71
CA LYS E 629 -42.84 -4.86 34.05
C LYS E 629 -43.86 -4.45 32.99
N LYS E 630 -43.54 -3.46 32.15
CA LYS E 630 -44.40 -3.10 31.04
C LYS E 630 -44.29 -4.16 29.95
N ASN E 631 -45.33 -4.21 29.11
CA ASN E 631 -45.43 -5.21 28.05
C ASN E 631 -44.93 -4.71 26.71
N VAL E 632 -44.24 -3.57 26.67
CA VAL E 632 -43.65 -3.07 25.45
C VAL E 632 -42.50 -4.01 25.07
N PHE E 633 -42.33 -4.24 23.77
CA PHE E 633 -41.34 -5.18 23.27
C PHE E 633 -40.71 -4.64 22.01
N ILE E 634 -39.39 -4.76 21.90
CA ILE E 634 -38.63 -4.22 20.79
C ILE E 634 -38.11 -5.38 19.95
N ILE E 635 -38.37 -5.32 18.66
CA ILE E 635 -37.91 -6.34 17.71
C ILE E 635 -37.06 -5.64 16.67
N GLY E 636 -35.82 -6.11 16.50
CA GLY E 636 -34.92 -5.59 15.50
C GLY E 636 -34.81 -6.55 14.33
N ALA E 637 -34.86 -6.01 13.13
CA ALA E 637 -34.73 -6.79 11.91
C ALA E 637 -33.55 -6.29 11.11
N THR E 638 -32.72 -7.21 10.63
CA THR E 638 -31.57 -6.86 9.83
C THR E 638 -31.27 -8.00 8.89
N ASN E 639 -30.62 -7.67 7.78
CA ASN E 639 -30.12 -8.66 6.83
C ASN E 639 -28.62 -8.80 6.90
N ARG E 640 -27.91 -7.80 7.41
CA ARG E 640 -26.47 -7.93 7.63
C ARG E 640 -26.18 -7.79 9.10
N PRO E 641 -26.13 -8.87 9.87
CA PRO E 641 -25.85 -8.76 11.31
C PRO E 641 -24.38 -8.65 11.66
N ASP E 642 -23.48 -8.78 10.68
CA ASP E 642 -22.05 -8.61 10.90
C ASP E 642 -21.66 -7.16 11.09
N ILE E 643 -22.46 -6.22 10.59
CA ILE E 643 -22.17 -4.80 10.72
C ILE E 643 -23.01 -4.14 11.80
N ILE E 644 -23.88 -4.89 12.45
CA ILE E 644 -24.63 -4.38 13.58
C ILE E 644 -23.67 -4.11 14.73
N ASP E 645 -23.87 -2.99 15.41
CA ASP E 645 -23.00 -2.61 16.50
C ASP E 645 -23.10 -3.66 17.61
N PRO E 646 -21.98 -4.10 18.18
CA PRO E 646 -22.06 -5.12 19.24
C PRO E 646 -22.80 -4.67 20.48
N ALA E 647 -22.82 -3.36 20.79
CA ALA E 647 -23.41 -2.90 22.04
C ALA E 647 -24.92 -3.06 22.08
N ILE E 648 -25.60 -3.06 20.93
CA ILE E 648 -27.05 -3.24 20.93
C ILE E 648 -27.42 -4.68 21.24
N LEU E 649 -26.50 -5.62 21.03
CA LEU E 649 -26.72 -7.03 21.29
C LEU E 649 -26.26 -7.44 22.69
N ARG E 650 -25.86 -6.47 23.51
CA ARG E 650 -25.45 -6.78 24.88
C ARG E 650 -26.61 -7.38 25.66
N PRO E 651 -26.33 -8.25 26.62
CA PRO E 651 -27.41 -8.81 27.44
C PRO E 651 -28.22 -7.72 28.12
N GLY E 652 -29.55 -7.87 28.06
CA GLY E 652 -30.47 -6.92 28.64
C GLY E 652 -31.15 -6.02 27.63
N ARG E 653 -30.62 -5.90 26.41
CA ARG E 653 -31.25 -5.07 25.39
C ARG E 653 -31.78 -5.89 24.22
N LEU E 654 -30.92 -6.65 23.54
CA LEU E 654 -31.33 -7.51 22.43
C LEU E 654 -30.54 -8.81 22.48
N ASP E 655 -30.41 -9.37 23.68
CA ASP E 655 -29.59 -10.56 23.88
C ASP E 655 -30.12 -11.75 23.09
N GLN E 656 -31.43 -11.79 22.84
CA GLN E 656 -32.03 -12.91 22.13
C GLN E 656 -31.90 -12.72 20.63
N LEU E 657 -31.16 -13.61 19.97
CA LEU E 657 -30.98 -13.58 18.54
C LEU E 657 -31.52 -14.88 17.96
N ILE E 658 -32.44 -14.77 17.01
CA ILE E 658 -33.00 -15.92 16.32
C ILE E 658 -32.81 -15.72 14.83
N TYR E 659 -32.64 -16.81 14.10
CA TYR E 659 -32.31 -16.76 12.68
C TYR E 659 -33.55 -17.11 11.86
N ILE E 660 -33.87 -16.27 10.89
CA ILE E 660 -35.00 -16.49 10.00
C ILE E 660 -34.48 -17.11 8.71
N PRO E 661 -34.69 -18.38 8.46
CA PRO E 661 -34.13 -19.01 7.27
C PRO E 661 -35.00 -18.80 6.05
N LEU E 662 -34.63 -19.41 4.93
CA LEU E 662 -35.51 -19.43 3.78
C LEU E 662 -36.77 -20.23 4.12
N PRO E 663 -37.92 -19.84 3.55
CA PRO E 663 -39.13 -20.62 3.80
C PRO E 663 -38.98 -22.05 3.28
N ASP E 664 -39.50 -22.99 4.06
CA ASP E 664 -39.45 -24.39 3.68
C ASP E 664 -40.64 -24.70 2.79
N GLU E 665 -40.84 -25.98 2.45
CA GLU E 665 -41.93 -26.36 1.57
C GLU E 665 -43.29 -25.98 2.17
N LYS E 666 -43.48 -26.23 3.47
CA LYS E 666 -44.73 -25.89 4.12
C LYS E 666 -44.98 -24.40 4.15
N SER E 667 -43.93 -23.60 4.35
CA SER E 667 -44.08 -22.14 4.41
C SER E 667 -44.18 -21.48 3.04
N ARG E 668 -43.62 -22.10 2.00
CA ARG E 668 -43.73 -21.52 0.66
C ARG E 668 -45.14 -21.58 0.11
N VAL E 669 -45.91 -22.62 0.44
CA VAL E 669 -47.31 -22.67 0.04
C VAL E 669 -48.06 -21.47 0.61
N ALA E 670 -47.75 -21.10 1.85
CA ALA E 670 -48.36 -19.92 2.45
C ALA E 670 -48.02 -18.65 1.69
N ILE E 671 -46.77 -18.48 1.25
CA ILE E 671 -46.40 -17.29 0.49
C ILE E 671 -47.13 -17.26 -0.85
N LEU E 672 -47.21 -18.40 -1.54
CA LEU E 672 -47.95 -18.44 -2.80
C LEU E 672 -49.42 -18.10 -2.61
N LYS E 673 -50.06 -18.71 -1.61
CA LYS E 673 -51.49 -18.46 -1.42
C LYS E 673 -51.78 -17.07 -0.90
N ALA E 674 -50.85 -16.46 -0.16
CA ALA E 674 -51.04 -15.07 0.25
C ALA E 674 -51.02 -14.14 -0.95
N ASN E 675 -50.10 -14.38 -1.89
CA ASN E 675 -50.07 -13.59 -3.12
C ASN E 675 -51.28 -13.84 -4.00
N LEU E 676 -51.78 -15.07 -4.06
CA LEU E 676 -52.87 -15.42 -4.96
C LEU E 676 -54.24 -15.37 -4.29
N ARG E 677 -54.32 -14.90 -3.04
CA ARG E 677 -55.60 -14.88 -2.35
C ARG E 677 -56.59 -13.90 -2.95
N LYS E 678 -56.14 -12.94 -3.76
CA LYS E 678 -57.02 -12.00 -4.42
C LYS E 678 -57.18 -12.28 -5.91
N SER E 679 -56.63 -13.38 -6.41
CA SER E 679 -56.66 -13.64 -7.84
C SER E 679 -57.50 -14.88 -8.15
N PRO E 680 -58.10 -14.95 -9.34
CA PRO E 680 -58.84 -16.16 -9.72
C PRO E 680 -57.90 -17.32 -10.02
N VAL E 681 -57.84 -18.30 -9.13
CA VAL E 681 -56.94 -19.43 -9.29
C VAL E 681 -57.74 -20.61 -9.85
N ALA E 682 -57.23 -21.23 -10.91
CA ALA E 682 -57.87 -22.39 -11.50
C ALA E 682 -57.64 -23.61 -10.62
N LYS E 683 -58.52 -24.60 -10.75
CA LYS E 683 -58.44 -25.82 -9.95
C LYS E 683 -57.19 -26.63 -10.24
N ASP E 684 -56.79 -26.72 -11.50
CA ASP E 684 -55.63 -27.53 -11.87
C ASP E 684 -54.31 -26.92 -11.42
N VAL E 685 -54.29 -25.63 -11.06
CA VAL E 685 -53.07 -24.97 -10.64
C VAL E 685 -52.74 -25.44 -9.22
N ASP E 686 -51.80 -26.36 -9.11
CA ASP E 686 -51.42 -26.93 -7.82
C ASP E 686 -50.28 -26.13 -7.22
N LEU E 687 -50.56 -25.44 -6.12
CA LEU E 687 -49.54 -24.66 -5.44
C LEU E 687 -48.59 -25.52 -4.61
N GLU E 688 -49.04 -26.69 -4.16
CA GLU E 688 -48.15 -27.58 -3.41
C GLU E 688 -46.96 -28.01 -4.28
N PHE E 689 -47.22 -28.42 -5.52
CA PHE E 689 -46.15 -28.81 -6.42
C PHE E 689 -45.24 -27.62 -6.74
N LEU E 690 -45.81 -26.44 -6.98
CA LEU E 690 -45.00 -25.27 -7.27
C LEU E 690 -44.08 -24.93 -6.10
N ALA E 691 -44.60 -24.98 -4.88
CA ALA E 691 -43.77 -24.74 -3.71
C ALA E 691 -42.73 -25.83 -3.51
N LYS E 692 -43.06 -27.08 -3.86
CA LYS E 692 -42.08 -28.15 -3.80
C LYS E 692 -40.95 -27.95 -4.79
N MET E 693 -41.24 -27.45 -5.99
CA MET E 693 -40.21 -27.29 -7.01
C MET E 693 -39.17 -26.25 -6.58
N THR E 694 -39.61 -25.11 -6.09
CA THR E 694 -38.71 -24.07 -5.63
C THR E 694 -38.25 -24.39 -4.21
N ASN E 695 -36.94 -24.50 -4.02
CA ASN E 695 -36.38 -24.86 -2.72
C ASN E 695 -35.58 -23.73 -2.09
N GLY E 696 -34.58 -23.21 -2.78
CA GLY E 696 -33.80 -22.12 -2.23
C GLY E 696 -34.36 -20.77 -2.59
N PHE E 697 -35.68 -20.68 -2.71
CA PHE E 697 -36.36 -19.48 -3.16
C PHE E 697 -36.80 -18.66 -1.95
N SER E 698 -36.59 -17.35 -2.02
CA SER E 698 -37.04 -16.45 -0.97
C SER E 698 -38.50 -16.06 -1.20
N GLY E 699 -39.08 -15.39 -0.21
CA GLY E 699 -40.44 -14.92 -0.37
C GLY E 699 -40.57 -13.93 -1.51
N ALA E 700 -39.55 -13.10 -1.71
CA ALA E 700 -39.54 -12.18 -2.85
C ALA E 700 -39.50 -12.90 -4.18
N ASP E 701 -38.79 -14.04 -4.26
CA ASP E 701 -38.73 -14.79 -5.52
C ASP E 701 -40.09 -15.37 -5.88
N LEU E 702 -40.78 -15.94 -4.90
CA LEU E 702 -42.15 -16.40 -5.14
C LEU E 702 -43.09 -15.24 -5.44
N THR E 703 -42.88 -14.09 -4.80
CA THR E 703 -43.72 -12.93 -5.06
C THR E 703 -43.62 -12.48 -6.50
N GLU E 704 -42.40 -12.36 -7.03
CA GLU E 704 -42.26 -11.97 -8.43
C GLU E 704 -42.74 -13.04 -9.38
N ILE E 705 -42.66 -14.32 -9.02
CA ILE E 705 -43.27 -15.35 -9.85
C ILE E 705 -44.77 -15.14 -9.95
N CYS E 706 -45.43 -14.90 -8.81
CA CYS E 706 -46.87 -14.66 -8.83
C CYS E 706 -47.22 -13.40 -9.61
N GLN E 707 -46.44 -12.34 -9.42
CA GLN E 707 -46.67 -11.08 -10.14
C GLN E 707 -46.51 -11.26 -11.65
N ARG E 708 -45.49 -12.01 -12.07
CA ARG E 708 -45.29 -12.25 -13.49
C ARG E 708 -46.39 -13.11 -14.08
N ALA E 709 -46.87 -14.11 -13.34
CA ALA E 709 -48.01 -14.89 -13.81
C ALA E 709 -49.26 -14.03 -13.94
N CYS E 710 -49.51 -13.16 -12.96
CA CYS E 710 -50.64 -12.24 -13.06
C CYS E 710 -50.49 -11.28 -14.23
N LYS E 711 -49.28 -10.78 -14.48
CA LYS E 711 -49.04 -9.91 -15.62
C LYS E 711 -49.32 -10.62 -16.94
N LEU E 712 -48.86 -11.86 -17.07
CA LEU E 712 -49.15 -12.64 -18.28
C LEU E 712 -50.64 -12.88 -18.45
N ALA E 713 -51.34 -13.22 -17.38
CA ALA E 713 -52.79 -13.41 -17.47
C ALA E 713 -53.50 -12.13 -17.87
N ILE E 714 -53.12 -11.00 -17.28
CA ILE E 714 -53.75 -9.73 -17.63
C ILE E 714 -53.47 -9.37 -19.08
N ARG E 715 -52.24 -9.57 -19.54
CA ARG E 715 -51.92 -9.27 -20.93
C ARG E 715 -52.70 -10.15 -21.90
N GLU E 716 -52.81 -11.45 -21.60
CA GLU E 716 -53.58 -12.32 -22.47
C GLU E 716 -55.06 -11.93 -22.48
N SER E 717 -55.61 -11.58 -21.31
CA SER E 717 -56.98 -11.10 -21.25
C SER E 717 -57.20 -9.82 -22.05
N ILE E 718 -56.26 -8.89 -21.99
CA ILE E 718 -56.39 -7.64 -22.74
C ILE E 718 -56.30 -7.90 -24.24
N GLU E 719 -55.31 -8.69 -24.67
CA GLU E 719 -55.14 -8.93 -26.10
C GLU E 719 -56.23 -9.82 -26.68
N SER E 720 -56.86 -10.66 -25.86
CA SER E 720 -57.89 -11.56 -26.35
C SER E 720 -59.23 -10.86 -26.58
N GLU E 721 -59.39 -9.63 -26.10
CA GLU E 721 -60.64 -8.92 -26.31
C GLU E 721 -60.85 -8.56 -27.77
N ILE E 722 -59.80 -8.14 -28.46
CA ILE E 722 -59.92 -7.73 -29.85
C ILE E 722 -59.99 -8.94 -30.76
N VAL E 743 -59.49 -14.27 -20.95
CA VAL E 743 -60.44 -15.00 -20.13
C VAL E 743 -60.18 -14.70 -18.65
N PRO E 744 -61.25 -14.46 -17.88
CA PRO E 744 -61.13 -14.06 -16.48
C PRO E 744 -60.81 -15.22 -15.53
N GLU E 745 -59.66 -15.86 -15.76
CA GLU E 745 -59.21 -16.95 -14.91
C GLU E 745 -57.74 -17.21 -15.20
N ILE E 746 -56.91 -17.24 -14.16
CA ILE E 746 -55.51 -17.58 -14.31
C ILE E 746 -55.40 -19.07 -14.59
N ARG E 747 -54.73 -19.43 -15.68
CA ARG E 747 -54.66 -20.81 -16.11
C ARG E 747 -53.31 -21.41 -15.74
N ARG E 748 -53.21 -22.73 -15.88
CA ARG E 748 -51.98 -23.46 -15.59
C ARG E 748 -50.83 -22.99 -16.46
N ASP E 749 -51.10 -22.69 -17.73
CA ASP E 749 -50.07 -22.21 -18.64
C ASP E 749 -49.47 -20.89 -18.20
N HIS E 750 -50.27 -20.00 -17.61
CA HIS E 750 -49.73 -18.73 -17.13
C HIS E 750 -48.61 -18.95 -16.12
N PHE E 751 -48.84 -19.81 -15.13
CA PHE E 751 -47.82 -20.12 -14.15
C PHE E 751 -46.67 -20.94 -14.71
N GLU E 752 -46.96 -21.86 -15.63
CA GLU E 752 -45.90 -22.65 -16.24
C GLU E 752 -44.94 -21.80 -17.06
N GLU E 753 -45.47 -20.85 -17.84
CA GLU E 753 -44.61 -19.99 -18.65
C GLU E 753 -43.87 -18.97 -17.79
N ALA E 754 -44.56 -18.36 -16.82
CA ALA E 754 -43.91 -17.42 -15.92
C ALA E 754 -42.89 -18.09 -15.01
N MET E 755 -42.97 -19.41 -14.86
CA MET E 755 -41.97 -20.16 -14.09
C MET E 755 -40.61 -20.16 -14.77
N ARG E 756 -40.56 -19.87 -16.06
CA ARG E 756 -39.29 -19.88 -16.79
C ARG E 756 -38.37 -18.77 -16.30
N PHE E 757 -38.91 -17.58 -16.06
CA PHE E 757 -38.11 -16.46 -15.56
C PHE E 757 -38.04 -16.49 -14.04
N ALA E 758 -37.62 -17.62 -13.48
CA ALA E 758 -37.55 -17.80 -12.04
C ALA E 758 -36.16 -17.41 -11.54
N ARG E 759 -36.09 -16.33 -10.77
CA ARG E 759 -34.85 -15.84 -10.19
C ARG E 759 -34.60 -16.51 -8.83
N ARG E 760 -33.38 -16.34 -8.35
CA ARG E 760 -33.03 -16.78 -6.99
C ARG E 760 -32.05 -15.74 -6.45
N SER E 761 -32.59 -14.75 -5.73
CA SER E 761 -31.80 -13.60 -5.33
C SER E 761 -30.81 -13.93 -4.21
N VAL E 762 -31.06 -14.98 -3.45
CA VAL E 762 -30.20 -15.33 -2.32
C VAL E 762 -29.25 -16.45 -2.75
N SER E 763 -27.95 -16.18 -2.67
CA SER E 763 -26.94 -17.13 -3.08
C SER E 763 -26.57 -18.05 -1.92
N ASP E 764 -25.88 -19.14 -2.24
CA ASP E 764 -25.45 -20.10 -1.23
C ASP E 764 -24.39 -19.50 -0.32
N ASN E 765 -23.53 -18.63 -0.85
CA ASN E 765 -22.54 -17.95 -0.02
C ASN E 765 -23.20 -17.12 1.08
N ASP E 766 -24.32 -16.49 0.77
CA ASP E 766 -25.08 -15.78 1.79
C ASP E 766 -25.58 -16.71 2.88
N ILE E 767 -26.10 -17.87 2.52
CA ILE E 767 -26.57 -18.80 3.56
C ILE E 767 -25.40 -19.25 4.43
N ARG E 768 -24.25 -19.51 3.80
CA ARG E 768 -23.08 -19.91 4.56
C ARG E 768 -22.64 -18.82 5.52
N LYS E 769 -22.62 -17.56 5.06
CA LYS E 769 -22.19 -16.47 5.93
C LYS E 769 -23.20 -16.18 7.03
N TYR E 770 -24.49 -16.44 6.81
CA TYR E 770 -25.44 -16.31 7.92
C TYR E 770 -25.27 -17.43 8.92
N GLU E 771 -25.01 -18.66 8.45
CA GLU E 771 -24.79 -19.73 9.40
C GLU E 771 -23.54 -19.50 10.24
N MET E 772 -22.43 -19.10 9.62
CA MET E 772 -21.23 -18.82 10.40
C MET E 772 -21.55 -17.88 11.55
N PHE E 773 -22.42 -16.90 11.31
CA PHE E 773 -22.92 -16.05 12.39
C PHE E 773 -23.78 -16.84 13.38
N ALA E 774 -24.61 -17.79 12.89
CA ALA E 774 -25.57 -18.46 13.77
C ALA E 774 -24.88 -19.36 14.80
N GLN E 775 -24.18 -20.41 14.36
CA GLN E 775 -23.39 -21.11 15.36
C GLN E 775 -22.02 -20.46 15.62
N THR E 776 -21.85 -19.18 15.32
CA THR E 776 -20.94 -18.36 16.13
C THR E 776 -21.50 -18.21 17.54
N LEU E 777 -22.80 -17.93 17.67
CA LEU E 777 -23.43 -17.76 18.98
C LEU E 777 -24.10 -19.02 19.49
N GLN E 778 -24.15 -20.11 18.73
CA GLN E 778 -24.73 -21.34 19.28
C GLN E 778 -23.79 -21.99 20.30
N GLN E 779 -22.61 -22.43 19.85
CA GLN E 779 -21.62 -23.06 20.70
C GLN E 779 -22.19 -24.12 21.63
N SER E 780 -22.68 -25.23 21.07
CA SER E 780 -23.22 -26.32 21.87
C SER E 780 -22.21 -27.43 22.06
N ARG E 781 -20.93 -27.07 22.17
CA ARG E 781 -19.84 -28.04 22.31
C ARG E 781 -19.35 -28.05 23.75
N GLY E 782 -18.50 -29.02 24.05
CA GLY E 782 -17.91 -29.15 25.37
C GLY E 782 -18.82 -29.85 26.36
N PHE E 783 -19.84 -29.14 26.83
CA PHE E 783 -20.78 -29.69 27.81
C PHE E 783 -21.97 -30.36 27.16
N GLY E 784 -21.74 -31.28 26.22
CA GLY E 784 -22.85 -31.95 25.56
C GLY E 784 -23.33 -33.17 26.30
N SER E 785 -22.44 -33.84 27.03
CA SER E 785 -22.78 -35.04 27.79
C SER E 785 -22.37 -34.81 29.24
N PHE E 786 -23.37 -34.60 30.11
CA PHE E 786 -23.13 -34.41 31.53
C PHE E 786 -23.96 -35.42 32.32
N ARG E 787 -23.34 -36.02 33.33
CA ARG E 787 -24.03 -36.94 34.23
C ARG E 787 -23.84 -36.46 35.66
N PHE E 788 -24.95 -36.28 36.38
CA PHE E 788 -24.89 -35.89 37.77
C PHE E 788 -24.50 -37.09 38.65
N PRO E 789 -23.82 -36.85 39.78
CA PRO E 789 -23.40 -37.98 40.63
C PRO E 789 -24.56 -38.74 41.23
N SER E 790 -25.48 -38.03 41.88
CA SER E 790 -26.62 -38.66 42.53
C SER E 790 -27.74 -37.65 42.76
N ASN F 36 -28.72 24.12 88.51
CA ASN F 36 -29.40 24.55 87.29
C ASN F 36 -30.64 23.71 87.02
N ARG F 37 -31.08 22.97 88.04
CA ARG F 37 -32.25 22.10 87.98
C ARG F 37 -32.15 21.16 86.78
N PRO F 38 -31.28 20.15 86.83
CA PRO F 38 -31.12 19.25 85.68
C PRO F 38 -32.33 18.35 85.47
N ASN F 39 -33.44 18.94 85.07
CA ASN F 39 -34.67 18.18 84.78
C ASN F 39 -35.32 18.52 83.45
N ARG F 40 -35.02 19.67 82.85
CA ARG F 40 -35.60 20.06 81.58
C ARG F 40 -34.67 19.67 80.44
N LEU F 41 -35.27 19.18 79.34
CA LEU F 41 -34.52 18.76 78.17
C LEU F 41 -35.15 19.37 76.93
N ILE F 42 -34.35 19.51 75.88
CA ILE F 42 -34.83 20.08 74.63
C ILE F 42 -35.78 19.09 73.95
N VAL F 43 -36.53 19.60 72.97
CA VAL F 43 -37.53 18.83 72.25
C VAL F 43 -37.08 18.66 70.81
N ASP F 44 -37.34 17.47 70.26
CA ASP F 44 -37.07 17.22 68.85
C ASP F 44 -38.19 16.41 68.21
N GLU F 45 -37.97 15.90 67.01
CA GLU F 45 -38.94 15.11 66.29
C GLU F 45 -38.73 13.63 66.58
N ALA F 46 -39.81 12.88 66.60
CA ALA F 46 -39.78 11.45 66.87
C ALA F 46 -39.92 10.67 65.56
N ILE F 47 -39.03 9.70 65.36
CA ILE F 47 -39.05 8.88 64.15
C ILE F 47 -40.10 7.77 64.23
N ASN F 48 -40.65 7.49 65.40
CA ASN F 48 -41.67 6.47 65.52
C ASN F 48 -42.98 6.93 64.89
N GLU F 49 -43.69 6.00 64.26
CA GLU F 49 -44.94 6.30 63.57
C GLU F 49 -46.16 6.10 64.47
N ASP F 50 -45.96 5.79 65.75
CA ASP F 50 -47.07 5.57 66.66
C ASP F 50 -47.76 6.90 66.99
N ASN F 51 -48.98 6.82 67.51
CA ASN F 51 -49.77 8.01 67.79
C ASN F 51 -49.35 8.66 69.10
N SER F 52 -49.51 7.94 70.21
CA SER F 52 -49.16 8.46 71.53
C SER F 52 -48.11 7.57 72.16
N VAL F 53 -46.84 7.83 71.82
CA VAL F 53 -45.71 7.10 72.34
C VAL F 53 -44.58 8.09 72.57
N VAL F 54 -44.01 8.09 73.78
CA VAL F 54 -42.89 8.94 74.13
C VAL F 54 -41.69 8.04 74.41
N SER F 55 -40.62 8.25 73.67
CA SER F 55 -39.41 7.45 73.79
C SER F 55 -38.30 8.25 74.46
N LEU F 56 -37.59 7.59 75.37
CA LEU F 56 -36.52 8.22 76.12
C LEU F 56 -35.28 7.32 76.02
N SER F 57 -34.24 7.69 76.76
CA SER F 57 -33.01 6.93 76.81
C SER F 57 -32.97 6.06 78.05
N GLN F 58 -31.99 5.16 78.12
CA GLN F 58 -31.87 4.21 79.22
C GLN F 58 -31.74 4.89 80.58
N PRO F 59 -30.87 5.91 80.76
CA PRO F 59 -30.77 6.54 82.09
C PRO F 59 -31.82 7.62 82.31
N LYS F 60 -33.08 7.31 81.98
CA LYS F 60 -34.14 8.29 82.17
C LYS F 60 -35.22 7.78 83.13
N MET F 61 -35.74 6.57 82.89
CA MET F 61 -36.75 6.03 83.79
C MET F 61 -36.13 5.46 85.06
N ASP F 62 -34.83 5.20 85.06
CA ASP F 62 -34.15 4.71 86.25
C ASP F 62 -34.01 5.77 87.34
N GLU F 63 -34.16 7.04 86.99
CA GLU F 63 -34.10 8.12 87.96
C GLU F 63 -35.46 8.48 88.51
N LEU F 64 -36.51 8.39 87.68
CA LEU F 64 -37.87 8.73 88.08
C LEU F 64 -38.69 7.49 88.45
N GLN F 65 -38.04 6.32 88.57
CA GLN F 65 -38.63 5.04 88.93
C GLN F 65 -40.01 4.83 88.29
N LEU F 66 -40.10 5.03 86.98
CA LEU F 66 -41.34 4.82 86.24
C LEU F 66 -41.19 3.62 85.33
N PHE F 67 -42.28 2.85 85.20
CA PHE F 67 -42.28 1.64 84.39
C PHE F 67 -42.67 2.00 82.95
N ARG F 68 -42.85 0.97 82.12
CA ARG F 68 -43.18 1.17 80.71
C ARG F 68 -44.66 1.45 80.47
N GLY F 69 -45.50 1.32 81.50
CA GLY F 69 -46.92 1.56 81.33
C GLY F 69 -47.51 2.43 82.42
N ASP F 70 -46.72 3.37 82.93
CA ASP F 70 -47.14 4.26 84.01
C ASP F 70 -47.82 5.50 83.44
N THR F 71 -48.22 6.40 84.33
CA THR F 71 -48.89 7.65 83.95
C THR F 71 -47.90 8.80 84.10
N VAL F 72 -47.76 9.59 83.04
CA VAL F 72 -46.84 10.72 83.02
C VAL F 72 -47.63 12.00 82.82
N LEU F 73 -47.23 13.04 83.55
CA LEU F 73 -47.89 14.34 83.47
C LEU F 73 -46.87 15.38 83.01
N LEU F 74 -47.22 16.10 81.94
CA LEU F 74 -46.36 17.11 81.36
C LEU F 74 -47.07 18.46 81.37
N LYS F 75 -46.30 19.52 81.60
CA LYS F 75 -46.82 20.88 81.65
C LYS F 75 -46.18 21.70 80.53
N GLY F 76 -46.55 22.98 80.51
CA GLY F 76 -46.00 23.91 79.54
C GLY F 76 -46.48 25.33 79.77
N LYS F 77 -46.67 26.08 78.68
CA LYS F 77 -47.16 27.44 78.77
C LYS F 77 -48.68 27.44 78.88
N LYS F 78 -49.26 28.63 79.04
CA LYS F 78 -50.70 28.84 79.14
C LYS F 78 -51.33 28.14 80.34
N ARG F 79 -50.50 27.73 81.30
CA ARG F 79 -50.96 27.06 82.52
C ARG F 79 -51.82 25.84 82.20
N ARG F 80 -51.27 24.97 81.34
CA ARG F 80 -51.96 23.76 80.92
C ARG F 80 -51.07 22.56 81.19
N GLU F 81 -51.72 21.42 81.39
CA GLU F 81 -51.06 20.15 81.67
C GLU F 81 -51.30 19.19 80.51
N ALA F 82 -50.67 18.02 80.61
CA ALA F 82 -50.82 16.98 79.60
C ALA F 82 -50.58 15.62 80.26
N VAL F 83 -51.05 14.56 79.60
CA VAL F 83 -50.88 13.20 80.09
C VAL F 83 -50.71 12.28 78.90
N CYS F 84 -49.75 11.37 78.99
CA CYS F 84 -49.45 10.46 77.89
C CYS F 84 -48.93 9.15 78.49
N ILE F 85 -48.31 8.33 77.64
CA ILE F 85 -47.74 7.05 78.05
C ILE F 85 -46.27 7.03 77.64
N VAL F 86 -45.40 6.74 78.60
CA VAL F 86 -43.96 6.66 78.34
C VAL F 86 -43.62 5.25 77.88
N LEU F 87 -42.92 5.15 76.75
CA LEU F 87 -42.45 3.88 76.22
C LEU F 87 -40.94 3.83 76.31
N SER F 88 -40.43 2.67 76.72
CA SER F 88 -38.99 2.48 76.89
C SER F 88 -38.36 2.06 75.57
N ASP F 89 -37.23 2.68 75.24
CA ASP F 89 -36.49 2.35 74.04
C ASP F 89 -35.01 2.62 74.27
N ASP F 90 -34.16 1.73 73.76
CA ASP F 90 -32.71 1.86 73.90
C ASP F 90 -32.01 1.90 72.56
N THR F 91 -32.75 2.13 71.47
CA THR F 91 -32.17 2.19 70.14
C THR F 91 -32.29 3.56 69.50
N CYS F 92 -33.15 4.44 70.01
CA CYS F 92 -33.34 5.77 69.45
C CYS F 92 -32.07 6.61 69.52
N SER F 93 -31.60 6.88 70.73
CA SER F 93 -30.41 7.72 70.91
C SER F 93 -29.66 7.34 72.18
N ASP F 94 -28.72 8.19 72.59
CA ASP F 94 -27.94 7.98 73.80
C ASP F 94 -28.55 8.63 75.03
N GLU F 95 -28.89 9.92 74.95
CA GLU F 95 -29.59 10.60 76.05
C GLU F 95 -30.48 11.67 75.41
N LYS F 96 -31.74 11.32 75.16
CA LYS F 96 -32.66 12.23 74.52
C LYS F 96 -34.09 11.72 74.73
N ILE F 97 -35.03 12.66 74.72
CA ILE F 97 -36.45 12.34 74.87
C ILE F 97 -37.17 12.68 73.57
N ARG F 98 -37.94 11.73 73.06
CA ARG F 98 -38.75 11.91 71.87
C ARG F 98 -40.09 12.52 72.25
N MET F 99 -40.81 13.04 71.27
CA MET F 99 -42.02 13.79 71.56
C MET F 99 -42.81 13.93 70.26
N ASN F 100 -44.11 13.66 70.32
CA ASN F 100 -44.90 13.48 69.11
C ASN F 100 -45.53 14.80 68.65
N ARG F 101 -46.05 14.79 67.42
CA ARG F 101 -46.67 15.96 66.82
C ARG F 101 -48.11 16.19 67.26
N VAL F 102 -48.88 15.12 67.45
CA VAL F 102 -50.27 15.25 67.84
C VAL F 102 -50.44 15.91 69.21
N VAL F 103 -49.39 15.91 70.02
CA VAL F 103 -49.44 16.55 71.33
C VAL F 103 -48.55 17.79 71.42
N ARG F 104 -47.63 17.99 70.48
CA ARG F 104 -46.91 19.26 70.43
C ARG F 104 -47.85 20.43 70.23
N ASN F 105 -48.78 20.31 69.28
CA ASN F 105 -49.77 21.36 69.09
C ASN F 105 -50.81 21.37 70.19
N ASN F 106 -51.03 20.22 70.85
CA ASN F 106 -52.03 20.15 71.91
C ASN F 106 -51.57 20.89 73.16
N LEU F 107 -50.31 20.69 73.56
CA LEU F 107 -49.77 21.36 74.74
C LEU F 107 -49.21 22.73 74.40
N ARG F 108 -49.23 23.12 73.11
CA ARG F 108 -48.69 24.39 72.63
C ARG F 108 -47.19 24.48 72.90
N VAL F 109 -46.46 23.51 72.32
CA VAL F 109 -45.01 23.44 72.44
C VAL F 109 -44.42 23.54 71.04
N ARG F 110 -43.32 24.27 70.93
CA ARG F 110 -42.59 24.38 69.68
C ARG F 110 -41.15 23.88 69.91
N LEU F 111 -40.40 23.75 68.83
CA LEU F 111 -39.06 23.19 68.89
C LEU F 111 -38.12 24.11 69.67
N GLY F 112 -37.05 23.52 70.18
CA GLY F 112 -36.07 24.29 70.92
C GLY F 112 -36.57 24.81 72.26
N ASP F 113 -37.54 24.12 72.87
CA ASP F 113 -38.09 24.50 74.16
C ASP F 113 -37.72 23.47 75.21
N VAL F 114 -37.88 23.86 76.47
CA VAL F 114 -37.59 22.99 77.61
C VAL F 114 -38.88 22.35 78.07
N ILE F 115 -38.78 21.10 78.52
CA ILE F 115 -39.92 20.35 79.02
C ILE F 115 -39.50 19.60 80.28
N SER F 116 -40.34 19.67 81.31
CA SER F 116 -40.08 19.00 82.58
C SER F 116 -40.97 17.77 82.69
N ILE F 117 -40.38 16.64 83.08
CA ILE F 117 -41.08 15.37 83.18
C ILE F 117 -40.94 14.84 84.59
N GLN F 118 -42.04 14.29 85.11
CA GLN F 118 -42.07 13.69 86.44
C GLN F 118 -43.14 12.61 86.46
N PRO F 119 -42.93 11.53 87.21
CA PRO F 119 -43.97 10.50 87.31
C PRO F 119 -45.18 10.99 88.09
N CYS F 120 -46.32 10.38 87.79
CA CYS F 120 -47.58 10.72 88.46
C CYS F 120 -48.38 9.45 88.66
N PRO F 121 -48.11 8.70 89.73
CA PRO F 121 -48.85 7.44 89.98
C PRO F 121 -50.23 7.69 90.58
N ASP F 122 -51.14 8.14 89.72
CA ASP F 122 -52.52 8.43 90.11
C ASP F 122 -53.44 7.46 89.40
N VAL F 123 -54.32 6.81 90.16
CA VAL F 123 -55.29 5.88 89.60
C VAL F 123 -56.45 6.67 89.00
N LYS F 124 -56.73 6.44 87.73
CA LYS F 124 -57.79 7.14 87.01
C LYS F 124 -58.76 6.14 86.41
N TYR F 125 -60.01 6.58 86.25
CA TYR F 125 -61.06 5.72 85.70
C TYR F 125 -62.14 6.61 85.11
N GLY F 126 -62.29 6.58 83.80
CA GLY F 126 -63.33 7.36 83.15
C GLY F 126 -64.70 6.72 83.31
N LYS F 127 -65.70 7.56 83.53
CA LYS F 127 -67.08 7.10 83.69
C LYS F 127 -67.97 7.60 82.55
N ARG F 128 -68.02 8.90 82.29
CA ARG F 128 -68.83 9.47 81.24
C ARG F 128 -67.99 10.40 80.40
N ILE F 129 -68.13 10.32 79.07
CA ILE F 129 -67.40 11.17 78.15
C ILE F 129 -68.39 11.78 77.17
N HIS F 130 -68.00 12.91 76.59
CA HIS F 130 -68.84 13.61 75.62
C HIS F 130 -67.91 14.41 74.70
N VAL F 131 -67.67 13.88 73.51
CA VAL F 131 -66.81 14.52 72.52
C VAL F 131 -67.65 14.85 71.29
N LEU F 132 -67.22 15.90 70.58
CA LEU F 132 -67.92 16.35 69.39
C LEU F 132 -66.90 16.97 68.45
N PRO F 133 -67.07 16.83 67.14
CA PRO F 133 -66.10 17.40 66.20
C PRO F 133 -66.39 18.87 65.93
N ILE F 134 -65.42 19.51 65.26
CA ILE F 134 -65.54 20.88 64.82
C ILE F 134 -66.15 20.91 63.45
N ASP F 135 -67.01 21.90 63.19
CA ASP F 135 -67.69 22.01 61.91
C ASP F 135 -66.76 22.56 60.84
N ASP F 136 -65.64 21.89 60.60
CA ASP F 136 -64.70 22.30 59.57
C ASP F 136 -64.23 21.10 58.75
N THR F 137 -64.47 19.88 59.27
CA THR F 137 -64.02 18.66 58.62
C THR F 137 -65.09 17.58 58.66
N VAL F 138 -66.36 17.94 58.80
CA VAL F 138 -67.43 16.96 58.88
C VAL F 138 -68.40 17.18 57.72
N GLU F 139 -67.87 17.66 56.60
CA GLU F 139 -68.71 17.92 55.41
C GLU F 139 -69.01 16.60 54.72
N GLY F 140 -70.30 16.32 54.52
CA GLY F 140 -70.71 15.09 53.86
C GLY F 140 -70.85 13.88 54.74
N ILE F 141 -70.87 14.06 56.07
CA ILE F 141 -70.97 12.96 57.02
C ILE F 141 -72.31 13.07 57.73
N THR F 142 -73.09 12.00 57.69
CA THR F 142 -74.41 11.95 58.32
C THR F 142 -74.57 10.67 59.12
N GLY F 143 -75.56 10.66 60.00
CA GLY F 143 -75.83 9.49 60.82
C GLY F 143 -74.93 9.42 62.03
N ASN F 144 -75.03 8.29 62.73
CA ASN F 144 -74.23 8.05 63.91
C ASN F 144 -72.76 7.85 63.55
N LEU F 145 -71.88 8.41 64.38
CA LEU F 145 -70.45 8.30 64.16
C LEU F 145 -69.66 8.03 65.43
N PHE F 146 -70.31 7.62 66.52
CA PHE F 146 -69.63 7.38 67.78
C PHE F 146 -69.47 5.90 68.11
N GLU F 147 -70.44 5.07 67.74
CA GLU F 147 -70.40 3.64 68.05
C GLU F 147 -69.79 2.83 66.92
N VAL F 148 -69.31 3.49 65.86
CA VAL F 148 -68.75 2.79 64.71
C VAL F 148 -67.28 3.10 64.48
N TYR F 149 -66.77 4.27 64.83
CA TYR F 149 -65.34 4.56 64.75
C TYR F 149 -64.67 4.68 66.12
N LEU F 150 -65.22 5.49 67.02
CA LEU F 150 -64.57 5.73 68.30
C LEU F 150 -64.48 4.48 69.16
N LYS F 151 -65.56 3.70 69.24
CA LYS F 151 -65.52 2.49 70.07
C LYS F 151 -64.47 1.48 69.59
N PRO F 152 -64.36 1.16 68.30
CA PRO F 152 -63.35 0.18 67.88
C PRO F 152 -61.92 0.58 68.17
N TYR F 153 -61.55 1.84 67.99
CA TYR F 153 -60.16 2.26 68.16
C TYR F 153 -59.76 2.52 69.61
N PHE F 154 -60.73 2.74 70.51
CA PHE F 154 -60.37 3.00 71.90
C PHE F 154 -59.93 1.74 72.65
N LEU F 155 -60.51 0.59 72.32
CA LEU F 155 -60.21 -0.62 73.07
C LEU F 155 -58.78 -1.09 72.82
N GLU F 156 -58.21 -1.72 73.85
CA GLU F 156 -56.85 -2.25 73.81
C GLU F 156 -55.81 -1.16 73.58
N ALA F 157 -56.14 0.06 74.00
CA ALA F 157 -55.22 1.18 73.87
C ALA F 157 -54.99 1.87 75.21
N TYR F 158 -56.05 2.04 75.99
CA TYR F 158 -55.99 2.69 77.31
C TYR F 158 -55.31 4.05 77.22
N ARG F 159 -55.64 4.80 76.16
CA ARG F 159 -54.99 6.09 76.01
C ARG F 159 -55.62 7.12 76.96
N PRO F 160 -54.79 7.89 77.65
CA PRO F 160 -55.33 8.92 78.55
C PRO F 160 -55.75 10.16 77.78
N ILE F 161 -56.54 11.00 78.46
CA ILE F 161 -57.02 12.24 77.88
C ILE F 161 -57.23 13.23 79.01
N ARG F 162 -56.79 14.47 78.79
CA ARG F 162 -56.96 15.54 79.77
C ARG F 162 -58.01 16.53 79.26
N LYS F 163 -58.42 17.43 80.15
CA LYS F 163 -59.46 18.38 79.82
C LYS F 163 -58.93 19.47 78.90
N GLY F 164 -59.68 19.77 77.86
CA GLY F 164 -59.30 20.81 76.92
C GLY F 164 -58.16 20.41 76.00
N ASP F 165 -58.34 19.30 75.29
CA ASP F 165 -57.32 18.81 74.36
C ASP F 165 -57.99 18.42 73.05
N ILE F 166 -57.30 18.68 71.95
CA ILE F 166 -57.80 18.33 70.62
C ILE F 166 -56.98 17.20 70.05
N PHE F 167 -57.43 15.97 70.27
CA PHE F 167 -56.75 14.80 69.72
C PHE F 167 -57.10 14.62 68.25
N LEU F 168 -56.19 13.98 67.52
CA LEU F 168 -56.36 13.73 66.09
C LEU F 168 -56.25 12.23 65.85
N VAL F 169 -57.18 11.71 65.05
CA VAL F 169 -57.24 10.29 64.74
C VAL F 169 -57.27 10.11 63.22
N ARG F 170 -56.45 9.17 62.74
CA ARG F 170 -56.38 8.84 61.33
C ARG F 170 -57.15 7.54 61.07
N GLY F 171 -57.87 7.53 59.96
CA GLY F 171 -58.68 6.39 59.57
C GLY F 171 -60.03 6.83 59.08
N GLY F 172 -60.79 5.88 58.54
CA GLY F 172 -62.10 6.20 58.01
C GLY F 172 -62.09 6.95 56.71
N MET F 173 -61.02 6.83 55.92
CA MET F 173 -60.90 7.50 54.63
C MET F 173 -60.98 9.02 54.77
N ARG F 174 -60.50 9.55 55.90
CA ARG F 174 -60.54 10.97 56.15
C ARG F 174 -59.69 11.27 57.38
N ALA F 175 -59.53 12.56 57.66
CA ALA F 175 -58.78 13.04 58.83
C ALA F 175 -59.72 13.95 59.62
N VAL F 176 -60.26 13.43 60.72
CA VAL F 176 -61.20 14.17 61.55
C VAL F 176 -60.71 14.18 62.98
N GLU F 177 -61.21 15.14 63.75
CA GLU F 177 -60.83 15.31 65.14
C GLU F 177 -62.07 15.60 65.97
N PHE F 178 -61.91 15.53 67.29
CA PHE F 178 -62.99 15.79 68.22
C PHE F 178 -62.47 16.62 69.38
N LYS F 179 -63.39 17.34 70.03
CA LYS F 179 -63.03 18.21 71.14
C LYS F 179 -64.06 18.03 72.25
N VAL F 180 -63.59 17.93 73.49
CA VAL F 180 -64.45 17.76 74.65
C VAL F 180 -64.75 19.13 75.25
N VAL F 181 -65.99 19.29 75.72
CA VAL F 181 -66.41 20.58 76.28
C VAL F 181 -66.96 20.38 77.69
N GLU F 182 -67.46 19.19 77.99
CA GLU F 182 -68.06 18.93 79.30
C GLU F 182 -68.07 17.43 79.56
N THR F 183 -67.35 17.01 80.59
CA THR F 183 -67.34 15.61 81.00
C THR F 183 -67.08 15.55 82.50
N ASP F 184 -66.67 14.38 83.00
CA ASP F 184 -66.36 14.23 84.40
C ASP F 184 -65.17 15.13 84.78
N PRO F 185 -65.12 15.61 86.02
CA PRO F 185 -64.07 16.57 86.40
C PRO F 185 -62.68 15.97 86.22
N SER F 186 -61.75 16.81 85.78
CA SER F 186 -60.39 16.36 85.51
C SER F 186 -59.70 15.97 86.81
N PRO F 187 -58.88 14.90 86.80
CA PRO F 187 -58.65 14.04 85.63
C PRO F 187 -59.62 12.86 85.60
N TYR F 188 -59.15 11.69 86.05
CA TYR F 188 -59.96 10.49 86.15
C TYR F 188 -60.60 10.14 84.80
N CYS F 189 -59.84 10.29 83.73
CA CYS F 189 -60.31 10.02 82.37
C CYS F 189 -59.53 8.84 81.82
N ILE F 190 -60.16 7.67 81.82
CA ILE F 190 -59.57 6.44 81.27
C ILE F 190 -60.60 5.79 80.36
N VAL F 191 -60.20 5.50 79.11
CA VAL F 191 -61.13 4.89 78.17
C VAL F 191 -61.40 3.45 78.58
N ALA F 192 -62.67 3.04 78.47
CA ALA F 192 -63.08 1.69 78.81
C ALA F 192 -64.36 1.38 78.05
N PRO F 193 -64.56 0.13 77.61
CA PRO F 193 -65.79 -0.21 76.89
C PRO F 193 -67.05 0.00 77.71
N ASP F 194 -66.97 -0.03 79.04
CA ASP F 194 -68.13 0.19 79.88
C ASP F 194 -68.56 1.65 79.93
N THR F 195 -67.69 2.58 79.52
CA THR F 195 -68.03 3.99 79.52
C THR F 195 -69.09 4.30 78.48
N VAL F 196 -69.94 5.27 78.79
CA VAL F 196 -71.00 5.67 77.90
C VAL F 196 -70.66 7.02 77.28
N ILE F 197 -71.32 7.35 76.17
CA ILE F 197 -71.09 8.60 75.46
C ILE F 197 -72.44 9.17 75.06
N HIS F 198 -72.45 10.47 74.76
CA HIS F 198 -73.66 11.16 74.36
C HIS F 198 -73.30 12.37 73.51
N CYS F 199 -74.30 12.88 72.78
CA CYS F 199 -74.11 14.01 71.91
C CYS F 199 -75.30 14.95 72.04
N GLU F 200 -75.08 16.21 71.67
CA GLU F 200 -76.12 17.24 71.69
C GLU F 200 -76.63 17.57 70.30
N GLY F 201 -75.76 17.64 69.30
CA GLY F 201 -76.14 17.93 67.94
C GLY F 201 -75.80 19.32 67.43
N GLU F 202 -74.84 20.01 68.03
CA GLU F 202 -74.46 21.35 67.61
C GLU F 202 -72.95 21.49 67.74
N PRO F 203 -72.21 21.33 66.63
CA PRO F 203 -70.76 21.49 66.69
C PRO F 203 -70.36 22.93 66.99
N ILE F 204 -69.22 23.07 67.66
CA ILE F 204 -68.68 24.38 68.05
C ILE F 204 -67.46 24.66 67.19
N LYS F 205 -67.42 25.86 66.60
CA LYS F 205 -66.31 26.23 65.73
C LYS F 205 -65.03 26.41 66.53
N ARG F 206 -63.91 26.16 65.88
CA ARG F 206 -62.60 26.31 66.50
C ARG F 206 -62.22 27.78 66.61
N GLU F 207 -61.22 28.05 67.44
CA GLU F 207 -60.71 29.40 67.65
C GLU F 207 -59.31 29.51 67.07
N ASP F 208 -58.70 30.68 67.22
CA ASP F 208 -57.37 30.95 66.69
C ASP F 208 -56.26 30.54 67.65
N GLU F 209 -56.60 30.12 68.88
CA GLU F 209 -55.58 29.69 69.83
C GLU F 209 -54.90 28.40 69.38
N GLU F 210 -55.65 27.47 68.79
CA GLU F 210 -55.13 26.20 68.34
C GLU F 210 -54.81 26.25 66.85
N GLU F 211 -54.01 25.28 66.41
CA GLU F 211 -53.60 25.15 65.02
C GLU F 211 -54.08 23.81 64.49
N SER F 212 -54.57 23.81 63.25
CA SER F 212 -55.04 22.58 62.62
C SER F 212 -53.88 21.64 62.36
N LEU F 213 -54.06 20.37 62.70
CA LEU F 213 -53.04 19.36 62.46
C LEU F 213 -53.11 18.77 61.05
N ASN F 214 -54.08 19.20 60.25
CA ASN F 214 -54.19 18.74 58.87
C ASN F 214 -53.11 19.31 57.97
N GLU F 215 -52.35 20.28 58.43
CA GLU F 215 -51.30 20.90 57.63
C GLU F 215 -50.05 20.03 57.62
N VAL F 216 -48.99 20.54 57.00
CA VAL F 216 -47.79 19.75 56.79
C VAL F 216 -46.77 20.02 57.88
N GLY F 217 -46.16 18.95 58.40
CA GLY F 217 -45.10 19.05 59.37
C GLY F 217 -43.90 18.20 58.98
N TYR F 218 -42.91 18.08 59.87
CA TYR F 218 -41.73 17.29 59.56
C TYR F 218 -42.06 15.81 59.35
N ASP F 219 -43.08 15.30 60.04
CA ASP F 219 -43.44 13.89 59.90
C ASP F 219 -44.05 13.57 58.54
N ASP F 220 -44.40 14.59 57.76
CA ASP F 220 -45.02 14.38 56.46
C ASP F 220 -44.01 14.22 55.34
N ILE F 221 -42.72 14.34 55.63
CA ILE F 221 -41.68 14.22 54.62
C ILE F 221 -41.18 12.79 54.65
N GLY F 222 -41.16 12.13 53.49
CA GLY F 222 -40.70 10.76 53.39
C GLY F 222 -39.62 10.58 52.35
N GLY F 223 -38.47 10.03 52.77
CA GLY F 223 -37.39 9.76 51.85
C GLY F 223 -36.22 10.70 52.01
N CYS F 224 -36.52 11.98 52.25
CA CYS F 224 -35.48 13.00 52.43
C CYS F 224 -35.09 13.04 53.90
N ARG F 225 -34.11 12.20 54.26
CA ARG F 225 -33.57 12.18 55.61
C ARG F 225 -32.26 12.95 55.72
N LYS F 226 -31.27 12.60 54.89
CA LYS F 226 -29.99 13.29 54.91
C LYS F 226 -30.13 14.75 54.49
N GLN F 227 -30.94 15.02 53.46
CA GLN F 227 -31.14 16.39 53.00
C GLN F 227 -31.94 17.24 53.97
N LEU F 228 -33.02 16.68 54.53
CA LEU F 228 -33.78 17.42 55.53
C LEU F 228 -32.99 17.66 56.80
N ALA F 229 -32.04 16.78 57.12
CA ALA F 229 -31.22 16.97 58.32
C ALA F 229 -30.37 18.23 58.23
N GLN F 230 -30.00 18.64 57.02
CA GLN F 230 -29.18 19.84 56.87
C GLN F 230 -29.96 21.11 57.18
N ILE F 231 -31.21 21.22 56.75
CA ILE F 231 -31.98 22.44 56.99
C ILE F 231 -32.19 22.69 58.48
N LYS F 232 -32.20 21.62 59.29
CA LYS F 232 -32.31 21.78 60.73
C LYS F 232 -31.18 22.59 61.32
N GLU F 233 -29.95 22.36 60.86
CA GLU F 233 -28.80 23.08 61.38
C GLU F 233 -28.50 24.37 60.62
N MET F 234 -29.44 24.83 59.78
CA MET F 234 -29.30 26.13 59.16
C MET F 234 -30.47 27.08 59.40
N VAL F 235 -31.67 26.60 59.68
CA VAL F 235 -32.80 27.51 59.90
C VAL F 235 -33.34 27.48 61.32
N GLU F 236 -32.90 26.56 62.17
CA GLU F 236 -33.36 26.53 63.56
C GLU F 236 -32.62 27.51 64.47
N LEU F 237 -31.44 27.95 64.09
CA LEU F 237 -30.73 28.90 64.93
C LEU F 237 -31.29 30.32 64.78
N PRO F 238 -31.47 30.86 63.56
CA PRO F 238 -31.97 32.24 63.47
C PRO F 238 -33.44 32.39 63.77
N LEU F 239 -34.26 31.35 63.55
CA LEU F 239 -35.70 31.49 63.73
C LEU F 239 -36.17 31.16 65.14
N ARG F 240 -35.44 30.31 65.87
CA ARG F 240 -35.85 29.95 67.22
C ARG F 240 -35.23 30.84 68.27
N HIS F 241 -34.07 31.46 67.97
CA HIS F 241 -33.34 32.28 68.93
C HIS F 241 -33.00 33.62 68.26
N PRO F 242 -33.97 34.54 68.18
CA PRO F 242 -33.69 35.82 67.51
C PRO F 242 -32.80 36.76 68.30
N ALA F 243 -33.02 36.87 69.61
CA ALA F 243 -32.21 37.76 70.43
C ALA F 243 -30.73 37.37 70.43
N LEU F 244 -30.43 36.08 70.29
CA LEU F 244 -29.04 35.65 70.23
C LEU F 244 -28.37 36.13 68.95
N PHE F 245 -29.12 36.17 67.84
CA PHE F 245 -28.57 36.68 66.59
C PHE F 245 -28.46 38.20 66.57
N LYS F 246 -29.43 38.91 67.14
CA LYS F 246 -29.23 40.34 67.38
C LYS F 246 -28.35 40.63 68.59
N ALA F 247 -27.65 39.64 69.12
CA ALA F 247 -26.60 39.85 70.10
C ALA F 247 -25.21 39.54 69.57
N ILE F 248 -25.07 38.46 68.81
CA ILE F 248 -23.77 38.06 68.26
C ILE F 248 -23.59 38.69 66.89
N GLY F 249 -22.34 38.70 66.40
CA GLY F 249 -22.01 39.21 65.09
C GLY F 249 -22.01 38.19 63.97
N VAL F 250 -22.52 36.99 64.21
CA VAL F 250 -22.55 35.95 63.17
C VAL F 250 -23.63 36.32 62.15
N LYS F 251 -23.30 36.19 60.88
CA LYS F 251 -24.27 36.44 59.81
C LYS F 251 -24.95 35.14 59.42
N PRO F 252 -26.26 35.02 59.58
CA PRO F 252 -26.96 33.80 59.17
C PRO F 252 -27.04 33.72 57.66
N PRO F 253 -27.29 32.52 57.11
CA PRO F 253 -27.50 32.41 55.67
C PRO F 253 -28.71 33.23 55.23
N ARG F 254 -28.57 33.87 54.07
CA ARG F 254 -29.60 34.75 53.54
C ARG F 254 -30.35 34.13 52.37
N GLY F 255 -30.16 32.84 52.14
CA GLY F 255 -30.82 32.17 51.03
C GLY F 255 -30.41 30.73 50.85
N ILE F 256 -31.39 29.86 50.64
CA ILE F 256 -31.17 28.43 50.48
C ILE F 256 -31.85 28.01 49.19
N LEU F 257 -31.12 27.30 48.34
CA LEU F 257 -31.66 26.85 47.06
C LEU F 257 -31.85 25.34 47.08
N LEU F 258 -33.09 24.90 46.94
CA LEU F 258 -33.43 23.48 46.89
C LEU F 258 -33.43 23.01 45.45
N TYR F 259 -33.20 21.71 45.25
CA TYR F 259 -33.04 21.20 43.90
C TYR F 259 -33.89 19.97 43.65
N GLY F 260 -33.66 19.31 42.51
CA GLY F 260 -34.36 18.10 42.19
C GLY F 260 -35.46 18.32 41.17
N PRO F 261 -35.89 17.24 40.52
CA PRO F 261 -36.98 17.35 39.55
C PRO F 261 -38.29 17.71 40.23
N PRO F 262 -39.28 18.19 39.47
CA PRO F 262 -40.55 18.57 40.09
C PRO F 262 -41.22 17.39 40.78
N GLY F 263 -41.88 17.66 41.89
CA GLY F 263 -42.55 16.64 42.67
C GLY F 263 -41.70 15.98 43.73
N THR F 264 -40.41 16.31 43.81
CA THR F 264 -39.56 15.71 44.83
C THR F 264 -39.92 16.19 46.23
N GLY F 265 -40.60 17.32 46.34
CA GLY F 265 -41.04 17.79 47.64
C GLY F 265 -40.37 19.05 48.12
N LYS F 266 -40.00 19.93 47.19
CA LYS F 266 -39.33 21.17 47.57
C LYS F 266 -40.27 22.18 48.22
N THR F 267 -41.59 21.96 48.14
CA THR F 267 -42.53 22.96 48.65
C THR F 267 -43.02 22.63 50.06
N LEU F 268 -43.44 21.40 50.32
CA LEU F 268 -43.90 21.08 51.65
C LEU F 268 -42.76 21.06 52.67
N ILE F 269 -41.52 20.89 52.22
CA ILE F 269 -40.39 21.03 53.13
C ILE F 269 -40.32 22.46 53.66
N ALA F 270 -40.40 23.44 52.76
CA ALA F 270 -40.40 24.84 53.17
C ALA F 270 -41.65 25.19 53.98
N ARG F 271 -42.80 24.61 53.65
CA ARG F 271 -43.99 24.89 54.44
C ARG F 271 -43.92 24.26 55.83
N ALA F 272 -43.29 23.09 55.96
CA ALA F 272 -43.18 22.43 57.26
C ALA F 272 -42.17 23.13 58.15
N VAL F 273 -41.01 23.52 57.60
CA VAL F 273 -40.03 24.25 58.40
C VAL F 273 -40.53 25.60 58.84
N ALA F 274 -41.66 26.06 58.29
CA ALA F 274 -42.32 27.28 58.73
C ALA F 274 -43.47 27.01 59.68
N ASN F 275 -44.27 25.98 59.42
CA ASN F 275 -45.38 25.64 60.29
C ASN F 275 -44.90 25.21 61.67
N GLU F 276 -43.83 24.42 61.73
CA GLU F 276 -43.34 23.95 63.01
C GLU F 276 -42.34 24.88 63.66
N THR F 277 -42.01 26.00 63.03
CA THR F 277 -41.14 27.00 63.65
C THR F 277 -41.85 28.31 63.97
N GLY F 278 -43.12 28.44 63.60
CA GLY F 278 -43.86 29.64 63.92
C GLY F 278 -43.43 30.87 63.14
N ALA F 279 -42.78 30.68 62.00
CA ALA F 279 -42.33 31.77 61.16
C ALA F 279 -43.38 32.07 60.10
N PHE F 280 -43.55 33.35 59.81
CA PHE F 280 -44.53 33.78 58.81
C PHE F 280 -44.11 33.26 57.45
N PHE F 281 -44.83 32.25 56.95
CA PHE F 281 -44.55 31.66 55.66
C PHE F 281 -45.29 32.44 54.58
N PHE F 282 -44.54 32.93 53.60
CA PHE F 282 -45.12 33.67 52.47
C PHE F 282 -44.64 33.00 51.18
N LEU F 283 -45.58 32.45 50.43
CA LEU F 283 -45.26 31.70 49.23
C LEU F 283 -45.52 32.57 48.00
N ILE F 284 -44.51 32.65 47.13
CA ILE F 284 -44.68 33.21 45.80
C ILE F 284 -44.24 32.16 44.79
N ASN F 285 -45.11 31.88 43.83
CA ASN F 285 -44.89 30.77 42.91
C ASN F 285 -43.78 31.10 41.92
N GLY F 286 -43.96 32.17 41.17
CA GLY F 286 -43.00 32.56 40.15
C GLY F 286 -43.61 32.84 38.79
N PRO F 287 -44.60 32.05 38.38
CA PRO F 287 -45.36 32.42 37.18
C PRO F 287 -46.33 33.57 37.39
N GLU F 288 -46.80 33.80 38.62
CA GLU F 288 -47.70 34.93 38.85
C GLU F 288 -46.99 36.26 38.65
N ILE F 289 -45.68 36.30 38.85
CA ILE F 289 -44.92 37.51 38.59
C ILE F 289 -44.99 37.88 37.11
N MET F 290 -44.82 36.89 36.23
CA MET F 290 -44.96 37.15 34.81
C MET F 290 -46.41 37.20 34.35
N SER F 291 -47.35 36.77 35.19
CA SER F 291 -48.77 36.78 34.80
C SER F 291 -49.31 38.20 34.72
N LYS F 292 -48.87 39.08 35.62
CA LYS F 292 -49.44 40.41 35.71
C LYS F 292 -48.74 41.36 34.74
N LEU F 293 -49.30 42.57 34.62
CA LEU F 293 -48.78 43.53 33.66
C LEU F 293 -47.40 44.02 34.06
N ALA F 294 -46.64 44.47 33.06
CA ALA F 294 -45.28 44.97 33.27
C ALA F 294 -45.32 46.32 33.97
N GLY F 295 -44.84 46.35 35.21
CA GLY F 295 -44.80 47.57 35.98
C GLY F 295 -45.27 47.38 37.41
N GLU F 296 -46.25 46.51 37.61
CA GLU F 296 -46.73 46.18 38.95
C GLU F 296 -46.21 44.84 39.44
N SER F 297 -45.69 44.00 38.55
CA SER F 297 -45.09 42.73 38.97
C SER F 297 -43.88 42.98 39.85
N GLU F 298 -43.03 43.94 39.47
CA GLU F 298 -41.89 44.30 40.31
C GLU F 298 -42.35 44.84 41.67
N SER F 299 -43.37 45.70 41.67
CA SER F 299 -43.89 46.23 42.92
C SER F 299 -44.48 45.14 43.81
N ASN F 300 -45.08 44.10 43.22
CA ASN F 300 -45.75 43.09 44.04
C ASN F 300 -44.72 42.25 44.79
N LEU F 301 -43.70 41.74 44.09
CA LEU F 301 -42.69 40.98 44.81
C LEU F 301 -41.74 41.89 45.57
N ARG F 302 -41.79 43.20 45.32
CA ARG F 302 -41.12 44.13 46.24
C ARG F 302 -41.85 44.19 47.57
N LYS F 303 -43.15 44.55 47.55
CA LYS F 303 -43.92 44.65 48.78
C LYS F 303 -44.03 43.32 49.49
N ALA F 304 -43.85 42.21 48.77
CA ALA F 304 -43.75 40.91 49.41
C ALA F 304 -42.61 40.86 50.42
N PHE F 305 -41.49 41.52 50.13
CA PHE F 305 -40.38 41.50 51.07
C PHE F 305 -40.60 42.36 52.30
N GLU F 306 -41.15 43.58 52.17
CA GLU F 306 -41.44 44.38 53.36
C GLU F 306 -42.56 43.79 54.19
N GLU F 307 -43.61 43.23 53.59
CA GLU F 307 -44.66 42.64 54.43
C GLU F 307 -44.13 41.44 55.20
N ALA F 308 -43.15 40.74 54.64
CA ALA F 308 -42.50 39.65 55.38
C ALA F 308 -41.62 40.17 56.51
N GLU F 309 -40.94 41.31 56.31
CA GLU F 309 -40.02 41.80 57.33
C GLU F 309 -40.75 42.15 58.63
N LYS F 310 -41.90 42.82 58.55
CA LYS F 310 -42.59 43.21 59.76
C LYS F 310 -43.22 42.01 60.47
N ASN F 311 -43.39 40.90 59.75
CA ASN F 311 -43.81 39.64 60.37
C ASN F 311 -42.60 38.80 60.76
N ALA F 312 -41.67 39.40 61.49
CA ALA F 312 -40.48 38.68 61.91
C ALA F 312 -40.79 37.77 63.09
N PRO F 313 -40.23 36.55 63.12
CA PRO F 313 -39.38 35.99 62.06
C PRO F 313 -40.22 35.49 60.89
N ALA F 314 -39.67 35.57 59.68
CA ALA F 314 -40.40 35.23 58.47
C ALA F 314 -39.59 34.26 57.63
N ILE F 315 -40.24 33.71 56.61
CA ILE F 315 -39.60 32.76 55.71
C ILE F 315 -40.28 32.90 54.35
N ILE F 316 -39.47 33.14 53.32
CA ILE F 316 -39.96 33.35 51.96
C ILE F 316 -39.48 32.20 51.09
N PHE F 317 -40.42 31.59 50.37
CA PHE F 317 -40.10 30.48 49.49
C PHE F 317 -40.57 30.83 48.08
N ILE F 318 -39.66 30.70 47.12
CA ILE F 318 -39.96 30.95 45.72
C ILE F 318 -40.07 29.61 45.02
N ASP F 319 -41.27 29.26 44.57
CA ASP F 319 -41.51 27.92 44.05
C ASP F 319 -40.85 27.73 42.68
N GLU F 320 -41.19 28.60 41.74
CA GLU F 320 -40.60 28.57 40.40
C GLU F 320 -39.54 29.66 40.32
N LEU F 321 -38.28 29.25 40.17
CA LEU F 321 -37.18 30.21 40.05
C LEU F 321 -36.53 30.12 38.69
N ASP F 322 -36.51 28.93 38.09
CA ASP F 322 -36.01 28.80 36.73
C ASP F 322 -36.89 29.56 35.74
N ALA F 323 -38.14 29.81 36.10
CA ALA F 323 -39.04 30.63 35.31
C ALA F 323 -38.88 32.11 35.60
N ILE F 324 -38.04 32.47 36.55
CA ILE F 324 -37.77 33.86 36.88
C ILE F 324 -36.48 34.35 36.24
N ALA F 325 -35.41 33.56 36.34
CA ALA F 325 -34.08 33.94 35.85
C ALA F 325 -33.49 32.82 35.00
N PRO F 326 -33.98 32.64 33.76
CA PRO F 326 -33.32 31.73 32.81
C PRO F 326 -32.27 32.44 31.97
N LYS F 327 -31.28 33.04 32.62
CA LYS F 327 -30.33 33.94 31.98
C LYS F 327 -29.22 33.11 31.35
N ARG F 328 -29.61 32.26 30.40
CA ARG F 328 -28.63 31.48 29.65
C ARG F 328 -28.84 31.57 28.15
N GLU F 329 -30.10 31.58 27.71
CA GLU F 329 -30.39 31.57 26.28
C GLU F 329 -31.55 32.49 25.93
N LYS F 330 -32.17 33.11 26.94
CA LYS F 330 -33.34 33.93 26.67
C LYS F 330 -32.92 35.25 26.03
N THR F 331 -32.17 36.07 26.78
CA THR F 331 -31.64 37.35 26.30
C THR F 331 -32.71 38.16 25.57
N HIS F 332 -33.96 38.01 26.01
CA HIS F 332 -35.09 38.59 25.32
C HIS F 332 -36.10 39.08 26.34
N GLY F 333 -36.57 40.31 26.16
CA GLY F 333 -37.51 40.89 27.09
C GLY F 333 -36.87 41.88 28.04
N GLU F 334 -37.21 43.16 27.88
CA GLU F 334 -36.68 44.19 28.76
C GLU F 334 -37.10 43.96 30.21
N VAL F 335 -38.34 43.52 30.42
CA VAL F 335 -38.83 43.32 31.78
C VAL F 335 -38.23 42.10 32.47
N GLU F 336 -37.77 41.10 31.70
CA GLU F 336 -37.15 39.93 32.32
C GLU F 336 -35.92 40.32 33.12
N ARG F 337 -35.00 41.06 32.50
CA ARG F 337 -33.83 41.55 33.20
C ARG F 337 -34.18 42.50 34.34
N ARG F 338 -35.21 43.33 34.15
CA ARG F 338 -35.63 44.22 35.23
C ARG F 338 -36.09 43.43 36.45
N ILE F 339 -36.89 42.38 36.26
CA ILE F 339 -37.34 41.58 37.39
C ILE F 339 -36.17 40.81 38.01
N VAL F 340 -35.27 40.28 37.17
CA VAL F 340 -34.13 39.55 37.71
C VAL F 340 -33.29 40.48 38.59
N SER F 341 -33.00 41.69 38.11
CA SER F 341 -32.24 42.64 38.90
C SER F 341 -33.04 43.11 40.12
N GLN F 342 -34.36 43.23 40.02
CA GLN F 342 -35.16 43.62 41.18
C GLN F 342 -35.05 42.58 42.28
N LEU F 343 -35.12 41.29 41.92
CA LEU F 343 -34.88 40.22 42.88
C LEU F 343 -33.46 40.27 43.44
N LEU F 344 -32.47 40.53 42.58
CA LEU F 344 -31.10 40.63 43.06
C LEU F 344 -30.92 41.76 44.06
N THR F 345 -31.58 42.90 43.83
CA THR F 345 -31.49 44.00 44.78
C THR F 345 -32.22 43.69 46.06
N LEU F 346 -33.42 43.09 45.98
CA LEU F 346 -34.18 42.75 47.17
C LEU F 346 -33.48 41.73 48.04
N MET F 347 -32.71 40.80 47.46
CA MET F 347 -31.96 39.84 48.25
C MET F 347 -30.57 40.32 48.63
N ASP F 348 -30.01 41.29 47.91
CA ASP F 348 -28.71 41.84 48.28
C ASP F 348 -28.81 42.68 49.54
N GLY F 349 -29.91 43.42 49.69
CA GLY F 349 -30.09 44.27 50.85
C GLY F 349 -30.71 43.55 52.03
N LEU F 350 -30.22 42.33 52.30
CA LEU F 350 -30.71 41.54 53.43
C LEU F 350 -29.70 41.66 54.57
N LYS F 351 -29.82 42.76 55.31
CA LYS F 351 -28.99 42.99 56.48
C LYS F 351 -29.57 42.26 57.68
N GLN F 352 -29.07 42.56 58.88
CA GLN F 352 -29.55 41.88 60.08
C GLN F 352 -31.04 42.16 60.29
N ARG F 353 -31.36 43.42 60.59
CA ARG F 353 -32.73 43.93 60.65
C ARG F 353 -33.71 42.94 61.30
N ALA F 354 -34.32 42.09 60.48
CA ALA F 354 -35.23 41.07 60.97
C ALA F 354 -34.84 39.70 60.41
N HIS F 355 -35.48 38.64 60.89
CA HIS F 355 -35.13 37.28 60.46
C HIS F 355 -36.03 36.90 59.29
N VAL F 356 -35.49 37.01 58.08
CA VAL F 356 -36.15 36.55 56.87
C VAL F 356 -35.21 35.59 56.16
N ILE F 357 -35.74 34.42 55.80
CA ILE F 357 -34.99 33.39 55.09
C ILE F 357 -35.66 33.20 53.74
N VAL F 358 -34.89 33.34 52.66
CA VAL F 358 -35.41 33.28 51.31
C VAL F 358 -34.96 31.97 50.68
N MET F 359 -35.83 30.96 50.75
CA MET F 359 -35.58 29.69 50.07
C MET F 359 -36.18 29.72 48.68
N ALA F 360 -35.63 28.89 47.81
CA ALA F 360 -36.09 28.83 46.43
C ALA F 360 -35.94 27.43 45.89
N ALA F 361 -36.70 27.12 44.86
CA ALA F 361 -36.71 25.79 44.26
C ALA F 361 -36.57 25.91 42.75
N THR F 362 -35.81 24.97 42.18
CA THR F 362 -35.58 24.90 40.74
C THR F 362 -35.17 23.47 40.42
N ASN F 363 -35.08 23.16 39.12
CA ASN F 363 -34.86 21.78 38.69
C ASN F 363 -33.38 21.48 38.56
N ARG F 364 -32.64 22.27 37.80
CA ARG F 364 -31.20 22.06 37.59
C ARG F 364 -30.37 23.15 38.27
N PRO F 365 -29.17 22.83 38.73
CA PRO F 365 -28.23 23.89 39.12
C PRO F 365 -27.85 24.86 38.01
N ASN F 366 -27.73 24.43 36.74
CA ASN F 366 -27.32 25.39 35.72
C ASN F 366 -28.47 26.22 35.17
N SER F 367 -29.72 25.92 35.51
CA SER F 367 -30.87 26.65 34.98
C SER F 367 -31.20 27.90 35.78
N ILE F 368 -30.22 28.44 36.50
CA ILE F 368 -30.40 29.61 37.35
C ILE F 368 -29.34 30.64 36.96
N ASP F 369 -29.72 31.92 36.99
CA ASP F 369 -28.79 33.00 36.72
C ASP F 369 -27.58 32.90 37.65
N PRO F 370 -26.36 32.83 37.13
CA PRO F 370 -25.19 32.74 38.01
C PRO F 370 -25.04 33.92 38.95
N ALA F 371 -25.57 35.09 38.58
CA ALA F 371 -25.52 36.23 39.48
C ALA F 371 -26.34 35.99 40.74
N LEU F 372 -27.25 35.01 40.74
CA LEU F 372 -28.03 34.68 41.92
C LEU F 372 -27.29 33.76 42.88
N ARG F 373 -26.15 33.18 42.45
CA ARG F 373 -25.38 32.27 43.26
C ARG F 373 -24.26 32.96 44.04
N ARG F 374 -24.17 34.29 43.94
CA ARG F 374 -23.12 35.02 44.62
C ARG F 374 -23.33 34.98 46.13
N PHE F 375 -22.32 35.44 46.86
CA PHE F 375 -22.41 35.50 48.31
C PHE F 375 -23.45 36.52 48.74
N GLY F 376 -24.25 36.15 49.73
CA GLY F 376 -25.31 37.01 50.22
C GLY F 376 -26.65 36.82 49.53
N ARG F 377 -26.71 36.07 48.44
CA ARG F 377 -27.97 35.79 47.77
C ARG F 377 -28.35 34.32 47.84
N PHE F 378 -27.50 33.42 47.35
CA PHE F 378 -27.71 31.99 47.51
C PHE F 378 -26.35 31.34 47.77
N ASP F 379 -25.98 31.26 49.04
CA ASP F 379 -24.71 30.64 49.42
C ASP F 379 -24.88 29.17 49.77
N ARG F 380 -25.97 28.83 50.45
CA ARG F 380 -26.25 27.45 50.84
C ARG F 380 -27.17 26.80 49.81
N GLU F 381 -26.75 25.66 49.29
CA GLU F 381 -27.54 24.91 48.32
C GLU F 381 -27.66 23.46 48.78
N VAL F 382 -28.88 22.95 48.75
CA VAL F 382 -29.15 21.56 49.12
C VAL F 382 -29.84 20.88 47.94
N ASP F 383 -29.30 19.76 47.51
CA ASP F 383 -29.83 19.01 46.37
C ASP F 383 -30.54 17.77 46.89
N ILE F 384 -31.80 17.60 46.48
CA ILE F 384 -32.57 16.42 46.81
C ILE F 384 -32.90 15.69 45.52
N GLY F 385 -33.15 14.39 45.64
CA GLY F 385 -33.36 13.54 44.49
C GLY F 385 -34.41 12.48 44.74
N ILE F 386 -34.36 11.44 43.91
CA ILE F 386 -35.35 10.37 43.98
C ILE F 386 -35.09 9.53 45.22
N PRO F 387 -36.09 9.31 46.08
CA PRO F 387 -35.87 8.43 47.24
C PRO F 387 -35.62 7.00 46.81
N ASP F 388 -34.83 6.29 47.62
CA ASP F 388 -34.54 4.89 47.36
C ASP F 388 -35.70 4.02 47.83
N ALA F 389 -35.52 2.69 47.79
CA ALA F 389 -36.58 1.80 48.23
C ALA F 389 -36.91 2.02 49.70
N THR F 390 -35.90 2.18 50.54
CA THR F 390 -36.14 2.51 51.94
C THR F 390 -36.78 3.89 52.08
N GLY F 391 -36.32 4.87 51.30
CA GLY F 391 -36.91 6.19 51.32
C GLY F 391 -38.32 6.20 50.77
N ARG F 392 -38.58 5.38 49.75
CA ARG F 392 -39.91 5.29 49.19
C ARG F 392 -40.89 4.55 50.10
N LEU F 393 -40.40 3.58 50.89
CA LEU F 393 -41.31 2.85 51.77
C LEU F 393 -41.97 3.80 52.78
N GLU F 394 -41.20 4.70 53.38
CA GLU F 394 -41.74 5.59 54.38
C GLU F 394 -42.62 6.68 53.77
N ILE F 395 -42.61 6.81 52.44
CA ILE F 395 -43.44 7.82 51.79
C ILE F 395 -44.81 7.29 51.38
N LEU F 396 -45.00 5.97 51.41
CA LEU F 396 -46.32 5.42 51.09
C LEU F 396 -47.28 5.54 52.25
N GLN F 397 -46.89 5.06 53.44
CA GLN F 397 -47.84 5.00 54.56
C GLN F 397 -48.29 6.38 55.02
N ILE F 398 -47.47 7.42 54.83
CA ILE F 398 -47.91 8.78 55.18
C ILE F 398 -49.07 9.22 54.30
N HIS F 399 -49.14 8.75 53.05
CA HIS F 399 -50.23 9.10 52.16
C HIS F 399 -51.40 8.13 52.18
N THR F 400 -51.27 6.99 52.89
CA THR F 400 -52.35 6.02 52.99
C THR F 400 -52.76 5.74 54.42
N LYS F 401 -52.32 6.57 55.37
CA LYS F 401 -52.75 6.38 56.76
C LYS F 401 -54.26 6.47 56.92
N ASN F 402 -54.96 7.20 56.06
CA ASN F 402 -56.41 7.32 56.17
C ASN F 402 -57.18 6.14 55.58
N MET F 403 -56.66 5.52 54.51
CA MET F 403 -57.35 4.41 53.87
C MET F 403 -56.85 3.10 54.45
N LYS F 404 -57.76 2.32 55.01
CA LYS F 404 -57.40 1.05 55.64
C LYS F 404 -57.01 0.03 54.59
N LEU F 405 -56.06 -0.83 54.96
CA LEU F 405 -55.54 -1.86 54.08
C LEU F 405 -56.06 -3.24 54.51
N ALA F 406 -55.77 -4.24 53.67
CA ALA F 406 -56.13 -5.61 53.97
C ALA F 406 -54.92 -6.34 54.56
N ASP F 407 -55.15 -7.55 55.06
CA ASP F 407 -54.07 -8.33 55.66
C ASP F 407 -53.07 -8.83 54.63
N ASP F 408 -53.44 -8.87 53.35
CA ASP F 408 -52.56 -9.34 52.29
C ASP F 408 -51.97 -8.21 51.48
N VAL F 409 -52.17 -6.96 51.89
CA VAL F 409 -51.68 -5.80 51.15
C VAL F 409 -50.46 -5.27 51.89
N ASP F 410 -49.29 -5.37 51.27
CA ASP F 410 -48.03 -4.90 51.83
C ASP F 410 -47.43 -3.84 50.93
N LEU F 411 -47.08 -2.69 51.52
CA LEU F 411 -46.52 -1.57 50.78
C LEU F 411 -45.03 -1.71 50.52
N GLU F 412 -44.35 -2.65 51.17
CA GLU F 412 -42.93 -2.83 50.96
C GLU F 412 -42.62 -3.39 49.57
N GLN F 413 -43.33 -4.43 49.14
CA GLN F 413 -43.07 -5.04 47.86
C GLN F 413 -43.46 -4.15 46.69
N VAL F 414 -44.37 -3.20 46.90
CA VAL F 414 -44.78 -2.31 45.81
C VAL F 414 -43.79 -1.17 45.60
N ALA F 415 -42.92 -0.91 46.58
CA ALA F 415 -41.89 0.12 46.46
C ALA F 415 -40.54 -0.47 46.07
N ASN F 416 -40.55 -1.66 45.48
CA ASN F 416 -39.32 -2.35 45.11
C ASN F 416 -39.08 -2.34 43.62
N GLU F 417 -40.06 -2.71 42.81
CA GLU F 417 -39.91 -2.73 41.36
C GLU F 417 -39.92 -1.34 40.75
N THR F 418 -40.38 -0.33 41.48
CA THR F 418 -40.35 1.05 41.01
C THR F 418 -39.07 1.73 41.48
N HIS F 419 -38.41 2.41 40.55
CA HIS F 419 -37.18 3.13 40.87
C HIS F 419 -37.22 4.54 40.32
N GLY F 420 -38.04 4.76 39.30
CA GLY F 420 -38.13 6.06 38.65
C GLY F 420 -39.38 6.81 38.98
N HIS F 421 -39.81 6.75 40.25
CA HIS F 421 -41.01 7.44 40.70
C HIS F 421 -40.62 8.60 41.62
N VAL F 422 -41.06 9.80 41.27
CA VAL F 422 -40.85 10.97 42.10
C VAL F 422 -41.85 10.93 43.26
N GLY F 423 -41.58 11.71 44.31
CA GLY F 423 -42.43 11.67 45.49
C GLY F 423 -43.89 11.96 45.20
N ALA F 424 -44.17 12.83 44.23
CA ALA F 424 -45.54 13.10 43.80
C ALA F 424 -46.13 11.96 42.98
N ASP F 425 -45.29 11.16 42.34
CA ASP F 425 -45.79 10.02 41.56
C ASP F 425 -46.55 9.05 42.45
N LEU F 426 -45.96 8.67 43.59
CA LEU F 426 -46.64 7.76 44.50
C LEU F 426 -47.82 8.41 45.21
N ALA F 427 -47.75 9.71 45.47
CA ALA F 427 -48.91 10.41 46.02
C ALA F 427 -50.09 10.33 45.07
N ALA F 428 -49.84 10.51 43.77
CA ALA F 428 -50.89 10.31 42.77
C ALA F 428 -51.31 8.86 42.66
N LEU F 429 -50.36 7.93 42.76
CA LEU F 429 -50.65 6.50 42.61
C LEU F 429 -51.59 5.99 43.71
N CYS F 430 -51.38 6.44 44.95
CA CYS F 430 -52.26 6.01 46.04
C CYS F 430 -53.70 6.41 45.76
N SER F 431 -53.94 7.68 45.43
CA SER F 431 -55.28 8.12 45.11
C SER F 431 -55.83 7.38 43.89
N GLU F 432 -55.00 7.19 42.86
CA GLU F 432 -55.47 6.51 41.65
C GLU F 432 -55.91 5.08 41.94
N ALA F 433 -55.18 4.38 42.81
CA ALA F 433 -55.65 3.05 43.25
C ALA F 433 -56.94 3.16 44.05
N ALA F 434 -57.11 4.25 44.79
CA ALA F 434 -58.35 4.41 45.57
C ALA F 434 -59.58 4.48 44.67
N LEU F 435 -59.52 5.19 43.54
CA LEU F 435 -60.69 5.23 42.66
C LEU F 435 -61.04 3.86 42.11
N GLN F 436 -60.04 3.05 41.73
CA GLN F 436 -60.34 1.70 41.29
C GLN F 436 -60.94 0.87 42.41
N ALA F 437 -60.40 1.01 43.62
CA ALA F 437 -60.93 0.26 44.76
C ALA F 437 -62.39 0.58 45.02
N ILE F 438 -62.78 1.86 44.92
CA ILE F 438 -64.19 2.19 45.15
C ILE F 438 -65.05 1.94 43.93
N ARG F 439 -64.48 1.99 42.72
CA ARG F 439 -65.24 1.75 41.50
C ARG F 439 -65.61 0.28 41.34
N LYS F 440 -64.74 -0.63 41.77
CA LYS F 440 -65.07 -2.05 41.65
C LYS F 440 -66.22 -2.46 42.57
N LYS F 441 -66.63 -1.62 43.51
CA LYS F 441 -67.75 -1.94 44.38
C LYS F 441 -68.96 -1.03 44.20
N MET F 442 -68.78 0.19 43.71
CA MET F 442 -69.95 1.06 43.52
C MET F 442 -70.89 0.53 42.44
N ASP F 443 -70.38 -0.22 41.47
CA ASP F 443 -71.23 -0.80 40.44
C ASP F 443 -72.24 -1.77 41.01
N LEU F 444 -71.83 -2.58 41.99
CA LEU F 444 -72.73 -3.54 42.62
C LEU F 444 -73.51 -2.95 43.78
N ILE F 445 -72.95 -1.96 44.49
CA ILE F 445 -73.67 -1.35 45.59
C ILE F 445 -74.89 -0.58 45.08
N ASP F 446 -74.69 0.24 44.05
CA ASP F 446 -75.78 0.99 43.40
C ASP F 446 -76.54 1.83 44.41
N LEU F 447 -75.85 2.73 45.10
CA LEU F 447 -76.46 3.63 46.08
C LEU F 447 -76.31 5.05 45.54
N GLU F 448 -77.31 5.49 44.77
CA GLU F 448 -77.33 6.82 44.19
C GLU F 448 -78.27 7.70 45.02
N ASP F 449 -77.71 8.74 45.64
CA ASP F 449 -78.48 9.64 46.48
C ASP F 449 -77.71 10.95 46.59
N GLU F 450 -78.37 11.96 47.18
CA GLU F 450 -77.76 13.27 47.35
C GLU F 450 -76.62 13.20 48.37
N THR F 451 -76.94 12.79 49.59
CA THR F 451 -75.93 12.68 50.64
C THR F 451 -75.51 11.23 50.82
N ILE F 452 -74.20 11.00 50.85
CA ILE F 452 -73.62 9.67 50.96
C ILE F 452 -73.43 9.35 52.44
N ASP F 453 -73.95 8.19 52.86
CA ASP F 453 -73.86 7.78 54.25
C ASP F 453 -72.42 7.48 54.63
N ALA F 454 -72.08 7.78 55.88
CA ALA F 454 -70.74 7.57 56.41
C ALA F 454 -70.51 6.17 56.94
N GLU F 455 -71.49 5.29 56.84
CA GLU F 455 -71.40 3.92 57.33
C GLU F 455 -70.80 2.96 56.30
N VAL F 456 -70.31 3.48 55.17
CA VAL F 456 -69.72 2.64 54.14
C VAL F 456 -68.21 2.85 53.99
N MET F 457 -67.67 4.02 54.35
CA MET F 457 -66.23 4.23 54.29
C MET F 457 -65.46 3.26 55.18
N ASN F 458 -66.07 2.80 56.27
CA ASN F 458 -65.41 1.82 57.13
C ASN F 458 -65.16 0.50 56.42
N SER F 459 -65.94 0.19 55.38
CA SER F 459 -65.79 -1.04 54.62
C SER F 459 -64.92 -0.85 53.38
N LEU F 460 -64.44 0.36 53.12
CA LEU F 460 -63.60 0.63 51.95
C LEU F 460 -62.18 0.17 52.26
N ALA F 461 -61.86 -1.07 51.89
CA ALA F 461 -60.54 -1.63 52.08
C ALA F 461 -59.89 -1.84 50.72
N VAL F 462 -58.69 -1.30 50.54
CA VAL F 462 -57.97 -1.45 49.28
C VAL F 462 -57.43 -2.87 49.18
N THR F 463 -57.37 -3.39 47.96
CA THR F 463 -56.86 -4.72 47.68
C THR F 463 -55.54 -4.62 46.94
N MET F 464 -54.85 -5.76 46.85
CA MET F 464 -53.57 -5.79 46.16
C MET F 464 -53.76 -5.61 44.66
N ASP F 465 -54.83 -6.17 44.10
CA ASP F 465 -55.14 -5.98 42.69
C ASP F 465 -55.42 -4.52 42.36
N ASP F 466 -55.87 -3.74 43.34
CA ASP F 466 -56.00 -2.31 43.11
C ASP F 466 -54.65 -1.67 42.79
N PHE F 467 -53.58 -2.21 43.39
CA PHE F 467 -52.23 -1.71 43.16
C PHE F 467 -51.56 -2.34 41.95
N ARG F 468 -51.91 -3.59 41.61
CA ARG F 468 -51.34 -4.19 40.40
C ARG F 468 -51.66 -3.37 39.17
N TRP F 469 -52.90 -2.88 39.03
CA TRP F 469 -53.26 -2.04 37.91
C TRP F 469 -52.61 -0.66 38.01
N ALA F 470 -52.28 -0.23 39.23
CA ALA F 470 -51.73 1.09 39.46
C ALA F 470 -50.34 1.28 38.84
N LEU F 471 -49.53 0.23 38.77
CA LEU F 471 -48.19 0.32 38.21
C LEU F 471 -48.17 0.01 36.71
N SER F 472 -49.34 -0.17 36.10
CA SER F 472 -49.40 -0.50 34.68
C SER F 472 -49.69 0.71 33.80
N GLN F 473 -50.78 1.44 34.08
CA GLN F 473 -51.12 2.59 33.26
C GLN F 473 -50.45 3.88 33.74
N SER F 474 -49.83 3.88 34.91
CA SER F 474 -49.17 5.08 35.42
C SER F 474 -47.85 5.27 34.71
N ASN F 475 -47.68 6.42 34.06
CA ASN F 475 -46.45 6.72 33.35
C ASN F 475 -45.63 7.70 34.17
N PRO F 476 -44.55 7.27 34.81
CA PRO F 476 -43.78 8.19 35.65
C PRO F 476 -43.02 9.21 34.81
N SER F 477 -42.65 10.31 35.47
CA SER F 477 -41.99 11.43 34.80
C SER F 477 -40.47 11.30 34.84
N ALA F 478 -39.91 11.21 36.04
CA ALA F 478 -38.46 11.17 36.21
C ALA F 478 -37.97 9.74 35.99
N LEU F 479 -37.48 9.47 34.78
CA LEU F 479 -36.92 8.16 34.46
C LEU F 479 -35.46 8.20 34.02
N ARG F 480 -35.03 9.26 33.33
CA ARG F 480 -33.67 9.37 32.83
C ARG F 480 -32.97 10.49 33.60
N GLU F 481 -32.41 10.12 34.75
CA GLU F 481 -31.69 11.07 35.59
C GLU F 481 -30.63 10.30 36.37
N THR F 482 -29.80 11.03 37.11
CA THR F 482 -28.75 10.42 37.89
C THR F 482 -29.33 9.84 39.16
N VAL F 483 -29.36 8.51 39.26
CA VAL F 483 -29.88 7.82 40.43
C VAL F 483 -28.76 7.75 41.46
N VAL F 484 -28.91 8.49 42.56
CA VAL F 484 -27.90 8.52 43.60
C VAL F 484 -28.43 7.83 44.84
N GLU F 485 -28.19 6.53 44.96
CA GLU F 485 -28.68 5.73 46.06
C GLU F 485 -27.56 4.82 46.58
N VAL F 486 -27.68 4.44 47.85
CA VAL F 486 -26.74 3.54 48.50
C VAL F 486 -27.11 2.11 48.09
N PRO F 487 -26.18 1.33 47.55
CA PRO F 487 -26.52 -0.02 47.09
C PRO F 487 -26.83 -0.95 48.25
N GLN F 488 -27.33 -2.13 47.90
CA GLN F 488 -27.69 -3.16 48.88
C GLN F 488 -26.82 -4.39 48.79
N VAL F 489 -25.82 -4.41 47.92
CA VAL F 489 -24.94 -5.54 47.71
C VAL F 489 -23.68 -5.35 48.54
N THR F 490 -23.38 -6.32 49.38
CA THR F 490 -22.26 -6.28 50.31
C THR F 490 -21.17 -7.25 49.86
N TRP F 491 -20.01 -7.20 50.51
CA TRP F 491 -18.94 -8.14 50.24
C TRP F 491 -19.28 -9.57 50.65
N GLU F 492 -20.15 -9.75 51.64
CA GLU F 492 -20.51 -11.08 52.11
C GLU F 492 -21.19 -11.88 51.01
N ASP F 493 -22.12 -11.27 50.28
CA ASP F 493 -22.82 -11.98 49.20
C ASP F 493 -21.94 -12.21 47.99
N ILE F 494 -20.76 -11.58 47.93
CA ILE F 494 -19.79 -11.85 46.88
C ILE F 494 -18.78 -12.86 47.42
N GLY F 495 -18.77 -14.05 46.83
CA GLY F 495 -17.79 -15.06 47.20
C GLY F 495 -16.49 -14.86 46.44
N GLY F 496 -15.40 -15.31 47.06
CA GLY F 496 -14.12 -15.26 46.38
C GLY F 496 -13.65 -13.83 46.14
N LEU F 497 -12.78 -13.70 45.14
CA LEU F 497 -12.16 -12.42 44.77
C LEU F 497 -11.48 -11.78 45.98
N GLU F 498 -10.80 -12.62 46.76
CA GLU F 498 -10.03 -12.14 47.89
C GLU F 498 -8.88 -11.24 47.47
N ASP F 499 -8.31 -11.46 46.28
CA ASP F 499 -7.25 -10.59 45.79
C ASP F 499 -7.75 -9.16 45.60
N VAL F 500 -8.93 -9.00 45.02
CA VAL F 500 -9.51 -7.67 44.82
C VAL F 500 -10.13 -7.12 46.09
N LYS F 501 -10.76 -7.96 46.91
CA LYS F 501 -11.30 -7.54 48.20
C LYS F 501 -10.25 -6.90 49.09
N ARG F 502 -9.04 -7.44 49.11
CA ARG F 502 -7.97 -6.95 49.98
C ARG F 502 -7.41 -5.61 49.53
N GLU F 503 -7.31 -5.38 48.21
CA GLU F 503 -6.76 -4.11 47.74
C GLU F 503 -7.82 -3.01 47.71
N LEU F 504 -9.06 -3.34 47.36
CA LEU F 504 -10.11 -2.33 47.42
C LEU F 504 -10.39 -1.87 48.84
N GLN F 505 -10.36 -2.77 49.81
CA GLN F 505 -10.56 -2.43 51.21
C GLN F 505 -9.43 -1.58 51.77
N GLU F 506 -8.22 -1.68 51.22
CA GLU F 506 -7.09 -0.89 51.68
C GLU F 506 -6.86 0.35 50.84
N LEU F 507 -7.76 0.67 49.92
CA LEU F 507 -7.55 1.77 48.99
C LEU F 507 -8.64 2.83 49.08
N VAL F 508 -9.87 2.44 49.38
CA VAL F 508 -10.95 3.41 49.57
C VAL F 508 -11.60 3.30 50.95
N GLN F 509 -11.60 2.11 51.56
CA GLN F 509 -12.18 1.98 52.89
C GLN F 509 -11.30 2.58 53.98
N TYR F 510 -9.98 2.44 53.86
CA TYR F 510 -9.09 2.98 54.88
C TYR F 510 -9.21 4.48 55.04
N PRO F 511 -9.16 5.31 53.98
CA PRO F 511 -9.32 6.75 54.17
C PRO F 511 -10.69 7.16 54.67
N VAL F 512 -11.71 6.31 54.54
CA VAL F 512 -13.05 6.63 55.02
C VAL F 512 -13.21 6.28 56.49
N GLU F 513 -12.85 5.05 56.87
CA GLU F 513 -13.04 4.60 58.24
C GLU F 513 -11.91 5.02 59.17
N HIS F 514 -10.72 5.31 58.64
CA HIS F 514 -9.58 5.75 59.45
C HIS F 514 -8.94 7.01 58.86
N PRO F 515 -9.63 8.14 58.89
CA PRO F 515 -8.99 9.39 58.44
C PRO F 515 -7.71 9.74 59.19
N ASP F 516 -7.67 9.52 60.51
CA ASP F 516 -6.55 9.95 61.33
C ASP F 516 -5.25 9.24 61.01
N LYS F 517 -5.31 7.95 60.68
CA LYS F 517 -4.09 7.20 60.39
C LYS F 517 -3.42 7.66 59.11
N PHE F 518 -4.10 8.47 58.30
CA PHE F 518 -3.49 8.99 57.08
C PHE F 518 -2.76 10.30 57.33
N LEU F 519 -3.35 11.20 58.12
CA LEU F 519 -2.62 12.38 58.57
C LEU F 519 -1.47 12.03 59.51
N LYS F 520 -1.59 10.94 60.26
CA LYS F 520 -0.48 10.52 61.12
C LYS F 520 0.71 10.06 60.28
N PHE F 521 0.44 9.36 59.18
CA PHE F 521 1.50 8.87 58.30
C PHE F 521 1.81 9.83 57.18
N GLY F 522 1.09 10.94 57.07
CA GLY F 522 1.37 11.93 56.04
C GLY F 522 1.23 11.44 54.62
N MET F 523 0.25 10.59 54.35
CA MET F 523 0.01 10.06 53.02
C MET F 523 -1.38 10.48 52.54
N THR F 524 -1.44 11.09 51.37
CA THR F 524 -2.71 11.46 50.79
C THR F 524 -3.40 10.24 50.18
N PRO F 525 -4.72 10.11 50.33
CA PRO F 525 -5.43 8.99 49.73
C PRO F 525 -5.43 9.10 48.21
N SER F 526 -5.56 7.94 47.56
CA SER F 526 -5.64 7.90 46.12
C SER F 526 -6.98 8.49 45.66
N LYS F 527 -6.95 9.15 44.50
CA LYS F 527 -8.14 9.80 43.96
C LYS F 527 -9.10 8.83 43.29
N GLY F 528 -8.62 7.76 42.70
CA GLY F 528 -9.50 6.83 42.02
C GLY F 528 -8.74 5.64 41.50
N VAL F 529 -9.50 4.59 41.18
CA VAL F 529 -8.96 3.35 40.66
C VAL F 529 -9.78 2.94 39.44
N LEU F 530 -9.11 2.56 38.36
CA LEU F 530 -9.75 1.99 37.19
C LEU F 530 -9.44 0.50 37.14
N PHE F 531 -10.47 -0.33 37.08
CA PHE F 531 -10.21 -1.75 36.89
C PHE F 531 -10.70 -2.20 35.51
N TYR F 532 -10.09 -3.28 35.05
CA TYR F 532 -10.30 -3.80 33.70
C TYR F 532 -10.51 -5.31 33.82
N GLY F 533 -11.21 -5.86 32.83
CA GLY F 533 -11.50 -7.26 32.83
C GLY F 533 -12.39 -7.65 31.66
N PRO F 534 -12.53 -8.95 31.42
CA PRO F 534 -13.41 -9.41 30.34
C PRO F 534 -14.85 -9.02 30.62
N PRO F 535 -15.65 -8.82 29.58
CA PRO F 535 -17.02 -8.35 29.80
C PRO F 535 -17.86 -9.36 30.56
N GLY F 536 -18.83 -8.83 31.29
CA GLY F 536 -19.75 -9.67 32.06
C GLY F 536 -19.09 -10.40 33.21
N CYS F 537 -18.25 -9.70 33.97
CA CYS F 537 -17.62 -10.31 35.13
C CYS F 537 -17.94 -9.63 36.45
N GLY F 538 -18.76 -8.58 36.46
CA GLY F 538 -19.22 -8.00 37.70
C GLY F 538 -18.44 -6.78 38.16
N LYS F 539 -17.90 -6.01 37.22
CA LYS F 539 -17.19 -4.79 37.59
C LYS F 539 -18.11 -3.79 38.26
N THR F 540 -19.31 -3.60 37.75
CA THR F 540 -20.28 -2.73 38.39
C THR F 540 -20.69 -3.22 39.76
N LEU F 541 -20.91 -4.53 39.90
CA LEU F 541 -21.25 -5.09 41.21
C LEU F 541 -20.11 -4.93 42.21
N LEU F 542 -18.86 -5.08 41.77
CA LEU F 542 -17.74 -4.89 42.68
C LEU F 542 -17.69 -3.45 43.19
N ALA F 543 -17.88 -2.48 42.30
CA ALA F 543 -17.92 -1.09 42.70
C ALA F 543 -19.10 -0.81 43.63
N LYS F 544 -20.26 -1.42 43.37
CA LYS F 544 -21.38 -1.26 44.28
C LYS F 544 -21.08 -1.84 45.66
N ALA F 545 -20.45 -3.01 45.72
CA ALA F 545 -20.14 -3.65 46.99
C ALA F 545 -19.16 -2.82 47.82
N ILE F 546 -18.12 -2.26 47.19
CA ILE F 546 -17.19 -1.42 47.92
C ILE F 546 -17.82 -0.13 48.40
N ALA F 547 -18.93 0.30 47.80
CA ALA F 547 -19.67 1.44 48.30
C ALA F 547 -20.44 1.12 49.58
N ASN F 548 -21.00 -0.09 49.67
CA ASN F 548 -21.68 -0.50 50.90
C ASN F 548 -20.72 -0.69 52.06
N GLU F 549 -19.51 -1.17 51.80
CA GLU F 549 -18.53 -1.36 52.88
C GLU F 549 -18.17 -0.03 53.53
N CYS F 550 -18.04 1.03 52.72
CA CYS F 550 -17.74 2.36 53.23
C CYS F 550 -18.99 3.14 53.59
N GLN F 551 -20.17 2.56 53.42
CA GLN F 551 -21.44 3.24 53.64
C GLN F 551 -21.49 4.55 52.86
N ALA F 552 -21.13 4.49 51.58
CA ALA F 552 -21.03 5.68 50.75
C ALA F 552 -22.07 5.60 49.65
N ASN F 553 -22.42 6.75 49.10
CA ASN F 553 -23.38 6.83 48.01
C ASN F 553 -22.74 6.30 46.74
N PHE F 554 -23.56 5.95 45.75
CA PHE F 554 -23.05 5.37 44.51
C PHE F 554 -23.70 6.05 43.33
N ILE F 555 -22.89 6.48 42.37
CA ILE F 555 -23.36 7.09 41.14
C ILE F 555 -22.77 6.32 39.97
N SER F 556 -23.63 5.84 39.08
CA SER F 556 -23.22 5.03 37.94
C SER F 556 -23.46 5.81 36.66
N ILE F 557 -22.43 5.92 35.82
CA ILE F 557 -22.52 6.58 34.52
C ILE F 557 -22.17 5.54 33.47
N LYS F 558 -23.19 5.07 32.75
CA LYS F 558 -23.00 4.02 31.75
C LYS F 558 -22.43 4.63 30.48
N GLY F 559 -22.14 3.78 29.50
CA GLY F 559 -21.57 4.20 28.24
C GLY F 559 -22.41 5.16 27.42
N PRO F 560 -23.70 4.86 27.24
CA PRO F 560 -24.56 5.77 26.46
C PRO F 560 -24.60 7.20 26.97
N GLU F 561 -24.63 7.42 28.28
CA GLU F 561 -24.61 8.78 28.80
C GLU F 561 -23.30 9.49 28.50
N LEU F 562 -22.18 8.76 28.47
CA LEU F 562 -20.90 9.35 28.11
C LEU F 562 -20.77 9.63 26.62
N LEU F 563 -21.33 8.76 25.77
CA LEU F 563 -21.23 8.93 24.33
C LEU F 563 -22.29 9.87 23.77
N THR F 564 -23.35 10.16 24.53
CA THR F 564 -24.37 11.10 24.08
C THR F 564 -23.81 12.50 23.97
N MET F 565 -23.05 12.94 24.98
CA MET F 565 -22.47 14.28 24.93
C MET F 565 -21.32 14.38 23.95
N TRP F 566 -20.70 13.26 23.58
CA TRP F 566 -19.67 13.30 22.55
C TRP F 566 -20.28 13.60 21.18
N PHE F 567 -21.36 12.90 20.82
CA PHE F 567 -22.03 13.17 19.56
C PHE F 567 -22.76 14.51 19.58
N GLY F 568 -23.36 14.88 20.71
CA GLY F 568 -24.17 16.07 20.80
C GLY F 568 -23.41 17.38 20.93
N GLU F 569 -22.09 17.33 21.12
CA GLU F 569 -21.27 18.53 21.27
C GLU F 569 -21.77 19.42 22.41
N SER F 570 -22.36 18.78 23.42
CA SER F 570 -22.92 19.46 24.59
C SER F 570 -22.19 18.89 25.79
N GLU F 571 -21.17 19.62 26.26
CA GLU F 571 -20.21 19.09 27.21
C GLU F 571 -20.30 19.72 28.59
N ALA F 572 -21.40 20.40 28.90
CA ALA F 572 -21.64 20.89 30.24
C ALA F 572 -22.23 19.80 31.14
N ASN F 573 -22.51 18.62 30.58
CA ASN F 573 -23.16 17.57 31.34
C ASN F 573 -22.26 16.96 32.40
N VAL F 574 -20.96 16.84 32.14
CA VAL F 574 -20.03 16.37 33.17
C VAL F 574 -19.92 17.34 34.33
N ARG F 575 -20.20 18.62 34.11
CA ARG F 575 -20.17 19.59 35.19
C ARG F 575 -21.13 19.23 36.31
N GLU F 576 -22.41 18.99 35.97
CA GLU F 576 -23.37 18.61 36.99
C GLU F 576 -23.10 17.22 37.55
N ILE F 577 -22.56 16.31 36.74
CA ILE F 577 -22.21 14.98 37.25
C ILE F 577 -21.19 15.10 38.38
N PHE F 578 -20.11 15.83 38.14
CA PHE F 578 -19.10 16.01 39.17
C PHE F 578 -19.58 16.91 40.30
N ASP F 579 -20.50 17.84 40.02
CA ASP F 579 -21.04 18.67 41.09
C ASP F 579 -21.90 17.87 42.06
N LYS F 580 -22.81 17.05 41.54
CA LYS F 580 -23.66 16.23 42.39
C LYS F 580 -22.95 15.01 42.96
N ALA F 581 -21.81 14.63 42.39
CA ALA F 581 -20.98 13.61 43.01
C ALA F 581 -20.25 14.11 44.24
N ARG F 582 -19.94 15.39 44.31
CA ARG F 582 -19.17 15.95 45.42
C ARG F 582 -20.06 16.48 46.54
N GLN F 583 -21.29 16.88 46.25
CA GLN F 583 -22.18 17.36 47.30
C GLN F 583 -22.72 16.22 48.15
N ALA F 584 -22.75 15.01 47.61
CA ALA F 584 -23.26 13.84 48.32
C ALA F 584 -22.11 13.11 49.03
N ALA F 585 -21.33 13.88 49.79
CA ALA F 585 -20.21 13.29 50.51
C ALA F 585 -20.69 12.50 51.72
N PRO F 586 -20.27 11.23 51.85
CA PRO F 586 -19.34 10.55 50.96
C PRO F 586 -20.01 9.77 49.82
N CYS F 587 -19.38 9.79 48.65
CA CYS F 587 -19.96 9.21 47.45
C CYS F 587 -18.88 8.41 46.73
N VAL F 588 -19.31 7.66 45.71
CA VAL F 588 -18.39 6.95 44.83
C VAL F 588 -18.89 7.15 43.41
N LEU F 589 -17.99 7.57 42.53
CA LEU F 589 -18.33 7.83 41.14
C LEU F 589 -17.83 6.69 40.28
N PHE F 590 -18.72 6.11 39.49
CA PHE F 590 -18.39 4.93 38.70
C PHE F 590 -18.66 5.21 37.24
N PHE F 591 -17.63 5.02 36.42
CA PHE F 591 -17.73 5.24 34.97
C PHE F 591 -17.68 3.89 34.29
N ASP F 592 -18.78 3.51 33.67
CA ASP F 592 -18.88 2.22 32.99
C ASP F 592 -18.44 2.37 31.54
N GLU F 593 -17.77 1.33 31.04
CA GLU F 593 -17.22 1.27 29.68
C GLU F 593 -16.62 2.60 29.25
N LEU F 594 -15.59 3.04 29.95
CA LEU F 594 -14.90 4.30 29.64
C LEU F 594 -14.33 4.32 28.23
N ASP F 595 -14.06 3.15 27.64
CA ASP F 595 -13.51 3.07 26.30
C ASP F 595 -14.55 3.23 25.21
N SER F 596 -15.77 3.63 25.55
CA SER F 596 -16.82 3.75 24.54
C SER F 596 -16.49 4.81 23.51
N ILE F 597 -15.96 5.95 23.94
CA ILE F 597 -15.58 6.99 22.99
C ILE F 597 -14.42 6.53 22.09
N ALA F 598 -13.45 5.83 22.66
CA ALA F 598 -12.34 5.32 21.86
C ALA F 598 -12.83 4.32 20.82
N LYS F 599 -13.75 3.43 21.20
CA LYS F 599 -14.33 2.50 20.24
C LYS F 599 -15.11 3.24 19.15
N ALA F 600 -15.90 4.25 19.53
CA ALA F 600 -16.65 5.02 18.55
C ALA F 600 -15.75 5.80 17.61
N ARG F 601 -14.56 6.20 18.05
CA ARG F 601 -13.61 6.92 17.21
C ARG F 601 -12.66 6.00 16.44
N GLY F 602 -12.56 4.75 16.83
CA GLY F 602 -11.71 3.81 16.12
C GLY F 602 -10.86 2.94 17.03
N GLY F 603 -10.43 3.49 18.16
CA GLY F 603 -9.64 2.74 19.12
C GLY F 603 -8.19 3.12 19.16
N ASN F 604 -7.31 2.14 18.91
CA ASN F 604 -5.87 2.37 19.01
C ASN F 604 -5.38 3.35 17.94
N ILE F 605 -5.85 3.22 16.71
CA ILE F 605 -5.43 4.10 15.63
C ILE F 605 -6.61 4.95 15.19
N GLY F 606 -7.65 4.31 14.68
CA GLY F 606 -8.83 5.01 14.21
C GLY F 606 -8.55 6.02 13.13
N ASP F 607 -8.70 7.30 13.45
CA ASP F 607 -8.40 8.37 12.50
C ASP F 607 -6.95 8.80 12.63
N GLY F 608 -6.59 9.93 12.01
CA GLY F 608 -5.24 10.44 12.13
C GLY F 608 -4.89 10.88 13.54
N GLY F 609 -5.89 11.19 14.36
CA GLY F 609 -5.65 11.61 15.72
C GLY F 609 -5.25 10.47 16.63
N GLY F 610 -4.92 10.84 17.87
CA GLY F 610 -4.47 9.86 18.84
C GLY F 610 -5.60 9.23 19.63
N ALA F 611 -5.46 9.20 20.95
CA ALA F 611 -6.47 8.61 21.83
C ALA F 611 -7.11 9.65 22.73
N ALA F 612 -6.88 10.93 22.44
CA ALA F 612 -7.42 12.01 23.22
C ALA F 612 -8.66 12.60 22.56
N ASP F 613 -9.70 12.81 23.36
CA ASP F 613 -10.92 13.45 22.87
C ASP F 613 -11.37 14.51 23.86
N ARG F 614 -12.56 15.07 23.63
CA ARG F 614 -13.07 16.16 24.45
C ARG F 614 -13.72 15.71 25.75
N VAL F 615 -14.52 14.64 25.74
CA VAL F 615 -15.22 14.23 26.94
C VAL F 615 -14.25 13.72 28.00
N ILE F 616 -13.29 12.90 27.61
CA ILE F 616 -12.27 12.45 28.57
C ILE F 616 -11.46 13.64 29.07
N ASN F 617 -11.24 14.65 28.21
CA ASN F 617 -10.57 15.87 28.65
C ASN F 617 -11.37 16.58 29.73
N GLN F 618 -12.68 16.66 29.57
CA GLN F 618 -13.50 17.29 30.61
C GLN F 618 -13.44 16.51 31.92
N ILE F 619 -13.46 15.18 31.85
CA ILE F 619 -13.34 14.36 33.05
C ILE F 619 -11.99 14.59 33.71
N LEU F 620 -10.92 14.67 32.92
CA LEU F 620 -9.60 14.96 33.47
C LEU F 620 -9.57 16.31 34.16
N THR F 621 -10.15 17.34 33.54
CA THR F 621 -10.17 18.66 34.14
C THR F 621 -10.95 18.66 35.45
N GLU F 622 -12.09 17.97 35.48
CA GLU F 622 -12.90 17.94 36.70
C GLU F 622 -12.21 17.15 37.81
N MET F 623 -11.53 16.06 37.47
CA MET F 623 -10.80 15.27 38.46
C MET F 623 -9.57 15.99 38.98
N ASP F 624 -8.90 16.80 38.16
CA ASP F 624 -7.73 17.53 38.62
C ASP F 624 -8.08 18.58 39.65
N GLY F 625 -9.27 19.17 39.55
CA GLY F 625 -9.71 20.23 40.43
C GLY F 625 -10.42 19.77 41.69
N MET F 626 -10.52 18.47 41.93
CA MET F 626 -11.20 18.00 43.12
C MET F 626 -10.27 18.08 44.33
N SER F 627 -10.87 18.05 45.51
CA SER F 627 -10.15 18.12 46.78
C SER F 627 -9.92 16.71 47.30
N THR F 628 -8.68 16.42 47.67
CA THR F 628 -8.33 15.10 48.18
C THR F 628 -8.89 14.83 49.57
N LYS F 629 -9.17 15.87 50.36
CA LYS F 629 -9.72 15.66 51.69
C LYS F 629 -11.18 15.22 51.66
N LYS F 630 -11.87 15.46 50.55
CA LYS F 630 -13.23 14.94 50.40
C LYS F 630 -13.19 13.43 50.15
N ASN F 631 -14.33 12.79 50.45
CA ASN F 631 -14.43 11.33 50.35
C ASN F 631 -15.03 10.88 49.02
N VAL F 632 -15.14 11.76 48.05
CA VAL F 632 -15.60 11.38 46.71
C VAL F 632 -14.54 10.51 46.07
N PHE F 633 -14.97 9.49 45.33
CA PHE F 633 -14.07 8.51 44.73
C PHE F 633 -14.55 8.15 43.34
N ILE F 634 -13.63 8.08 42.39
CA ILE F 634 -13.94 7.81 41.00
C ILE F 634 -13.43 6.42 40.64
N ILE F 635 -14.31 5.60 40.09
CA ILE F 635 -13.96 4.25 39.65
C ILE F 635 -14.26 4.15 38.17
N GLY F 636 -13.25 3.77 37.39
CA GLY F 636 -13.39 3.58 35.95
C GLY F 636 -13.43 2.10 35.63
N ALA F 637 -14.37 1.72 34.77
CA ALA F 637 -14.52 0.34 34.32
C ALA F 637 -14.36 0.28 32.81
N THR F 638 -13.56 -0.68 32.35
CA THR F 638 -13.34 -0.85 30.92
C THR F 638 -13.06 -2.31 30.66
N ASN F 639 -13.35 -2.73 29.43
CA ASN F 639 -12.99 -4.07 28.97
C ASN F 639 -11.83 -4.03 27.98
N ARG F 640 -11.58 -2.90 27.34
CA ARG F 640 -10.41 -2.77 26.49
C ARG F 640 -9.52 -1.67 27.05
N PRO F 641 -8.54 -1.99 27.89
CA PRO F 641 -7.66 -0.96 28.45
C PRO F 641 -6.51 -0.56 27.54
N ASP F 642 -6.34 -1.22 26.41
CA ASP F 642 -5.31 -0.86 25.44
C ASP F 642 -5.67 0.39 24.65
N ILE F 643 -6.95 0.72 24.55
CA ILE F 643 -7.40 1.90 23.81
C ILE F 643 -7.76 3.05 24.75
N ILE F 644 -7.66 2.84 26.05
CA ILE F 644 -7.85 3.91 27.02
C ILE F 644 -6.72 4.93 26.86
N ASP F 645 -7.09 6.20 26.91
CA ASP F 645 -6.10 7.27 26.74
C ASP F 645 -5.07 7.18 27.87
N PRO F 646 -3.78 7.29 27.57
CA PRO F 646 -2.77 7.20 28.65
C PRO F 646 -2.88 8.31 29.68
N ALA F 647 -3.39 9.49 29.32
CA ALA F 647 -3.38 10.61 30.25
C ALA F 647 -4.33 10.42 31.42
N ILE F 648 -5.40 9.64 31.25
CA ILE F 648 -6.32 9.41 32.37
C ILE F 648 -5.69 8.49 33.41
N LEU F 649 -4.69 7.70 33.02
CA LEU F 649 -4.00 6.79 33.93
C LEU F 649 -2.76 7.41 34.55
N ARG F 650 -2.54 8.71 34.33
CA ARG F 650 -1.40 9.39 34.91
C ARG F 650 -1.50 9.37 36.44
N PRO F 651 -0.37 9.36 37.14
CA PRO F 651 -0.41 9.39 38.60
C PRO F 651 -1.17 10.60 39.11
N GLY F 652 -2.05 10.37 40.08
CA GLY F 652 -2.88 11.40 40.67
C GLY F 652 -4.31 11.38 40.21
N ARG F 653 -4.64 10.71 39.11
CA ARG F 653 -6.01 10.63 38.64
C ARG F 653 -6.58 9.22 38.71
N LEU F 654 -5.95 8.25 38.03
CA LEU F 654 -6.38 6.87 38.07
C LEU F 654 -5.14 5.96 38.06
N ASP F 655 -4.15 6.33 38.88
CA ASP F 655 -2.88 5.60 38.90
C ASP F 655 -3.07 4.15 39.35
N GLN F 656 -4.09 3.88 40.15
CA GLN F 656 -4.30 2.53 40.66
C GLN F 656 -5.08 1.71 39.64
N LEU F 657 -4.46 0.66 39.12
CA LEU F 657 -5.09 -0.25 38.17
C LEU F 657 -5.11 -1.64 38.78
N ILE F 658 -6.30 -2.23 38.86
CA ILE F 658 -6.46 -3.59 39.36
C ILE F 658 -7.19 -4.39 38.30
N TYR F 659 -6.90 -5.68 38.24
CA TYR F 659 -7.44 -6.55 37.19
C TYR F 659 -8.53 -7.43 37.76
N ILE F 660 -9.69 -7.44 37.10
CA ILE F 660 -10.82 -8.26 37.50
C ILE F 660 -10.81 -9.52 36.66
N PRO F 661 -10.44 -10.67 37.22
CA PRO F 661 -10.35 -11.89 36.40
C PRO F 661 -11.70 -12.58 36.27
N LEU F 662 -11.70 -13.74 35.62
CA LEU F 662 -12.90 -14.56 35.62
C LEU F 662 -13.20 -15.03 37.05
N PRO F 663 -14.47 -15.17 37.39
CA PRO F 663 -14.81 -15.69 38.72
C PRO F 663 -14.25 -17.08 38.92
N ASP F 664 -13.73 -17.33 40.12
CA ASP F 664 -13.19 -18.64 40.46
C ASP F 664 -14.32 -19.54 40.95
N GLU F 665 -13.99 -20.73 41.43
CA GLU F 665 -15.02 -21.66 41.89
C GLU F 665 -15.84 -21.07 43.03
N LYS F 666 -15.17 -20.44 43.99
CA LYS F 666 -15.89 -19.84 45.11
C LYS F 666 -16.80 -18.70 44.68
N SER F 667 -16.37 -17.89 43.71
CA SER F 667 -17.17 -16.76 43.24
C SER F 667 -18.27 -17.17 42.28
N ARG F 668 -18.11 -18.27 41.54
CA ARG F 668 -19.16 -18.71 40.64
C ARG F 668 -20.40 -19.19 41.38
N VAL F 669 -20.24 -19.82 42.54
CA VAL F 669 -21.40 -20.21 43.33
C VAL F 669 -22.23 -18.99 43.69
N ALA F 670 -21.55 -17.88 44.00
CA ALA F 670 -22.26 -16.63 44.28
C ALA F 670 -23.06 -16.14 43.08
N ILE F 671 -22.50 -16.22 41.87
CA ILE F 671 -23.23 -15.80 40.68
C ILE F 671 -24.44 -16.69 40.45
N LEU F 672 -24.28 -18.01 40.59
CA LEU F 672 -25.42 -18.90 40.43
C LEU F 672 -26.51 -18.61 41.45
N LYS F 673 -26.15 -18.47 42.73
CA LYS F 673 -27.17 -18.26 43.75
C LYS F 673 -27.80 -16.87 43.67
N ALA F 674 -27.08 -15.87 43.16
CA ALA F 674 -27.69 -14.56 42.95
C ALA F 674 -28.76 -14.64 41.87
N ASN F 675 -28.49 -15.38 40.80
CA ASN F 675 -29.49 -15.58 39.76
C ASN F 675 -30.67 -16.41 40.24
N LEU F 676 -30.43 -17.42 41.06
CA LEU F 676 -31.48 -18.34 41.50
C LEU F 676 -32.11 -17.96 42.82
N ARG F 677 -31.75 -16.80 43.39
CA ARG F 677 -32.29 -16.41 44.68
C ARG F 677 -33.79 -16.12 44.65
N LYS F 678 -34.36 -15.91 43.47
CA LYS F 678 -35.79 -15.67 43.34
C LYS F 678 -36.53 -16.86 42.73
N SER F 679 -35.85 -17.99 42.52
CA SER F 679 -36.48 -19.12 41.85
C SER F 679 -36.60 -20.31 42.80
N PRO F 680 -37.60 -21.17 42.60
CA PRO F 680 -37.70 -22.38 43.42
C PRO F 680 -36.62 -23.40 43.06
N VAL F 681 -35.63 -23.56 43.92
CA VAL F 681 -34.51 -24.46 43.67
C VAL F 681 -34.76 -25.76 44.43
N ALA F 682 -34.63 -26.88 43.72
CA ALA F 682 -34.82 -28.18 44.33
C ALA F 682 -33.58 -28.53 45.18
N LYS F 683 -33.77 -29.43 46.15
CA LYS F 683 -32.69 -29.81 47.04
C LYS F 683 -31.56 -30.53 46.32
N ASP F 684 -31.89 -31.40 45.36
CA ASP F 684 -30.86 -32.18 44.68
C ASP F 684 -30.03 -31.34 43.73
N VAL F 685 -30.48 -30.14 43.37
CA VAL F 685 -29.74 -29.28 42.45
C VAL F 685 -28.55 -28.69 43.21
N ASP F 686 -27.36 -29.25 42.99
CA ASP F 686 -26.16 -28.82 43.67
C ASP F 686 -25.46 -27.74 42.85
N LEU F 687 -25.44 -26.52 43.38
CA LEU F 687 -24.77 -25.42 42.71
C LEU F 687 -23.26 -25.48 42.84
N GLU F 688 -22.74 -26.10 43.91
CA GLU F 688 -21.30 -26.24 44.06
C GLU F 688 -20.71 -27.04 42.91
N PHE F 689 -21.32 -28.18 42.57
CA PHE F 689 -20.84 -28.98 41.46
C PHE F 689 -20.96 -28.25 40.13
N LEU F 690 -22.07 -27.53 39.92
CA LEU F 690 -22.25 -26.78 38.69
C LEU F 690 -21.19 -25.70 38.54
N ALA F 691 -20.88 -24.98 39.61
CA ALA F 691 -19.83 -23.98 39.57
C ALA F 691 -18.45 -24.62 39.39
N LYS F 692 -18.24 -25.80 39.95
CA LYS F 692 -16.98 -26.52 39.74
C LYS F 692 -16.81 -26.94 38.28
N MET F 693 -17.88 -27.36 37.62
CA MET F 693 -17.77 -27.83 36.24
C MET F 693 -17.34 -26.71 35.30
N THR F 694 -17.97 -25.54 35.42
CA THR F 694 -17.63 -24.40 34.59
C THR F 694 -16.42 -23.68 35.18
N ASN F 695 -15.35 -23.56 34.40
CA ASN F 695 -14.12 -22.95 34.89
C ASN F 695 -13.81 -21.63 34.20
N GLY F 696 -13.74 -21.62 32.87
CA GLY F 696 -13.45 -20.40 32.16
C GLY F 696 -14.71 -19.63 31.79
N PHE F 697 -15.73 -19.74 32.64
CA PHE F 697 -17.04 -19.16 32.37
C PHE F 697 -17.12 -17.78 33.02
N SER F 698 -17.68 -16.83 32.28
CA SER F 698 -17.90 -15.49 32.82
C SER F 698 -19.23 -15.44 33.57
N GLY F 699 -19.46 -14.32 34.27
CA GLY F 699 -20.72 -14.16 34.95
C GLY F 699 -21.90 -14.17 33.99
N ALA F 700 -21.71 -13.61 32.80
CA ALA F 700 -22.75 -13.64 31.77
C ALA F 700 -23.04 -15.05 31.30
N ASP F 701 -22.02 -15.91 31.21
CA ASP F 701 -22.25 -17.29 30.79
C ASP F 701 -23.08 -18.06 31.81
N LEU F 702 -22.79 -17.90 33.09
CA LEU F 702 -23.62 -18.49 34.12
C LEU F 702 -25.01 -17.88 34.14
N THR F 703 -25.12 -16.58 33.87
CA THR F 703 -26.42 -15.92 33.84
C THR F 703 -27.32 -16.51 32.77
N GLU F 704 -26.81 -16.69 31.56
CA GLU F 704 -27.62 -17.29 30.51
C GLU F 704 -27.90 -18.76 30.78
N ILE F 705 -27.01 -19.48 31.45
CA ILE F 705 -27.35 -20.84 31.85
C ILE F 705 -28.56 -20.84 32.78
N CYS F 706 -28.54 -19.96 33.79
CA CYS F 706 -29.67 -19.89 34.72
C CYS F 706 -30.95 -19.46 34.00
N GLN F 707 -30.85 -18.48 33.10
CA GLN F 707 -32.01 -18.02 32.35
C GLN F 707 -32.58 -19.12 31.46
N ARG F 708 -31.72 -19.90 30.81
CA ARG F 708 -32.18 -20.99 29.97
C ARG F 708 -32.83 -22.10 30.80
N ALA F 709 -32.28 -22.40 31.97
CA ALA F 709 -32.92 -23.37 32.85
C ALA F 709 -34.29 -22.88 33.30
N CYS F 710 -34.40 -21.61 33.67
CA CYS F 710 -35.69 -21.05 34.04
C CYS F 710 -36.67 -21.08 32.88
N LYS F 711 -36.20 -20.79 31.67
CA LYS F 711 -37.07 -20.85 30.50
C LYS F 711 -37.58 -22.26 30.25
N LEU F 712 -36.71 -23.26 30.37
CA LEU F 712 -37.14 -24.65 30.22
C LEU F 712 -38.15 -25.04 31.29
N ALA F 713 -37.91 -24.64 32.55
CA ALA F 713 -38.87 -24.94 33.60
C ALA F 713 -40.21 -24.28 33.35
N ILE F 714 -40.21 -23.02 32.93
CA ILE F 714 -41.46 -22.33 32.66
C ILE F 714 -42.20 -22.98 31.51
N ARG F 715 -41.48 -23.35 30.45
CA ARG F 715 -42.13 -24.00 29.31
C ARG F 715 -42.72 -25.35 29.70
N GLU F 716 -41.99 -26.15 30.48
CA GLU F 716 -42.54 -27.42 30.92
C GLU F 716 -43.77 -27.22 31.81
N SER F 717 -43.73 -26.24 32.71
CA SER F 717 -44.89 -25.93 33.53
C SER F 717 -46.09 -25.50 32.71
N ILE F 718 -45.88 -24.69 31.67
CA ILE F 718 -46.97 -24.24 30.83
C ILE F 718 -47.55 -25.40 30.03
N GLU F 719 -46.70 -26.21 29.41
CA GLU F 719 -47.19 -27.31 28.59
C GLU F 719 -47.80 -28.43 29.42
N SER F 720 -47.40 -28.59 30.68
CA SER F 720 -47.92 -29.65 31.52
C SER F 720 -49.31 -29.36 32.06
N GLU F 721 -49.80 -28.12 31.93
CA GLU F 721 -51.13 -27.80 32.42
C GLU F 721 -52.21 -28.50 31.60
N ILE F 722 -52.04 -28.55 30.29
CA ILE F 722 -53.05 -29.15 29.42
C ILE F 722 -52.96 -30.67 29.46
N VAL F 743 -44.88 -28.30 36.82
CA VAL F 743 -44.75 -28.37 38.26
C VAL F 743 -43.97 -27.18 38.77
N PRO F 744 -44.44 -26.57 39.87
CA PRO F 744 -43.83 -25.34 40.40
C PRO F 744 -42.53 -25.57 41.18
N GLU F 745 -41.53 -26.14 40.50
CA GLU F 745 -40.23 -26.37 41.11
C GLU F 745 -39.23 -26.67 40.01
N ILE F 746 -38.11 -25.96 40.01
CA ILE F 746 -37.03 -26.23 39.05
C ILE F 746 -36.36 -27.53 39.45
N ARG F 747 -36.28 -28.46 38.51
CA ARG F 747 -35.75 -29.79 38.80
C ARG F 747 -34.31 -29.91 38.30
N ARG F 748 -33.66 -31.01 38.69
CA ARG F 748 -32.29 -31.28 38.29
C ARG F 748 -32.17 -31.41 36.77
N ASP F 749 -33.17 -32.03 36.14
CA ASP F 749 -33.16 -32.19 34.69
C ASP F 749 -33.19 -30.87 33.95
N HIS F 750 -33.88 -29.85 34.48
CA HIS F 750 -33.89 -28.55 33.82
C HIS F 750 -32.49 -27.98 33.68
N PHE F 751 -31.71 -28.00 34.76
CA PHE F 751 -30.34 -27.53 34.72
C PHE F 751 -29.42 -28.45 33.91
N GLU F 752 -29.63 -29.77 33.99
CA GLU F 752 -28.81 -30.69 33.22
C GLU F 752 -28.99 -30.52 31.72
N GLU F 753 -30.23 -30.33 31.26
CA GLU F 753 -30.49 -30.16 29.84
C GLU F 753 -30.05 -28.78 29.36
N ALA F 754 -30.33 -27.74 30.13
CA ALA F 754 -29.89 -26.39 29.78
C ALA F 754 -28.38 -26.24 29.85
N MET F 755 -27.69 -27.14 30.54
CA MET F 755 -26.22 -27.15 30.56
C MET F 755 -25.63 -27.51 29.22
N ARG F 756 -26.40 -28.12 28.33
CA ARG F 756 -25.89 -28.52 27.03
C ARG F 756 -25.55 -27.30 26.17
N PHE F 757 -26.40 -26.28 26.19
CA PHE F 757 -26.15 -25.05 25.44
C PHE F 757 -25.30 -24.07 26.25
N ALA F 758 -24.16 -24.55 26.73
CA ALA F 758 -23.28 -23.74 27.56
C ALA F 758 -22.26 -23.04 26.68
N ARG F 759 -22.36 -21.71 26.61
CA ARG F 759 -21.44 -20.89 25.84
C ARG F 759 -20.23 -20.49 26.70
N ARG F 760 -19.21 -19.97 26.03
CA ARG F 760 -18.05 -19.39 26.72
C ARG F 760 -17.61 -18.19 25.88
N SER F 761 -18.11 -17.01 26.26
CA SER F 761 -17.93 -15.82 25.44
C SER F 761 -16.51 -15.28 25.49
N VAL F 762 -15.76 -15.59 26.54
CA VAL F 762 -14.40 -15.08 26.70
C VAL F 762 -13.41 -16.14 26.24
N SER F 763 -12.61 -15.80 25.24
CA SER F 763 -11.63 -16.72 24.69
C SER F 763 -10.31 -16.64 25.46
N ASP F 764 -9.45 -17.63 25.23
CA ASP F 764 -8.16 -17.67 25.90
C ASP F 764 -7.25 -16.55 25.40
N ASN F 765 -7.37 -16.17 24.12
CA ASN F 765 -6.59 -15.07 23.59
C ASN F 765 -6.89 -13.78 24.32
N ASP F 766 -8.16 -13.57 24.70
CA ASP F 766 -8.51 -12.41 25.51
C ASP F 766 -7.82 -12.44 26.87
N ILE F 767 -7.79 -13.58 27.54
CA ILE F 767 -7.11 -13.65 28.83
C ILE F 767 -5.63 -13.35 28.67
N ARG F 768 -5.02 -13.87 27.60
CA ARG F 768 -3.61 -13.61 27.36
C ARG F 768 -3.36 -12.13 27.12
N LYS F 769 -4.22 -11.47 26.32
CA LYS F 769 -4.02 -10.05 26.05
C LYS F 769 -4.30 -9.17 27.27
N TYR F 770 -5.18 -9.60 28.17
CA TYR F 770 -5.34 -8.86 29.41
C TYR F 770 -4.13 -9.03 30.32
N GLU F 771 -3.58 -10.25 30.39
CA GLU F 771 -2.40 -10.44 31.22
C GLU F 771 -1.22 -9.64 30.69
N MET F 772 -0.96 -9.67 29.38
CA MET F 772 0.13 -8.85 28.84
C MET F 772 0.03 -7.42 29.31
N PHE F 773 -1.19 -6.89 29.40
CA PHE F 773 -1.41 -5.59 30.00
C PHE F 773 -1.10 -5.60 31.50
N ALA F 774 -1.45 -6.68 32.22
CA ALA F 774 -1.33 -6.68 33.67
C ALA F 774 0.13 -6.65 34.13
N GLN F 775 0.91 -7.69 33.83
CA GLN F 775 2.34 -7.52 34.12
C GLN F 775 3.09 -6.76 33.02
N THR F 776 2.41 -5.98 32.18
CA THR F 776 3.05 -4.77 31.65
C THR F 776 3.32 -3.78 32.76
N LEU F 777 2.34 -3.57 33.65
CA LEU F 777 2.49 -2.63 34.76
C LEU F 777 2.91 -3.29 36.06
N GLN F 778 3.04 -4.62 36.12
CA GLN F 778 3.53 -5.23 37.36
C GLN F 778 5.04 -4.99 37.53
N GLN F 779 5.84 -5.54 36.62
CA GLN F 779 7.29 -5.41 36.64
C GLN F 779 7.91 -5.64 38.02
N SER F 780 7.84 -6.87 38.51
CA SER F 780 8.42 -7.21 39.81
C SER F 780 9.79 -7.87 39.65
N ARG F 781 10.54 -7.43 38.64
CA ARG F 781 11.85 -8.01 38.35
C ARG F 781 12.94 -7.05 38.82
N GLY F 782 14.18 -7.54 38.78
CA GLY F 782 15.32 -6.75 39.15
C GLY F 782 15.56 -6.68 40.64
N PHE F 783 14.73 -5.90 41.34
CA PHE F 783 14.87 -5.73 42.79
C PHE F 783 14.03 -6.75 43.56
N GLY F 784 14.18 -8.04 43.25
CA GLY F 784 13.40 -9.04 43.95
C GLY F 784 14.06 -9.53 45.23
N SER F 785 15.39 -9.50 45.28
CA SER F 785 16.15 -9.93 46.45
C SER F 785 17.06 -8.79 46.88
N PHE F 786 16.72 -8.14 47.98
CA PHE F 786 17.52 -7.06 48.53
C PHE F 786 17.85 -7.36 49.98
N ARG F 787 19.10 -7.11 50.36
CA ARG F 787 19.56 -7.27 51.73
C ARG F 787 20.18 -5.96 52.20
N PHE F 788 19.68 -5.44 53.33
CA PHE F 788 20.25 -4.23 53.89
C PHE F 788 21.57 -4.54 54.60
N PRO F 789 22.51 -3.59 54.65
CA PRO F 789 23.81 -3.86 55.29
C PRO F 789 23.68 -4.12 56.78
N SER F 790 23.03 -3.22 57.49
CA SER F 790 22.89 -3.35 58.94
C SER F 790 21.73 -2.50 59.45
N ASN G 36 -7.55 -95.89 -2.59
CA ASN G 36 -6.29 -95.16 -2.75
C ASN G 36 -5.48 -95.18 -1.46
N ARG G 37 -5.87 -96.05 -0.53
CA ARG G 37 -5.22 -96.21 0.76
C ARG G 37 -5.11 -94.87 1.49
N PRO G 38 -6.22 -94.33 1.98
CA PRO G 38 -6.17 -93.01 2.64
C PRO G 38 -5.44 -93.05 3.97
N ASN G 39 -4.13 -93.26 3.92
CA ASN G 39 -3.30 -93.27 5.13
C ASN G 39 -2.05 -92.41 5.03
N ARG G 40 -1.59 -92.06 3.84
CA ARG G 40 -0.40 -91.25 3.66
C ARG G 40 -0.78 -89.79 3.53
N LEU G 41 0.00 -88.91 4.16
CA LEU G 41 -0.22 -87.48 4.11
C LEU G 41 1.08 -86.77 3.76
N ILE G 42 0.94 -85.57 3.21
CA ILE G 42 2.11 -84.78 2.84
C ILE G 42 2.81 -84.27 4.10
N VAL G 43 4.05 -83.82 3.92
CA VAL G 43 4.90 -83.36 5.02
C VAL G 43 5.12 -81.86 4.87
N ASP G 44 5.13 -81.16 6.00
CA ASP G 44 5.45 -79.73 6.01
C ASP G 44 6.34 -79.39 7.21
N GLU G 45 6.51 -78.09 7.46
CA GLU G 45 7.32 -77.62 8.57
C GLU G 45 6.45 -77.41 9.80
N ALA G 46 7.05 -77.65 10.97
CA ALA G 46 6.36 -77.51 12.24
C ALA G 46 6.76 -76.20 12.90
N ILE G 47 5.77 -75.44 13.37
CA ILE G 47 6.02 -74.16 14.03
C ILE G 47 6.43 -74.33 15.48
N ASN G 48 6.24 -75.51 16.06
CA ASN G 48 6.62 -75.75 17.44
C ASN G 48 8.14 -75.78 17.56
N GLU G 49 8.65 -75.26 18.68
CA GLU G 49 10.07 -75.19 18.93
C GLU G 49 10.59 -76.39 19.72
N ASP G 50 9.74 -77.38 20.00
CA ASP G 50 10.15 -78.56 20.75
C ASP G 50 11.05 -79.44 19.89
N ASN G 51 11.77 -80.34 20.55
CA ASN G 51 12.74 -81.19 19.86
C ASN G 51 12.06 -82.37 19.19
N SER G 52 11.41 -83.23 19.98
CA SER G 52 10.73 -84.42 19.43
C SER G 52 9.26 -84.35 19.81
N VAL G 53 8.49 -83.64 18.98
CA VAL G 53 7.05 -83.49 19.15
C VAL G 53 6.41 -83.53 17.77
N VAL G 54 5.41 -84.39 17.60
CA VAL G 54 4.66 -84.51 16.36
C VAL G 54 3.23 -84.07 16.63
N SER G 55 2.77 -83.05 15.91
CA SER G 55 1.44 -82.50 16.10
C SER G 55 0.55 -82.90 14.93
N LEU G 56 -0.70 -83.27 15.26
CA LEU G 56 -1.66 -83.69 14.26
C LEU G 56 -2.95 -82.91 14.49
N SER G 57 -3.99 -83.27 13.74
CA SER G 57 -5.30 -82.65 13.87
C SER G 57 -6.21 -83.53 14.71
N GLN G 58 -7.38 -82.99 15.06
CA GLN G 58 -8.33 -83.68 15.93
C GLN G 58 -8.79 -85.02 15.36
N PRO G 59 -9.19 -85.11 14.08
CA PRO G 59 -9.63 -86.42 13.56
C PRO G 59 -8.47 -87.30 13.08
N LYS G 60 -7.42 -87.38 13.90
CA LYS G 60 -6.28 -88.21 13.52
C LYS G 60 -6.04 -89.34 14.53
N MET G 61 -5.95 -89.01 15.82
CA MET G 61 -5.75 -90.05 16.82
C MET G 61 -7.03 -90.80 17.14
N ASP G 62 -8.19 -90.25 16.78
CA ASP G 62 -9.46 -90.93 16.99
C ASP G 62 -9.66 -92.12 16.04
N GLU G 63 -8.90 -92.19 14.95
CA GLU G 63 -8.98 -93.31 14.03
C GLU G 63 -7.99 -94.41 14.37
N LEU G 64 -6.81 -94.04 14.87
CA LEU G 64 -5.76 -94.98 15.21
C LEU G 64 -5.72 -95.29 16.70
N GLN G 65 -6.75 -94.86 17.45
CA GLN G 65 -6.91 -95.08 18.89
C GLN G 65 -5.59 -94.97 19.65
N LEU G 66 -4.85 -93.89 19.43
CA LEU G 66 -3.58 -93.65 20.13
C LEU G 66 -3.75 -92.48 21.08
N PHE G 67 -3.11 -92.57 22.24
CA PHE G 67 -3.19 -91.54 23.26
C PHE G 67 -2.10 -90.49 23.02
N ARG G 68 -1.96 -89.56 23.97
CA ARG G 68 -0.99 -88.48 23.84
C ARG G 68 0.42 -88.89 24.25
N GLY G 69 0.60 -90.08 24.81
CA GLY G 69 1.91 -90.53 25.22
C GLY G 69 2.23 -91.95 24.78
N ASP G 70 1.72 -92.35 23.62
CA ASP G 70 1.90 -93.69 23.10
C ASP G 70 3.17 -93.75 22.26
N THR G 71 3.44 -94.93 21.70
CA THR G 71 4.61 -95.17 20.87
C THR G 71 4.18 -95.22 19.41
N VAL G 72 4.85 -94.43 18.57
CA VAL G 72 4.54 -94.36 17.16
C VAL G 72 5.75 -94.81 16.36
N LEU G 73 5.49 -95.57 15.30
CA LEU G 73 6.54 -96.07 14.43
C LEU G 73 6.33 -95.54 13.02
N LEU G 74 7.36 -94.92 12.45
CA LEU G 74 7.31 -94.33 11.12
C LEU G 74 8.38 -94.96 10.25
N LYS G 75 8.05 -95.15 8.98
CA LYS G 75 8.97 -95.73 8.01
C LYS G 75 9.26 -94.72 6.90
N GLY G 76 10.06 -95.15 5.93
CA GLY G 76 10.39 -94.33 4.79
C GLY G 76 11.22 -95.07 3.76
N LYS G 77 12.13 -94.37 3.11
CA LYS G 77 13.01 -94.98 2.12
C LYS G 77 14.19 -95.65 2.82
N LYS G 78 15.03 -96.32 2.02
CA LYS G 78 16.24 -97.00 2.51
C LYS G 78 15.94 -98.12 3.48
N ARG G 79 14.68 -98.56 3.55
CA ARG G 79 14.25 -99.65 4.43
C ARG G 79 14.63 -99.37 5.88
N ARG G 80 14.26 -98.18 6.35
CA ARG G 80 14.55 -97.75 7.71
C ARG G 80 13.25 -97.36 8.40
N GLU G 81 13.25 -97.48 9.72
CA GLU G 81 12.12 -97.16 10.56
C GLU G 81 12.46 -95.97 11.46
N ALA G 82 11.47 -95.52 12.22
CA ALA G 82 11.65 -94.41 13.15
C ALA G 82 10.65 -94.56 14.29
N VAL G 83 10.94 -93.88 15.39
CA VAL G 83 10.06 -93.91 16.56
C VAL G 83 10.12 -92.55 17.23
N CYS G 84 8.96 -92.02 17.61
CA CYS G 84 8.86 -90.70 18.22
C CYS G 84 7.68 -90.70 19.18
N ILE G 85 7.25 -89.51 19.58
CA ILE G 85 6.12 -89.33 20.49
C ILE G 85 5.11 -88.41 19.81
N VAL G 86 3.86 -88.85 19.74
CA VAL G 86 2.78 -88.07 19.15
C VAL G 86 2.18 -87.17 20.21
N LEU G 87 2.09 -85.88 19.92
CA LEU G 87 1.47 -84.90 20.80
C LEU G 87 0.18 -84.39 20.18
N SER G 88 -0.86 -84.27 21.00
CA SER G 88 -2.16 -83.83 20.53
C SER G 88 -2.25 -82.31 20.53
N ASP G 89 -2.78 -81.77 19.45
CA ASP G 89 -2.95 -80.32 19.33
C ASP G 89 -4.16 -80.05 18.43
N ASP G 90 -4.95 -79.05 18.82
CA ASP G 90 -6.14 -78.66 18.06
C ASP G 90 -6.09 -77.20 17.61
N THR G 91 -4.92 -76.58 17.68
CA THR G 91 -4.76 -75.19 17.27
C THR G 91 -3.85 -75.01 16.06
N CYS G 92 -3.06 -76.03 15.70
CA CYS G 92 -2.15 -75.94 14.57
C CYS G 92 -2.90 -75.73 13.25
N SER G 93 -3.72 -76.71 12.87
CA SER G 93 -4.45 -76.63 11.62
C SER G 93 -5.77 -77.38 11.69
N ASP G 94 -6.40 -77.62 10.54
CA ASP G 94 -7.65 -78.35 10.45
C ASP G 94 -7.46 -79.84 10.22
N GLU G 95 -6.67 -80.23 9.23
CA GLU G 95 -6.34 -81.64 9.01
C GLU G 95 -4.93 -81.69 8.41
N LYS G 96 -3.93 -81.85 9.27
CA LYS G 96 -2.55 -81.85 8.84
C LYS G 96 -1.68 -82.44 9.94
N ILE G 97 -0.56 -83.04 9.55
CA ILE G 97 0.40 -83.62 10.48
C ILE G 97 1.70 -82.82 10.41
N ARG G 98 2.19 -82.41 11.57
CA ARG G 98 3.45 -81.70 11.70
C ARG G 98 4.59 -82.70 11.78
N MET G 99 5.82 -82.22 11.58
CA MET G 99 6.95 -83.13 11.47
C MET G 99 8.22 -82.31 11.62
N ASN G 100 9.15 -82.77 12.45
CA ASN G 100 10.27 -81.95 12.89
C ASN G 100 11.48 -82.11 11.96
N ARG G 101 12.46 -81.21 12.13
CA ARG G 101 13.67 -81.21 11.32
C ARG G 101 14.72 -82.20 11.81
N VAL G 102 14.85 -82.38 13.12
CA VAL G 102 15.86 -83.30 13.65
C VAL G 102 15.63 -84.73 13.23
N VAL G 103 14.41 -85.07 12.81
CA VAL G 103 14.09 -86.41 12.36
C VAL G 103 13.80 -86.49 10.87
N ARG G 104 13.56 -85.36 10.20
CA ARG G 104 13.47 -85.37 8.74
C ARG G 104 14.77 -85.84 8.11
N ASN G 105 15.90 -85.32 8.57
CA ASN G 105 17.19 -85.77 8.07
C ASN G 105 17.54 -87.16 8.62
N ASN G 106 17.00 -87.53 9.77
CA ASN G 106 17.30 -88.83 10.35
C ASN G 106 16.64 -89.96 9.58
N LEU G 107 15.37 -89.79 9.21
CA LEU G 107 14.64 -90.81 8.45
C LEU G 107 14.86 -90.65 6.95
N ARG G 108 15.60 -89.61 6.53
CA ARG G 108 15.87 -89.30 5.13
C ARG G 108 14.56 -89.01 4.39
N VAL G 109 13.87 -87.97 4.87
CA VAL G 109 12.62 -87.51 4.29
C VAL G 109 12.79 -86.07 3.84
N ARG G 110 12.22 -85.75 2.69
CA ARG G 110 12.24 -84.39 2.19
C ARG G 110 10.79 -83.93 2.00
N LEU G 111 10.62 -82.64 1.71
CA LEU G 111 9.29 -82.06 1.61
C LEU G 111 8.53 -82.63 0.42
N GLY G 112 7.21 -82.53 0.48
CA GLY G 112 6.37 -83.03 -0.59
C GLY G 112 6.37 -84.54 -0.74
N ASP G 113 6.62 -85.26 0.34
CA ASP G 113 6.63 -86.72 0.34
C ASP G 113 5.48 -87.26 1.17
N VAL G 114 5.18 -88.53 0.97
CA VAL G 114 4.11 -89.21 1.69
C VAL G 114 4.70 -89.95 2.88
N ILE G 115 3.95 -89.99 3.97
CA ILE G 115 4.37 -90.68 5.18
C ILE G 115 3.17 -91.44 5.75
N SER G 116 3.41 -92.70 6.14
CA SER G 116 2.38 -93.56 6.70
C SER G 116 2.59 -93.67 8.20
N ILE G 117 1.51 -93.50 8.97
CA ILE G 117 1.55 -93.53 10.41
C ILE G 117 0.61 -94.60 10.93
N GLN G 118 1.06 -95.33 11.95
CA GLN G 118 0.25 -96.37 12.58
C GLN G 118 0.70 -96.51 14.02
N PRO G 119 -0.21 -96.84 14.94
CA PRO G 119 0.19 -97.05 16.34
C PRO G 119 1.01 -98.32 16.49
N CYS G 120 1.84 -98.33 17.52
CA CYS G 120 2.68 -99.48 17.83
C CYS G 120 2.77 -99.63 19.34
N PRO G 121 1.79 -100.28 19.96
CA PRO G 121 1.79 -100.47 21.42
C PRO G 121 2.73 -101.58 21.87
N ASP G 122 4.04 -101.28 21.82
CA ASP G 122 5.07 -102.21 22.22
C ASP G 122 5.79 -101.68 23.45
N VAL G 123 5.91 -102.52 24.47
CA VAL G 123 6.60 -102.14 25.70
C VAL G 123 8.10 -102.25 25.47
N LYS G 124 8.82 -101.16 25.73
CA LYS G 124 10.26 -101.10 25.53
C LYS G 124 10.94 -100.68 26.83
N TYR G 125 12.19 -101.13 26.98
CA TYR G 125 12.96 -100.80 28.18
C TYR G 125 14.44 -100.92 27.85
N GLY G 126 15.14 -99.78 27.84
CA GLY G 126 16.57 -99.81 27.59
C GLY G 126 17.35 -100.30 28.79
N LYS G 127 18.40 -101.08 28.50
CA LYS G 127 19.27 -101.62 29.54
C LYS G 127 20.68 -101.07 29.43
N ARG G 128 21.33 -101.19 28.27
CA ARG G 128 22.68 -100.70 28.06
C ARG G 128 22.72 -99.88 26.79
N ILE G 129 23.40 -98.74 26.84
CA ILE G 129 23.55 -97.85 25.69
C ILE G 129 25.02 -97.51 25.53
N HIS G 130 25.38 -97.14 24.31
CA HIS G 130 26.77 -96.77 24.00
C HIS G 130 26.73 -95.81 22.82
N VAL G 131 26.87 -94.51 23.10
CA VAL G 131 26.87 -93.48 22.07
C VAL G 131 28.22 -92.78 22.08
N LEU G 132 28.59 -92.26 20.90
CA LEU G 132 29.86 -91.57 20.74
C LEU G 132 29.70 -90.52 19.66
N PRO G 133 30.37 -89.39 19.78
CA PRO G 133 30.22 -88.32 18.78
C PRO G 133 31.12 -88.56 17.57
N ILE G 134 30.88 -87.77 16.54
CA ILE G 134 31.69 -87.79 15.32
C ILE G 134 32.82 -86.78 15.49
N ASP G 135 34.00 -87.14 14.97
CA ASP G 135 35.17 -86.28 15.10
C ASP G 135 35.12 -85.12 14.12
N ASP G 136 34.06 -84.31 14.20
CA ASP G 136 33.92 -83.15 13.34
C ASP G 136 33.45 -81.93 14.14
N THR G 137 32.96 -82.18 15.36
CA THR G 137 32.43 -81.11 16.21
C THR G 137 32.86 -81.27 17.66
N VAL G 138 33.95 -81.97 17.91
CA VAL G 138 34.43 -82.19 19.28
C VAL G 138 35.81 -81.57 19.44
N GLU G 139 36.08 -80.50 18.70
CA GLU G 139 37.37 -79.82 18.78
C GLU G 139 37.43 -78.98 20.04
N GLY G 140 38.45 -79.22 20.85
CA GLY G 140 38.64 -78.48 22.08
C GLY G 140 37.89 -79.01 23.29
N ILE G 141 37.38 -80.23 23.23
CA ILE G 141 36.62 -80.84 24.31
C ILE G 141 37.43 -82.00 24.86
N THR G 142 37.68 -81.99 26.16
CA THR G 142 38.44 -83.02 26.85
C THR G 142 37.71 -83.47 28.10
N GLY G 143 38.13 -84.61 28.63
CA GLY G 143 37.55 -85.15 29.83
C GLY G 143 36.23 -85.87 29.58
N ASN G 144 35.58 -86.25 30.68
CA ASN G 144 34.30 -86.95 30.61
C ASN G 144 33.21 -86.02 30.10
N LEU G 145 32.32 -86.57 29.26
CA LEU G 145 31.23 -85.80 28.70
C LEU G 145 29.92 -86.57 28.67
N PHE G 146 29.80 -87.68 29.38
CA PHE G 146 28.59 -88.48 29.38
C PHE G 146 27.75 -88.34 30.65
N GLU G 147 28.39 -88.17 31.81
CA GLU G 147 27.68 -88.05 33.07
C GLU G 147 27.39 -86.61 33.45
N VAL G 148 27.73 -85.66 32.58
CA VAL G 148 27.53 -84.24 32.87
C VAL G 148 26.56 -83.56 31.92
N TYR G 149 26.43 -83.98 30.66
CA TYR G 149 25.41 -83.45 29.76
C TYR G 149 24.30 -84.44 29.45
N LEU G 150 24.65 -85.66 29.03
CA LEU G 150 23.64 -86.62 28.60
C LEU G 150 22.71 -87.03 29.74
N LYS G 151 23.25 -87.31 30.93
CA LYS G 151 22.38 -87.73 32.03
C LYS G 151 21.38 -86.66 32.43
N PRO G 152 21.75 -85.38 32.58
CA PRO G 152 20.75 -84.36 32.97
C PRO G 152 19.60 -84.19 31.99
N TYR G 153 19.87 -84.22 30.68
CA TYR G 153 18.82 -83.96 29.70
C TYR G 153 17.95 -85.16 29.38
N PHE G 154 18.41 -86.39 29.68
CA PHE G 154 17.59 -87.56 29.38
C PHE G 154 16.42 -87.73 30.35
N LEU G 155 16.60 -87.37 31.62
CA LEU G 155 15.57 -87.60 32.62
C LEU G 155 14.34 -86.73 32.36
N GLU G 156 13.18 -87.27 32.74
CA GLU G 156 11.89 -86.59 32.60
C GLU G 156 11.57 -86.27 31.14
N ALA G 157 12.12 -87.09 30.23
CA ALA G 157 11.85 -86.91 28.80
C ALA G 157 11.31 -88.19 28.18
N TYR G 158 11.88 -89.33 28.56
CA TYR G 158 11.49 -90.64 28.04
C TYR G 158 11.50 -90.66 26.52
N ARG G 159 12.52 -90.02 25.94
CA ARG G 159 12.54 -89.99 24.48
C ARG G 159 13.01 -91.33 23.91
N PRO G 160 12.33 -91.84 22.89
CA PRO G 160 12.74 -93.11 22.28
C PRO G 160 13.90 -92.90 21.32
N ILE G 161 14.55 -94.01 20.97
CA ILE G 161 15.67 -93.99 20.04
C ILE G 161 15.70 -95.33 19.32
N ARG G 162 15.92 -95.30 18.02
CA ARG G 162 16.01 -96.49 17.20
C ARG G 162 17.45 -96.69 16.76
N LYS G 163 17.73 -97.87 16.21
CA LYS G 163 19.09 -98.21 15.82
C LYS G 163 19.47 -97.48 14.54
N GLY G 164 20.67 -96.90 14.54
CA GLY G 164 21.18 -96.20 13.38
C GLY G 164 20.52 -94.84 13.16
N ASP G 165 20.56 -93.98 14.18
CA ASP G 165 19.97 -92.67 14.11
C ASP G 165 20.94 -91.64 14.67
N ILE G 166 20.99 -90.47 14.04
CA ILE G 166 21.87 -89.39 14.48
C ILE G 166 21.02 -88.27 15.10
N PHE G 167 20.82 -88.32 16.41
CA PHE G 167 20.08 -87.28 17.10
C PHE G 167 20.96 -86.06 17.32
N LEU G 168 20.31 -84.90 17.42
CA LEU G 168 20.99 -83.63 17.63
C LEU G 168 20.45 -82.99 18.91
N VAL G 169 21.37 -82.48 19.74
CA VAL G 169 21.02 -81.87 21.00
C VAL G 169 21.65 -80.48 21.09
N ARG G 170 20.86 -79.51 21.50
CA ARG G 170 21.31 -78.14 21.69
C ARG G 170 21.57 -77.87 23.16
N GLY G 171 22.64 -77.14 23.43
CA GLY G 171 23.04 -76.80 24.78
C GLY G 171 24.53 -76.98 24.96
N GLY G 172 25.02 -76.55 26.12
CA GLY G 172 26.43 -76.66 26.40
C GLY G 172 27.30 -75.69 25.63
N MET G 173 26.74 -74.55 25.20
CA MET G 173 27.48 -73.53 24.47
C MET G 173 28.05 -74.08 23.17
N ARG G 174 27.36 -75.04 22.56
CA ARG G 174 27.81 -75.63 21.31
C ARG G 174 26.68 -76.49 20.75
N ALA G 175 26.91 -77.01 19.55
CA ALA G 175 25.97 -77.89 18.87
C ALA G 175 26.71 -79.18 18.53
N VAL G 176 26.45 -80.23 19.30
CA VAL G 176 27.13 -81.51 19.13
C VAL G 176 26.08 -82.60 18.99
N GLU G 177 26.51 -83.73 18.42
CA GLU G 177 25.63 -84.87 18.18
C GLU G 177 26.38 -86.14 18.54
N PHE G 178 25.63 -87.24 18.61
CA PHE G 178 26.19 -88.54 18.93
C PHE G 178 25.56 -89.60 18.04
N LYS G 179 26.27 -90.70 17.85
CA LYS G 179 25.81 -91.78 16.99
C LYS G 179 26.08 -93.11 17.69
N VAL G 180 25.10 -94.01 17.66
CA VAL G 180 25.22 -95.32 18.28
C VAL G 180 25.70 -96.32 17.23
N VAL G 181 26.56 -97.24 17.66
CA VAL G 181 27.13 -98.23 16.76
C VAL G 181 26.87 -99.64 17.26
N GLU G 182 26.69 -99.79 18.58
CA GLU G 182 26.49 -101.11 19.17
C GLU G 182 25.81 -100.96 20.52
N THR G 183 24.61 -101.51 20.63
CA THR G 183 23.88 -101.51 21.91
C THR G 183 22.98 -102.74 21.94
N ASP G 184 21.99 -102.72 22.83
CA ASP G 184 21.04 -103.82 22.91
C ASP G 184 20.25 -103.93 21.60
N PRO G 185 19.84 -105.15 21.24
CA PRO G 185 19.17 -105.34 19.94
C PRO G 185 17.90 -104.50 19.83
N SER G 186 17.67 -103.97 18.63
CA SER G 186 16.51 -103.11 18.40
C SER G 186 15.22 -103.90 18.53
N PRO G 187 14.16 -103.31 19.10
CA PRO G 187 14.18 -101.97 19.69
C PRO G 187 14.53 -102.00 21.18
N TYR G 188 13.51 -101.93 22.03
CA TYR G 188 13.67 -102.01 23.48
C TYR G 188 14.66 -100.96 24.00
N CYS G 189 14.59 -99.76 23.44
CA CYS G 189 15.47 -98.66 23.80
C CYS G 189 14.64 -97.57 24.47
N ILE G 190 14.71 -97.50 25.80
CA ILE G 190 14.02 -96.48 26.57
C ILE G 190 15.02 -95.88 27.56
N VAL G 191 15.14 -94.57 27.56
CA VAL G 191 16.09 -93.91 28.46
C VAL G 191 15.59 -94.00 29.89
N ALA G 192 16.50 -94.28 30.81
CA ALA G 192 16.18 -94.39 32.23
C ALA G 192 17.44 -94.11 33.03
N PRO G 193 17.32 -93.48 34.20
CA PRO G 193 18.52 -93.21 35.01
C PRO G 193 19.26 -94.46 35.45
N ASP G 194 18.57 -95.61 35.52
CA ASP G 194 19.22 -96.86 35.91
C ASP G 194 20.10 -97.43 34.81
N THR G 195 19.92 -96.98 33.57
CA THR G 195 20.73 -97.47 32.45
C THR G 195 22.18 -97.02 32.60
N VAL G 196 23.09 -97.86 32.14
CA VAL G 196 24.51 -97.57 32.20
C VAL G 196 25.00 -97.23 30.80
N ILE G 197 26.17 -96.58 30.73
CA ILE G 197 26.77 -96.19 29.47
C ILE G 197 28.26 -96.49 29.53
N HIS G 198 28.90 -96.56 28.36
CA HIS G 198 30.32 -96.83 28.28
C HIS G 198 30.86 -96.24 26.99
N CYS G 199 32.18 -96.10 26.93
CA CYS G 199 32.86 -95.55 25.77
C CYS G 199 34.13 -96.35 25.48
N GLU G 200 34.58 -96.26 24.24
CA GLU G 200 35.80 -96.93 23.80
C GLU G 200 36.97 -95.96 23.65
N GLY G 201 36.72 -94.78 23.11
CA GLY G 201 37.76 -93.78 22.95
C GLY G 201 38.24 -93.56 21.52
N GLU G 202 37.45 -93.90 20.51
CA GLU G 202 37.83 -93.73 19.11
C GLU G 202 36.61 -93.31 18.32
N PRO G 203 36.46 -92.02 18.05
CA PRO G 203 35.31 -91.57 17.26
C PRO G 203 35.39 -92.05 15.82
N ILE G 204 34.21 -92.26 15.23
CA ILE G 204 34.10 -92.73 13.85
C ILE G 204 33.61 -91.58 12.98
N LYS G 205 34.30 -91.34 11.86
CA LYS G 205 33.93 -90.25 10.98
C LYS G 205 32.60 -90.53 10.30
N ARG G 206 31.89 -89.46 9.96
CA ARG G 206 30.61 -89.56 9.29
C ARG G 206 30.80 -89.90 7.81
N GLU G 207 29.72 -90.33 7.17
CA GLU G 207 29.72 -90.67 5.76
C GLU G 207 28.88 -89.66 4.99
N ASP G 208 28.78 -89.87 3.68
CA ASP G 208 28.03 -88.97 2.80
C ASP G 208 26.55 -89.30 2.74
N GLU G 209 26.12 -90.41 3.34
CA GLU G 209 24.70 -90.76 3.33
C GLU G 209 23.86 -89.77 4.15
N GLU G 210 24.39 -89.30 5.26
CA GLU G 210 23.68 -88.37 6.14
C GLU G 210 24.11 -86.94 5.84
N GLU G 211 23.30 -86.00 6.31
CA GLU G 211 23.55 -84.57 6.16
C GLU G 211 23.67 -83.92 7.53
N SER G 212 24.63 -83.01 7.66
CA SER G 212 24.83 -82.32 8.94
C SER G 212 23.65 -81.40 9.23
N LEU G 213 23.16 -81.44 10.47
CA LEU G 213 22.06 -80.59 10.89
C LEU G 213 22.53 -79.21 11.35
N ASN G 214 23.84 -78.97 11.36
CA ASN G 214 24.37 -77.66 11.74
C ASN G 214 24.12 -76.59 10.67
N GLU G 215 23.66 -76.98 9.49
CA GLU G 215 23.41 -76.03 8.41
C GLU G 215 22.07 -75.33 8.63
N VAL G 216 21.69 -74.51 7.65
CA VAL G 216 20.51 -73.66 7.79
C VAL G 216 19.29 -74.33 7.16
N GLY G 217 18.17 -74.28 7.88
CA GLY G 217 16.90 -74.78 7.38
C GLY G 217 15.79 -73.76 7.56
N TYR G 218 14.55 -74.15 7.28
CA TYR G 218 13.43 -73.24 7.44
C TYR G 218 13.24 -72.80 8.88
N ASP G 219 13.55 -73.65 9.85
CA ASP G 219 13.38 -73.31 11.25
C ASP G 219 14.36 -72.24 11.73
N ASP G 220 15.38 -71.93 10.93
CA ASP G 220 16.39 -70.96 11.30
C ASP G 220 16.02 -69.54 10.92
N ILE G 221 14.89 -69.34 10.25
CA ILE G 221 14.46 -68.02 9.82
C ILE G 221 13.49 -67.49 10.88
N GLY G 222 13.76 -66.28 11.36
CA GLY G 222 12.91 -65.67 12.37
C GLY G 222 12.43 -64.29 11.98
N GLY G 223 11.12 -64.10 11.98
CA GLY G 223 10.55 -62.81 11.67
C GLY G 223 9.89 -62.75 10.32
N CYS G 224 10.50 -63.40 9.32
CA CYS G 224 9.96 -63.43 7.97
C CYS G 224 9.00 -64.59 7.85
N ARG G 225 7.73 -64.34 8.17
CA ARG G 225 6.67 -65.33 8.04
C ARG G 225 5.85 -65.13 6.77
N LYS G 226 5.29 -63.95 6.59
CA LYS G 226 4.51 -63.66 5.39
C LYS G 226 5.36 -63.71 4.13
N GLN G 227 6.59 -63.17 4.18
CA GLN G 227 7.47 -63.18 3.02
C GLN G 227 8.00 -64.56 2.70
N LEU G 228 8.41 -65.33 3.71
CA LEU G 228 8.85 -66.69 3.46
C LEU G 228 7.73 -67.59 2.98
N ALA G 229 6.49 -67.29 3.36
CA ALA G 229 5.36 -68.09 2.90
C ALA G 229 5.18 -68.02 1.39
N GLN G 230 5.58 -66.91 0.77
CA GLN G 230 5.44 -66.78 -0.67
C GLN G 230 6.40 -67.67 -1.44
N ILE G 231 7.65 -67.79 -0.99
CA ILE G 231 8.62 -68.61 -1.71
C ILE G 231 8.22 -70.07 -1.74
N LYS G 232 7.46 -70.52 -0.74
CA LYS G 232 6.98 -71.89 -0.73
C LYS G 232 6.09 -72.20 -1.91
N GLU G 233 5.21 -71.28 -2.30
CA GLU G 233 4.31 -71.48 -3.43
C GLU G 233 4.91 -71.03 -4.76
N MET G 234 6.21 -70.76 -4.80
CA MET G 234 6.88 -70.47 -6.07
C MET G 234 8.08 -71.37 -6.37
N VAL G 235 8.74 -71.96 -5.38
CA VAL G 235 9.90 -72.80 -5.65
C VAL G 235 9.68 -74.27 -5.30
N GLU G 236 8.60 -74.63 -4.62
CA GLU G 236 8.34 -76.02 -4.30
C GLU G 236 7.70 -76.80 -5.44
N LEU G 237 7.07 -76.14 -6.39
CA LEU G 237 6.48 -76.86 -7.50
C LEU G 237 7.54 -77.31 -8.52
N PRO G 238 8.43 -76.43 -9.00
CA PRO G 238 9.40 -76.89 -10.01
C PRO G 238 10.52 -77.75 -9.45
N LEU G 239 10.89 -77.59 -8.19
CA LEU G 239 12.03 -78.33 -7.65
C LEU G 239 11.64 -79.68 -7.04
N ARG G 240 10.40 -79.82 -6.57
CA ARG G 240 9.99 -81.09 -5.98
C ARG G 240 9.35 -82.02 -6.98
N HIS G 241 8.78 -81.48 -8.07
CA HIS G 241 8.07 -82.27 -9.07
C HIS G 241 8.60 -81.90 -10.45
N PRO G 242 9.77 -82.42 -10.84
CA PRO G 242 10.32 -82.05 -12.15
C PRO G 242 9.60 -82.66 -13.34
N ALA G 243 9.23 -83.94 -13.25
CA ALA G 243 8.54 -84.59 -14.36
C ALA G 243 7.20 -83.93 -14.68
N LEU G 244 6.54 -83.36 -13.68
CA LEU G 244 5.27 -82.69 -13.93
C LEU G 244 5.49 -81.41 -14.73
N PHE G 245 6.61 -80.72 -14.51
CA PHE G 245 6.91 -79.53 -15.29
C PHE G 245 7.41 -79.86 -16.69
N LYS G 246 8.20 -80.92 -16.85
CA LYS G 246 8.48 -81.43 -18.20
C LYS G 246 7.33 -82.24 -18.78
N ALA G 247 6.15 -82.19 -18.18
CA ALA G 247 4.94 -82.73 -18.78
C ALA G 247 3.94 -81.65 -19.16
N ILE G 248 3.75 -80.65 -18.31
CA ILE G 248 2.80 -79.57 -18.58
C ILE G 248 3.51 -78.44 -19.31
N GLY G 249 2.72 -77.54 -19.91
CA GLY G 249 3.23 -76.38 -20.60
C GLY G 249 3.36 -75.12 -19.77
N VAL G 250 3.21 -75.21 -18.45
CA VAL G 250 3.32 -74.04 -17.59
C VAL G 250 4.78 -73.63 -17.49
N LYS G 251 5.04 -72.33 -17.60
CA LYS G 251 6.40 -71.81 -17.47
C LYS G 251 6.63 -71.39 -16.03
N PRO G 252 7.57 -72.00 -15.32
CA PRO G 252 7.86 -71.58 -13.94
C PRO G 252 8.59 -70.24 -13.93
N PRO G 253 8.57 -69.54 -12.80
CA PRO G 253 9.36 -68.30 -12.71
C PRO G 253 10.83 -68.57 -12.92
N ARG G 254 11.49 -67.66 -13.63
CA ARG G 254 12.90 -67.81 -13.98
C ARG G 254 13.80 -66.88 -13.16
N GLY G 255 13.25 -66.27 -12.11
CA GLY G 255 14.05 -65.37 -11.30
C GLY G 255 13.24 -64.68 -10.21
N ILE G 256 13.81 -64.63 -9.01
CA ILE G 256 13.16 -64.04 -7.84
C ILE G 256 14.13 -63.03 -7.25
N LEU G 257 13.67 -61.82 -7.00
CA LEU G 257 14.50 -60.78 -6.44
C LEU G 257 14.07 -60.48 -5.02
N LEU G 258 14.98 -60.70 -4.06
CA LEU G 258 14.75 -60.43 -2.66
C LEU G 258 15.21 -59.01 -2.33
N TYR G 259 14.62 -58.43 -1.30
CA TYR G 259 14.91 -57.03 -1.01
C TYR G 259 15.25 -56.80 0.46
N GLY G 260 15.33 -55.54 0.86
CA GLY G 260 15.58 -55.20 2.24
C GLY G 260 17.02 -54.76 2.47
N PRO G 261 17.25 -54.08 3.59
CA PRO G 261 18.61 -53.65 3.91
C PRO G 261 19.50 -54.83 4.23
N PRO G 262 20.82 -54.65 4.19
CA PRO G 262 21.72 -55.78 4.47
C PRO G 262 21.51 -56.33 5.87
N GLY G 263 21.64 -57.65 6.00
CA GLY G 263 21.45 -58.33 7.26
C GLY G 263 20.03 -58.79 7.54
N THR G 264 19.08 -58.46 6.66
CA THR G 264 17.70 -58.90 6.89
C THR G 264 17.55 -60.40 6.72
N GLY G 265 18.47 -61.04 6.01
CA GLY G 265 18.43 -62.48 5.89
C GLY G 265 18.13 -62.99 4.49
N LYS G 266 18.59 -62.25 3.48
CA LYS G 266 18.35 -62.64 2.10
C LYS G 266 19.20 -63.84 1.68
N THR G 267 20.21 -64.20 2.45
CA THR G 267 21.13 -65.26 2.03
C THR G 267 20.76 -66.62 2.63
N LEU G 268 20.52 -66.69 3.94
CA LEU G 268 20.17 -67.97 4.52
C LEU G 268 18.79 -68.44 4.09
N ILE G 269 17.92 -67.54 3.65
CA ILE G 269 16.64 -67.96 3.07
C ILE G 269 16.89 -68.78 1.81
N ALA G 270 17.74 -68.26 0.90
CA ALA G 270 18.08 -68.98 -0.31
C ALA G 270 18.85 -70.26 -0.01
N ARG G 271 19.71 -70.25 1.00
CA ARG G 271 20.42 -71.47 1.35
C ARG G 271 19.51 -72.51 1.97
N ALA G 272 18.50 -72.09 2.75
CA ALA G 272 17.58 -73.04 3.36
C ALA G 272 16.62 -73.63 2.35
N VAL G 273 16.07 -72.82 1.44
CA VAL G 273 15.19 -73.35 0.40
C VAL G 273 15.92 -74.27 -0.56
N ALA G 274 17.25 -74.32 -0.49
CA ALA G 274 18.04 -75.27 -1.25
C ALA G 274 18.44 -76.49 -0.43
N ASN G 275 18.82 -76.28 0.84
CA ASN G 275 19.20 -77.40 1.70
C ASN G 275 18.04 -78.33 1.95
N GLU G 276 16.84 -77.78 2.19
CA GLU G 276 15.69 -78.62 2.48
C GLU G 276 14.94 -79.07 1.22
N THR G 277 15.38 -78.66 0.03
CA THR G 277 14.77 -79.13 -1.20
C THR G 277 15.70 -80.03 -2.02
N GLY G 278 16.94 -80.21 -1.59
CA GLY G 278 17.85 -81.08 -2.31
C GLY G 278 18.31 -80.55 -3.65
N ALA G 279 18.22 -79.24 -3.85
CA ALA G 279 18.65 -78.59 -5.08
C ALA G 279 20.09 -78.12 -4.94
N PHE G 280 20.85 -78.26 -6.02
CA PHE G 280 22.24 -77.85 -6.03
C PHE G 280 22.33 -76.34 -5.84
N PHE G 281 22.74 -75.91 -4.66
CA PHE G 281 22.88 -74.49 -4.34
C PHE G 281 24.25 -74.02 -4.78
N PHE G 282 24.28 -72.99 -5.61
CA PHE G 282 25.53 -72.40 -6.08
C PHE G 282 25.47 -70.91 -5.79
N LEU G 283 26.36 -70.44 -4.92
CA LEU G 283 26.38 -69.05 -4.48
C LEU G 283 27.45 -68.28 -5.22
N ILE G 284 27.06 -67.15 -5.81
CA ILE G 284 28.01 -66.16 -6.32
C ILE G 284 27.71 -64.83 -5.65
N ASN G 285 28.75 -64.24 -5.06
CA ASN G 285 28.56 -63.05 -4.24
C ASN G 285 28.23 -61.84 -5.10
N GLY G 286 29.12 -61.51 -6.03
CA GLY G 286 28.94 -60.34 -6.87
C GLY G 286 30.16 -59.44 -6.93
N PRO G 287 30.84 -59.24 -5.81
CA PRO G 287 32.14 -58.55 -5.88
C PRO G 287 33.26 -59.40 -6.45
N GLU G 288 33.18 -60.72 -6.37
CA GLU G 288 34.24 -61.55 -6.95
C GLU G 288 34.25 -61.45 -8.46
N ILE G 289 33.10 -61.16 -9.08
CA ILE G 289 33.06 -60.94 -10.52
C ILE G 289 33.93 -59.75 -10.91
N MET G 290 33.82 -58.65 -10.17
CA MET G 290 34.68 -57.49 -10.43
C MET G 290 36.07 -57.65 -9.84
N SER G 291 36.29 -58.64 -8.97
CA SER G 291 37.61 -58.82 -8.39
C SER G 291 38.62 -59.32 -9.41
N LYS G 292 38.19 -60.18 -10.33
CA LYS G 292 39.12 -60.82 -11.25
C LYS G 292 39.35 -59.93 -12.47
N LEU G 293 40.30 -60.34 -13.30
CA LEU G 293 40.69 -59.54 -14.47
C LEU G 293 39.56 -59.50 -15.49
N ALA G 294 39.57 -58.44 -16.30
CA ALA G 294 38.56 -58.25 -17.34
C ALA G 294 38.79 -59.25 -18.47
N GLY G 295 37.85 -60.17 -18.63
CA GLY G 295 37.93 -61.15 -19.69
C GLY G 295 37.60 -62.56 -19.22
N GLU G 296 37.97 -62.88 -17.99
CA GLU G 296 37.63 -64.17 -17.40
C GLU G 296 36.48 -64.06 -16.39
N SER G 297 36.16 -62.85 -15.95
CA SER G 297 35.00 -62.69 -15.07
C SER G 297 33.71 -63.09 -15.77
N GLU G 298 33.56 -62.67 -17.04
CA GLU G 298 32.39 -63.09 -17.81
C GLU G 298 32.37 -64.60 -17.99
N SER G 299 33.51 -65.20 -18.30
CA SER G 299 33.57 -66.66 -18.45
C SER G 299 33.23 -67.39 -17.16
N ASN G 300 33.60 -66.83 -16.01
CA ASN G 300 33.39 -67.55 -14.75
C ASN G 300 31.90 -67.61 -14.41
N LEU G 301 31.19 -66.47 -14.47
CA LEU G 301 29.76 -66.53 -14.21
C LEU G 301 28.99 -67.09 -15.39
N ARG G 302 29.64 -67.23 -16.56
CA ARG G 302 29.05 -68.03 -17.61
C ARG G 302 29.07 -69.51 -17.24
N LYS G 303 30.25 -70.05 -16.99
CA LYS G 303 30.37 -71.47 -16.65
C LYS G 303 29.62 -71.81 -15.37
N ALA G 304 29.39 -70.81 -14.50
CA ALA G 304 28.54 -71.01 -13.35
C ALA G 304 27.14 -71.48 -13.75
N PHE G 305 26.60 -70.97 -14.85
CA PHE G 305 25.28 -71.37 -15.29
C PHE G 305 25.23 -72.78 -15.87
N GLU G 306 26.19 -73.18 -16.71
CA GLU G 306 26.19 -74.55 -17.21
C GLU G 306 26.50 -75.56 -16.13
N GLU G 307 27.42 -75.28 -15.19
CA GLU G 307 27.66 -76.26 -14.15
C GLU G 307 26.44 -76.44 -13.27
N ALA G 308 25.62 -75.41 -13.12
CA ALA G 308 24.36 -75.53 -12.40
C ALA G 308 23.34 -76.34 -13.18
N GLU G 309 23.30 -76.21 -14.51
CA GLU G 309 22.30 -76.90 -15.30
C GLU G 309 22.42 -78.41 -15.19
N LYS G 310 23.65 -78.94 -15.27
CA LYS G 310 23.80 -80.39 -15.22
C LYS G 310 23.54 -80.94 -13.84
N ASN G 311 23.59 -80.09 -12.81
CA ASN G 311 23.17 -80.47 -11.46
C ASN G 311 21.70 -80.15 -11.22
N ALA G 312 20.85 -80.60 -12.14
CA ALA G 312 19.42 -80.33 -12.01
C ALA G 312 18.80 -81.28 -10.98
N PRO G 313 17.88 -80.78 -10.15
CA PRO G 313 17.45 -79.37 -10.10
C PRO G 313 18.47 -78.52 -9.36
N ALA G 314 18.59 -77.26 -9.75
CA ALA G 314 19.60 -76.37 -9.21
C ALA G 314 18.96 -75.06 -8.77
N ILE G 315 19.73 -74.26 -8.05
CA ILE G 315 19.27 -72.97 -7.54
C ILE G 315 20.48 -72.05 -7.46
N ILE G 316 20.38 -70.89 -8.10
CA ILE G 316 21.47 -69.92 -8.16
C ILE G 316 21.04 -68.67 -7.41
N PHE G 317 21.88 -68.22 -6.49
CA PHE G 317 21.61 -67.03 -5.70
C PHE G 317 22.75 -66.04 -5.90
N ILE G 318 22.40 -64.82 -6.26
CA ILE G 318 23.37 -63.74 -6.44
C ILE G 318 23.26 -62.82 -5.25
N ASP G 319 24.31 -62.78 -4.42
CA ASP G 319 24.23 -62.06 -3.15
C ASP G 319 24.24 -60.55 -3.38
N GLU G 320 25.27 -60.06 -4.06
CA GLU G 320 25.39 -58.64 -4.38
C GLU G 320 24.97 -58.44 -5.83
N LEU G 321 23.87 -57.74 -6.06
CA LEU G 321 23.39 -57.47 -7.40
C LEU G 321 23.45 -55.98 -7.71
N ASP G 322 23.24 -55.14 -6.70
CA ASP G 322 23.41 -53.71 -6.90
C ASP G 322 24.85 -53.35 -7.25
N ALA G 323 25.79 -54.21 -6.88
CA ALA G 323 27.19 -54.04 -7.25
C ALA G 323 27.50 -54.62 -8.63
N ILE G 324 26.51 -55.25 -9.27
CA ILE G 324 26.67 -55.80 -10.61
C ILE G 324 26.09 -54.87 -11.67
N ALA G 325 24.88 -54.35 -11.44
CA ALA G 325 24.18 -53.52 -12.40
C ALA G 325 23.66 -52.25 -11.74
N PRO G 326 24.54 -51.29 -11.43
CA PRO G 326 24.10 -49.96 -10.98
C PRO G 326 23.90 -48.99 -12.14
N LYS G 327 23.02 -49.36 -13.08
CA LYS G 327 22.90 -48.66 -14.36
C LYS G 327 21.95 -47.47 -14.15
N ARG G 328 22.37 -46.55 -13.29
CA ARG G 328 21.63 -45.32 -13.09
C ARG G 328 22.51 -44.08 -13.17
N GLU G 329 23.73 -44.17 -12.64
CA GLU G 329 24.60 -43.00 -12.61
C GLU G 329 26.04 -43.37 -12.91
N LYS G 330 26.33 -44.66 -13.12
CA LYS G 330 27.71 -45.06 -13.34
C LYS G 330 28.14 -44.68 -14.75
N THR G 331 27.51 -45.27 -15.76
CA THR G 331 27.78 -44.97 -17.17
C THR G 331 29.29 -44.93 -17.46
N HIS G 332 30.04 -45.75 -16.74
CA HIS G 332 31.49 -45.71 -16.78
C HIS G 332 32.03 -47.13 -16.70
N GLY G 333 32.94 -47.46 -17.60
CA GLY G 333 33.51 -48.79 -17.63
C GLY G 333 32.94 -49.64 -18.74
N GLU G 334 33.77 -49.96 -19.74
CA GLU G 334 33.33 -50.82 -20.83
C GLU G 334 32.93 -52.20 -20.34
N VAL G 335 33.67 -52.75 -19.37
CA VAL G 335 33.38 -54.09 -18.89
C VAL G 335 32.13 -54.15 -18.02
N GLU G 336 31.73 -53.04 -17.40
CA GLU G 336 30.52 -53.06 -16.59
C GLU G 336 29.30 -53.42 -17.44
N ARG G 337 29.11 -52.71 -18.55
CA ARG G 337 28.03 -53.01 -19.47
C ARG G 337 28.17 -54.40 -20.07
N ARG G 338 29.39 -54.84 -20.36
CA ARG G 338 29.58 -56.19 -20.89
C ARG G 338 29.11 -57.25 -19.91
N ILE G 339 29.45 -57.10 -18.63
CA ILE G 339 29.00 -58.07 -17.63
C ILE G 339 27.49 -57.99 -17.44
N VAL G 340 26.93 -56.77 -17.42
CA VAL G 340 25.49 -56.64 -17.26
C VAL G 340 24.76 -57.35 -18.40
N SER G 341 25.20 -57.11 -19.63
CA SER G 341 24.60 -57.78 -20.77
C SER G 341 24.86 -59.28 -20.75
N GLN G 342 26.02 -59.73 -20.27
CA GLN G 342 26.30 -61.15 -20.18
C GLN G 342 25.31 -61.83 -19.23
N LEU G 343 25.06 -61.20 -18.08
CA LEU G 343 24.02 -61.69 -17.17
C LEU G 343 22.65 -61.66 -17.82
N LEU G 344 22.32 -60.60 -18.55
CA LEU G 344 21.03 -60.53 -19.22
C LEU G 344 20.87 -61.65 -20.25
N THR G 345 21.93 -61.98 -20.98
CA THR G 345 21.85 -63.07 -21.95
C THR G 345 21.75 -64.42 -21.24
N LEU G 346 22.53 -64.63 -20.19
CA LEU G 346 22.49 -65.89 -19.45
C LEU G 346 21.14 -66.15 -18.81
N MET G 347 20.43 -65.11 -18.35
CA MET G 347 19.10 -65.28 -17.79
C MET G 347 17.98 -65.22 -18.83
N ASP G 348 18.23 -64.62 -19.99
CA ASP G 348 17.21 -64.60 -21.03
C ASP G 348 17.04 -65.98 -21.66
N GLY G 349 18.14 -66.71 -21.81
CA GLY G 349 18.09 -68.04 -22.41
C GLY G 349 17.78 -69.13 -21.40
N LEU G 350 16.82 -68.87 -20.52
CA LEU G 350 16.40 -69.85 -19.52
C LEU G 350 15.12 -70.52 -20.01
N LYS G 351 15.29 -71.51 -20.89
CA LYS G 351 14.18 -72.31 -21.39
C LYS G 351 13.83 -73.41 -20.40
N GLN G 352 13.00 -74.37 -20.81
CA GLN G 352 12.60 -75.44 -19.90
C GLN G 352 13.81 -76.26 -19.48
N ARG G 353 14.42 -76.97 -20.43
CA ARG G 353 15.70 -77.66 -20.25
C ARG G 353 15.82 -78.35 -18.90
N ALA G 354 16.36 -77.63 -17.92
CA ALA G 354 16.50 -78.15 -16.56
C ALA G 354 15.91 -77.15 -15.57
N HIS G 355 15.82 -77.55 -14.30
CA HIS G 355 15.22 -76.67 -13.28
C HIS G 355 16.33 -75.88 -12.62
N VAL G 356 16.48 -74.64 -13.03
CA VAL G 356 17.38 -73.68 -12.39
C VAL G 356 16.57 -72.45 -12.02
N ILE G 357 16.73 -72.03 -10.76
CA ILE G 357 16.05 -70.85 -10.23
C ILE G 357 17.13 -69.85 -9.85
N VAL G 358 17.03 -68.65 -10.39
CA VAL G 358 18.05 -67.62 -10.19
C VAL G 358 17.48 -66.55 -9.27
N MET G 359 17.77 -66.67 -7.98
CA MET G 359 17.39 -65.66 -7.01
C MET G 359 18.52 -64.65 -6.85
N ALA G 360 18.15 -63.45 -6.41
CA ALA G 360 19.13 -62.39 -6.26
C ALA G 360 18.71 -61.49 -5.10
N ALA G 361 19.68 -60.77 -4.55
CA ALA G 361 19.45 -59.90 -3.41
C ALA G 361 20.06 -58.54 -3.68
N THR G 362 19.36 -57.51 -3.23
CA THR G 362 19.78 -56.12 -3.36
C THR G 362 19.06 -55.30 -2.30
N ASN G 363 19.45 -54.03 -2.15
CA ASN G 363 18.95 -53.22 -1.05
C ASN G 363 17.69 -52.47 -1.46
N ARG G 364 17.73 -51.72 -2.55
CA ARG G 364 16.58 -50.94 -3.01
C ARG G 364 16.02 -51.51 -4.32
N PRO G 365 14.72 -51.39 -4.54
CA PRO G 365 14.17 -51.65 -5.88
C PRO G 365 14.75 -50.76 -6.98
N ASN G 366 15.05 -49.48 -6.75
CA ASN G 366 15.54 -48.67 -7.85
C ASN G 366 17.04 -48.82 -8.12
N SER G 367 17.78 -49.53 -7.26
CA SER G 367 19.22 -49.67 -7.42
C SER G 367 19.60 -50.81 -8.34
N ILE G 368 18.69 -51.23 -9.22
CA ILE G 368 18.89 -52.36 -10.12
C ILE G 368 18.59 -51.88 -11.54
N ASP G 369 19.36 -52.38 -12.49
CA ASP G 369 19.15 -52.07 -13.90
C ASP G 369 17.71 -52.42 -14.29
N PRO G 370 16.93 -51.46 -14.81
CA PRO G 370 15.55 -51.78 -15.20
C PRO G 370 15.45 -52.87 -16.26
N ALA G 371 16.49 -53.05 -17.09
CA ALA G 371 16.48 -54.13 -18.06
C ALA G 371 16.48 -55.50 -17.40
N LEU G 372 16.85 -55.58 -16.12
CA LEU G 372 16.82 -56.83 -15.38
C LEU G 372 15.44 -57.18 -14.85
N ARG G 373 14.51 -56.24 -14.87
CA ARG G 373 13.17 -56.43 -14.35
C ARG G 373 12.18 -56.86 -15.42
N ARG G 374 12.64 -57.10 -16.64
CA ARG G 374 11.77 -57.49 -17.74
C ARG G 374 11.24 -58.91 -17.50
N PHE G 375 10.27 -59.30 -18.32
CA PHE G 375 9.71 -60.64 -18.23
C PHE G 375 10.73 -61.67 -18.65
N GLY G 376 10.80 -62.77 -17.89
CA GLY G 376 11.77 -63.81 -18.13
C GLY G 376 13.10 -63.65 -17.42
N ARG G 377 13.35 -62.50 -16.80
CA ARG G 377 14.56 -62.31 -16.02
C ARG G 377 14.28 -62.15 -14.53
N PHE G 378 13.48 -61.15 -14.15
CA PHE G 378 13.03 -61.01 -12.76
C PHE G 378 11.57 -60.56 -12.79
N ASP G 379 10.67 -61.54 -12.80
CA ASP G 379 9.25 -61.24 -12.81
C ASP G 379 8.67 -61.24 -11.39
N ARG G 380 9.12 -62.17 -10.54
CA ARG G 380 8.64 -62.25 -9.18
C ARG G 380 9.61 -61.53 -8.25
N GLU G 381 9.08 -60.61 -7.46
CA GLU G 381 9.86 -59.85 -6.50
C GLU G 381 9.22 -59.93 -5.13
N VAL G 382 10.02 -60.22 -4.11
CA VAL G 382 9.55 -60.30 -2.74
C VAL G 382 10.39 -59.35 -1.89
N ASP G 383 9.71 -58.46 -1.16
CA ASP G 383 10.37 -57.46 -0.33
C ASP G 383 10.26 -57.87 1.12
N ILE G 384 11.40 -57.94 1.81
CA ILE G 384 11.43 -58.22 3.23
C ILE G 384 11.99 -56.99 3.94
N GLY G 385 11.66 -56.87 5.23
CA GLY G 385 12.02 -55.70 6.00
C GLY G 385 12.35 -56.05 7.43
N ILE G 386 12.31 -55.02 8.28
CA ILE G 386 12.67 -55.18 9.69
C ILE G 386 11.58 -55.97 10.40
N PRO G 387 11.92 -57.06 11.10
CA PRO G 387 10.90 -57.78 11.86
C PRO G 387 10.34 -56.94 13.00
N ASP G 388 9.07 -57.19 13.32
CA ASP G 388 8.43 -56.48 14.42
C ASP G 388 8.82 -57.12 15.75
N ALA G 389 8.19 -56.67 16.84
CA ALA G 389 8.52 -57.23 18.15
C ALA G 389 8.21 -58.72 18.20
N THR G 390 7.07 -59.13 17.65
CA THR G 390 6.76 -60.55 17.56
C THR G 390 7.74 -61.27 16.63
N GLY G 391 8.08 -60.66 15.51
CA GLY G 391 9.05 -61.23 14.61
C GLY G 391 10.44 -61.28 15.19
N ARG G 392 10.80 -60.26 15.96
CA ARG G 392 12.10 -60.23 16.61
C ARG G 392 12.20 -61.22 17.77
N LEU G 393 11.09 -61.49 18.46
CA LEU G 393 11.16 -62.43 19.58
C LEU G 393 11.59 -63.82 19.11
N GLU G 394 11.03 -64.29 17.99
CA GLU G 394 11.36 -65.63 17.51
C GLU G 394 12.76 -65.68 16.90
N ILE G 395 13.40 -64.53 16.69
CA ILE G 395 14.75 -64.53 16.12
C ILE G 395 15.83 -64.53 17.19
N LEU G 396 15.48 -64.30 18.45
CA LEU G 396 16.48 -64.36 19.51
C LEU G 396 16.79 -65.79 19.91
N GLN G 397 15.76 -66.58 20.25
CA GLN G 397 16.00 -67.91 20.80
C GLN G 397 16.68 -68.85 19.80
N ILE G 398 16.48 -68.65 18.50
CA ILE G 398 17.19 -69.46 17.52
C ILE G 398 18.70 -69.23 17.58
N HIS G 399 19.13 -68.02 17.95
CA HIS G 399 20.56 -67.73 18.06
C HIS G 399 21.12 -67.94 19.46
N THR G 400 20.28 -68.23 20.45
CA THR G 400 20.74 -68.47 21.82
C THR G 400 20.31 -69.83 22.36
N LYS G 401 19.85 -70.73 21.47
CA LYS G 401 19.50 -72.07 21.92
C LYS G 401 20.69 -72.81 22.56
N ASN G 402 21.92 -72.49 22.16
CA ASN G 402 23.08 -73.17 22.71
C ASN G 402 23.53 -72.62 24.05
N MET G 403 23.34 -71.33 24.31
CA MET G 403 23.78 -70.72 25.56
C MET G 403 22.62 -70.72 26.55
N LYS G 404 22.82 -71.36 27.69
CA LYS G 404 21.76 -71.46 28.70
C LYS G 404 21.53 -70.11 29.36
N LEU G 405 20.28 -69.87 29.73
CA LEU G 405 19.87 -68.62 30.35
C LEU G 405 19.57 -68.84 31.83
N ALA G 406 19.33 -67.74 32.54
CA ALA G 406 18.97 -67.78 33.94
C ALA G 406 17.45 -67.67 34.08
N ASP G 407 16.96 -67.89 35.30
CA ASP G 407 15.53 -67.81 35.56
C ASP G 407 14.99 -66.39 35.47
N ASP G 408 15.85 -65.39 35.60
CA ASP G 408 15.44 -63.99 35.54
C ASP G 408 15.75 -63.33 34.20
N VAL G 409 16.20 -64.09 33.21
CA VAL G 409 16.56 -63.55 31.91
C VAL G 409 15.44 -63.89 30.94
N ASP G 410 14.75 -62.87 30.46
CA ASP G 410 13.64 -63.03 29.51
C ASP G 410 13.97 -62.27 28.23
N LEU G 411 13.85 -62.95 27.11
CA LEU G 411 14.15 -62.37 25.80
C LEU G 411 13.01 -61.54 25.23
N GLU G 412 11.81 -61.63 25.81
CA GLU G 412 10.69 -60.85 25.30
C GLU G 412 10.85 -59.36 25.57
N GLN G 413 11.22 -58.98 26.80
CA GLN G 413 11.37 -57.57 27.14
C GLN G 413 12.55 -56.91 26.44
N VAL G 414 13.55 -57.68 26.02
CA VAL G 414 14.70 -57.10 25.35
C VAL G 414 14.42 -56.84 23.88
N ALA G 415 13.38 -57.45 23.31
CA ALA G 415 12.98 -57.22 21.92
C ALA G 415 11.85 -56.22 21.81
N ASN G 416 11.66 -55.38 22.83
CA ASN G 416 10.58 -54.41 22.87
C ASN G 416 11.06 -53.00 22.65
N GLU G 417 12.09 -52.56 23.38
CA GLU G 417 12.60 -51.20 23.23
C GLU G 417 13.41 -51.01 21.95
N THR G 418 13.84 -52.09 21.31
CA THR G 418 14.53 -52.02 20.04
C THR G 418 13.55 -52.14 18.89
N HIS G 419 13.70 -51.24 17.92
CA HIS G 419 12.82 -51.24 16.75
C HIS G 419 13.64 -51.13 15.47
N GLY G 420 14.85 -50.58 15.58
CA GLY G 420 15.68 -50.37 14.42
C GLY G 420 16.85 -51.34 14.34
N HIS G 421 16.60 -52.61 14.66
CA HIS G 421 17.62 -53.65 14.63
C HIS G 421 17.32 -54.61 13.49
N VAL G 422 18.30 -54.76 12.59
CA VAL G 422 18.20 -55.73 11.51
C VAL G 422 18.47 -57.13 12.07
N GLY G 423 18.07 -58.16 11.32
CA GLY G 423 18.21 -59.52 11.81
C GLY G 423 19.63 -59.89 12.20
N ALA G 424 20.63 -59.36 11.48
CA ALA G 424 22.02 -59.55 11.83
C ALA G 424 22.44 -58.75 13.06
N ASP G 425 21.75 -57.65 13.36
CA ASP G 425 22.08 -56.86 14.54
C ASP G 425 21.93 -57.68 15.81
N LEU G 426 20.80 -58.38 15.96
CA LEU G 426 20.58 -59.22 17.14
C LEU G 426 21.47 -60.46 17.14
N ALA G 427 21.79 -61.00 15.97
CA ALA G 427 22.74 -62.10 15.90
C ALA G 427 24.10 -61.68 16.44
N ALA G 428 24.54 -60.48 16.08
CA ALA G 428 25.76 -59.93 16.66
C ALA G 428 25.61 -59.61 18.14
N LEU G 429 24.44 -59.09 18.55
CA LEU G 429 24.21 -58.72 19.94
C LEU G 429 24.29 -59.91 20.89
N CYS G 430 23.73 -61.06 20.48
CA CYS G 430 23.79 -62.24 21.32
C CYS G 430 25.24 -62.64 21.60
N SER G 431 26.05 -62.77 20.55
CA SER G 431 27.46 -63.09 20.75
C SER G 431 28.16 -62.03 21.57
N GLU G 432 27.89 -60.75 21.30
CA GLU G 432 28.55 -59.67 22.03
C GLU G 432 28.24 -59.74 23.52
N ALA G 433 26.99 -60.05 23.89
CA ALA G 433 26.67 -60.27 25.29
C ALA G 433 27.40 -61.49 25.84
N ALA G 434 27.61 -62.52 25.00
CA ALA G 434 28.32 -63.70 25.46
C ALA G 434 29.75 -63.39 25.90
N LEU G 435 30.48 -62.54 25.16
CA LEU G 435 31.84 -62.21 25.60
C LEU G 435 31.84 -61.49 26.94
N GLN G 436 30.91 -60.56 27.17
CA GLN G 436 30.85 -59.94 28.49
C GLN G 436 30.52 -60.96 29.57
N ALA G 437 29.58 -61.87 29.29
CA ALA G 437 29.22 -62.89 30.27
C ALA G 437 30.41 -63.75 30.67
N ILE G 438 31.24 -64.13 29.71
CA ILE G 438 32.40 -64.95 30.04
C ILE G 438 33.57 -64.13 30.58
N ARG G 439 33.66 -62.85 30.20
CA ARG G 439 34.73 -61.98 30.68
C ARG G 439 34.56 -61.61 32.14
N LYS G 440 33.32 -61.43 32.59
CA LYS G 440 33.10 -61.09 33.98
C LYS G 440 33.46 -62.22 34.94
N LYS G 441 33.70 -63.43 34.43
CA LYS G 441 34.08 -64.55 35.28
C LYS G 441 35.48 -65.07 35.01
N MET G 442 36.03 -64.88 33.80
CA MET G 442 37.37 -65.37 33.55
C MET G 442 38.43 -64.64 34.37
N ASP G 443 38.17 -63.38 34.75
CA ASP G 443 39.11 -62.63 35.57
C ASP G 443 39.30 -63.27 36.94
N LEU G 444 38.22 -63.79 37.53
CA LEU G 444 38.30 -64.43 38.83
C LEU G 444 38.64 -65.91 38.73
N ILE G 445 38.24 -66.59 37.66
CA ILE G 445 38.56 -68.01 37.51
C ILE G 445 40.06 -68.20 37.34
N ASP G 446 40.68 -67.42 36.46
CA ASP G 446 42.12 -67.44 36.23
C ASP G 446 42.61 -68.84 35.89
N LEU G 447 42.08 -69.43 34.82
CA LEU G 447 42.46 -70.76 34.36
C LEU G 447 43.13 -70.59 32.99
N GLU G 448 44.44 -70.39 33.01
CA GLU G 448 45.22 -70.22 31.79
C GLU G 448 45.94 -71.54 31.49
N ASP G 449 45.60 -72.15 30.36
CA ASP G 449 46.19 -73.42 29.96
C ASP G 449 46.02 -73.56 28.45
N GLU G 450 46.65 -74.59 27.89
CA GLU G 450 46.57 -74.86 26.46
C GLU G 450 45.18 -75.31 26.06
N THR G 451 44.72 -76.41 26.66
CA THR G 451 43.40 -76.94 26.37
C THR G 451 42.43 -76.57 27.49
N ILE G 452 41.27 -76.05 27.10
CA ILE G 452 40.25 -75.59 28.03
C ILE G 452 39.31 -76.75 28.33
N ASP G 453 39.11 -77.02 29.62
CA ASP G 453 38.25 -78.12 30.04
C ASP G 453 36.80 -77.84 29.68
N ALA G 454 36.08 -78.91 29.36
CA ALA G 454 34.67 -78.83 28.96
C ALA G 454 33.71 -78.85 30.14
N GLU G 455 34.23 -78.90 31.37
CA GLU G 455 33.41 -78.95 32.57
C GLU G 455 33.03 -77.56 33.08
N VAL G 456 33.34 -76.51 32.33
CA VAL G 456 33.01 -75.14 32.74
C VAL G 456 31.94 -74.50 31.86
N MET G 457 31.78 -74.93 30.60
CA MET G 457 30.72 -74.38 29.77
C MET G 457 29.33 -74.63 30.33
N ASN G 458 29.15 -75.73 31.09
CA ASN G 458 27.87 -75.99 31.73
C ASN G 458 27.49 -74.92 32.74
N SER G 459 28.48 -74.22 33.31
CA SER G 459 28.23 -73.15 34.27
C SER G 459 28.15 -71.77 33.63
N LEU G 460 28.34 -71.67 32.32
CA LEU G 460 28.29 -70.38 31.63
C LEU G 460 26.82 -70.01 31.41
N ALA G 461 26.27 -69.24 32.34
CA ALA G 461 24.89 -68.77 32.26
C ALA G 461 24.90 -67.26 32.07
N VAL G 462 24.22 -66.79 31.04
CA VAL G 462 24.15 -65.36 30.76
C VAL G 462 23.22 -64.71 31.77
N THR G 463 23.52 -63.46 32.12
CA THR G 463 22.73 -62.68 33.06
C THR G 463 22.03 -61.55 32.33
N MET G 464 21.09 -60.92 33.02
CA MET G 464 20.35 -59.82 32.43
C MET G 464 21.24 -58.60 32.26
N ASP G 465 22.15 -58.36 33.20
CA ASP G 465 23.11 -57.27 33.08
C ASP G 465 24.03 -57.46 31.88
N ASP G 466 24.25 -58.69 31.45
CA ASP G 466 25.01 -58.91 30.22
C ASP G 466 24.29 -58.28 29.03
N PHE G 467 22.95 -58.28 29.06
CA PHE G 467 22.15 -57.69 27.99
C PHE G 467 21.92 -56.21 28.18
N ARG G 468 21.89 -55.72 29.42
CA ARG G 468 21.74 -54.27 29.63
C ARG G 468 22.87 -53.49 28.95
N TRP G 469 24.11 -53.97 29.07
CA TRP G 469 25.23 -53.31 28.40
C TRP G 469 25.18 -53.52 26.89
N ALA G 470 24.53 -54.59 26.44
CA ALA G 470 24.46 -54.92 25.02
C ALA G 470 23.69 -53.91 24.20
N LEU G 471 22.67 -53.27 24.76
CA LEU G 471 21.87 -52.28 24.04
C LEU G 471 22.41 -50.86 24.21
N SER G 472 23.57 -50.71 24.84
CA SER G 472 24.14 -49.39 25.08
C SER G 472 25.22 -49.02 24.07
N GLN G 473 26.25 -49.87 23.94
CA GLN G 473 27.33 -49.57 23.00
C GLN G 473 27.05 -50.06 21.59
N SER G 474 26.02 -50.88 21.38
CA SER G 474 25.72 -51.40 20.06
C SER G 474 25.03 -50.31 19.24
N ASN G 475 25.63 -49.96 18.11
CA ASN G 475 25.06 -48.94 17.23
C ASN G 475 24.40 -49.62 16.04
N PRO G 476 23.08 -49.68 15.98
CA PRO G 476 22.42 -50.37 14.87
C PRO G 476 22.57 -49.61 13.57
N SER G 477 22.39 -50.33 12.46
CA SER G 477 22.57 -49.77 11.13
C SER G 477 21.28 -49.21 10.56
N ALA G 478 20.24 -50.05 10.46
CA ALA G 478 18.98 -49.64 9.85
C ALA G 478 18.15 -48.89 10.89
N LEU G 479 18.19 -47.56 10.84
CA LEU G 479 17.39 -46.72 11.72
C LEU G 479 16.42 -45.80 11.01
N ARG G 480 16.78 -45.29 9.82
CA ARG G 480 15.94 -44.36 9.08
C ARG G 480 15.45 -45.07 7.81
N GLU G 481 14.35 -45.80 7.96
CA GLU G 481 13.74 -46.53 6.86
C GLU G 481 12.24 -46.60 7.11
N THR G 482 11.52 -47.15 6.14
CA THR G 482 10.08 -47.29 6.25
C THR G 482 9.75 -48.50 7.13
N VAL G 483 9.24 -48.25 8.32
CA VAL G 483 8.88 -49.31 9.26
C VAL G 483 7.48 -49.79 8.87
N VAL G 484 7.38 -51.02 8.36
CA VAL G 484 6.10 -51.57 7.94
C VAL G 484 5.72 -52.70 8.88
N GLU G 485 4.97 -52.38 9.94
CA GLU G 485 4.57 -53.34 10.95
C GLU G 485 3.10 -53.15 11.28
N VAL G 486 2.48 -54.23 11.75
CA VAL G 486 1.08 -54.22 12.18
C VAL G 486 1.03 -53.64 13.58
N PRO G 487 0.22 -52.60 13.83
CA PRO G 487 0.21 -51.98 15.15
C PRO G 487 -0.42 -52.89 16.20
N GLN G 488 -0.30 -52.46 17.46
CA GLN G 488 -0.83 -53.20 18.59
C GLN G 488 -1.96 -52.47 19.31
N VAL G 489 -2.39 -51.32 18.80
CA VAL G 489 -3.43 -50.52 19.41
C VAL G 489 -4.75 -50.83 18.71
N THR G 490 -5.75 -51.22 19.51
CA THR G 490 -7.05 -51.64 19.01
C THR G 490 -8.10 -50.58 19.36
N TRP G 491 -9.31 -50.74 18.84
CA TRP G 491 -10.41 -49.84 19.17
C TRP G 491 -10.85 -49.97 20.62
N GLU G 492 -10.67 -51.14 21.24
CA GLU G 492 -11.08 -51.34 22.61
C GLU G 492 -10.34 -50.41 23.57
N ASP G 493 -9.03 -50.27 23.38
CA ASP G 493 -8.25 -49.40 24.26
C ASP G 493 -8.51 -47.93 23.99
N ILE G 494 -9.19 -47.59 22.90
CA ILE G 494 -9.61 -46.23 22.63
C ILE G 494 -11.05 -46.07 23.11
N GLY G 495 -11.25 -45.23 24.13
CA GLY G 495 -12.58 -44.93 24.61
C GLY G 495 -13.23 -43.82 23.80
N GLY G 496 -14.55 -43.85 23.75
CA GLY G 496 -15.27 -42.78 23.07
C GLY G 496 -15.00 -42.75 21.58
N LEU G 497 -15.21 -41.56 20.99
CA LEU G 497 -15.05 -41.34 19.56
C LEU G 497 -15.91 -42.32 18.76
N GLU G 498 -17.12 -42.54 19.26
CA GLU G 498 -18.08 -43.39 18.55
C GLU G 498 -18.48 -42.80 17.20
N ASP G 499 -18.50 -41.48 17.06
CA ASP G 499 -18.80 -40.87 15.77
C ASP G 499 -17.77 -41.24 14.72
N VAL G 500 -16.48 -41.22 15.07
CA VAL G 500 -15.44 -41.61 14.14
C VAL G 500 -15.28 -43.11 14.00
N LYS G 501 -15.48 -43.86 15.10
CA LYS G 501 -15.45 -45.31 15.06
C LYS G 501 -16.46 -45.88 14.07
N ARG G 502 -17.65 -45.31 14.00
CA ARG G 502 -18.73 -45.80 13.15
C ARG G 502 -18.47 -45.53 11.67
N GLU G 503 -17.87 -44.39 11.33
CA GLU G 503 -17.63 -44.09 9.93
C GLU G 503 -16.35 -44.74 9.42
N LEU G 504 -15.31 -44.82 10.26
CA LEU G 504 -14.10 -45.51 9.84
C LEU G 504 -14.33 -47.00 9.64
N GLN G 505 -15.15 -47.62 10.50
CA GLN G 505 -15.48 -49.03 10.37
C GLN G 505 -16.33 -49.33 9.14
N GLU G 506 -17.10 -48.36 8.65
CA GLU G 506 -17.92 -48.55 7.47
C GLU G 506 -17.26 -48.03 6.21
N LEU G 507 -16.01 -47.62 6.27
CA LEU G 507 -15.34 -47.00 5.14
C LEU G 507 -14.09 -47.76 4.68
N VAL G 508 -13.38 -48.39 5.60
CA VAL G 508 -12.23 -49.21 5.24
C VAL G 508 -12.37 -50.65 5.72
N GLN G 509 -13.08 -50.90 6.83
CA GLN G 509 -13.27 -52.26 7.30
C GLN G 509 -14.23 -53.06 6.44
N TYR G 510 -15.31 -52.42 5.95
CA TYR G 510 -16.29 -53.13 5.14
C TYR G 510 -15.69 -53.71 3.86
N PRO G 511 -14.95 -52.96 3.04
CA PRO G 511 -14.35 -53.57 1.84
C PRO G 511 -13.32 -54.63 2.13
N VAL G 512 -12.76 -54.68 3.33
CA VAL G 512 -11.77 -55.69 3.68
C VAL G 512 -12.42 -56.97 4.17
N GLU G 513 -13.35 -56.85 5.12
CA GLU G 513 -13.98 -58.03 5.70
C GLU G 513 -15.17 -58.54 4.88
N HIS G 514 -15.78 -57.70 4.05
CA HIS G 514 -16.90 -58.10 3.20
C HIS G 514 -16.68 -57.65 1.76
N PRO G 515 -15.70 -58.25 1.05
CA PRO G 515 -15.55 -57.92 -0.37
C PRO G 515 -16.79 -58.19 -1.20
N ASP G 516 -17.50 -59.29 -0.95
CA ASP G 516 -18.62 -59.72 -1.78
C ASP G 516 -19.79 -58.76 -1.75
N LYS G 517 -20.09 -58.15 -0.61
CA LYS G 517 -21.22 -57.25 -0.50
C LYS G 517 -21.02 -55.97 -1.31
N PHE G 518 -19.79 -55.72 -1.77
CA PHE G 518 -19.54 -54.54 -2.58
C PHE G 518 -19.75 -54.82 -4.07
N LEU G 519 -19.30 -55.99 -4.55
CA LEU G 519 -19.64 -56.40 -5.90
C LEU G 519 -21.13 -56.72 -6.04
N LYS G 520 -21.79 -57.16 -4.97
CA LYS G 520 -23.22 -57.40 -5.04
C LYS G 520 -23.98 -56.09 -5.22
N PHE G 521 -23.54 -55.03 -4.55
CA PHE G 521 -24.18 -53.73 -4.65
C PHE G 521 -23.56 -52.84 -5.73
N GLY G 522 -22.51 -53.30 -6.39
CA GLY G 522 -21.91 -52.54 -7.47
C GLY G 522 -21.33 -51.21 -7.06
N MET G 523 -20.74 -51.11 -5.88
CA MET G 523 -20.14 -49.88 -5.39
C MET G 523 -18.66 -50.08 -5.17
N THR G 524 -17.85 -49.22 -5.77
CA THR G 524 -16.40 -49.28 -5.56
C THR G 524 -16.05 -48.68 -4.21
N PRO G 525 -15.10 -49.27 -3.48
CA PRO G 525 -14.67 -48.71 -2.20
C PRO G 525 -13.94 -47.39 -2.39
N SER G 526 -13.99 -46.57 -1.36
CA SER G 526 -13.28 -45.29 -1.37
C SER G 526 -11.77 -45.54 -1.34
N LYS G 527 -11.02 -44.67 -2.01
CA LYS G 527 -9.57 -44.81 -2.09
C LYS G 527 -8.85 -44.32 -0.84
N GLY G 528 -9.39 -43.33 -0.14
CA GLY G 528 -8.71 -42.82 1.04
C GLY G 528 -9.55 -41.77 1.73
N VAL G 529 -9.18 -41.50 2.98
CA VAL G 529 -9.86 -40.52 3.81
C VAL G 529 -8.79 -39.64 4.47
N LEU G 530 -9.00 -38.32 4.43
CA LEU G 530 -8.15 -37.38 5.15
C LEU G 530 -8.96 -36.84 6.32
N PHE G 531 -8.41 -36.95 7.52
CA PHE G 531 -9.06 -36.32 8.66
C PHE G 531 -8.22 -35.17 9.19
N TYR G 532 -8.91 -34.24 9.85
CA TYR G 532 -8.33 -32.99 10.32
C TYR G 532 -8.79 -32.78 11.76
N GLY G 533 -7.98 -32.04 12.50
CA GLY G 533 -8.27 -31.78 13.88
C GLY G 533 -7.17 -30.97 14.55
N PRO G 534 -7.44 -30.47 15.74
CA PRO G 534 -6.42 -29.72 16.48
C PRO G 534 -5.23 -30.62 16.81
N PRO G 535 -4.04 -30.05 16.92
CA PRO G 535 -2.84 -30.86 17.13
C PRO G 535 -2.89 -31.61 18.46
N GLY G 536 -2.23 -32.76 18.49
CA GLY G 536 -2.16 -33.57 19.69
C GLY G 536 -3.48 -34.16 20.12
N CYS G 537 -4.24 -34.70 19.17
CA CYS G 537 -5.51 -35.34 19.51
C CYS G 537 -5.58 -36.81 19.13
N GLY G 538 -4.52 -37.40 18.57
CA GLY G 538 -4.50 -38.83 18.33
C GLY G 538 -4.87 -39.25 16.94
N LYS G 539 -4.59 -38.40 15.94
CA LYS G 539 -4.87 -38.78 14.56
C LYS G 539 -4.06 -39.99 14.13
N THR G 540 -2.78 -40.03 14.47
CA THR G 540 -1.95 -41.19 14.17
C THR G 540 -2.42 -42.43 14.90
N LEU G 541 -2.81 -42.32 16.16
CA LEU G 541 -3.32 -43.45 16.90
C LEU G 541 -4.64 -43.96 16.31
N LEU G 542 -5.51 -43.06 15.85
CA LEU G 542 -6.76 -43.51 15.24
C LEU G 542 -6.49 -44.30 13.97
N ALA G 543 -5.57 -43.83 13.14
CA ALA G 543 -5.18 -44.56 11.94
C ALA G 543 -4.54 -45.90 12.27
N LYS G 544 -3.73 -45.95 13.33
CA LYS G 544 -3.16 -47.23 13.75
C LYS G 544 -4.24 -48.19 14.22
N ALA G 545 -5.22 -47.71 14.98
CA ALA G 545 -6.29 -48.55 15.49
C ALA G 545 -7.14 -49.14 14.38
N ILE G 546 -7.48 -48.34 13.37
CA ILE G 546 -8.26 -48.85 12.24
C ILE G 546 -7.47 -49.85 11.42
N ALA G 547 -6.14 -49.83 11.50
CA ALA G 547 -5.34 -50.85 10.84
C ALA G 547 -5.43 -52.19 11.56
N ASN G 548 -5.46 -52.19 12.90
CA ASN G 548 -5.61 -53.43 13.65
C ASN G 548 -6.98 -54.05 13.47
N GLU G 549 -8.03 -53.24 13.33
CA GLU G 549 -9.37 -53.78 13.13
C GLU G 549 -9.45 -54.56 11.82
N CYS G 550 -8.81 -54.07 10.77
CA CYS G 550 -8.77 -54.75 9.49
C CYS G 550 -7.62 -55.75 9.37
N GLN G 551 -6.81 -55.89 10.42
CA GLN G 551 -5.63 -56.75 10.39
C GLN G 551 -4.75 -56.39 9.20
N ALA G 552 -4.49 -55.10 9.00
CA ALA G 552 -3.73 -54.64 7.85
C ALA G 552 -2.44 -54.02 8.32
N ASN G 553 -1.48 -53.96 7.41
CA ASN G 553 -0.18 -53.38 7.71
C ASN G 553 -0.31 -51.86 7.80
N PHE G 554 0.65 -51.19 8.41
CA PHE G 554 0.57 -49.75 8.62
C PHE G 554 1.90 -49.12 8.24
N ILE G 555 1.83 -48.07 7.42
CA ILE G 555 3.01 -47.31 7.01
C ILE G 555 2.76 -45.86 7.35
N SER G 556 3.67 -45.26 8.10
CA SER G 556 3.55 -43.88 8.55
C SER G 556 4.62 -43.03 7.89
N ILE G 557 4.20 -41.92 7.27
CA ILE G 557 5.10 -40.97 6.64
C ILE G 557 4.91 -39.63 7.34
N LYS G 558 5.88 -39.26 8.17
CA LYS G 558 5.77 -38.03 8.95
C LYS G 558 6.12 -36.83 8.07
N GLY G 559 6.00 -35.63 8.63
CA GLY G 559 6.26 -34.40 7.92
C GLY G 559 7.67 -34.24 7.39
N PRO G 560 8.69 -34.50 8.22
CA PRO G 560 10.07 -34.34 7.74
C PRO G 560 10.42 -35.18 6.53
N GLU G 561 9.93 -36.42 6.43
CA GLU G 561 10.20 -37.23 5.24
C GLU G 561 9.54 -36.65 4.00
N LEU G 562 8.38 -36.02 4.14
CA LEU G 562 7.72 -35.36 3.03
C LEU G 562 8.40 -34.06 2.62
N LEU G 563 8.90 -33.29 3.58
CA LEU G 563 9.54 -32.01 3.29
C LEU G 563 11.00 -32.16 2.89
N THR G 564 11.62 -33.31 3.17
CA THR G 564 13.00 -33.52 2.76
C THR G 564 13.12 -33.58 1.25
N MET G 565 12.23 -34.30 0.58
CA MET G 565 12.29 -34.39 -0.87
C MET G 565 11.82 -33.10 -1.54
N TRP G 566 11.07 -32.26 -0.85
CA TRP G 566 10.72 -30.96 -1.41
C TRP G 566 11.94 -30.05 -1.50
N PHE G 567 12.70 -29.96 -0.42
CA PHE G 567 13.92 -29.16 -0.44
C PHE G 567 15.01 -29.79 -1.30
N GLY G 568 15.13 -31.12 -1.28
CA GLY G 568 16.19 -31.80 -1.98
C GLY G 568 16.01 -31.97 -3.46
N GLU G 569 14.84 -31.64 -4.01
CA GLU G 569 14.55 -31.76 -5.44
C GLU G 569 14.78 -33.19 -5.92
N SER G 570 14.57 -34.15 -5.02
CA SER G 570 14.75 -35.58 -5.30
C SER G 570 13.40 -36.24 -5.05
N GLU G 571 12.64 -36.45 -6.13
CA GLU G 571 11.24 -36.80 -6.02
C GLU G 571 10.93 -38.22 -6.44
N ALA G 572 11.93 -39.08 -6.55
CA ALA G 572 11.71 -40.50 -6.77
C ALA G 572 11.37 -41.24 -5.48
N ASN G 573 11.41 -40.55 -4.34
CA ASN G 573 11.19 -41.20 -3.05
C ASN G 573 9.76 -41.65 -2.85
N VAL G 574 8.78 -40.89 -3.35
CA VAL G 574 7.38 -41.34 -3.28
C VAL G 574 7.14 -42.58 -4.12
N ARG G 575 7.96 -42.83 -5.14
CA ARG G 575 7.81 -44.03 -5.97
C ARG G 575 7.94 -45.28 -5.12
N GLU G 576 9.03 -45.41 -4.36
CA GLU G 576 9.20 -46.58 -3.52
C GLU G 576 8.23 -46.62 -2.36
N ILE G 577 7.80 -45.46 -1.86
CA ILE G 577 6.79 -45.44 -0.79
C ILE G 577 5.51 -46.10 -1.28
N PHE G 578 5.01 -45.66 -2.44
CA PHE G 578 3.79 -46.25 -2.98
C PHE G 578 4.02 -47.67 -3.50
N ASP G 579 5.23 -48.00 -3.91
CA ASP G 579 5.51 -49.37 -4.35
C ASP G 579 5.46 -50.35 -3.19
N LYS G 580 6.12 -50.01 -2.07
CA LYS G 580 6.13 -50.89 -0.91
C LYS G 580 4.83 -50.81 -0.12
N ALA G 581 4.03 -49.77 -0.32
CA ALA G 581 2.69 -49.75 0.26
C ALA G 581 1.73 -50.71 -0.44
N ARG G 582 1.94 -50.97 -1.73
CA ARG G 582 1.03 -51.82 -2.48
C ARG G 582 1.43 -53.29 -2.48
N GLN G 583 2.71 -53.59 -2.30
CA GLN G 583 3.13 -54.99 -2.26
C GLN G 583 2.76 -55.66 -0.94
N ALA G 584 2.58 -54.87 0.12
CA ALA G 584 2.22 -55.40 1.43
C ALA G 584 0.71 -55.41 1.61
N ALA G 585 0.02 -55.99 0.62
CA ALA G 585 -1.43 -56.06 0.68
C ALA G 585 -1.87 -57.11 1.69
N PRO G 586 -2.76 -56.75 2.63
CA PRO G 586 -3.37 -55.43 2.77
C PRO G 586 -2.60 -54.47 3.68
N CYS G 587 -2.58 -53.20 3.29
CA CYS G 587 -1.79 -52.20 4.01
C CYS G 587 -2.65 -50.94 4.18
N VAL G 588 -2.12 -50.00 4.96
CA VAL G 588 -2.74 -48.70 5.14
C VAL G 588 -1.62 -47.67 5.09
N LEU G 589 -1.79 -46.65 4.26
CA LEU G 589 -0.79 -45.62 4.08
C LEU G 589 -1.25 -44.36 4.81
N PHE G 590 -0.39 -43.85 5.68
CA PHE G 590 -0.74 -42.72 6.53
C PHE G 590 0.24 -41.59 6.30
N PHE G 591 -0.28 -40.42 5.95
CA PHE G 591 0.52 -39.24 5.70
C PHE G 591 0.28 -38.26 6.83
N ASP G 592 1.31 -38.02 7.65
CA ASP G 592 1.21 -37.12 8.78
C ASP G 592 1.55 -35.70 8.35
N GLU G 593 0.85 -34.74 8.95
CA GLU G 593 1.00 -33.31 8.66
C GLU G 593 1.21 -33.04 7.17
N LEU G 594 0.21 -33.40 6.36
CA LEU G 594 0.27 -33.18 4.91
C LEU G 594 0.45 -31.71 4.55
N ASP G 595 0.06 -30.79 5.42
CA ASP G 595 0.18 -29.36 5.15
C ASP G 595 1.58 -28.82 5.41
N SER G 596 2.56 -29.69 5.64
CA SER G 596 3.91 -29.22 5.93
C SER G 596 4.50 -28.44 4.77
N ILE G 597 4.32 -28.93 3.54
CA ILE G 597 4.83 -28.20 2.38
C ILE G 597 4.13 -26.86 2.22
N ALA G 598 2.81 -26.81 2.43
CA ALA G 598 2.09 -25.55 2.34
C ALA G 598 2.58 -24.55 3.37
N LYS G 599 2.81 -25.01 4.61
CA LYS G 599 3.36 -24.12 5.63
C LYS G 599 4.76 -23.64 5.25
N ALA G 600 5.61 -24.53 4.73
CA ALA G 600 6.94 -24.14 4.32
C ALA G 600 6.93 -23.16 3.17
N ARG G 601 5.92 -23.22 2.30
CA ARG G 601 5.81 -22.30 1.18
C ARG G 601 5.04 -21.03 1.51
N GLY G 602 4.31 -21.00 2.61
CA GLY G 602 3.59 -19.81 3.02
C GLY G 602 2.16 -20.08 3.46
N GLY G 603 1.52 -21.07 2.85
CA GLY G 603 0.17 -21.43 3.23
C GLY G 603 -0.89 -21.02 2.24
N ASN G 604 -1.86 -20.22 2.70
CA ASN G 604 -2.98 -19.82 1.86
C ASN G 604 -2.54 -18.94 0.68
N ILE G 605 -1.64 -17.98 0.94
CA ILE G 605 -1.17 -17.09 -0.12
C ILE G 605 0.31 -17.36 -0.37
N GLY G 606 1.14 -17.14 0.65
CA GLY G 606 2.57 -17.35 0.52
C GLY G 606 3.20 -16.52 -0.58
N ASP G 607 3.67 -17.20 -1.64
CA ASP G 607 4.25 -16.52 -2.78
C ASP G 607 3.18 -16.21 -3.81
N GLY G 608 3.60 -15.81 -5.02
CA GLY G 608 2.64 -15.53 -6.08
C GLY G 608 1.89 -16.77 -6.54
N GLY G 609 2.45 -17.95 -6.30
CA GLY G 609 1.81 -19.18 -6.69
C GLY G 609 0.63 -19.55 -5.80
N GLY G 610 -0.06 -20.62 -6.19
CA GLY G 610 -1.23 -21.07 -5.46
C GLY G 610 -0.90 -22.03 -4.35
N ALA G 611 -1.61 -23.15 -4.28
CA ALA G 611 -1.42 -24.16 -3.24
C ALA G 611 -0.91 -25.47 -3.82
N ALA G 612 -0.48 -25.45 -5.08
CA ALA G 612 0.01 -26.64 -5.75
C ALA G 612 1.53 -26.66 -5.76
N ASP G 613 2.10 -27.82 -5.43
CA ASP G 613 3.54 -28.00 -5.47
C ASP G 613 3.87 -29.33 -6.15
N ARG G 614 5.14 -29.71 -6.13
CA ARG G 614 5.59 -30.91 -6.81
C ARG G 614 5.37 -32.20 -6.03
N VAL G 615 5.61 -32.21 -4.73
CA VAL G 615 5.49 -33.44 -3.96
C VAL G 615 4.04 -33.89 -3.88
N ILE G 616 3.11 -32.98 -3.60
CA ILE G 616 1.70 -33.34 -3.60
C ILE G 616 1.28 -33.77 -4.99
N ASN G 617 1.86 -33.19 -6.04
CA ASN G 617 1.57 -33.63 -7.40
C ASN G 617 2.00 -35.08 -7.60
N GLN G 618 3.16 -35.46 -7.10
CA GLN G 618 3.59 -36.85 -7.22
C GLN G 618 2.66 -37.79 -6.46
N ILE G 619 2.22 -37.39 -5.27
CA ILE G 619 1.27 -38.22 -4.53
C ILE G 619 -0.04 -38.36 -5.29
N LEU G 620 -0.52 -37.27 -5.89
CA LEU G 620 -1.73 -37.34 -6.71
C LEU G 620 -1.55 -38.29 -7.88
N THR G 621 -0.41 -38.21 -8.58
CA THR G 621 -0.17 -39.10 -9.70
C THR G 621 -0.13 -40.55 -9.27
N GLU G 622 0.52 -40.83 -8.13
CA GLU G 622 0.61 -42.21 -7.66
C GLU G 622 -0.74 -42.74 -7.19
N MET G 623 -1.55 -41.90 -6.55
CA MET G 623 -2.87 -42.31 -6.13
C MET G 623 -3.84 -42.51 -7.29
N ASP G 624 -3.70 -41.73 -8.36
CA ASP G 624 -4.59 -41.88 -9.50
C ASP G 624 -4.37 -43.21 -10.20
N GLY G 625 -3.13 -43.70 -10.21
CA GLY G 625 -2.79 -44.93 -10.89
C GLY G 625 -2.95 -46.20 -10.09
N MET G 626 -3.46 -46.12 -8.86
CA MET G 626 -3.64 -47.31 -8.05
C MET G 626 -4.90 -48.06 -8.47
N SER G 627 -4.94 -49.33 -8.09
CA SER G 627 -6.08 -50.20 -8.40
C SER G 627 -7.03 -50.23 -7.21
N THR G 628 -8.31 -50.01 -7.49
CA THR G 628 -9.32 -49.99 -6.44
C THR G 628 -9.59 -51.37 -5.85
N LYS G 629 -9.33 -52.44 -6.59
CA LYS G 629 -9.56 -53.78 -6.08
C LYS G 629 -8.54 -54.19 -5.04
N LYS G 630 -7.38 -53.53 -5.00
CA LYS G 630 -6.41 -53.76 -3.94
C LYS G 630 -6.89 -53.15 -2.62
N ASN G 631 -6.36 -53.66 -1.52
CA ASN G 631 -6.77 -53.24 -0.19
C ASN G 631 -5.87 -52.18 0.40
N VAL G 632 -5.01 -51.57 -0.41
CA VAL G 632 -4.17 -50.47 0.06
C VAL G 632 -5.07 -49.26 0.32
N PHE G 633 -4.78 -48.51 1.37
CA PHE G 633 -5.61 -47.39 1.78
C PHE G 633 -4.72 -46.24 2.24
N ILE G 634 -5.07 -45.02 1.82
CA ILE G 634 -4.30 -43.84 2.11
C ILE G 634 -5.08 -42.97 3.09
N ILE G 635 -4.42 -42.59 4.18
CA ILE G 635 -5.01 -41.73 5.20
C ILE G 635 -4.14 -40.49 5.32
N GLY G 636 -4.75 -39.33 5.15
CA GLY G 636 -4.06 -38.05 5.29
C GLY G 636 -4.44 -37.39 6.61
N ALA G 637 -3.43 -36.88 7.31
CA ALA G 637 -3.63 -36.18 8.57
C ALA G 637 -3.11 -34.77 8.45
N THR G 638 -3.90 -33.81 8.91
CA THR G 638 -3.51 -32.41 8.88
C THR G 638 -4.17 -31.69 10.03
N ASN G 639 -3.54 -30.61 10.46
CA ASN G 639 -4.13 -29.71 11.45
C ASN G 639 -4.61 -28.41 10.84
N ARG G 640 -4.10 -28.04 9.67
CA ARG G 640 -4.60 -26.87 8.97
C ARG G 640 -5.16 -27.31 7.62
N PRO G 641 -6.46 -27.62 7.53
CA PRO G 641 -7.04 -28.06 6.25
C PRO G 641 -7.40 -26.91 5.30
N ASP G 642 -7.29 -25.67 5.75
CA ASP G 642 -7.55 -24.51 4.90
C ASP G 642 -6.43 -24.27 3.90
N ILE G 643 -5.22 -24.75 4.17
CA ILE G 643 -4.08 -24.57 3.28
C ILE G 643 -3.78 -25.82 2.48
N ILE G 644 -4.53 -26.89 2.71
CA ILE G 644 -4.40 -28.10 1.90
C ILE G 644 -4.85 -27.79 0.48
N ASP G 645 -4.12 -28.30 -0.49
CA ASP G 645 -4.43 -28.05 -1.89
C ASP G 645 -5.80 -28.65 -2.20
N PRO G 646 -6.68 -27.93 -2.91
CA PRO G 646 -8.00 -28.48 -3.21
C PRO G 646 -7.97 -29.72 -4.08
N ALA G 647 -6.95 -29.90 -4.92
CA ALA G 647 -6.95 -31.01 -5.86
C ALA G 647 -6.78 -32.37 -5.19
N ILE G 648 -6.13 -32.42 -4.02
CA ILE G 648 -5.98 -33.70 -3.33
C ILE G 648 -7.30 -34.16 -2.72
N LEU G 649 -8.24 -33.24 -2.50
CA LEU G 649 -9.54 -33.54 -1.93
C LEU G 649 -10.59 -33.79 -3.01
N ARG G 650 -10.19 -33.84 -4.28
CA ARG G 650 -11.12 -34.11 -5.35
C ARG G 650 -11.73 -35.51 -5.19
N PRO G 651 -12.96 -35.70 -5.65
CA PRO G 651 -13.58 -37.02 -5.55
C PRO G 651 -12.72 -38.07 -6.25
N GLY G 652 -12.55 -39.22 -5.59
CA GLY G 652 -11.75 -40.31 -6.10
C GLY G 652 -10.39 -40.44 -5.46
N ARG G 653 -9.89 -39.40 -4.80
CA ARG G 653 -8.58 -39.49 -4.13
C ARG G 653 -8.69 -39.39 -2.62
N LEU G 654 -9.26 -38.32 -2.10
CA LEU G 654 -9.46 -38.15 -0.66
C LEU G 654 -10.79 -37.44 -0.42
N ASP G 655 -11.83 -37.89 -1.13
CA ASP G 655 -13.13 -37.26 -1.05
C ASP G 655 -13.73 -37.34 0.34
N GLN G 656 -13.38 -38.38 1.11
CA GLN G 656 -13.93 -38.56 2.44
C GLN G 656 -13.15 -37.74 3.44
N LEU G 657 -13.82 -36.76 4.06
CA LEU G 657 -13.22 -35.92 5.09
C LEU G 657 -14.00 -36.12 6.39
N ILE G 658 -13.31 -36.49 7.45
CA ILE G 658 -13.91 -36.64 8.77
C ILE G 658 -13.14 -35.77 9.74
N TYR G 659 -13.83 -35.27 10.76
CA TYR G 659 -13.25 -34.32 11.70
C TYR G 659 -12.96 -35.01 13.02
N ILE G 660 -11.73 -34.85 13.50
CA ILE G 660 -11.31 -35.43 14.77
C ILE G 660 -11.41 -34.34 15.83
N PRO G 661 -12.39 -34.40 16.72
CA PRO G 661 -12.56 -33.34 17.72
C PRO G 661 -11.66 -33.54 18.93
N LEU G 662 -11.81 -32.68 19.92
CA LEU G 662 -11.15 -32.91 21.19
C LEU G 662 -11.72 -34.17 21.84
N PRO G 663 -10.90 -34.92 22.57
CA PRO G 663 -11.41 -36.09 23.27
C PRO G 663 -12.49 -35.71 24.26
N ASP G 664 -13.54 -36.52 24.33
CA ASP G 664 -14.62 -36.29 25.28
C ASP G 664 -14.26 -36.92 26.61
N GLU G 665 -15.21 -36.92 27.56
CA GLU G 665 -14.92 -37.46 28.88
C GLU G 665 -14.55 -38.94 28.80
N LYS G 666 -15.28 -39.71 28.00
CA LYS G 666 -14.99 -41.13 27.86
C LYS G 666 -13.63 -41.38 27.23
N SER G 667 -13.23 -40.56 26.26
CA SER G 667 -11.95 -40.73 25.58
C SER G 667 -10.77 -40.19 26.38
N ARG G 668 -10.99 -39.19 27.23
CA ARG G 668 -9.90 -38.67 28.04
C ARG G 668 -9.41 -39.66 29.08
N VAL G 669 -10.30 -40.48 29.65
CA VAL G 669 -9.86 -41.52 30.57
C VAL G 669 -8.89 -42.46 29.87
N ALA G 670 -9.15 -42.77 28.61
CA ALA G 670 -8.23 -43.61 27.84
C ALA G 670 -6.87 -42.97 27.69
N ILE G 671 -6.81 -41.66 27.41
CA ILE G 671 -5.53 -40.99 27.29
C ILE G 671 -4.77 -41.00 28.61
N LEU G 672 -5.47 -40.74 29.72
CA LEU G 672 -4.81 -40.79 31.02
C LEU G 672 -4.27 -42.18 31.32
N LYS G 673 -5.09 -43.21 31.12
CA LYS G 673 -4.64 -44.56 31.45
C LYS G 673 -3.58 -45.09 30.51
N ALA G 674 -3.55 -44.61 29.25
CA ALA G 674 -2.47 -44.99 28.35
C ALA G 674 -1.13 -44.42 28.83
N ASN G 675 -1.15 -43.17 29.29
CA ASN G 675 0.05 -42.56 29.85
C ASN G 675 0.48 -43.22 31.16
N LEU G 676 -0.48 -43.60 32.00
CA LEU G 676 -0.17 -44.15 33.32
C LEU G 676 -0.11 -45.67 33.35
N ARG G 677 -0.22 -46.33 32.20
CA ARG G 677 -0.22 -47.79 32.18
C ARG G 677 1.12 -48.39 32.61
N LYS G 678 2.20 -47.62 32.59
CA LYS G 678 3.50 -48.09 33.02
C LYS G 678 3.92 -47.53 34.37
N SER G 679 3.05 -46.79 35.06
CA SER G 679 3.43 -46.15 36.30
C SER G 679 2.65 -46.72 37.48
N PRO G 680 3.23 -46.70 38.67
CA PRO G 680 2.48 -47.16 39.85
C PRO G 680 1.39 -46.17 40.25
N VAL G 681 0.14 -46.53 39.99
CA VAL G 681 -0.99 -45.65 40.29
C VAL G 681 -1.62 -46.08 41.61
N ALA G 682 -1.83 -45.12 42.50
CA ALA G 682 -2.46 -45.41 43.78
C ALA G 682 -3.96 -45.60 43.59
N LYS G 683 -4.58 -46.31 44.53
CA LYS G 683 -6.01 -46.60 44.46
C LYS G 683 -6.86 -45.34 44.54
N ASP G 684 -6.50 -44.40 45.40
CA ASP G 684 -7.31 -43.21 45.57
C ASP G 684 -7.24 -42.26 44.38
N VAL G 685 -6.26 -42.42 43.50
CA VAL G 685 -6.12 -41.55 42.34
C VAL G 685 -7.21 -41.91 41.33
N ASP G 686 -8.28 -41.14 41.28
CA ASP G 686 -9.41 -41.40 40.40
C ASP G 686 -9.20 -40.69 39.07
N LEU G 687 -8.99 -41.47 38.01
CA LEU G 687 -8.81 -40.89 36.68
C LEU G 687 -10.13 -40.43 36.06
N GLU G 688 -11.26 -41.03 36.45
CA GLU G 688 -12.54 -40.59 35.93
C GLU G 688 -12.81 -39.13 36.31
N PHE G 689 -12.58 -38.77 37.57
CA PHE G 689 -12.77 -37.39 37.99
C PHE G 689 -11.80 -36.45 37.31
N LEU G 690 -10.54 -36.86 37.17
CA LEU G 690 -9.55 -36.02 36.49
C LEU G 690 -9.94 -35.75 35.04
N ALA G 691 -10.39 -36.79 34.33
CA ALA G 691 -10.86 -36.61 32.96
C ALA G 691 -12.13 -35.78 32.90
N LYS G 692 -13.01 -35.90 33.90
CA LYS G 692 -14.20 -35.05 33.95
C LYS G 692 -13.84 -33.58 34.14
N MET G 693 -12.83 -33.28 34.96
CA MET G 693 -12.47 -31.89 35.23
C MET G 693 -11.98 -31.19 33.98
N THR G 694 -11.08 -31.83 33.24
CA THR G 694 -10.56 -31.25 32.01
C THR G 694 -11.53 -31.50 30.87
N ASN G 695 -12.00 -30.44 30.23
CA ASN G 695 -12.99 -30.56 29.16
C ASN G 695 -12.43 -30.18 27.80
N GLY G 696 -11.89 -28.96 27.67
CA GLY G 696 -11.33 -28.54 26.40
C GLY G 696 -9.87 -28.88 26.26
N PHE G 697 -9.46 -29.98 26.88
CA PHE G 697 -8.07 -30.39 26.93
C PHE G 697 -7.76 -31.36 25.79
N SER G 698 -6.62 -31.16 25.14
CA SER G 698 -6.18 -32.05 24.09
C SER G 698 -5.44 -33.23 24.69
N GLY G 699 -5.14 -34.23 23.85
CA GLY G 699 -4.35 -35.35 24.31
C GLY G 699 -2.97 -34.94 24.79
N ALA G 700 -2.38 -33.95 24.13
CA ALA G 700 -1.10 -33.42 24.56
C ALA G 700 -1.17 -32.74 25.92
N ASP G 701 -2.29 -32.07 26.22
CA ASP G 701 -2.43 -31.42 27.52
C ASP G 701 -2.50 -32.44 28.65
N LEU G 702 -3.26 -33.51 28.46
CA LEU G 702 -3.28 -34.59 29.42
C LEU G 702 -1.92 -35.29 29.51
N THR G 703 -1.22 -35.42 28.38
CA THR G 703 0.09 -36.06 28.38
C THR G 703 1.08 -35.29 29.25
N GLU G 704 1.14 -33.97 29.09
CA GLU G 704 2.04 -33.19 29.92
C GLU G 704 1.60 -33.16 31.37
N ILE G 705 0.30 -33.24 31.65
CA ILE G 705 -0.11 -33.37 33.05
C ILE G 705 0.44 -34.65 33.65
N CYS G 706 0.31 -35.77 32.94
CA CYS G 706 0.84 -37.03 33.44
C CYS G 706 2.35 -36.99 33.59
N GLN G 707 3.05 -36.40 32.62
CA GLN G 707 4.50 -36.29 32.68
C GLN G 707 4.95 -35.43 33.85
N ARG G 708 4.24 -34.33 34.11
CA ARG G 708 4.59 -33.48 35.24
C ARG G 708 4.33 -34.17 36.57
N ALA G 709 3.23 -34.92 36.67
CA ALA G 709 2.99 -35.70 37.88
C ALA G 709 4.08 -36.75 38.10
N CYS G 710 4.49 -37.43 37.02
CA CYS G 710 5.58 -38.39 37.14
C CYS G 710 6.88 -37.72 37.53
N LYS G 711 7.16 -36.53 36.98
CA LYS G 711 8.37 -35.80 37.35
C LYS G 711 8.36 -35.42 38.83
N LEU G 712 7.22 -34.94 39.32
CA LEU G 712 7.11 -34.62 40.75
C LEU G 712 7.30 -35.84 41.62
N ALA G 713 6.69 -36.97 41.24
CA ALA G 713 6.87 -38.20 42.01
C ALA G 713 8.33 -38.65 42.02
N ILE G 714 8.99 -38.60 40.86
CA ILE G 714 10.39 -39.01 40.79
C ILE G 714 11.26 -38.09 41.63
N ARG G 715 11.01 -36.78 41.56
CA ARG G 715 11.80 -35.85 42.36
C ARG G 715 11.60 -36.07 43.85
N GLU G 716 10.36 -36.29 44.29
CA GLU G 716 10.12 -36.56 45.70
C GLU G 716 10.79 -37.86 46.13
N SER G 717 10.72 -38.89 45.30
CA SER G 717 11.41 -40.15 45.60
C SER G 717 12.92 -39.98 45.70
N ILE G 718 13.52 -39.18 44.81
CA ILE G 718 14.96 -38.96 44.86
C ILE G 718 15.35 -38.16 46.10
N GLU G 719 14.62 -37.09 46.40
CA GLU G 719 14.98 -36.25 47.55
C GLU G 719 14.68 -36.93 48.88
N SER G 720 13.73 -37.86 48.91
CA SER G 720 13.36 -38.54 50.15
C SER G 720 14.37 -39.61 50.56
N GLU G 721 15.28 -40.00 49.66
CA GLU G 721 16.26 -41.01 50.00
C GLU G 721 17.25 -40.52 51.05
N ILE G 722 17.68 -39.27 50.95
CA ILE G 722 18.66 -38.72 51.87
C ILE G 722 17.99 -38.34 53.19
N VAL G 743 9.04 -42.46 47.93
CA VAL G 743 8.25 -43.67 48.03
C VAL G 743 7.83 -44.15 46.63
N PRO G 744 7.96 -45.45 46.39
CA PRO G 744 7.68 -46.01 45.05
C PRO G 744 6.20 -46.17 44.73
N GLU G 745 5.48 -45.04 44.74
CA GLU G 745 4.06 -45.03 44.40
C GLU G 745 3.63 -43.59 44.14
N ILE G 746 3.00 -43.36 42.99
CA ILE G 746 2.46 -42.04 42.69
C ILE G 746 1.24 -41.80 43.57
N ARG G 747 1.24 -40.69 44.31
CA ARG G 747 0.19 -40.41 45.26
C ARG G 747 -0.78 -39.39 44.69
N ARG G 748 -1.91 -39.23 45.39
CA ARG G 748 -2.94 -38.28 45.00
C ARG G 748 -2.41 -36.85 44.96
N ASP G 749 -1.54 -36.49 45.92
CA ASP G 749 -0.96 -35.16 45.97
C ASP G 749 -0.11 -34.85 44.75
N HIS G 750 0.60 -35.84 44.19
CA HIS G 750 1.39 -35.61 43.00
C HIS G 750 0.53 -35.09 41.85
N PHE G 751 -0.59 -35.75 41.58
CA PHE G 751 -1.51 -35.32 40.54
C PHE G 751 -2.23 -34.03 40.90
N GLU G 752 -2.60 -33.84 42.15
CA GLU G 752 -3.27 -32.61 42.57
C GLU G 752 -2.38 -31.39 42.40
N GLU G 753 -1.09 -31.49 42.76
CA GLU G 753 -0.18 -30.36 42.62
C GLU G 753 0.19 -30.13 41.16
N ALA G 754 0.48 -31.19 40.41
CA ALA G 754 0.78 -31.05 38.99
C ALA G 754 -0.42 -30.58 38.19
N MET G 755 -1.63 -30.71 38.72
CA MET G 755 -2.83 -30.19 38.07
C MET G 755 -2.84 -28.67 38.03
N ARG G 756 -2.04 -28.01 38.87
CA ARG G 756 -2.02 -26.55 38.90
C ARG G 756 -1.46 -25.97 37.61
N PHE G 757 -0.39 -26.57 37.08
CA PHE G 757 0.22 -26.13 35.83
C PHE G 757 -0.47 -26.77 34.63
N ALA G 758 -1.79 -26.66 34.57
CA ALA G 758 -2.56 -27.27 33.50
C ALA G 758 -2.74 -26.29 32.36
N ARG G 759 -2.13 -26.61 31.22
CA ARG G 759 -2.22 -25.79 30.02
C ARG G 759 -3.43 -26.20 29.18
N ARG G 760 -3.76 -25.36 28.21
CA ARG G 760 -4.79 -25.68 27.23
C ARG G 760 -4.32 -25.08 25.89
N SER G 761 -3.63 -25.90 25.11
CA SER G 761 -2.97 -25.40 23.91
C SER G 761 -3.93 -25.05 22.79
N VAL G 762 -5.13 -25.63 22.80
CA VAL G 762 -6.10 -25.40 21.74
C VAL G 762 -7.10 -24.35 22.21
N SER G 763 -7.18 -23.25 21.47
CA SER G 763 -8.07 -22.14 21.82
C SER G 763 -9.45 -22.36 21.20
N ASP G 764 -10.42 -21.58 21.69
CA ASP G 764 -11.78 -21.67 21.16
C ASP G 764 -11.87 -21.17 19.73
N ASN G 765 -11.07 -20.18 19.37
CA ASN G 765 -11.04 -19.69 18.00
C ASN G 765 -10.63 -20.80 17.03
N ASP G 766 -9.69 -21.66 17.44
CA ASP G 766 -9.34 -22.81 16.62
C ASP G 766 -10.52 -23.75 16.43
N ILE G 767 -11.28 -24.05 17.48
CA ILE G 767 -12.42 -24.93 17.31
C ILE G 767 -13.44 -24.31 16.37
N ARG G 768 -13.66 -22.99 16.49
CA ARG G 768 -14.58 -22.31 15.61
C ARG G 768 -14.12 -22.38 14.16
N LYS G 769 -12.83 -22.17 13.91
CA LYS G 769 -12.33 -22.21 12.54
C LYS G 769 -12.32 -23.62 11.96
N TYR G 770 -12.18 -24.65 12.80
CA TYR G 770 -12.32 -26.01 12.29
C TYR G 770 -13.78 -26.32 11.97
N GLU G 771 -14.71 -25.86 12.80
CA GLU G 771 -16.10 -26.11 12.50
C GLU G 771 -16.53 -25.40 11.22
N MET G 772 -16.15 -24.13 11.04
CA MET G 772 -16.50 -23.44 9.79
C MET G 772 -16.08 -24.28 8.59
N PHE G 773 -14.94 -24.95 8.67
CA PHE G 773 -14.54 -25.90 7.65
C PHE G 773 -15.46 -27.12 7.62
N ALA G 774 -15.91 -27.61 8.79
CA ALA G 774 -16.67 -28.86 8.82
C ALA G 774 -18.05 -28.73 8.17
N GLN G 775 -18.93 -27.90 8.73
CA GLN G 775 -20.15 -27.65 7.94
C GLN G 775 -19.98 -26.58 6.87
N THR G 776 -18.75 -26.30 6.41
CA THR G 776 -18.58 -25.89 5.03
C THR G 776 -18.93 -27.05 4.08
N LEU G 777 -18.45 -28.26 4.41
CA LEU G 777 -18.72 -29.43 3.57
C LEU G 777 -19.90 -30.26 4.05
N GLN G 778 -20.53 -29.93 5.18
CA GLN G 778 -21.72 -30.68 5.59
C GLN G 778 -22.92 -30.34 4.71
N GLN G 779 -23.38 -29.08 4.78
CA GLN G 779 -24.50 -28.59 4.00
C GLN G 779 -25.71 -29.52 4.03
N SER G 780 -26.34 -29.68 5.19
CA SER G 780 -27.52 -30.53 5.31
C SER G 780 -28.80 -29.71 5.27
N ARG G 781 -28.80 -28.64 4.48
CA ARG G 781 -29.94 -27.74 4.38
C ARG G 781 -30.68 -27.98 3.06
N GLY G 782 -31.85 -27.36 2.94
CA GLY G 782 -32.64 -27.46 1.74
C GLY G 782 -33.47 -28.72 1.68
N PHE G 783 -32.83 -29.85 1.41
CA PHE G 783 -33.53 -31.14 1.29
C PHE G 783 -33.59 -31.89 2.61
N GLY G 784 -34.04 -31.21 3.68
CA GLY G 784 -34.12 -31.88 4.97
C GLY G 784 -35.40 -32.64 5.18
N SER G 785 -36.49 -32.19 4.57
CA SER G 785 -37.80 -32.83 4.70
C SER G 785 -38.29 -33.17 3.30
N PHE G 786 -38.27 -34.45 2.94
CA PHE G 786 -38.75 -34.91 1.65
C PHE G 786 -39.79 -36.00 1.86
N ARG G 787 -40.89 -35.94 1.11
CA ARG G 787 -41.92 -36.95 1.13
C ARG G 787 -42.15 -37.47 -0.28
N PHE G 788 -42.05 -38.79 -0.45
CA PHE G 788 -42.31 -39.40 -1.74
C PHE G 788 -43.81 -39.44 -2.01
N PRO G 789 -44.24 -39.37 -3.28
CA PRO G 789 -45.68 -39.39 -3.59
C PRO G 789 -46.35 -40.70 -3.20
N SER G 790 -45.81 -41.82 -3.66
CA SER G 790 -46.39 -43.13 -3.37
C SER G 790 -45.36 -44.23 -3.57
N ASN H 36 -9.85 -67.27 -68.23
CA ASN H 36 -8.81 -67.30 -67.21
C ASN H 36 -9.18 -68.26 -66.09
N ARG H 37 -10.17 -69.12 -66.36
CA ARG H 37 -10.67 -70.11 -65.40
C ARG H 37 -11.01 -69.46 -64.07
N PRO H 38 -12.12 -68.69 -64.00
CA PRO H 38 -12.45 -68.00 -62.75
C PRO H 38 -12.91 -68.97 -61.66
N ASN H 39 -11.98 -69.77 -61.16
CA ASN H 39 -12.27 -70.71 -60.07
C ASN H 39 -11.27 -70.66 -58.93
N ARG H 40 -10.07 -70.13 -59.12
CA ARG H 40 -9.07 -70.05 -58.07
C ARG H 40 -9.14 -68.69 -57.38
N LEU H 41 -8.99 -68.70 -56.06
CA LEU H 41 -9.02 -67.49 -55.26
C LEU H 41 -7.82 -67.47 -54.32
N ILE H 42 -7.44 -66.26 -53.91
CA ILE H 42 -6.31 -66.11 -52.99
C ILE H 42 -6.69 -66.62 -51.61
N VAL H 43 -5.67 -66.84 -50.78
CA VAL H 43 -5.84 -67.38 -49.44
C VAL H 43 -5.48 -66.30 -48.42
N ASP H 44 -6.25 -66.25 -47.32
CA ASP H 44 -5.93 -65.35 -46.22
C ASP H 44 -6.15 -66.04 -44.88
N GLU H 45 -6.13 -65.26 -43.80
CA GLU H 45 -6.33 -65.78 -42.46
C GLU H 45 -7.80 -65.71 -42.08
N ALA H 46 -8.24 -66.67 -41.29
CA ALA H 46 -9.63 -66.76 -40.83
C ALA H 46 -9.74 -66.26 -39.40
N ILE H 47 -10.70 -65.36 -39.17
CA ILE H 47 -10.92 -64.81 -37.83
C ILE H 47 -11.69 -65.75 -36.93
N ASN H 48 -12.33 -66.79 -37.48
CA ASN H 48 -13.06 -67.74 -36.67
C ASN H 48 -12.10 -68.60 -35.84
N GLU H 49 -12.52 -68.92 -34.62
CA GLU H 49 -11.71 -69.71 -33.70
C GLU H 49 -11.99 -71.20 -33.79
N ASP H 50 -12.85 -71.63 -34.72
CA ASP H 50 -13.18 -73.03 -34.87
C ASP H 50 -11.99 -73.80 -35.46
N ASN H 51 -12.03 -75.13 -35.31
CA ASN H 51 -10.93 -75.97 -35.76
C ASN H 51 -10.99 -76.23 -37.26
N SER H 52 -12.07 -76.87 -37.72
CA SER H 52 -12.23 -77.18 -39.14
C SER H 52 -13.52 -76.54 -39.64
N VAL H 53 -13.40 -75.28 -40.03
CA VAL H 53 -14.51 -74.50 -40.57
C VAL H 53 -13.97 -73.62 -41.69
N VAL H 54 -14.60 -73.69 -42.87
CA VAL H 54 -14.23 -72.88 -44.01
C VAL H 54 -15.39 -71.94 -44.31
N SER H 55 -15.13 -70.64 -44.27
CA SER H 55 -16.14 -69.62 -44.49
C SER H 55 -15.95 -68.98 -45.85
N LEU H 56 -17.06 -68.76 -46.55
CA LEU H 56 -17.04 -68.17 -47.88
C LEU H 56 -18.05 -67.03 -47.90
N SER H 57 -18.26 -66.45 -49.08
CA SER H 57 -19.21 -65.37 -49.28
C SER H 57 -20.51 -65.93 -49.86
N GLN H 58 -21.53 -65.07 -49.90
CA GLN H 58 -22.86 -65.47 -50.35
C GLN H 58 -22.86 -66.00 -51.78
N PRO H 59 -22.22 -65.33 -52.76
CA PRO H 59 -22.25 -65.87 -54.13
C PRO H 59 -21.16 -66.92 -54.38
N LYS H 60 -21.03 -67.87 -53.45
CA LYS H 60 -20.02 -68.91 -53.62
C LYS H 60 -20.65 -70.30 -53.66
N MET H 61 -21.50 -70.64 -52.70
CA MET H 61 -22.15 -71.94 -52.72
C MET H 61 -23.31 -71.99 -53.69
N ASP H 62 -23.82 -70.83 -54.13
CA ASP H 62 -24.89 -70.79 -55.10
C ASP H 62 -24.44 -71.19 -56.50
N GLU H 63 -23.13 -71.17 -56.77
CA GLU H 63 -22.60 -71.58 -58.07
C GLU H 63 -22.23 -73.06 -58.08
N LEU H 64 -21.74 -73.58 -56.96
CA LEU H 64 -21.33 -74.97 -56.86
C LEU H 64 -22.40 -75.85 -56.21
N GLN H 65 -23.62 -75.32 -56.04
CA GLN H 65 -24.78 -76.01 -55.47
C GLN H 65 -24.41 -76.92 -54.29
N LEU H 66 -23.66 -76.40 -53.33
CA LEU H 66 -23.27 -77.13 -52.14
C LEU H 66 -23.99 -76.57 -50.92
N PHE H 67 -24.38 -77.46 -50.01
CA PHE H 67 -25.10 -77.07 -48.81
C PHE H 67 -24.11 -76.74 -47.70
N ARG H 68 -24.62 -76.50 -46.49
CA ARG H 68 -23.79 -76.13 -45.35
C ARG H 68 -23.12 -77.33 -44.68
N GLY H 69 -23.50 -78.55 -45.06
CA GLY H 69 -22.91 -79.73 -44.47
C GLY H 69 -22.47 -80.77 -45.47
N ASP H 70 -22.02 -80.32 -46.64
CA ASP H 70 -21.61 -81.21 -47.71
C ASP H 70 -20.12 -81.55 -47.57
N THR H 71 -19.62 -82.33 -48.52
CA THR H 71 -18.22 -82.77 -48.53
C THR H 71 -17.47 -81.98 -49.60
N VAL H 72 -16.36 -81.37 -49.20
CA VAL H 72 -15.55 -80.55 -50.10
C VAL H 72 -14.16 -81.18 -50.22
N LEU H 73 -13.65 -81.17 -51.44
CA LEU H 73 -12.31 -81.73 -51.71
C LEU H 73 -11.42 -80.63 -52.26
N LEU H 74 -10.26 -80.44 -51.63
CA LEU H 74 -9.31 -79.42 -52.01
C LEU H 74 -7.97 -80.06 -52.35
N LYS H 75 -7.29 -79.50 -53.36
CA LYS H 75 -6.01 -80.00 -53.81
C LYS H 75 -4.95 -78.93 -53.61
N GLY H 76 -3.72 -79.25 -54.03
CA GLY H 76 -2.62 -78.33 -53.94
C GLY H 76 -1.36 -78.86 -54.58
N LYS H 77 -0.20 -78.54 -54.02
CA LYS H 77 1.06 -79.03 -54.51
C LYS H 77 1.34 -80.43 -53.96
N LYS H 78 2.45 -81.02 -54.41
CA LYS H 78 2.90 -82.34 -53.97
C LYS H 78 1.91 -83.45 -54.33
N ARG H 79 0.96 -83.16 -55.22
CA ARG H 79 -0.04 -84.13 -55.67
C ARG H 79 -0.81 -84.73 -54.48
N ARG H 80 -1.31 -83.83 -53.64
CA ARG H 80 -2.06 -84.23 -52.44
C ARG H 80 -3.43 -83.57 -52.46
N GLU H 81 -4.39 -84.22 -51.81
CA GLU H 81 -5.75 -83.75 -51.72
C GLU H 81 -6.08 -83.41 -50.27
N ALA H 82 -7.29 -82.88 -50.06
CA ALA H 82 -7.76 -82.54 -48.72
C ALA H 82 -9.28 -82.62 -48.70
N VAL H 83 -9.82 -82.72 -47.50
CA VAL H 83 -11.28 -82.78 -47.31
C VAL H 83 -11.62 -82.06 -46.00
N CYS H 84 -12.66 -81.24 -46.05
CA CYS H 84 -13.08 -80.45 -44.90
C CYS H 84 -14.59 -80.26 -44.97
N ILE H 85 -15.09 -79.30 -44.18
CA ILE H 85 -16.51 -78.97 -44.14
C ILE H 85 -16.67 -77.49 -44.42
N VAL H 86 -17.50 -77.16 -45.39
CA VAL H 86 -17.77 -75.77 -45.77
C VAL H 86 -18.90 -75.24 -44.89
N LEU H 87 -18.66 -74.09 -44.25
CA LEU H 87 -19.66 -73.43 -43.44
C LEU H 87 -20.07 -72.12 -44.11
N SER H 88 -21.37 -71.85 -44.11
CA SER H 88 -21.91 -70.65 -44.75
C SER H 88 -21.86 -69.47 -43.80
N ASP H 89 -21.41 -68.32 -44.31
CA ASP H 89 -21.35 -67.10 -43.52
C ASP H 89 -21.53 -65.92 -44.45
N ASP H 90 -22.27 -64.92 -43.98
CA ASP H 90 -22.54 -63.70 -44.77
C ASP H 90 -22.09 -62.45 -44.03
N THR H 91 -21.28 -62.60 -42.98
CA THR H 91 -20.77 -61.46 -42.21
C THR H 91 -19.27 -61.29 -42.32
N CYS H 92 -18.53 -62.30 -42.78
CA CYS H 92 -17.07 -62.22 -42.87
C CYS H 92 -16.64 -61.13 -43.85
N SER H 93 -17.00 -61.29 -45.12
CA SER H 93 -16.60 -60.33 -46.15
C SER H 93 -17.62 -60.26 -47.27
N ASP H 94 -17.24 -59.63 -48.38
CA ASP H 94 -18.10 -59.51 -49.56
C ASP H 94 -17.90 -60.63 -50.56
N GLU H 95 -16.66 -60.90 -50.96
CA GLU H 95 -16.38 -62.04 -51.84
C GLU H 95 -14.98 -62.55 -51.49
N LYS H 96 -14.91 -63.54 -50.60
CA LYS H 96 -13.64 -64.07 -50.13
C LYS H 96 -13.88 -65.41 -49.47
N ILE H 97 -12.86 -66.26 -49.50
CA ILE H 97 -12.90 -67.57 -48.87
C ILE H 97 -11.89 -67.60 -47.73
N ARG H 98 -12.36 -68.04 -46.56
CA ARG H 98 -11.53 -68.20 -45.38
C ARG H 98 -10.88 -69.57 -45.41
N MET H 99 -9.84 -69.74 -44.58
CA MET H 99 -9.04 -70.95 -44.65
C MET H 99 -8.22 -71.05 -43.38
N ASN H 100 -8.20 -72.22 -42.74
CA ASN H 100 -7.68 -72.35 -41.40
C ASN H 100 -6.20 -72.70 -41.39
N ARG H 101 -5.58 -72.59 -40.21
CA ARG H 101 -4.15 -72.87 -40.04
C ARG H 101 -3.84 -74.35 -39.89
N VAL H 102 -4.71 -75.11 -39.21
CA VAL H 102 -4.46 -76.53 -39.00
C VAL H 102 -4.41 -77.31 -40.30
N VAL H 103 -4.98 -76.78 -41.37
CA VAL H 103 -4.95 -77.44 -42.66
C VAL H 103 -4.09 -76.71 -43.69
N ARG H 104 -3.69 -75.46 -43.44
CA ARG H 104 -2.71 -74.81 -44.30
C ARG H 104 -1.39 -75.56 -44.29
N ASN H 105 -0.91 -75.94 -43.11
CA ASN H 105 0.32 -76.73 -43.04
C ASN H 105 0.07 -78.17 -43.46
N ASN H 106 -1.16 -78.65 -43.34
CA ASN H 106 -1.46 -80.03 -43.72
C ASN H 106 -1.44 -80.23 -45.23
N LEU H 107 -2.05 -79.29 -45.98
CA LEU H 107 -2.06 -79.38 -47.43
C LEU H 107 -0.82 -78.74 -48.05
N ARG H 108 0.06 -78.16 -47.22
CA ARG H 108 1.27 -77.47 -47.67
C ARG H 108 0.92 -76.27 -48.54
N VAL H 109 0.16 -75.35 -47.95
CA VAL H 109 -0.27 -74.12 -48.62
C VAL H 109 0.28 -72.94 -47.82
N ARG H 110 0.74 -71.93 -48.55
CA ARG H 110 1.21 -70.70 -47.92
C ARG H 110 0.37 -69.54 -48.47
N LEU H 111 0.54 -68.36 -47.87
CA LEU H 111 -0.26 -67.20 -48.22
C LEU H 111 0.03 -66.75 -49.65
N GLY H 112 -0.93 -66.03 -50.23
CA GLY H 112 -0.76 -65.53 -51.58
C GLY H 112 -0.77 -66.60 -52.65
N ASP H 113 -1.43 -67.73 -52.40
CA ASP H 113 -1.51 -68.82 -53.34
C ASP H 113 -2.94 -68.99 -53.83
N VAL H 114 -3.09 -69.72 -54.93
CA VAL H 114 -4.39 -69.99 -55.52
C VAL H 114 -4.89 -71.33 -55.04
N ILE H 115 -6.20 -71.44 -54.85
CA ILE H 115 -6.83 -72.69 -54.41
C ILE H 115 -8.10 -72.89 -55.21
N SER H 116 -8.31 -74.10 -55.70
CA SER H 116 -9.48 -74.47 -56.48
C SER H 116 -10.43 -75.29 -55.61
N ILE H 117 -11.71 -74.94 -55.64
CA ILE H 117 -12.73 -75.59 -54.82
C ILE H 117 -13.82 -76.12 -55.72
N GLN H 118 -14.29 -77.34 -55.41
CA GLN H 118 -15.37 -77.97 -56.15
C GLN H 118 -16.11 -78.90 -55.21
N PRO H 119 -17.41 -79.08 -55.39
CA PRO H 119 -18.15 -80.02 -54.55
C PRO H 119 -17.79 -81.46 -54.87
N CYS H 120 -17.96 -82.33 -53.87
CA CYS H 120 -17.67 -83.76 -54.03
C CYS H 120 -18.70 -84.53 -53.25
N PRO H 121 -19.87 -84.80 -53.84
CA PRO H 121 -20.94 -85.55 -53.14
C PRO H 121 -20.68 -87.05 -53.13
N ASP H 122 -19.72 -87.46 -52.31
CA ASP H 122 -19.35 -88.86 -52.17
C ASP H 122 -19.70 -89.34 -50.77
N VAL H 123 -20.41 -90.47 -50.69
CA VAL H 123 -20.79 -91.04 -49.40
C VAL H 123 -19.60 -91.80 -48.84
N LYS H 124 -19.21 -91.45 -47.61
CA LYS H 124 -18.06 -92.06 -46.95
C LYS H 124 -18.49 -92.62 -45.60
N TYR H 125 -17.77 -93.66 -45.17
CA TYR H 125 -18.07 -94.31 -43.89
C TYR H 125 -16.82 -95.01 -43.40
N GLY H 126 -16.26 -94.52 -42.30
CA GLY H 126 -15.09 -95.15 -41.72
C GLY H 126 -15.43 -96.42 -40.98
N LYS H 127 -14.56 -97.42 -41.12
CA LYS H 127 -14.73 -98.71 -40.45
C LYS H 127 -13.64 -98.97 -39.43
N ARG H 128 -12.37 -98.90 -39.83
CA ARG H 128 -11.25 -99.13 -38.92
C ARG H 128 -10.26 -97.99 -39.07
N ILE H 129 -9.75 -97.50 -37.94
CA ILE H 129 -8.76 -96.44 -37.92
C ILE H 129 -7.60 -96.86 -37.03
N HIS H 130 -6.44 -96.25 -37.28
CA HIS H 130 -5.24 -96.55 -36.51
C HIS H 130 -4.35 -95.31 -36.55
N VAL H 131 -4.36 -94.53 -35.47
CA VAL H 131 -3.57 -93.32 -35.37
C VAL H 131 -2.58 -93.49 -34.22
N LEU H 132 -1.45 -92.79 -34.33
CA LEU H 132 -0.41 -92.85 -33.33
C LEU H 132 0.33 -91.52 -33.32
N PRO H 133 0.79 -91.05 -32.17
CA PRO H 133 1.47 -89.76 -32.10
C PRO H 133 2.94 -89.89 -32.46
N ILE H 134 3.58 -88.74 -32.64
CA ILE H 134 5.01 -88.65 -32.92
C ILE H 134 5.74 -88.55 -31.59
N ASP H 135 6.91 -89.19 -31.50
CA ASP H 135 7.68 -89.21 -30.27
C ASP H 135 8.42 -87.89 -30.08
N ASP H 136 7.69 -86.78 -30.05
CA ASP H 136 8.29 -85.47 -29.83
C ASP H 136 7.47 -84.65 -28.83
N THR H 137 6.24 -85.10 -28.57
CA THR H 137 5.33 -84.39 -27.67
C THR H 137 4.58 -85.33 -26.75
N VAL H 138 5.12 -86.53 -26.50
CA VAL H 138 4.44 -87.51 -25.65
C VAL H 138 5.32 -87.81 -24.45
N GLU H 139 6.11 -86.83 -24.01
CA GLU H 139 7.00 -87.01 -22.87
C GLU H 139 6.19 -86.94 -21.58
N GLY H 140 6.30 -87.97 -20.76
CA GLY H 140 5.59 -88.03 -19.49
C GLY H 140 4.18 -88.55 -19.56
N ILE H 141 3.79 -89.18 -20.66
CA ILE H 141 2.44 -89.72 -20.84
C ILE H 141 2.53 -91.23 -20.89
N THR H 142 1.75 -91.90 -20.03
CA THR H 142 1.74 -93.35 -19.94
C THR H 142 0.29 -93.84 -19.90
N GLY H 143 0.12 -95.14 -20.16
CA GLY H 143 -1.19 -95.74 -20.14
C GLY H 143 -1.96 -95.51 -21.43
N ASN H 144 -3.22 -95.92 -21.39
CA ASN H 144 -4.10 -95.76 -22.54
C ASN H 144 -4.43 -94.30 -22.78
N LEU H 145 -4.48 -93.92 -24.06
CA LEU H 145 -4.79 -92.54 -24.42
C LEU H 145 -5.72 -92.44 -25.62
N PHE H 146 -6.39 -93.52 -26.01
CA PHE H 146 -7.29 -93.50 -27.15
C PHE H 146 -8.75 -93.51 -26.78
N GLU H 147 -9.14 -94.18 -25.70
CA GLU H 147 -10.53 -94.27 -25.29
C GLU H 147 -10.91 -93.19 -24.28
N VAL H 148 -9.98 -92.29 -23.96
CA VAL H 148 -10.24 -91.24 -22.98
C VAL H 148 -10.19 -89.83 -23.56
N TYR H 149 -9.40 -89.56 -24.59
CA TYR H 149 -9.42 -88.27 -25.27
C TYR H 149 -10.02 -88.32 -26.66
N LEU H 150 -9.56 -89.23 -27.51
CA LEU H 150 -10.03 -89.26 -28.90
C LEU H 150 -11.51 -89.57 -29.01
N LYS H 151 -12.01 -90.56 -28.26
CA LYS H 151 -13.43 -90.89 -28.37
C LYS H 151 -14.35 -89.74 -27.95
N PRO H 152 -14.10 -89.03 -26.84
CA PRO H 152 -15.01 -87.93 -26.47
C PRO H 152 -15.09 -86.80 -27.49
N TYR H 153 -13.98 -86.41 -28.10
CA TYR H 153 -13.97 -85.26 -29.00
C TYR H 153 -14.44 -85.60 -30.42
N PHE H 154 -14.40 -86.87 -30.83
CA PHE H 154 -14.84 -87.21 -32.17
C PHE H 154 -16.35 -87.16 -32.35
N LEU H 155 -17.11 -87.50 -31.32
CA LEU H 155 -18.57 -87.58 -31.45
C LEU H 155 -19.17 -86.20 -31.64
N GLU H 156 -20.29 -86.16 -32.38
CA GLU H 156 -21.03 -84.93 -32.67
C GLU H 156 -20.17 -83.92 -33.44
N ALA H 157 -19.21 -84.43 -34.20
CA ALA H 157 -18.35 -83.56 -35.01
C ALA H 157 -18.36 -83.99 -36.47
N TYR H 158 -18.32 -85.30 -36.71
CA TYR H 158 -18.31 -85.87 -38.06
C TYR H 158 -17.21 -85.25 -38.92
N ARG H 159 -16.04 -85.04 -38.30
CA ARG H 159 -14.98 -84.41 -39.07
C ARG H 159 -14.34 -85.42 -40.02
N PRO H 160 -14.11 -85.04 -41.28
CA PRO H 160 -13.47 -85.94 -42.23
C PRO H 160 -11.96 -85.97 -42.04
N ILE H 161 -11.34 -86.98 -42.62
CA ILE H 161 -9.89 -87.15 -42.56
C ILE H 161 -9.45 -87.88 -43.82
N ARG H 162 -8.35 -87.41 -44.42
CA ARG H 162 -7.78 -88.02 -45.61
C ARG H 162 -6.48 -88.71 -45.24
N LYS H 163 -5.98 -89.51 -46.18
CA LYS H 163 -4.78 -90.29 -45.93
C LYS H 163 -3.54 -89.40 -45.95
N GLY H 164 -2.68 -89.58 -44.96
CA GLY H 164 -1.44 -88.81 -44.89
C GLY H 164 -1.66 -87.37 -44.46
N ASP H 165 -2.30 -87.18 -43.31
CA ASP H 165 -2.56 -85.85 -42.78
C ASP H 165 -2.21 -85.81 -41.31
N ILE H 166 -1.67 -84.69 -40.85
CA ILE H 166 -1.31 -84.51 -39.46
C ILE H 166 -2.25 -83.50 -38.82
N PHE H 167 -3.33 -83.99 -38.22
CA PHE H 167 -4.27 -83.12 -37.54
C PHE H 167 -3.74 -82.73 -36.16
N LEU H 168 -4.19 -81.58 -35.67
CA LEU H 168 -3.78 -81.05 -34.38
C LEU H 168 -5.01 -80.84 -33.52
N VAL H 169 -4.95 -81.27 -32.26
CA VAL H 169 -6.07 -81.16 -31.33
C VAL H 169 -5.58 -80.49 -30.06
N ARG H 170 -6.38 -79.52 -29.59
CA ARG H 170 -6.10 -78.79 -28.36
C ARG H 170 -6.96 -79.34 -27.23
N GLY H 171 -6.36 -79.46 -26.06
CA GLY H 171 -7.04 -79.97 -24.89
C GLY H 171 -6.15 -80.94 -24.14
N GLY H 172 -6.61 -81.35 -22.96
CA GLY H 172 -5.83 -82.27 -22.15
C GLY H 172 -4.61 -81.66 -21.51
N MET H 173 -4.62 -80.34 -21.28
CA MET H 173 -3.51 -79.63 -20.63
C MET H 173 -2.21 -79.79 -21.42
N ARG H 174 -2.32 -79.90 -22.74
CA ARG H 174 -1.16 -80.06 -23.60
C ARG H 174 -1.60 -79.89 -25.05
N ALA H 175 -0.61 -79.90 -25.94
CA ALA H 175 -0.83 -79.80 -27.39
C ALA H 175 -0.16 -81.00 -28.04
N VAL H 176 -0.96 -81.98 -28.43
CA VAL H 176 -0.46 -83.21 -29.02
C VAL H 176 -1.16 -83.45 -30.35
N GLU H 177 -0.52 -84.27 -31.19
CA GLU H 177 -1.04 -84.58 -32.51
C GLU H 177 -0.87 -86.07 -32.77
N PHE H 178 -1.51 -86.55 -33.83
CA PHE H 178 -1.44 -87.95 -34.22
C PHE H 178 -1.31 -88.03 -35.73
N LYS H 179 -0.75 -89.16 -36.19
CA LYS H 179 -0.54 -89.37 -37.62
C LYS H 179 -0.94 -90.80 -37.96
N VAL H 180 -1.65 -90.96 -39.06
CA VAL H 180 -2.10 -92.27 -39.52
C VAL H 180 -1.08 -92.83 -40.52
N VAL H 181 -0.87 -94.14 -40.44
CA VAL H 181 0.12 -94.79 -41.30
C VAL H 181 -0.52 -95.93 -42.08
N GLU H 182 -1.60 -96.50 -41.54
CA GLU H 182 -2.26 -97.65 -42.18
C GLU H 182 -3.69 -97.75 -41.68
N THR H 183 -4.64 -97.61 -42.59
CA THR H 183 -6.05 -97.76 -42.25
C THR H 183 -6.79 -98.25 -43.50
N ASP H 184 -8.11 -98.10 -43.51
CA ASP H 184 -8.90 -98.48 -44.67
C ASP H 184 -8.51 -97.62 -45.87
N PRO H 185 -8.61 -98.16 -47.08
CA PRO H 185 -8.16 -97.42 -48.27
C PRO H 185 -8.91 -96.10 -48.43
N SER H 186 -8.18 -95.08 -48.87
CA SER H 186 -8.75 -93.76 -49.01
C SER H 186 -9.78 -93.74 -50.13
N PRO H 187 -10.89 -93.00 -49.97
CA PRO H 187 -11.21 -92.24 -48.75
C PRO H 187 -12.04 -93.07 -47.77
N TYR H 188 -13.35 -92.85 -47.77
CA TYR H 188 -14.29 -93.61 -46.93
C TYR H 188 -13.90 -93.54 -45.45
N CYS H 189 -13.47 -92.36 -45.02
CA CYS H 189 -13.05 -92.14 -43.63
C CYS H 189 -14.03 -91.18 -42.98
N ILE H 190 -14.93 -91.72 -42.16
CA ILE H 190 -15.89 -90.92 -41.41
C ILE H 190 -15.87 -91.41 -39.97
N VAL H 191 -15.70 -90.47 -39.03
CA VAL H 191 -15.64 -90.83 -37.62
C VAL H 191 -17.02 -91.25 -37.14
N ALA H 192 -17.07 -92.32 -36.35
CA ALA H 192 -18.31 -92.83 -35.80
C ALA H 192 -18.01 -93.59 -34.53
N PRO H 193 -18.89 -93.55 -33.52
CA PRO H 193 -18.63 -94.30 -32.28
C PRO H 193 -18.51 -95.79 -32.48
N ASP H 194 -19.12 -96.34 -33.55
CA ASP H 194 -19.03 -97.77 -33.82
C ASP H 194 -17.67 -98.19 -34.36
N THR H 195 -16.86 -97.25 -34.84
CA THR H 195 -15.54 -97.55 -35.36
C THR H 195 -14.61 -98.01 -34.25
N VAL H 196 -13.71 -98.92 -34.59
CA VAL H 196 -12.75 -99.45 -33.64
C VAL H 196 -11.38 -98.86 -33.94
N ILE H 197 -10.48 -98.93 -32.95
CA ILE H 197 -9.12 -98.41 -33.08
C ILE H 197 -8.16 -99.41 -32.49
N HIS H 198 -6.89 -99.30 -32.86
CA HIS H 198 -5.85 -100.21 -32.36
C HIS H 198 -4.52 -99.49 -32.42
N CYS H 199 -3.55 -100.03 -31.68
CA CYS H 199 -2.21 -99.47 -31.60
C CYS H 199 -1.18 -100.60 -31.65
N GLU H 200 0.04 -100.24 -32.04
CA GLU H 200 1.15 -101.17 -32.11
C GLU H 200 2.14 -100.99 -30.97
N GLY H 201 2.43 -99.75 -30.60
CA GLY H 201 3.33 -99.44 -29.51
C GLY H 201 4.71 -98.93 -29.90
N GLU H 202 4.86 -98.35 -31.10
CA GLU H 202 6.14 -97.85 -31.56
C GLU H 202 5.89 -96.57 -32.35
N PRO H 203 6.06 -95.40 -31.73
CA PRO H 203 5.87 -94.15 -32.46
C PRO H 203 6.93 -93.95 -33.54
N ILE H 204 6.52 -93.26 -34.61
CA ILE H 204 7.41 -92.98 -35.74
C ILE H 204 7.76 -91.50 -35.72
N LYS H 205 9.06 -91.20 -35.83
CA LYS H 205 9.51 -89.82 -35.80
C LYS H 205 9.06 -89.07 -37.04
N ARG H 206 8.89 -87.76 -36.89
CA ARG H 206 8.47 -86.91 -37.98
C ARG H 206 9.65 -86.64 -38.92
N GLU H 207 9.33 -86.15 -40.11
CA GLU H 207 10.32 -85.81 -41.12
C GLU H 207 10.36 -84.30 -41.31
N ASP H 208 11.21 -83.85 -42.23
CA ASP H 208 11.38 -82.43 -42.51
C ASP H 208 10.39 -81.89 -43.52
N GLU H 209 9.58 -82.76 -44.14
CA GLU H 209 8.58 -82.31 -45.09
C GLU H 209 7.48 -81.48 -44.43
N GLU H 210 7.08 -81.86 -43.22
CA GLU H 210 6.02 -81.16 -42.49
C GLU H 210 6.63 -80.19 -41.49
N GLU H 211 5.79 -79.26 -41.03
CA GLU H 211 6.18 -78.26 -40.05
C GLU H 211 5.32 -78.41 -38.81
N SER H 212 5.93 -78.26 -37.64
CA SER H 212 5.21 -78.37 -36.39
C SER H 212 4.25 -77.21 -36.22
N LEU H 213 3.02 -77.52 -35.81
CA LEU H 213 2.01 -76.50 -35.57
C LEU H 213 2.10 -75.89 -34.18
N ASN H 214 3.03 -76.37 -33.35
CA ASN H 214 3.21 -75.82 -32.01
C ASN H 214 3.87 -74.44 -32.03
N GLU H 215 4.37 -74.00 -33.17
CA GLU H 215 5.03 -72.71 -33.28
C GLU H 215 4.00 -71.59 -33.38
N VAL H 216 4.49 -70.37 -33.58
CA VAL H 216 3.63 -69.20 -33.55
C VAL H 216 3.19 -68.81 -34.96
N GLY H 217 1.90 -68.51 -35.10
CA GLY H 217 1.36 -68.02 -36.36
C GLY H 217 0.53 -66.78 -36.15
N TYR H 218 -0.17 -66.32 -37.20
CA TYR H 218 -1.00 -65.12 -37.08
C TYR H 218 -2.14 -65.30 -36.09
N ASP H 219 -2.67 -66.52 -35.96
CA ASP H 219 -3.77 -66.75 -35.04
C ASP H 219 -3.35 -66.65 -33.58
N ASP H 220 -2.06 -66.60 -33.31
CA ASP H 220 -1.56 -66.54 -31.94
C ASP H 220 -1.44 -65.12 -31.40
N ILE H 221 -1.73 -64.12 -32.23
CA ILE H 221 -1.63 -62.72 -31.82
C ILE H 221 -3.02 -62.28 -31.38
N GLY H 222 -3.11 -61.71 -30.18
CA GLY H 222 -4.38 -61.24 -29.66
C GLY H 222 -4.35 -59.80 -29.21
N GLY H 223 -5.24 -58.98 -29.76
CA GLY H 223 -5.32 -57.59 -29.37
C GLY H 223 -4.81 -56.64 -30.43
N CYS H 224 -3.72 -57.03 -31.09
CA CYS H 224 -3.10 -56.20 -32.13
C CYS H 224 -3.77 -56.55 -33.46
N ARG H 225 -4.87 -55.84 -33.76
CA ARG H 225 -5.57 -56.00 -35.03
C ARG H 225 -5.21 -54.90 -36.02
N LYS H 226 -5.40 -53.64 -35.63
CA LYS H 226 -5.05 -52.53 -36.51
C LYS H 226 -3.56 -52.47 -36.80
N GLN H 227 -2.71 -52.70 -35.79
CA GLN H 227 -1.27 -52.67 -35.99
C GLN H 227 -0.76 -53.85 -36.81
N LEU H 228 -1.25 -55.06 -36.54
CA LEU H 228 -0.86 -56.21 -37.34
C LEU H 228 -1.35 -56.11 -38.78
N ALA H 229 -2.47 -55.42 -39.00
CA ALA H 229 -2.98 -55.25 -40.36
C ALA H 229 -2.00 -54.47 -41.24
N GLN H 230 -1.22 -53.57 -40.65
CA GLN H 230 -0.26 -52.80 -41.44
C GLN H 230 0.89 -53.64 -41.95
N ILE H 231 1.43 -54.55 -41.15
CA ILE H 231 2.57 -55.36 -41.58
C ILE H 231 2.21 -56.24 -42.77
N LYS H 232 0.93 -56.61 -42.89
CA LYS H 232 0.49 -57.41 -44.04
C LYS H 232 0.72 -56.68 -45.35
N GLU H 233 0.46 -55.38 -45.40
CA GLU H 233 0.62 -54.60 -46.63
C GLU H 233 2.02 -54.01 -46.77
N MET H 234 2.97 -54.45 -45.95
CA MET H 234 4.36 -54.04 -46.13
C MET H 234 5.34 -55.20 -46.27
N VAL H 235 5.05 -56.40 -45.76
CA VAL H 235 6.00 -57.51 -45.87
C VAL H 235 5.50 -58.65 -46.75
N GLU H 236 4.23 -58.65 -47.16
CA GLU H 236 3.71 -59.69 -48.03
C GLU H 236 4.05 -59.49 -49.50
N LEU H 237 4.34 -58.27 -49.92
CA LEU H 237 4.69 -58.04 -51.32
C LEU H 237 6.12 -58.49 -51.63
N PRO H 238 7.14 -58.07 -50.86
CA PRO H 238 8.50 -58.49 -51.22
C PRO H 238 8.82 -59.94 -50.91
N LEU H 239 8.18 -60.55 -49.92
CA LEU H 239 8.52 -61.91 -49.51
C LEU H 239 7.74 -62.98 -50.26
N ARG H 240 6.53 -62.66 -50.73
CA ARG H 240 5.73 -63.65 -51.44
C ARG H 240 5.96 -63.60 -52.95
N HIS H 241 6.38 -62.46 -53.48
CA HIS H 241 6.55 -62.27 -54.92
C HIS H 241 7.93 -61.66 -55.17
N PRO H 242 8.98 -62.49 -55.14
CA PRO H 242 10.34 -61.95 -55.33
C PRO H 242 10.64 -61.54 -56.76
N ALA H 243 10.23 -62.35 -57.74
CA ALA H 243 10.51 -62.02 -59.13
C ALA H 243 9.86 -60.72 -59.56
N LEU H 244 8.71 -60.37 -58.98
CA LEU H 244 8.06 -59.11 -59.31
C LEU H 244 8.89 -57.93 -58.81
N PHE H 245 9.54 -58.06 -57.66
CA PHE H 245 10.39 -56.99 -57.16
C PHE H 245 11.72 -56.91 -57.91
N LYS H 246 12.32 -58.04 -58.28
CA LYS H 246 13.43 -58.00 -59.21
C LYS H 246 13.01 -57.79 -60.66
N ALA H 247 11.75 -57.40 -60.90
CA ALA H 247 11.32 -56.94 -62.21
C ALA H 247 10.97 -55.46 -62.22
N ILE H 248 10.30 -54.96 -61.19
CA ILE H 248 9.91 -53.56 -61.12
C ILE H 248 10.99 -52.76 -60.42
N GLY H 249 10.94 -51.44 -60.57
CA GLY H 249 11.87 -50.53 -59.93
C GLY H 249 11.45 -50.00 -58.58
N VAL H 250 10.39 -50.54 -57.98
CA VAL H 250 9.93 -50.08 -56.67
C VAL H 250 10.90 -50.55 -55.61
N LYS H 251 11.25 -49.67 -54.68
CA LYS H 251 12.13 -50.02 -53.58
C LYS H 251 11.28 -50.43 -52.38
N PRO H 252 11.38 -51.66 -51.90
CA PRO H 252 10.63 -52.07 -50.71
C PRO H 252 11.20 -51.44 -49.47
N PRO H 253 10.43 -51.38 -48.38
CA PRO H 253 10.99 -50.89 -47.12
C PRO H 253 12.15 -51.75 -46.65
N ARG H 254 13.18 -51.10 -46.11
CA ARG H 254 14.39 -51.78 -45.68
C ARG H 254 14.49 -51.88 -44.16
N GLY H 255 13.40 -51.59 -43.46
CA GLY H 255 13.42 -51.65 -42.01
C GLY H 255 12.14 -51.19 -41.37
N ILE H 256 11.66 -51.93 -40.38
CA ILE H 256 10.42 -51.66 -39.68
C ILE H 256 10.73 -51.65 -38.19
N LEU H 257 10.31 -50.60 -37.49
CA LEU H 257 10.56 -50.48 -36.06
C LEU H 257 9.26 -50.63 -35.30
N LEU H 258 9.20 -51.66 -34.46
CA LEU H 258 8.04 -51.92 -33.62
C LEU H 258 8.23 -51.23 -32.27
N TYR H 259 7.11 -50.92 -31.61
CA TYR H 259 7.20 -50.15 -30.38
C TYR H 259 6.39 -50.76 -29.26
N GLY H 260 6.24 -50.03 -28.16
CA GLY H 260 5.45 -50.48 -27.04
C GLY H 260 6.31 -50.97 -25.89
N PRO H 261 5.72 -51.05 -24.70
CA PRO H 261 6.45 -51.55 -23.53
C PRO H 261 6.76 -53.02 -23.68
N PRO H 262 7.72 -53.55 -22.91
CA PRO H 262 8.06 -54.97 -23.05
C PRO H 262 6.86 -55.87 -22.74
N GLY H 263 6.78 -56.98 -23.46
CA GLY H 263 5.70 -57.91 -23.30
C GLY H 263 4.49 -57.66 -24.17
N THR H 264 4.47 -56.56 -24.94
CA THR H 264 3.33 -56.28 -25.80
C THR H 264 3.25 -57.26 -26.96
N GLY H 265 4.34 -57.92 -27.30
CA GLY H 265 4.31 -58.93 -28.34
C GLY H 265 5.07 -58.58 -29.59
N LYS H 266 6.16 -57.83 -29.44
CA LYS H 266 6.97 -57.42 -30.58
C LYS H 266 7.77 -58.57 -31.17
N THR H 267 7.90 -59.69 -30.46
CA THR H 267 8.76 -60.78 -30.92
C THR H 267 7.99 -61.86 -31.67
N LEU H 268 6.88 -62.34 -31.11
CA LEU H 268 6.13 -63.37 -31.81
C LEU H 268 5.45 -62.84 -33.06
N ILE H 269 5.22 -61.53 -33.15
CA ILE H 269 4.73 -60.95 -34.40
C ILE H 269 5.76 -61.17 -35.52
N ALA H 270 7.02 -60.83 -35.25
CA ALA H 270 8.08 -61.04 -36.22
C ALA H 270 8.31 -62.51 -36.49
N ARG H 271 8.18 -63.38 -35.48
CA ARG H 271 8.35 -64.80 -35.73
C ARG H 271 7.19 -65.38 -36.54
N ALA H 272 5.97 -64.87 -36.35
CA ALA H 272 4.82 -65.37 -37.09
C ALA H 272 4.85 -64.91 -38.54
N VAL H 273 5.18 -63.64 -38.79
CA VAL H 273 5.27 -63.15 -40.16
C VAL H 273 6.40 -63.81 -40.93
N ALA H 274 7.27 -64.55 -40.24
CA ALA H 274 8.31 -65.36 -40.88
C ALA H 274 7.91 -66.82 -41.02
N ASN H 275 7.28 -67.39 -39.99
CA ASN H 275 6.85 -68.78 -40.05
C ASN H 275 5.79 -69.00 -41.12
N GLU H 276 4.84 -68.06 -41.24
CA GLU H 276 3.77 -68.23 -42.22
C GLU H 276 4.11 -67.66 -43.58
N THR H 277 5.30 -67.09 -43.76
CA THR H 277 5.74 -66.62 -45.07
C THR H 277 6.91 -67.41 -45.64
N GLY H 278 7.46 -68.36 -44.88
CA GLY H 278 8.54 -69.18 -45.38
C GLY H 278 9.85 -68.44 -45.54
N ALA H 279 10.02 -67.34 -44.84
CA ALA H 279 11.26 -66.55 -44.88
C ALA H 279 12.17 -66.99 -43.75
N PHE H 280 13.47 -67.01 -44.06
CA PHE H 280 14.47 -67.43 -43.08
C PHE H 280 14.51 -66.41 -41.95
N PHE H 281 13.97 -66.79 -40.79
CA PHE H 281 13.92 -65.93 -39.61
C PHE H 281 15.23 -66.09 -38.85
N PHE H 282 15.92 -64.98 -38.62
CA PHE H 282 17.16 -64.98 -37.85
C PHE H 282 17.00 -63.94 -36.74
N LEU H 283 17.03 -64.41 -35.49
CA LEU H 283 16.81 -63.55 -34.34
C LEU H 283 18.15 -63.21 -33.69
N ILE H 284 18.37 -61.92 -33.47
CA ILE H 284 19.46 -61.45 -32.62
C ILE H 284 18.87 -60.58 -31.54
N ASN H 285 19.21 -60.90 -30.29
CA ASN H 285 18.56 -60.26 -29.15
C ASN H 285 19.04 -58.82 -29.00
N GLY H 286 20.34 -58.63 -28.84
CA GLY H 286 20.90 -57.31 -28.64
C GLY H 286 21.84 -57.22 -27.46
N PRO H 287 21.53 -57.90 -26.34
CA PRO H 287 22.53 -58.01 -25.27
C PRO H 287 23.66 -58.96 -25.57
N GLU H 288 23.44 -59.97 -26.44
CA GLU H 288 24.54 -60.88 -26.76
C GLU H 288 25.64 -60.18 -27.53
N ILE H 289 25.32 -59.12 -28.27
CA ILE H 289 26.34 -58.33 -28.94
C ILE H 289 27.28 -57.71 -27.93
N MET H 290 26.76 -57.13 -26.86
CA MET H 290 27.61 -56.59 -25.81
C MET H 290 28.16 -57.67 -24.88
N SER H 291 27.61 -58.88 -24.93
CA SER H 291 28.10 -59.94 -24.05
C SER H 291 29.49 -60.40 -24.42
N LYS H 292 29.80 -60.46 -25.71
CA LYS H 292 31.06 -61.01 -26.18
C LYS H 292 32.16 -59.95 -26.16
N LEU H 293 33.39 -60.39 -26.39
CA LEU H 293 34.54 -59.50 -26.32
C LEU H 293 34.50 -58.46 -27.44
N ALA H 294 35.17 -57.34 -27.19
CA ALA H 294 35.23 -56.24 -28.15
C ALA H 294 36.13 -56.63 -29.32
N GLY H 295 35.53 -56.78 -30.49
CA GLY H 295 36.28 -57.12 -31.68
C GLY H 295 35.61 -58.20 -32.51
N GLU H 296 34.96 -59.14 -31.84
CA GLU H 296 34.22 -60.19 -32.53
C GLU H 296 32.72 -59.95 -32.50
N SER H 297 32.24 -59.06 -31.63
CA SER H 297 30.83 -58.72 -31.62
C SER H 297 30.41 -58.06 -32.93
N GLU H 298 31.24 -57.15 -33.44
CA GLU H 298 30.96 -56.55 -34.73
C GLU H 298 30.97 -57.58 -35.85
N SER H 299 31.95 -58.50 -35.83
CA SER H 299 31.99 -59.55 -36.82
C SER H 299 30.79 -60.48 -36.76
N ASN H 300 30.25 -60.72 -35.57
CA ASN H 300 29.15 -61.68 -35.45
C ASN H 300 27.88 -61.11 -36.07
N LEU H 301 27.50 -59.88 -35.72
CA LEU H 301 26.31 -59.30 -36.34
C LEU H 301 26.60 -58.83 -37.76
N ARG H 302 27.87 -58.79 -38.16
CA ARG H 302 28.16 -58.64 -39.59
C ARG H 302 27.82 -59.91 -40.34
N LYS H 303 28.41 -61.04 -39.95
CA LYS H 303 28.16 -62.29 -40.64
C LYS H 303 26.70 -62.72 -40.52
N ALA H 304 25.99 -62.21 -39.51
CA ALA H 304 24.54 -62.41 -39.44
C ALA H 304 23.85 -61.88 -40.68
N PHE H 305 24.30 -60.77 -41.23
CA PHE H 305 23.66 -60.20 -42.42
C PHE H 305 23.94 -61.01 -43.68
N GLU H 306 25.20 -61.43 -43.92
CA GLU H 306 25.47 -62.25 -45.10
C GLU H 306 24.83 -63.63 -45.01
N GLU H 307 24.81 -64.27 -43.83
CA GLU H 307 24.17 -65.57 -43.78
C GLU H 307 22.67 -65.46 -44.03
N ALA H 308 22.07 -64.32 -43.67
CA ALA H 308 20.67 -64.08 -44.01
C ALA H 308 20.47 -63.85 -45.50
N GLU H 309 21.40 -63.16 -46.16
CA GLU H 309 21.23 -62.84 -47.57
C GLU H 309 21.14 -64.08 -48.44
N LYS H 310 22.01 -65.07 -48.20
CA LYS H 310 21.99 -66.27 -49.05
C LYS H 310 20.76 -67.13 -48.77
N ASN H 311 20.12 -66.94 -47.63
CA ASN H 311 18.85 -67.59 -47.34
C ASN H 311 17.68 -66.69 -47.75
N ALA H 312 17.70 -66.21 -48.99
CA ALA H 312 16.65 -65.35 -49.48
C ALA H 312 15.41 -66.16 -49.84
N PRO H 313 14.20 -65.67 -49.52
CA PRO H 313 13.98 -64.42 -48.79
C PRO H 313 14.20 -64.61 -47.30
N ALA H 314 14.66 -63.55 -46.63
CA ALA H 314 15.02 -63.63 -45.22
C ALA H 314 14.35 -62.50 -44.46
N ILE H 315 14.42 -62.59 -43.13
CA ILE H 315 13.83 -61.61 -42.24
C ILE H 315 14.67 -61.56 -40.96
N ILE H 316 15.14 -60.37 -40.61
CA ILE H 316 16.00 -60.17 -39.45
C ILE H 316 15.25 -59.33 -38.44
N PHE H 317 15.21 -59.82 -37.20
CA PHE H 317 14.53 -59.10 -36.13
C PHE H 317 15.52 -58.87 -35.00
N ILE H 318 15.63 -57.61 -34.57
CA ILE H 318 16.51 -57.22 -33.48
C ILE H 318 15.64 -56.97 -32.26
N ASP H 319 15.77 -57.82 -31.25
CA ASP H 319 14.85 -57.77 -30.10
C ASP H 319 15.13 -56.55 -29.23
N GLU H 320 16.36 -56.40 -28.76
CA GLU H 320 16.76 -55.26 -27.96
C GLU H 320 17.53 -54.30 -28.84
N LEU H 321 16.97 -53.12 -29.07
CA LEU H 321 17.64 -52.11 -29.88
C LEU H 321 18.00 -50.88 -29.06
N ASP H 322 17.19 -50.57 -28.04
CA ASP H 322 17.54 -49.50 -27.13
C ASP H 322 18.81 -49.82 -26.36
N ALA H 323 19.14 -51.10 -26.22
CA ALA H 323 20.39 -51.52 -25.62
C ALA H 323 21.55 -51.54 -26.60
N ILE H 324 21.28 -51.24 -27.87
CA ILE H 324 22.32 -51.18 -28.89
C ILE H 324 22.74 -49.74 -29.16
N ALA H 325 21.77 -48.83 -29.31
CA ALA H 325 22.04 -47.44 -29.67
C ALA H 325 21.28 -46.49 -28.73
N PRO H 326 21.74 -46.36 -27.48
CA PRO H 326 21.21 -45.32 -26.58
C PRO H 326 21.96 -44.00 -26.69
N LYS H 327 22.00 -43.44 -27.90
CA LYS H 327 22.88 -42.32 -28.22
C LYS H 327 22.16 -41.02 -27.81
N ARG H 328 21.90 -40.92 -26.51
CA ARG H 328 21.32 -39.69 -25.97
C ARG H 328 22.07 -39.16 -24.75
N GLU H 329 22.52 -40.07 -23.90
CA GLU H 329 23.18 -39.66 -22.66
C GLU H 329 24.38 -40.54 -22.34
N LYS H 330 24.63 -41.56 -23.14
CA LYS H 330 25.73 -42.48 -22.84
C LYS H 330 27.07 -41.82 -23.14
N THR H 331 27.31 -41.52 -24.41
CA THR H 331 28.54 -40.84 -24.86
C THR H 331 29.78 -41.46 -24.23
N HIS H 332 29.73 -42.76 -23.97
CA HIS H 332 30.77 -43.45 -23.23
C HIS H 332 30.99 -44.82 -23.84
N GLY H 333 32.25 -45.16 -24.09
CA GLY H 333 32.57 -46.44 -24.68
C GLY H 333 32.92 -46.32 -26.16
N GLU H 334 34.18 -46.57 -26.49
CA GLU H 334 34.61 -46.52 -27.89
C GLU H 334 33.89 -47.57 -28.72
N VAL H 335 33.67 -48.76 -28.17
CA VAL H 335 33.03 -49.82 -28.93
C VAL H 335 31.54 -49.60 -29.13
N GLU H 336 30.89 -48.83 -28.27
CA GLU H 336 29.46 -48.56 -28.45
C GLU H 336 29.20 -47.85 -29.77
N ARG H 337 29.92 -46.76 -30.02
CA ARG H 337 29.81 -46.05 -31.28
C ARG H 337 30.25 -46.91 -32.46
N ARG H 338 31.27 -47.74 -32.29
CA ARG H 338 31.69 -48.63 -33.36
C ARG H 338 30.59 -49.60 -33.75
N ILE H 339 29.92 -50.20 -32.77
CA ILE H 339 28.82 -51.12 -33.09
C ILE H 339 27.64 -50.36 -33.69
N VAL H 340 27.33 -49.17 -33.18
CA VAL H 340 26.22 -48.41 -33.73
C VAL H 340 26.49 -48.10 -35.20
N SER H 341 27.70 -47.62 -35.52
CA SER H 341 28.05 -47.34 -36.89
C SER H 341 28.11 -48.61 -37.73
N GLN H 342 28.54 -49.74 -37.15
CA GLN H 342 28.57 -50.99 -37.91
C GLN H 342 27.16 -51.40 -38.32
N LEU H 343 26.20 -51.28 -37.41
CA LEU H 343 24.80 -51.50 -37.75
C LEU H 343 24.31 -50.51 -38.79
N LEU H 344 24.69 -49.24 -38.67
CA LEU H 344 24.28 -48.25 -39.66
C LEU H 344 24.83 -48.58 -41.05
N THR H 345 26.07 -49.06 -41.13
CA THR H 345 26.64 -49.44 -42.41
C THR H 345 25.97 -50.69 -42.97
N LEU H 346 25.73 -51.69 -42.12
CA LEU H 346 25.09 -52.92 -42.56
C LEU H 346 23.67 -52.70 -43.06
N MET H 347 22.94 -51.75 -42.49
CA MET H 347 21.59 -51.44 -42.96
C MET H 347 21.57 -50.39 -44.07
N ASP H 348 22.61 -49.57 -44.19
CA ASP H 348 22.66 -48.60 -45.29
C ASP H 348 22.91 -49.30 -46.62
N GLY H 349 23.73 -50.34 -46.63
CA GLY H 349 24.02 -51.06 -47.85
C GLY H 349 23.02 -52.15 -48.17
N LEU H 350 21.73 -51.83 -48.00
CA LEU H 350 20.65 -52.77 -48.31
C LEU H 350 20.07 -52.43 -49.69
N LYS H 351 20.76 -52.89 -50.72
CA LYS H 351 20.30 -52.70 -52.09
C LYS H 351 19.27 -53.77 -52.44
N GLN H 352 18.92 -53.90 -53.73
CA GLN H 352 17.93 -54.87 -54.13
C GLN H 352 18.41 -56.29 -53.81
N ARG H 353 19.47 -56.74 -54.49
CA ARG H 353 20.17 -57.97 -54.20
C ARG H 353 19.24 -59.12 -53.84
N ALA H 354 18.95 -59.28 -52.54
CA ALA H 354 18.04 -60.30 -52.06
C ALA H 354 16.99 -59.68 -51.15
N HIS H 355 15.98 -60.45 -50.75
CA HIS H 355 14.89 -59.93 -49.93
C HIS H 355 15.24 -60.18 -48.47
N VAL H 356 15.73 -59.13 -47.81
CA VAL H 356 15.95 -59.14 -46.36
C VAL H 356 15.21 -57.97 -45.76
N ILE H 357 14.44 -58.25 -44.70
CA ILE H 357 13.67 -57.25 -43.99
C ILE H 357 14.22 -57.20 -42.56
N VAL H 358 14.62 -56.02 -42.13
CA VAL H 358 15.26 -55.85 -40.82
C VAL H 358 14.26 -55.15 -39.91
N MET H 359 13.53 -55.92 -39.12
CA MET H 359 12.64 -55.38 -38.12
C MET H 359 13.37 -55.26 -36.78
N ALA H 360 12.89 -54.35 -35.94
CA ALA H 360 13.52 -54.11 -34.65
C ALA H 360 12.47 -53.71 -33.65
N ALA H 361 12.79 -53.90 -32.37
CA ALA H 361 11.88 -53.60 -31.29
C ALA H 361 12.58 -52.78 -30.22
N THR H 362 11.83 -51.84 -29.65
CA THR H 362 12.32 -50.95 -28.60
C THR H 362 11.11 -50.41 -27.84
N ASN H 363 11.36 -49.73 -26.73
CA ASN H 363 10.28 -49.32 -25.84
C ASN H 363 9.75 -47.95 -26.23
N ARG H 364 10.61 -46.94 -26.31
CA ARG H 364 10.21 -45.58 -26.65
C ARG H 364 10.72 -45.18 -28.03
N PRO H 365 9.98 -44.33 -28.74
CA PRO H 365 10.55 -43.68 -29.94
C PRO H 365 11.80 -42.85 -29.68
N ASN H 366 11.92 -42.13 -28.55
CA ASN H 366 13.11 -41.30 -28.37
C ASN H 366 14.32 -42.07 -27.86
N SER H 367 14.17 -43.34 -27.47
CA SER H 367 15.29 -44.11 -26.91
C SER H 367 16.13 -44.78 -27.99
N ILE H 368 16.10 -44.27 -29.21
CA ILE H 368 16.81 -44.84 -30.34
C ILE H 368 17.65 -43.73 -30.97
N ASP H 369 18.85 -44.10 -31.43
CA ASP H 369 19.72 -43.16 -32.11
C ASP H 369 18.99 -42.53 -33.29
N PRO H 370 18.89 -41.20 -33.36
CA PRO H 370 18.19 -40.57 -34.50
C PRO H 370 18.81 -40.89 -35.85
N ALA H 371 20.11 -41.22 -35.89
CA ALA H 371 20.72 -41.61 -37.15
C ALA H 371 20.16 -42.92 -37.68
N LEU H 372 19.50 -43.70 -36.84
CA LEU H 372 18.86 -44.94 -37.26
C LEU H 372 17.49 -44.72 -37.88
N ARG H 373 16.93 -43.52 -37.76
CA ARG H 373 15.61 -43.21 -38.29
C ARG H 373 15.66 -42.58 -39.67
N ARG H 374 16.85 -42.48 -40.27
CA ARG H 374 16.99 -41.87 -41.58
C ARG H 374 16.37 -42.76 -42.65
N PHE H 375 16.27 -42.23 -43.85
CA PHE H 375 15.71 -42.98 -44.97
C PHE H 375 16.66 -44.11 -45.36
N GLY H 376 16.08 -45.28 -45.61
CA GLY H 376 16.86 -46.46 -45.94
C GLY H 376 17.28 -47.31 -44.77
N ARG H 377 17.08 -46.84 -43.54
CA ARG H 377 17.38 -47.64 -42.36
C ARG H 377 16.13 -47.99 -41.56
N PHE H 378 15.36 -47.00 -41.11
CA PHE H 378 14.07 -47.25 -40.48
C PHE H 378 13.11 -46.16 -40.95
N ASP H 379 12.42 -46.43 -42.05
CA ASP H 379 11.45 -45.49 -42.60
C ASP H 379 10.04 -45.78 -42.10
N ARG H 380 9.69 -47.06 -42.02
CA ARG H 380 8.36 -47.46 -41.55
C ARG H 380 8.42 -47.79 -40.07
N GLU H 381 7.54 -47.16 -39.29
CA GLU H 381 7.45 -47.40 -37.86
C GLU H 381 6.01 -47.71 -37.49
N VAL H 382 5.82 -48.76 -36.71
CA VAL H 382 4.50 -49.16 -36.24
C VAL H 382 4.54 -49.22 -34.71
N ASP H 383 3.61 -48.51 -34.07
CA ASP H 383 3.53 -48.44 -32.62
C ASP H 383 2.38 -49.30 -32.14
N ILE H 384 2.68 -50.22 -31.21
CA ILE H 384 1.66 -51.05 -30.60
C ILE H 384 1.62 -50.71 -29.12
N GLY H 385 0.47 -50.99 -28.49
CA GLY H 385 0.25 -50.62 -27.12
C GLY H 385 -0.58 -51.65 -26.37
N ILE H 386 -1.14 -51.21 -25.26
CA ILE H 386 -1.91 -52.11 -24.38
C ILE H 386 -3.23 -52.45 -25.07
N PRO H 387 -3.57 -53.72 -25.21
CA PRO H 387 -4.88 -54.07 -25.79
C PRO H 387 -6.02 -53.63 -24.89
N ASP H 388 -7.15 -53.31 -25.52
CA ASP H 388 -8.34 -52.91 -24.78
C ASP H 388 -9.07 -54.15 -24.26
N ALA H 389 -10.25 -53.95 -23.67
CA ALA H 389 -11.00 -55.08 -23.16
C ALA H 389 -11.35 -56.08 -24.26
N THR H 390 -11.79 -55.57 -25.42
CA THR H 390 -12.02 -56.44 -26.56
C THR H 390 -10.73 -57.10 -27.05
N GLY H 391 -9.64 -56.34 -27.09
CA GLY H 391 -8.36 -56.88 -27.48
C GLY H 391 -7.81 -57.87 -26.48
N ARG H 392 -8.06 -57.60 -25.18
CA ARG H 392 -7.62 -58.52 -24.15
C ARG H 392 -8.45 -59.79 -24.11
N LEU H 393 -9.73 -59.74 -24.46
CA LEU H 393 -10.55 -60.93 -24.42
C LEU H 393 -10.01 -62.00 -25.38
N GLU H 394 -9.62 -61.61 -26.59
CA GLU H 394 -9.14 -62.57 -27.56
C GLU H 394 -7.74 -63.07 -27.22
N ILE H 395 -7.07 -62.44 -26.26
CA ILE H 395 -5.72 -62.88 -25.88
C ILE H 395 -5.74 -63.89 -24.74
N LEU H 396 -6.87 -64.07 -24.07
CA LEU H 396 -6.95 -65.06 -23.01
C LEU H 396 -7.12 -66.47 -23.57
N GLN H 397 -8.13 -66.67 -24.42
CA GLN H 397 -8.45 -68.04 -24.86
C GLN H 397 -7.32 -68.66 -25.68
N ILE H 398 -6.51 -67.87 -26.37
CA ILE H 398 -5.36 -68.43 -27.09
C ILE H 398 -4.36 -69.05 -26.13
N HIS H 399 -4.23 -68.51 -24.92
CA HIS H 399 -3.31 -69.07 -23.93
C HIS H 399 -3.95 -70.10 -23.00
N THR H 400 -5.27 -70.30 -23.08
CA THR H 400 -5.94 -71.29 -22.24
C THR H 400 -6.71 -72.33 -23.06
N LYS H 401 -6.46 -72.40 -24.36
CA LYS H 401 -7.11 -73.42 -25.18
C LYS H 401 -6.79 -74.84 -24.71
N ASN H 402 -5.63 -75.06 -24.09
CA ASN H 402 -5.27 -76.39 -23.63
C ASN H 402 -5.89 -76.77 -22.30
N MET H 403 -6.11 -75.80 -21.39
CA MET H 403 -6.67 -76.10 -20.08
C MET H 403 -8.18 -75.92 -20.12
N LYS H 404 -8.91 -76.99 -19.81
CA LYS H 404 -10.37 -76.94 -19.85
C LYS H 404 -10.91 -76.09 -18.72
N LEU H 405 -12.03 -75.43 -19.00
CA LEU H 405 -12.68 -74.55 -18.05
C LEU H 405 -13.96 -75.18 -17.52
N ALA H 406 -14.56 -74.53 -16.53
CA ALA H 406 -15.82 -74.96 -15.97
C ALA H 406 -16.96 -74.16 -16.59
N ASP H 407 -18.20 -74.60 -16.31
CA ASP H 407 -19.37 -73.91 -16.86
C ASP H 407 -19.59 -72.54 -16.24
N ASP H 408 -19.01 -72.27 -15.07
CA ASP H 408 -19.16 -70.98 -14.40
C ASP H 408 -17.94 -70.09 -14.55
N VAL H 409 -16.97 -70.48 -15.36
CA VAL H 409 -15.75 -69.71 -15.54
C VAL H 409 -15.84 -68.99 -16.88
N ASP H 410 -15.91 -67.66 -16.83
CA ASP H 410 -16.01 -66.83 -18.02
C ASP H 410 -14.82 -65.87 -18.07
N LEU H 411 -14.13 -65.85 -19.22
CA LEU H 411 -12.94 -65.03 -19.40
C LEU H 411 -13.27 -63.59 -19.75
N GLU H 412 -14.53 -63.29 -20.09
CA GLU H 412 -14.89 -61.92 -20.45
C GLU H 412 -14.87 -60.99 -19.24
N GLN H 413 -15.46 -61.40 -18.13
CA GLN H 413 -15.51 -60.57 -16.94
C GLN H 413 -14.15 -60.37 -16.28
N VAL H 414 -13.21 -61.29 -16.51
CA VAL H 414 -11.89 -61.14 -15.92
C VAL H 414 -11.00 -60.19 -16.71
N ALA H 415 -11.35 -59.88 -17.95
CA ALA H 415 -10.62 -58.94 -18.77
C ALA H 415 -11.26 -57.56 -18.76
N ASN H 416 -12.06 -57.27 -17.74
CA ASN H 416 -12.78 -56.00 -17.64
C ASN H 416 -12.19 -55.08 -16.58
N GLU H 417 -11.97 -55.58 -15.37
CA GLU H 417 -11.41 -54.76 -14.30
C GLU H 417 -9.93 -54.50 -14.46
N THR H 418 -9.25 -55.25 -15.31
CA THR H 418 -7.84 -55.02 -15.61
C THR H 418 -7.71 -54.12 -16.83
N HIS H 419 -6.85 -53.11 -16.71
CA HIS H 419 -6.62 -52.19 -17.81
C HIS H 419 -5.12 -51.98 -18.03
N GLY H 420 -4.32 -52.23 -16.99
CA GLY H 420 -2.90 -52.01 -17.06
C GLY H 420 -2.11 -53.30 -17.15
N HIS H 421 -2.60 -54.25 -17.93
CA HIS H 421 -1.93 -55.53 -18.10
C HIS H 421 -1.37 -55.63 -19.52
N VAL H 422 -0.07 -55.87 -19.62
CA VAL H 422 0.57 -56.09 -20.91
C VAL H 422 0.25 -57.51 -21.37
N GLY H 423 0.45 -57.78 -22.67
CA GLY H 423 0.11 -59.08 -23.21
C GLY H 423 0.78 -60.24 -22.51
N ALA H 424 2.02 -60.04 -22.06
CA ALA H 424 2.72 -61.05 -21.27
C ALA H 424 2.19 -61.17 -19.86
N ASP H 425 1.57 -60.12 -19.32
CA ASP H 425 1.00 -60.19 -17.97
C ASP H 425 -0.08 -61.27 -17.90
N LEU H 426 -1.01 -61.28 -18.85
CA LEU H 426 -2.05 -62.29 -18.85
C LEU H 426 -1.52 -63.68 -19.20
N ALA H 427 -0.50 -63.75 -20.05
CA ALA H 427 0.13 -65.05 -20.33
C ALA H 427 0.71 -65.64 -19.05
N ALA H 428 1.36 -64.81 -18.23
CA ALA H 428 1.83 -65.26 -16.93
C ALA H 428 0.68 -65.56 -15.98
N LEU H 429 -0.38 -64.76 -16.01
CA LEU H 429 -1.51 -64.94 -15.11
C LEU H 429 -2.23 -66.27 -15.33
N CYS H 430 -2.40 -66.67 -16.60
CA CYS H 430 -3.05 -67.96 -16.87
C CYS H 430 -2.27 -69.11 -16.23
N SER H 431 -0.97 -69.17 -16.48
CA SER H 431 -0.16 -70.21 -15.88
C SER H 431 -0.19 -70.12 -14.35
N GLU H 432 -0.09 -68.90 -13.80
CA GLU H 432 -0.09 -68.74 -12.35
C GLU H 432 -1.37 -69.26 -11.73
N ALA H 433 -2.52 -69.01 -12.37
CA ALA H 433 -3.77 -69.60 -11.90
C ALA H 433 -3.74 -71.13 -12.03
N ALA H 434 -3.05 -71.64 -13.04
CA ALA H 434 -2.97 -73.10 -13.22
C ALA H 434 -2.28 -73.77 -12.03
N LEU H 435 -1.19 -73.19 -11.51
CA LEU H 435 -0.54 -73.81 -10.36
C LEU H 435 -1.45 -73.85 -9.14
N GLN H 436 -2.20 -72.77 -8.88
CA GLN H 436 -3.15 -72.82 -7.77
C GLN H 436 -4.23 -73.88 -8.01
N ALA H 437 -4.73 -73.97 -9.24
CA ALA H 437 -5.76 -74.95 -9.55
C ALA H 437 -5.28 -76.37 -9.29
N ILE H 438 -4.03 -76.68 -9.65
CA ILE H 438 -3.53 -78.03 -9.39
C ILE H 438 -3.05 -78.23 -7.96
N ARG H 439 -2.63 -77.16 -7.29
CA ARG H 439 -2.17 -77.24 -5.91
C ARG H 439 -3.31 -77.50 -4.95
N LYS H 440 -4.49 -76.91 -5.21
CA LYS H 440 -5.62 -77.13 -4.32
C LYS H 440 -6.12 -78.57 -4.35
N LYS H 441 -5.68 -79.39 -5.31
CA LYS H 441 -6.10 -80.78 -5.36
C LYS H 441 -4.97 -81.77 -5.15
N MET H 442 -3.72 -81.40 -5.42
CA MET H 442 -2.63 -82.35 -5.19
C MET H 442 -2.44 -82.67 -3.71
N ASP H 443 -2.81 -81.75 -2.81
CA ASP H 443 -2.69 -82.02 -1.38
C ASP H 443 -3.59 -83.17 -0.95
N LEU H 444 -4.80 -83.26 -1.50
CA LEU H 444 -5.72 -84.33 -1.16
C LEU H 444 -5.52 -85.58 -2.02
N ILE H 445 -5.06 -85.42 -3.26
CA ILE H 445 -4.84 -86.59 -4.11
C ILE H 445 -3.68 -87.43 -3.57
N ASP H 446 -2.57 -86.78 -3.23
CA ASP H 446 -1.41 -87.44 -2.63
C ASP H 446 -0.92 -88.60 -3.49
N LEU H 447 -0.56 -88.32 -4.74
CA LEU H 447 -0.05 -89.32 -5.67
C LEU H 447 1.41 -88.97 -5.97
N GLU H 448 2.32 -89.48 -5.16
CA GLU H 448 3.75 -89.25 -5.33
C GLU H 448 4.36 -90.47 -5.99
N ASP H 449 4.90 -90.29 -7.20
CA ASP H 449 5.51 -91.37 -7.95
C ASP H 449 6.47 -90.76 -8.98
N GLU H 450 7.24 -91.62 -9.63
CA GLU H 450 8.20 -91.18 -10.64
C GLU H 450 7.48 -90.65 -11.87
N THR H 451 6.66 -91.50 -12.50
CA THR H 451 5.91 -91.09 -13.67
C THR H 451 4.47 -90.80 -13.31
N ILE H 452 3.98 -89.65 -13.78
CA ILE H 452 2.63 -89.18 -13.48
C ILE H 452 1.69 -89.69 -14.56
N ASP H 453 0.61 -90.34 -14.12
CA ASP H 453 -0.37 -90.90 -15.05
C ASP H 453 -1.10 -89.80 -15.81
N ALA H 454 -1.44 -90.10 -17.06
CA ALA H 454 -2.11 -89.16 -17.94
C ALA H 454 -3.63 -89.19 -17.79
N GLU H 455 -4.15 -90.00 -16.87
CA GLU H 455 -5.58 -90.12 -16.67
C GLU H 455 -6.13 -89.11 -15.67
N VAL H 456 -5.30 -88.15 -15.24
CA VAL H 456 -5.74 -87.14 -14.29
C VAL H 456 -5.79 -85.74 -14.89
N MET H 457 -5.03 -85.44 -15.95
CA MET H 457 -5.12 -84.14 -16.60
C MET H 457 -6.52 -83.87 -17.16
N ASN H 458 -7.25 -84.91 -17.54
CA ASN H 458 -8.62 -84.73 -18.03
C ASN H 458 -9.54 -84.15 -16.95
N SER H 459 -9.21 -84.37 -15.68
CA SER H 459 -10.01 -83.85 -14.58
C SER H 459 -9.52 -82.50 -14.06
N LEU H 460 -8.43 -81.97 -14.62
CA LEU H 460 -7.89 -80.68 -14.19
C LEU H 460 -8.72 -79.57 -14.82
N ALA H 461 -9.72 -79.10 -14.09
CA ALA H 461 -10.58 -78.01 -14.52
C ALA H 461 -10.33 -76.81 -13.63
N VAL H 462 -10.03 -75.67 -14.25
CA VAL H 462 -9.79 -74.44 -13.49
C VAL H 462 -11.12 -73.90 -12.98
N THR H 463 -11.07 -73.26 -11.81
CA THR H 463 -12.24 -72.67 -11.18
C THR H 463 -12.13 -71.16 -11.21
N MET H 464 -13.24 -70.50 -10.89
CA MET H 464 -13.25 -69.05 -10.87
C MET H 464 -12.41 -68.50 -9.72
N ASP H 465 -12.45 -69.18 -8.56
CA ASP H 465 -11.63 -68.80 -7.43
C ASP H 465 -10.14 -68.91 -7.74
N ASP H 466 -9.76 -69.77 -8.69
CA ASP H 466 -8.37 -69.79 -9.13
C ASP H 466 -7.97 -68.47 -9.74
N PHE H 467 -8.92 -67.79 -10.40
CA PHE H 467 -8.66 -66.50 -11.02
C PHE H 467 -8.86 -65.34 -10.06
N ARG H 468 -9.74 -65.47 -9.07
CA ARG H 468 -9.89 -64.40 -8.08
C ARG H 468 -8.57 -64.11 -7.37
N TRP H 469 -7.84 -65.15 -6.98
CA TRP H 469 -6.53 -64.94 -6.34
C TRP H 469 -5.49 -64.44 -7.34
N ALA H 470 -5.70 -64.72 -8.63
CA ALA H 470 -4.75 -64.35 -9.67
C ALA H 470 -4.61 -62.85 -9.86
N LEU H 471 -5.68 -62.08 -9.65
CA LEU H 471 -5.65 -60.63 -9.81
C LEU H 471 -5.31 -59.91 -8.51
N SER H 472 -4.95 -60.65 -7.47
CA SER H 472 -4.64 -60.05 -6.17
C SER H 472 -3.14 -59.90 -5.95
N GLN H 473 -2.39 -60.99 -6.04
CA GLN H 473 -0.95 -60.93 -5.81
C GLN H 473 -0.15 -60.57 -7.06
N SER H 474 -0.77 -60.58 -8.23
CA SER H 474 -0.07 -60.25 -9.47
C SER H 474 0.12 -58.74 -9.56
N ASN H 475 1.36 -58.30 -9.67
CA ASN H 475 1.67 -56.88 -9.76
C ASN H 475 2.02 -56.56 -11.21
N PRO H 476 1.15 -55.91 -11.96
CA PRO H 476 1.44 -55.62 -13.36
C PRO H 476 2.53 -54.58 -13.51
N SER H 477 3.15 -54.57 -14.68
CA SER H 477 4.28 -53.69 -14.97
C SER H 477 3.82 -52.36 -15.58
N ALA H 478 3.12 -52.41 -16.71
CA ALA H 478 2.71 -51.22 -17.43
C ALA H 478 1.44 -50.67 -16.79
N LEU H 479 1.60 -49.67 -15.92
CA LEU H 479 0.46 -49.00 -15.29
C LEU H 479 0.37 -47.52 -15.59
N ARG H 480 1.50 -46.82 -15.71
CA ARG H 480 1.52 -45.37 -15.95
C ARG H 480 2.04 -45.14 -17.37
N GLU H 481 1.12 -45.17 -18.33
CA GLU H 481 1.45 -44.96 -19.73
C GLU H 481 0.22 -44.37 -20.40
N THR H 482 0.38 -43.99 -21.67
CA THR H 482 -0.72 -43.41 -22.44
C THR H 482 -1.64 -44.52 -22.92
N VAL H 483 -2.84 -44.58 -22.34
CA VAL H 483 -3.83 -45.59 -22.72
C VAL H 483 -4.55 -45.07 -23.95
N VAL H 484 -4.35 -45.73 -25.08
CA VAL H 484 -4.96 -45.32 -26.35
C VAL H 484 -5.99 -46.37 -26.76
N GLU H 485 -7.23 -46.19 -26.34
CA GLU H 485 -8.30 -47.13 -26.62
C GLU H 485 -9.55 -46.38 -27.06
N VAL H 486 -10.38 -47.08 -27.82
CA VAL H 486 -11.66 -46.53 -28.30
C VAL H 486 -12.67 -46.65 -27.16
N PRO H 487 -13.33 -45.58 -26.76
CA PRO H 487 -14.25 -45.66 -25.62
C PRO H 487 -15.50 -46.45 -25.96
N GLN H 488 -16.29 -46.72 -24.93
CA GLN H 488 -17.53 -47.49 -25.04
C GLN H 488 -18.77 -46.67 -24.76
N VAL H 489 -18.63 -45.37 -24.50
CA VAL H 489 -19.73 -44.49 -24.17
C VAL H 489 -20.17 -43.76 -25.43
N THR H 490 -21.46 -43.88 -25.76
CA THR H 490 -22.03 -43.33 -26.98
C THR H 490 -22.93 -42.14 -26.62
N TRP H 491 -23.40 -41.42 -27.63
CA TRP H 491 -24.36 -40.34 -27.43
C TRP H 491 -25.71 -40.82 -26.94
N GLU H 492 -26.10 -42.05 -27.27
CA GLU H 492 -27.40 -42.56 -26.84
C GLU H 492 -27.49 -42.65 -25.33
N ASP H 493 -26.44 -43.13 -24.66
CA ASP H 493 -26.48 -43.23 -23.20
C ASP H 493 -26.36 -41.88 -22.52
N ILE H 494 -26.03 -40.83 -23.26
CA ILE H 494 -26.04 -39.47 -22.72
C ILE H 494 -27.37 -38.83 -23.09
N GLY H 495 -28.17 -38.52 -22.08
CA GLY H 495 -29.42 -37.82 -22.31
C GLY H 495 -29.22 -36.31 -22.35
N GLY H 496 -30.09 -35.64 -23.08
CA GLY H 496 -30.04 -34.20 -23.11
C GLY H 496 -28.77 -33.68 -23.78
N LEU H 497 -28.42 -32.44 -23.44
CA LEU H 497 -27.27 -31.74 -24.01
C LEU H 497 -27.35 -31.71 -25.53
N GLU H 498 -28.56 -31.46 -26.03
CA GLU H 498 -28.78 -31.32 -27.46
C GLU H 498 -28.05 -30.12 -28.03
N ASP H 499 -27.87 -29.05 -27.25
CA ASP H 499 -27.11 -27.90 -27.71
C ASP H 499 -25.66 -28.26 -28.03
N VAL H 500 -25.02 -29.04 -27.15
CA VAL H 500 -23.65 -29.47 -27.39
C VAL H 500 -23.57 -30.63 -28.37
N LYS H 501 -24.53 -31.55 -28.36
CA LYS H 501 -24.58 -32.64 -29.32
C LYS H 501 -24.60 -32.14 -30.75
N ARG H 502 -25.35 -31.07 -31.03
CA ARG H 502 -25.51 -30.54 -32.38
C ARG H 502 -24.25 -29.85 -32.89
N GLU H 503 -23.52 -29.15 -32.02
CA GLU H 503 -22.32 -28.46 -32.48
C GLU H 503 -21.11 -29.39 -32.53
N LEU H 504 -20.99 -30.32 -31.58
CA LEU H 504 -19.91 -31.28 -31.65
C LEU H 504 -20.04 -32.21 -32.86
N GLN H 505 -21.25 -32.61 -33.21
CA GLN H 505 -21.48 -33.45 -34.38
C GLN H 505 -21.21 -32.73 -35.69
N GLU H 506 -21.33 -31.40 -35.71
CA GLU H 506 -21.06 -30.62 -36.91
C GLU H 506 -19.66 -30.04 -36.94
N LEU H 507 -18.81 -30.40 -35.99
CA LEU H 507 -17.49 -29.80 -35.87
C LEU H 507 -16.35 -30.82 -35.98
N VAL H 508 -16.56 -32.04 -35.52
CA VAL H 508 -15.56 -33.09 -35.68
C VAL H 508 -16.09 -34.31 -36.42
N GLN H 509 -17.40 -34.58 -36.34
CA GLN H 509 -17.96 -35.72 -37.07
C GLN H 509 -18.06 -35.46 -38.57
N TYR H 510 -18.42 -34.23 -38.96
CA TYR H 510 -18.57 -33.93 -40.38
C TYR H 510 -17.27 -34.14 -41.16
N PRO H 511 -16.11 -33.60 -40.74
CA PRO H 511 -14.88 -33.85 -41.50
C PRO H 511 -14.45 -35.31 -41.52
N VAL H 512 -14.93 -36.12 -40.59
CA VAL H 512 -14.56 -37.54 -40.55
C VAL H 512 -15.45 -38.37 -41.45
N GLU H 513 -16.77 -38.21 -41.33
CA GLU H 513 -17.69 -39.02 -42.11
C GLU H 513 -17.97 -38.45 -43.50
N HIS H 514 -17.74 -37.17 -43.72
CA HIS H 514 -17.93 -36.54 -45.03
C HIS H 514 -16.71 -35.72 -45.42
N PRO H 515 -15.57 -36.35 -45.70
CA PRO H 515 -14.41 -35.58 -46.20
C PRO H 515 -14.69 -34.81 -47.48
N ASP H 516 -15.44 -35.39 -48.42
CA ASP H 516 -15.65 -34.79 -49.73
C ASP H 516 -16.42 -33.49 -49.70
N LYS H 517 -17.40 -33.36 -48.81
CA LYS H 517 -18.20 -32.14 -48.74
C LYS H 517 -17.40 -30.96 -48.24
N PHE H 518 -16.20 -31.19 -47.71
CA PHE H 518 -15.36 -30.08 -47.26
C PHE H 518 -14.46 -29.58 -48.37
N LEU H 519 -13.88 -30.48 -49.16
CA LEU H 519 -13.18 -30.06 -50.37
C LEU H 519 -14.12 -29.47 -51.41
N LYS H 520 -15.38 -29.92 -51.45
CA LYS H 520 -16.34 -29.34 -52.37
C LYS H 520 -16.64 -27.89 -52.00
N PHE H 521 -16.74 -27.60 -50.71
CA PHE H 521 -17.03 -26.25 -50.24
C PHE H 521 -15.78 -25.45 -49.94
N GLY H 522 -14.60 -26.05 -50.08
CA GLY H 522 -13.36 -25.33 -49.87
C GLY H 522 -13.16 -24.79 -48.47
N MET H 523 -13.59 -25.52 -47.45
CA MET H 523 -13.46 -25.09 -46.06
C MET H 523 -12.60 -26.10 -45.30
N THR H 524 -11.54 -25.61 -44.66
CA THR H 524 -10.70 -26.48 -43.85
C THR H 524 -11.39 -26.79 -42.52
N PRO H 525 -11.28 -28.02 -42.03
CA PRO H 525 -11.87 -28.35 -40.73
C PRO H 525 -11.14 -27.65 -39.59
N SER H 526 -11.86 -27.44 -38.50
CA SER H 526 -11.27 -26.84 -37.32
C SER H 526 -10.28 -27.80 -36.69
N LYS H 527 -9.20 -27.25 -36.11
CA LYS H 527 -8.17 -28.05 -35.49
C LYS H 527 -8.53 -28.58 -34.12
N GLY H 528 -9.33 -27.86 -33.34
CA GLY H 528 -9.67 -28.31 -32.02
C GLY H 528 -10.68 -27.39 -31.36
N VAL H 529 -11.30 -27.89 -30.31
CA VAL H 529 -12.31 -27.16 -29.55
C VAL H 529 -11.98 -27.31 -28.07
N LEU H 530 -11.99 -26.21 -27.33
CA LEU H 530 -11.88 -26.23 -25.89
C LEU H 530 -13.23 -25.91 -25.29
N PHE H 531 -13.72 -26.77 -24.40
CA PHE H 531 -14.96 -26.45 -23.70
C PHE H 531 -14.67 -26.22 -22.22
N TYR H 532 -15.56 -25.46 -21.61
CA TYR H 532 -15.42 -25.01 -20.23
C TYR H 532 -16.74 -25.23 -19.52
N GLY H 533 -16.67 -25.39 -18.20
CA GLY H 533 -17.85 -25.62 -17.41
C GLY H 533 -17.51 -25.85 -15.96
N PRO H 534 -18.52 -25.84 -15.10
CA PRO H 534 -18.30 -26.11 -13.69
C PRO H 534 -17.77 -27.52 -13.48
N PRO H 535 -16.98 -27.74 -12.43
CA PRO H 535 -16.36 -29.06 -12.24
C PRO H 535 -17.40 -30.15 -12.01
N GLY H 536 -17.04 -31.36 -12.42
CA GLY H 536 -17.90 -32.51 -12.24
C GLY H 536 -19.17 -32.47 -13.06
N CYS H 537 -19.05 -32.09 -14.34
CA CYS H 537 -20.21 -32.06 -15.22
C CYS H 537 -20.09 -32.98 -16.43
N GLY H 538 -19.00 -33.71 -16.58
CA GLY H 538 -18.91 -34.71 -17.63
C GLY H 538 -18.19 -34.25 -18.88
N LYS H 539 -17.22 -33.34 -18.74
CA LYS H 539 -16.46 -32.89 -19.90
C LYS H 539 -15.66 -34.03 -20.52
N THR H 540 -15.02 -34.87 -19.70
CA THR H 540 -14.31 -36.03 -20.20
C THR H 540 -15.24 -37.04 -20.86
N LEU H 541 -16.41 -37.28 -20.27
CA LEU H 541 -17.37 -38.18 -20.88
C LEU H 541 -17.89 -37.64 -22.20
N LEU H 542 -18.11 -36.34 -22.32
CA LEU H 542 -18.56 -35.77 -23.58
C LEU H 542 -17.52 -35.99 -24.67
N ALA H 543 -16.25 -35.74 -24.36
CA ALA H 543 -15.18 -35.99 -25.30
C ALA H 543 -15.06 -37.45 -25.67
N LYS H 544 -15.26 -38.35 -24.70
CA LYS H 544 -15.27 -39.78 -25.01
C LYS H 544 -16.41 -40.15 -25.93
N ALA H 545 -17.60 -39.60 -25.69
CA ALA H 545 -18.76 -39.92 -26.52
C ALA H 545 -18.59 -39.45 -27.95
N ILE H 546 -18.05 -38.25 -28.16
CA ILE H 546 -17.81 -37.77 -29.52
C ILE H 546 -16.74 -38.58 -30.23
N ALA H 547 -15.88 -39.28 -29.50
CA ALA H 547 -14.92 -40.18 -30.12
C ALA H 547 -15.58 -41.45 -30.64
N ASN H 548 -16.57 -41.98 -29.91
CA ASN H 548 -17.31 -43.15 -30.39
C ASN H 548 -18.16 -42.85 -31.60
N GLU H 549 -18.73 -41.64 -31.69
CA GLU H 549 -19.55 -41.29 -32.83
C GLU H 549 -18.73 -41.29 -34.11
N CYS H 550 -17.50 -40.80 -34.05
CA CYS H 550 -16.59 -40.79 -35.19
C CYS H 550 -15.78 -42.08 -35.31
N GLN H 551 -15.98 -43.03 -34.41
CA GLN H 551 -15.20 -44.27 -34.38
C GLN H 551 -13.71 -43.96 -34.37
N ALA H 552 -13.30 -43.04 -33.49
CA ALA H 552 -11.92 -42.58 -33.45
C ALA H 552 -11.31 -42.98 -32.11
N ASN H 553 -9.99 -43.03 -32.08
CA ASN H 553 -9.27 -43.39 -30.87
C ASN H 553 -9.33 -42.21 -29.90
N PHE H 554 -9.05 -42.47 -28.62
CA PHE H 554 -9.16 -41.43 -27.60
C PHE H 554 -7.92 -41.46 -26.73
N ILE H 555 -7.31 -40.30 -26.52
CA ILE H 555 -6.15 -40.14 -25.65
C ILE H 555 -6.47 -39.07 -24.63
N SER H 556 -6.34 -39.41 -23.36
CA SER H 556 -6.65 -38.49 -22.27
C SER H 556 -5.37 -38.13 -21.53
N ILE H 557 -5.16 -36.82 -21.37
CA ILE H 557 -4.01 -36.29 -20.63
C ILE H 557 -4.56 -35.48 -19.46
N LYS H 558 -4.46 -36.04 -18.25
CA LYS H 558 -5.00 -35.40 -17.07
C LYS H 558 -4.05 -34.31 -16.60
N GLY H 559 -4.45 -33.58 -15.56
CA GLY H 559 -3.68 -32.48 -15.02
C GLY H 559 -2.31 -32.86 -14.48
N PRO H 560 -2.22 -33.91 -13.66
CA PRO H 560 -0.90 -34.31 -13.12
C PRO H 560 0.15 -34.60 -14.17
N GLU H 561 -0.20 -35.25 -15.29
CA GLU H 561 0.78 -35.49 -16.33
C GLU H 561 1.26 -34.20 -16.98
N LEU H 562 0.39 -33.19 -17.09
CA LEU H 562 0.79 -31.89 -17.61
C LEU H 562 1.63 -31.09 -16.64
N LEU H 563 1.34 -31.16 -15.34
CA LEU H 563 2.07 -30.41 -14.34
C LEU H 563 3.36 -31.10 -13.91
N THR H 564 3.51 -32.39 -14.19
CA THR H 564 4.76 -33.08 -13.84
C THR H 564 5.92 -32.56 -14.66
N MET H 565 5.72 -32.36 -15.97
CA MET H 565 6.81 -31.85 -16.81
C MET H 565 7.06 -30.37 -16.57
N TRP H 566 6.09 -29.64 -16.01
CA TRP H 566 6.34 -28.25 -15.66
C TRP H 566 7.32 -28.14 -14.49
N PHE H 567 7.07 -28.92 -13.42
CA PHE H 567 7.99 -28.93 -12.29
C PHE H 567 9.32 -29.60 -12.63
N GLY H 568 9.29 -30.66 -13.43
CA GLY H 568 10.48 -31.42 -13.72
C GLY H 568 11.42 -30.84 -14.75
N GLU H 569 11.01 -29.77 -15.43
CA GLU H 569 11.83 -29.11 -16.45
C GLU H 569 12.24 -30.10 -17.54
N SER H 570 11.38 -31.09 -17.78
CA SER H 570 11.62 -32.13 -18.78
C SER H 570 10.45 -32.05 -19.76
N GLU H 571 10.69 -31.38 -20.89
CA GLU H 571 9.62 -30.97 -21.78
C GLU H 571 9.61 -31.70 -23.11
N ALA H 572 10.33 -32.82 -23.21
CA ALA H 572 10.24 -33.67 -24.38
C ALA H 572 9.03 -34.59 -24.32
N ASN H 573 8.27 -34.58 -23.22
CA ASN H 573 7.16 -35.50 -23.04
C ASN H 573 5.99 -35.20 -23.96
N VAL H 574 5.72 -33.92 -24.25
CA VAL H 574 4.68 -33.56 -25.21
C VAL H 574 5.02 -34.03 -26.61
N ARG H 575 6.31 -34.19 -26.92
CA ARG H 575 6.72 -34.68 -28.24
C ARG H 575 6.12 -36.05 -28.53
N GLU H 576 6.32 -37.01 -27.63
CA GLU H 576 5.75 -38.34 -27.85
C GLU H 576 4.24 -38.34 -27.73
N ILE H 577 3.66 -37.48 -26.90
CA ILE H 577 2.20 -37.39 -26.82
C ILE H 577 1.63 -37.03 -28.19
N PHE H 578 2.14 -35.97 -28.79
CA PHE H 578 1.65 -35.56 -30.10
C PHE H 578 2.06 -36.52 -31.20
N ASP H 579 3.19 -37.22 -31.03
CA ASP H 579 3.60 -38.20 -32.03
C ASP H 579 2.67 -39.40 -32.04
N LYS H 580 2.35 -39.95 -30.87
CA LYS H 580 1.46 -41.10 -30.79
C LYS H 580 -0.01 -40.72 -30.97
N ALA H 581 -0.35 -39.45 -30.81
CA ALA H 581 -1.69 -38.99 -31.16
C ALA H 581 -1.91 -38.92 -32.66
N ARG H 582 -0.86 -38.69 -33.45
CA ARG H 582 -1.01 -38.56 -34.89
C ARG H 582 -0.83 -39.86 -35.65
N GLN H 583 -0.09 -40.82 -35.10
CA GLN H 583 0.08 -42.11 -35.77
C GLN H 583 -1.17 -42.97 -35.66
N ALA H 584 -2.00 -42.73 -34.65
CA ALA H 584 -3.23 -43.49 -34.46
C ALA H 584 -4.42 -42.81 -35.14
N ALA H 585 -4.22 -42.48 -36.41
CA ALA H 585 -5.27 -41.82 -37.17
C ALA H 585 -6.37 -42.81 -37.53
N PRO H 586 -7.64 -42.48 -37.23
CA PRO H 586 -8.07 -41.24 -36.59
C PRO H 586 -8.13 -41.28 -35.07
N CYS H 587 -7.76 -40.17 -34.43
CA CYS H 587 -7.65 -40.12 -32.98
C CYS H 587 -8.28 -38.82 -32.50
N VAL H 588 -8.41 -38.72 -31.18
CA VAL H 588 -8.88 -37.49 -30.54
C VAL H 588 -8.00 -37.27 -29.32
N LEU H 589 -7.45 -36.06 -29.20
CA LEU H 589 -6.56 -35.71 -28.11
C LEU H 589 -7.33 -34.85 -27.12
N PHE H 590 -7.31 -35.27 -25.86
CA PHE H 590 -8.09 -34.60 -24.83
C PHE H 590 -7.17 -34.15 -23.71
N PHE H 591 -7.21 -32.86 -23.41
CA PHE H 591 -6.39 -32.27 -22.36
C PHE H 591 -7.30 -31.88 -21.20
N ASP H 592 -7.16 -32.57 -20.08
CA ASP H 592 -7.99 -32.32 -18.91
C ASP H 592 -7.33 -31.25 -18.03
N GLU H 593 -8.19 -30.41 -17.43
CA GLU H 593 -7.79 -29.29 -16.58
C GLU H 593 -6.55 -28.58 -17.12
N LEU H 594 -6.68 -27.99 -18.31
CA LEU H 594 -5.59 -27.26 -18.94
C LEU H 594 -5.10 -26.10 -18.09
N ASP H 595 -5.93 -25.57 -17.20
CA ASP H 595 -5.57 -24.44 -16.35
C ASP H 595 -4.74 -24.85 -15.15
N SER H 596 -4.28 -26.11 -15.09
CA SER H 596 -3.52 -26.56 -13.92
C SER H 596 -2.22 -25.78 -13.75
N ILE H 597 -1.51 -25.53 -14.85
CA ILE H 597 -0.27 -24.76 -14.75
C ILE H 597 -0.55 -23.33 -14.32
N ALA H 598 -1.62 -22.72 -14.84
CA ALA H 598 -1.96 -21.36 -14.45
C ALA H 598 -2.30 -21.30 -12.96
N LYS H 599 -3.06 -22.28 -12.46
CA LYS H 599 -3.34 -22.32 -11.03
C LYS H 599 -2.07 -22.51 -10.21
N ALA H 600 -1.18 -23.40 -10.64
CA ALA H 600 0.07 -23.61 -9.94
C ALA H 600 0.97 -22.37 -9.93
N ARG H 601 0.88 -21.54 -10.97
CA ARG H 601 1.67 -20.32 -11.05
C ARG H 601 0.98 -19.12 -10.42
N GLY H 602 -0.32 -19.19 -10.17
CA GLY H 602 -1.02 -18.09 -9.53
C GLY H 602 -2.35 -17.76 -10.19
N GLY H 603 -2.43 -17.92 -11.50
CA GLY H 603 -3.66 -17.67 -12.23
C GLY H 603 -3.65 -16.39 -13.05
N ASN H 604 -4.60 -15.50 -12.77
CA ASN H 604 -4.73 -14.27 -13.54
C ASN H 604 -3.53 -13.35 -13.39
N ILE H 605 -3.03 -13.19 -12.16
CA ILE H 605 -1.89 -12.32 -11.92
C ILE H 605 -0.70 -13.17 -11.49
N GLY H 606 -0.83 -13.84 -10.35
CA GLY H 606 0.23 -14.68 -9.82
C GLY H 606 1.52 -13.92 -9.57
N ASP H 607 2.55 -14.22 -10.36
CA ASP H 607 3.82 -13.53 -10.25
C ASP H 607 3.85 -12.31 -11.17
N GLY H 608 5.03 -11.72 -11.36
CA GLY H 608 5.14 -10.59 -12.25
C GLY H 608 4.87 -10.94 -13.70
N GLY H 609 5.00 -12.20 -14.07
CA GLY H 609 4.76 -12.64 -15.42
C GLY H 609 3.28 -12.70 -15.77
N GLY H 610 3.01 -12.99 -17.03
CA GLY H 610 1.65 -13.03 -17.53
C GLY H 610 1.01 -14.40 -17.37
N ALA H 611 0.39 -14.90 -18.44
CA ALA H 611 -0.29 -16.19 -18.42
C ALA H 611 0.39 -17.19 -19.34
N ALA H 612 1.60 -16.87 -19.80
CA ALA H 612 2.34 -17.73 -20.71
C ALA H 612 3.39 -18.52 -19.94
N ASP H 613 3.46 -19.81 -20.23
CA ASP H 613 4.49 -20.67 -19.64
C ASP H 613 5.11 -21.54 -20.72
N ARG H 614 5.95 -22.49 -20.30
CA ARG H 614 6.68 -23.33 -21.24
C ARG H 614 5.88 -24.51 -21.77
N VAL H 615 5.11 -25.20 -20.92
CA VAL H 615 4.38 -26.39 -21.38
C VAL H 615 3.28 -26.02 -22.36
N ILE H 616 2.51 -24.97 -22.07
CA ILE H 616 1.51 -24.52 -23.04
C ILE H 616 2.18 -24.06 -24.32
N ASN H 617 3.38 -23.47 -24.22
CA ASN H 617 4.13 -23.10 -25.41
C ASN H 617 4.47 -24.31 -26.26
N GLN H 618 4.89 -25.41 -25.62
CA GLN H 618 5.18 -26.61 -26.39
C GLN H 618 3.93 -27.16 -27.06
N ILE H 619 2.79 -27.14 -26.37
CA ILE H 619 1.54 -27.58 -26.98
C ILE H 619 1.18 -26.71 -28.16
N LEU H 620 1.36 -25.39 -28.03
CA LEU H 620 1.09 -24.49 -29.15
C LEU H 620 2.00 -24.81 -30.33
N THR H 621 3.29 -25.02 -30.08
CA THR H 621 4.21 -25.35 -31.16
C THR H 621 3.83 -26.65 -31.85
N GLU H 622 3.45 -27.66 -31.08
CA GLU H 622 3.07 -28.94 -31.68
C GLU H 622 1.77 -28.84 -32.45
N MET H 623 0.80 -28.08 -31.96
CA MET H 623 -0.46 -27.88 -32.67
C MET H 623 -0.31 -27.05 -33.94
N ASP H 624 0.61 -26.09 -33.95
CA ASP H 624 0.81 -25.27 -35.14
C ASP H 624 1.38 -26.09 -36.29
N GLY H 625 2.20 -27.09 -35.99
CA GLY H 625 2.86 -27.90 -36.99
C GLY H 625 2.08 -29.11 -37.46
N MET H 626 0.85 -29.30 -36.98
CA MET H 626 0.07 -30.45 -37.40
C MET H 626 -0.56 -30.20 -38.77
N SER H 627 -0.94 -31.29 -39.43
CA SER H 627 -1.57 -31.24 -40.74
C SER H 627 -3.08 -31.28 -40.59
N THR H 628 -3.76 -30.34 -41.25
CA THR H 628 -5.21 -30.25 -41.18
C THR H 628 -5.92 -31.40 -41.89
N LYS H 629 -5.27 -32.03 -42.88
CA LYS H 629 -5.89 -33.13 -43.59
C LYS H 629 -5.96 -34.40 -42.75
N LYS H 630 -5.15 -34.50 -41.70
CA LYS H 630 -5.24 -35.62 -40.79
C LYS H 630 -6.48 -35.46 -39.89
N ASN H 631 -6.94 -36.59 -39.35
CA ASN H 631 -8.15 -36.62 -38.54
C ASN H 631 -7.87 -36.52 -37.05
N VAL H 632 -6.66 -36.17 -36.66
CA VAL H 632 -6.34 -35.96 -35.25
C VAL H 632 -7.07 -34.70 -34.79
N PHE H 633 -7.57 -34.72 -33.55
CA PHE H 633 -8.37 -33.63 -33.01
C PHE H 633 -8.00 -33.41 -31.55
N ILE H 634 -7.86 -32.15 -31.17
CA ILE H 634 -7.45 -31.77 -29.83
C ILE H 634 -8.63 -31.13 -29.11
N ILE H 635 -8.94 -31.64 -27.92
CA ILE H 635 -10.02 -31.12 -27.10
C ILE H 635 -9.42 -30.68 -25.77
N GLY H 636 -9.64 -29.42 -25.41
CA GLY H 636 -9.18 -28.88 -24.14
C GLY H 636 -10.35 -28.75 -23.18
N ALA H 637 -10.11 -29.16 -21.94
CA ALA H 637 -11.12 -29.06 -20.89
C ALA H 637 -10.57 -28.22 -19.75
N THR H 638 -11.39 -27.29 -19.27
CA THR H 638 -11.00 -26.43 -18.18
C THR H 638 -12.24 -26.03 -17.40
N ASN H 639 -12.04 -25.71 -16.13
CA ASN H 639 -13.08 -25.16 -15.30
C ASN H 639 -12.90 -23.67 -15.02
N ARG H 640 -11.68 -23.17 -15.17
CA ARG H 640 -11.45 -21.73 -15.05
C ARG H 640 -10.90 -21.22 -16.37
N PRO H 641 -11.75 -20.75 -17.30
CA PRO H 641 -11.25 -20.24 -18.58
C PRO H 641 -10.75 -18.81 -18.54
N ASP H 642 -10.91 -18.11 -17.42
CA ASP H 642 -10.40 -16.76 -17.27
C ASP H 642 -8.90 -16.72 -17.08
N ILE H 643 -8.28 -17.81 -16.64
CA ILE H 643 -6.85 -17.88 -16.43
C ILE H 643 -6.15 -18.64 -17.54
N ILE H 644 -6.91 -19.16 -18.51
CA ILE H 644 -6.32 -19.80 -19.68
C ILE H 644 -5.59 -18.73 -20.50
N ASP H 645 -4.41 -19.08 -20.98
CA ASP H 645 -3.61 -18.15 -21.76
C ASP H 645 -4.37 -17.78 -23.03
N PRO H 646 -4.43 -16.49 -23.39
CA PRO H 646 -5.17 -16.10 -24.60
C PRO H 646 -4.60 -16.70 -25.89
N ALA H 647 -3.30 -16.99 -25.94
CA ALA H 647 -2.69 -17.43 -27.20
C ALA H 647 -3.16 -18.82 -27.63
N ILE H 648 -3.55 -19.68 -26.68
CA ILE H 648 -4.03 -21.00 -27.06
C ILE H 648 -5.41 -20.94 -27.70
N LEU H 649 -6.16 -19.86 -27.45
CA LEU H 649 -7.49 -19.66 -28.01
C LEU H 649 -7.46 -18.86 -29.31
N ARG H 650 -6.27 -18.58 -29.83
CA ARG H 650 -6.15 -17.85 -31.08
C ARG H 650 -6.79 -18.66 -32.22
N PRO H 651 -7.33 -17.99 -33.23
CA PRO H 651 -7.92 -18.71 -34.36
C PRO H 651 -6.89 -19.64 -35.01
N GLY H 652 -7.32 -20.87 -35.29
CA GLY H 652 -6.48 -21.88 -35.89
C GLY H 652 -6.01 -22.94 -34.92
N ARG H 653 -6.06 -22.69 -33.61
CA ARG H 653 -5.64 -23.69 -32.64
C ARG H 653 -6.80 -24.21 -31.79
N LEU H 654 -7.50 -23.32 -31.08
CA LEU H 654 -8.66 -23.71 -30.27
C LEU H 654 -9.71 -22.60 -30.36
N ASP H 655 -9.94 -22.11 -31.58
CA ASP H 655 -10.85 -21.00 -31.78
C ASP H 655 -12.28 -21.35 -31.38
N GLN H 656 -12.65 -22.62 -31.45
CA GLN H 656 -14.00 -23.03 -31.11
C GLN H 656 -14.13 -23.24 -29.61
N LEU H 657 -14.97 -22.43 -28.97
CA LEU H 657 -15.25 -22.53 -27.54
C LEU H 657 -16.73 -22.82 -27.37
N ILE H 658 -17.04 -23.90 -26.65
CA ILE H 658 -18.41 -24.27 -26.33
C ILE H 658 -18.51 -24.41 -24.82
N TYR H 659 -19.69 -24.12 -24.28
CA TYR H 659 -19.91 -24.07 -22.85
C TYR H 659 -20.69 -25.30 -22.42
N ILE H 660 -20.18 -26.01 -21.42
CA ILE H 660 -20.83 -27.20 -20.87
C ILE H 660 -21.60 -26.77 -19.62
N PRO H 661 -22.92 -26.69 -19.67
CA PRO H 661 -23.68 -26.22 -18.51
C PRO H 661 -23.94 -27.34 -17.51
N LEU H 662 -24.70 -27.04 -16.47
CA LEU H 662 -25.17 -28.07 -15.58
C LEU H 662 -26.11 -29.01 -16.33
N PRO H 663 -26.11 -30.29 -16.00
CA PRO H 663 -27.06 -31.20 -16.65
C PRO H 663 -28.49 -30.79 -16.39
N ASP H 664 -29.32 -30.89 -17.42
CA ASP H 664 -30.73 -30.56 -17.30
C ASP H 664 -31.49 -31.78 -16.78
N GLU H 665 -32.82 -31.70 -16.75
CA GLU H 665 -33.61 -32.81 -16.23
C GLU H 665 -33.40 -34.08 -17.05
N LYS H 666 -33.37 -33.94 -18.38
CA LYS H 666 -33.17 -35.11 -19.24
C LYS H 666 -31.79 -35.72 -19.05
N SER H 667 -30.76 -34.90 -18.85
CA SER H 667 -29.40 -35.40 -18.68
C SER H 667 -29.12 -35.92 -17.29
N ARG H 668 -29.82 -35.41 -16.26
CA ARG H 668 -29.61 -35.92 -14.91
C ARG H 668 -30.08 -37.35 -14.74
N VAL H 669 -31.16 -37.75 -15.41
CA VAL H 669 -31.59 -39.14 -15.36
C VAL H 669 -30.48 -40.05 -15.87
N ALA H 670 -29.78 -39.62 -16.91
CA ALA H 670 -28.64 -40.39 -17.42
C ALA H 670 -27.55 -40.54 -16.38
N ILE H 671 -27.23 -39.47 -15.64
CA ILE H 671 -26.20 -39.57 -14.61
C ILE H 671 -26.62 -40.52 -13.50
N LEU H 672 -27.88 -40.43 -13.07
CA LEU H 672 -28.37 -41.35 -12.04
C LEU H 672 -28.31 -42.79 -12.52
N LYS H 673 -28.79 -43.07 -13.73
CA LYS H 673 -28.82 -44.45 -14.19
C LYS H 673 -27.43 -44.98 -14.52
N ALA H 674 -26.48 -44.12 -14.90
CA ALA H 674 -25.11 -44.57 -15.08
C ALA H 674 -24.50 -45.02 -13.77
N ASN H 675 -24.76 -44.28 -12.70
CA ASN H 675 -24.29 -44.67 -11.38
C ASN H 675 -24.97 -45.93 -10.86
N LEU H 676 -26.27 -46.09 -11.13
CA LEU H 676 -27.03 -47.20 -10.60
C LEU H 676 -27.12 -48.39 -11.55
N ARG H 677 -26.41 -48.35 -12.68
CA ARG H 677 -26.50 -49.43 -13.65
C ARG H 677 -25.91 -50.74 -13.12
N LYS H 678 -25.11 -50.70 -12.07
CA LYS H 678 -24.54 -51.91 -11.47
C LYS H 678 -25.18 -52.27 -10.14
N SER H 679 -26.23 -51.56 -9.73
CA SER H 679 -26.81 -51.79 -8.42
C SER H 679 -28.24 -52.32 -8.54
N PRO H 680 -28.71 -53.10 -7.57
CA PRO H 680 -30.09 -53.55 -7.60
C PRO H 680 -31.06 -52.42 -7.29
N VAL H 681 -31.78 -51.95 -8.30
CA VAL H 681 -32.71 -50.84 -8.14
C VAL H 681 -34.12 -51.40 -8.01
N ALA H 682 -34.84 -50.94 -6.99
CA ALA H 682 -36.21 -51.38 -6.78
C ALA H 682 -37.13 -50.68 -7.79
N LYS H 683 -38.28 -51.29 -8.05
CA LYS H 683 -39.23 -50.75 -9.02
C LYS H 683 -39.80 -49.40 -8.59
N ASP H 684 -40.10 -49.23 -7.30
CA ASP H 684 -40.72 -48.00 -6.83
C ASP H 684 -39.75 -46.82 -6.83
N VAL H 685 -38.45 -47.07 -6.94
CA VAL H 685 -37.46 -46.00 -6.93
C VAL H 685 -37.51 -45.31 -8.30
N ASP H 686 -38.16 -44.15 -8.35
CA ASP H 686 -38.33 -43.41 -9.59
C ASP H 686 -37.18 -42.42 -9.76
N LEU H 687 -36.32 -42.66 -10.74
CA LEU H 687 -35.22 -41.76 -11.03
C LEU H 687 -35.64 -40.49 -11.74
N GLU H 688 -36.75 -40.53 -12.49
CA GLU H 688 -37.24 -39.32 -13.14
C GLU H 688 -37.59 -38.25 -12.12
N PHE H 689 -38.31 -38.62 -11.07
CA PHE H 689 -38.66 -37.67 -10.02
C PHE H 689 -37.43 -37.16 -9.29
N LEU H 690 -36.48 -38.06 -8.99
CA LEU H 690 -35.26 -37.64 -8.30
C LEU H 690 -34.47 -36.65 -9.14
N ALA H 691 -34.35 -36.89 -10.44
CA ALA H 691 -33.68 -35.95 -11.32
C ALA H 691 -34.45 -34.64 -11.47
N LYS H 692 -35.78 -34.71 -11.44
CA LYS H 692 -36.59 -33.49 -11.45
C LYS H 692 -36.39 -32.64 -10.21
N MET H 693 -36.25 -33.28 -9.03
CA MET H 693 -36.11 -32.52 -7.79
C MET H 693 -34.81 -31.73 -7.77
N THR H 694 -33.70 -32.35 -8.14
CA THR H 694 -32.41 -31.67 -8.18
C THR H 694 -32.29 -30.89 -9.48
N ASN H 695 -32.08 -29.58 -9.38
CA ASN H 695 -32.01 -28.72 -10.55
C ASN H 695 -30.61 -28.15 -10.77
N GLY H 696 -30.06 -27.45 -9.77
CA GLY H 696 -28.74 -26.88 -9.92
C GLY H 696 -27.66 -27.83 -9.46
N PHE H 697 -27.88 -29.13 -9.64
CA PHE H 697 -26.99 -30.16 -9.16
C PHE H 697 -26.02 -30.56 -10.27
N SER H 698 -24.75 -30.71 -9.92
CA SER H 698 -23.75 -31.17 -10.87
C SER H 698 -23.74 -32.70 -10.92
N GLY H 699 -23.00 -33.23 -11.89
CA GLY H 699 -22.87 -34.68 -11.97
C GLY H 699 -22.23 -35.27 -10.73
N ALA H 700 -21.27 -34.55 -10.14
CA ALA H 700 -20.66 -34.99 -8.90
C ALA H 700 -21.64 -35.01 -7.74
N ASP H 701 -22.58 -34.06 -7.70
CA ASP H 701 -23.57 -34.05 -6.63
C ASP H 701 -24.49 -35.25 -6.70
N LEU H 702 -24.96 -35.59 -7.90
CA LEU H 702 -25.74 -36.81 -8.08
C LEU H 702 -24.91 -38.06 -7.80
N THR H 703 -23.63 -38.04 -8.16
CA THR H 703 -22.76 -39.17 -7.90
C THR H 703 -22.64 -39.47 -6.41
N GLU H 704 -22.40 -38.44 -5.61
CA GLU H 704 -22.32 -38.66 -4.16
C GLU H 704 -23.67 -39.02 -3.56
N ILE H 705 -24.77 -38.54 -4.13
CA ILE H 705 -26.07 -39.01 -3.65
C ILE H 705 -26.20 -40.51 -3.87
N CYS H 706 -25.86 -40.98 -5.08
CA CYS H 706 -25.94 -42.42 -5.35
C CYS H 706 -24.99 -43.21 -4.47
N GLN H 707 -23.78 -42.71 -4.26
CA GLN H 707 -22.81 -43.40 -3.42
C GLN H 707 -23.29 -43.47 -1.97
N ARG H 708 -23.88 -42.40 -1.46
CA ARG H 708 -24.39 -42.39 -0.10
C ARG H 708 -25.58 -43.34 0.05
N ALA H 709 -26.46 -43.40 -0.95
CA ALA H 709 -27.54 -44.37 -0.91
C ALA H 709 -27.02 -45.80 -0.92
N CYS H 710 -26.02 -46.08 -1.76
CA CYS H 710 -25.40 -47.40 -1.77
C CYS H 710 -24.74 -47.72 -0.44
N LYS H 711 -24.07 -46.74 0.17
CA LYS H 711 -23.45 -46.96 1.47
C LYS H 711 -24.49 -47.29 2.54
N LEU H 712 -25.61 -46.56 2.55
CA LEU H 712 -26.68 -46.85 3.50
C LEU H 712 -27.26 -48.24 3.27
N ALA H 713 -27.48 -48.62 2.01
CA ALA H 713 -28.00 -49.95 1.73
C ALA H 713 -27.02 -51.04 2.18
N ILE H 714 -25.73 -50.85 1.91
CA ILE H 714 -24.74 -51.83 2.31
C ILE H 714 -24.68 -51.94 3.83
N ARG H 715 -24.71 -50.81 4.52
CA ARG H 715 -24.67 -50.85 5.99
C ARG H 715 -25.90 -51.53 6.57
N GLU H 716 -27.09 -51.24 6.02
CA GLU H 716 -28.29 -51.93 6.52
C GLU H 716 -28.22 -53.43 6.25
N SER H 717 -27.73 -53.82 5.07
CA SER H 717 -27.57 -55.23 4.76
C SER H 717 -26.58 -55.91 5.71
N ILE H 718 -25.47 -55.24 6.04
CA ILE H 718 -24.50 -55.83 6.95
C ILE H 718 -25.06 -55.96 8.35
N GLU H 719 -25.70 -54.90 8.86
CA GLU H 719 -26.22 -54.93 10.22
C GLU H 719 -27.43 -55.86 10.36
N SER H 720 -28.19 -56.08 9.28
CA SER H 720 -29.36 -56.93 9.34
C SER H 720 -29.03 -58.41 9.38
N GLU H 721 -27.79 -58.80 9.10
CA GLU H 721 -27.42 -60.20 9.12
C GLU H 721 -27.46 -60.77 10.53
N ILE H 722 -27.00 -60.00 11.52
CA ILE H 722 -26.95 -60.47 12.89
C ILE H 722 -28.34 -60.40 13.53
N VAL H 743 -31.03 -56.75 3.33
CA VAL H 743 -31.74 -57.30 2.18
C VAL H 743 -31.06 -56.86 0.89
N PRO H 744 -30.87 -57.80 -0.05
CA PRO H 744 -30.15 -57.52 -1.30
C PRO H 744 -30.96 -56.74 -2.33
N GLU H 745 -31.38 -55.54 -1.96
CA GLU H 745 -32.12 -54.66 -2.87
C GLU H 745 -32.13 -53.26 -2.29
N ILE H 746 -31.74 -52.27 -3.09
CA ILE H 746 -31.79 -50.89 -2.67
C ILE H 746 -33.26 -50.46 -2.65
N ARG H 747 -33.71 -49.93 -1.52
CA ARG H 747 -35.11 -49.59 -1.34
C ARG H 747 -35.31 -48.08 -1.49
N ARG H 748 -36.58 -47.68 -1.56
CA ARG H 748 -36.94 -46.27 -1.68
C ARG H 748 -36.45 -45.46 -0.49
N ASP H 749 -36.52 -46.03 0.71
CA ASP H 749 -36.05 -45.34 1.91
C ASP H 749 -34.56 -45.04 1.87
N HIS H 750 -33.75 -45.91 1.27
CA HIS H 750 -32.32 -45.63 1.17
C HIS H 750 -32.06 -44.34 0.43
N PHE H 751 -32.69 -44.14 -0.72
CA PHE H 751 -32.55 -42.91 -1.49
C PHE H 751 -33.21 -41.72 -0.82
N GLU H 752 -34.36 -41.93 -0.18
CA GLU H 752 -35.04 -40.83 0.52
C GLU H 752 -34.21 -40.30 1.68
N GLU H 753 -33.60 -41.18 2.47
CA GLU H 753 -32.79 -40.73 3.60
C GLU H 753 -31.46 -40.14 3.14
N ALA H 754 -30.80 -40.76 2.16
CA ALA H 754 -29.57 -40.23 1.62
C ALA H 754 -29.78 -38.92 0.87
N MET H 755 -31.02 -38.61 0.46
CA MET H 755 -31.35 -37.34 -0.16
C MET H 755 -31.21 -36.18 0.80
N ARG H 756 -31.22 -36.44 2.11
CA ARG H 756 -31.13 -35.37 3.10
C ARG H 756 -29.78 -34.68 3.04
N PHE H 757 -28.71 -35.46 2.90
CA PHE H 757 -27.35 -34.90 2.81
C PHE H 757 -27.01 -34.54 1.37
N ALA H 758 -27.87 -33.75 0.74
CA ALA H 758 -27.69 -33.37 -0.66
C ALA H 758 -26.91 -32.06 -0.73
N ARG H 759 -25.70 -32.13 -1.26
CA ARG H 759 -24.84 -30.97 -1.44
C ARG H 759 -25.10 -30.31 -2.78
N ARG H 760 -24.58 -29.10 -2.95
CA ARG H 760 -24.61 -28.41 -4.23
C ARG H 760 -23.29 -27.64 -4.34
N SER H 761 -22.30 -28.27 -4.96
CA SER H 761 -20.95 -27.74 -4.95
C SER H 761 -20.79 -26.51 -5.85
N VAL H 762 -21.66 -26.34 -6.83
CA VAL H 762 -21.55 -25.23 -7.76
C VAL H 762 -22.51 -24.13 -7.33
N SER H 763 -21.97 -22.95 -7.05
CA SER H 763 -22.75 -21.81 -6.60
C SER H 763 -23.28 -21.01 -7.79
N ASP H 764 -24.25 -20.13 -7.50
CA ASP H 764 -24.83 -19.30 -8.54
C ASP H 764 -23.82 -18.28 -9.06
N ASN H 765 -22.94 -17.79 -8.19
CA ASN H 765 -21.90 -16.86 -8.63
C ASN H 765 -21.00 -17.50 -9.68
N ASP H 766 -20.71 -18.78 -9.53
CA ASP H 766 -19.95 -19.49 -10.56
C ASP H 766 -20.69 -19.51 -11.89
N ILE H 767 -21.99 -19.79 -11.89
CA ILE H 767 -22.72 -19.80 -13.15
C ILE H 767 -22.71 -18.42 -13.78
N ARG H 768 -22.86 -17.37 -12.96
CA ARG H 768 -22.82 -16.01 -13.48
C ARG H 768 -21.46 -15.70 -14.10
N LYS H 769 -20.37 -16.10 -13.43
CA LYS H 769 -19.05 -15.80 -13.97
C LYS H 769 -18.72 -16.63 -15.21
N TYR H 770 -19.30 -17.83 -15.34
CA TYR H 770 -19.13 -18.56 -16.59
C TYR H 770 -19.92 -17.92 -17.72
N GLU H 771 -21.13 -17.44 -17.43
CA GLU H 771 -21.90 -16.79 -18.48
C GLU H 771 -21.21 -15.51 -18.95
N MET H 772 -20.75 -14.66 -18.02
CA MET H 772 -20.04 -13.46 -18.43
C MET H 772 -18.95 -13.79 -19.44
N PHE H 773 -18.26 -14.91 -19.24
CA PHE H 773 -17.31 -15.39 -20.23
C PHE H 773 -18.02 -15.83 -21.52
N ALA H 774 -19.20 -16.47 -21.41
CA ALA H 774 -19.83 -17.03 -22.61
C ALA H 774 -20.31 -15.96 -23.58
N GLN H 775 -21.27 -15.12 -23.19
CA GLN H 775 -21.53 -13.99 -24.09
C GLN H 775 -20.57 -12.82 -23.90
N THR H 776 -19.38 -13.04 -23.33
CA THR H 776 -18.23 -12.24 -23.75
C THR H 776 -17.88 -12.54 -25.20
N LEU H 777 -17.85 -13.82 -25.57
CA LEU H 777 -17.52 -14.22 -26.95
C LEU H 777 -18.74 -14.44 -27.82
N GLN H 778 -19.96 -14.35 -27.30
CA GLN H 778 -21.13 -14.48 -28.19
C GLN H 778 -21.30 -13.24 -29.06
N GLN H 779 -21.58 -12.09 -28.43
CA GLN H 779 -21.78 -10.82 -29.11
C GLN H 779 -22.69 -10.92 -30.33
N SER H 780 -23.97 -11.20 -30.11
CA SER H 780 -24.94 -11.29 -31.20
C SER H 780 -25.74 -10.01 -31.34
N ARG H 781 -25.10 -8.87 -31.08
CA ARG H 781 -25.75 -7.58 -31.13
C ARG H 781 -25.34 -6.84 -32.39
N GLY H 782 -26.02 -5.72 -32.65
CA GLY H 782 -25.70 -4.88 -33.79
C GLY H 782 -26.33 -5.38 -35.08
N PHE H 783 -25.76 -6.45 -35.65
CA PHE H 783 -26.25 -7.00 -36.91
C PHE H 783 -27.29 -8.10 -36.69
N GLY H 784 -28.32 -7.81 -35.90
CA GLY H 784 -29.35 -8.81 -35.65
C GLY H 784 -30.45 -8.82 -36.69
N SER H 785 -30.73 -7.67 -37.29
CA SER H 785 -31.77 -7.54 -38.32
C SER H 785 -31.12 -6.95 -39.57
N PHE H 786 -30.94 -7.78 -40.59
CA PHE H 786 -30.38 -7.34 -41.86
C PHE H 786 -31.33 -7.73 -42.99
N ARG H 787 -31.53 -6.80 -43.92
CA ARG H 787 -32.35 -7.04 -45.11
C ARG H 787 -31.52 -6.73 -46.34
N PHE H 788 -31.43 -7.70 -47.25
CA PHE H 788 -30.71 -7.47 -48.51
C PHE H 788 -31.57 -6.64 -49.46
N PRO H 789 -30.94 -5.84 -50.33
CA PRO H 789 -31.72 -4.99 -51.25
C PRO H 789 -32.56 -5.79 -52.23
N SER H 790 -31.92 -6.72 -52.94
CA SER H 790 -32.62 -7.52 -53.94
C SER H 790 -31.84 -8.79 -54.25
N ASN I 36 37.62 -16.86 -86.97
CA ASN I 36 37.60 -17.83 -85.89
C ASN I 36 36.48 -18.85 -86.09
N ARG I 37 35.92 -18.88 -87.30
CA ARG I 37 34.83 -19.77 -87.67
C ARG I 37 33.68 -19.66 -86.69
N PRO I 38 32.92 -18.56 -86.71
CA PRO I 38 31.83 -18.40 -85.73
C PRO I 38 30.67 -19.35 -85.99
N ASN I 39 30.90 -20.63 -85.76
CA ASN I 39 29.85 -21.64 -85.92
C ASN I 39 29.72 -22.60 -84.75
N ARG I 40 30.73 -22.73 -83.89
CA ARG I 40 30.68 -23.62 -82.74
C ARG I 40 30.24 -22.86 -81.50
N LEU I 41 29.38 -23.49 -80.71
CA LEU I 41 28.89 -22.90 -79.47
C LEU I 41 29.04 -23.90 -78.33
N ILE I 42 29.09 -23.36 -77.11
CA ILE I 42 29.23 -24.20 -75.93
C ILE I 42 27.94 -24.97 -75.69
N VAL I 43 28.03 -26.00 -74.85
CA VAL I 43 26.91 -26.89 -74.55
C VAL I 43 26.50 -26.69 -73.09
N ASP I 44 25.20 -26.74 -72.84
CA ASP I 44 24.68 -26.68 -71.48
C ASP I 44 23.53 -27.65 -71.30
N GLU I 45 22.81 -27.53 -70.18
CA GLU I 45 21.68 -28.38 -69.87
C GLU I 45 20.39 -27.74 -70.36
N ALA I 46 19.45 -28.57 -70.79
CA ALA I 46 18.16 -28.12 -71.29
C ALA I 46 17.09 -28.29 -70.22
N ILE I 47 16.31 -27.23 -70.00
CA ILE I 47 15.25 -27.27 -69.00
C ILE I 47 13.99 -27.96 -69.52
N ASN I 48 13.89 -28.19 -70.83
CA ASN I 48 12.72 -28.87 -71.37
C ASN I 48 12.74 -30.35 -70.99
N GLU I 49 11.55 -30.90 -70.74
CA GLU I 49 11.41 -32.29 -70.33
C GLU I 49 11.17 -33.22 -71.51
N ASP I 50 11.22 -32.71 -72.73
CA ASP I 50 10.99 -33.54 -73.91
C ASP I 50 12.19 -34.47 -74.14
N ASN I 51 11.97 -35.51 -74.94
CA ASN I 51 13.00 -36.51 -75.19
C ASN I 51 14.01 -36.04 -76.22
N SER I 52 13.56 -35.79 -77.45
CA SER I 52 14.44 -35.35 -78.52
C SER I 52 13.95 -34.00 -79.05
N VAL I 53 14.40 -32.94 -78.36
CA VAL I 53 14.07 -31.57 -78.73
C VAL I 53 15.30 -30.71 -78.50
N VAL I 54 15.71 -29.95 -79.51
CA VAL I 54 16.84 -29.04 -79.43
C VAL I 54 16.30 -27.63 -79.57
N SER I 55 16.55 -26.80 -78.56
CA SER I 55 16.08 -25.43 -78.53
C SER I 55 17.23 -24.46 -78.77
N LEU I 56 16.97 -23.44 -79.58
CA LEU I 56 17.97 -22.44 -79.92
C LEU I 56 17.37 -21.06 -79.70
N SER I 57 18.11 -20.03 -80.08
CA SER I 57 17.66 -18.65 -79.96
C SER I 57 17.14 -18.17 -81.32
N GLN I 58 16.51 -16.99 -81.30
CA GLN I 58 15.89 -16.42 -82.50
C GLN I 58 16.88 -16.22 -83.64
N PRO I 59 18.08 -15.63 -83.41
CA PRO I 59 19.01 -15.44 -84.54
C PRO I 59 19.87 -16.68 -84.81
N LYS I 60 19.23 -17.85 -84.85
CA LYS I 60 19.97 -19.08 -85.11
C LYS I 60 19.48 -19.78 -86.37
N MET I 61 18.17 -20.01 -86.49
CA MET I 61 17.65 -20.66 -87.69
C MET I 61 17.54 -19.68 -88.86
N ASP I 62 17.57 -18.38 -88.59
CA ASP I 62 17.53 -17.38 -89.66
C ASP I 62 18.82 -17.32 -90.46
N GLU I 63 19.92 -17.86 -89.93
CA GLU I 63 21.18 -17.90 -90.65
C GLU I 63 21.36 -19.19 -91.44
N LEU I 64 20.86 -20.31 -90.91
CA LEU I 64 20.97 -21.61 -91.56
C LEU I 64 19.71 -21.99 -92.33
N GLN I 65 18.78 -21.04 -92.51
CA GLN I 65 17.52 -21.22 -93.22
C GLN I 65 16.88 -22.58 -92.98
N LEU I 66 16.74 -22.97 -91.72
CA LEU I 66 16.11 -24.22 -91.35
C LEU I 66 14.77 -23.95 -90.67
N PHE I 67 13.79 -24.80 -90.94
CA PHE I 67 12.45 -24.64 -90.39
C PHE I 67 12.36 -25.37 -89.05
N ARG I 68 11.16 -25.43 -88.48
CA ARG I 68 10.95 -26.07 -87.18
C ARG I 68 10.84 -27.58 -87.26
N GLY I 69 10.78 -28.15 -88.46
CA GLY I 69 10.67 -29.59 -88.60
C GLY I 69 11.63 -30.17 -89.62
N ASP I 70 12.81 -29.58 -89.75
CA ASP I 70 13.80 -29.99 -90.72
C ASP I 70 14.71 -31.07 -90.10
N THR I 71 15.69 -31.52 -90.88
CA THR I 71 16.63 -32.54 -90.46
C THR I 71 17.96 -31.88 -90.15
N VAL I 72 18.50 -32.15 -88.96
CA VAL I 72 19.76 -31.57 -88.52
C VAL I 72 20.77 -32.70 -88.29
N LEU I 73 22.00 -32.45 -88.70
CA LEU I 73 23.08 -33.42 -88.54
C LEU I 73 24.17 -32.81 -87.65
N LEU I 74 24.54 -33.53 -86.60
CA LEU I 74 25.54 -33.10 -85.65
C LEU I 74 26.68 -34.11 -85.58
N LYS I 75 27.89 -33.61 -85.43
CA LYS I 75 29.08 -34.45 -85.35
C LYS I 75 29.74 -34.27 -84.00
N GLY I 76 30.87 -34.96 -83.81
CA GLY I 76 31.63 -34.86 -82.59
C GLY I 76 32.94 -35.63 -82.66
N LYS I 77 33.36 -36.21 -81.54
CA LYS I 77 34.56 -37.02 -81.49
C LYS I 77 34.26 -38.43 -81.97
N LYS I 78 35.30 -39.26 -82.04
CA LYS I 78 35.22 -40.67 -82.44
C LYS I 78 34.71 -40.84 -83.86
N ARG I 79 34.71 -39.78 -84.66
CA ARG I 79 34.27 -39.81 -86.05
C ARG I 79 32.85 -40.36 -86.17
N ARG I 80 31.95 -39.79 -85.37
CA ARG I 80 30.55 -40.21 -85.36
C ARG I 80 29.66 -39.00 -85.63
N GLU I 81 28.49 -39.28 -86.18
CA GLU I 81 27.50 -38.27 -86.51
C GLU I 81 26.26 -38.46 -85.66
N ALA I 82 25.30 -37.55 -85.81
CA ALA I 82 24.05 -37.61 -85.08
C ALA I 82 22.97 -36.91 -85.90
N VAL I 83 21.72 -37.20 -85.56
CA VAL I 83 20.58 -36.60 -86.24
C VAL I 83 19.45 -36.42 -85.23
N CYS I 84 18.82 -35.26 -85.24
CA CYS I 84 17.75 -34.94 -84.30
C CYS I 84 16.77 -34.00 -84.98
N ILE I 85 15.92 -33.36 -84.18
CA ILE I 85 14.92 -32.41 -84.67
C ILE I 85 15.13 -31.10 -83.93
N VAL I 86 15.26 -30.01 -84.68
CA VAL I 86 15.43 -28.68 -84.11
C VAL I 86 14.07 -28.07 -83.85
N LEU I 87 13.85 -27.60 -82.62
CA LEU I 87 12.62 -26.93 -82.24
C LEU I 87 12.91 -25.46 -81.96
N SER I 88 12.01 -24.59 -82.44
CA SER I 88 12.18 -23.15 -82.29
C SER I 88 11.61 -22.69 -80.96
N ASP I 89 12.37 -21.84 -80.27
CA ASP I 89 11.93 -21.29 -78.99
C ASP I 89 12.56 -19.91 -78.82
N ASP I 90 11.77 -18.97 -78.29
CA ASP I 90 12.23 -17.61 -78.06
C ASP I 90 12.11 -17.21 -76.59
N THR I 91 11.91 -18.17 -75.71
CA THR I 91 11.78 -17.90 -74.28
C THR I 91 12.90 -18.49 -73.44
N CYS I 92 13.68 -19.43 -73.98
CA CYS I 92 14.76 -20.07 -73.25
C CYS I 92 15.83 -19.06 -72.86
N SER I 93 16.49 -18.46 -73.85
CA SER I 93 17.57 -17.52 -73.59
C SER I 93 17.67 -16.47 -74.68
N ASP I 94 18.78 -15.72 -74.69
CA ASP I 94 19.03 -14.69 -75.70
C ASP I 94 19.81 -15.21 -76.90
N GLU I 95 20.94 -15.88 -76.66
CA GLU I 95 21.69 -16.52 -77.76
C GLU I 95 22.37 -17.76 -77.17
N LYS I 96 21.71 -18.90 -77.31
CA LYS I 96 22.22 -20.14 -76.74
C LYS I 96 21.49 -21.31 -77.37
N ILE I 97 22.17 -22.46 -77.43
CA ILE I 97 21.60 -23.68 -77.97
C ILE I 97 21.47 -24.71 -76.84
N ARG I 98 20.29 -25.28 -76.71
CA ARG I 98 20.00 -26.32 -75.74
C ARG I 98 20.39 -27.67 -76.31
N MET I 99 20.49 -28.68 -75.44
CA MET I 99 21.02 -29.96 -75.88
C MET I 99 20.68 -30.99 -74.80
N ASN I 100 20.16 -32.14 -75.21
CA ASN I 100 19.53 -33.07 -74.28
C ASN I 100 20.54 -34.10 -73.75
N ARG I 101 20.13 -34.82 -72.71
CA ARG I 101 20.97 -35.83 -72.07
C ARG I 101 20.97 -37.16 -72.80
N VAL I 102 19.84 -37.58 -73.36
CA VAL I 102 19.76 -38.87 -74.04
C VAL I 102 20.68 -38.93 -75.26
N VAL I 103 21.08 -37.78 -75.79
CA VAL I 103 22.00 -37.75 -76.94
C VAL I 103 23.38 -37.22 -76.58
N ARG I 104 23.55 -36.58 -75.42
CA ARG I 104 24.89 -36.22 -74.97
C ARG I 104 25.76 -37.46 -74.79
N ASN I 105 25.22 -38.49 -74.13
CA ASN I 105 25.96 -39.74 -73.99
C ASN I 105 26.00 -40.52 -75.29
N ASN I 106 25.02 -40.31 -76.18
CA ASN I 106 24.99 -41.03 -77.44
C ASN I 106 26.08 -40.55 -78.40
N LEU I 107 26.26 -39.23 -78.50
CA LEU I 107 27.29 -38.67 -79.38
C LEU I 107 28.63 -38.56 -78.67
N ARG I 108 28.69 -38.92 -77.38
CA ARG I 108 29.90 -38.83 -76.56
C ARG I 108 30.36 -37.38 -76.44
N VAL I 109 29.47 -36.55 -75.89
CA VAL I 109 29.74 -35.14 -75.67
C VAL I 109 29.63 -34.86 -74.18
N ARG I 110 30.53 -34.02 -73.68
CA ARG I 110 30.49 -33.60 -72.29
C ARG I 110 30.39 -32.07 -72.25
N LEU I 111 30.16 -31.53 -71.07
CA LEU I 111 29.93 -30.10 -70.91
C LEU I 111 31.18 -29.31 -71.25
N GLY I 112 30.98 -28.04 -71.60
CA GLY I 112 32.09 -27.18 -71.93
C GLY I 112 32.79 -27.53 -73.23
N ASP I 113 32.07 -28.15 -74.17
CA ASP I 113 32.62 -28.53 -75.45
C ASP I 113 31.97 -27.73 -76.56
N VAL I 114 32.60 -27.73 -77.73
CA VAL I 114 32.11 -27.02 -78.90
C VAL I 114 31.33 -27.99 -79.78
N ILE I 115 30.27 -27.48 -80.41
CA ILE I 115 29.44 -28.28 -81.30
C ILE I 115 29.11 -27.45 -82.53
N SER I 116 29.24 -28.06 -83.70
CA SER I 116 28.96 -27.40 -84.97
C SER I 116 27.63 -27.91 -85.51
N ILE I 117 26.78 -26.98 -85.95
CA ILE I 117 25.44 -27.30 -86.45
C ILE I 117 25.29 -26.76 -87.86
N GLN I 118 24.66 -27.57 -88.71
CA GLN I 118 24.40 -27.18 -90.09
C GLN I 118 23.16 -27.91 -90.56
N PRO I 119 22.36 -27.29 -91.44
CA PRO I 119 21.18 -27.98 -91.97
C PRO I 119 21.57 -29.11 -92.91
N CYS I 120 20.68 -30.09 -93.01
CA CYS I 120 20.89 -31.24 -93.89
C CYS I 120 19.56 -31.64 -94.50
N PRO I 121 19.17 -30.99 -95.58
CA PRO I 121 17.87 -31.31 -96.23
C PRO I 121 17.94 -32.58 -97.09
N ASP I 122 17.98 -33.72 -96.41
CA ASP I 122 18.05 -35.02 -97.06
C ASP I 122 16.77 -35.79 -96.78
N VAL I 123 16.14 -36.31 -97.83
CA VAL I 123 14.93 -37.08 -97.69
C VAL I 123 15.29 -38.50 -97.27
N LYS I 124 14.70 -38.95 -96.16
CA LYS I 124 14.97 -40.26 -95.61
C LYS I 124 13.68 -41.04 -95.45
N TYR I 125 13.79 -42.37 -95.51
CA TYR I 125 12.62 -43.24 -95.39
C TYR I 125 13.11 -44.62 -94.93
N GLY I 126 12.73 -44.99 -93.71
CA GLY I 126 13.09 -46.30 -93.21
C GLY I 126 12.24 -47.40 -93.81
N LYS I 127 12.87 -48.53 -94.10
CA LYS I 127 12.18 -49.68 -94.66
C LYS I 127 12.19 -50.87 -93.71
N ARG I 128 13.36 -51.29 -93.23
CA ARG I 128 13.48 -52.42 -92.31
C ARG I 128 14.34 -52.02 -91.13
N ILE I 129 13.93 -52.38 -89.93
CA ILE I 129 14.67 -52.09 -88.71
C ILE I 129 14.81 -53.37 -87.90
N HIS I 130 15.83 -53.39 -87.06
CA HIS I 130 16.09 -54.55 -86.20
C HIS I 130 16.82 -54.06 -84.96
N VAL I 131 16.08 -53.91 -83.87
CA VAL I 131 16.64 -53.45 -82.60
C VAL I 131 16.50 -54.57 -81.57
N LEU I 132 17.41 -54.57 -80.60
CA LEU I 132 17.41 -55.57 -79.54
C LEU I 132 18.01 -54.95 -78.29
N PRO I 133 17.52 -55.32 -77.11
CA PRO I 133 18.05 -54.72 -75.87
C PRO I 133 19.31 -55.42 -75.41
N ILE I 134 19.96 -54.80 -74.43
CA ILE I 134 21.15 -55.35 -73.80
C ILE I 134 20.72 -56.19 -72.62
N ASP I 135 21.42 -57.31 -72.40
CA ASP I 135 21.06 -58.23 -71.33
C ASP I 135 21.54 -57.70 -69.97
N ASP I 136 21.09 -56.50 -69.60
CA ASP I 136 21.43 -55.92 -68.32
C ASP I 136 20.20 -55.30 -67.65
N THR I 137 19.13 -55.12 -68.42
CA THR I 137 17.91 -54.51 -67.91
C THR I 137 16.65 -55.22 -68.41
N VAL I 138 16.76 -56.50 -68.78
CA VAL I 138 15.63 -57.25 -69.29
C VAL I 138 15.35 -58.44 -68.38
N GLU I 139 15.66 -58.28 -67.09
CA GLU I 139 15.44 -59.35 -66.12
C GLU I 139 13.97 -59.43 -65.77
N GLY I 140 13.38 -60.61 -65.94
CA GLY I 140 11.98 -60.82 -65.63
C GLY I 140 11.00 -60.47 -66.73
N ILE I 141 11.48 -60.28 -67.97
CA ILE I 141 10.63 -59.91 -69.10
C ILE I 141 10.63 -61.08 -70.07
N THR I 142 9.44 -61.55 -70.42
CA THR I 142 9.26 -62.67 -71.34
C THR I 142 8.20 -62.32 -72.38
N GLY I 143 8.18 -63.11 -73.45
CA GLY I 143 7.21 -62.90 -74.52
C GLY I 143 7.62 -61.80 -75.47
N ASN I 144 6.69 -61.47 -76.37
CA ASN I 144 6.91 -60.43 -77.35
C ASN I 144 6.95 -59.05 -76.68
N LEU I 145 7.86 -58.20 -77.17
CA LEU I 145 8.01 -56.87 -76.63
C LEU I 145 8.22 -55.80 -77.69
N PHE I 146 7.96 -56.11 -78.97
CA PHE I 146 8.17 -55.16 -80.05
C PHE I 146 6.87 -54.57 -80.60
N GLU I 147 5.79 -55.34 -80.64
CA GLU I 147 4.52 -54.88 -81.17
C GLU I 147 3.61 -54.30 -80.10
N VAL I 148 4.09 -54.22 -78.86
CA VAL I 148 3.28 -53.72 -77.75
C VAL I 148 3.83 -52.44 -77.13
N TYR I 149 5.13 -52.21 -77.12
CA TYR I 149 5.69 -50.94 -76.66
C TYR I 149 6.26 -50.09 -77.77
N LEU I 150 7.14 -50.65 -78.62
CA LEU I 150 7.80 -49.85 -79.64
C LEU I 150 6.83 -49.27 -80.66
N LYS I 151 5.88 -50.08 -81.14
CA LYS I 151 4.94 -49.57 -82.15
C LYS I 151 4.09 -48.41 -81.62
N PRO I 152 3.51 -48.47 -80.43
CA PRO I 152 2.69 -47.33 -79.96
C PRO I 152 3.45 -46.02 -79.82
N TYR I 153 4.69 -46.04 -79.33
CA TYR I 153 5.40 -44.80 -79.08
C TYR I 153 6.08 -44.22 -80.33
N PHE I 154 6.30 -45.01 -81.37
CA PHE I 154 6.95 -44.48 -82.57
C PHE I 154 6.03 -43.61 -83.40
N LEU I 155 4.74 -43.91 -83.44
CA LEU I 155 3.82 -43.17 -84.30
C LEU I 155 3.63 -41.73 -83.82
N GLU I 156 3.39 -40.84 -84.77
CA GLU I 156 3.16 -39.42 -84.50
C GLU I 156 4.37 -38.77 -83.83
N ALA I 157 5.56 -39.32 -84.08
CA ALA I 157 6.79 -38.77 -83.53
C ALA I 157 7.80 -38.46 -84.64
N TYR I 158 7.92 -39.38 -85.61
CA TYR I 158 8.86 -39.23 -86.73
C TYR I 158 10.28 -38.97 -86.24
N ARG I 159 10.66 -39.66 -85.16
CA ARG I 159 11.99 -39.41 -84.63
C ARG I 159 13.05 -40.09 -85.50
N PRO I 160 14.13 -39.39 -85.82
CA PRO I 160 15.20 -39.99 -86.62
C PRO I 160 16.10 -40.86 -85.76
N ILE I 161 16.89 -41.70 -86.44
CA ILE I 161 17.83 -42.58 -85.77
C ILE I 161 18.99 -42.82 -86.73
N ARG I 162 20.21 -42.77 -86.19
CA ARG I 162 21.42 -43.02 -86.96
C ARG I 162 22.01 -44.36 -86.55
N LYS I 163 22.99 -44.82 -87.34
CA LYS I 163 23.59 -46.12 -87.10
C LYS I 163 24.52 -46.07 -85.89
N GLY I 164 24.40 -47.06 -85.01
CA GLY I 164 25.25 -47.14 -83.85
C GLY I 164 24.90 -46.14 -82.77
N ASP I 165 23.64 -46.15 -82.33
CA ASP I 165 23.17 -45.24 -81.31
C ASP I 165 22.35 -46.01 -80.28
N ILE I 166 22.48 -45.62 -79.01
CA ILE I 166 21.75 -46.26 -77.94
C ILE I 166 20.70 -45.31 -77.39
N PHE I 167 19.49 -45.36 -77.94
CA PHE I 167 18.40 -44.52 -77.47
C PHE I 167 17.81 -45.09 -76.18
N LEU I 168 17.23 -44.20 -75.38
CA LEU I 168 16.61 -44.55 -74.11
C LEU I 168 15.16 -44.12 -74.12
N VAL I 169 14.28 -45.01 -73.67
CA VAL I 169 12.85 -44.76 -73.66
C VAL I 169 12.32 -45.02 -72.25
N ARG I 170 11.49 -44.09 -71.77
CA ARG I 170 10.85 -44.20 -70.47
C ARG I 170 9.41 -44.65 -70.63
N GLY I 171 8.97 -45.54 -69.76
CA GLY I 171 7.63 -46.08 -69.78
C GLY I 171 7.65 -47.58 -69.56
N GLY I 172 6.45 -48.14 -69.40
CA GLY I 172 6.35 -49.57 -69.16
C GLY I 172 6.78 -50.00 -67.78
N MET I 173 6.70 -49.09 -66.79
CA MET I 173 7.05 -49.40 -65.40
C MET I 173 8.51 -49.85 -65.28
N ARG I 174 9.36 -49.31 -66.15
CA ARG I 174 10.78 -49.67 -66.13
C ARG I 174 11.53 -48.71 -67.04
N ALA I 175 12.85 -48.84 -67.04
CA ALA I 175 13.74 -48.05 -67.90
C ALA I 175 14.59 -49.02 -68.70
N VAL I 176 14.25 -49.18 -69.97
CA VAL I 176 14.94 -50.12 -70.85
C VAL I 176 15.39 -49.38 -72.10
N GLU I 177 16.37 -49.96 -72.78
CA GLU I 177 16.93 -49.38 -73.98
C GLU I 177 17.14 -50.47 -75.02
N PHE I 178 17.42 -50.06 -76.26
CA PHE I 178 17.67 -50.98 -77.35
C PHE I 178 18.83 -50.48 -78.18
N LYS I 179 19.47 -51.41 -78.89
CA LYS I 179 20.63 -51.10 -79.71
C LYS I 179 20.50 -51.81 -81.04
N VAL I 180 20.78 -51.10 -82.13
CA VAL I 180 20.72 -51.66 -83.47
C VAL I 180 22.09 -52.19 -83.87
N VAL I 181 22.10 -53.31 -84.58
CA VAL I 181 23.36 -53.94 -84.98
C VAL I 181 23.40 -54.14 -86.49
N GLU I 182 22.22 -54.25 -87.12
CA GLU I 182 22.15 -54.51 -88.55
C GLU I 182 20.79 -54.07 -89.08
N THR I 183 20.80 -53.09 -89.98
CA THR I 183 19.56 -52.64 -90.62
C THR I 183 19.92 -52.09 -92.00
N ASP I 184 19.00 -51.32 -92.58
CA ASP I 184 19.27 -50.72 -93.87
C ASP I 184 20.45 -49.76 -93.78
N PRO I 185 21.22 -49.60 -94.86
CA PRO I 185 22.43 -48.77 -94.81
C PRO I 185 22.12 -47.33 -94.40
N SER I 186 23.01 -46.76 -93.61
CA SER I 186 22.82 -45.40 -93.11
C SER I 186 22.89 -44.39 -94.26
N PRO I 187 22.06 -43.34 -94.24
CA PRO I 187 21.01 -43.13 -93.24
C PRO I 187 19.68 -43.75 -93.65
N TYR I 188 18.78 -42.91 -94.18
CA TYR I 188 17.48 -43.36 -94.69
C TYR I 188 16.70 -44.13 -93.62
N CYS I 189 16.76 -43.64 -92.38
CA CYS I 189 16.07 -44.27 -91.25
C CYS I 189 14.99 -43.33 -90.75
N ILE I 190 13.74 -43.63 -91.12
CA ILE I 190 12.59 -42.85 -90.67
C ILE I 190 11.53 -43.83 -90.18
N VAL I 191 11.05 -43.61 -88.95
CA VAL I 191 10.06 -44.51 -88.38
C VAL I 191 8.73 -44.32 -89.10
N ALA I 192 8.04 -45.43 -89.37
CA ALA I 192 6.76 -45.41 -90.04
C ALA I 192 6.01 -46.68 -89.68
N PRO I 193 4.68 -46.63 -89.54
CA PRO I 193 3.92 -47.84 -89.21
C PRO I 193 4.05 -48.94 -90.25
N ASP I 194 4.35 -48.60 -91.50
CA ASP I 194 4.51 -49.59 -92.55
C ASP I 194 5.81 -50.37 -92.43
N THR I 195 6.78 -49.88 -91.66
CA THR I 195 8.05 -50.56 -91.49
C THR I 195 7.87 -51.84 -90.69
N VAL I 196 8.68 -52.84 -91.01
CA VAL I 196 8.63 -54.12 -90.35
C VAL I 196 9.84 -54.25 -89.43
N ILE I 197 9.74 -55.18 -88.47
CA ILE I 197 10.82 -55.42 -87.51
C ILE I 197 10.99 -56.92 -87.34
N HIS I 198 12.15 -57.32 -86.82
CA HIS I 198 12.44 -58.73 -86.60
C HIS I 198 13.46 -58.86 -85.49
N CYS I 199 13.56 -60.07 -84.95
CA CYS I 199 14.47 -60.35 -83.84
C CYS I 199 15.14 -61.69 -84.09
N GLU I 200 16.30 -61.88 -83.45
CA GLU I 200 17.04 -63.13 -83.53
C GLU I 200 16.92 -63.97 -82.27
N GLY I 201 16.95 -63.35 -81.10
CA GLY I 201 16.82 -64.03 -79.85
C GLY I 201 18.09 -64.17 -79.02
N GLU I 202 19.09 -63.33 -79.24
CA GLU I 202 20.35 -63.40 -78.50
C GLU I 202 20.83 -61.98 -78.23
N PRO I 203 20.58 -61.45 -77.03
CA PRO I 203 21.05 -60.10 -76.72
C PRO I 203 22.57 -60.03 -76.65
N ILE I 204 23.11 -58.86 -76.99
CA ILE I 204 24.55 -58.62 -76.98
C ILE I 204 24.87 -57.70 -75.82
N LYS I 205 25.88 -58.09 -75.03
CA LYS I 205 26.27 -57.30 -73.87
C LYS I 205 26.90 -55.98 -74.30
N ARG I 206 26.74 -54.97 -73.44
CA ARG I 206 27.31 -53.66 -73.70
C ARG I 206 28.82 -53.66 -73.45
N GLU I 207 29.49 -52.64 -73.95
CA GLU I 207 30.92 -52.45 -73.79
C GLU I 207 31.18 -51.26 -72.87
N ASP I 208 32.46 -50.96 -72.66
CA ASP I 208 32.87 -49.87 -71.79
C ASP I 208 32.95 -48.54 -72.51
N GLU I 209 32.77 -48.52 -73.83
CA GLU I 209 32.80 -47.26 -74.57
C GLU I 209 31.60 -46.37 -74.22
N GLU I 210 30.44 -46.95 -74.01
CA GLU I 210 29.23 -46.21 -73.68
C GLU I 210 29.00 -46.19 -72.18
N GLU I 211 28.14 -45.27 -71.74
CA GLU I 211 27.78 -45.11 -70.35
C GLU I 211 26.28 -45.31 -70.19
N SER I 212 25.89 -46.02 -69.13
CA SER I 212 24.48 -46.26 -68.87
C SER I 212 23.77 -44.97 -68.51
N LEU I 213 22.61 -44.75 -69.11
CA LEU I 213 21.81 -43.57 -68.82
C LEU I 213 20.90 -43.74 -67.61
N ASN I 214 20.91 -44.92 -66.99
CA ASN I 214 20.13 -45.17 -65.79
C ASN I 214 20.69 -44.46 -64.56
N GLU I 215 21.89 -43.90 -64.65
CA GLU I 215 22.51 -43.23 -63.52
C GLU I 215 21.94 -41.82 -63.37
N VAL I 216 22.51 -41.06 -62.43
CA VAL I 216 21.97 -39.76 -62.08
C VAL I 216 22.70 -38.65 -62.84
N GLY I 217 21.93 -37.71 -63.37
CA GLY I 217 22.48 -36.54 -64.02
C GLY I 217 21.84 -35.26 -63.53
N TYR I 218 22.15 -34.13 -64.16
CA TYR I 218 21.57 -32.85 -63.73
C TYR I 218 20.06 -32.82 -63.88
N ASP I 219 19.50 -33.52 -64.87
CA ASP I 219 18.07 -33.53 -65.08
C ASP I 219 17.32 -34.28 -63.99
N ASP I 220 18.02 -35.02 -63.14
CA ASP I 220 17.39 -35.80 -62.09
C ASP I 220 17.18 -35.02 -60.80
N ILE I 221 17.65 -33.77 -60.75
CA ILE I 221 17.52 -32.94 -59.55
C ILE I 221 16.26 -32.09 -59.73
N GLY I 222 15.38 -32.13 -58.73
CA GLY I 222 14.16 -31.35 -58.79
C GLY I 222 13.96 -30.46 -57.57
N GLY I 223 13.79 -29.17 -57.80
CA GLY I 223 13.55 -28.24 -56.71
C GLY I 223 14.73 -27.35 -56.41
N CYS I 224 15.93 -27.92 -56.48
CA CYS I 224 17.16 -27.17 -56.20
C CYS I 224 17.63 -26.53 -57.50
N ARG I 225 17.13 -25.32 -57.76
CA ARG I 225 17.54 -24.54 -58.93
C ARG I 225 18.58 -23.47 -58.59
N LYS I 226 18.25 -22.60 -57.63
CA LYS I 226 19.20 -21.58 -57.21
C LYS I 226 20.44 -22.16 -56.57
N GLN I 227 20.30 -23.20 -55.74
CA GLN I 227 21.44 -23.83 -55.10
C GLN I 227 22.30 -24.62 -56.05
N LEU I 228 21.68 -25.39 -56.96
CA LEU I 228 22.45 -26.13 -57.96
C LEU I 228 23.14 -25.19 -58.94
N ALA I 229 22.59 -24.00 -59.18
CA ALA I 229 23.21 -23.05 -60.08
C ALA I 229 24.57 -22.59 -59.56
N GLN I 230 24.75 -22.56 -58.25
CA GLN I 230 26.04 -22.14 -57.69
C GLN I 230 27.15 -23.14 -57.94
N ILE I 231 26.88 -24.44 -57.82
CA ILE I 231 27.93 -25.43 -58.00
C ILE I 231 28.47 -25.42 -59.42
N LYS I 232 27.65 -24.99 -60.39
CA LYS I 232 28.11 -24.88 -61.77
C LYS I 232 29.26 -23.91 -61.91
N GLU I 233 29.21 -22.76 -61.22
CA GLU I 233 30.25 -21.76 -61.31
C GLU I 233 31.36 -21.97 -60.28
N MET I 234 31.40 -23.12 -59.63
CA MET I 234 32.52 -23.45 -58.75
C MET I 234 33.22 -24.75 -59.09
N VAL I 235 32.58 -25.73 -59.74
CA VAL I 235 33.24 -26.99 -60.04
C VAL I 235 33.44 -27.23 -61.54
N GLU I 236 32.86 -26.40 -62.41
CA GLU I 236 33.06 -26.57 -63.85
C GLU I 236 34.36 -25.96 -64.36
N LEU I 237 34.94 -25.01 -63.63
CA LEU I 237 36.20 -24.43 -64.10
C LEU I 237 37.38 -25.37 -63.83
N PRO I 238 37.57 -25.90 -62.61
CA PRO I 238 38.74 -26.75 -62.38
C PRO I 238 38.65 -28.14 -63.01
N LEU I 239 37.44 -28.69 -63.18
CA LEU I 239 37.30 -30.04 -63.67
C LEU I 239 37.22 -30.14 -65.19
N ARG I 240 36.74 -29.09 -65.85
CA ARG I 240 36.63 -29.13 -67.31
C ARG I 240 37.87 -28.57 -68.00
N HIS I 241 38.62 -27.69 -67.32
CA HIS I 241 39.79 -27.03 -67.91
C HIS I 241 40.96 -27.18 -66.96
N PRO I 242 41.62 -28.35 -66.94
CA PRO I 242 42.73 -28.55 -66.00
C PRO I 242 43.99 -27.80 -66.38
N ALA I 243 44.36 -27.79 -67.66
CA ALA I 243 45.57 -27.10 -68.07
C ALA I 243 45.52 -25.61 -67.79
N LEU I 244 44.33 -25.01 -67.82
CA LEU I 244 44.20 -23.60 -67.51
C LEU I 244 44.49 -23.32 -66.04
N PHE I 245 44.11 -24.25 -65.15
CA PHE I 245 44.42 -24.09 -63.74
C PHE I 245 45.88 -24.39 -63.42
N LYS I 246 46.48 -25.39 -64.07
CA LYS I 246 47.93 -25.53 -63.99
C LYS I 246 48.69 -24.54 -64.87
N ALA I 247 48.02 -23.51 -65.39
CA ALA I 247 48.68 -22.40 -66.04
C ALA I 247 48.55 -21.10 -65.25
N ILE I 248 47.37 -20.82 -64.69
CA ILE I 248 47.14 -19.60 -63.93
C ILE I 248 47.46 -19.84 -62.46
N GLY I 249 47.62 -18.76 -61.70
CA GLY I 249 47.86 -18.82 -60.28
C GLY I 249 46.64 -18.78 -59.40
N VAL I 250 45.44 -18.89 -59.96
CA VAL I 250 44.21 -18.86 -59.17
C VAL I 250 44.09 -20.17 -58.39
N LYS I 251 43.73 -20.06 -57.11
CA LYS I 251 43.52 -21.23 -56.29
C LYS I 251 42.04 -21.62 -56.31
N PRO I 252 41.69 -22.81 -56.81
CA PRO I 252 40.30 -23.23 -56.81
C PRO I 252 39.84 -23.57 -55.40
N PRO I 253 38.52 -23.59 -55.16
CA PRO I 253 38.04 -24.04 -53.84
C PRO I 253 38.45 -25.47 -53.56
N ARG I 254 38.82 -25.73 -52.31
CA ARG I 254 39.31 -27.04 -51.90
C ARG I 254 38.28 -27.80 -51.07
N GLY I 255 37.04 -27.32 -51.04
CA GLY I 255 36.02 -28.00 -50.27
C GLY I 255 34.69 -27.26 -50.26
N ILE I 256 33.61 -28.01 -50.45
CA ILE I 256 32.26 -27.45 -50.51
C ILE I 256 31.42 -28.23 -49.52
N LEU I 257 30.69 -27.52 -48.66
CA LEU I 257 29.85 -28.16 -47.65
C LEU I 257 28.38 -27.93 -47.99
N LEU I 258 27.66 -29.02 -48.24
CA LEU I 258 26.24 -28.99 -48.53
C LEU I 258 25.46 -29.13 -47.23
N TYR I 259 24.23 -28.61 -47.23
CA TYR I 259 23.46 -28.58 -46.00
C TYR I 259 22.05 -29.12 -46.19
N GLY I 260 21.21 -28.95 -45.17
CA GLY I 260 19.83 -29.36 -45.25
C GLY I 260 19.57 -30.64 -44.50
N PRO I 261 18.30 -30.91 -44.18
CA PRO I 261 17.94 -32.15 -43.50
C PRO I 261 18.17 -33.35 -44.39
N PRO I 262 18.24 -34.55 -43.82
CA PRO I 262 18.47 -35.74 -44.65
C PRO I 262 17.36 -35.93 -45.67
N GLY I 263 17.74 -36.43 -46.85
CA GLY I 263 16.81 -36.65 -47.93
C GLY I 263 16.62 -35.47 -48.87
N THR I 264 17.23 -34.32 -48.58
CA THR I 264 17.07 -33.16 -49.45
C THR I 264 17.78 -33.37 -50.79
N GLY I 265 18.75 -34.28 -50.84
CA GLY I 265 19.39 -34.58 -52.10
C GLY I 265 20.86 -34.18 -52.17
N LYS I 266 21.55 -34.23 -51.04
CA LYS I 266 22.95 -33.85 -51.00
C LYS I 266 23.86 -34.88 -51.67
N THR I 267 23.35 -36.09 -51.95
CA THR I 267 24.22 -37.14 -52.48
C THR I 267 24.14 -37.25 -54.00
N LEU I 268 22.94 -37.28 -54.57
CA LEU I 268 22.85 -37.38 -56.01
C LEU I 268 23.31 -36.12 -56.71
N ILE I 269 23.31 -34.98 -56.02
CA ILE I 269 23.90 -33.77 -56.59
C ILE I 269 25.39 -33.97 -56.82
N ALA I 270 26.10 -34.48 -55.81
CA ALA I 270 27.52 -34.77 -55.94
C ALA I 270 27.78 -35.88 -56.95
N ARG I 271 26.90 -36.88 -57.01
CA ARG I 271 27.10 -37.93 -58.00
C ARG I 271 26.84 -37.44 -59.42
N ALA I 272 25.89 -36.52 -59.60
CA ALA I 272 25.60 -36.00 -60.93
C ALA I 272 26.69 -35.05 -61.42
N VAL I 273 27.18 -34.16 -60.55
CA VAL I 273 28.26 -33.27 -60.95
C VAL I 273 29.55 -34.02 -61.23
N ALA I 274 29.61 -35.31 -60.90
CA ALA I 274 30.73 -36.16 -61.25
C ALA I 274 30.45 -37.00 -62.49
N ASN I 275 29.24 -37.54 -62.61
CA ASN I 275 28.89 -38.35 -63.77
C ASN I 275 28.90 -37.52 -65.05
N GLU I 276 28.40 -36.29 -65.00
CA GLU I 276 28.35 -35.46 -66.19
C GLU I 276 29.60 -34.63 -66.40
N THR I 277 30.60 -34.72 -65.51
CA THR I 277 31.87 -34.05 -65.71
C THR I 277 33.03 -35.00 -65.95
N GLY I 278 32.80 -36.30 -65.88
CA GLY I 278 33.86 -37.27 -66.14
C GLY I 278 34.93 -37.31 -65.08
N ALA I 279 34.62 -36.86 -63.87
CA ALA I 279 35.55 -36.88 -62.75
C ALA I 279 35.36 -38.15 -61.94
N PHE I 280 36.48 -38.70 -61.46
CA PHE I 280 36.44 -39.92 -60.68
C PHE I 280 35.72 -39.66 -59.37
N PHE I 281 34.49 -40.16 -59.25
CA PHE I 281 33.68 -39.98 -58.05
C PHE I 281 34.02 -41.09 -57.07
N PHE I 282 34.41 -40.69 -55.86
CA PHE I 282 34.72 -41.65 -54.79
C PHE I 282 33.89 -41.27 -53.57
N LEU I 283 32.98 -42.15 -53.18
CA LEU I 283 32.06 -41.89 -52.09
C LEU I 283 32.54 -42.58 -50.82
N ILE I 284 32.63 -41.82 -49.74
CA ILE I 284 32.82 -42.37 -48.40
C ILE I 284 31.68 -41.87 -47.52
N ASN I 285 30.99 -42.81 -46.88
CA ASN I 285 29.77 -42.49 -46.15
C ASN I 285 30.09 -41.70 -44.88
N GLY I 286 30.90 -42.30 -44.00
CA GLY I 286 31.23 -41.67 -42.74
C GLY I 286 31.05 -42.58 -41.54
N PRO I 287 29.98 -43.39 -41.52
CA PRO I 287 29.90 -44.44 -40.49
C PRO I 287 30.83 -45.62 -40.72
N GLU I 288 31.24 -45.89 -41.96
CA GLU I 288 32.17 -46.99 -42.19
C GLU I 288 33.53 -46.70 -41.58
N ILE I 289 33.90 -45.43 -41.46
CA ILE I 289 35.15 -45.07 -40.80
C ILE I 289 35.13 -45.51 -39.35
N MET I 290 34.03 -45.27 -38.64
CA MET I 290 33.91 -45.73 -37.27
C MET I 290 33.54 -47.21 -37.18
N SER I 291 33.12 -47.83 -38.28
CA SER I 291 32.75 -49.23 -38.24
C SER I 291 33.96 -50.14 -38.04
N LYS I 292 35.09 -49.79 -38.63
CA LYS I 292 36.26 -50.65 -38.61
C LYS I 292 37.09 -50.42 -37.34
N LEU I 293 38.09 -51.28 -37.13
CA LEU I 293 38.88 -51.22 -35.92
C LEU I 293 39.73 -49.96 -35.89
N ALA I 294 40.09 -49.54 -34.67
CA ALA I 294 40.89 -48.35 -34.46
C ALA I 294 42.33 -48.61 -34.89
N GLY I 295 42.74 -47.92 -35.95
CA GLY I 295 44.09 -48.06 -36.45
C GLY I 295 44.15 -48.19 -37.97
N GLU I 296 43.16 -48.84 -38.56
CA GLU I 296 43.06 -48.96 -40.00
C GLU I 296 42.02 -48.04 -40.58
N SER I 297 41.12 -47.49 -39.76
CA SER I 297 40.16 -46.51 -40.25
C SER I 297 40.86 -45.27 -40.76
N GLU I 298 41.86 -44.78 -40.02
CA GLU I 298 42.64 -43.65 -40.49
C GLU I 298 43.37 -43.96 -41.79
N SER I 299 43.97 -45.15 -41.87
CA SER I 299 44.65 -45.55 -43.10
C SER I 299 43.70 -45.66 -44.29
N ASN I 300 42.46 -46.07 -44.06
CA ASN I 300 41.55 -46.28 -45.19
C ASN I 300 41.14 -44.95 -45.80
N LEU I 301 40.71 -43.98 -44.98
CA LEU I 301 40.38 -42.69 -45.57
C LEU I 301 41.62 -41.87 -45.90
N ARG I 302 42.80 -42.31 -45.44
CA ARG I 302 44.03 -41.76 -45.99
C ARG I 302 44.24 -42.21 -47.42
N LYS I 303 44.31 -43.53 -47.63
CA LYS I 303 44.53 -44.06 -48.97
C LYS I 303 43.40 -43.68 -49.93
N ALA I 304 42.22 -43.36 -49.39
CA ALA I 304 41.16 -42.81 -50.22
C ALA I 304 41.60 -41.53 -50.92
N PHE I 305 42.39 -40.69 -50.26
CA PHE I 305 42.84 -39.45 -50.88
C PHE I 305 43.89 -39.67 -51.97
N GLU I 306 44.89 -40.52 -51.74
CA GLU I 306 45.87 -40.78 -52.79
C GLU I 306 45.27 -41.53 -53.98
N GLU I 307 44.37 -42.50 -53.76
CA GLU I 307 43.79 -43.18 -54.90
C GLU I 307 42.95 -42.22 -55.73
N ALA I 308 42.35 -41.21 -55.10
CA ALA I 308 41.64 -40.18 -55.84
C ALA I 308 42.58 -39.26 -56.62
N GLU I 309 43.76 -38.95 -56.06
CA GLU I 309 44.67 -38.02 -56.72
C GLU I 309 45.14 -38.55 -58.06
N LYS I 310 45.51 -39.83 -58.15
CA LYS I 310 46.02 -40.37 -59.40
C LYS I 310 44.91 -40.51 -60.44
N ASN I 311 43.66 -40.53 -60.01
CA ASN I 311 42.51 -40.48 -60.93
C ASN I 311 42.07 -39.04 -61.15
N ALA I 312 43.01 -38.17 -61.52
CA ALA I 312 42.68 -36.78 -61.75
C ALA I 312 42.02 -36.61 -63.13
N PRO I 313 40.99 -35.76 -63.25
CA PRO I 313 40.40 -35.02 -62.14
C PRO I 313 39.47 -35.90 -61.31
N ALA I 314 39.37 -35.62 -60.02
CA ALA I 314 38.62 -36.46 -59.10
C ALA I 314 37.68 -35.59 -58.28
N ILE I 315 36.77 -36.25 -57.57
CA ILE I 315 35.80 -35.58 -56.72
C ILE I 315 35.46 -36.51 -55.56
N ILE I 316 35.62 -36.00 -54.34
CA ILE I 316 35.40 -36.77 -53.13
C ILE I 316 34.20 -36.19 -52.39
N PHE I 317 33.26 -37.05 -52.04
CA PHE I 317 32.06 -36.63 -51.32
C PHE I 317 31.96 -37.43 -50.04
N ILE I 318 31.81 -36.72 -48.92
CA ILE I 318 31.66 -37.33 -47.61
C ILE I 318 30.20 -37.21 -47.21
N ASP I 319 29.51 -38.35 -47.14
CA ASP I 319 28.06 -38.32 -46.94
C ASP I 319 27.71 -37.91 -45.52
N GLU I 320 28.23 -38.63 -44.54
CA GLU I 320 28.01 -38.31 -43.12
C GLU I 320 29.25 -37.61 -42.60
N LEU I 321 29.09 -36.34 -42.23
CA LEU I 321 30.21 -35.58 -41.67
C LEU I 321 29.95 -35.19 -40.23
N ASP I 322 28.68 -34.97 -39.88
CA ASP I 322 28.34 -34.72 -38.48
C ASP I 322 28.65 -35.94 -37.62
N ALA I 323 28.70 -37.12 -38.21
CA ALA I 323 29.10 -38.33 -37.52
C ALA I 323 30.61 -38.51 -37.48
N ILE I 324 31.35 -37.63 -38.13
CA ILE I 324 32.81 -37.68 -38.13
C ILE I 324 33.39 -36.70 -37.12
N ALA I 325 32.90 -35.46 -37.10
CA ALA I 325 33.43 -34.40 -36.25
C ALA I 325 32.30 -33.70 -35.50
N PRO I 326 31.73 -34.35 -34.47
CA PRO I 326 30.78 -33.69 -33.57
C PRO I 326 31.47 -33.03 -32.38
N LYS I 327 32.41 -32.12 -32.67
CA LYS I 327 33.32 -31.58 -31.65
C LYS I 327 32.61 -30.43 -30.94
N ARG I 328 31.50 -30.75 -30.29
CA ARG I 328 30.80 -29.76 -29.48
C ARG I 328 30.49 -30.27 -28.08
N GLU I 329 30.13 -31.54 -27.96
CA GLU I 329 29.72 -32.09 -26.67
C GLU I 329 30.26 -33.49 -26.45
N LYS I 330 30.94 -34.05 -27.44
CA LYS I 330 31.42 -35.42 -27.32
C LYS I 330 32.61 -35.48 -26.37
N THR I 331 33.72 -34.85 -26.76
CA THR I 331 34.93 -34.77 -25.93
C THR I 331 35.30 -36.13 -25.35
N HIS I 332 35.00 -37.19 -26.09
CA HIS I 332 35.15 -38.55 -25.59
C HIS I 332 35.64 -39.44 -26.72
N GLY I 333 36.67 -40.23 -26.45
CA GLY I 333 37.23 -41.09 -27.45
C GLY I 333 38.53 -40.57 -28.02
N GLU I 334 39.63 -41.26 -27.71
CA GLU I 334 40.94 -40.86 -28.24
C GLU I 334 40.96 -40.92 -29.76
N VAL I 335 40.33 -41.93 -30.35
CA VAL I 335 40.36 -42.09 -31.80
C VAL I 335 39.49 -41.08 -32.52
N GLU I 336 38.46 -40.53 -31.86
CA GLU I 336 37.63 -39.53 -32.52
C GLU I 336 38.45 -38.30 -32.92
N ARG I 337 39.20 -37.75 -31.97
CA ARG I 337 40.08 -36.63 -32.28
C ARG I 337 41.16 -36.99 -33.26
N ARG I 338 41.69 -38.21 -33.19
CA ARG I 338 42.69 -38.65 -34.15
C ARG I 338 42.14 -38.65 -35.57
N ILE I 339 40.93 -39.17 -35.78
CA ILE I 339 40.33 -39.18 -37.10
C ILE I 339 40.00 -37.75 -37.55
N VAL I 340 39.49 -36.92 -36.64
CA VAL I 340 39.18 -35.54 -37.01
C VAL I 340 40.44 -34.83 -37.48
N SER I 341 41.53 -34.95 -36.73
CA SER I 341 42.79 -34.34 -37.13
C SER I 341 43.34 -34.98 -38.40
N GLN I 342 43.16 -36.28 -38.60
CA GLN I 342 43.63 -36.92 -39.82
C GLN I 342 42.92 -36.34 -41.03
N LEU I 343 41.60 -36.14 -40.94
CA LEU I 343 40.86 -35.45 -41.99
C LEU I 343 41.34 -34.02 -42.18
N LEU I 344 41.60 -33.31 -41.07
CA LEU I 344 42.09 -31.94 -41.18
C LEU I 344 43.45 -31.89 -41.90
N THR I 345 44.33 -32.85 -41.62
CA THR I 345 45.62 -32.87 -42.30
C THR I 345 45.47 -33.25 -43.77
N LEU I 346 44.63 -34.23 -44.07
CA LEU I 346 44.42 -34.65 -45.45
C LEU I 346 43.81 -33.54 -46.31
N MET I 347 42.95 -32.70 -45.75
CA MET I 347 42.39 -31.58 -46.49
C MET I 347 43.22 -30.31 -46.43
N ASP I 348 44.10 -30.18 -45.43
CA ASP I 348 44.98 -29.02 -45.37
C ASP I 348 46.06 -29.09 -46.44
N GLY I 349 46.57 -30.29 -46.72
CA GLY I 349 47.60 -30.48 -47.72
C GLY I 349 47.06 -30.65 -49.12
N LEU I 350 46.07 -29.82 -49.48
CA LEU I 350 45.48 -29.86 -50.81
C LEU I 350 46.07 -28.73 -51.64
N LYS I 351 47.27 -28.99 -52.17
CA LYS I 351 47.94 -28.03 -53.05
C LYS I 351 47.41 -28.17 -54.47
N GLN I 352 48.08 -27.54 -55.44
CA GLN I 352 47.62 -27.61 -56.83
C GLN I 352 47.62 -29.04 -57.33
N ARG I 353 48.82 -29.63 -57.46
CA ARG I 353 49.01 -31.05 -57.76
C ARG I 353 48.03 -31.58 -58.78
N ALA I 354 46.89 -32.09 -58.31
CA ALA I 354 45.84 -32.61 -59.17
C ALA I 354 44.50 -31.99 -58.79
N HIS I 355 43.47 -32.22 -59.60
CA HIS I 355 42.15 -31.62 -59.35
C HIS I 355 41.33 -32.60 -58.52
N VAL I 356 41.26 -32.35 -57.23
CA VAL I 356 40.39 -33.08 -56.31
C VAL I 356 39.51 -32.08 -55.58
N ILE I 357 38.22 -32.34 -55.58
CA ILE I 357 37.23 -31.50 -54.91
C ILE I 357 36.59 -32.33 -53.82
N VAL I 358 36.63 -31.84 -52.59
CA VAL I 358 36.16 -32.57 -51.43
C VAL I 358 34.86 -31.93 -50.96
N MET I 359 33.74 -32.47 -51.42
CA MET I 359 32.42 -32.03 -50.95
C MET I 359 32.00 -32.87 -49.75
N ALA I 360 31.11 -32.30 -48.94
CA ALA I 360 30.64 -32.98 -47.75
C ALA I 360 29.22 -32.57 -47.46
N ALA I 361 28.51 -33.41 -46.71
CA ALA I 361 27.12 -33.18 -46.38
C ALA I 361 26.91 -33.37 -44.89
N THR I 362 26.05 -32.52 -44.33
CA THR I 362 25.68 -32.55 -42.92
C THR I 362 24.34 -31.84 -42.76
N ASN I 363 23.76 -31.92 -41.57
CA ASN I 363 22.40 -31.44 -41.36
C ASN I 363 22.40 -29.98 -40.94
N ARG I 364 23.12 -29.63 -39.88
CA ARG I 364 23.18 -28.25 -39.39
C ARG I 364 24.55 -27.63 -39.63
N PRO I 365 24.61 -26.32 -39.85
CA PRO I 365 25.91 -25.63 -39.79
C PRO I 365 26.64 -25.73 -38.47
N ASN I 366 25.97 -25.75 -37.31
CA ASN I 366 26.72 -25.80 -36.06
C ASN I 366 27.14 -27.21 -35.66
N SER I 367 26.67 -28.25 -36.35
CA SER I 367 26.99 -29.62 -35.98
C SER I 367 28.30 -30.11 -36.59
N ILE I 368 29.19 -29.19 -36.94
CA ILE I 368 30.46 -29.51 -37.58
C ILE I 368 31.57 -28.84 -36.78
N ASP I 369 32.71 -29.52 -36.67
CA ASP I 369 33.86 -28.97 -35.98
C ASP I 369 34.25 -27.63 -36.60
N PRO I 370 34.31 -26.55 -35.82
CA PRO I 370 34.68 -25.25 -36.39
C PRO I 370 36.06 -25.24 -37.03
N ALA I 371 36.97 -26.11 -36.61
CA ALA I 371 38.28 -26.20 -37.25
C ALA I 371 38.17 -26.68 -38.69
N LEU I 372 37.05 -27.28 -39.08
CA LEU I 372 36.84 -27.71 -40.45
C LEU I 372 36.35 -26.59 -41.35
N ARG I 373 35.95 -25.45 -40.78
CA ARG I 373 35.43 -24.32 -41.54
C ARG I 373 36.51 -23.30 -41.87
N ARG I 374 37.77 -23.57 -41.52
CA ARG I 374 38.85 -22.64 -41.78
C ARG I 374 39.12 -22.54 -43.29
N PHE I 375 39.95 -21.57 -43.66
CA PHE I 375 40.31 -21.39 -45.05
C PHE I 375 41.17 -22.56 -45.53
N GLY I 376 40.88 -23.05 -46.73
CA GLY I 376 41.57 -24.17 -47.29
C GLY I 376 40.96 -25.52 -46.98
N ARG I 377 39.97 -25.59 -46.10
CA ARG I 377 39.28 -26.84 -45.81
C ARG I 377 37.83 -26.81 -46.24
N PHE I 378 37.03 -25.85 -45.73
CA PHE I 378 35.66 -25.66 -46.21
C PHE I 378 35.41 -24.15 -46.23
N ASP I 379 35.71 -23.54 -47.38
CA ASP I 379 35.50 -22.11 -47.55
C ASP I 379 34.13 -21.82 -48.19
N ARG I 380 33.73 -22.64 -49.17
CA ARG I 380 32.47 -22.46 -49.84
C ARG I 380 31.42 -23.36 -49.21
N GLU I 381 30.29 -22.77 -48.82
CA GLU I 381 29.19 -23.50 -48.22
C GLU I 381 27.91 -23.16 -48.95
N VAL I 382 27.14 -24.19 -49.31
CA VAL I 382 25.85 -24.01 -49.97
C VAL I 382 24.79 -24.72 -49.14
N ASP I 383 23.73 -23.99 -48.80
CA ASP I 383 22.64 -24.50 -47.99
C ASP I 383 21.43 -24.77 -48.87
N ILE I 384 20.92 -26.00 -48.82
CA ILE I 384 19.71 -26.36 -49.54
C ILE I 384 18.64 -26.71 -48.51
N GLY I 385 17.38 -26.60 -48.93
CA GLY I 385 16.26 -26.79 -48.04
C GLY I 385 15.09 -27.46 -48.72
N ILE I 386 13.93 -27.31 -48.09
CA ILE I 386 12.71 -27.96 -48.60
C ILE I 386 12.26 -27.25 -49.88
N PRO I 387 12.04 -27.97 -50.97
CA PRO I 387 11.53 -27.33 -52.19
C PRO I 387 10.12 -26.80 -51.98
N ASP I 388 9.81 -25.71 -52.69
CA ASP I 388 8.48 -25.13 -52.63
C ASP I 388 7.52 -25.90 -53.51
N ALA I 389 6.29 -25.40 -53.67
CA ALA I 389 5.32 -26.09 -54.51
C ALA I 389 5.81 -26.19 -55.95
N THR I 390 6.37 -25.10 -56.49
CA THR I 390 6.96 -25.16 -57.82
C THR I 390 8.16 -26.09 -57.85
N GLY I 391 9.00 -26.06 -56.83
CA GLY I 391 10.14 -26.96 -56.74
C GLY I 391 9.72 -28.41 -56.56
N ARG I 392 8.65 -28.63 -55.80
CA ARG I 392 8.15 -29.98 -55.59
C ARG I 392 7.45 -30.53 -56.83
N LEU I 393 6.82 -29.69 -57.64
CA LEU I 393 6.15 -30.18 -58.83
C LEU I 393 7.13 -30.86 -59.78
N GLU I 394 8.29 -30.24 -59.99
CA GLU I 394 9.27 -30.81 -60.93
C GLU I 394 9.96 -32.04 -60.35
N ILE I 395 9.77 -32.32 -59.06
CA ILE I 395 10.41 -33.48 -58.45
C ILE I 395 9.52 -34.72 -58.49
N LEU I 396 8.22 -34.56 -58.81
CA LEU I 396 7.35 -35.71 -58.91
C LEU I 396 7.53 -36.44 -60.23
N GLN I 397 7.43 -35.72 -61.36
CA GLN I 397 7.45 -36.40 -62.65
C GLN I 397 8.76 -37.10 -62.95
N ILE I 398 9.89 -36.62 -62.40
CA ILE I 398 11.15 -37.32 -62.58
C ILE I 398 11.11 -38.70 -61.95
N HIS I 399 10.37 -38.88 -60.85
CA HIS I 399 10.26 -40.18 -60.19
C HIS I 399 9.09 -41.01 -60.69
N THR I 400 8.21 -40.48 -61.53
CA THR I 400 7.08 -41.23 -62.06
C THR I 400 7.06 -41.27 -63.58
N LYS I 401 8.17 -40.90 -64.23
CA LYS I 401 8.22 -40.99 -65.68
C LYS I 401 8.01 -42.41 -66.19
N ASN I 402 8.36 -43.44 -65.40
CA ASN I 402 8.20 -44.81 -65.83
C ASN I 402 6.78 -45.34 -65.66
N MET I 403 6.05 -44.89 -64.64
CA MET I 403 4.70 -45.38 -64.38
C MET I 403 3.70 -44.45 -65.06
N LYS I 404 2.89 -45.02 -65.96
CA LYS I 404 1.92 -44.23 -66.70
C LYS I 404 0.78 -43.78 -65.79
N LEU I 405 0.25 -42.60 -66.07
CA LEU I 405 -0.82 -42.01 -65.30
C LEU I 405 -2.13 -42.05 -66.09
N ALA I 406 -3.21 -41.68 -65.41
CA ALA I 406 -4.52 -41.60 -66.02
C ALA I 406 -4.81 -40.16 -66.42
N ASP I 407 -5.90 -39.97 -67.18
CA ASP I 407 -6.28 -38.64 -67.63
C ASP I 407 -6.78 -37.75 -66.51
N ASP I 408 -7.20 -38.33 -65.39
CA ASP I 408 -7.69 -37.57 -64.24
C ASP I 408 -6.68 -37.45 -63.12
N VAL I 409 -5.45 -37.90 -63.32
CA VAL I 409 -4.42 -37.87 -62.30
C VAL I 409 -3.48 -36.70 -62.62
N ASP I 410 -3.47 -35.70 -61.76
CA ASP I 410 -2.62 -34.52 -61.92
C ASP I 410 -1.69 -34.40 -60.72
N LEU I 411 -0.41 -34.25 -60.99
CA LEU I 411 0.60 -34.15 -59.94
C LEU I 411 0.73 -32.75 -59.36
N GLU I 412 0.13 -31.74 -59.99
CA GLU I 412 0.22 -30.39 -59.48
C GLU I 412 -0.57 -30.21 -58.18
N GLN I 413 -1.82 -30.69 -58.14
CA GLN I 413 -2.64 -30.53 -56.95
C GLN I 413 -2.15 -31.36 -55.77
N VAL I 414 -1.39 -32.42 -56.01
CA VAL I 414 -0.90 -33.25 -54.92
C VAL I 414 0.34 -32.64 -54.28
N ALA I 415 1.02 -31.71 -54.96
CA ALA I 415 2.18 -31.02 -54.41
C ALA I 415 1.82 -29.67 -53.82
N ASN I 416 0.54 -29.47 -53.47
CA ASN I 416 0.07 -28.20 -52.95
C ASN I 416 -0.23 -28.25 -51.46
N GLU I 417 -0.98 -29.25 -51.00
CA GLU I 417 -1.30 -29.37 -49.58
C GLU I 417 -0.12 -29.85 -48.75
N THR I 418 0.90 -30.42 -49.37
CA THR I 418 2.11 -30.82 -48.67
C THR I 418 3.14 -29.70 -48.68
N HIS I 419 3.72 -29.44 -47.51
CA HIS I 419 4.72 -28.39 -47.40
C HIS I 419 5.93 -28.91 -46.62
N GLY I 420 5.72 -29.93 -45.81
CA GLY I 420 6.78 -30.46 -44.97
C GLY I 420 7.30 -31.80 -45.46
N HIS I 421 7.47 -31.94 -46.77
CA HIS I 421 7.96 -33.17 -47.37
C HIS I 421 9.35 -32.93 -47.94
N VAL I 422 10.31 -33.72 -47.49
CA VAL I 422 11.67 -33.68 -48.03
C VAL I 422 11.69 -34.39 -49.37
N GLY I 423 12.74 -34.14 -50.16
CA GLY I 423 12.80 -34.72 -51.50
C GLY I 423 12.68 -36.23 -51.52
N ALA I 424 13.24 -36.89 -50.51
CA ALA I 424 13.09 -38.34 -50.37
C ALA I 424 11.69 -38.76 -49.94
N ASP I 425 10.95 -37.88 -49.26
CA ASP I 425 9.59 -38.21 -48.86
C ASP I 425 8.71 -38.51 -50.06
N LEU I 426 8.74 -37.64 -51.08
CA LEU I 426 7.96 -37.86 -52.28
C LEU I 426 8.48 -39.03 -53.12
N ALA I 427 9.79 -39.25 -53.11
CA ALA I 427 10.34 -40.43 -53.79
C ALA I 427 9.78 -41.70 -53.17
N ALA I 428 9.71 -41.75 -51.84
CA ALA I 428 9.07 -42.88 -51.18
C ALA I 428 7.57 -42.93 -51.44
N LEU I 429 6.91 -41.76 -51.48
CA LEU I 429 5.46 -41.70 -51.67
C LEU I 429 5.05 -42.25 -53.03
N CYS I 430 5.79 -41.93 -54.09
CA CYS I 430 5.46 -42.45 -55.41
C CYS I 430 5.46 -43.97 -55.42
N SER I 431 6.54 -44.59 -54.93
CA SER I 431 6.59 -46.04 -54.85
C SER I 431 5.49 -46.59 -53.98
N GLU I 432 5.24 -45.96 -52.82
CA GLU I 432 4.23 -46.44 -51.90
C GLU I 432 2.84 -46.44 -52.55
N ALA I 433 2.52 -45.40 -53.33
CA ALA I 433 1.28 -45.41 -54.10
C ALA I 433 1.30 -46.51 -55.15
N ALA I 434 2.47 -46.82 -55.70
CA ALA I 434 2.53 -47.88 -56.71
C ALA I 434 2.13 -49.25 -56.15
N LEU I 435 2.55 -49.58 -54.92
CA LEU I 435 2.14 -50.86 -54.36
C LEU I 435 0.63 -50.93 -54.17
N GLN I 436 -0.01 -49.86 -53.70
CA GLN I 436 -1.46 -49.88 -53.60
C GLN I 436 -2.12 -50.03 -54.97
N ALA I 437 -1.59 -49.32 -55.98
CA ALA I 437 -2.14 -49.41 -57.32
C ALA I 437 -2.10 -50.83 -57.86
N ILE I 438 -0.99 -51.55 -57.62
CA ILE I 438 -0.92 -52.93 -58.12
C ILE I 438 -1.62 -53.92 -57.20
N ARG I 439 -1.74 -53.61 -55.91
CA ARG I 439 -2.42 -54.48 -54.97
C ARG I 439 -3.92 -54.50 -55.18
N LYS I 440 -4.51 -53.35 -55.54
CA LYS I 440 -5.94 -53.32 -55.78
C LYS I 440 -6.36 -54.13 -56.99
N LYS I 441 -5.43 -54.57 -57.83
CA LYS I 441 -5.77 -55.37 -58.99
C LYS I 441 -5.21 -56.79 -58.95
N MET I 442 -4.12 -57.04 -58.21
CA MET I 442 -3.60 -58.39 -58.15
C MET I 442 -4.55 -59.36 -57.44
N ASP I 443 -5.39 -58.85 -56.53
CA ASP I 443 -6.35 -59.71 -55.85
C ASP I 443 -7.36 -60.31 -56.82
N LEU I 444 -7.81 -59.52 -57.81
CA LEU I 444 -8.76 -60.01 -58.79
C LEU I 444 -8.09 -60.68 -59.98
N ILE I 445 -6.88 -60.27 -60.35
CA ILE I 445 -6.19 -60.91 -61.46
C ILE I 445 -5.84 -62.36 -61.13
N ASP I 446 -5.26 -62.58 -59.94
CA ASP I 446 -4.93 -63.91 -59.45
C ASP I 446 -4.05 -64.68 -60.44
N LEU I 447 -2.90 -64.11 -60.76
CA LEU I 447 -1.94 -64.74 -61.68
C LEU I 447 -0.69 -65.09 -60.88
N GLU I 448 -0.68 -66.28 -60.29
CA GLU I 448 0.45 -66.76 -59.50
C GLU I 448 1.27 -67.71 -60.36
N ASP I 449 2.52 -67.33 -60.63
CA ASP I 449 3.42 -68.14 -61.45
C ASP I 449 4.85 -67.74 -61.13
N GLU I 450 5.80 -68.51 -61.67
CA GLU I 450 7.22 -68.24 -61.45
C GLU I 450 7.64 -66.96 -62.15
N THR I 451 7.47 -66.92 -63.47
CA THR I 451 7.82 -65.73 -64.25
C THR I 451 6.58 -64.92 -64.58
N ILE I 452 6.65 -63.62 -64.34
CA ILE I 452 5.53 -62.71 -64.55
C ILE I 452 5.61 -62.16 -65.98
N ASP I 453 4.50 -62.28 -66.71
CA ASP I 453 4.46 -61.82 -68.08
C ASP I 453 4.58 -60.30 -68.16
N ALA I 454 5.22 -59.83 -69.23
CA ALA I 454 5.44 -58.40 -69.44
C ALA I 454 4.28 -57.73 -70.14
N GLU I 455 3.21 -58.45 -70.45
CA GLU I 455 2.05 -57.90 -71.14
C GLU I 455 1.04 -57.28 -70.19
N VAL I 456 1.36 -57.16 -68.91
CA VAL I 456 0.45 -56.59 -67.93
C VAL I 456 0.94 -55.25 -67.38
N MET I 457 2.24 -54.97 -67.39
CA MET I 457 2.72 -53.67 -66.95
C MET I 457 2.18 -52.53 -67.78
N ASN I 458 1.88 -52.77 -69.06
CA ASN I 458 1.29 -51.73 -69.91
C ASN I 458 -0.07 -51.29 -69.40
N SER I 459 -0.79 -52.14 -68.66
CA SER I 459 -2.09 -51.82 -68.12
C SER I 459 -2.02 -51.27 -66.69
N LEU I 460 -0.82 -51.19 -66.11
CA LEU I 460 -0.68 -50.68 -64.75
C LEU I 460 -0.73 -49.16 -64.79
N ALA I 461 -1.92 -48.61 -64.58
CA ALA I 461 -2.13 -47.16 -64.55
C ALA I 461 -2.52 -46.76 -63.13
N VAL I 462 -1.79 -45.80 -62.57
CA VAL I 462 -2.08 -45.32 -61.23
C VAL I 462 -3.34 -44.46 -61.26
N THR I 463 -4.09 -44.48 -60.18
CA THR I 463 -5.31 -43.71 -60.04
C THR I 463 -5.11 -42.62 -58.99
N MET I 464 -6.06 -41.69 -58.95
CA MET I 464 -5.99 -40.60 -57.99
C MET I 464 -6.20 -41.11 -56.57
N ASP I 465 -7.10 -42.09 -56.40
CA ASP I 465 -7.32 -42.70 -55.10
C ASP I 465 -6.07 -43.40 -54.58
N ASP I 466 -5.19 -43.85 -55.48
CA ASP I 466 -3.91 -44.39 -55.02
C ASP I 466 -3.10 -43.33 -54.30
N PHE I 467 -3.24 -42.07 -54.71
CA PHE I 467 -2.53 -40.96 -54.07
C PHE I 467 -3.27 -40.40 -52.87
N ARG I 468 -4.61 -40.47 -52.86
CA ARG I 468 -5.35 -40.00 -51.68
C ARG I 468 -4.92 -40.75 -50.42
N TRP I 469 -4.77 -42.07 -50.51
CA TRP I 469 -4.30 -42.84 -49.36
C TRP I 469 -2.83 -42.57 -49.06
N ALA I 470 -2.06 -42.14 -50.06
CA ALA I 470 -0.63 -41.90 -49.91
C ALA I 470 -0.31 -40.76 -48.95
N LEU I 471 -1.14 -39.74 -48.88
CA LEU I 471 -0.92 -38.60 -48.01
C LEU I 471 -1.55 -38.77 -46.64
N SER I 472 -2.11 -39.95 -46.36
CA SER I 472 -2.78 -40.20 -45.09
C SER I 472 -1.89 -40.95 -44.09
N GLN I 473 -1.37 -42.11 -44.48
CA GLN I 473 -0.54 -42.89 -43.58
C GLN I 473 0.94 -42.50 -43.64
N SER I 474 1.35 -41.69 -44.61
CA SER I 474 2.74 -41.30 -44.72
C SER I 474 3.04 -40.21 -43.69
N ASN I 475 4.01 -40.47 -42.82
CA ASN I 475 4.39 -39.52 -41.79
C ASN I 475 5.69 -38.85 -42.19
N PRO I 476 5.67 -37.60 -42.63
CA PRO I 476 6.90 -36.94 -43.08
C PRO I 476 7.83 -36.65 -41.91
N SER I 477 9.10 -36.46 -42.25
CA SER I 477 10.14 -36.25 -41.24
C SER I 477 10.35 -34.76 -40.95
N ALA I 478 10.67 -33.98 -41.97
CA ALA I 478 10.99 -32.57 -41.79
C ALA I 478 9.69 -31.78 -41.72
N LEU I 479 9.24 -31.46 -40.51
CA LEU I 479 8.04 -30.65 -40.30
C LEU I 479 8.29 -29.38 -39.53
N ARG I 480 9.22 -29.36 -38.57
CA ARG I 480 9.50 -28.20 -37.74
C ARG I 480 10.89 -27.68 -38.11
N GLU I 481 10.94 -26.84 -39.14
CA GLU I 481 12.18 -26.24 -39.61
C GLU I 481 11.86 -24.89 -40.22
N THR I 482 12.91 -24.17 -40.59
CA THR I 482 12.73 -22.85 -41.20
C THR I 482 12.36 -23.01 -42.67
N VAL I 483 11.11 -22.69 -43.00
CA VAL I 483 10.62 -22.79 -44.37
C VAL I 483 11.05 -21.51 -45.09
N VAL I 484 11.96 -21.63 -46.05
CA VAL I 484 12.46 -20.48 -46.79
C VAL I 484 11.98 -20.58 -48.24
N GLU I 485 10.83 -19.98 -48.52
CA GLU I 485 10.22 -20.03 -49.84
C GLU I 485 9.72 -18.64 -50.23
N VAL I 486 9.63 -18.42 -51.53
CA VAL I 486 9.13 -17.17 -52.08
C VAL I 486 7.60 -17.23 -52.05
N PRO I 487 6.94 -16.25 -51.45
CA PRO I 487 5.47 -16.31 -51.35
C PRO I 487 4.79 -16.13 -52.70
N GLN I 488 3.49 -16.37 -52.70
CA GLN I 488 2.67 -16.27 -53.90
C GLN I 488 1.65 -15.14 -53.83
N VAL I 489 1.66 -14.35 -52.76
CA VAL I 489 0.71 -13.26 -52.57
C VAL I 489 1.36 -11.96 -53.02
N THR I 490 0.70 -11.26 -53.93
CA THR I 490 1.21 -10.05 -54.54
C THR I 490 0.41 -8.84 -54.03
N TRP I 491 0.86 -7.64 -54.36
CA TRP I 491 0.12 -6.43 -54.02
C TRP I 491 -1.20 -6.30 -54.75
N GLU I 492 -1.32 -6.89 -55.94
CA GLU I 492 -2.56 -6.79 -56.70
C GLU I 492 -3.73 -7.45 -55.98
N ASP I 493 -3.51 -8.62 -55.38
CA ASP I 493 -4.58 -9.30 -54.66
C ASP I 493 -4.90 -8.63 -53.33
N ILE I 494 -4.07 -7.69 -52.88
CA ILE I 494 -4.37 -6.90 -51.70
C ILE I 494 -4.98 -5.59 -52.16
N GLY I 495 -6.25 -5.37 -51.80
CA GLY I 495 -6.90 -4.12 -52.11
C GLY I 495 -6.63 -3.07 -51.03
N GLY I 496 -6.66 -1.82 -51.44
CA GLY I 496 -6.51 -0.74 -50.48
C GLY I 496 -5.11 -0.71 -49.88
N LEU I 497 -5.04 -0.11 -48.69
CA LEU I 497 -3.78 0.08 -47.96
C LEU I 497 -2.74 0.78 -48.83
N GLU I 498 -3.21 1.80 -49.56
CA GLU I 498 -2.31 2.62 -50.37
C GLU I 498 -1.31 3.38 -49.53
N ASP I 499 -1.68 3.77 -48.30
CA ASP I 499 -0.75 4.44 -47.42
C ASP I 499 0.45 3.57 -47.08
N VAL I 500 0.22 2.29 -46.80
CA VAL I 500 1.31 1.36 -46.50
C VAL I 500 2.01 0.87 -47.77
N LYS I 501 1.26 0.65 -48.85
CA LYS I 501 1.84 0.28 -50.13
C LYS I 501 2.89 1.26 -50.61
N ARG I 502 2.65 2.56 -50.44
CA ARG I 502 3.53 3.60 -50.92
C ARG I 502 4.82 3.70 -50.11
N GLU I 503 4.75 3.49 -48.79
CA GLU I 503 5.96 3.59 -47.99
C GLU I 503 6.76 2.30 -48.00
N LEU I 504 6.11 1.14 -48.03
CA LEU I 504 6.85 -0.10 -48.15
C LEU I 504 7.57 -0.23 -49.49
N GLN I 505 6.94 0.24 -50.58
CA GLN I 505 7.56 0.21 -51.89
C GLN I 505 8.73 1.17 -52.01
N GLU I 506 8.76 2.24 -51.20
CA GLU I 506 9.86 3.19 -51.23
C GLU I 506 10.89 2.93 -50.16
N LEU I 507 10.78 1.82 -49.43
CA LEU I 507 11.65 1.56 -48.29
C LEU I 507 12.45 0.27 -48.44
N VAL I 508 11.89 -0.75 -49.09
CA VAL I 508 12.63 -1.98 -49.35
C VAL I 508 12.70 -2.30 -50.85
N GLN I 509 11.73 -1.89 -51.66
CA GLN I 509 11.79 -2.14 -53.08
C GLN I 509 12.79 -1.27 -53.79
N TYR I 510 12.92 0.00 -53.39
CA TYR I 510 13.86 0.90 -54.06
C TYR I 510 15.30 0.41 -53.95
N PRO I 511 15.84 0.06 -52.78
CA PRO I 511 17.22 -0.44 -52.74
C PRO I 511 17.44 -1.75 -53.49
N VAL I 512 16.38 -2.51 -53.75
CA VAL I 512 16.51 -3.77 -54.47
C VAL I 512 16.48 -3.56 -55.98
N GLU I 513 15.49 -2.83 -56.47
CA GLU I 513 15.35 -2.64 -57.91
C GLU I 513 16.20 -1.50 -58.45
N HIS I 514 16.61 -0.55 -57.61
CA HIS I 514 17.46 0.56 -58.02
C HIS I 514 18.64 0.74 -57.08
N PRO I 515 19.59 -0.21 -57.07
CA PRO I 515 20.81 -0.01 -56.26
C PRO I 515 21.57 1.26 -56.60
N ASP I 516 21.68 1.60 -57.88
CA ASP I 516 22.53 2.70 -58.32
C ASP I 516 22.06 4.06 -57.85
N LYS I 517 20.74 4.28 -57.77
CA LYS I 517 20.22 5.57 -57.34
C LYS I 517 20.50 5.85 -55.87
N PHE I 518 20.93 4.83 -55.12
CA PHE I 518 21.27 5.05 -53.72
C PHE I 518 22.73 5.45 -53.53
N LEU I 519 23.64 4.81 -54.27
CA LEU I 519 25.02 5.28 -54.31
C LEU I 519 25.15 6.64 -54.99
N LYS I 520 24.27 6.95 -55.94
CA LYS I 520 24.32 8.26 -56.57
C LYS I 520 23.93 9.35 -55.57
N PHE I 521 22.95 9.07 -54.71
CA PHE I 521 22.51 10.04 -53.71
C PHE I 521 23.22 9.88 -52.37
N GLY I 522 24.09 8.88 -52.24
CA GLY I 522 24.85 8.70 -51.02
C GLY I 522 24.02 8.42 -49.79
N MET I 523 22.93 7.66 -49.92
CA MET I 523 22.07 7.33 -48.80
C MET I 523 22.06 5.82 -48.60
N THR I 524 22.36 5.37 -47.39
CA THR I 524 22.30 3.96 -47.08
C THR I 524 20.85 3.52 -46.89
N PRO I 525 20.49 2.34 -47.37
CA PRO I 525 19.12 1.84 -47.16
C PRO I 525 18.87 1.51 -45.70
N SER I 526 17.60 1.58 -45.32
CA SER I 526 17.20 1.23 -43.98
C SER I 526 17.38 -0.27 -43.75
N LYS I 527 17.73 -0.64 -42.52
CA LYS I 527 17.96 -2.04 -42.18
C LYS I 527 16.68 -2.83 -41.94
N GLY I 528 15.63 -2.20 -41.45
CA GLY I 528 14.40 -2.92 -41.19
C GLY I 528 13.31 -1.99 -40.72
N VAL I 529 12.08 -2.50 -40.79
CA VAL I 529 10.88 -1.76 -40.39
C VAL I 529 10.04 -2.66 -39.51
N LEU I 530 9.58 -2.13 -38.39
CA LEU I 530 8.62 -2.82 -37.53
C LEU I 530 7.27 -2.14 -37.68
N PHE I 531 6.24 -2.91 -38.00
CA PHE I 531 4.90 -2.34 -38.03
C PHE I 531 4.06 -2.93 -36.91
N TYR I 532 3.05 -2.17 -36.52
CA TYR I 532 2.20 -2.48 -35.40
C TYR I 532 0.75 -2.26 -35.82
N GLY I 533 -0.14 -2.98 -35.16
CA GLY I 533 -1.55 -2.89 -35.48
C GLY I 533 -2.37 -3.85 -34.64
N PRO I 534 -3.69 -3.69 -34.68
CA PRO I 534 -4.57 -4.60 -33.95
C PRO I 534 -4.45 -6.01 -34.49
N PRO I 535 -4.67 -7.01 -33.66
CA PRO I 535 -4.47 -8.41 -34.10
C PRO I 535 -5.42 -8.79 -35.21
N GLY I 536 -4.96 -9.72 -36.05
CA GLY I 536 -5.77 -10.21 -37.15
C GLY I 536 -6.05 -9.19 -38.22
N CYS I 537 -5.04 -8.43 -38.62
CA CYS I 537 -5.20 -7.45 -39.69
C CYS I 537 -4.31 -7.69 -40.90
N GLY I 538 -3.49 -8.74 -40.91
CA GLY I 538 -2.74 -9.08 -42.10
C GLY I 538 -1.32 -8.58 -42.14
N LYS I 539 -0.69 -8.44 -40.95
CA LYS I 539 0.70 -8.02 -40.91
C LYS I 539 1.61 -9.01 -41.60
N THR I 540 1.41 -10.32 -41.36
CA THR I 540 2.19 -11.34 -42.05
C THR I 540 1.95 -11.34 -43.55
N LEU I 541 0.70 -11.18 -43.98
CA LEU I 541 0.41 -11.11 -45.40
C LEU I 541 1.04 -9.89 -46.06
N LEU I 542 1.06 -8.74 -45.37
CA LEU I 542 1.69 -7.55 -45.92
C LEU I 542 3.17 -7.78 -46.15
N ALA I 543 3.84 -8.38 -45.16
CA ALA I 543 5.26 -8.71 -45.30
C ALA I 543 5.49 -9.73 -46.41
N LYS I 544 4.61 -10.72 -46.56
CA LYS I 544 4.73 -11.64 -47.67
C LYS I 544 4.57 -10.96 -49.02
N ALA I 545 3.61 -10.03 -49.13
CA ALA I 545 3.37 -9.34 -50.38
C ALA I 545 4.55 -8.47 -50.79
N ILE I 546 5.16 -7.75 -49.84
CA ILE I 546 6.33 -6.94 -50.16
C ILE I 546 7.53 -7.79 -50.54
N ALA I 547 7.55 -9.06 -50.14
CA ALA I 547 8.60 -9.97 -50.59
C ALA I 547 8.43 -10.36 -52.06
N ASN I 548 7.19 -10.57 -52.51
CA ASN I 548 6.94 -10.88 -53.91
C ASN I 548 7.24 -9.70 -54.82
N GLU I 549 6.98 -8.48 -54.37
CA GLU I 549 7.26 -7.30 -55.19
C GLU I 549 8.75 -7.19 -55.48
N CYS I 550 9.59 -7.48 -54.49
CA CYS I 550 11.04 -7.44 -54.67
C CYS I 550 11.61 -8.77 -55.16
N GLN I 551 10.76 -9.77 -55.39
CA GLN I 551 11.19 -11.11 -55.79
C GLN I 551 12.23 -11.64 -54.81
N ALA I 552 11.96 -11.53 -53.52
CA ALA I 552 12.91 -11.90 -52.49
C ALA I 552 12.35 -13.07 -51.70
N ASN I 553 13.24 -13.80 -51.05
CA ASN I 553 12.85 -14.94 -50.23
C ASN I 553 12.19 -14.43 -48.95
N PHE I 554 11.45 -15.30 -48.27
CA PHE I 554 10.72 -14.89 -47.07
C PHE I 554 10.93 -15.92 -45.98
N ILE I 555 11.30 -15.44 -44.79
CA ILE I 555 11.50 -16.28 -43.62
C ILE I 555 10.61 -15.74 -42.51
N SER I 556 9.76 -16.60 -41.95
CA SER I 556 8.82 -16.21 -40.91
C SER I 556 9.21 -16.88 -39.60
N ILE I 557 9.33 -16.10 -38.54
CA ILE I 557 9.63 -16.59 -37.20
C ILE I 557 8.47 -16.19 -36.30
N LYS I 558 7.64 -17.17 -35.94
CA LYS I 558 6.45 -16.91 -35.14
C LYS I 558 6.85 -16.77 -33.67
N GLY I 559 5.87 -16.45 -32.83
CA GLY I 559 6.09 -16.25 -31.41
C GLY I 559 6.63 -17.46 -30.66
N PRO I 560 6.04 -18.64 -30.86
CA PRO I 560 6.53 -19.83 -30.15
C PRO I 560 7.99 -20.14 -30.38
N GLU I 561 8.51 -19.98 -31.61
CA GLU I 561 9.93 -20.22 -31.84
C GLU I 561 10.81 -19.23 -31.11
N LEU I 562 10.36 -17.98 -30.96
CA LEU I 562 11.09 -16.98 -30.19
C LEU I 562 11.03 -17.23 -28.69
N LEU I 563 9.89 -17.68 -28.16
CA LEU I 563 9.74 -17.91 -26.74
C LEU I 563 10.27 -19.25 -26.30
N THR I 564 10.49 -20.19 -27.22
CA THR I 564 11.06 -21.49 -26.86
C THR I 564 12.49 -21.34 -26.37
N MET I 565 13.30 -20.54 -27.07
CA MET I 565 14.69 -20.36 -26.64
C MET I 565 14.80 -19.47 -25.42
N TRP I 566 13.78 -18.66 -25.11
CA TRP I 566 13.80 -17.90 -23.88
C TRP I 566 13.63 -18.81 -22.66
N PHE I 567 12.65 -19.71 -22.70
CA PHE I 567 12.47 -20.66 -21.62
C PHE I 567 13.59 -21.69 -21.56
N GLY I 568 14.08 -22.15 -22.72
CA GLY I 568 15.06 -23.21 -22.78
C GLY I 568 16.48 -22.80 -22.48
N GLU I 569 16.77 -21.50 -22.36
CA GLU I 569 18.12 -21.00 -22.08
C GLU I 569 19.12 -21.49 -23.13
N SER I 570 18.62 -21.70 -24.34
CA SER I 570 19.43 -22.19 -25.47
C SER I 570 19.33 -21.12 -26.56
N GLU I 571 20.34 -20.26 -26.62
CA GLU I 571 20.26 -19.03 -27.40
C GLU I 571 21.17 -19.02 -28.62
N ALA I 572 21.66 -20.18 -29.04
CA ALA I 572 22.37 -20.28 -30.29
C ALA I 572 21.44 -20.39 -31.49
N ASN I 573 20.13 -20.45 -31.24
CA ASN I 573 19.16 -20.66 -32.33
C ASN I 573 19.03 -19.44 -33.23
N VAL I 574 19.13 -18.23 -32.68
CA VAL I 574 19.13 -17.03 -33.53
C VAL I 574 20.34 -16.96 -34.44
N ARG I 575 21.45 -17.61 -34.05
CA ARG I 575 22.64 -17.62 -34.90
C ARG I 575 22.34 -18.23 -36.26
N GLU I 576 21.76 -19.44 -36.29
CA GLU I 576 21.44 -20.05 -37.57
C GLU I 576 20.30 -19.33 -38.29
N ILE I 577 19.37 -18.74 -37.55
CA ILE I 577 18.30 -17.97 -38.19
C ILE I 577 18.90 -16.83 -39.01
N PHE I 578 19.76 -16.03 -38.39
CA PHE I 578 20.39 -14.93 -39.10
C PHE I 578 21.41 -15.40 -40.13
N ASP I 579 22.03 -16.57 -39.91
CA ASP I 579 22.95 -17.09 -40.90
C ASP I 579 22.24 -17.52 -42.18
N LYS I 580 21.13 -18.26 -42.05
CA LYS I 580 20.39 -18.70 -43.22
C LYS I 580 19.52 -17.60 -43.80
N ALA I 581 19.26 -16.53 -43.06
CA ALA I 581 18.61 -15.37 -43.65
C ALA I 581 19.53 -14.56 -44.56
N ARG I 582 20.84 -14.59 -44.30
CA ARG I 582 21.79 -13.82 -45.08
C ARG I 582 22.37 -14.57 -46.27
N GLN I 583 22.42 -15.90 -46.22
CA GLN I 583 22.93 -16.66 -47.34
C GLN I 583 21.93 -16.71 -48.49
N ALA I 584 20.65 -16.54 -48.20
CA ALA I 584 19.61 -16.57 -49.22
C ALA I 584 19.31 -15.16 -49.74
N ALA I 585 20.38 -14.48 -50.14
CA ALA I 585 20.25 -13.13 -50.66
C ALA I 585 19.67 -13.16 -52.07
N PRO I 586 18.60 -12.41 -52.34
CA PRO I 586 17.93 -11.52 -51.39
C PRO I 586 16.79 -12.16 -50.60
N CYS I 587 16.67 -11.80 -49.33
CA CYS I 587 15.70 -12.41 -48.44
C CYS I 587 15.01 -11.32 -47.63
N VAL I 588 13.98 -11.72 -46.90
CA VAL I 588 13.28 -10.85 -45.98
C VAL I 588 13.03 -11.63 -44.71
N LEU I 589 13.41 -11.06 -43.57
CA LEU I 589 13.26 -11.71 -42.28
C LEU I 589 12.08 -11.09 -41.55
N PHE I 590 11.16 -11.94 -41.12
CA PHE I 590 9.92 -11.48 -40.50
C PHE I 590 9.80 -12.08 -39.12
N PHE I 591 9.64 -11.21 -38.11
CA PHE I 591 9.49 -11.63 -36.73
C PHE I 591 8.06 -11.36 -36.31
N ASP I 592 7.31 -12.42 -36.05
CA ASP I 592 5.91 -12.31 -35.67
C ASP I 592 5.80 -12.20 -34.16
N GLU I 593 4.84 -11.39 -33.70
CA GLU I 593 4.58 -11.11 -32.29
C GLU I 593 5.87 -10.97 -31.48
N LEU I 594 6.69 -9.97 -31.83
CA LEU I 594 7.94 -9.71 -31.14
C LEU I 594 7.75 -9.44 -29.65
N ASP I 595 6.57 -8.99 -29.24
CA ASP I 595 6.29 -8.69 -27.84
C ASP I 595 5.97 -9.93 -27.02
N SER I 596 6.15 -11.13 -27.57
CA SER I 596 5.81 -12.34 -26.84
C SER I 596 6.64 -12.49 -25.57
N ILE I 597 7.94 -12.21 -25.65
CA ILE I 597 8.80 -12.30 -24.46
C ILE I 597 8.39 -11.27 -23.43
N ALA I 598 8.07 -10.04 -23.86
CA ALA I 598 7.63 -9.01 -22.92
C ALA I 598 6.33 -9.41 -22.23
N LYS I 599 5.38 -9.98 -22.98
CA LYS I 599 4.15 -10.47 -22.36
C LYS I 599 4.44 -11.60 -21.38
N ALA I 600 5.30 -12.54 -21.74
CA ALA I 600 5.65 -13.63 -20.85
C ALA I 600 6.35 -13.16 -19.59
N ARG I 601 7.10 -12.05 -19.66
CA ARG I 601 7.78 -11.51 -18.50
C ARG I 601 6.94 -10.52 -17.70
N GLY I 602 5.85 -10.02 -18.27
CA GLY I 602 4.97 -9.10 -17.57
C GLY I 602 4.55 -7.90 -18.39
N GLY I 603 5.43 -7.43 -19.26
CA GLY I 603 5.11 -6.31 -20.13
C GLY I 603 5.79 -5.01 -19.74
N ASN I 604 4.99 -3.97 -19.49
CA ASN I 604 5.54 -2.65 -19.18
C ASN I 604 6.33 -2.64 -17.88
N ILE I 605 5.80 -3.29 -16.84
CA ILE I 605 6.48 -3.33 -15.54
C ILE I 605 6.94 -4.74 -15.25
N GLY I 606 5.98 -5.66 -15.12
CA GLY I 606 6.29 -7.05 -14.84
C GLY I 606 7.05 -7.25 -13.55
N ASP I 607 8.31 -7.65 -13.66
CA ASP I 607 9.16 -7.84 -12.50
C ASP I 607 9.92 -6.55 -12.19
N GLY I 608 10.91 -6.62 -11.31
CA GLY I 608 11.72 -5.44 -11.01
C GLY I 608 12.53 -4.96 -12.18
N GLY I 609 12.80 -5.83 -13.15
CA GLY I 609 13.58 -5.47 -14.32
C GLY I 609 12.80 -4.62 -15.29
N GLY I 610 13.50 -4.16 -16.33
CA GLY I 610 12.90 -3.29 -17.32
C GLY I 610 12.25 -4.06 -18.46
N ALA I 611 12.56 -3.67 -19.70
CA ALA I 611 11.99 -4.30 -20.88
C ALA I 611 13.05 -5.02 -21.70
N ALA I 612 14.24 -5.19 -21.13
CA ALA I 612 15.35 -5.84 -21.82
C ALA I 612 15.48 -7.29 -21.37
N ASP I 613 15.65 -8.18 -22.35
CA ASP I 613 15.88 -9.58 -22.05
C ASP I 613 17.02 -10.10 -22.92
N ARG I 614 17.24 -11.41 -22.89
CA ARG I 614 18.36 -12.03 -23.59
C ARG I 614 18.10 -12.28 -25.06
N VAL I 615 16.91 -12.76 -25.44
CA VAL I 615 16.65 -13.10 -26.83
C VAL I 615 16.63 -11.85 -27.71
N ILE I 616 15.96 -10.79 -27.26
CA ILE I 616 15.99 -9.54 -28.00
C ILE I 616 17.40 -8.99 -28.06
N ASN I 617 18.20 -9.20 -27.01
CA ASN I 617 19.60 -8.80 -27.04
C ASN I 617 20.37 -9.52 -28.13
N GLN I 618 20.13 -10.82 -28.29
CA GLN I 618 20.79 -11.57 -29.36
C GLN I 618 20.37 -11.06 -30.74
N ILE I 619 19.08 -10.75 -30.92
CA ILE I 619 18.63 -10.20 -32.18
C ILE I 619 19.28 -8.85 -32.45
N LEU I 620 19.40 -8.00 -31.42
CA LEU I 620 20.08 -6.73 -31.58
C LEU I 620 21.54 -6.92 -31.99
N THR I 621 22.23 -7.85 -31.34
CA THR I 621 23.63 -8.11 -31.67
C THR I 621 23.76 -8.60 -33.11
N GLU I 622 22.88 -9.49 -33.54
CA GLU I 622 22.96 -10.01 -34.89
C GLU I 622 22.62 -8.95 -35.94
N MET I 623 21.65 -8.09 -35.65
CA MET I 623 21.30 -7.01 -36.56
C MET I 623 22.37 -5.93 -36.64
N ASP I 624 23.08 -5.67 -35.55
CA ASP I 624 24.13 -4.65 -35.57
C ASP I 624 25.29 -5.08 -36.46
N GLY I 625 25.58 -6.37 -36.52
CA GLY I 625 26.69 -6.89 -37.27
C GLY I 625 26.41 -7.20 -38.73
N MET I 626 25.21 -6.92 -39.22
CA MET I 626 24.89 -7.21 -40.61
C MET I 626 25.45 -6.13 -41.52
N SER I 627 25.57 -6.48 -42.81
CA SER I 627 26.08 -5.57 -43.81
C SER I 627 24.93 -4.89 -44.53
N THR I 628 25.00 -3.56 -44.63
CA THR I 628 23.94 -2.79 -45.27
C THR I 628 23.89 -3.00 -46.78
N LYS I 629 25.01 -3.38 -47.41
CA LYS I 629 25.01 -3.59 -48.85
C LYS I 629 24.27 -4.87 -49.25
N LYS I 630 24.08 -5.79 -48.31
CA LYS I 630 23.27 -6.97 -48.59
C LYS I 630 21.79 -6.60 -48.63
N ASN I 631 21.00 -7.45 -49.29
CA ASN I 631 19.58 -7.19 -49.49
C ASN I 631 18.70 -7.89 -48.45
N VAL I 632 19.29 -8.40 -47.37
CA VAL I 632 18.51 -8.99 -46.29
C VAL I 632 17.76 -7.88 -45.58
N PHE I 633 16.53 -8.16 -45.17
CA PHE I 633 15.66 -7.17 -44.57
C PHE I 633 14.89 -7.80 -43.42
N ILE I 634 14.80 -7.07 -42.31
CA ILE I 634 14.15 -7.57 -41.10
C ILE I 634 12.86 -6.79 -40.89
N ILE I 635 11.76 -7.51 -40.72
CA ILE I 635 10.45 -6.92 -40.46
C ILE I 635 9.94 -7.45 -39.14
N GLY I 636 9.62 -6.55 -38.23
CA GLY I 636 9.06 -6.90 -36.93
C GLY I 636 7.57 -6.61 -36.90
N ALA I 637 6.81 -7.57 -36.37
CA ALA I 637 5.37 -7.44 -36.23
C ALA I 637 4.99 -7.56 -34.76
N THR I 638 4.15 -6.64 -34.31
CA THR I 638 3.69 -6.66 -32.93
C THR I 638 2.30 -6.05 -32.87
N ASN I 639 1.55 -6.45 -31.85
CA ASN I 639 0.26 -5.84 -31.56
C ASN I 639 0.30 -4.95 -30.34
N ARG I 640 1.28 -5.13 -29.47
CA ARG I 640 1.46 -4.22 -28.34
C ARG I 640 2.82 -3.55 -28.46
N PRO I 641 2.92 -2.38 -29.09
CA PRO I 641 4.22 -1.71 -29.23
C PRO I 641 4.64 -0.89 -28.02
N ASP I 642 3.77 -0.77 -27.01
CA ASP I 642 4.10 -0.08 -25.77
C ASP I 642 5.03 -0.88 -24.88
N ILE I 643 5.06 -2.21 -25.03
CA ILE I 643 5.90 -3.08 -24.23
C ILE I 643 7.12 -3.54 -24.99
N ILE I 644 7.26 -3.14 -26.25
CA ILE I 644 8.47 -3.42 -27.02
C ILE I 644 9.62 -2.65 -26.41
N ASP I 645 10.77 -3.31 -26.31
CA ASP I 645 11.95 -2.69 -25.72
C ASP I 645 12.35 -1.48 -26.57
N PRO I 646 12.66 -0.34 -25.95
CA PRO I 646 13.04 0.84 -26.75
C PRO I 646 14.32 0.65 -27.56
N ALA I 647 15.24 -0.21 -27.13
CA ALA I 647 16.53 -0.32 -27.81
C ALA I 647 16.41 -0.95 -29.18
N ILE I 648 15.41 -1.79 -29.43
CA ILE I 648 15.26 -2.38 -30.75
C ILE I 648 14.77 -1.36 -31.76
N LEU I 649 14.14 -0.28 -31.30
CA LEU I 649 13.63 0.78 -32.16
C LEU I 649 14.63 1.91 -32.34
N ARG I 650 15.86 1.74 -31.84
CA ARG I 650 16.89 2.75 -32.01
C ARG I 650 17.20 2.95 -33.48
N PRO I 651 17.60 4.15 -33.89
CA PRO I 651 17.96 4.39 -35.28
C PRO I 651 19.06 3.45 -35.73
N GLY I 652 18.88 2.86 -36.91
CA GLY I 652 19.83 1.92 -37.48
C GLY I 652 19.40 0.47 -37.40
N ARG I 653 18.43 0.14 -36.53
CA ARG I 653 17.96 -1.24 -36.44
C ARG I 653 16.51 -1.39 -36.89
N LEU I 654 15.58 -0.68 -36.28
CA LEU I 654 14.17 -0.71 -36.66
C LEU I 654 13.58 0.69 -36.53
N ASP I 655 14.33 1.69 -37.01
CA ASP I 655 13.91 3.08 -36.86
C ASP I 655 12.61 3.37 -37.59
N GLN I 656 12.32 2.62 -38.65
CA GLN I 656 11.11 2.87 -39.43
C GLN I 656 9.93 2.15 -38.79
N LEU I 657 8.95 2.91 -38.34
CA LEU I 657 7.73 2.38 -37.75
C LEU I 657 6.55 2.83 -38.59
N ILE I 658 5.75 1.88 -39.06
CA ILE I 658 4.55 2.17 -39.82
C ILE I 658 3.38 1.47 -39.14
N TYR I 659 2.20 2.07 -39.25
CA TYR I 659 1.03 1.60 -38.52
C TYR I 659 0.08 0.90 -39.50
N ILE I 660 -0.33 -0.31 -39.14
CA ILE I 660 -1.25 -1.10 -39.95
C ILE I 660 -2.65 -0.91 -39.38
N PRO I 661 -3.53 -0.17 -40.03
CA PRO I 661 -4.86 0.07 -39.45
C PRO I 661 -5.82 -1.04 -39.76
N LEU I 662 -7.08 -0.87 -39.37
CA LEU I 662 -8.11 -1.78 -39.80
C LEU I 662 -8.29 -1.68 -41.32
N PRO I 663 -8.62 -2.79 -41.97
CA PRO I 663 -8.86 -2.73 -43.42
C PRO I 663 -10.02 -1.79 -43.73
N ASP I 664 -9.86 -1.01 -44.79
CA ASP I 664 -10.91 -0.10 -45.22
C ASP I 664 -11.88 -0.84 -46.13
N GLU I 665 -12.83 -0.12 -46.73
CA GLU I 665 -13.82 -0.78 -47.57
C GLU I 665 -13.17 -1.49 -48.76
N LYS I 666 -12.19 -0.84 -49.39
CA LYS I 666 -11.53 -1.46 -50.53
C LYS I 666 -10.74 -2.71 -50.13
N SER I 667 -10.11 -2.69 -48.96
CA SER I 667 -9.31 -3.82 -48.49
C SER I 667 -10.16 -4.95 -47.91
N ARG I 668 -11.34 -4.64 -47.37
CA ARG I 668 -12.20 -5.70 -46.84
C ARG I 668 -12.76 -6.61 -47.92
N VAL I 669 -13.04 -6.07 -49.12
CA VAL I 669 -13.47 -6.92 -50.22
C VAL I 669 -12.41 -7.96 -50.53
N ALA I 670 -11.13 -7.55 -50.47
CA ALA I 670 -10.04 -8.49 -50.68
C ALA I 670 -10.03 -9.60 -49.64
N ILE I 671 -10.26 -9.28 -48.37
CA ILE I 671 -10.29 -10.30 -47.34
C ILE I 671 -11.45 -11.26 -47.56
N LEU I 672 -12.63 -10.75 -47.90
CA LEU I 672 -13.77 -11.62 -48.18
C LEU I 672 -13.49 -12.54 -49.37
N LYS I 673 -12.97 -11.99 -50.46
CA LYS I 673 -12.74 -12.81 -51.64
C LYS I 673 -11.59 -13.78 -51.47
N ALA I 674 -10.59 -13.46 -50.63
CA ALA I 674 -9.55 -14.42 -50.32
C ALA I 674 -10.10 -15.63 -49.58
N ASN I 675 -10.99 -15.38 -48.62
CA ASN I 675 -11.64 -16.47 -47.90
C ASN I 675 -12.57 -17.28 -48.79
N LEU I 676 -13.28 -16.63 -49.71
CA LEU I 676 -14.27 -17.31 -50.54
C LEU I 676 -13.73 -17.74 -51.89
N ARG I 677 -12.43 -17.61 -52.13
CA ARG I 677 -11.86 -17.98 -53.43
C ARG I 677 -11.93 -19.47 -53.70
N LYS I 678 -12.12 -20.30 -52.67
CA LYS I 678 -12.23 -21.74 -52.85
C LYS I 678 -13.66 -22.24 -52.66
N SER I 679 -14.63 -21.35 -52.50
CA SER I 679 -16.00 -21.78 -52.23
C SER I 679 -16.93 -21.40 -53.37
N PRO I 680 -18.00 -22.15 -53.58
CA PRO I 680 -18.98 -21.78 -54.61
C PRO I 680 -19.80 -20.57 -54.18
N VAL I 681 -19.53 -19.43 -54.80
CA VAL I 681 -20.22 -18.19 -54.46
C VAL I 681 -21.33 -17.94 -55.47
N ALA I 682 -22.52 -17.66 -54.98
CA ALA I 682 -23.65 -17.38 -55.84
C ALA I 682 -23.52 -15.96 -56.42
N LYS I 683 -24.18 -15.72 -57.55
CA LYS I 683 -24.11 -14.44 -58.22
C LYS I 683 -24.72 -13.31 -57.39
N ASP I 684 -25.84 -13.58 -56.71
CA ASP I 684 -26.52 -12.53 -55.95
C ASP I 684 -25.77 -12.14 -54.69
N VAL I 685 -24.81 -12.95 -54.24
CA VAL I 685 -24.04 -12.64 -53.04
C VAL I 685 -23.07 -11.52 -53.36
N ASP I 686 -23.40 -10.29 -52.97
CA ASP I 686 -22.57 -9.14 -53.26
C ASP I 686 -21.59 -8.90 -52.12
N LEU I 687 -20.31 -9.10 -52.39
CA LEU I 687 -19.28 -8.88 -51.39
C LEU I 687 -18.98 -7.41 -51.16
N GLU I 688 -19.20 -6.56 -52.17
CA GLU I 688 -18.99 -5.13 -51.99
C GLU I 688 -19.89 -4.57 -50.89
N PHE I 689 -21.18 -4.92 -50.93
CA PHE I 689 -22.10 -4.47 -49.90
C PHE I 689 -21.75 -5.03 -48.53
N LEU I 690 -21.36 -6.31 -48.46
CA LEU I 690 -20.97 -6.90 -47.19
C LEU I 690 -19.76 -6.21 -46.60
N ALA I 691 -18.76 -5.90 -47.42
CA ALA I 691 -17.60 -5.16 -46.94
C ALA I 691 -17.94 -3.73 -46.56
N LYS I 692 -18.90 -3.12 -47.26
CA LYS I 692 -19.35 -1.79 -46.89
C LYS I 692 -20.05 -1.78 -45.54
N MET I 693 -20.84 -2.82 -45.24
CA MET I 693 -21.59 -2.85 -43.98
C MET I 693 -20.65 -2.91 -42.78
N THR I 694 -19.65 -3.79 -42.83
CA THR I 694 -18.69 -3.92 -41.75
C THR I 694 -17.62 -2.84 -41.90
N ASN I 695 -17.46 -2.01 -40.88
CA ASN I 695 -16.50 -0.90 -40.92
C ASN I 695 -15.34 -1.09 -39.96
N GLY I 696 -15.63 -1.28 -38.67
CA GLY I 696 -14.57 -1.46 -37.69
C GLY I 696 -14.21 -2.92 -37.51
N PHE I 697 -14.32 -3.69 -38.58
CA PHE I 697 -14.12 -5.13 -38.53
C PHE I 697 -12.68 -5.45 -38.92
N SER I 698 -12.06 -6.36 -38.18
CA SER I 698 -10.72 -6.82 -38.50
C SER I 698 -10.78 -7.94 -39.52
N GLY I 699 -9.61 -8.32 -40.04
CA GLY I 699 -9.56 -9.44 -40.96
C GLY I 699 -10.04 -10.72 -40.32
N ALA I 700 -9.74 -10.92 -39.04
CA ALA I 700 -10.24 -12.08 -38.33
C ALA I 700 -11.76 -12.08 -38.20
N ASP I 701 -12.37 -10.91 -38.03
CA ASP I 701 -13.83 -10.85 -37.93
C ASP I 701 -14.50 -11.25 -39.24
N LEU I 702 -13.98 -10.76 -40.36
CA LEU I 702 -14.47 -11.21 -41.66
C LEU I 702 -14.19 -12.68 -41.90
N THR I 703 -13.04 -13.18 -41.43
CA THR I 703 -12.70 -14.58 -41.60
C THR I 703 -13.71 -15.48 -40.90
N GLU I 704 -14.05 -15.18 -39.65
CA GLU I 704 -15.04 -15.99 -38.95
C GLU I 704 -16.43 -15.83 -39.54
N ILE I 705 -16.76 -14.66 -40.10
CA ILE I 705 -18.03 -14.55 -40.81
C ILE I 705 -18.07 -15.53 -42.00
N CYS I 706 -16.99 -15.55 -42.79
CA CYS I 706 -16.95 -16.48 -43.93
C CYS I 706 -16.98 -17.93 -43.48
N GLN I 707 -16.26 -18.25 -42.41
CA GLN I 707 -16.23 -19.61 -41.89
C GLN I 707 -17.61 -20.03 -41.39
N ARG I 708 -18.32 -19.13 -40.70
CA ARG I 708 -19.64 -19.45 -40.21
C ARG I 708 -20.64 -19.63 -41.35
N ALA I 709 -20.54 -18.79 -42.39
CA ALA I 709 -21.39 -18.99 -43.56
C ALA I 709 -21.11 -20.33 -44.23
N CYS I 710 -19.83 -20.70 -44.37
CA CYS I 710 -19.49 -21.99 -44.94
C CYS I 710 -20.00 -23.14 -44.07
N LYS I 711 -19.90 -23.00 -42.74
CA LYS I 711 -20.42 -24.02 -41.84
C LYS I 711 -21.93 -24.19 -42.00
N LEU I 712 -22.67 -23.07 -42.09
CA LEU I 712 -24.10 -23.16 -42.30
C LEU I 712 -24.45 -23.81 -43.63
N ALA I 713 -23.73 -23.44 -44.70
CA ALA I 713 -23.96 -24.07 -45.99
C ALA I 713 -23.68 -25.57 -45.96
N ILE I 714 -22.58 -25.98 -45.32
CA ILE I 714 -22.25 -27.39 -45.23
C ILE I 714 -23.31 -28.13 -44.43
N ARG I 715 -23.76 -27.55 -43.32
CA ARG I 715 -24.77 -28.21 -42.51
C ARG I 715 -26.08 -28.35 -43.27
N GLU I 716 -26.50 -27.31 -43.99
CA GLU I 716 -27.73 -27.42 -44.77
C GLU I 716 -27.59 -28.46 -45.87
N SER I 717 -26.44 -28.51 -46.54
CA SER I 717 -26.20 -29.53 -47.54
C SER I 717 -26.24 -30.94 -46.97
N ILE I 718 -25.67 -31.14 -45.78
CA ILE I 718 -25.67 -32.46 -45.16
C ILE I 718 -27.09 -32.86 -44.75
N GLU I 719 -27.82 -31.95 -44.10
CA GLU I 719 -29.16 -32.29 -43.64
C GLU I 719 -30.17 -32.43 -44.77
N SER I 720 -29.93 -31.76 -45.91
CA SER I 720 -30.84 -31.82 -47.03
C SER I 720 -30.74 -33.11 -47.82
N GLU I 721 -29.70 -33.91 -47.59
CA GLU I 721 -29.56 -35.17 -48.31
C GLU I 721 -30.64 -36.17 -47.93
N ILE I 722 -30.98 -36.25 -46.64
CA ILE I 722 -31.95 -37.20 -46.17
C ILE I 722 -33.37 -36.71 -46.46
N VAL I 743 -27.67 -28.30 -51.10
CA VAL I 743 -27.38 -27.88 -52.47
C VAL I 743 -25.95 -27.34 -52.56
N PRO I 744 -25.21 -27.75 -53.59
CA PRO I 744 -23.80 -27.39 -53.74
C PRO I 744 -23.57 -25.95 -54.21
N GLU I 745 -24.05 -24.99 -53.44
CA GLU I 745 -23.85 -23.58 -53.74
C GLU I 745 -24.18 -22.76 -52.50
N ILE I 746 -23.26 -21.89 -52.10
CA ILE I 746 -23.51 -20.98 -50.98
C ILE I 746 -24.51 -19.93 -51.44
N ARG I 747 -25.60 -19.79 -50.70
CA ARG I 747 -26.67 -18.88 -51.08
C ARG I 747 -26.60 -17.59 -50.28
N ARG I 748 -27.41 -16.62 -50.70
CA ARG I 748 -27.48 -15.32 -50.03
C ARG I 748 -27.93 -15.46 -48.59
N ASP I 749 -28.87 -16.36 -48.33
CA ASP I 749 -29.38 -16.58 -46.98
C ASP I 749 -28.29 -17.09 -46.03
N HIS I 750 -27.36 -17.91 -46.52
CA HIS I 750 -26.27 -18.39 -45.66
C HIS I 750 -25.47 -17.22 -45.09
N PHE I 751 -25.07 -16.29 -45.93
CA PHE I 751 -24.34 -15.12 -45.48
C PHE I 751 -25.20 -14.16 -44.66
N GLU I 752 -26.48 -14.00 -45.02
CA GLU I 752 -27.36 -13.12 -44.27
C GLU I 752 -27.59 -13.63 -42.85
N GLU I 753 -27.78 -14.94 -42.68
CA GLU I 753 -28.00 -15.50 -41.34
C GLU I 753 -26.72 -15.53 -40.53
N ALA I 754 -25.61 -15.92 -41.14
CA ALA I 754 -24.32 -15.91 -40.46
C ALA I 754 -23.84 -14.51 -40.13
N MET I 755 -24.39 -13.49 -40.79
CA MET I 755 -24.08 -12.10 -40.47
C MET I 755 -24.61 -11.69 -39.11
N ARG I 756 -25.56 -12.44 -38.56
CA ARG I 756 -26.13 -12.10 -37.26
C ARG I 756 -25.11 -12.24 -36.14
N PHE I 757 -24.32 -13.31 -36.18
CA PHE I 757 -23.28 -13.54 -35.18
C PHE I 757 -21.98 -12.84 -35.57
N ALA I 758 -22.07 -11.54 -35.84
CA ALA I 758 -20.92 -10.77 -36.27
C ALA I 758 -20.23 -10.14 -35.06
N ARG I 759 -19.02 -10.59 -34.78
CA ARG I 759 -18.23 -10.08 -33.68
C ARG I 759 -17.39 -8.88 -34.13
N ARG I 760 -16.83 -8.17 -33.16
CA ARG I 760 -15.88 -7.09 -33.42
C ARG I 760 -14.84 -7.14 -32.31
N SER I 761 -13.75 -7.85 -32.57
CA SER I 761 -12.77 -8.15 -31.52
C SER I 761 -11.95 -6.94 -31.14
N VAL I 762 -11.84 -5.94 -32.01
CA VAL I 762 -11.02 -4.77 -31.75
C VAL I 762 -11.92 -3.64 -31.27
N SER I 763 -11.66 -3.14 -30.06
CA SER I 763 -12.45 -2.09 -29.47
C SER I 763 -11.91 -0.71 -29.87
N ASP I 764 -12.73 0.32 -29.63
CA ASP I 764 -12.33 1.68 -29.95
C ASP I 764 -11.19 2.15 -29.06
N ASN I 765 -11.17 1.70 -27.80
CA ASN I 765 -10.07 2.06 -26.91
C ASN I 765 -8.74 1.57 -27.45
N ASP I 766 -8.72 0.39 -28.06
CA ASP I 766 -7.51 -0.09 -28.72
C ASP I 766 -7.07 0.81 -29.85
N ILE I 767 -8.00 1.27 -30.69
CA ILE I 767 -7.60 2.17 -31.77
C ILE I 767 -7.04 3.47 -31.21
N ARG I 768 -7.66 3.98 -30.15
CA ARG I 768 -7.17 5.20 -29.52
C ARG I 768 -5.77 5.01 -28.96
N LYS I 769 -5.52 3.88 -28.30
CA LYS I 769 -4.19 3.64 -27.72
C LYS I 769 -3.14 3.38 -28.78
N TYR I 770 -3.51 2.83 -29.95
CA TYR I 770 -2.55 2.72 -31.03
C TYR I 770 -2.25 4.08 -31.65
N GLU I 771 -3.27 4.93 -31.80
CA GLU I 771 -3.00 6.25 -32.33
C GLU I 771 -2.11 7.06 -31.40
N MET I 772 -2.39 7.07 -30.10
CA MET I 772 -1.52 7.79 -29.18
C MET I 772 -0.07 7.41 -29.39
N PHE I 773 0.20 6.14 -29.66
CA PHE I 773 1.54 5.71 -30.06
C PHE I 773 1.93 6.28 -31.42
N ALA I 774 1.00 6.37 -32.38
CA ALA I 774 1.37 6.76 -33.74
C ALA I 774 1.82 8.21 -33.82
N GLN I 775 0.92 9.17 -33.53
CA GLN I 775 1.47 10.52 -33.43
C GLN I 775 2.08 10.84 -32.07
N THR I 776 2.48 9.83 -31.29
CA THR I 776 3.64 10.02 -30.40
C THR I 776 4.90 10.23 -31.23
N LEU I 777 5.09 9.42 -32.26
CA LEU I 777 6.28 9.53 -33.11
C LEU I 777 6.05 10.35 -34.38
N GLN I 778 4.83 10.82 -34.65
CA GLN I 778 4.65 11.68 -35.82
C GLN I 778 5.24 13.07 -35.58
N GLN I 779 4.67 13.80 -34.62
CA GLN I 779 5.11 15.15 -34.27
C GLN I 779 5.34 16.05 -35.48
N SER I 780 4.27 16.40 -36.19
CA SER I 780 4.39 17.28 -37.35
C SER I 780 4.02 18.72 -36.99
N ARG I 781 4.35 19.13 -35.77
CA ARG I 781 4.01 20.46 -35.28
C ARG I 781 5.27 21.34 -35.28
N GLY I 782 5.05 22.63 -35.05
CA GLY I 782 6.15 23.57 -34.97
C GLY I 782 6.60 24.07 -36.34
N PHE I 783 7.33 23.22 -37.05
CA PHE I 783 7.86 23.57 -38.38
C PHE I 783 6.91 23.19 -39.50
N GLY I 784 5.63 23.60 -39.40
CA GLY I 784 4.68 23.27 -40.44
C GLY I 784 4.67 24.25 -41.58
N SER I 785 4.99 25.51 -41.31
CA SER I 785 5.01 26.56 -42.32
C SER I 785 6.38 27.21 -42.30
N PHE I 786 7.19 26.93 -43.32
CA PHE I 786 8.52 27.51 -43.45
C PHE I 786 8.64 28.17 -44.81
N ARG I 787 9.23 29.36 -44.83
CA ARG I 787 9.50 30.09 -46.06
C ARG I 787 10.99 30.43 -46.12
N PHE I 788 11.64 30.03 -47.21
CA PHE I 788 13.05 30.36 -47.40
C PHE I 788 13.19 31.83 -47.81
N PRO I 789 14.31 32.48 -47.46
CA PRO I 789 14.48 33.91 -47.81
C PRO I 789 14.55 34.14 -49.31
N SER I 790 15.44 33.42 -49.99
CA SER I 790 15.62 33.59 -51.43
C SER I 790 16.30 32.37 -52.04
N ASN J 36 87.44 4.66 -39.70
CA ASN J 36 86.58 3.49 -39.75
C ASN J 36 85.89 3.37 -41.11
N ARG J 37 86.37 4.15 -42.08
CA ARG J 37 85.83 4.19 -43.44
C ARG J 37 84.33 4.44 -43.41
N PRO J 38 83.89 5.66 -43.09
CA PRO J 38 82.45 5.94 -43.01
C PRO J 38 81.77 5.93 -44.37
N ASN J 39 81.68 4.74 -44.97
CA ASN J 39 81.01 4.57 -46.27
C ASN J 39 80.01 3.44 -46.31
N ARG J 40 80.09 2.46 -45.40
CA ARG J 40 79.17 1.34 -45.39
C ARG J 40 78.01 1.62 -44.43
N LEU J 41 76.81 1.24 -44.83
CA LEU J 41 75.61 1.42 -44.03
C LEU J 41 74.83 0.12 -43.97
N ILE J 42 74.01 -0.01 -42.92
CA ILE J 42 73.21 -1.21 -42.75
C ILE J 42 72.10 -1.23 -43.80
N VAL J 43 71.48 -2.41 -43.96
CA VAL J 43 70.43 -2.63 -44.94
C VAL J 43 69.13 -2.88 -44.22
N ASP J 44 68.03 -2.36 -44.78
CA ASP J 44 66.70 -2.62 -44.26
C ASP J 44 65.71 -2.84 -45.40
N GLU J 45 64.42 -2.85 -45.07
CA GLU J 45 63.36 -3.04 -46.05
C GLU J 45 62.87 -1.70 -46.55
N ALA J 46 62.47 -1.67 -47.82
CA ALA J 46 61.98 -0.46 -48.46
C ALA J 46 60.45 -0.49 -48.54
N ILE J 47 59.83 0.61 -48.12
CA ILE J 47 58.37 0.70 -48.15
C ILE J 47 57.84 1.04 -49.53
N ASN J 48 58.69 1.46 -50.46
CA ASN J 48 58.23 1.77 -51.81
C ASN J 48 57.87 0.50 -52.56
N GLU J 49 56.84 0.58 -53.39
CA GLU J 49 56.36 -0.56 -54.15
C GLU J 49 56.98 -0.65 -55.53
N ASP J 50 57.93 0.22 -55.85
CA ASP J 50 58.57 0.21 -57.16
C ASP J 50 59.51 -1.00 -57.28
N ASN J 51 59.87 -1.33 -58.52
CA ASN J 51 60.68 -2.51 -58.78
C ASN J 51 62.16 -2.24 -58.52
N SER J 52 62.74 -1.30 -59.27
CA SER J 52 64.16 -0.98 -59.11
C SER J 52 64.29 0.50 -58.77
N VAL J 53 64.16 0.79 -57.48
CA VAL J 53 64.29 2.15 -56.94
C VAL J 53 65.03 2.06 -55.61
N VAL J 54 66.09 2.85 -55.47
CA VAL J 54 66.86 2.92 -54.24
C VAL J 54 66.70 4.32 -53.66
N SER J 55 66.19 4.40 -52.44
CA SER J 55 65.94 5.66 -51.76
C SER J 55 66.97 5.89 -50.67
N LEU J 56 67.44 7.13 -50.58
CA LEU J 56 68.44 7.51 -49.60
C LEU J 56 67.95 8.77 -48.88
N SER J 57 68.81 9.33 -48.04
CA SER J 57 68.50 10.54 -47.30
C SER J 57 69.15 11.74 -47.99
N GLN J 58 68.78 12.93 -47.53
CA GLN J 58 69.25 14.18 -48.14
C GLN J 58 70.78 14.31 -48.13
N PRO J 59 71.48 14.05 -47.00
CA PRO J 59 72.94 14.19 -47.03
C PRO J 59 73.65 12.94 -47.54
N LYS J 60 73.16 12.40 -48.65
CA LYS J 60 73.78 11.21 -49.23
C LYS J 60 74.31 11.45 -50.64
N MET J 61 73.47 11.99 -51.52
CA MET J 61 73.93 12.28 -52.88
C MET J 61 74.76 13.56 -52.94
N ASP J 62 74.68 14.40 -51.92
CA ASP J 62 75.48 15.62 -51.88
C ASP J 62 76.96 15.35 -51.62
N GLU J 63 77.30 14.16 -51.12
CA GLU J 63 78.70 13.79 -50.88
C GLU J 63 79.30 13.06 -52.08
N LEU J 64 78.50 12.26 -52.77
CA LEU J 64 78.97 11.49 -53.92
C LEU J 64 78.63 12.16 -55.25
N GLN J 65 78.16 13.42 -55.21
CA GLN J 65 77.80 14.24 -56.36
C GLN J 65 77.10 13.44 -57.46
N LEU J 66 76.07 12.69 -57.09
CA LEU J 66 75.28 11.91 -58.04
C LEU J 66 73.89 12.51 -58.16
N PHE J 67 73.35 12.49 -59.39
CA PHE J 67 72.04 13.05 -59.66
C PHE J 67 70.97 11.99 -59.44
N ARG J 68 69.72 12.33 -59.80
CA ARG J 68 68.60 11.41 -59.60
C ARG J 68 68.49 10.35 -60.69
N GLY J 69 69.26 10.47 -61.76
CA GLY J 69 69.21 9.49 -62.84
C GLY J 69 70.56 9.00 -63.29
N ASP J 70 71.50 8.90 -62.36
CA ASP J 70 72.86 8.48 -62.65
C ASP J 70 72.97 6.96 -62.55
N THR J 71 74.18 6.45 -62.77
CA THR J 71 74.46 5.02 -62.72
C THR J 71 75.20 4.71 -61.44
N VAL J 72 74.70 3.73 -60.68
CA VAL J 72 75.28 3.34 -59.42
C VAL J 72 75.74 1.89 -59.51
N LEU J 73 76.90 1.61 -58.92
CA LEU J 73 77.46 0.27 -58.92
C LEU J 73 77.61 -0.20 -57.48
N LEU J 74 77.06 -1.37 -57.18
CA LEU J 74 77.09 -1.95 -55.84
C LEU J 74 77.76 -3.31 -55.89
N LYS J 75 78.53 -3.62 -54.85
CA LYS J 75 79.23 -4.90 -54.75
C LYS J 75 78.73 -5.66 -53.54
N GLY J 76 79.33 -6.82 -53.31
CA GLY J 76 78.98 -7.67 -52.17
C GLY J 76 79.87 -8.87 -52.05
N LYS J 77 79.31 -9.99 -51.60
CA LYS J 77 80.06 -11.23 -51.48
C LYS J 77 80.10 -11.94 -52.83
N LYS J 78 80.82 -13.07 -52.87
CA LYS J 78 80.96 -13.92 -54.05
C LYS J 78 81.63 -13.20 -55.22
N ARG J 79 82.26 -12.06 -54.96
CA ARG J 79 82.96 -11.27 -55.98
C ARG J 79 82.03 -10.92 -57.14
N ARG J 80 80.88 -10.36 -56.79
CA ARG J 80 79.89 -9.97 -57.77
C ARG J 80 79.54 -8.50 -57.59
N GLU J 81 79.11 -7.88 -58.68
CA GLU J 81 78.74 -6.47 -58.71
C GLU J 81 77.25 -6.35 -59.00
N ALA J 82 76.76 -5.11 -58.98
CA ALA J 82 75.36 -4.82 -59.26
C ALA J 82 75.26 -3.40 -59.81
N VAL J 83 74.13 -3.13 -60.46
CA VAL J 83 73.88 -1.80 -61.03
C VAL J 83 72.39 -1.53 -60.94
N CYS J 84 72.03 -0.32 -60.51
CA CYS J 84 70.64 0.07 -60.33
C CYS J 84 70.51 1.56 -60.59
N ILE J 85 69.39 2.14 -60.16
CA ILE J 85 69.11 3.56 -60.33
C ILE J 85 68.80 4.14 -58.95
N VAL J 86 69.51 5.21 -58.58
CA VAL J 86 69.30 5.87 -57.30
C VAL J 86 68.21 6.92 -57.47
N LEU J 87 67.21 6.87 -56.60
CA LEU J 87 66.13 7.84 -56.57
C LEU J 87 66.22 8.68 -55.31
N SER J 88 66.02 9.98 -55.47
CA SER J 88 66.12 10.92 -54.36
C SER J 88 64.79 11.01 -53.62
N ASP J 89 64.87 10.97 -52.28
CA ASP J 89 63.69 11.07 -51.45
C ASP J 89 64.08 11.72 -50.13
N ASP J 90 63.22 12.60 -49.62
CA ASP J 90 63.45 13.29 -48.36
C ASP J 90 62.34 13.05 -47.35
N THR J 91 61.49 12.04 -47.60
CA THR J 91 60.40 11.72 -46.70
C THR J 91 60.53 10.36 -46.05
N CYS J 92 61.39 9.49 -46.56
CA CYS J 92 61.56 8.15 -46.02
C CYS J 92 62.09 8.18 -44.59
N SER J 93 63.30 8.73 -44.40
CA SER J 93 63.91 8.77 -43.08
C SER J 93 64.84 9.97 -42.94
N ASP J 94 65.66 9.97 -41.89
CA ASP J 94 66.62 11.03 -41.64
C ASP J 94 68.00 10.75 -42.24
N GLU J 95 68.56 9.57 -41.98
CA GLU J 95 69.83 9.17 -42.60
C GLU J 95 69.80 7.65 -42.75
N LYS J 96 69.36 7.18 -43.91
CA LYS J 96 69.23 5.75 -44.14
C LYS J 96 69.10 5.51 -45.64
N ILE J 97 69.53 4.33 -46.07
CA ILE J 97 69.45 3.92 -47.47
C ILE J 97 68.48 2.75 -47.58
N ARG J 98 67.53 2.87 -48.50
CA ARG J 98 66.56 1.80 -48.78
C ARG J 98 67.16 0.84 -49.80
N MET J 99 66.54 -0.33 -49.92
CA MET J 99 67.13 -1.38 -50.73
C MET J 99 66.05 -2.43 -50.99
N ASN J 100 65.92 -2.86 -52.25
CA ASN J 100 64.76 -3.63 -52.66
C ASN J 100 65.01 -5.14 -52.52
N ARG J 101 63.92 -5.91 -52.63
CA ARG J 101 63.97 -7.36 -52.50
C ARG J 101 64.42 -8.06 -53.78
N VAL J 102 64.01 -7.57 -54.95
CA VAL J 102 64.38 -8.21 -56.20
C VAL J 102 65.87 -8.21 -56.45
N VAL J 103 66.62 -7.34 -55.79
CA VAL J 103 68.06 -7.29 -55.92
C VAL J 103 68.80 -7.74 -54.66
N ARG J 104 68.13 -7.83 -53.52
CA ARG J 104 68.75 -8.44 -52.35
C ARG J 104 69.13 -9.89 -52.61
N ASN J 105 68.22 -10.67 -53.20
CA ASN J 105 68.54 -12.04 -53.56
C ASN J 105 69.46 -12.10 -54.77
N ASN J 106 69.44 -11.08 -55.62
CA ASN J 106 70.29 -11.08 -56.81
C ASN J 106 71.75 -10.87 -56.46
N LEU J 107 72.04 -9.92 -55.57
CA LEU J 107 73.42 -9.66 -55.14
C LEU J 107 73.84 -10.56 -53.99
N ARG J 108 72.92 -11.38 -53.49
CA ARG J 108 73.17 -12.29 -52.36
C ARG J 108 73.49 -11.48 -51.10
N VAL J 109 72.54 -10.64 -50.71
CA VAL J 109 72.67 -9.80 -49.53
C VAL J 109 71.53 -10.16 -48.57
N ARG J 110 71.84 -10.21 -47.29
CA ARG J 110 70.84 -10.45 -46.26
C ARG J 110 70.84 -9.26 -45.29
N LEU J 111 69.86 -9.23 -44.40
CA LEU J 111 69.69 -8.10 -43.50
C LEU J 111 70.86 -8.00 -42.52
N GLY J 112 71.04 -6.80 -41.98
CA GLY J 112 72.11 -6.58 -41.02
C GLY J 112 73.50 -6.66 -41.61
N ASP J 113 73.64 -6.37 -42.90
CA ASP J 113 74.93 -6.39 -43.58
C ASP J 113 75.33 -4.99 -44.01
N VAL J 114 76.61 -4.83 -44.32
CA VAL J 114 77.15 -3.55 -44.76
C VAL J 114 77.18 -3.52 -46.28
N ILE J 115 76.95 -2.33 -46.83
CA ILE J 115 76.95 -2.14 -48.28
C ILE J 115 77.68 -0.83 -48.58
N SER J 116 78.57 -0.86 -49.56
CA SER J 116 79.33 0.31 -49.98
C SER J 116 78.77 0.84 -51.29
N ILE J 117 78.56 2.15 -51.36
CA ILE J 117 77.98 2.79 -52.53
C ILE J 117 78.94 3.87 -53.04
N GLN J 118 79.06 3.94 -54.36
CA GLN J 118 79.90 4.95 -55.01
C GLN J 118 79.34 5.23 -56.39
N PRO J 119 79.46 6.46 -56.87
CA PRO J 119 78.98 6.76 -58.22
C PRO J 119 79.86 6.11 -59.29
N CYS J 120 79.25 5.86 -60.45
CA CYS J 120 79.96 5.26 -61.57
C CYS J 120 79.45 5.89 -62.85
N PRO J 121 80.00 7.05 -63.23
CA PRO J 121 79.57 7.73 -64.46
C PRO J 121 80.15 7.10 -65.73
N ASP J 122 79.61 5.94 -66.09
CA ASP J 122 80.04 5.20 -67.26
C ASP J 122 78.90 5.15 -68.27
N VAL J 123 79.20 5.53 -69.52
CA VAL J 123 78.20 5.51 -70.57
C VAL J 123 78.06 4.08 -71.08
N LYS J 124 76.83 3.56 -71.06
CA LYS J 124 76.53 2.21 -71.48
C LYS J 124 75.48 2.22 -72.58
N TYR J 125 75.51 1.20 -73.42
CA TYR J 125 74.56 1.08 -74.53
C TYR J 125 74.47 -0.39 -74.94
N GLY J 126 73.30 -1.00 -74.70
CA GLY J 126 73.11 -2.37 -75.09
C GLY J 126 72.88 -2.51 -76.59
N LYS J 127 73.45 -3.56 -77.16
CA LYS J 127 73.31 -3.85 -78.59
C LYS J 127 72.54 -5.14 -78.83
N ARG J 128 72.98 -6.25 -78.24
CA ARG J 128 72.33 -7.54 -78.42
C ARG J 128 72.11 -8.18 -77.05
N ILE J 129 70.92 -8.74 -76.84
CA ILE J 129 70.58 -9.41 -75.60
C ILE J 129 70.01 -10.78 -75.93
N HIS J 130 70.10 -11.68 -74.94
CA HIS J 130 69.58 -13.04 -75.11
C HIS J 130 69.22 -13.56 -73.71
N VAL J 131 67.94 -13.53 -73.39
CA VAL J 131 67.44 -14.01 -72.10
C VAL J 131 66.53 -15.20 -72.34
N LEU J 132 66.45 -16.07 -71.33
CA LEU J 132 65.62 -17.26 -71.41
C LEU J 132 65.17 -17.62 -70.01
N PRO J 133 63.96 -18.15 -69.84
CA PRO J 133 63.47 -18.48 -68.50
C PRO J 133 63.97 -19.85 -68.05
N ILE J 134 63.75 -20.12 -66.77
CA ILE J 134 64.07 -21.41 -66.17
C ILE J 134 62.87 -22.32 -66.30
N ASP J 135 63.13 -23.61 -66.55
CA ASP J 135 62.04 -24.57 -66.75
C ASP J 135 61.43 -24.97 -65.41
N ASP J 136 60.93 -24.00 -64.66
CA ASP J 136 60.28 -24.28 -63.38
C ASP J 136 58.99 -23.47 -63.24
N THR J 137 58.81 -22.46 -64.11
CA THR J 137 57.65 -21.59 -64.05
C THR J 137 57.10 -21.28 -65.43
N VAL J 138 57.36 -22.14 -66.42
CA VAL J 138 56.90 -21.91 -67.78
C VAL J 138 55.97 -23.05 -68.20
N GLU J 139 55.26 -23.62 -67.23
CA GLU J 139 54.34 -24.73 -67.50
C GLU J 139 53.06 -24.18 -68.13
N GLY J 140 52.70 -24.70 -69.30
CA GLY J 140 51.50 -24.27 -69.98
C GLY J 140 51.66 -23.05 -70.86
N ILE J 141 52.88 -22.64 -71.18
CA ILE J 141 53.14 -21.46 -71.99
C ILE J 141 53.76 -21.92 -73.30
N THR J 142 53.16 -21.52 -74.42
CA THR J 142 53.63 -21.88 -75.74
C THR J 142 53.66 -20.65 -76.63
N GLY J 143 54.38 -20.77 -77.75
CA GLY J 143 54.49 -19.69 -78.71
C GLY J 143 55.53 -18.66 -78.30
N ASN J 144 55.56 -17.57 -79.06
CA ASN J 144 56.49 -16.49 -78.80
C ASN J 144 56.12 -15.76 -77.52
N LEU J 145 57.16 -15.38 -76.76
CA LEU J 145 56.95 -14.67 -75.49
C LEU J 145 57.94 -13.53 -75.29
N PHE J 146 58.66 -13.10 -76.32
CA PHE J 146 59.65 -12.03 -76.19
C PHE J 146 59.19 -10.70 -76.77
N GLU J 147 58.42 -10.71 -77.85
CA GLU J 147 57.97 -9.50 -78.50
C GLU J 147 56.61 -9.05 -77.99
N VAL J 148 56.04 -9.75 -77.01
CA VAL J 148 54.71 -9.42 -76.49
C VAL J 148 54.72 -9.01 -75.03
N TYR J 149 55.63 -9.50 -74.19
CA TYR J 149 55.76 -9.02 -72.82
C TYR J 149 57.02 -8.21 -72.58
N LEU J 150 58.19 -8.72 -72.96
CA LEU J 150 59.44 -8.03 -72.67
C LEU J 150 59.55 -6.68 -73.35
N LYS J 151 59.19 -6.59 -74.63
CA LYS J 151 59.30 -5.31 -75.34
C LYS J 151 58.41 -4.23 -74.72
N PRO J 152 57.14 -4.48 -74.40
CA PRO J 152 56.32 -3.40 -73.82
C PRO J 152 56.82 -2.86 -72.49
N TYR J 153 57.32 -3.70 -71.60
CA TYR J 153 57.72 -3.24 -70.28
C TYR J 153 59.12 -2.63 -70.23
N PHE J 154 59.97 -2.91 -71.22
CA PHE J 154 61.32 -2.34 -71.20
C PHE J 154 61.34 -0.86 -71.56
N LEU J 155 60.46 -0.41 -72.45
CA LEU J 155 60.50 0.98 -72.90
C LEU J 155 60.10 1.94 -71.80
N GLU J 156 60.69 3.14 -71.85
CA GLU J 156 60.44 4.21 -70.89
C GLU J 156 60.83 3.80 -69.47
N ALA J 157 61.79 2.89 -69.37
CA ALA J 157 62.28 2.45 -68.06
C ALA J 157 63.78 2.63 -67.94
N TYR J 158 64.51 2.28 -69.02
CA TYR J 158 65.97 2.38 -69.06
C TYR J 158 66.61 1.65 -67.89
N ARG J 159 66.06 0.49 -67.55
CA ARG J 159 66.61 -0.23 -66.41
C ARG J 159 67.92 -0.91 -66.79
N PRO J 160 68.95 -0.80 -65.96
CA PRO J 160 70.22 -1.46 -66.24
C PRO J 160 70.17 -2.94 -65.86
N ILE J 161 71.15 -3.68 -66.38
CA ILE J 161 71.26 -5.10 -66.11
C ILE J 161 72.73 -5.48 -66.20
N ARG J 162 73.18 -6.29 -65.24
CA ARG J 162 74.55 -6.77 -65.20
C ARG J 162 74.59 -8.25 -65.55
N LYS J 163 75.79 -8.76 -65.79
CA LYS J 163 75.95 -10.14 -66.20
C LYS J 163 75.73 -11.08 -65.02
N GLY J 164 74.95 -12.14 -65.25
CA GLY J 164 74.69 -13.12 -64.22
C GLY J 164 73.73 -12.63 -63.15
N ASP J 165 72.54 -12.18 -63.56
CA ASP J 165 71.54 -11.69 -62.64
C ASP J 165 70.18 -12.28 -63.00
N ILE J 166 69.38 -12.59 -61.99
CA ILE J 166 68.05 -13.15 -62.19
C ILE J 166 67.01 -12.12 -61.79
N PHE J 167 66.57 -11.32 -62.77
CA PHE J 167 65.53 -10.34 -62.52
C PHE J 167 64.16 -10.99 -62.48
N LEU J 168 63.24 -10.36 -61.75
CA LEU J 168 61.88 -10.86 -61.60
C LEU J 168 60.91 -9.78 -62.07
N VAL J 169 59.92 -10.19 -62.86
CA VAL J 169 58.93 -9.27 -63.42
C VAL J 169 57.54 -9.79 -63.10
N ARG J 170 56.68 -8.88 -62.65
CA ARG J 170 55.29 -9.18 -62.33
C ARG J 170 54.39 -8.71 -63.46
N GLY J 171 53.41 -9.52 -63.78
CA GLY J 171 52.46 -9.23 -64.84
C GLY J 171 52.21 -10.46 -65.69
N GLY J 172 51.23 -10.35 -66.59
CA GLY J 172 50.90 -11.46 -67.44
C GLY J 172 50.16 -12.58 -66.75
N MET J 173 49.46 -12.29 -65.65
CA MET J 173 48.68 -13.27 -64.91
C MET J 173 49.57 -14.39 -64.38
N ARG J 174 50.82 -14.08 -64.06
CA ARG J 174 51.76 -15.07 -63.57
C ARG J 174 53.00 -14.35 -63.05
N ALA J 175 53.90 -15.12 -62.46
CA ALA J 175 55.18 -14.62 -61.94
C ALA J 175 56.28 -15.44 -62.59
N VAL J 176 56.96 -14.86 -63.58
CA VAL J 176 58.01 -15.54 -64.32
C VAL J 176 59.26 -14.69 -64.29
N GLU J 177 60.39 -15.35 -64.55
CA GLU J 177 61.69 -14.70 -64.53
C GLU J 177 62.51 -15.20 -65.71
N PHE J 178 63.62 -14.51 -65.98
CA PHE J 178 64.52 -14.87 -67.06
C PHE J 178 65.96 -14.73 -66.59
N LYS J 179 66.85 -15.45 -67.26
CA LYS J 179 68.26 -15.47 -66.92
C LYS J 179 69.08 -15.39 -68.18
N VAL J 180 70.11 -14.54 -68.16
CA VAL J 180 71.00 -14.37 -69.32
C VAL J 180 72.19 -15.29 -69.16
N VAL J 181 72.64 -15.85 -70.29
CA VAL J 181 73.76 -16.78 -70.28
C VAL J 181 74.86 -16.33 -71.23
N GLU J 182 74.50 -15.55 -72.24
CA GLU J 182 75.47 -15.11 -73.24
C GLU J 182 74.93 -13.87 -73.95
N THR J 183 75.64 -12.76 -73.80
CA THR J 183 75.28 -11.52 -74.49
C THR J 183 76.56 -10.71 -74.72
N ASP J 184 76.41 -9.41 -75.00
CA ASP J 184 77.56 -8.56 -75.17
C ASP J 184 78.37 -8.48 -73.88
N PRO J 185 79.69 -8.30 -73.99
CA PRO J 185 80.54 -8.32 -72.78
C PRO J 185 80.13 -7.24 -71.78
N SER J 186 80.21 -7.60 -70.50
CA SER J 186 79.80 -6.69 -69.45
C SER J 186 80.74 -5.49 -69.38
N PRO J 187 80.22 -4.29 -69.11
CA PRO J 187 78.80 -4.01 -68.96
C PRO J 187 78.14 -3.63 -70.27
N TYR J 188 77.95 -2.32 -70.47
CA TYR J 188 77.39 -1.78 -71.72
C TYR J 188 76.04 -2.40 -72.04
N CYS J 189 75.21 -2.59 -71.01
CA CYS J 189 73.90 -3.19 -71.15
C CYS J 189 72.84 -2.14 -70.82
N ILE J 190 72.23 -1.56 -71.85
CA ILE J 190 71.16 -0.58 -71.69
C ILE J 190 70.01 -0.99 -72.60
N VAL J 191 68.81 -1.10 -72.04
CA VAL J 191 67.65 -1.50 -72.82
C VAL J 191 67.26 -0.38 -73.77
N ALA J 192 66.92 -0.75 -75.01
CA ALA J 192 66.51 0.20 -76.03
C ALA J 192 65.66 -0.53 -77.04
N PRO J 193 64.65 0.14 -77.61
CA PRO J 193 63.80 -0.54 -78.62
C PRO J 193 64.56 -0.99 -79.85
N ASP J 194 65.70 -0.36 -80.17
CA ASP J 194 66.51 -0.76 -81.32
C ASP J 194 67.26 -2.06 -81.09
N THR J 195 67.41 -2.49 -79.84
CA THR J 195 68.11 -3.72 -79.54
C THR J 195 67.33 -4.93 -80.03
N VAL J 196 68.05 -5.96 -80.45
CA VAL J 196 67.46 -7.18 -80.94
C VAL J 196 67.61 -8.28 -79.90
N ILE J 197 66.80 -9.33 -80.03
CA ILE J 197 66.83 -10.46 -79.10
C ILE J 197 66.73 -11.74 -79.91
N HIS J 198 67.13 -12.85 -79.29
CA HIS J 198 67.08 -14.15 -79.95
C HIS J 198 66.97 -15.23 -78.89
N CYS J 199 66.58 -16.42 -79.33
CA CYS J 199 66.40 -17.56 -78.44
C CYS J 199 66.94 -18.81 -79.11
N GLU J 200 67.27 -19.81 -78.29
CA GLU J 200 67.76 -21.10 -78.76
C GLU J 200 66.71 -22.19 -78.68
N GLY J 201 65.93 -22.22 -77.62
CA GLY J 201 64.88 -23.20 -77.44
C GLY J 201 65.16 -24.29 -76.42
N GLU J 202 66.06 -24.08 -75.47
CA GLU J 202 66.39 -25.08 -74.46
C GLU J 202 66.62 -24.37 -73.13
N PRO J 203 65.62 -24.35 -72.25
CA PRO J 203 65.80 -23.71 -70.95
C PRO J 203 66.80 -24.46 -70.09
N ILE J 204 67.50 -23.72 -69.23
CA ILE J 204 68.50 -24.27 -68.33
C ILE J 204 67.95 -24.23 -66.92
N LYS J 205 68.04 -25.36 -66.21
CA LYS J 205 67.53 -25.45 -64.86
C LYS J 205 68.35 -24.60 -63.91
N ARG J 206 67.70 -24.13 -62.85
CA ARG J 206 68.36 -23.32 -61.84
C ARG J 206 69.21 -24.19 -60.93
N GLU J 207 70.10 -23.54 -60.18
CA GLU J 207 70.99 -24.21 -59.23
C GLU J 207 70.59 -23.83 -57.81
N ASP J 208 71.33 -24.35 -56.84
CA ASP J 208 71.06 -24.11 -55.43
C ASP J 208 71.72 -22.83 -54.92
N GLU J 209 72.55 -22.17 -55.73
CA GLU J 209 73.19 -20.93 -55.30
C GLU J 209 72.18 -19.81 -55.13
N GLU J 210 71.17 -19.73 -56.00
CA GLU J 210 70.16 -18.70 -55.95
C GLU J 210 68.91 -19.20 -55.23
N GLU J 211 68.08 -18.25 -54.83
CA GLU J 211 66.82 -18.54 -54.14
C GLU J 211 65.66 -17.99 -54.96
N SER J 212 64.58 -18.76 -55.03
CA SER J 212 63.41 -18.33 -55.79
C SER J 212 62.74 -17.16 -55.10
N LEU J 213 62.38 -16.14 -55.89
CA LEU J 213 61.70 -14.96 -55.36
C LEU J 213 60.19 -15.15 -55.28
N ASN J 214 59.67 -16.30 -55.70
CA ASN J 214 58.25 -16.58 -55.60
C ASN J 214 57.80 -16.85 -54.17
N GLU J 215 58.73 -17.01 -53.24
CA GLU J 215 58.38 -17.30 -51.85
C GLU J 215 57.98 -16.00 -51.14
N VAL J 216 57.74 -16.13 -49.83
CA VAL J 216 57.19 -15.01 -49.06
C VAL J 216 58.32 -14.24 -48.38
N GLY J 217 58.24 -12.92 -48.45
CA GLY J 217 59.16 -12.04 -47.76
C GLY J 217 58.45 -10.96 -46.98
N TYR J 218 59.19 -9.99 -46.42
CA TYR J 218 58.57 -8.93 -45.65
C TYR J 218 57.63 -8.08 -46.49
N ASP J 219 57.92 -7.90 -47.77
CA ASP J 219 57.08 -7.09 -48.64
C ASP J 219 55.72 -7.72 -48.91
N ASP J 220 55.54 -8.99 -48.57
CA ASP J 220 54.30 -9.70 -48.83
C ASP J 220 53.29 -9.55 -47.71
N ILE J 221 53.65 -8.87 -46.63
CA ILE J 221 52.75 -8.68 -45.49
C ILE J 221 52.07 -7.33 -45.67
N GLY J 222 50.74 -7.31 -45.61
CA GLY J 222 49.99 -6.09 -45.75
C GLY J 222 49.04 -5.83 -44.61
N GLY J 223 49.17 -4.68 -43.97
CA GLY J 223 48.27 -4.31 -42.88
C GLY J 223 48.92 -4.37 -41.52
N CYS J 224 49.77 -5.38 -41.31
CA CYS J 224 50.46 -5.55 -40.03
C CYS J 224 51.76 -4.77 -40.09
N ARG J 225 51.69 -3.49 -39.70
CA ARG J 225 52.87 -2.63 -39.62
C ARG J 225 53.40 -2.51 -38.20
N LYS J 226 52.54 -2.09 -37.27
CA LYS J 226 52.96 -1.96 -35.88
C LYS J 226 53.32 -3.32 -35.27
N GLN J 227 52.55 -4.36 -35.56
CA GLN J 227 52.83 -5.69 -35.03
C GLN J 227 54.07 -6.32 -35.64
N LEU J 228 54.24 -6.21 -36.96
CA LEU J 228 55.44 -6.73 -37.59
C LEU J 228 56.69 -5.97 -37.17
N ALA J 229 56.56 -4.69 -36.81
CA ALA J 229 57.70 -3.92 -36.36
C ALA J 229 58.29 -4.48 -35.07
N GLN J 230 57.47 -5.11 -34.23
CA GLN J 230 57.99 -5.67 -32.98
C GLN J 230 58.86 -6.89 -33.21
N ILE J 231 58.51 -7.78 -34.12
CA ILE J 231 59.30 -8.99 -34.35
C ILE J 231 60.70 -8.65 -34.84
N LYS J 232 60.86 -7.52 -35.52
CA LYS J 232 62.18 -7.08 -35.97
C LYS J 232 63.13 -6.87 -34.81
N GLU J 233 62.67 -6.28 -33.71
CA GLU J 233 63.53 -6.02 -32.56
C GLU J 233 63.53 -7.17 -31.56
N MET J 234 63.01 -8.33 -31.94
CA MET J 234 63.13 -9.51 -31.09
C MET J 234 63.78 -10.71 -31.77
N VAL J 235 63.74 -10.84 -33.10
CA VAL J 235 64.34 -12.00 -33.75
C VAL J 235 65.54 -11.65 -34.63
N GLU J 236 65.82 -10.38 -34.87
CA GLU J 236 66.98 -10.00 -35.67
C GLU J 236 68.28 -9.99 -34.89
N LEU J 237 68.23 -9.88 -33.56
CA LEU J 237 69.46 -9.89 -32.79
C LEU J 237 70.02 -11.31 -32.65
N PRO J 238 69.24 -12.31 -32.23
CA PRO J 238 69.84 -13.65 -32.06
C PRO J 238 70.12 -14.38 -33.36
N LEU J 239 69.38 -14.11 -34.43
CA LEU J 239 69.55 -14.86 -35.66
C LEU J 239 70.58 -14.24 -36.61
N ARG J 240 70.80 -12.93 -36.54
CA ARG J 240 71.77 -12.30 -37.42
C ARG J 240 73.15 -12.21 -36.80
N HIS J 241 73.25 -12.21 -35.46
CA HIS J 241 74.52 -12.07 -34.75
C HIS J 241 74.63 -13.19 -33.72
N PRO J 242 75.00 -14.40 -34.14
CA PRO J 242 75.07 -15.51 -33.18
C PRO J 242 76.26 -15.43 -32.23
N ALA J 243 77.44 -15.07 -32.74
CA ALA J 243 78.62 -15.00 -31.90
C ALA J 243 78.47 -13.97 -30.80
N LEU J 244 77.71 -12.90 -31.04
CA LEU J 244 77.50 -11.90 -29.99
C LEU J 244 76.65 -12.47 -28.85
N PHE J 245 75.69 -13.34 -29.17
CA PHE J 245 74.90 -13.97 -28.13
C PHE J 245 75.65 -15.07 -27.40
N LYS J 246 76.47 -15.85 -28.10
CA LYS J 246 77.40 -16.74 -27.40
C LYS J 246 78.62 -16.00 -26.86
N ALA J 247 78.60 -14.67 -26.81
CA ALA J 247 79.60 -13.90 -26.09
C ALA J 247 79.04 -13.19 -24.88
N ILE J 248 77.83 -12.62 -24.99
CA ILE J 248 77.21 -11.90 -23.88
C ILE J 248 76.35 -12.86 -23.07
N GLY J 249 75.97 -12.44 -21.86
CA GLY J 249 75.12 -13.21 -20.99
C GLY J 249 73.63 -12.92 -21.11
N VAL J 250 73.21 -12.16 -22.11
CA VAL J 250 71.79 -11.84 -22.29
C VAL J 250 71.06 -13.09 -22.77
N LYS J 251 69.90 -13.36 -22.19
CA LYS J 251 69.08 -14.49 -22.61
C LYS J 251 68.06 -14.01 -23.64
N PRO J 252 68.10 -14.51 -24.86
CA PRO J 252 67.11 -14.12 -25.86
C PRO J 252 65.75 -14.73 -25.55
N PRO J 253 64.67 -14.18 -26.10
CA PRO J 253 63.36 -14.82 -25.92
C PRO J 253 63.35 -16.23 -26.50
N ARG J 254 62.69 -17.13 -25.79
CA ARG J 254 62.64 -18.54 -26.16
C ARG J 254 61.28 -18.94 -26.74
N GLY J 255 60.44 -17.96 -27.05
CA GLY J 255 59.13 -18.26 -27.59
C GLY J 255 58.26 -17.04 -27.79
N ILE J 256 57.60 -16.97 -28.93
CA ILE J 256 56.75 -15.84 -29.30
C ILE J 256 55.40 -16.41 -29.70
N LEU J 257 54.32 -15.87 -29.13
CA LEU J 257 52.98 -16.35 -29.43
C LEU J 257 52.23 -15.29 -30.23
N LEU J 258 51.84 -15.64 -31.45
CA LEU J 258 51.07 -14.77 -32.32
C LEU J 258 49.59 -15.02 -32.11
N TYR J 259 48.77 -14.00 -32.40
CA TYR J 259 47.35 -14.11 -32.09
C TYR J 259 46.48 -13.71 -33.27
N GLY J 260 45.18 -13.58 -33.03
CA GLY J 260 44.25 -13.15 -34.06
C GLY J 260 43.45 -14.31 -34.62
N PRO J 261 42.34 -13.98 -35.28
CA PRO J 261 41.51 -15.02 -35.89
C PRO J 261 42.23 -15.66 -37.06
N PRO J 262 41.80 -16.84 -37.50
CA PRO J 262 42.47 -17.51 -38.61
C PRO J 262 42.44 -16.66 -39.88
N GLY J 263 43.52 -16.74 -40.65
CA GLY J 263 43.64 -15.98 -41.87
C GLY J 263 44.25 -14.60 -41.72
N THR J 264 44.54 -14.16 -40.48
CA THR J 264 45.15 -12.85 -40.29
C THR J 264 46.58 -12.80 -40.79
N GLY J 265 47.23 -13.96 -40.93
CA GLY J 265 48.57 -13.98 -41.48
C GLY J 265 49.65 -14.39 -40.51
N LYS J 266 49.30 -15.26 -39.56
CA LYS J 266 50.27 -15.71 -38.57
C LYS J 266 51.31 -16.67 -39.14
N THR J 267 51.08 -17.20 -40.35
CA THR J 267 51.99 -18.21 -40.89
C THR J 267 53.03 -17.62 -41.84
N LEU J 268 52.60 -16.78 -42.80
CA LEU J 268 53.59 -16.21 -43.71
C LEU J 268 54.48 -15.21 -43.01
N ILE J 269 54.06 -14.63 -41.88
CA ILE J 269 54.95 -13.80 -41.09
C ILE J 269 56.14 -14.61 -40.60
N ALA J 270 55.86 -15.78 -40.00
CA ALA J 270 56.92 -16.66 -39.54
C ALA J 270 57.75 -17.20 -40.69
N ARG J 271 57.13 -17.49 -41.83
CA ARG J 271 57.91 -17.96 -42.97
C ARG J 271 58.79 -16.87 -43.57
N ALA J 272 58.33 -15.61 -43.55
CA ALA J 272 59.12 -14.51 -44.09
C ALA J 272 60.28 -14.15 -43.18
N VAL J 273 60.05 -14.09 -41.87
CA VAL J 273 61.14 -13.80 -40.93
C VAL J 273 62.19 -14.91 -40.92
N ALA J 274 61.90 -16.05 -41.55
CA ALA J 274 62.87 -17.11 -41.74
C ALA J 274 63.52 -17.09 -43.10
N ASN J 275 62.74 -16.83 -44.15
CA ASN J 275 63.29 -16.76 -45.50
C ASN J 275 64.27 -15.61 -45.66
N GLU J 276 63.97 -14.45 -45.08
CA GLU J 276 64.85 -13.31 -45.23
C GLU J 276 65.92 -13.23 -44.15
N THR J 277 65.95 -14.17 -43.21
CA THR J 277 67.02 -14.24 -42.21
C THR J 277 67.92 -15.44 -42.37
N GLY J 278 67.64 -16.34 -43.31
CA GLY J 278 68.49 -17.49 -43.54
C GLY J 278 68.45 -18.51 -42.43
N ALA J 279 67.41 -18.52 -41.62
CA ALA J 279 67.24 -19.48 -40.55
C ALA J 279 66.44 -20.69 -41.03
N PHE J 280 66.83 -21.86 -40.55
CA PHE J 280 66.16 -23.10 -40.94
C PHE J 280 64.73 -23.07 -40.42
N PHE J 281 63.77 -22.87 -41.31
CA PHE J 281 62.36 -22.83 -40.96
C PHE J 281 61.81 -24.25 -40.96
N PHE J 282 61.22 -24.67 -39.84
CA PHE J 282 60.61 -25.98 -39.71
C PHE J 282 59.18 -25.78 -39.22
N LEU J 283 58.22 -26.14 -40.05
CA LEU J 283 56.80 -25.93 -39.75
C LEU J 283 56.18 -27.23 -39.25
N ILE J 284 55.51 -27.16 -38.12
CA ILE J 284 54.64 -28.23 -37.64
C ILE J 284 53.26 -27.64 -37.42
N ASN J 285 52.26 -28.27 -38.03
CA ASN J 285 50.91 -27.71 -38.05
C ASN J 285 50.26 -27.82 -36.67
N GLY J 286 50.15 -29.03 -36.15
CA GLY J 286 49.51 -29.27 -34.88
C GLY J 286 48.45 -30.36 -34.91
N PRO J 287 47.66 -30.44 -35.98
CA PRO J 287 46.78 -31.61 -36.15
C PRO J 287 47.52 -32.86 -36.56
N GLU J 288 48.67 -32.76 -37.21
CA GLU J 288 49.41 -33.97 -37.58
C GLU J 288 49.93 -34.71 -36.36
N ILE J 289 50.18 -33.99 -35.26
CA ILE J 289 50.60 -34.63 -34.02
C ILE J 289 49.50 -35.56 -33.52
N MET J 290 48.24 -35.11 -33.53
CA MET J 290 47.14 -35.98 -33.15
C MET J 290 46.73 -36.94 -34.25
N SER J 291 47.20 -36.73 -35.49
CA SER J 291 46.82 -37.62 -36.58
C SER J 291 47.45 -38.99 -36.43
N LYS J 292 48.68 -39.06 -35.95
CA LYS J 292 49.42 -40.31 -35.90
C LYS J 292 49.08 -41.08 -34.63
N LEU J 293 49.56 -42.32 -34.57
CA LEU J 293 49.24 -43.19 -33.45
C LEU J 293 49.88 -42.70 -32.16
N ALA J 294 49.28 -43.08 -31.03
CA ALA J 294 49.75 -42.68 -29.72
C ALA J 294 51.05 -43.42 -29.39
N GLY J 295 52.15 -42.67 -29.31
CA GLY J 295 53.43 -43.25 -28.98
C GLY J 295 54.54 -42.75 -29.85
N GLU J 296 54.25 -42.49 -31.13
CA GLU J 296 55.22 -41.92 -32.05
C GLU J 296 54.98 -40.45 -32.30
N SER J 297 53.80 -39.92 -31.95
CA SER J 297 53.56 -38.50 -32.09
C SER J 297 54.48 -37.70 -31.19
N GLU J 298 54.67 -38.16 -29.94
CA GLU J 298 55.62 -37.50 -29.06
C GLU J 298 57.04 -37.57 -29.61
N SER J 299 57.44 -38.73 -30.12
CA SER J 299 58.77 -38.87 -30.71
C SER J 299 58.97 -37.96 -31.92
N ASN J 300 57.91 -37.73 -32.71
CA ASN J 300 58.08 -36.95 -33.93
C ASN J 300 58.34 -35.49 -33.61
N LEU J 301 57.51 -34.89 -32.75
CA LEU J 301 57.78 -33.50 -32.39
C LEU J 301 58.94 -33.39 -31.40
N ARG J 302 59.39 -34.51 -30.83
CA ARG J 302 60.67 -34.49 -30.13
C ARG J 302 61.82 -34.34 -31.12
N LYS J 303 61.93 -35.27 -32.06
CA LYS J 303 63.01 -35.22 -33.04
C LYS J 303 62.95 -33.96 -33.89
N ALA J 304 61.78 -33.35 -34.00
CA ALA J 304 61.68 -32.04 -34.63
C ALA J 304 62.57 -31.01 -33.97
N PHE J 305 62.69 -31.06 -32.63
CA PHE J 305 63.53 -30.09 -31.93
C PHE J 305 65.02 -30.34 -32.13
N GLU J 306 65.50 -31.58 -32.04
CA GLU J 306 66.91 -31.83 -32.30
C GLU J 306 67.30 -31.61 -33.75
N GLU J 307 66.46 -31.96 -34.73
CA GLU J 307 66.85 -31.70 -36.10
C GLU J 307 66.92 -30.20 -36.37
N ALA J 308 66.12 -29.40 -35.67
CA ALA J 308 66.23 -27.95 -35.76
C ALA J 308 67.50 -27.43 -35.11
N GLU J 309 67.92 -28.02 -33.99
CA GLU J 309 69.09 -27.51 -33.27
C GLU J 309 70.35 -27.58 -34.11
N LYS J 310 70.58 -28.70 -34.82
CA LYS J 310 71.81 -28.83 -35.59
C LYS J 310 71.79 -27.95 -36.83
N ASN J 311 70.60 -27.50 -37.24
CA ASN J 311 70.48 -26.50 -38.31
C ASN J 311 70.44 -25.09 -37.73
N ALA J 312 71.40 -24.76 -36.87
CA ALA J 312 71.44 -23.45 -36.26
C ALA J 312 71.99 -22.41 -37.25
N PRO J 313 71.42 -21.21 -37.28
CA PRO J 313 70.25 -20.81 -36.49
C PRO J 313 68.97 -21.34 -37.09
N ALA J 314 67.98 -21.63 -36.24
CA ALA J 314 66.74 -22.25 -36.67
C ALA J 314 65.56 -21.47 -36.14
N ILE J 315 64.38 -21.80 -36.65
CA ILE J 315 63.13 -21.16 -36.24
C ILE J 315 62.01 -22.17 -36.38
N ILE J 316 61.27 -22.38 -35.29
CA ILE J 316 60.19 -23.36 -35.24
C ILE J 316 58.88 -22.61 -35.08
N PHE J 317 57.92 -22.93 -35.94
CA PHE J 317 56.60 -22.30 -35.88
C PHE J 317 55.56 -23.39 -35.74
N ILE J 318 54.69 -23.25 -34.74
CA ILE J 318 53.60 -24.19 -34.50
C ILE J 318 52.31 -23.51 -34.95
N ASP J 319 51.71 -24.05 -36.02
CA ASP J 319 50.57 -23.37 -36.64
C ASP J 319 49.32 -23.49 -35.76
N GLU J 320 48.93 -24.70 -35.42
CA GLU J 320 47.79 -24.94 -34.55
C GLU J 320 48.30 -25.27 -33.16
N LEU J 321 48.02 -24.39 -32.20
CA LEU J 321 48.44 -24.61 -30.82
C LEU J 321 47.24 -24.79 -29.90
N ASP J 322 46.13 -24.12 -30.22
CA ASP J 322 44.90 -24.35 -29.46
C ASP J 322 44.41 -25.79 -29.62
N ALA J 323 44.79 -26.45 -30.71
CA ALA J 323 44.49 -27.86 -30.91
C ALA J 323 45.49 -28.78 -30.23
N ILE J 324 46.54 -28.22 -29.62
CA ILE J 324 47.53 -29.00 -28.90
C ILE J 324 47.27 -28.98 -27.40
N ALA J 325 46.99 -27.80 -26.83
CA ALA J 325 46.81 -27.63 -25.39
C ALA J 325 45.53 -26.85 -25.11
N PRO J 326 44.36 -27.48 -25.26
CA PRO J 326 43.10 -26.87 -24.81
C PRO J 326 42.76 -27.23 -23.37
N LYS J 327 43.68 -26.90 -22.44
CA LYS J 327 43.61 -27.39 -21.07
C LYS J 327 42.69 -26.46 -20.27
N ARG J 328 41.43 -26.41 -20.70
CA ARG J 328 40.42 -25.65 -19.98
C ARG J 328 39.16 -26.46 -19.70
N GLU J 329 38.74 -27.28 -20.65
CA GLU J 329 37.50 -28.02 -20.51
C GLU J 329 37.62 -29.44 -21.03
N LYS J 330 38.78 -29.80 -21.59
CA LYS J 330 38.92 -31.12 -22.17
C LYS J 330 39.05 -32.17 -21.07
N THR J 331 40.13 -32.09 -20.30
CA THR J 331 40.38 -33.00 -19.17
C THR J 331 40.13 -34.46 -19.55
N HIS J 332 40.39 -34.79 -20.82
CA HIS J 332 40.04 -36.09 -21.36
C HIS J 332 41.14 -36.54 -22.31
N GLY J 333 41.60 -37.77 -22.14
CA GLY J 333 42.65 -38.29 -22.97
C GLY J 333 43.99 -38.32 -22.27
N GLU J 334 44.49 -39.53 -21.99
CA GLU J 334 45.79 -39.66 -21.35
C GLU J 334 46.90 -39.09 -22.22
N VAL J 335 46.83 -39.29 -23.53
CA VAL J 335 47.89 -38.81 -24.41
C VAL J 335 47.87 -37.30 -24.60
N GLU J 336 46.72 -36.65 -24.40
CA GLU J 336 46.68 -35.19 -24.54
C GLU J 336 47.61 -34.52 -23.54
N ARG J 337 47.49 -34.88 -22.26
CA ARG J 337 48.38 -34.36 -21.24
C ARG J 337 49.82 -34.78 -21.47
N ARG J 338 50.06 -36.00 -21.95
CA ARG J 338 51.42 -36.43 -22.25
C ARG J 338 52.06 -35.55 -23.32
N ILE J 339 51.33 -35.25 -24.40
CA ILE J 339 51.88 -34.38 -25.44
C ILE J 339 52.07 -32.96 -24.92
N VAL J 340 51.11 -32.45 -24.14
CA VAL J 340 51.26 -31.11 -23.60
C VAL J 340 52.51 -31.01 -22.75
N SER J 341 52.71 -31.97 -21.85
CA SER J 341 53.91 -31.99 -21.02
C SER J 341 55.17 -32.21 -21.85
N GLN J 342 55.09 -33.02 -22.92
CA GLN J 342 56.26 -33.23 -23.77
C GLN J 342 56.69 -31.93 -24.41
N LEU J 343 55.72 -31.14 -24.92
CA LEU J 343 56.02 -29.81 -25.42
C LEU J 343 56.58 -28.90 -24.34
N LEU J 344 56.01 -28.96 -23.13
CA LEU J 344 56.52 -28.13 -22.05
C LEU J 344 57.96 -28.49 -21.70
N THR J 345 58.31 -29.77 -21.72
CA THR J 345 59.68 -30.16 -21.46
C THR J 345 60.62 -29.75 -22.57
N LEU J 346 60.19 -29.94 -23.83
CA LEU J 346 61.01 -29.56 -24.97
C LEU J 346 61.29 -28.07 -25.03
N MET J 347 60.34 -27.22 -24.61
CA MET J 347 60.56 -25.79 -24.58
C MET J 347 61.18 -25.29 -23.28
N ASP J 348 61.07 -26.05 -22.19
CA ASP J 348 61.72 -25.65 -20.95
C ASP J 348 63.22 -25.81 -21.03
N GLY J 349 63.69 -26.85 -21.71
CA GLY J 349 65.11 -27.10 -21.85
C GLY J 349 65.74 -26.37 -23.01
N LEU J 350 65.37 -25.09 -23.17
CA LEU J 350 65.93 -24.26 -24.25
C LEU J 350 67.01 -23.36 -23.64
N LYS J 351 68.20 -23.94 -23.49
CA LYS J 351 69.36 -23.21 -23.01
C LYS J 351 70.01 -22.44 -24.16
N GLN J 352 71.21 -21.91 -23.94
CA GLN J 352 71.87 -21.13 -24.98
C GLN J 352 72.15 -22.01 -26.20
N ARG J 353 73.03 -22.99 -26.03
CA ARG J 353 73.28 -24.04 -27.03
C ARG J 353 73.32 -23.51 -28.45
N ALA J 354 72.16 -23.52 -29.11
CA ALA J 354 72.03 -23.01 -30.47
C ALA J 354 70.87 -22.02 -30.54
N HIS J 355 70.72 -21.33 -31.67
CA HIS J 355 69.67 -20.32 -31.82
C HIS J 355 68.44 -20.98 -32.43
N VAL J 356 67.48 -21.30 -31.58
CA VAL J 356 66.18 -21.78 -32.01
C VAL J 356 65.11 -20.89 -31.40
N ILE J 357 64.19 -20.43 -32.24
CA ILE J 357 63.09 -19.57 -31.82
C ILE J 357 61.81 -20.34 -32.10
N VAL J 358 60.98 -20.50 -31.08
CA VAL J 358 59.76 -21.29 -31.16
C VAL J 358 58.58 -20.35 -31.16
N MET J 359 58.09 -19.98 -32.34
CA MET J 359 56.89 -19.19 -32.46
C MET J 359 55.67 -20.10 -32.58
N ALA J 360 54.51 -19.56 -32.22
CA ALA J 360 53.28 -20.34 -32.24
C ALA J 360 52.11 -19.42 -32.54
N ALA J 361 51.03 -20.01 -33.05
CA ALA J 361 49.85 -19.26 -33.43
C ALA J 361 48.61 -19.92 -32.84
N THR J 362 47.67 -19.07 -32.42
CA THR J 362 46.40 -19.51 -31.85
C THR J 362 45.41 -18.36 -32.00
N ASN J 363 44.15 -18.62 -31.69
CA ASN J 363 43.09 -17.66 -31.95
C ASN J 363 42.88 -16.74 -30.77
N ARG J 364 42.64 -17.28 -29.57
CA ARG J 364 42.42 -16.48 -28.38
C ARG J 364 43.57 -16.61 -27.39
N PRO J 365 43.85 -15.56 -26.62
CA PRO J 365 44.75 -15.72 -25.47
C PRO J 365 44.30 -16.74 -24.43
N ASN J 366 42.99 -16.89 -24.14
CA ASN J 366 42.61 -17.83 -23.10
C ASN J 366 42.52 -19.27 -23.59
N SER J 367 42.63 -19.53 -24.89
CA SER J 367 42.49 -20.88 -25.43
C SER J 367 43.80 -21.66 -25.41
N ILE J 368 44.74 -21.27 -24.54
CA ILE J 368 46.05 -21.89 -24.44
C ILE J 368 46.28 -22.29 -23.00
N ASP J 369 46.93 -23.43 -22.79
CA ASP J 369 47.27 -23.89 -21.47
C ASP J 369 48.07 -22.81 -20.73
N PRO J 370 47.62 -22.37 -19.55
CA PRO J 370 48.38 -21.33 -18.83
C PRO J 370 49.79 -21.77 -18.47
N ALA J 371 50.05 -23.06 -18.34
CA ALA J 371 51.41 -23.53 -18.07
C ALA J 371 52.35 -23.22 -19.23
N LEU J 372 51.81 -22.95 -20.41
CA LEU J 372 52.63 -22.58 -21.56
C LEU J 372 53.02 -21.11 -21.58
N ARG J 373 52.41 -20.30 -20.73
CA ARG J 373 52.67 -18.87 -20.67
C ARG J 373 53.72 -18.50 -19.63
N ARG J 374 54.31 -19.49 -18.97
CA ARG J 374 55.31 -19.24 -17.94
C ARG J 374 56.58 -18.67 -18.56
N PHE J 375 57.48 -18.21 -17.71
CA PHE J 375 58.76 -17.68 -18.17
C PHE J 375 59.62 -18.79 -18.75
N GLY J 376 60.25 -18.50 -19.89
CA GLY J 376 61.06 -19.48 -20.58
C GLY J 376 60.33 -20.31 -21.61
N ARG J 377 59.00 -20.22 -21.67
CA ARG J 377 58.24 -20.92 -22.70
C ARG J 377 57.55 -19.98 -23.66
N PHE J 378 56.70 -19.07 -23.16
CA PHE J 378 56.11 -18.03 -24.00
C PHE J 378 56.05 -16.76 -23.16
N ASP J 379 57.12 -15.97 -23.23
CA ASP J 379 57.19 -14.71 -22.51
C ASP J 379 56.74 -13.54 -23.37
N ARG J 380 57.10 -13.54 -24.64
CA ARG J 380 56.74 -12.48 -25.56
C ARG J 380 55.50 -12.89 -26.34
N GLU J 381 54.47 -12.04 -26.31
CA GLU J 381 53.23 -12.27 -27.04
C GLU J 381 52.89 -11.05 -27.87
N VAL J 382 52.56 -11.28 -29.13
CA VAL J 382 52.17 -10.22 -30.05
C VAL J 382 50.79 -10.55 -30.61
N ASP J 383 49.86 -9.61 -30.48
CA ASP J 383 48.49 -9.78 -30.94
C ASP J 383 48.28 -9.00 -32.22
N ILE J 384 47.80 -9.68 -33.26
CA ILE J 384 47.46 -9.04 -34.52
C ILE J 384 45.96 -9.19 -34.73
N GLY J 385 45.40 -8.29 -35.54
CA GLY J 385 43.98 -8.24 -35.74
C GLY J 385 43.62 -7.86 -37.17
N ILE J 386 42.37 -7.42 -37.32
CA ILE J 386 41.86 -7.07 -38.65
C ILE J 386 42.51 -5.78 -39.13
N PRO J 387 43.11 -5.74 -40.32
CA PRO J 387 43.67 -4.50 -40.83
C PRO J 387 42.58 -3.47 -41.09
N ASP J 388 42.96 -2.20 -40.93
CA ASP J 388 42.03 -1.10 -41.20
C ASP J 388 41.96 -0.83 -42.69
N ALA J 389 41.26 0.24 -43.08
CA ALA J 389 41.15 0.57 -44.50
C ALA J 389 42.52 0.86 -45.10
N THR J 390 43.36 1.61 -44.40
CA THR J 390 44.72 1.82 -44.86
C THR J 390 45.52 0.53 -44.87
N GLY J 391 45.35 -0.32 -43.86
CA GLY J 391 46.02 -1.60 -43.82
C GLY J 391 45.51 -2.55 -44.88
N ARG J 392 44.21 -2.49 -45.15
CA ARG J 392 43.62 -3.33 -46.19
C ARG J 392 44.00 -2.88 -47.58
N LEU J 393 44.21 -1.58 -47.81
CA LEU J 393 44.57 -1.12 -49.14
C LEU J 393 45.88 -1.73 -49.59
N GLU J 394 46.88 -1.77 -48.72
CA GLU J 394 48.18 -2.30 -49.10
C GLU J 394 48.17 -3.81 -49.22
N ILE J 395 47.08 -4.47 -48.79
CA ILE J 395 47.01 -5.93 -48.90
C ILE J 395 46.35 -6.38 -50.18
N LEU J 396 45.70 -5.47 -50.91
CA LEU J 396 45.09 -5.85 -52.19
C LEU J 396 46.13 -5.94 -53.30
N GLN J 397 46.92 -4.88 -53.51
CA GLN J 397 47.82 -4.85 -54.66
C GLN J 397 48.90 -5.92 -54.59
N ILE J 398 49.29 -6.37 -53.41
CA ILE J 398 50.26 -7.46 -53.31
C ILE J 398 49.69 -8.76 -53.89
N HIS J 399 48.38 -8.96 -53.78
CA HIS J 399 47.74 -10.15 -54.33
C HIS J 399 47.23 -9.99 -55.75
N THR J 400 47.27 -8.78 -56.32
CA THR J 400 46.82 -8.55 -57.68
C THR J 400 47.90 -7.93 -58.56
N LYS J 401 49.16 -7.94 -58.10
CA LYS J 401 50.25 -7.44 -58.93
C LYS J 401 50.37 -8.18 -60.26
N ASN J 402 49.97 -9.45 -60.31
CA ASN J 402 50.08 -10.23 -61.54
C ASN J 402 48.94 -9.98 -62.53
N MET J 403 47.73 -9.69 -62.04
CA MET J 403 46.59 -9.48 -62.92
C MET J 403 46.44 -7.99 -63.20
N LYS J 404 46.50 -7.63 -64.47
CA LYS J 404 46.42 -6.22 -64.87
C LYS J 404 45.00 -5.70 -64.66
N LEU J 405 44.93 -4.42 -64.31
CA LEU J 405 43.67 -3.74 -64.05
C LEU J 405 43.32 -2.79 -65.19
N ALA J 406 42.11 -2.24 -65.13
CA ALA J 406 41.66 -1.25 -66.10
C ALA J 406 41.84 0.14 -65.52
N ASP J 407 41.65 1.16 -66.36
CA ASP J 407 41.81 2.55 -65.94
C ASP J 407 40.70 2.98 -65.00
N ASP J 408 39.57 2.29 -64.97
CA ASP J 408 38.45 2.65 -64.10
C ASP J 408 38.34 1.74 -62.88
N VAL J 409 39.31 0.87 -62.65
CA VAL J 409 39.29 -0.06 -61.53
C VAL J 409 40.24 0.46 -60.47
N ASP J 410 39.69 0.85 -59.32
CA ASP J 410 40.46 1.38 -58.20
C ASP J 410 40.25 0.50 -56.99
N LEU J 411 41.34 0.06 -56.37
CA LEU J 411 41.29 -0.82 -55.22
C LEU J 411 41.05 -0.06 -53.91
N GLU J 412 41.16 1.26 -53.90
CA GLU J 412 40.93 2.02 -52.68
C GLU J 412 39.48 2.01 -52.26
N GLN J 413 38.55 2.26 -53.19
CA GLN J 413 37.13 2.31 -52.85
C GLN J 413 36.57 0.95 -52.50
N VAL J 414 37.19 -0.14 -52.94
CA VAL J 414 36.69 -1.47 -52.62
C VAL J 414 37.13 -1.93 -51.23
N ALA J 415 38.13 -1.28 -50.64
CA ALA J 415 38.59 -1.58 -49.30
C ALA J 415 38.01 -0.63 -48.26
N ASN J 416 36.90 0.03 -48.60
CA ASN J 416 36.26 1.01 -47.73
C ASN J 416 34.99 0.50 -47.09
N GLU J 417 34.07 -0.08 -47.88
CA GLU J 417 32.82 -0.59 -47.33
C GLU J 417 33.00 -1.90 -46.59
N THR J 418 34.12 -2.58 -46.77
CA THR J 418 34.41 -3.80 -46.04
C THR J 418 35.21 -3.47 -44.78
N HIS J 419 34.78 -4.05 -43.67
CA HIS J 419 35.46 -3.83 -42.39
C HIS J 419 35.69 -5.15 -41.67
N GLY J 420 34.89 -6.16 -42.01
CA GLY J 420 34.99 -7.45 -41.36
C GLY J 420 35.62 -8.52 -42.22
N HIS J 421 36.66 -8.16 -42.96
CA HIS J 421 37.36 -9.08 -43.84
C HIS J 421 38.74 -9.37 -43.27
N VAL J 422 39.03 -10.65 -43.06
CA VAL J 422 40.35 -11.09 -42.62
C VAL J 422 41.29 -11.07 -43.83
N GLY J 423 42.60 -11.07 -43.56
CA GLY J 423 43.57 -10.97 -44.64
C GLY J 423 43.41 -12.05 -45.70
N ALA J 424 43.01 -13.25 -45.30
CA ALA J 424 42.72 -14.33 -46.25
C ALA J 424 41.43 -14.11 -47.00
N ASP J 425 40.48 -13.36 -46.44
CA ASP J 425 39.23 -13.07 -47.13
C ASP J 425 39.47 -12.35 -48.44
N LEU J 426 40.28 -11.29 -48.41
CA LEU J 426 40.59 -10.55 -49.63
C LEU J 426 41.48 -11.34 -50.59
N ALA J 427 42.37 -12.19 -50.05
CA ALA J 427 43.15 -13.06 -50.91
C ALA J 427 42.25 -14.00 -51.71
N ALA J 428 41.23 -14.55 -51.04
CA ALA J 428 40.24 -15.35 -51.75
C ALA J 428 39.39 -14.52 -52.69
N LEU J 429 39.04 -13.30 -52.29
CA LEU J 429 38.18 -12.43 -53.10
C LEU J 429 38.83 -12.06 -54.42
N CYS J 430 40.14 -11.75 -54.41
CA CYS J 430 40.83 -11.43 -55.66
C CYS J 430 40.74 -12.57 -56.66
N SER J 431 41.09 -13.79 -56.22
CA SER J 431 40.98 -14.93 -57.12
C SER J 431 39.54 -15.15 -57.55
N GLU J 432 38.58 -15.04 -56.63
CA GLU J 432 37.19 -15.26 -56.98
C GLU J 432 36.70 -14.28 -58.05
N ALA J 433 37.12 -13.02 -57.95
CA ALA J 433 36.80 -12.08 -59.02
C ALA J 433 37.51 -12.46 -60.32
N ALA J 434 38.69 -13.06 -60.23
CA ALA J 434 39.40 -13.48 -61.44
C ALA J 434 38.62 -14.53 -62.23
N LEU J 435 38.01 -15.51 -61.56
CA LEU J 435 37.22 -16.50 -62.30
C LEU J 435 36.05 -15.86 -63.03
N GLN J 436 35.34 -14.92 -62.38
CA GLN J 436 34.26 -14.24 -63.10
C GLN J 436 34.79 -13.45 -64.28
N ALA J 437 35.93 -12.76 -64.10
CA ALA J 437 36.51 -11.98 -65.19
C ALA J 437 36.85 -12.85 -66.39
N ILE J 438 37.39 -14.05 -66.17
CA ILE J 438 37.71 -14.93 -67.30
C ILE J 438 36.49 -15.69 -67.82
N ARG J 439 35.50 -15.93 -66.96
CA ARG J 439 34.30 -16.65 -67.37
C ARG J 439 33.42 -15.80 -68.27
N LYS J 440 33.35 -14.49 -68.01
CA LYS J 440 32.52 -13.64 -68.85
C LYS J 440 33.06 -13.52 -70.28
N LYS J 441 34.28 -13.97 -70.55
CA LYS J 441 34.83 -13.92 -71.90
C LYS J 441 35.09 -15.29 -72.51
N MET J 442 35.29 -16.34 -71.70
CA MET J 442 35.52 -17.65 -72.29
C MET J 442 34.29 -18.18 -73.02
N ASP J 443 33.10 -17.76 -72.62
CA ASP J 443 31.88 -18.21 -73.31
C ASP J 443 31.85 -17.72 -74.75
N LEU J 444 32.30 -16.50 -75.01
CA LEU J 444 32.32 -15.97 -76.36
C LEU J 444 33.60 -16.31 -77.12
N ILE J 445 34.72 -16.48 -76.42
CA ILE J 445 35.96 -16.84 -77.10
C ILE J 445 35.87 -18.24 -77.69
N ASP J 446 35.40 -19.20 -76.88
CA ASP J 446 35.19 -20.58 -77.31
C ASP J 446 36.45 -21.19 -77.92
N LEU J 447 37.52 -21.21 -77.13
CA LEU J 447 38.80 -21.79 -77.54
C LEU J 447 39.06 -23.02 -76.68
N GLU J 448 38.57 -24.17 -77.14
CA GLU J 448 38.76 -25.43 -76.44
C GLU J 448 39.88 -26.21 -77.11
N ASP J 449 40.95 -26.45 -76.37
CA ASP J 449 42.11 -27.16 -76.89
C ASP J 449 42.90 -27.73 -75.71
N GLU J 450 43.88 -28.57 -76.02
CA GLU J 450 44.72 -29.17 -75.00
C GLU J 450 45.60 -28.13 -74.33
N THR J 451 46.43 -27.46 -75.12
CA THR J 451 47.32 -26.42 -74.59
C THR J 451 46.75 -25.05 -74.89
N ILE J 452 46.72 -24.21 -73.86
CA ILE J 452 46.16 -22.86 -73.95
C ILE J 452 47.28 -21.89 -74.34
N ASP J 453 47.03 -21.12 -75.38
CA ASP J 453 48.03 -20.17 -75.88
C ASP J 453 48.25 -19.05 -74.85
N ALA J 454 49.50 -18.58 -74.80
CA ALA J 454 49.91 -17.54 -73.87
C ALA J 454 49.65 -16.13 -74.41
N GLU J 455 49.09 -16.01 -75.61
CA GLU J 455 48.82 -14.72 -76.22
C GLU J 455 47.47 -14.13 -75.82
N VAL J 456 46.78 -14.75 -74.87
CA VAL J 456 45.48 -14.25 -74.41
C VAL J 456 45.51 -13.72 -72.99
N MET J 457 46.44 -14.18 -72.13
CA MET J 457 46.53 -13.63 -70.78
C MET J 457 46.84 -12.14 -70.77
N ASN J 458 47.54 -11.64 -71.79
CA ASN J 458 47.80 -10.21 -71.89
C ASN J 458 46.53 -9.39 -72.02
N SER J 459 45.45 -9.98 -72.54
CA SER J 459 44.18 -9.30 -72.69
C SER J 459 43.24 -9.51 -71.51
N LEU J 460 43.64 -10.31 -70.52
CA LEU J 460 42.80 -10.57 -69.37
C LEU J 460 42.89 -9.39 -68.42
N ALA J 461 41.95 -8.46 -68.55
CA ALA J 461 41.88 -7.28 -67.69
C ALA J 461 40.62 -7.36 -66.85
N VAL J 462 40.78 -7.26 -65.53
CA VAL J 462 39.65 -7.31 -64.62
C VAL J 462 38.86 -6.00 -64.73
N THR J 463 37.55 -6.10 -64.53
CA THR J 463 36.66 -4.95 -64.59
C THR J 463 36.12 -4.67 -63.19
N MET J 464 35.49 -3.49 -63.05
CA MET J 464 34.93 -3.12 -61.77
C MET J 464 33.72 -4.00 -61.43
N ASP J 465 32.91 -4.33 -62.43
CA ASP J 465 31.78 -5.24 -62.22
C ASP J 465 32.22 -6.61 -61.76
N ASP J 466 33.45 -7.02 -62.09
CA ASP J 466 33.97 -8.27 -61.54
C ASP J 466 34.06 -8.19 -60.03
N PHE J 467 34.34 -7.01 -59.49
CA PHE J 467 34.45 -6.80 -58.06
C PHE J 467 33.11 -6.49 -57.40
N ARG J 468 32.17 -5.87 -58.13
CA ARG J 468 30.86 -5.64 -57.56
C ARG J 468 30.18 -6.94 -57.14
N TRP J 469 30.27 -7.98 -57.97
CA TRP J 469 29.71 -9.28 -57.60
C TRP J 469 30.52 -9.95 -56.51
N ALA J 470 31.81 -9.60 -56.37
CA ALA J 470 32.70 -10.22 -55.41
C ALA J 470 32.31 -9.92 -53.96
N LEU J 471 31.74 -8.75 -53.68
CA LEU J 471 31.34 -8.38 -52.33
C LEU J 471 29.90 -8.76 -52.02
N SER J 472 29.24 -9.48 -52.92
CA SER J 472 27.85 -9.86 -52.72
C SER J 472 27.70 -11.28 -52.22
N GLN J 473 28.25 -12.27 -52.92
CA GLN J 473 28.13 -13.66 -52.50
C GLN J 473 29.21 -14.09 -51.52
N SER J 474 30.25 -13.29 -51.32
CA SER J 474 31.31 -13.65 -50.39
C SER J 474 30.85 -13.41 -48.97
N ASN J 475 30.87 -14.47 -48.16
CA ASN J 475 30.46 -14.38 -46.77
C ASN J 475 31.69 -14.37 -45.88
N PRO J 476 32.06 -13.23 -45.31
CA PRO J 476 33.28 -13.18 -44.49
C PRO J 476 33.10 -13.92 -43.18
N SER J 477 34.23 -14.29 -42.59
CA SER J 477 34.24 -15.08 -41.36
C SER J 477 34.27 -14.20 -40.11
N ALA J 478 35.28 -13.34 -40.00
CA ALA J 478 35.46 -12.51 -38.81
C ALA J 478 34.56 -11.28 -38.93
N LEU J 479 33.40 -11.33 -38.27
CA LEU J 479 32.48 -10.20 -38.25
C LEU J 479 32.18 -9.68 -36.85
N ARG J 480 32.13 -10.55 -35.84
CA ARG J 480 31.80 -10.16 -34.47
C ARG J 480 33.06 -10.33 -33.63
N GLU J 481 33.88 -9.29 -33.62
CA GLU J 481 35.12 -9.28 -32.85
C GLU J 481 35.42 -7.84 -32.46
N THR J 482 36.46 -7.67 -31.65
CA THR J 482 36.87 -6.34 -31.21
C THR J 482 37.66 -5.66 -32.32
N VAL J 483 37.06 -4.64 -32.94
CA VAL J 483 37.71 -3.89 -34.00
C VAL J 483 38.60 -2.84 -33.34
N VAL J 484 39.91 -3.00 -33.48
CA VAL J 484 40.87 -2.08 -32.88
C VAL J 484 41.57 -1.30 -33.99
N GLU J 485 41.02 -0.15 -34.35
CA GLU J 485 41.54 0.68 -35.42
C GLU J 485 41.58 2.14 -34.98
N VAL J 486 42.47 2.89 -35.60
CA VAL J 486 42.61 4.33 -35.34
C VAL J 486 41.53 5.04 -36.15
N PRO J 487 40.70 5.87 -35.53
CA PRO J 487 39.61 6.53 -36.26
C PRO J 487 40.13 7.56 -37.23
N GLN J 488 39.22 8.06 -38.07
CA GLN J 488 39.52 9.05 -39.09
C GLN J 488 38.85 10.39 -38.82
N VAL J 489 38.13 10.53 -37.71
CA VAL J 489 37.40 11.75 -37.38
C VAL J 489 38.26 12.58 -36.44
N THR J 490 38.51 13.84 -36.83
CA THR J 490 39.38 14.74 -36.10
C THR J 490 38.53 15.83 -35.44
N TRP J 491 39.16 16.66 -34.61
CA TRP J 491 38.48 17.80 -34.00
C TRP J 491 38.10 18.87 -35.00
N GLU J 492 38.85 18.99 -36.10
CA GLU J 492 38.55 20.01 -37.11
C GLU J 492 37.18 19.81 -37.73
N ASP J 493 36.82 18.57 -38.06
CA ASP J 493 35.52 18.30 -38.65
C ASP J 493 34.38 18.41 -37.65
N ILE J 494 34.69 18.49 -36.36
CA ILE J 494 33.69 18.75 -35.33
C ILE J 494 33.68 20.25 -35.06
N GLY J 495 32.57 20.91 -35.36
CA GLY J 495 32.42 22.31 -35.05
C GLY J 495 31.90 22.51 -33.64
N GLY J 496 32.26 23.64 -33.05
CA GLY J 496 31.74 23.97 -31.73
C GLY J 496 32.27 23.03 -30.66
N LEU J 497 31.51 22.94 -29.57
CA LEU J 497 31.85 22.14 -28.40
C LEU J 497 33.24 22.50 -27.88
N GLU J 498 33.51 23.81 -27.87
CA GLU J 498 34.76 24.31 -27.31
C GLU J 498 34.89 24.03 -25.83
N ASP J 499 33.78 23.98 -25.09
CA ASP J 499 33.84 23.65 -23.68
C ASP J 499 34.37 22.25 -23.45
N VAL J 500 33.91 21.27 -24.24
CA VAL J 500 34.39 19.90 -24.13
C VAL J 500 35.75 19.71 -24.79
N LYS J 501 36.00 20.38 -25.92
CA LYS J 501 37.31 20.33 -26.57
C LYS J 501 38.44 20.74 -25.65
N ARG J 502 38.23 21.77 -24.83
CA ARG J 502 39.26 22.31 -23.96
C ARG J 502 39.57 21.39 -22.78
N GLU J 503 38.56 20.71 -22.24
CA GLU J 503 38.81 19.84 -21.10
C GLU J 503 39.30 18.46 -21.54
N LEU J 504 38.79 17.94 -22.65
CA LEU J 504 39.31 16.67 -23.15
C LEU J 504 40.75 16.78 -23.60
N GLN J 505 41.14 17.89 -24.22
CA GLN J 505 42.52 18.11 -24.65
C GLN J 505 43.47 18.28 -23.47
N GLU J 506 42.98 18.73 -22.32
CA GLU J 506 43.82 18.90 -21.14
C GLU J 506 43.73 17.72 -20.18
N LEU J 507 43.07 16.65 -20.56
CA LEU J 507 42.83 15.53 -19.67
C LEU J 507 43.40 14.22 -20.19
N VAL J 508 43.42 14.01 -21.49
CA VAL J 508 44.04 12.82 -22.07
C VAL J 508 45.14 13.17 -23.07
N GLN J 509 45.08 14.31 -23.73
CA GLN J 509 46.13 14.68 -24.68
C GLN J 509 47.40 15.13 -23.97
N TYR J 510 47.27 15.85 -22.84
CA TYR J 510 48.46 16.32 -22.14
C TYR J 510 49.35 15.19 -21.66
N PRO J 511 48.85 14.15 -20.97
CA PRO J 511 49.75 13.06 -20.56
C PRO J 511 50.35 12.27 -21.72
N VAL J 512 49.76 12.35 -22.92
CA VAL J 512 50.29 11.63 -24.07
C VAL J 512 51.37 12.44 -24.77
N GLU J 513 51.10 13.70 -25.08
CA GLU J 513 52.04 14.52 -25.81
C GLU J 513 53.09 15.17 -24.93
N HIS J 514 52.83 15.33 -23.63
CA HIS J 514 53.78 15.91 -22.69
C HIS J 514 53.93 15.03 -21.45
N PRO J 515 54.51 13.84 -21.58
CA PRO J 515 54.78 13.04 -20.37
C PRO J 515 55.63 13.73 -19.34
N ASP J 516 56.67 14.47 -19.76
CA ASP J 516 57.64 15.06 -18.84
C ASP J 516 57.05 16.12 -17.93
N LYS J 517 56.11 16.93 -18.42
CA LYS J 517 55.52 17.98 -17.61
C LYS J 517 54.68 17.43 -16.47
N PHE J 518 54.36 16.13 -16.50
CA PHE J 518 53.59 15.54 -15.41
C PHE J 518 54.50 15.01 -14.30
N LEU J 519 55.62 14.38 -14.65
CA LEU J 519 56.63 14.04 -13.66
C LEU J 519 57.30 15.28 -13.08
N LYS J 520 57.40 16.36 -13.85
CA LYS J 520 57.96 17.59 -13.31
C LYS J 520 57.05 18.18 -12.24
N PHE J 521 55.74 18.11 -12.45
CA PHE J 521 54.77 18.66 -11.50
C PHE J 521 54.29 17.61 -10.49
N GLY J 522 54.73 16.36 -10.63
CA GLY J 522 54.36 15.33 -9.68
C GLY J 522 52.88 15.02 -9.62
N MET J 523 52.18 15.06 -10.75
CA MET J 523 50.76 14.78 -10.79
C MET J 523 50.50 13.57 -11.68
N THR J 524 49.81 12.57 -11.14
CA THR J 524 49.45 11.40 -11.93
C THR J 524 48.29 11.73 -12.86
N PRO J 525 48.31 11.23 -14.10
CA PRO J 525 47.19 11.46 -15.01
C PRO J 525 45.93 10.73 -14.55
N SER J 526 44.79 11.28 -14.95
CA SER J 526 43.51 10.65 -14.64
C SER J 526 43.38 9.34 -15.41
N LYS J 527 42.71 8.36 -14.78
CA LYS J 527 42.53 7.05 -15.39
C LYS J 527 41.43 7.01 -16.45
N GLY J 528 40.39 7.82 -16.30
CA GLY J 528 39.30 7.79 -17.26
C GLY J 528 38.28 8.85 -16.96
N VAL J 529 37.45 9.12 -17.96
CA VAL J 529 36.39 10.12 -17.88
C VAL J 529 35.11 9.50 -18.41
N LEU J 530 34.01 9.67 -17.68
CA LEU J 530 32.69 9.28 -18.15
C LEU J 530 31.91 10.53 -18.49
N PHE J 531 31.39 10.62 -19.71
CA PHE J 531 30.52 11.74 -20.04
C PHE J 531 29.09 11.26 -20.25
N TYR J 532 28.16 12.18 -20.06
CA TYR J 532 26.74 11.90 -20.07
C TYR J 532 26.07 12.99 -20.90
N GLY J 533 24.92 12.63 -21.47
CA GLY J 533 24.19 13.54 -22.31
C GLY J 533 22.96 12.89 -22.92
N PRO J 534 22.09 13.70 -23.50
CA PRO J 534 20.90 13.16 -24.16
C PRO J 534 21.28 12.26 -25.32
N PRO J 535 20.46 11.26 -25.63
CA PRO J 535 20.83 10.30 -26.67
C PRO J 535 20.95 10.97 -28.03
N GLY J 536 21.80 10.39 -28.87
CA GLY J 536 22.01 10.88 -30.21
C GLY J 536 22.66 12.25 -30.28
N CYS J 537 23.70 12.47 -29.48
CA CYS J 537 24.42 13.74 -29.51
C CYS J 537 25.89 13.61 -29.88
N GLY J 538 26.39 12.42 -30.15
CA GLY J 538 27.74 12.27 -30.65
C GLY J 538 28.78 11.94 -29.60
N LYS J 539 28.38 11.22 -28.55
CA LYS J 539 29.33 10.82 -27.52
C LYS J 539 30.40 9.89 -28.09
N THR J 540 29.99 8.91 -28.90
CA THR J 540 30.96 8.04 -29.55
C THR J 540 31.87 8.79 -30.51
N LEU J 541 31.33 9.72 -31.28
CA LEU J 541 32.17 10.52 -32.17
C LEU J 541 33.14 11.40 -31.41
N LEU J 542 32.74 11.96 -30.26
CA LEU J 542 33.66 12.76 -29.47
C LEU J 542 34.82 11.92 -28.97
N ALA J 543 34.54 10.72 -28.49
CA ALA J 543 35.59 9.81 -28.04
C ALA J 543 36.49 9.39 -29.21
N LYS J 544 35.92 9.16 -30.38
CA LYS J 544 36.75 8.87 -31.55
C LYS J 544 37.65 10.03 -31.92
N ALA J 545 37.13 11.26 -31.87
CA ALA J 545 37.92 12.43 -32.24
C ALA J 545 39.08 12.65 -31.28
N ILE J 546 38.86 12.48 -29.97
CA ILE J 546 39.95 12.63 -29.01
C ILE J 546 41.00 11.54 -29.17
N ALA J 547 40.65 10.40 -29.77
CA ALA J 547 41.64 9.38 -30.07
C ALA J 547 42.55 9.78 -31.22
N ASN J 548 42.00 10.44 -32.25
CA ASN J 548 42.82 10.93 -33.35
C ASN J 548 43.77 12.05 -32.92
N GLU J 549 43.34 12.91 -32.01
CA GLU J 549 44.20 13.99 -31.54
C GLU J 549 45.45 13.44 -30.87
N CYS J 550 45.30 12.38 -30.08
CA CYS J 550 46.41 11.74 -29.40
C CYS J 550 47.08 10.67 -30.25
N GLN J 551 46.59 10.44 -31.48
CA GLN J 551 47.10 9.38 -32.34
C GLN J 551 47.07 8.05 -31.62
N ALA J 552 45.95 7.73 -30.98
CA ALA J 552 45.84 6.53 -30.16
C ALA J 552 44.81 5.61 -30.79
N ASN J 553 44.91 4.33 -30.44
CA ASN J 553 43.98 3.33 -30.94
C ASN J 553 42.63 3.52 -30.24
N PHE J 554 41.57 2.95 -30.82
CA PHE J 554 40.23 3.12 -30.27
C PHE J 554 39.52 1.78 -30.22
N ILE J 555 38.95 1.47 -29.07
CA ILE J 555 38.19 0.24 -28.87
C ILE J 555 36.81 0.63 -28.36
N SER J 556 35.77 0.18 -29.06
CA SER J 556 34.39 0.52 -28.70
C SER J 556 33.67 -0.74 -28.23
N ILE J 557 33.04 -0.64 -27.07
CA ILE J 557 32.25 -1.73 -26.50
C ILE J 557 30.82 -1.22 -26.34
N LYS J 558 29.93 -1.67 -27.21
CA LYS J 558 28.55 -1.20 -27.21
C LYS J 558 27.78 -1.92 -26.10
N GLY J 559 26.52 -1.55 -25.93
CA GLY J 559 25.66 -2.10 -24.91
C GLY J 559 25.41 -3.60 -25.01
N PRO J 560 25.06 -4.11 -26.19
CA PRO J 560 24.81 -5.54 -26.33
C PRO J 560 25.98 -6.42 -25.91
N GLU J 561 27.23 -6.05 -26.21
CA GLU J 561 28.35 -6.86 -25.77
C GLU J 561 28.50 -6.86 -24.25
N LEU J 562 28.15 -5.76 -23.59
CA LEU J 562 28.17 -5.70 -22.14
C LEU J 562 27.04 -6.48 -21.49
N LEU J 563 25.84 -6.46 -22.09
CA LEU J 563 24.70 -7.16 -21.54
C LEU J 563 24.65 -8.63 -21.90
N THR J 564 25.42 -9.05 -22.91
CA THR J 564 25.46 -10.47 -23.27
C THR J 564 26.10 -11.30 -22.16
N MET J 565 27.21 -10.82 -21.61
CA MET J 565 27.88 -11.56 -20.54
C MET J 565 27.12 -11.47 -19.22
N TRP J 566 26.26 -10.45 -19.05
CA TRP J 566 25.43 -10.41 -17.86
C TRP J 566 24.38 -11.52 -17.87
N PHE J 567 23.68 -11.69 -19.00
CA PHE J 567 22.70 -12.77 -19.11
C PHE J 567 23.37 -14.14 -19.18
N GLY J 568 24.51 -14.24 -19.86
CA GLY J 568 25.16 -15.51 -20.08
C GLY J 568 25.95 -16.06 -18.92
N GLU J 569 26.15 -15.27 -17.86
CA GLU J 569 26.90 -15.70 -16.68
C GLU J 569 28.32 -16.14 -17.06
N SER J 570 28.84 -15.54 -18.13
CA SER J 570 30.18 -15.84 -18.65
C SER J 570 30.97 -14.54 -18.60
N GLU J 571 31.77 -14.38 -17.55
CA GLU J 571 32.34 -13.08 -17.20
C GLU J 571 33.85 -13.02 -17.41
N ALA J 572 34.42 -13.96 -18.15
CA ALA J 572 35.82 -13.89 -18.54
C ALA J 572 36.03 -12.98 -19.75
N ASN J 573 34.94 -12.48 -20.35
CA ASN J 573 35.04 -11.68 -21.56
C ASN J 573 35.68 -10.33 -21.33
N VAL J 574 35.44 -9.70 -20.18
CA VAL J 574 36.12 -8.44 -19.87
C VAL J 574 37.61 -8.62 -19.70
N ARG J 575 38.06 -9.83 -19.34
CA ARG J 575 39.49 -10.09 -19.21
C ARG J 575 40.23 -9.83 -20.50
N GLU J 576 39.77 -10.43 -21.61
CA GLU J 576 40.43 -10.19 -22.88
C GLU J 576 40.22 -8.77 -23.40
N ILE J 577 39.08 -8.15 -23.07
CA ILE J 577 38.86 -6.77 -23.48
C ILE J 577 39.93 -5.87 -22.87
N PHE J 578 40.13 -5.97 -21.56
CA PHE J 578 41.15 -5.17 -20.90
C PHE J 578 42.57 -5.61 -21.26
N ASP J 579 42.76 -6.89 -21.60
CA ASP J 579 44.07 -7.35 -22.01
C ASP J 579 44.48 -6.76 -23.35
N LYS J 580 43.58 -6.81 -24.34
CA LYS J 580 43.87 -6.27 -25.65
C LYS J 580 43.77 -4.76 -25.70
N ALA J 581 43.12 -4.12 -24.72
CA ALA J 581 43.17 -2.68 -24.62
C ALA J 581 44.52 -2.18 -24.12
N ARG J 582 45.23 -2.96 -23.32
CA ARG J 582 46.50 -2.53 -22.76
C ARG J 582 47.70 -2.90 -23.61
N GLN J 583 47.61 -3.95 -24.43
CA GLN J 583 48.74 -4.31 -25.28
C GLN J 583 48.87 -3.36 -26.47
N ALA J 584 47.78 -2.70 -26.85
CA ALA J 584 47.80 -1.76 -27.98
C ALA J 584 48.07 -0.34 -27.49
N ALA J 585 49.13 -0.21 -26.71
CA ALA J 585 49.51 1.10 -26.18
C ALA J 585 50.12 1.96 -27.29
N PRO J 586 49.63 3.19 -27.48
CA PRO J 586 48.54 3.80 -26.72
C PRO J 586 47.14 3.56 -27.30
N CYS J 587 46.17 3.37 -26.42
CA CYS J 587 44.82 3.03 -26.82
C CYS J 587 43.83 3.86 -26.02
N VAL J 588 42.56 3.78 -26.42
CA VAL J 588 41.47 4.41 -25.69
C VAL J 588 40.33 3.41 -25.64
N LEU J 589 39.81 3.17 -24.43
CA LEU J 589 38.74 2.22 -24.22
C LEU J 589 37.44 2.98 -24.02
N PHE J 590 36.43 2.63 -24.82
CA PHE J 590 35.17 3.35 -24.81
C PHE J 590 34.04 2.38 -24.51
N PHE J 591 33.27 2.70 -23.47
CA PHE J 591 32.14 1.88 -23.06
C PHE J 591 30.86 2.62 -23.38
N ASP J 592 30.10 2.11 -24.33
CA ASP J 592 28.86 2.74 -24.75
C ASP J 592 27.70 2.23 -23.91
N GLU J 593 26.76 3.15 -23.62
CA GLU J 593 25.58 2.90 -22.79
C GLU J 593 25.90 2.01 -21.60
N LEU J 594 26.78 2.50 -20.71
CA LEU J 594 27.16 1.77 -19.51
C LEU J 594 25.97 1.44 -18.61
N ASP J 595 24.89 2.21 -18.70
CA ASP J 595 23.71 1.99 -17.88
C ASP J 595 22.81 0.88 -18.40
N SER J 596 23.26 0.11 -19.39
CA SER J 596 22.42 -0.93 -19.96
C SER J 596 22.07 -2.00 -18.93
N ILE J 597 23.04 -2.42 -18.13
CA ILE J 597 22.77 -3.40 -17.09
C ILE J 597 21.80 -2.86 -16.04
N ALA J 598 21.98 -1.60 -15.65
CA ALA J 598 21.06 -1.00 -14.68
C ALA J 598 19.64 -0.92 -15.23
N LYS J 599 19.49 -0.56 -16.51
CA LYS J 599 18.16 -0.56 -17.12
C LYS J 599 17.57 -1.96 -17.17
N ALA J 600 18.38 -2.95 -17.54
CA ALA J 600 17.90 -4.33 -17.60
C ALA J 600 17.51 -4.86 -16.22
N ARG J 601 18.14 -4.38 -15.15
CA ARG J 601 17.81 -4.80 -13.80
C ARG J 601 16.73 -3.96 -13.15
N GLY J 602 16.42 -2.79 -13.69
CA GLY J 602 15.36 -1.95 -13.15
C GLY J 602 15.74 -0.49 -13.04
N GLY J 603 17.01 -0.22 -12.76
CA GLY J 603 17.48 1.15 -12.66
C GLY J 603 17.76 1.62 -11.26
N ASN J 604 17.10 2.70 -10.83
CA ASN J 604 17.33 3.28 -9.53
C ASN J 604 16.94 2.35 -8.39
N ILE J 605 15.79 1.68 -8.51
CA ILE J 605 15.32 0.78 -7.47
C ILE J 605 15.33 -0.64 -8.00
N GLY J 606 14.52 -0.90 -9.04
CA GLY J 606 14.45 -2.22 -9.63
C GLY J 606 14.02 -3.30 -8.65
N ASP J 607 14.94 -4.20 -8.34
CA ASP J 607 14.68 -5.26 -7.37
C ASP J 607 15.07 -4.80 -5.96
N GLY J 608 15.11 -5.74 -5.01
CA GLY J 608 15.51 -5.39 -3.66
C GLY J 608 16.96 -4.95 -3.57
N GLY J 609 17.79 -5.33 -4.54
CA GLY J 609 19.19 -4.96 -4.54
C GLY J 609 19.40 -3.51 -4.92
N GLY J 610 20.67 -3.10 -4.83
CA GLY J 610 21.03 -1.73 -5.13
C GLY J 610 21.35 -1.50 -6.59
N ALA J 611 22.48 -0.84 -6.86
CA ALA J 611 22.90 -0.53 -8.22
C ALA J 611 24.18 -1.27 -8.59
N ALA J 612 24.58 -2.24 -7.78
CA ALA J 612 25.79 -2.99 -8.02
C ALA J 612 25.47 -4.35 -8.65
N ASP J 613 26.24 -4.69 -9.68
CA ASP J 613 26.09 -5.98 -10.33
C ASP J 613 27.46 -6.60 -10.56
N ARG J 614 27.51 -7.71 -11.28
CA ARG J 614 28.75 -8.45 -11.50
C ARG J 614 29.62 -7.89 -12.61
N VAL J 615 29.04 -7.48 -13.74
CA VAL J 615 29.84 -7.02 -14.87
C VAL J 615 30.53 -5.71 -14.54
N ILE J 616 29.81 -4.76 -13.94
CA ILE J 616 30.46 -3.52 -13.52
C ILE J 616 31.51 -3.79 -12.46
N ASN J 617 31.28 -4.80 -11.61
CA ASN J 617 32.31 -5.20 -10.64
C ASN J 617 33.57 -5.68 -11.33
N GLN J 618 33.44 -6.47 -12.40
CA GLN J 618 34.62 -6.92 -13.13
C GLN J 618 35.35 -5.75 -13.77
N ILE J 619 34.61 -4.79 -14.33
CA ILE J 619 35.25 -3.61 -14.90
C ILE J 619 35.99 -2.82 -13.82
N LEU J 620 35.37 -2.67 -12.65
CA LEU J 620 36.05 -1.99 -11.54
C LEU J 620 37.33 -2.71 -11.14
N THR J 621 37.28 -4.03 -11.03
CA THR J 621 38.47 -4.79 -10.68
C THR J 621 39.56 -4.63 -11.71
N GLU J 622 39.21 -4.68 -13.00
CA GLU J 622 40.21 -4.53 -14.05
C GLU J 622 40.79 -3.13 -14.10
N MET J 623 39.97 -2.10 -13.87
CA MET J 623 40.47 -0.74 -13.85
C MET J 623 41.32 -0.43 -12.63
N ASP J 624 41.04 -1.06 -11.48
CA ASP J 624 41.85 -0.82 -10.29
C ASP J 624 43.26 -1.36 -10.46
N GLY J 625 43.42 -2.45 -11.20
CA GLY J 625 44.70 -3.09 -11.38
C GLY J 625 45.53 -2.57 -12.54
N MET J 626 45.07 -1.54 -13.24
CA MET J 626 45.84 -1.03 -14.36
C MET J 626 46.96 -0.11 -13.87
N SER J 627 47.95 0.10 -14.73
CA SER J 627 49.09 0.95 -14.43
C SER J 627 48.85 2.35 -14.98
N THR J 628 49.05 3.35 -14.13
CA THR J 628 48.84 4.74 -14.52
C THR J 628 49.88 5.24 -15.51
N LYS J 629 51.07 4.65 -15.53
CA LYS J 629 52.10 5.09 -16.47
C LYS J 629 51.80 4.67 -17.91
N LYS J 630 50.94 3.69 -18.10
CA LYS J 630 50.50 3.32 -19.44
C LYS J 630 49.53 4.37 -19.97
N ASN J 631 49.41 4.43 -21.31
CA ASN J 631 48.58 5.42 -21.97
C ASN J 631 47.19 4.91 -22.31
N VAL J 632 46.79 3.77 -21.76
CA VAL J 632 45.43 3.27 -21.95
C VAL J 632 44.48 4.20 -21.21
N PHE J 633 43.31 4.42 -21.80
CA PHE J 633 42.34 5.37 -21.26
C PHE J 633 40.94 4.80 -21.44
N ILE J 634 40.11 4.93 -20.41
CA ILE J 634 38.76 4.39 -20.41
C ILE J 634 37.78 5.54 -20.44
N ILE J 635 36.85 5.49 -21.39
CA ILE J 635 35.80 6.49 -21.54
C ILE J 635 34.46 5.79 -21.41
N GLY J 636 33.63 6.25 -20.49
CA GLY J 636 32.30 5.73 -20.28
C GLY J 636 31.26 6.69 -20.85
N ALA J 637 30.29 6.14 -21.57
CA ALA J 637 29.22 6.92 -22.14
C ALA J 637 27.88 6.40 -21.61
N THR J 638 27.03 7.33 -21.20
CA THR J 638 25.72 6.97 -20.68
C THR J 638 24.76 8.11 -20.98
N ASN J 639 23.49 7.77 -21.06
CA ASN J 639 22.42 8.76 -21.16
C ASN J 639 21.62 8.90 -19.88
N ARG J 640 21.66 7.89 -19.01
CA ARG J 640 21.04 8.02 -17.71
C ARG J 640 22.10 7.89 -16.63
N PRO J 641 22.70 8.97 -16.16
CA PRO J 641 23.74 8.88 -15.12
C PRO J 641 23.20 8.76 -13.70
N ASP J 642 21.89 8.89 -13.51
CA ASP J 642 21.28 8.72 -12.20
C ASP J 642 21.21 7.26 -11.77
N ILE J 643 21.26 6.32 -12.70
CA ILE J 643 21.19 4.90 -12.40
C ILE J 643 22.56 4.25 -12.49
N ILE J 644 23.60 5.01 -12.85
CA ILE J 644 24.96 4.51 -12.84
C ILE J 644 25.37 4.23 -11.40
N ASP J 645 26.05 3.11 -11.19
CA ASP J 645 26.47 2.74 -9.84
C ASP J 645 27.43 3.80 -9.31
N PRO J 646 27.28 4.24 -8.07
CA PRO J 646 28.20 5.26 -7.54
C PRO J 646 29.65 4.81 -7.46
N ALA J 647 29.92 3.51 -7.30
CA ALA J 647 31.29 3.05 -7.08
C ALA J 647 32.17 3.22 -8.31
N ILE J 648 31.59 3.20 -9.52
CA ILE J 648 32.41 3.39 -10.72
C ILE J 648 32.86 4.83 -10.86
N LEU J 649 32.16 5.77 -10.22
CA LEU J 649 32.51 7.19 -10.26
C LEU J 649 33.40 7.59 -9.10
N ARG J 650 33.87 6.64 -8.30
CA ARG J 650 34.77 6.95 -7.20
C ARG J 650 36.06 7.56 -7.72
N PRO J 651 36.70 8.42 -6.95
CA PRO J 651 37.97 9.00 -7.39
C PRO J 651 39.00 7.91 -7.68
N GLY J 652 39.69 8.06 -8.81
CA GLY J 652 40.68 7.12 -9.25
C GLY J 652 40.24 6.21 -10.38
N ARG J 653 38.93 6.08 -10.62
CA ARG J 653 38.44 5.25 -11.71
C ARG J 653 37.76 6.07 -12.81
N LEU J 654 36.72 6.82 -12.48
CA LEU J 654 36.03 7.68 -13.44
C LEU J 654 35.61 8.98 -12.75
N ASP J 655 36.54 9.54 -11.98
CA ASP J 655 36.23 10.74 -11.20
C ASP J 655 35.88 11.92 -12.08
N GLN J 656 36.40 11.96 -13.31
CA GLN J 656 36.14 13.08 -14.20
C GLN J 656 34.82 12.87 -14.93
N LEU J 657 33.86 13.76 -14.68
CA LEU J 657 32.57 13.73 -15.34
C LEU J 657 32.39 15.03 -16.11
N ILE J 658 32.12 14.91 -17.41
CA ILE J 658 31.86 16.06 -18.26
C ILE J 658 30.51 15.85 -18.93
N TYR J 659 29.81 16.94 -19.20
CA TYR J 659 28.46 16.89 -19.73
C TYR J 659 28.46 17.24 -21.21
N ILE J 660 27.84 16.39 -22.02
CA ILE J 660 27.74 16.61 -23.46
C ILE J 660 26.37 17.22 -23.74
N PRO J 661 26.28 18.50 -24.06
CA PRO J 661 24.97 19.12 -24.26
C PRO J 661 24.45 18.89 -25.67
N LEU J 662 23.32 19.51 -25.98
CA LEU J 662 22.86 19.52 -27.35
C LEU J 662 23.83 20.32 -28.21
N PRO J 663 24.01 19.94 -29.47
CA PRO J 663 24.89 20.71 -30.35
C PRO J 663 24.37 22.13 -30.51
N ASP J 664 25.31 23.09 -30.50
CA ASP J 664 24.96 24.48 -30.68
C ASP J 664 24.88 24.80 -32.17
N GLU J 665 24.70 26.08 -32.52
CA GLU J 665 24.59 26.45 -33.93
C GLU J 665 25.84 26.07 -34.71
N LYS J 666 27.02 26.33 -34.14
CA LYS J 666 28.27 26.00 -34.82
C LYS J 666 28.44 24.50 -35.01
N SER J 667 28.03 23.70 -34.02
CA SER J 667 28.16 22.25 -34.10
C SER J 667 27.09 21.59 -34.97
N ARG J 668 25.91 22.18 -35.07
CA ARG J 668 24.86 21.62 -35.91
C ARG J 668 25.20 21.67 -37.40
N VAL J 669 25.90 22.71 -37.85
CA VAL J 669 26.34 22.76 -39.24
C VAL J 669 27.24 21.56 -39.53
N ALA J 670 28.10 21.20 -38.58
CA ALA J 670 28.94 20.02 -38.75
C ALA J 670 28.13 18.74 -38.90
N ILE J 671 27.07 18.57 -38.10
CA ILE J 671 26.23 17.39 -38.22
C ILE J 671 25.54 17.35 -39.57
N LEU J 672 25.00 18.48 -40.03
CA LEU J 672 24.37 18.51 -41.35
C LEU J 672 25.36 18.18 -42.45
N LYS J 673 26.54 18.79 -42.43
CA LYS J 673 27.49 18.55 -43.51
C LYS J 673 28.10 17.16 -43.46
N ALA J 674 28.19 16.55 -42.27
CA ALA J 674 28.64 15.17 -42.19
C ALA J 674 27.64 14.22 -42.85
N ASN J 675 26.34 14.46 -42.63
CA ASN J 675 25.31 13.68 -43.27
C ASN J 675 25.26 13.91 -44.78
N LEU J 676 25.48 15.15 -45.22
CA LEU J 676 25.35 15.49 -46.64
C LEU J 676 26.67 15.45 -47.39
N ARG J 677 27.75 14.99 -46.76
CA ARG J 677 29.05 14.97 -47.43
C ARG J 677 29.10 13.99 -48.59
N LYS J 678 28.18 13.04 -48.67
CA LYS J 678 28.12 12.09 -49.76
C LYS J 678 26.98 12.35 -50.73
N SER J 679 26.26 13.46 -50.56
CA SER J 679 25.09 13.71 -51.38
C SER J 679 25.29 14.95 -52.25
N PRO J 680 24.65 15.02 -53.42
CA PRO J 680 24.74 16.23 -54.24
C PRO J 680 23.96 17.37 -53.64
N VAL J 681 24.66 18.36 -53.09
CA VAL J 681 24.02 19.50 -52.44
C VAL J 681 24.01 20.67 -53.40
N ALA J 682 22.83 21.28 -53.57
CA ALA J 682 22.70 22.43 -54.44
C ALA J 682 23.30 23.67 -53.76
N LYS J 683 23.68 24.65 -54.57
CA LYS J 683 24.29 25.88 -54.06
C LYS J 683 23.34 26.68 -53.18
N ASP J 684 22.07 26.77 -53.55
CA ASP J 684 21.12 27.58 -52.80
C ASP J 684 20.75 26.96 -51.45
N VAL J 685 21.04 25.69 -51.25
CA VAL J 685 20.71 25.02 -49.99
C VAL J 685 21.69 25.50 -48.93
N ASP J 686 21.26 26.43 -48.08
CA ASP J 686 22.12 26.99 -47.05
C ASP J 686 21.98 26.19 -45.77
N LEU J 687 23.06 25.50 -45.38
CA LEU J 687 23.06 24.72 -44.15
C LEU J 687 23.19 25.59 -42.91
N GLU J 688 23.82 26.77 -43.02
CA GLU J 688 23.93 27.65 -41.88
C GLU J 688 22.55 28.07 -41.38
N PHE J 689 21.67 28.48 -42.28
CA PHE J 689 20.32 28.86 -41.90
C PHE J 689 19.54 27.68 -41.32
N LEU J 690 19.68 26.50 -41.92
CA LEU J 690 18.99 25.32 -41.42
C LEU J 690 19.44 24.98 -40.00
N ALA J 691 20.75 25.03 -39.75
CA ALA J 691 21.25 24.81 -38.40
C ALA J 691 20.83 25.90 -37.43
N LYS J 692 20.71 27.14 -37.90
CA LYS J 692 20.21 28.21 -37.06
C LYS J 692 18.76 28.01 -36.67
N MET J 693 17.93 27.50 -37.59
CA MET J 693 16.52 27.34 -37.30
C MET J 693 16.29 26.31 -36.20
N THR J 694 16.96 25.17 -36.29
CA THR J 694 16.83 24.13 -35.27
C THR J 694 17.74 24.45 -34.10
N ASN J 695 17.18 24.57 -32.91
CA ASN J 695 17.93 24.93 -31.72
C ASN J 695 18.02 23.79 -30.71
N GLY J 696 16.89 23.27 -30.27
CA GLY J 696 16.90 22.18 -29.31
C GLY J 696 16.92 20.82 -29.97
N PHE J 697 17.57 20.75 -31.13
CA PHE J 697 17.58 19.53 -31.95
C PHE J 697 18.83 18.72 -31.63
N SER J 698 18.66 17.41 -31.49
CA SER J 698 19.79 16.52 -31.28
C SER J 698 20.41 16.14 -32.61
N GLY J 699 21.57 15.47 -32.54
CA GLY J 699 22.20 14.99 -33.77
C GLY J 699 21.32 14.01 -34.51
N ALA J 700 20.58 13.17 -33.77
CA ALA J 700 19.65 12.24 -34.40
C ALA J 700 18.52 12.96 -35.11
N ASP J 701 18.05 14.09 -34.57
CA ASP J 701 16.98 14.83 -35.21
C ASP J 701 17.43 15.42 -36.55
N LEU J 702 18.63 16.00 -36.58
CA LEU J 702 19.20 16.46 -37.85
C LEU J 702 19.47 15.30 -38.80
N THR J 703 19.89 14.15 -38.26
CA THR J 703 20.15 12.99 -39.11
C THR J 703 18.91 12.54 -39.83
N GLU J 704 17.78 12.42 -39.12
CA GLU J 704 16.55 12.02 -39.77
C GLU J 704 16.03 13.09 -40.71
N ILE J 705 16.28 14.36 -40.43
CA ILE J 705 15.92 15.39 -41.40
C ILE J 705 16.68 15.19 -42.71
N CYS J 706 17.99 14.95 -42.62
CA CYS J 706 18.78 14.71 -43.82
C CYS J 706 18.35 13.45 -44.54
N GLN J 707 18.06 12.38 -43.79
CA GLN J 707 17.61 11.14 -44.39
C GLN J 707 16.26 11.30 -45.09
N ARG J 708 15.34 12.05 -44.49
CA ARG J 708 14.05 12.28 -45.11
C ARG J 708 14.18 13.13 -46.37
N ALA J 709 15.05 14.14 -46.35
CA ALA J 709 15.30 14.92 -47.56
C ALA J 709 15.89 14.05 -48.66
N CYS J 710 16.85 13.19 -48.31
CA CYS J 710 17.40 12.27 -49.31
C CYS J 710 16.35 11.32 -49.84
N LYS J 711 15.47 10.81 -48.97
CA LYS J 711 14.40 9.93 -49.42
C LYS J 711 13.46 10.63 -50.38
N LEU J 712 13.08 11.88 -50.09
CA LEU J 712 12.24 12.64 -51.00
C LEU J 712 12.92 12.89 -52.33
N ALA J 713 14.22 13.24 -52.31
CA ALA J 713 14.94 13.43 -53.56
C ALA J 713 15.01 12.15 -54.38
N ILE J 714 15.29 11.02 -53.73
CA ILE J 714 15.37 9.75 -54.43
C ILE J 714 14.01 9.38 -55.02
N ARG J 715 12.94 9.58 -54.26
CA ARG J 715 11.61 9.27 -54.77
C ARG J 715 11.24 10.16 -55.96
N GLU J 716 11.54 11.45 -55.88
CA GLU J 716 11.25 12.32 -57.02
C GLU J 716 12.06 11.93 -58.24
N SER J 717 13.34 11.59 -58.04
CA SER J 717 14.17 11.11 -59.15
C SER J 717 13.63 9.83 -59.78
N ILE J 718 13.16 8.90 -58.96
CA ILE J 718 12.62 7.65 -59.49
C ILE J 718 11.32 7.89 -60.25
N GLU J 719 10.41 8.68 -59.68
CA GLU J 719 9.12 8.91 -60.33
C GLU J 719 9.25 9.80 -61.57
N SER J 720 10.27 10.65 -61.64
CA SER J 720 10.45 11.54 -62.76
C SER J 720 11.00 10.85 -63.99
N GLU J 721 11.51 9.63 -63.85
CA GLU J 721 12.04 8.90 -65.01
C GLU J 721 10.95 8.55 -66.00
N ILE J 722 9.78 8.12 -65.52
CA ILE J 722 8.70 7.70 -66.39
C ILE J 722 7.98 8.91 -66.96
N VAL J 743 15.80 14.29 -61.07
CA VAL J 743 17.02 15.02 -61.40
C VAL J 743 18.09 14.73 -60.34
N PRO J 744 19.33 14.48 -60.81
CA PRO J 744 20.43 14.10 -59.93
C PRO J 744 21.03 15.25 -59.13
N GLU J 745 20.19 15.90 -58.31
CA GLU J 745 20.64 16.99 -57.45
C GLU J 745 19.58 17.26 -56.40
N ILE J 746 19.98 17.28 -55.13
CA ILE J 746 19.06 17.61 -54.05
C ILE J 746 18.77 19.11 -54.13
N ARG J 747 17.48 19.45 -54.19
CA ARG J 747 17.09 20.84 -54.36
C ARG J 747 16.64 21.44 -53.04
N ARG J 748 16.45 22.77 -53.04
CA ARG J 748 16.01 23.49 -51.86
C ARG J 748 14.64 23.02 -51.38
N ASP J 749 13.74 22.70 -52.32
CA ASP J 749 12.42 22.23 -51.97
C ASP J 749 12.44 20.91 -51.23
N HIS J 750 13.39 20.02 -51.56
CA HIS J 750 13.49 18.75 -50.84
C HIS J 750 13.70 18.97 -49.35
N PHE J 751 14.65 19.83 -48.99
CA PHE J 751 14.89 20.15 -47.59
C PHE J 751 13.77 20.96 -46.96
N GLU J 752 13.17 21.88 -47.71
CA GLU J 752 12.07 22.67 -47.18
C GLU J 752 10.85 21.81 -46.84
N GLU J 753 10.51 20.85 -47.71
CA GLU J 753 9.37 19.99 -47.45
C GLU J 753 9.66 18.97 -46.36
N ALA J 754 10.85 18.38 -46.38
CA ALA J 754 11.24 17.43 -45.34
C ALA J 754 11.43 18.10 -43.99
N MET J 755 11.59 19.43 -43.96
CA MET J 755 11.66 20.18 -42.72
C MET J 755 10.34 20.18 -41.97
N ARG J 756 9.23 19.88 -42.65
CA ARG J 756 7.92 19.89 -41.99
C ARG J 756 7.81 18.78 -40.95
N PHE J 757 8.32 17.59 -41.27
CA PHE J 757 8.30 16.47 -40.33
C PHE J 757 9.53 16.50 -39.42
N ALA J 758 9.74 17.64 -38.76
CA ALA J 758 10.90 17.81 -37.90
C ALA J 758 10.53 17.43 -36.47
N ARG J 759 11.14 16.36 -35.98
CA ARG J 759 10.92 15.88 -34.63
C ARG J 759 11.91 16.54 -33.66
N ARG J 760 11.63 16.38 -32.37
CA ARG J 760 12.56 16.82 -31.33
C ARG J 760 12.46 15.79 -30.20
N SER J 761 13.36 14.80 -30.26
CA SER J 761 13.25 13.65 -29.37
C SER J 761 13.63 13.97 -27.93
N VAL J 762 14.40 15.03 -27.70
CA VAL J 762 14.85 15.39 -26.37
C VAL J 762 13.95 16.50 -25.83
N SER J 763 13.30 16.23 -24.70
CA SER J 763 12.39 17.18 -24.09
C SER J 763 13.14 18.11 -23.14
N ASP J 764 12.47 19.20 -22.74
CA ASP J 764 13.07 20.15 -21.83
C ASP J 764 13.24 19.55 -20.43
N ASN J 765 12.32 18.68 -20.02
CA ASN J 765 12.45 18.02 -18.73
C ASN J 765 13.73 17.19 -18.67
N ASP J 766 14.11 16.55 -19.77
CA ASP J 766 15.38 15.85 -19.83
C ASP J 766 16.57 16.79 -19.62
N ILE J 767 16.57 17.95 -20.27
CA ILE J 767 17.67 18.87 -20.07
C ILE J 767 17.74 19.33 -18.62
N ARG J 768 16.57 19.59 -18.02
CA ARG J 768 16.54 19.99 -16.62
C ARG J 768 17.09 18.90 -15.72
N LYS J 769 16.71 17.64 -15.96
CA LYS J 769 17.20 16.56 -15.11
C LYS J 769 18.68 16.26 -15.33
N TYR J 770 19.21 16.52 -16.53
CA TYR J 770 20.66 16.40 -16.69
C TYR J 770 21.40 17.53 -15.99
N GLU J 771 20.86 18.75 -16.03
CA GLU J 771 21.52 19.84 -15.33
C GLU J 771 21.52 19.60 -13.83
N MET J 772 20.37 19.21 -13.25
CA MET J 772 20.36 18.92 -11.81
C MET J 772 21.49 17.99 -11.44
N PHE J 773 21.78 17.00 -12.28
CA PHE J 773 22.96 16.17 -12.09
C PHE J 773 24.26 16.96 -12.27
N ALA J 774 24.31 17.90 -13.22
CA ALA J 774 25.58 18.58 -13.52
C ALA J 774 26.04 19.48 -12.38
N GLN J 775 25.28 20.53 -12.05
CA GLN J 775 25.66 21.23 -10.83
C GLN J 775 25.12 20.59 -9.55
N THR J 776 24.77 19.30 -9.57
CA THR J 776 24.95 18.49 -8.37
C THR J 776 26.42 18.34 -8.04
N LEU J 777 27.25 18.06 -9.05
CA LEU J 777 28.70 17.90 -8.83
C LEU J 777 29.50 19.16 -9.11
N GLN J 778 28.89 20.25 -9.57
CA GLN J 778 29.66 21.49 -9.75
C GLN J 778 29.98 22.13 -8.40
N GLN J 779 28.94 22.57 -7.68
CA GLN J 779 29.09 23.21 -6.38
C GLN J 779 30.17 24.28 -6.34
N SER J 780 29.98 25.38 -7.05
CA SER J 780 30.94 26.47 -7.06
C SER J 780 30.52 27.59 -6.11
N ARG J 781 29.91 27.22 -4.99
CA ARG J 781 29.40 28.18 -4.02
C ARG J 781 30.32 28.21 -2.80
N GLY J 782 30.09 29.19 -1.93
CA GLY J 782 30.86 29.32 -0.71
C GLY J 782 32.19 30.02 -0.91
N PHE J 783 33.15 29.31 -1.49
CA PHE J 783 34.49 29.85 -1.71
C PHE J 783 34.61 30.53 -3.06
N GLY J 784 33.70 31.43 -3.40
CA GLY J 784 33.77 32.11 -4.69
C GLY J 784 34.64 33.34 -4.67
N SER J 785 34.75 34.02 -3.54
CA SER J 785 35.57 35.22 -3.39
C SER J 785 36.54 34.99 -2.24
N PHE J 786 37.82 34.80 -2.58
CA PHE J 786 38.86 34.61 -1.59
C PHE J 786 39.97 35.62 -1.83
N ARG J 787 40.47 36.22 -0.76
CA ARG J 787 41.60 37.15 -0.82
C ARG J 787 42.68 36.67 0.13
N PHE J 788 43.89 36.51 -0.39
CA PHE J 788 45.02 36.11 0.45
C PHE J 788 45.51 37.31 1.25
N PRO J 789 46.07 37.08 2.45
CA PRO J 789 46.53 38.20 3.28
C PRO J 789 47.68 38.98 2.64
N SER J 790 48.73 38.27 2.26
CA SER J 790 49.90 38.91 1.67
C SER J 790 50.74 37.91 0.88
N ASN K 36 89.42 -24.18 25.53
CA ASN K 36 88.78 -24.61 24.29
C ASN K 36 89.25 -23.77 23.11
N ARG K 37 90.34 -23.03 23.31
CA ARG K 37 90.93 -22.15 22.31
C ARG K 37 89.89 -21.22 21.72
N PRO K 38 89.44 -20.21 22.48
CA PRO K 38 88.40 -19.31 21.97
C PRO K 38 88.90 -18.40 20.86
N ASN K 39 89.19 -19.00 19.69
CA ASN K 39 89.63 -18.24 18.53
C ASN K 39 88.88 -18.58 17.25
N ARG K 40 88.22 -19.72 17.15
CA ARG K 40 87.49 -20.11 15.96
C ARG K 40 86.03 -19.71 16.10
N LEU K 41 85.45 -19.22 15.00
CA LEU K 41 84.06 -18.81 14.96
C LEU K 41 83.38 -19.42 13.74
N ILE K 42 82.06 -19.55 13.83
CA ILE K 42 81.29 -20.11 12.73
C ILE K 42 81.25 -19.13 11.56
N VAL K 43 80.86 -19.64 10.40
CA VAL K 43 80.82 -18.86 9.16
C VAL K 43 79.38 -18.69 8.74
N ASP K 44 79.05 -17.50 8.22
CA ASP K 44 77.73 -17.25 7.66
C ASP K 44 77.84 -16.43 6.37
N GLU K 45 76.71 -15.93 5.89
CA GLU K 45 76.65 -15.13 4.68
C GLU K 45 76.78 -13.65 5.02
N ALA K 46 77.40 -12.90 4.13
CA ALA K 46 77.60 -11.47 4.31
C ALA K 46 76.59 -10.70 3.48
N ILE K 47 75.94 -9.72 4.10
CA ILE K 47 74.95 -8.89 3.41
C ILE K 47 75.59 -7.79 2.58
N ASN K 48 76.87 -7.51 2.78
CA ASN K 48 77.55 -6.49 2.00
C ASN K 48 77.74 -6.96 0.56
N GLU K 49 77.62 -6.02 -0.38
CA GLU K 49 77.75 -6.31 -1.80
C GLU K 49 79.17 -6.11 -2.32
N ASP K 50 80.12 -5.81 -1.44
CA ASP K 50 81.50 -5.59 -1.86
C ASP K 50 82.14 -6.92 -2.23
N ASN K 51 83.26 -6.84 -2.97
CA ASN K 51 83.94 -8.03 -3.47
C ASN K 51 84.79 -8.69 -2.39
N SER K 52 85.79 -7.96 -1.90
CA SER K 52 86.70 -8.49 -0.88
C SER K 52 86.64 -7.59 0.35
N VAL K 53 85.65 -7.85 1.21
CA VAL K 53 85.46 -7.12 2.45
C VAL K 53 85.02 -8.11 3.51
N VAL K 54 85.71 -8.11 4.65
CA VAL K 54 85.38 -8.97 5.78
C VAL K 54 84.94 -8.08 6.93
N SER K 55 83.72 -8.28 7.40
CA SER K 55 83.14 -7.48 8.47
C SER K 55 83.09 -8.28 9.77
N LEU K 56 83.45 -7.62 10.87
CA LEU K 56 83.47 -8.26 12.18
C LEU K 56 82.70 -7.37 13.15
N SER K 57 82.74 -7.73 14.42
CA SER K 57 82.09 -6.97 15.48
C SER K 57 83.11 -6.11 16.21
N GLN K 58 82.62 -5.21 17.05
CA GLN K 58 83.47 -4.26 17.77
C GLN K 58 84.52 -4.94 18.63
N PRO K 59 84.18 -5.96 19.45
CA PRO K 59 85.23 -6.59 20.28
C PRO K 59 86.00 -7.68 19.53
N LYS K 60 86.42 -7.37 18.29
CA LYS K 60 87.18 -8.33 17.52
C LYS K 60 88.57 -7.83 17.17
N MET K 61 88.67 -6.63 16.59
CA MET K 61 89.97 -6.08 16.26
C MET K 61 90.69 -5.51 17.48
N ASP K 62 89.96 -5.26 18.57
CA ASP K 62 90.58 -4.76 19.79
C ASP K 62 91.40 -5.83 20.51
N GLU K 63 91.19 -7.10 20.19
CA GLU K 63 91.96 -8.18 20.78
C GLU K 63 93.19 -8.54 19.95
N LEU K 64 93.07 -8.46 18.62
CA LEU K 64 94.16 -8.77 17.72
C LEU K 64 94.92 -7.54 17.24
N GLN K 65 94.66 -6.39 17.85
CA GLN K 65 95.29 -5.09 17.55
C GLN K 65 95.53 -4.88 16.06
N LEU K 66 94.50 -5.08 15.25
CA LEU K 66 94.57 -4.88 13.82
C LEU K 66 93.73 -3.66 13.43
N PHE K 67 94.23 -2.90 12.46
CA PHE K 67 93.56 -1.69 12.00
C PHE K 67 92.58 -2.04 10.88
N ARG K 68 91.99 -1.01 10.26
CA ARG K 68 91.01 -1.21 9.21
C ARG K 68 91.63 -1.49 7.85
N GLY K 69 92.95 -1.36 7.72
CA GLY K 69 93.60 -1.60 6.44
C GLY K 69 94.84 -2.48 6.57
N ASP K 70 94.82 -3.42 7.50
CA ASP K 70 95.95 -4.30 7.75
C ASP K 70 95.84 -5.55 6.87
N THR K 71 96.81 -6.45 7.03
CA THR K 71 96.87 -7.68 6.26
C THR K 71 96.44 -8.84 7.16
N VAL K 72 95.48 -9.62 6.69
CA VAL K 72 94.96 -10.75 7.44
C VAL K 72 95.24 -12.04 6.67
N LEU K 73 95.61 -13.08 7.40
CA LEU K 73 95.91 -14.38 6.82
C LEU K 73 94.95 -15.42 7.40
N LEU K 74 94.26 -16.14 6.52
CA LEU K 74 93.29 -17.15 6.91
C LEU K 74 93.70 -18.50 6.32
N LYS K 75 93.47 -19.56 7.10
CA LYS K 75 93.79 -20.92 6.68
C LYS K 75 92.51 -21.75 6.59
N GLY K 76 92.70 -23.02 6.27
CA GLY K 76 91.58 -23.95 6.18
C GLY K 76 92.03 -25.37 5.92
N LYS K 77 91.24 -26.11 5.15
CA LYS K 77 91.59 -27.48 4.79
C LYS K 77 92.53 -27.48 3.59
N LYS K 78 92.98 -28.66 3.19
CA LYS K 78 93.86 -28.88 2.04
C LYS K 78 95.21 -28.18 2.20
N ARG K 79 95.55 -27.77 3.42
CA ARG K 79 96.82 -27.09 3.72
C ARG K 79 97.03 -25.87 2.82
N ARG K 80 96.01 -25.01 2.80
CA ARG K 80 96.04 -23.80 2.00
C ARG K 80 95.79 -22.59 2.89
N GLU K 81 96.30 -21.45 2.45
CA GLU K 81 96.17 -20.19 3.17
C GLU K 81 95.34 -19.22 2.33
N ALA K 82 95.07 -18.05 2.91
CA ALA K 82 94.33 -17.01 2.23
C ALA K 82 94.74 -15.66 2.80
N VAL K 83 94.46 -14.61 2.03
CA VAL K 83 94.77 -13.24 2.45
C VAL K 83 93.69 -12.32 1.92
N CYS K 84 93.22 -11.41 2.78
CA CYS K 84 92.15 -10.49 2.42
C CYS K 84 92.36 -9.18 3.18
N ILE K 85 91.31 -8.36 3.23
CA ILE K 85 91.33 -7.08 3.93
C ILE K 85 90.17 -7.07 4.92
N VAL K 86 90.48 -6.78 6.18
CA VAL K 86 89.47 -6.70 7.23
C VAL K 86 88.90 -5.29 7.27
N LEU K 87 87.57 -5.19 7.21
CA LEU K 87 86.88 -3.91 7.30
C LEU K 87 86.10 -3.86 8.62
N SER K 88 86.15 -2.71 9.28
CA SER K 88 85.50 -2.52 10.56
C SER K 88 84.05 -2.10 10.36
N ASP K 89 83.14 -2.72 11.12
CA ASP K 89 81.73 -2.39 11.05
C ASP K 89 81.10 -2.65 12.41
N ASP K 90 80.20 -1.77 12.83
CA ASP K 90 79.52 -1.89 14.11
C ASP K 90 78.01 -1.94 13.95
N THR K 91 77.52 -2.16 12.73
CA THR K 91 76.10 -2.22 12.46
C THR K 91 75.62 -3.61 12.00
N CYS K 92 76.54 -4.47 11.59
CA CYS K 92 76.17 -5.80 11.10
C CYS K 92 75.53 -6.64 12.20
N SER K 93 76.26 -6.91 13.27
CA SER K 93 75.75 -7.75 14.34
C SER K 93 76.39 -7.38 15.68
N ASP K 94 76.20 -8.23 16.68
CA ASP K 94 76.78 -8.02 18.02
C ASP K 94 78.13 -8.68 18.19
N GLU K 95 78.26 -9.97 17.86
CA GLU K 95 79.55 -10.64 17.88
C GLU K 95 79.52 -11.72 16.80
N LYS K 96 80.03 -11.36 15.62
CA LYS K 96 80.00 -12.28 14.48
C LYS K 96 80.96 -11.76 13.42
N ILE K 97 81.49 -12.69 12.63
CA ILE K 97 82.40 -12.37 11.54
C ILE K 97 81.72 -12.72 10.21
N ARG K 98 81.73 -11.77 9.29
CA ARG K 98 81.18 -11.94 7.96
C ARG K 98 82.26 -12.55 7.05
N MET K 99 81.83 -13.07 5.91
CA MET K 99 82.74 -13.82 5.06
C MET K 99 82.11 -13.96 3.68
N ASN K 100 82.87 -13.69 2.64
CA ASN K 100 82.31 -13.51 1.30
C ASN K 100 82.28 -14.82 0.53
N ARG K 101 81.55 -14.81 -0.60
CA ARG K 101 81.40 -15.99 -1.45
C ARG K 101 82.57 -16.21 -2.40
N VAL K 102 83.15 -15.13 -2.93
CA VAL K 102 84.26 -15.27 -3.87
C VAL K 102 85.47 -15.93 -3.25
N VAL K 103 85.58 -15.93 -1.92
CA VAL K 103 86.69 -16.57 -1.23
C VAL K 103 86.27 -17.81 -0.45
N ARG K 104 84.97 -18.01 -0.21
CA ARG K 104 84.53 -19.28 0.36
C ARG K 104 84.88 -20.46 -0.54
N ASN K 105 84.61 -20.34 -1.84
CA ASN K 105 85.00 -21.38 -2.77
C ASN K 105 86.50 -21.39 -3.02
N ASN K 106 87.17 -20.25 -2.83
CA ASN K 106 88.61 -20.17 -3.08
C ASN K 106 89.39 -20.91 -2.00
N LEU K 107 89.02 -20.71 -0.73
CA LEU K 107 89.69 -21.39 0.38
C LEU K 107 89.10 -22.76 0.65
N ARG K 108 88.04 -23.15 -0.08
CA ARG K 108 87.34 -24.41 0.09
C ARG K 108 86.73 -24.50 1.49
N VAL K 109 85.85 -23.55 1.78
CA VAL K 109 85.14 -23.47 3.05
C VAL K 109 83.64 -23.57 2.77
N ARG K 110 82.94 -24.30 3.62
CA ARG K 110 81.50 -24.40 3.53
C ARG K 110 80.88 -23.91 4.85
N LEU K 111 79.57 -23.77 4.86
CA LEU K 111 78.88 -23.21 6.01
C LEU K 111 79.01 -24.14 7.23
N GLY K 112 78.83 -23.55 8.41
CA GLY K 112 78.91 -24.33 9.63
C GLY K 112 80.29 -24.84 9.96
N ASP K 113 81.33 -24.16 9.50
CA ASP K 113 82.71 -24.54 9.75
C ASP K 113 83.39 -23.51 10.65
N VAL K 114 84.52 -23.90 11.22
CA VAL K 114 85.29 -23.03 12.09
C VAL K 114 86.41 -22.38 11.28
N ILE K 115 86.73 -21.14 11.62
CA ILE K 115 87.78 -20.40 10.95
C ILE K 115 88.59 -19.65 12.00
N SER K 116 89.91 -19.71 11.89
CA SER K 116 90.82 -19.05 12.80
C SER K 116 91.40 -17.81 12.12
N ILE K 117 91.40 -16.69 12.84
CA ILE K 117 91.87 -15.42 12.30
C ILE K 117 92.98 -14.88 13.21
N GLN K 118 94.02 -14.34 12.59
CA GLN K 118 95.13 -13.73 13.31
C GLN K 118 95.74 -12.65 12.44
N PRO K 119 96.27 -11.58 13.03
CA PRO K 119 96.93 -10.55 12.22
C PRO K 119 98.25 -11.04 11.65
N CYS K 120 98.63 -10.44 10.53
CA CYS K 120 99.89 -10.77 9.86
C CYS K 120 100.49 -9.50 9.30
N PRO K 121 101.23 -8.76 10.12
CA PRO K 121 101.85 -7.49 9.66
C PRO K 121 103.12 -7.73 8.84
N ASP K 122 102.92 -8.19 7.60
CA ASP K 122 104.00 -8.47 6.68
C ASP K 122 103.93 -7.51 5.50
N VAL K 123 105.05 -6.86 5.21
CA VAL K 123 105.12 -5.93 4.09
C VAL K 123 105.27 -6.72 2.80
N LYS K 124 104.37 -6.48 1.84
CA LYS K 124 104.37 -7.18 0.58
C LYS K 124 104.42 -6.18 -0.57
N TYR K 125 104.98 -6.61 -1.70
CA TYR K 125 105.11 -5.76 -2.87
C TYR K 125 105.22 -6.65 -4.11
N GLY K 126 104.20 -6.61 -4.96
CA GLY K 126 104.25 -7.38 -6.18
C GLY K 126 105.15 -6.74 -7.23
N LYS K 127 105.88 -7.58 -7.94
CA LYS K 127 106.78 -7.14 -9.00
C LYS K 127 106.33 -7.62 -10.37
N ARG K 128 106.14 -8.93 -10.55
CA ARG K 128 105.72 -9.49 -11.83
C ARG K 128 104.54 -10.43 -11.58
N ILE K 129 103.53 -10.34 -12.43
CA ILE K 129 102.36 -11.19 -12.36
C ILE K 129 102.09 -11.80 -13.72
N HIS K 130 101.39 -12.93 -13.72
CA HIS K 130 101.05 -13.62 -14.96
C HIS K 130 99.77 -14.42 -14.70
N VAL K 131 98.65 -13.88 -15.16
CA VAL K 131 97.35 -14.53 -15.00
C VAL K 131 96.80 -14.86 -16.37
N LEU K 132 95.97 -15.91 -16.43
CA LEU K 132 95.36 -16.35 -17.67
C LEU K 132 94.02 -16.98 -17.34
N PRO K 133 93.03 -16.84 -18.22
CA PRO K 133 91.70 -17.40 -17.93
C PRO K 133 91.63 -18.87 -18.32
N ILE K 134 90.54 -19.50 -17.89
CA ILE K 134 90.25 -20.89 -18.23
C ILE K 134 89.43 -20.90 -19.52
N ASP K 135 89.70 -21.91 -20.36
CA ASP K 135 89.02 -22.01 -21.64
C ASP K 135 87.61 -22.56 -21.48
N ASP K 136 86.79 -21.88 -20.68
CA ASP K 136 85.41 -22.29 -20.48
C ASP K 136 84.47 -21.09 -20.53
N THR K 137 85.04 -19.89 -20.44
CA THR K 137 84.25 -18.66 -20.42
C THR K 137 84.88 -17.57 -21.29
N VAL K 138 85.70 -17.93 -22.27
CA VAL K 138 86.37 -16.96 -23.12
C VAL K 138 85.94 -17.17 -24.56
N GLU K 139 84.71 -17.65 -24.76
CA GLU K 139 84.19 -17.90 -26.10
C GLU K 139 83.79 -16.58 -26.74
N GLY K 140 84.34 -16.30 -27.92
CA GLY K 140 84.02 -15.07 -28.63
C GLY K 140 84.84 -13.87 -28.25
N ILE K 141 85.94 -14.05 -27.54
CA ILE K 141 86.80 -12.95 -27.09
C ILE K 141 88.13 -13.06 -27.80
N THR K 142 88.53 -11.98 -28.47
CA THR K 142 89.79 -11.94 -29.22
C THR K 142 90.54 -10.66 -28.89
N GLY K 143 91.82 -10.64 -29.24
CA GLY K 143 92.65 -9.48 -29.00
C GLY K 143 93.16 -9.41 -27.57
N ASN K 144 93.80 -8.27 -27.27
CA ASN K 144 94.34 -8.05 -25.94
C ASN K 144 93.22 -7.84 -24.93
N LEU K 145 93.43 -8.41 -23.73
CA LEU K 145 92.43 -8.29 -22.68
C LEU K 145 93.05 -8.02 -21.30
N PHE K 146 94.32 -7.63 -21.24
CA PHE K 146 94.98 -7.38 -19.96
C PHE K 146 95.17 -5.91 -19.65
N GLU K 147 95.42 -5.07 -20.66
CA GLU K 147 95.64 -3.65 -20.45
C GLU K 147 94.36 -2.83 -20.57
N VAL K 148 93.22 -3.49 -20.77
CA VAL K 148 91.95 -2.79 -20.94
C VAL K 148 90.94 -3.09 -19.85
N TYR K 149 90.94 -4.27 -19.23
CA TYR K 149 90.08 -4.56 -18.08
C TYR K 149 90.85 -4.68 -16.78
N LEU K 150 91.90 -5.50 -16.73
CA LEU K 150 92.60 -5.74 -15.48
C LEU K 150 93.26 -4.48 -14.92
N LYS K 151 93.93 -3.70 -15.77
CA LYS K 151 94.60 -2.50 -15.27
C LYS K 151 93.63 -1.49 -14.67
N PRO K 152 92.49 -1.17 -15.30
CA PRO K 152 91.57 -0.18 -14.69
C PRO K 152 91.03 -0.59 -13.33
N TYR K 153 90.67 -1.85 -13.13
CA TYR K 153 90.04 -2.27 -11.88
C TYR K 153 91.02 -2.53 -10.75
N PHE K 154 92.31 -2.76 -11.05
CA PHE K 154 93.26 -3.02 -9.98
C PHE K 154 93.63 -1.77 -9.19
N LEU K 155 93.69 -0.61 -9.85
CA LEU K 155 94.14 0.60 -9.19
C LEU K 155 93.15 1.07 -8.14
N GLU K 156 93.68 1.71 -7.09
CA GLU K 156 92.89 2.23 -5.97
C GLU K 156 92.11 1.13 -5.25
N ALA K 157 92.65 -0.09 -5.29
CA ALA K 157 92.02 -1.20 -4.60
C ALA K 157 93.00 -1.89 -3.66
N TYR K 158 94.25 -2.06 -4.11
CA TYR K 158 95.31 -2.72 -3.33
C TYR K 158 94.86 -4.08 -2.82
N ARG K 159 94.16 -4.82 -3.68
CA ARG K 159 93.68 -6.11 -3.22
C ARG K 159 94.81 -7.14 -3.22
N PRO K 160 94.93 -7.92 -2.15
CA PRO K 160 95.97 -8.94 -2.09
C PRO K 160 95.56 -10.19 -2.88
N ILE K 161 96.56 -11.02 -3.16
CA ILE K 161 96.35 -12.27 -3.88
C ILE K 161 97.40 -13.26 -3.42
N ARG K 162 96.99 -14.50 -3.19
CA ARG K 162 97.88 -15.57 -2.78
C ARG K 162 98.04 -16.55 -3.93
N LYS K 163 99.01 -17.45 -3.79
CA LYS K 163 99.32 -18.41 -4.85
C LYS K 163 98.26 -19.49 -4.90
N GLY K 164 97.81 -19.80 -6.12
CA GLY K 164 96.81 -20.84 -6.31
C GLY K 164 95.42 -20.43 -5.89
N ASP K 165 94.93 -19.32 -6.43
CA ASP K 165 93.59 -18.83 -6.10
C ASP K 165 92.87 -18.44 -7.38
N ILE K 166 91.57 -18.70 -7.42
CA ILE K 166 90.75 -18.35 -8.58
C ILE K 166 89.82 -17.21 -8.21
N PHE K 167 90.26 -15.98 -8.47
CA PHE K 167 89.42 -14.82 -8.20
C PHE K 167 88.39 -14.64 -9.32
N LEU K 168 87.29 -14.00 -8.96
CA LEU K 168 86.19 -13.75 -9.89
C LEU K 168 85.93 -12.24 -9.95
N VAL K 169 85.78 -11.71 -11.16
CA VAL K 169 85.56 -10.30 -11.37
C VAL K 169 84.31 -10.11 -12.24
N ARG K 170 83.46 -9.18 -11.82
CA ARG K 170 82.25 -8.84 -12.55
C ARG K 170 82.47 -7.55 -13.34
N GLY K 171 81.94 -7.53 -14.55
CA GLY K 171 82.07 -6.39 -15.44
C GLY K 171 82.41 -6.84 -16.85
N GLY K 172 82.39 -5.88 -17.77
CA GLY K 172 82.68 -6.19 -19.15
C GLY K 172 81.60 -6.95 -19.87
N MET K 173 80.34 -6.83 -19.42
CA MET K 173 79.20 -7.49 -20.04
C MET K 173 79.37 -9.01 -20.03
N ARG K 174 80.04 -9.53 -19.01
CA ARG K 174 80.26 -10.97 -18.89
C ARG K 174 80.80 -11.27 -17.50
N ALA K 175 80.95 -12.56 -17.21
CA ALA K 175 81.51 -13.03 -15.96
C ALA K 175 82.69 -13.95 -16.29
N VAL K 176 83.90 -13.43 -16.12
CA VAL K 176 85.11 -14.17 -16.45
C VAL K 176 86.03 -14.18 -15.23
N GLU K 177 86.95 -15.15 -15.24
CA GLU K 177 87.89 -15.31 -14.14
C GLU K 177 89.27 -15.60 -14.71
N PHE K 178 90.27 -15.54 -13.84
CA PHE K 178 91.65 -15.81 -14.23
C PHE K 178 92.33 -16.64 -13.14
N LYS K 179 93.37 -17.35 -13.54
CA LYS K 179 94.10 -18.22 -12.63
C LYS K 179 95.59 -18.05 -12.87
N VAL K 180 96.36 -17.94 -11.78
CA VAL K 180 97.80 -17.77 -11.86
C VAL K 180 98.46 -19.13 -11.78
N VAL K 181 99.55 -19.31 -12.54
CA VAL K 181 100.25 -20.59 -12.59
C VAL K 181 101.72 -20.40 -12.25
N GLU K 182 102.25 -19.21 -12.50
CA GLU K 182 103.67 -18.95 -12.27
C GLU K 182 103.89 -17.45 -12.14
N THR K 183 104.35 -17.04 -10.95
CA THR K 183 104.69 -15.63 -10.72
C THR K 183 105.79 -15.57 -9.67
N ASP K 184 105.97 -14.40 -9.05
CA ASP K 184 106.97 -14.26 -8.00
C ASP K 184 106.61 -15.16 -6.82
N PRO K 185 107.62 -15.65 -6.09
CA PRO K 185 107.35 -16.60 -4.99
C PRO K 185 106.42 -16.00 -3.94
N SER K 186 105.54 -16.84 -3.42
CA SER K 186 104.56 -16.40 -2.44
C SER K 186 105.26 -16.00 -1.13
N PRO K 187 104.78 -14.94 -0.46
CA PRO K 187 103.69 -14.07 -0.92
C PRO K 187 104.21 -12.89 -1.74
N TYR K 188 104.32 -11.73 -1.10
CA TYR K 188 104.85 -10.52 -1.72
C TYR K 188 104.10 -10.18 -3.00
N CYS K 189 102.77 -10.32 -2.97
CA CYS K 189 101.92 -10.05 -4.11
C CYS K 189 101.03 -8.86 -3.76
N ILE K 190 101.37 -7.69 -4.29
CA ILE K 190 100.59 -6.47 -4.10
C ILE K 190 100.41 -5.82 -5.46
N VAL K 191 99.16 -5.52 -5.82
CA VAL K 191 98.88 -4.91 -7.12
C VAL K 191 99.38 -3.47 -7.12
N ALA K 192 99.99 -3.07 -8.23
CA ALA K 192 100.51 -1.71 -8.38
C ALA K 192 100.59 -1.41 -9.86
N PRO K 193 100.34 -0.15 -10.27
CA PRO K 193 100.43 0.19 -11.69
C PRO K 193 101.81 -0.01 -12.29
N ASP K 194 102.86 0.01 -11.48
CA ASP K 194 104.21 -0.21 -11.97
C ASP K 194 104.48 -1.68 -12.31
N THR K 195 103.67 -2.59 -11.81
CA THR K 195 103.85 -4.01 -12.10
C THR K 195 103.58 -4.31 -13.56
N VAL K 196 104.31 -5.29 -14.10
CA VAL K 196 104.16 -5.69 -15.48
C VAL K 196 103.45 -7.04 -15.54
N ILE K 197 102.89 -7.36 -16.70
CA ILE K 197 102.18 -8.62 -16.91
C ILE K 197 102.60 -9.19 -18.25
N HIS K 198 102.36 -10.48 -18.43
CA HIS K 198 102.70 -11.17 -19.67
C HIS K 198 101.79 -12.38 -19.83
N CYS K 199 101.74 -12.89 -21.06
CA CYS K 199 100.90 -14.02 -21.41
C CYS K 199 101.67 -14.96 -22.32
N GLU K 200 101.24 -16.22 -22.35
CA GLU K 200 101.83 -17.25 -23.19
C GLU K 200 100.97 -17.58 -24.40
N GLY K 201 99.66 -17.64 -24.22
CA GLY K 201 98.73 -17.93 -25.30
C GLY K 201 98.12 -19.32 -25.30
N GLU K 202 98.08 -20.01 -24.17
CA GLU K 202 97.52 -21.35 -24.09
C GLU K 202 96.78 -21.49 -22.77
N PRO K 203 95.47 -21.33 -22.78
CA PRO K 203 94.71 -21.50 -21.53
C PRO K 203 94.73 -22.93 -21.03
N ILE K 204 94.66 -23.07 -19.71
CA ILE K 204 94.67 -24.39 -19.05
C ILE K 204 93.27 -24.67 -18.51
N LYS K 205 92.76 -25.86 -18.82
CA LYS K 205 91.42 -26.23 -18.38
C LYS K 205 91.38 -26.41 -16.87
N ARG K 206 90.20 -26.16 -16.30
CA ARG K 206 89.99 -26.32 -14.87
C ARG K 206 89.88 -27.79 -14.50
N GLU K 207 90.02 -28.06 -13.20
CA GLU K 207 89.90 -29.40 -12.66
C GLU K 207 88.63 -29.51 -11.82
N ASP K 208 88.42 -30.69 -11.24
CA ASP K 208 87.24 -30.96 -10.42
C ASP K 208 87.42 -30.56 -8.97
N GLU K 209 88.63 -30.14 -8.57
CA GLU K 209 88.85 -29.70 -7.20
C GLU K 209 88.10 -28.42 -6.88
N GLU K 210 88.03 -27.49 -7.82
CA GLU K 210 87.37 -26.22 -7.64
C GLU K 210 85.95 -26.26 -8.20
N GLU K 211 85.14 -25.29 -7.79
CA GLU K 211 83.76 -25.15 -8.22
C GLU K 211 83.58 -23.82 -8.92
N SER K 212 82.82 -23.82 -10.01
CA SER K 212 82.58 -22.59 -10.75
C SER K 212 81.70 -21.66 -9.93
N LEU K 213 82.09 -20.38 -9.89
CA LEU K 213 81.32 -19.36 -9.17
C LEU K 213 80.20 -18.78 -10.01
N ASN K 214 80.06 -19.20 -11.26
CA ASN K 214 78.98 -18.73 -12.12
C ASN K 214 77.62 -19.31 -11.73
N GLU K 215 77.59 -20.29 -10.84
CA GLU K 215 76.34 -20.91 -10.42
C GLU K 215 75.64 -20.04 -9.39
N VAL K 216 74.53 -20.55 -8.85
CA VAL K 216 73.69 -19.75 -7.97
C VAL K 216 74.03 -20.04 -6.51
N GLY K 217 74.12 -18.96 -5.72
CA GLY K 217 74.32 -19.06 -4.29
C GLY K 217 73.34 -18.21 -3.51
N TYR K 218 73.53 -18.09 -2.20
CA TYR K 218 72.62 -17.30 -1.39
C TYR K 218 72.63 -15.83 -1.78
N ASP K 219 73.76 -15.30 -2.23
CA ASP K 219 73.86 -13.90 -2.61
C ASP K 219 73.07 -13.58 -3.87
N ASP K 220 72.60 -14.59 -4.60
CA ASP K 220 71.88 -14.39 -5.84
C ASP K 220 70.38 -14.23 -5.63
N ILE K 221 69.90 -14.35 -4.40
CA ILE K 221 68.48 -14.22 -4.08
C ILE K 221 68.22 -12.79 -3.66
N GLY K 222 67.25 -12.14 -4.29
CA GLY K 222 66.93 -10.77 -3.95
C GLY K 222 65.46 -10.57 -3.63
N GLY K 223 65.17 -10.04 -2.45
CA GLY K 223 63.80 -9.76 -2.07
C GLY K 223 63.28 -10.71 -1.01
N CYS K 224 63.65 -11.99 -1.11
CA CYS K 224 63.21 -13.00 -0.16
C CYS K 224 64.21 -13.04 0.99
N ARG K 225 63.97 -12.22 2.00
CA ARG K 225 64.79 -12.19 3.20
C ARG K 225 64.15 -12.96 4.35
N LYS K 226 62.92 -12.60 4.72
CA LYS K 226 62.22 -13.31 5.78
C LYS K 226 61.95 -14.76 5.43
N GLN K 227 61.55 -15.04 4.18
CA GLN K 227 61.27 -16.41 3.76
C GLN K 227 62.53 -17.25 3.63
N LEU K 228 63.59 -16.70 3.06
CA LEU K 228 64.84 -17.44 2.98
C LEU K 228 65.46 -17.68 4.34
N ALA K 229 65.20 -16.79 5.31
CA ALA K 229 65.73 -16.98 6.65
C ALA K 229 65.19 -18.24 7.31
N GLN K 230 63.96 -18.65 6.94
CA GLN K 230 63.40 -19.86 7.53
C GLN K 230 64.09 -21.13 7.07
N ILE K 231 64.42 -21.24 5.78
CA ILE K 231 65.04 -22.45 5.28
C ILE K 231 66.40 -22.70 5.93
N LYS K 232 67.07 -21.64 6.38
CA LYS K 232 68.34 -21.80 7.08
C LYS K 232 68.20 -22.61 8.35
N GLU K 233 67.13 -22.39 9.12
CA GLU K 233 66.92 -23.11 10.36
C GLU K 233 66.13 -24.39 10.18
N MET K 234 65.96 -24.85 8.94
CA MET K 234 65.35 -26.15 8.71
C MET K 234 66.21 -27.10 7.87
N VAL K 235 67.11 -26.62 7.03
CA VAL K 235 67.92 -27.53 6.20
C VAL K 235 69.40 -27.51 6.55
N GLU K 236 69.86 -26.58 7.39
CA GLU K 236 71.27 -26.55 7.79
C GLU K 236 71.61 -27.54 8.89
N LEU K 237 70.65 -27.98 9.67
CA LEU K 237 70.95 -28.94 10.73
C LEU K 237 71.14 -30.34 10.18
N PRO K 238 70.22 -30.88 9.35
CA PRO K 238 70.42 -32.26 8.87
C PRO K 238 71.50 -32.42 7.82
N LEU K 239 71.76 -31.38 7.01
CA LEU K 239 72.72 -31.51 5.92
C LEU K 239 74.15 -31.18 6.32
N ARG K 240 74.35 -30.33 7.32
CA ARG K 240 75.69 -29.97 7.74
C ARG K 240 76.22 -30.88 8.85
N HIS K 241 75.33 -31.48 9.64
CA HIS K 241 75.72 -32.32 10.77
C HIS K 241 74.98 -33.64 10.69
N PRO K 242 75.44 -34.57 9.84
CA PRO K 242 74.73 -35.84 9.70
C PRO K 242 74.89 -36.79 10.88
N ALA K 243 76.11 -36.90 11.42
CA ALA K 243 76.33 -37.80 12.56
C ALA K 243 75.50 -37.41 13.77
N LEU K 244 75.22 -36.12 13.95
CA LEU K 244 74.39 -35.69 15.07
C LEU K 244 72.97 -36.17 14.90
N PHE K 245 72.46 -36.21 13.67
CA PHE K 245 71.11 -36.71 13.44
C PHE K 245 71.04 -38.23 13.51
N LYS K 246 72.04 -38.94 13.02
CA LYS K 246 72.14 -40.37 13.31
C LYS K 246 72.65 -40.67 14.71
N ALA K 247 72.69 -39.67 15.60
CA ALA K 247 72.93 -39.90 17.02
C ALA K 247 71.72 -39.59 17.87
N ILE K 248 71.00 -38.50 17.58
CA ILE K 248 69.83 -38.10 18.34
C ILE K 248 68.58 -38.73 17.74
N GLY K 249 67.49 -38.74 18.50
CA GLY K 249 66.22 -39.25 18.04
C GLY K 249 65.29 -38.23 17.42
N VAL K 250 65.76 -37.02 17.13
CA VAL K 250 64.92 -35.99 16.52
C VAL K 250 64.68 -36.35 15.06
N LYS K 251 63.43 -36.22 14.63
CA LYS K 251 63.09 -36.47 13.23
C LYS K 251 63.15 -35.16 12.44
N PRO K 252 64.01 -35.05 11.45
CA PRO K 252 64.06 -33.83 10.65
C PRO K 252 62.85 -33.74 9.73
N PRO K 253 62.53 -32.55 9.23
CA PRO K 253 61.44 -32.43 8.25
C PRO K 253 61.75 -33.24 7.01
N ARG K 254 60.72 -33.89 6.47
CA ARG K 254 60.86 -34.77 5.32
C ARG K 254 60.30 -34.14 4.04
N GLY K 255 60.00 -32.85 4.08
CA GLY K 255 59.45 -32.19 2.91
C GLY K 255 59.08 -30.74 3.15
N ILE K 256 59.44 -29.87 2.21
CA ILE K 256 59.19 -28.44 2.32
C ILE K 256 58.49 -28.02 1.03
N LEU K 257 57.38 -27.30 1.16
CA LEU K 257 56.62 -26.86 0.00
C LEU K 257 56.74 -25.34 -0.13
N LEU K 258 57.32 -24.89 -1.24
CA LEU K 258 57.47 -23.48 -1.55
C LEU K 258 56.26 -23.00 -2.35
N TYR K 259 55.98 -21.71 -2.27
CA TYR K 259 54.77 -21.20 -2.89
C TYR K 259 55.03 -19.96 -3.73
N GLY K 260 53.97 -19.31 -4.17
CA GLY K 260 54.09 -18.09 -4.94
C GLY K 260 53.85 -18.31 -6.41
N PRO K 261 53.56 -17.24 -7.15
CA PRO K 261 53.35 -17.34 -8.59
C PRO K 261 54.65 -17.70 -9.29
N PRO K 262 54.56 -18.19 -10.53
CA PRO K 262 55.80 -18.56 -11.25
C PRO K 262 56.73 -17.38 -11.42
N GLY K 263 58.02 -17.66 -11.35
CA GLY K 263 59.04 -16.63 -11.47
C GLY K 263 59.45 -15.97 -10.18
N THR K 264 58.81 -16.31 -9.06
CA THR K 264 59.18 -15.71 -7.79
C THR K 264 60.54 -16.18 -7.31
N GLY K 265 61.01 -17.32 -7.80
CA GLY K 265 62.33 -17.79 -7.45
C GLY K 265 62.36 -19.05 -6.62
N LYS K 266 61.38 -19.93 -6.83
CA LYS K 266 61.32 -21.18 -6.08
C LYS K 266 62.39 -22.17 -6.50
N THR K 267 63.05 -21.96 -7.63
CA THR K 267 63.99 -22.95 -8.13
C THR K 267 65.43 -22.63 -7.75
N LEU K 268 65.88 -21.40 -7.96
CA LEU K 268 67.26 -21.08 -7.59
C LEU K 268 67.46 -21.06 -6.09
N ILE K 269 66.39 -20.89 -5.31
CA ILE K 269 66.52 -21.04 -3.85
C ILE K 269 66.93 -22.47 -3.51
N ALA K 270 66.22 -23.45 -4.08
CA ALA K 270 66.57 -24.85 -3.86
C ALA K 270 67.93 -25.20 -4.43
N ARG K 271 68.30 -24.62 -5.58
CA ARG K 271 69.62 -24.90 -6.13
C ARG K 271 70.73 -24.26 -5.29
N ALA K 272 70.48 -23.09 -4.70
CA ALA K 272 71.51 -22.44 -3.88
C ALA K 272 71.69 -23.14 -2.54
N VAL K 273 70.59 -23.52 -1.89
CA VAL K 273 70.70 -24.25 -0.62
C VAL K 273 71.34 -25.62 -0.81
N ALA K 274 71.51 -26.08 -2.05
CA ALA K 274 72.25 -27.29 -2.35
C ALA K 274 73.69 -27.02 -2.77
N ASN K 275 73.90 -25.99 -3.59
CA ASN K 275 75.25 -25.65 -4.02
C ASN K 275 76.13 -25.23 -2.86
N GLU K 276 75.58 -24.43 -1.93
CA GLU K 276 76.38 -23.96 -0.81
C GLU K 276 76.36 -24.89 0.39
N THR K 277 75.64 -26.02 0.30
CA THR K 277 75.67 -27.01 1.36
C THR K 277 76.34 -28.33 0.96
N GLY K 278 76.74 -28.46 -0.30
CA GLY K 278 77.41 -29.67 -0.74
C GLY K 278 76.53 -30.89 -0.82
N ALA K 279 75.21 -30.69 -0.91
CA ALA K 279 74.27 -31.79 -1.01
C ALA K 279 73.97 -32.08 -2.48
N PHE K 280 73.82 -33.37 -2.79
CA PHE K 280 73.54 -33.79 -4.15
C PHE K 280 72.18 -33.27 -4.57
N PHE K 281 72.16 -32.26 -5.43
CA PHE K 281 70.93 -31.66 -5.92
C PHE K 281 70.44 -32.45 -7.13
N PHE K 282 69.21 -32.94 -7.06
CA PHE K 282 68.61 -33.66 -8.17
C PHE K 282 67.27 -33.00 -8.49
N LEU K 283 67.17 -32.44 -9.68
CA LEU K 283 65.99 -31.70 -10.09
C LEU K 283 65.11 -32.56 -10.98
N ILE K 284 63.83 -32.64 -10.64
CA ILE K 284 62.81 -33.21 -11.52
C ILE K 284 61.73 -32.15 -11.71
N ASN K 285 61.42 -31.87 -12.97
CA ASN K 285 60.54 -30.76 -13.30
C ASN K 285 59.10 -31.08 -12.93
N GLY K 286 58.57 -32.16 -13.50
CA GLY K 286 57.20 -32.55 -13.26
C GLY K 286 56.41 -32.82 -14.53
N PRO K 287 56.61 -32.03 -15.58
CA PRO K 287 56.04 -32.39 -16.89
C PRO K 287 56.75 -33.55 -17.57
N GLU K 288 58.03 -33.79 -17.28
CA GLU K 288 58.72 -34.91 -17.90
C GLU K 288 58.16 -36.24 -17.43
N ILE K 289 57.61 -36.28 -16.22
CA ILE K 289 56.96 -37.50 -15.74
C ILE K 289 55.77 -37.86 -16.62
N MET K 290 54.94 -36.87 -16.97
CA MET K 290 53.84 -37.13 -17.88
C MET K 290 54.27 -37.18 -19.34
N SER K 291 55.49 -36.74 -19.66
CA SER K 291 55.94 -36.76 -21.04
C SER K 291 56.19 -38.18 -21.54
N LYS K 292 56.69 -39.06 -20.68
CA LYS K 292 57.08 -40.39 -21.11
C LYS K 292 55.88 -41.34 -21.06
N LEU K 293 56.09 -42.54 -21.60
CA LEU K 293 55.01 -43.51 -21.71
C LEU K 293 54.56 -43.99 -20.33
N ALA K 294 53.31 -44.45 -20.26
CA ALA K 294 52.74 -44.94 -19.01
C ALA K 294 53.34 -46.30 -18.66
N GLY K 295 54.10 -46.31 -17.57
CA GLY K 295 54.72 -47.55 -17.11
C GLY K 295 56.16 -47.37 -16.70
N GLU K 296 56.88 -46.48 -17.40
CA GLU K 296 58.26 -46.16 -17.05
C GLU K 296 58.38 -44.82 -16.34
N SER K 297 57.35 -43.97 -16.41
CA SER K 297 57.37 -42.73 -15.67
C SER K 297 57.42 -42.97 -14.17
N GLU K 298 56.64 -43.93 -13.68
CA GLU K 298 56.71 -44.29 -12.28
C GLU K 298 58.08 -44.83 -11.91
N SER K 299 58.65 -45.69 -12.75
CA SER K 299 59.98 -46.22 -12.49
C SER K 299 61.05 -45.13 -12.48
N ASN K 300 60.90 -44.10 -13.30
CA ASN K 300 61.95 -43.09 -13.40
C ASN K 300 62.00 -42.24 -12.13
N LEU K 301 60.84 -41.73 -11.67
CA LEU K 301 60.87 -40.98 -10.42
C LEU K 301 60.97 -41.89 -9.21
N ARG K 302 60.81 -43.20 -9.40
CA ARG K 302 61.20 -44.13 -8.34
C ARG K 302 62.71 -44.19 -8.21
N LYS K 303 63.40 -44.55 -9.29
CA LYS K 303 64.86 -44.65 -9.25
C LYS K 303 65.52 -43.32 -8.94
N ALA K 304 64.81 -42.21 -9.20
CA ALA K 304 65.29 -40.90 -8.75
C ALA K 304 65.51 -40.86 -7.24
N PHE K 305 64.64 -41.52 -6.47
CA PHE K 305 64.79 -41.51 -5.02
C PHE K 305 65.95 -42.36 -4.53
N GLU K 306 66.13 -43.58 -5.06
CA GLU K 306 67.28 -44.37 -4.64
C GLU K 306 68.61 -43.80 -5.10
N GLU K 307 68.69 -43.24 -6.31
CA GLU K 307 69.97 -42.65 -6.71
C GLU K 307 70.32 -41.44 -5.84
N ALA K 308 69.30 -40.73 -5.34
CA ALA K 308 69.55 -39.66 -4.39
C ALA K 308 70.01 -40.18 -3.03
N GLU K 309 69.46 -41.32 -2.58
CA GLU K 309 69.80 -41.82 -1.25
C GLU K 309 71.27 -42.16 -1.13
N LYS K 310 71.85 -42.82 -2.13
CA LYS K 310 73.25 -43.22 -2.03
C LYS K 310 74.18 -42.02 -2.16
N ASN K 311 73.69 -40.91 -2.70
CA ASN K 311 74.44 -39.65 -2.69
C ASN K 311 74.09 -38.81 -1.47
N ALA K 312 74.17 -39.41 -0.30
CA ALA K 312 73.85 -38.70 0.93
C ALA K 312 75.00 -37.79 1.33
N PRO K 313 74.72 -36.57 1.82
CA PRO K 313 73.37 -36.01 1.93
C PRO K 313 72.86 -35.50 0.58
N ALA K 314 71.55 -35.58 0.37
CA ALA K 314 70.96 -35.24 -0.91
C ALA K 314 69.80 -34.27 -0.70
N ILE K 315 69.32 -33.71 -1.80
CA ILE K 315 68.22 -32.77 -1.78
C ILE K 315 67.46 -32.90 -3.10
N ILE K 316 66.16 -33.14 -3.01
CA ILE K 316 65.31 -33.36 -4.16
C ILE K 316 64.32 -32.20 -4.26
N PHE K 317 64.24 -31.59 -5.44
CA PHE K 317 63.33 -30.48 -5.66
C PHE K 317 62.43 -30.82 -6.82
N ILE K 318 61.12 -30.70 -6.61
CA ILE K 318 60.12 -30.96 -7.64
C ILE K 318 59.61 -29.60 -8.11
N ASP K 319 59.90 -29.25 -9.36
CA ASP K 319 59.60 -27.91 -9.85
C ASP K 319 58.11 -27.73 -10.08
N GLU K 320 57.50 -28.59 -10.88
CA GLU K 320 56.07 -28.55 -11.13
C GLU K 320 55.41 -29.64 -10.29
N LEU K 321 54.58 -29.24 -9.33
CA LEU K 321 53.87 -30.20 -8.50
C LEU K 321 52.37 -30.11 -8.71
N ASP K 322 51.86 -28.91 -9.02
CA ASP K 322 50.46 -28.78 -9.37
C ASP K 322 50.13 -29.54 -10.64
N ALA K 323 51.13 -29.79 -11.48
CA ALA K 323 50.97 -30.61 -12.68
C ALA K 323 51.11 -32.10 -12.38
N ILE K 324 51.44 -32.45 -11.16
CA ILE K 324 51.56 -33.85 -10.74
C ILE K 324 50.31 -34.33 -10.02
N ALA K 325 49.79 -33.54 -9.08
CA ALA K 325 48.66 -33.92 -8.26
C ALA K 325 47.61 -32.81 -8.23
N PRO K 326 46.86 -32.63 -9.32
CA PRO K 326 45.71 -31.71 -9.32
C PRO K 326 44.42 -32.42 -8.92
N LYS K 327 44.42 -33.02 -7.72
CA LYS K 327 43.35 -33.93 -7.31
C LYS K 327 42.21 -33.09 -6.73
N ARG K 328 41.63 -32.24 -7.58
CA ARG K 328 40.46 -31.46 -7.18
C ARG K 328 39.33 -31.55 -8.20
N GLU K 329 39.68 -31.56 -9.48
CA GLU K 329 38.65 -31.55 -10.51
C GLU K 329 39.01 -32.47 -11.68
N LYS K 330 40.19 -33.09 -11.63
CA LYS K 330 40.62 -33.91 -12.75
C LYS K 330 39.85 -35.23 -12.75
N THR K 331 40.05 -36.04 -11.72
CA THR K 331 39.36 -37.32 -11.55
C THR K 331 39.35 -38.13 -12.85
N HIS K 332 40.41 -37.98 -13.64
CA HIS K 332 40.46 -38.56 -14.97
C HIS K 332 41.87 -39.05 -15.23
N GLY K 333 41.98 -40.29 -15.72
CA GLY K 333 43.28 -40.86 -15.99
C GLY K 333 43.71 -41.86 -14.93
N GLU K 334 43.77 -43.14 -15.31
CA GLU K 334 44.21 -44.17 -14.38
C GLU K 334 45.63 -43.93 -13.93
N VAL K 335 46.51 -43.50 -14.83
CA VAL K 335 47.91 -43.30 -14.47
C VAL K 335 48.14 -42.08 -13.59
N GLU K 336 47.24 -41.09 -13.64
CA GLU K 336 47.42 -39.91 -12.79
C GLU K 336 47.41 -40.30 -11.32
N ARG K 337 46.38 -41.04 -10.90
CA ARG K 337 46.30 -41.54 -9.53
C ARG K 337 47.44 -42.48 -9.20
N ARG K 338 47.86 -43.32 -10.14
CA ARG K 338 49.00 -44.20 -9.91
C ARG K 338 50.27 -43.42 -9.61
N ILE K 339 50.55 -42.37 -10.38
CA ILE K 339 51.74 -41.56 -10.12
C ILE K 339 51.61 -40.80 -8.80
N VAL K 340 50.41 -40.26 -8.51
CA VAL K 340 50.22 -39.55 -7.27
C VAL K 340 50.49 -40.46 -6.08
N SER K 341 49.92 -41.67 -6.11
CA SER K 341 50.16 -42.63 -5.05
C SER K 341 51.62 -43.10 -5.01
N GLN K 342 52.27 -43.22 -6.18
CA GLN K 342 53.66 -43.61 -6.20
C GLN K 342 54.52 -42.57 -5.49
N LEU K 343 54.26 -41.28 -5.75
CA LEU K 343 54.93 -40.22 -5.02
C LEU K 343 54.60 -40.27 -3.53
N LEU K 344 53.35 -40.53 -3.18
CA LEU K 344 52.97 -40.63 -1.77
C LEU K 344 53.71 -41.77 -1.08
N THR K 345 53.88 -42.90 -1.75
CA THR K 345 54.62 -44.01 -1.15
C THR K 345 56.10 -43.70 -1.04
N LEU K 346 56.68 -43.10 -2.08
CA LEU K 346 58.10 -42.75 -2.05
C LEU K 346 58.44 -41.74 -0.97
N MET K 347 57.53 -40.81 -0.67
CA MET K 347 57.76 -39.85 0.40
C MET K 347 57.30 -40.32 1.77
N ASP K 348 56.40 -41.30 1.83
CA ASP K 348 55.98 -41.85 3.11
C ASP K 348 57.09 -42.69 3.73
N GLY K 349 57.83 -43.43 2.91
CA GLY K 349 58.89 -44.28 3.39
C GLY K 349 60.21 -43.55 3.55
N LEU K 350 60.16 -42.34 4.08
CA LEU K 350 61.36 -41.54 4.32
C LEU K 350 61.76 -41.67 5.79
N LYS K 351 62.43 -42.78 6.11
CA LYS K 351 62.95 -43.01 7.45
C LYS K 351 64.27 -42.28 7.64
N GLN K 352 64.99 -42.58 8.72
CA GLN K 352 66.25 -41.90 8.98
C GLN K 352 67.26 -42.19 7.87
N ARG K 353 67.69 -43.45 7.76
CA ARG K 353 68.49 -43.95 6.65
C ARG K 353 69.58 -42.97 6.21
N ALA K 354 69.24 -42.11 5.25
CA ALA K 354 70.15 -41.08 4.75
C ALA K 354 69.47 -39.72 4.78
N HIS K 355 70.22 -38.66 4.52
CA HIS K 355 69.68 -37.30 4.57
C HIS K 355 69.20 -36.92 3.17
N VAL K 356 67.89 -37.03 2.94
CA VAL K 356 67.26 -36.56 1.72
C VAL K 356 66.16 -35.60 2.11
N ILE K 357 66.15 -34.43 1.47
CA ILE K 357 65.14 -33.41 1.70
C ILE K 357 64.39 -33.21 0.39
N VAL K 358 63.08 -33.34 0.44
CA VAL K 358 62.23 -33.30 -0.75
C VAL K 358 61.47 -31.98 -0.73
N MET K 359 62.00 -30.96 -1.40
CA MET K 359 61.31 -29.70 -1.57
C MET K 359 60.48 -29.72 -2.85
N ALA K 360 59.45 -28.88 -2.88
CA ALA K 360 58.56 -28.84 -4.03
C ALA K 360 58.04 -27.42 -4.20
N ALA K 361 57.60 -27.11 -5.41
CA ALA K 361 57.10 -25.79 -5.74
C ALA K 361 55.77 -25.91 -6.47
N THR K 362 54.88 -24.97 -6.16
CA THR K 362 53.55 -24.90 -6.76
C THR K 362 53.05 -23.46 -6.60
N ASN K 363 51.93 -23.14 -7.25
CA ASN K 363 51.45 -21.78 -7.30
C ASN K 363 50.52 -21.48 -6.14
N ARG K 364 49.47 -22.26 -5.95
CA ARG K 364 48.51 -22.04 -4.88
C ARG K 364 48.60 -23.15 -3.82
N PRO K 365 48.32 -22.82 -2.56
CA PRO K 365 48.11 -23.88 -1.56
C PRO K 365 46.98 -24.85 -1.88
N ASN K 366 45.86 -24.42 -2.47
CA ASN K 366 44.78 -25.38 -2.70
C ASN K 366 44.97 -26.22 -3.97
N SER K 367 45.96 -25.91 -4.81
CA SER K 367 46.15 -26.64 -6.06
C SER K 367 46.99 -27.89 -5.89
N ILE K 368 47.04 -28.43 -4.68
CA ILE K 368 47.85 -29.61 -4.36
C ILE K 368 46.94 -30.63 -3.69
N ASP K 369 47.17 -31.91 -3.99
CA ASP K 369 46.43 -32.98 -3.38
C ASP K 369 46.53 -32.89 -1.86
N PRO K 370 45.41 -32.82 -1.13
CA PRO K 370 45.49 -32.73 0.33
C PRO K 370 46.19 -33.91 0.97
N ALA K 371 46.18 -35.08 0.33
CA ALA K 371 46.91 -36.23 0.87
C ALA K 371 48.41 -36.00 0.90
N LEU K 372 48.91 -35.02 0.14
CA LEU K 372 50.32 -34.67 0.14
C LEU K 372 50.70 -33.76 1.30
N ARG K 373 49.72 -33.19 2.00
CA ARG K 373 49.97 -32.27 3.10
C ARG K 373 49.99 -32.96 4.46
N ARG K 374 49.86 -34.29 4.48
CA ARG K 374 49.83 -35.03 5.73
C ARG K 374 51.20 -34.99 6.39
N PHE K 375 51.25 -35.46 7.64
CA PHE K 375 52.50 -35.51 8.37
C PHE K 375 53.44 -36.54 7.75
N GLY K 376 54.71 -36.16 7.64
CA GLY K 376 55.70 -37.01 7.02
C GLY K 376 55.87 -36.84 5.53
N ARG K 377 55.00 -36.08 4.88
CA ARG K 377 55.14 -35.79 3.46
C ARG K 377 55.42 -34.32 3.18
N PHE K 378 54.53 -33.43 3.61
CA PHE K 378 54.79 -31.98 3.53
C PHE K 378 54.25 -31.36 4.81
N ASP K 379 55.10 -31.26 5.82
CA ASP K 379 54.72 -30.66 7.09
C ASP K 379 55.10 -29.18 7.14
N ARG K 380 56.27 -28.84 6.61
CA ARG K 380 56.73 -27.46 6.61
C ARG K 380 56.41 -26.81 5.27
N GLU K 381 55.74 -25.67 5.32
CA GLU K 381 55.37 -24.92 4.13
C GLU K 381 55.82 -23.48 4.29
N VAL K 382 56.47 -22.95 3.26
CA VAL K 382 56.94 -21.57 3.25
C VAL K 382 56.35 -20.89 2.02
N ASP K 383 55.68 -19.76 2.23
CA ASP K 383 55.03 -19.01 1.16
C ASP K 383 55.86 -17.77 0.85
N ILE K 384 56.22 -17.61 -0.43
CA ILE K 384 56.94 -16.43 -0.88
C ILE K 384 56.04 -15.69 -1.86
N GLY K 385 56.28 -14.39 -2.00
CA GLY K 385 55.43 -13.54 -2.81
C GLY K 385 56.23 -12.47 -3.55
N ILE K 386 55.52 -11.45 -3.98
CA ILE K 386 56.13 -10.36 -4.76
C ILE K 386 57.01 -9.52 -3.84
N PRO K 387 58.28 -9.31 -4.19
CA PRO K 387 59.12 -8.43 -3.37
C PRO K 387 58.63 -6.99 -3.40
N ASP K 388 58.86 -6.29 -2.29
CA ASP K 388 58.49 -4.89 -2.19
C ASP K 388 59.52 -4.02 -2.89
N ALA K 389 59.39 -2.70 -2.76
CA ALA K 389 60.34 -1.80 -3.40
C ALA K 389 61.75 -2.03 -2.85
N THR K 390 61.89 -2.19 -1.54
CA THR K 390 63.18 -2.52 -0.96
C THR K 390 63.66 -3.89 -1.42
N GLY K 391 62.75 -4.87 -1.47
CA GLY K 391 63.10 -6.20 -1.96
C GLY K 391 63.43 -6.20 -3.43
N ARG K 392 62.72 -5.38 -4.21
CA ARG K 392 63.00 -5.28 -5.64
C ARG K 392 64.30 -4.55 -5.93
N LEU K 393 64.69 -3.58 -5.10
CA LEU K 393 65.93 -2.86 -5.36
C LEU K 393 67.12 -3.80 -5.34
N GLU K 394 67.19 -4.70 -4.36
CA GLU K 394 68.34 -5.60 -4.26
C GLU K 394 68.31 -6.69 -5.34
N ILE K 395 67.20 -6.81 -6.08
CA ILE K 395 67.12 -7.82 -7.12
C ILE K 395 67.54 -7.28 -8.48
N LEU K 396 67.68 -5.97 -8.63
CA LEU K 396 68.14 -5.41 -9.90
C LEU K 396 69.65 -5.54 -10.05
N GLN K 397 70.42 -5.05 -9.06
CA GLN K 397 71.86 -5.00 -9.23
C GLN K 397 72.50 -6.38 -9.36
N ILE K 398 71.89 -7.43 -8.78
CA ILE K 398 72.42 -8.78 -8.94
C ILE K 398 72.34 -9.22 -10.40
N HIS K 399 71.34 -8.75 -11.15
CA HIS K 399 71.21 -9.10 -12.56
C HIS K 399 71.88 -8.11 -13.51
N THR K 400 72.39 -6.99 -13.01
CA THR K 400 73.07 -6.02 -13.85
C THR K 400 74.50 -5.73 -13.39
N LYS K 401 75.05 -6.57 -12.50
CA LYS K 401 76.43 -6.39 -12.08
C LYS K 401 77.41 -6.46 -13.25
N ASN K 402 77.09 -7.19 -14.31
CA ASN K 402 77.99 -7.32 -15.45
C ASN K 402 77.91 -6.14 -16.42
N MET K 403 76.75 -5.52 -16.58
CA MET K 403 76.59 -4.41 -17.51
C MET K 403 76.80 -3.09 -16.77
N LYS K 404 77.78 -2.31 -17.21
CA LYS K 404 78.10 -1.05 -16.57
C LYS K 404 77.00 -0.03 -16.82
N LEU K 405 76.79 0.83 -15.83
CA LEU K 405 75.77 1.87 -15.89
C LEU K 405 76.42 3.24 -16.07
N ALA K 406 75.57 4.24 -16.29
CA ALA K 406 76.00 5.62 -16.42
C ALA K 406 75.82 6.34 -15.09
N ASP K 407 76.37 7.55 -15.00
CA ASP K 407 76.26 8.34 -13.78
C ASP K 407 74.85 8.84 -13.51
N ASP K 408 74.00 8.88 -14.54
CA ASP K 408 72.63 9.35 -14.40
C ASP K 408 71.62 8.21 -14.35
N VAL K 409 72.07 6.96 -14.30
CA VAL K 409 71.18 5.80 -14.29
C VAL K 409 71.12 5.27 -12.87
N ASP K 410 69.95 5.37 -12.25
CA ASP K 410 69.72 4.90 -10.89
C ASP K 410 68.64 3.83 -10.90
N LEU K 411 68.93 2.70 -10.27
CA LEU K 411 68.01 1.58 -10.23
C LEU K 411 66.96 1.71 -9.14
N GLU K 412 67.12 2.66 -8.21
CA GLU K 412 66.15 2.82 -7.15
C GLU K 412 64.83 3.38 -7.65
N GLN K 413 64.87 4.44 -8.48
CA GLN K 413 63.65 5.05 -8.98
C GLN K 413 62.90 4.16 -9.97
N VAL K 414 63.58 3.20 -10.60
CA VAL K 414 62.91 2.32 -11.54
C VAL K 414 62.18 1.18 -10.84
N ALA K 415 62.51 0.91 -9.58
CA ALA K 415 61.84 -0.11 -8.78
C ALA K 415 60.77 0.47 -7.88
N ASN K 416 60.27 1.67 -8.22
CA ASN K 416 59.28 2.35 -7.40
C ASN K 416 57.90 2.34 -8.03
N GLU K 417 57.79 2.72 -9.30
CA GLU K 417 56.50 2.74 -9.98
C GLU K 417 55.99 1.35 -10.33
N THR K 418 56.86 0.34 -10.31
CA THR K 418 56.45 -1.03 -10.55
C THR K 418 56.13 -1.71 -9.23
N HIS K 419 55.00 -2.41 -9.19
CA HIS K 419 54.57 -3.12 -7.99
C HIS K 419 54.13 -4.54 -8.33
N GLY K 420 53.74 -4.76 -9.59
CA GLY K 420 53.25 -6.04 -10.02
C GLY K 420 54.23 -6.80 -10.89
N HIS K 421 55.51 -6.74 -10.52
CA HIS K 421 56.56 -7.42 -11.26
C HIS K 421 57.10 -8.59 -10.44
N VAL K 422 57.06 -9.78 -11.01
CA VAL K 422 57.64 -10.96 -10.38
C VAL K 422 59.15 -10.92 -10.56
N GLY K 423 59.87 -11.70 -9.74
CA GLY K 423 61.32 -11.67 -9.80
C GLY K 423 61.90 -11.95 -11.17
N ALA K 424 61.25 -12.82 -11.94
CA ALA K 424 61.64 -13.09 -13.31
C ALA K 424 61.30 -11.95 -14.26
N ASP K 425 60.29 -11.14 -13.92
CA ASP K 425 59.93 -10.01 -14.77
C ASP K 425 61.10 -9.03 -14.90
N LEU K 426 61.72 -8.66 -13.78
CA LEU K 426 62.85 -7.75 -13.83
C LEU K 426 64.09 -8.40 -14.42
N ALA K 427 64.27 -9.70 -14.22
CA ALA K 427 65.37 -10.40 -14.88
C ALA K 427 65.24 -10.31 -16.39
N ALA K 428 64.02 -10.49 -16.91
CA ALA K 428 63.77 -10.30 -18.32
C ALA K 428 63.92 -8.84 -18.74
N LEU K 429 63.48 -7.91 -17.89
CA LEU K 429 63.52 -6.49 -18.22
C LEU K 429 64.94 -5.98 -18.38
N CYS K 430 65.86 -6.42 -17.52
CA CYS K 430 67.26 -6.00 -17.65
C CYS K 430 67.83 -6.39 -19.00
N SER K 431 67.68 -7.67 -19.38
CA SER K 431 68.16 -8.11 -20.68
C SER K 431 67.46 -7.36 -21.81
N GLU K 432 66.14 -7.17 -21.70
CA GLU K 432 65.40 -6.48 -22.75
C GLU K 432 65.89 -5.06 -22.95
N ALA K 433 66.21 -4.36 -21.87
CA ALA K 433 66.82 -3.04 -22.01
C ALA K 433 68.21 -3.14 -22.64
N ALA K 434 68.93 -4.23 -22.36
CA ALA K 434 70.25 -4.40 -22.96
C ALA K 434 70.20 -4.46 -24.49
N LEU K 435 69.23 -5.17 -25.06
CA LEU K 435 69.15 -5.21 -26.52
C LEU K 435 68.89 -3.83 -27.10
N GLN K 436 68.01 -3.03 -26.50
CA GLN K 436 67.81 -1.68 -27.00
C GLN K 436 69.08 -0.85 -26.87
N ALA K 437 69.79 -0.98 -25.75
CA ALA K 437 71.02 -0.23 -25.54
C ALA K 437 72.05 -0.56 -26.62
N ILE K 438 72.19 -1.82 -27.00
CA ILE K 438 73.16 -2.17 -28.04
C ILE K 438 72.63 -1.92 -29.45
N ARG K 439 71.31 -1.95 -29.64
CA ARG K 439 70.71 -1.71 -30.94
C ARG K 439 70.80 -0.25 -31.34
N LYS K 440 70.67 0.66 -30.38
CA LYS K 440 70.76 2.08 -30.71
C LYS K 440 72.15 2.50 -31.16
N LYS K 441 73.17 1.65 -30.99
CA LYS K 441 74.51 1.97 -31.43
C LYS K 441 75.03 1.06 -32.54
N MET K 442 74.53 -0.17 -32.66
CA MET K 442 75.02 -1.03 -33.73
C MET K 442 74.65 -0.50 -35.12
N ASP K 443 73.55 0.26 -35.22
CA ASP K 443 73.17 0.82 -36.52
C ASP K 443 74.21 1.81 -37.04
N LEU K 444 74.80 2.61 -36.15
CA LEU K 444 75.82 3.57 -36.54
C LEU K 444 77.22 2.98 -36.55
N ILE K 445 77.49 2.00 -35.68
CA ILE K 445 78.81 1.38 -35.67
C ILE K 445 79.07 0.61 -36.96
N ASP K 446 78.10 -0.21 -37.38
CA ASP K 446 78.17 -0.95 -38.63
C ASP K 446 79.43 -1.80 -38.72
N LEU K 447 79.62 -2.69 -37.76
CA LEU K 447 80.76 -3.60 -37.71
C LEU K 447 80.24 -5.02 -37.90
N GLU K 448 80.14 -5.45 -39.15
CA GLU K 448 79.68 -6.79 -39.50
C GLU K 448 80.89 -7.66 -39.81
N ASP K 449 81.10 -8.70 -39.01
CA ASP K 449 82.22 -9.60 -39.17
C ASP K 449 81.89 -10.92 -38.49
N GLU K 450 82.74 -11.92 -38.71
CA GLU K 450 82.54 -13.24 -38.10
C GLU K 450 82.75 -13.18 -36.60
N THR K 451 83.94 -12.77 -36.17
CA THR K 451 84.25 -12.65 -34.75
C THR K 451 84.17 -11.20 -34.30
N ILE K 452 83.47 -10.98 -33.19
CA ILE K 452 83.24 -9.65 -32.65
C ILE K 452 84.35 -9.31 -31.67
N ASP K 453 84.99 -8.17 -31.87
CA ASP K 453 86.10 -7.76 -31.02
C ASP K 453 85.61 -7.47 -29.61
N ALA K 454 86.47 -7.76 -28.63
CA ALA K 454 86.16 -7.56 -27.23
C ALA K 454 86.47 -6.15 -26.73
N GLU K 455 86.94 -5.27 -27.61
CA GLU K 455 87.29 -3.91 -27.24
C GLU K 455 86.10 -2.96 -27.32
N VAL K 456 84.90 -3.47 -27.55
CA VAL K 456 83.70 -2.63 -27.62
C VAL K 456 82.74 -2.84 -26.47
N MET K 457 82.75 -4.01 -25.82
CA MET K 457 81.89 -4.22 -24.66
C MET K 457 82.20 -3.25 -23.52
N ASN K 458 83.44 -2.79 -23.41
CA ASN K 458 83.80 -1.81 -22.38
C ASN K 458 83.06 -0.49 -22.57
N SER K 459 82.64 -0.17 -23.80
CA SER K 459 81.91 1.04 -24.09
C SER K 459 80.40 0.87 -24.06
N LEU K 460 79.92 -0.35 -23.82
CA LEU K 460 78.48 -0.61 -23.77
C LEU K 460 77.95 -0.16 -22.41
N ALA K 461 77.46 1.08 -22.35
CA ALA K 461 76.88 1.64 -21.15
C ALA K 461 75.40 1.85 -21.37
N VAL K 462 74.58 1.31 -20.47
CA VAL K 462 73.14 1.47 -20.58
C VAL K 462 72.75 2.89 -20.19
N THR K 463 71.70 3.40 -20.81
CA THR K 463 71.20 4.73 -20.53
C THR K 463 69.84 4.64 -19.84
N MET K 464 69.38 5.78 -19.32
CA MET K 464 68.10 5.81 -18.65
C MET K 464 66.95 5.62 -19.64
N ASP K 465 67.08 6.20 -20.85
CA ASP K 465 66.09 6.00 -21.89
C ASP K 465 65.97 4.55 -22.31
N ASP K 466 67.03 3.76 -22.13
CA ASP K 466 66.90 2.32 -22.37
C ASP K 466 65.90 1.69 -21.42
N PHE K 467 65.79 2.23 -20.20
CA PHE K 467 64.85 1.72 -19.22
C PHE K 467 63.48 2.36 -19.33
N ARG K 468 63.39 3.61 -19.80
CA ARG K 468 62.08 4.21 -20.00
C ARG K 468 61.22 3.39 -20.97
N TRP K 469 61.80 2.91 -22.07
CA TRP K 469 61.07 2.06 -22.99
C TRP K 469 60.79 0.69 -22.40
N ALA K 470 61.62 0.25 -21.45
CA ALA K 470 61.50 -1.07 -20.85
C ALA K 470 60.22 -1.26 -20.05
N LEU K 471 59.70 -0.21 -19.42
CA LEU K 471 58.49 -0.29 -18.62
C LEU K 471 57.24 0.02 -19.43
N SER K 472 57.38 0.19 -20.75
CA SER K 472 56.24 0.53 -21.60
C SER K 472 55.67 -0.69 -22.31
N GLN K 473 56.49 -1.40 -23.06
CA GLN K 473 56.01 -2.56 -23.80
C GLN K 473 56.03 -3.85 -22.99
N SER K 474 56.67 -3.86 -21.82
CA SER K 474 56.72 -5.05 -21.00
C SER K 474 55.39 -5.24 -20.28
N ASN K 475 54.75 -6.39 -20.51
CA ASN K 475 53.48 -6.69 -19.89
C ASN K 475 53.70 -7.68 -18.75
N PRO K 476 53.63 -7.26 -17.50
CA PRO K 476 53.90 -8.17 -16.39
C PRO K 476 52.79 -9.19 -16.22
N SER K 477 53.12 -10.29 -15.56
CA SER K 477 52.20 -11.41 -15.38
C SER K 477 51.39 -11.27 -14.10
N ALA K 478 52.07 -11.20 -12.96
CA ALA K 478 51.40 -11.15 -11.66
C ALA K 478 50.95 -9.72 -11.38
N LEU K 479 49.67 -9.45 -11.64
CA LEU K 479 49.09 -8.15 -11.36
C LEU K 479 47.92 -8.19 -10.38
N ARG K 480 47.10 -9.24 -10.41
CA ARG K 480 45.92 -9.35 -9.56
C ARG K 480 46.18 -10.48 -8.55
N GLU K 481 46.82 -10.12 -7.45
CA GLU K 481 47.13 -11.05 -6.39
C GLU K 481 47.17 -10.29 -5.07
N THR K 482 47.32 -11.02 -3.98
CA THR K 482 47.38 -10.41 -2.66
C THR K 482 48.78 -9.84 -2.43
N VAL K 483 48.87 -8.50 -2.41
CA VAL K 483 50.14 -7.81 -2.19
C VAL K 483 50.36 -7.75 -0.68
N VAL K 484 51.36 -8.48 -0.20
CA VAL K 484 51.67 -8.52 1.23
C VAL K 484 52.99 -7.83 1.48
N GLU K 485 52.95 -6.53 1.75
CA GLU K 485 54.14 -5.72 1.96
C GLU K 485 53.95 -4.83 3.17
N VAL K 486 55.07 -4.46 3.78
CA VAL K 486 55.08 -3.55 4.93
C VAL K 486 54.96 -2.12 4.40
N PRO K 487 53.99 -1.34 4.87
CA PRO K 487 53.81 0.01 4.32
C PRO K 487 54.94 0.94 4.72
N GLN K 488 54.93 2.13 4.11
CA GLN K 488 55.94 3.14 4.35
C GLN K 488 55.38 4.39 5.03
N VAL K 489 54.10 4.39 5.37
CA VAL K 489 53.44 5.54 5.99
C VAL K 489 53.43 5.34 7.50
N THR K 490 53.96 6.31 8.23
CA THR K 490 54.12 6.26 9.67
C THR K 490 53.13 7.23 10.33
N TRP K 491 53.02 7.18 11.65
CA TRP K 491 52.20 8.13 12.39
C TRP K 491 52.74 9.55 12.34
N GLU K 492 54.04 9.73 12.17
CA GLU K 492 54.63 11.06 12.13
C GLU K 492 54.10 11.86 10.95
N ASP K 493 54.00 11.25 9.77
CA ASP K 493 53.51 11.96 8.60
C ASP K 493 52.00 12.20 8.66
N ILE K 494 51.30 11.56 9.59
CA ILE K 494 49.89 11.84 9.82
C ILE K 494 49.78 12.85 10.96
N GLY K 495 49.27 14.04 10.65
CA GLY K 495 49.04 15.04 11.66
C GLY K 495 47.69 14.86 12.32
N GLY K 496 47.60 15.29 13.57
CA GLY K 496 46.32 15.24 14.26
C GLY K 496 45.86 13.82 14.51
N LEU K 497 44.54 13.68 14.68
CA LEU K 497 43.90 12.41 14.98
C LEU K 497 44.51 11.76 16.22
N GLU K 498 44.78 12.60 17.22
CA GLU K 498 45.28 12.12 18.50
C GLU K 498 44.30 11.21 19.21
N ASP K 499 43.00 11.44 19.03
CA ASP K 499 42.00 10.57 19.63
C ASP K 499 42.11 9.14 19.10
N VAL K 500 42.30 8.97 17.79
CA VAL K 500 42.45 7.65 17.21
C VAL K 500 43.85 7.09 17.40
N LYS K 501 44.89 7.94 17.34
CA LYS K 501 46.25 7.52 17.60
C LYS K 501 46.40 6.87 18.96
N ARG K 502 45.74 7.41 19.98
CA ARG K 502 45.88 6.92 21.35
C ARG K 502 45.19 5.58 21.57
N GLU K 503 44.05 5.35 20.92
CA GLU K 503 43.35 4.08 21.11
C GLU K 503 43.91 2.99 20.22
N LEU K 504 44.32 3.32 18.99
CA LEU K 504 44.95 2.31 18.14
C LEU K 504 46.28 1.85 18.69
N GLN K 505 47.06 2.76 19.28
CA GLN K 505 48.34 2.40 19.89
C GLN K 505 48.18 1.55 21.14
N GLU K 506 47.04 1.65 21.83
CA GLU K 506 46.80 0.87 23.03
C GLU K 506 45.97 -0.38 22.75
N LEU K 507 45.71 -0.70 21.49
CA LEU K 507 44.82 -1.79 21.15
C LEU K 507 45.50 -2.85 20.29
N VAL K 508 46.43 -2.47 19.43
CA VAL K 508 47.19 -3.44 18.64
C VAL K 508 48.70 -3.32 18.87
N GLN K 509 49.21 -2.14 19.21
CA GLN K 509 50.63 -2.01 19.47
C GLN K 509 51.05 -2.61 20.80
N TYR K 510 50.21 -2.47 21.83
CA TYR K 510 50.57 -3.01 23.15
C TYR K 510 50.76 -4.52 23.13
N PRO K 511 49.85 -5.34 22.57
CA PRO K 511 50.11 -6.79 22.55
C PRO K 511 51.29 -7.18 21.69
N VAL K 512 51.74 -6.33 20.77
CA VAL K 512 52.88 -6.66 19.92
C VAL K 512 54.20 -6.31 20.61
N GLU K 513 54.31 -5.09 21.13
CA GLU K 513 55.56 -4.64 21.73
C GLU K 513 55.70 -5.05 23.19
N HIS K 514 54.59 -5.35 23.88
CA HIS K 514 54.63 -5.79 25.28
C HIS K 514 53.78 -7.04 25.47
N PRO K 515 54.20 -8.19 24.91
CA PRO K 515 53.46 -9.43 25.19
C PRO K 515 53.37 -9.77 26.67
N ASP K 516 54.45 -9.56 27.44
CA ASP K 516 54.51 -9.99 28.83
C ASP K 516 53.51 -9.28 29.74
N LYS K 517 53.27 -7.99 29.51
CA LYS K 517 52.36 -7.24 30.35
C LYS K 517 50.92 -7.71 30.20
N PHE K 518 50.63 -8.51 29.18
CA PHE K 518 49.27 -9.03 29.01
C PHE K 518 49.07 -10.34 29.74
N LEU K 519 50.06 -11.24 29.70
CA LEU K 519 50.02 -12.42 30.56
C LEU K 519 50.16 -12.06 32.03
N LYS K 520 50.86 -10.99 32.36
CA LYS K 520 50.95 -10.56 33.76
C LYS K 520 49.59 -10.10 34.27
N PHE K 521 48.83 -9.41 33.44
CA PHE K 521 47.51 -8.91 33.84
C PHE K 521 46.39 -9.87 33.47
N GLY K 522 46.70 -10.98 32.80
CA GLY K 522 45.70 -11.97 32.46
C GLY K 522 44.60 -11.49 31.55
N MET K 523 44.92 -10.62 30.59
CA MET K 523 43.94 -10.10 29.65
C MET K 523 44.32 -10.51 28.23
N THR K 524 43.38 -11.13 27.53
CA THR K 524 43.62 -11.50 26.15
C THR K 524 43.48 -10.26 25.24
N PRO K 525 44.34 -10.14 24.24
CA PRO K 525 44.24 -9.02 23.31
C PRO K 525 42.98 -9.12 22.45
N SER K 526 42.52 -7.97 22.00
CA SER K 526 41.36 -7.92 21.11
C SER K 526 41.73 -8.51 19.76
N LYS K 527 40.75 -9.17 19.13
CA LYS K 527 40.96 -9.82 17.84
C LYS K 527 40.94 -8.85 16.67
N GLY K 528 40.18 -7.78 16.74
CA GLY K 528 40.10 -6.85 15.63
C GLY K 528 39.25 -5.64 15.98
N VAL K 529 39.41 -4.61 15.16
CA VAL K 529 38.68 -3.35 15.33
C VAL K 529 38.13 -2.94 13.97
N LEU K 530 36.85 -2.57 13.92
CA LEU K 530 36.24 -2.00 12.74
C LEU K 530 36.03 -0.51 12.98
N PHE K 531 36.55 0.32 12.09
CA PHE K 531 36.25 1.74 12.19
C PHE K 531 35.38 2.19 11.03
N TYR K 532 34.65 3.28 11.28
CA TYR K 532 33.66 3.80 10.35
C TYR K 532 33.86 5.31 10.25
N GLY K 533 33.45 5.85 9.12
CA GLY K 533 33.60 7.27 8.87
C GLY K 533 33.13 7.65 7.48
N PRO K 534 33.00 8.94 7.23
CA PRO K 534 32.59 9.41 5.92
C PRO K 534 33.63 9.03 4.87
N PRO K 535 33.21 8.83 3.62
CA PRO K 535 34.16 8.36 2.60
C PRO K 535 35.25 9.37 2.34
N GLY K 536 36.40 8.84 1.93
CA GLY K 536 37.55 9.67 1.60
C GLY K 536 38.14 10.41 2.79
N CYS K 537 38.30 9.71 3.91
CA CYS K 537 38.92 10.31 5.09
C CYS K 537 40.19 9.62 5.55
N GLY K 538 40.65 8.58 4.87
CA GLY K 538 41.94 8.00 5.18
C GLY K 538 41.88 6.78 6.08
N LYS K 539 40.79 6.01 6.00
CA LYS K 539 40.71 4.79 6.79
C LYS K 539 41.78 3.78 6.41
N THR K 540 42.03 3.60 5.12
CA THR K 540 43.10 2.72 4.66
C THR K 540 44.48 3.22 5.09
N LEU K 541 44.72 4.53 5.00
CA LEU K 541 45.99 5.08 5.44
C LEU K 541 46.19 4.92 6.93
N LEU K 542 45.12 5.07 7.73
CA LEU K 542 45.26 4.88 9.17
C LEU K 542 45.65 3.45 9.50
N ALA K 543 45.01 2.48 8.85
CA ALA K 543 45.37 1.08 9.03
C ALA K 543 46.79 0.79 8.56
N LYS K 544 47.22 1.41 7.47
CA LYS K 544 48.61 1.25 7.03
C LYS K 544 49.59 1.83 8.05
N ALA K 545 49.28 2.99 8.61
CA ALA K 545 50.16 3.64 9.58
C ALA K 545 50.31 2.80 10.86
N ILE K 546 49.21 2.25 11.35
CA ILE K 546 49.30 1.40 12.55
C ILE K 546 50.05 0.11 12.29
N ALA K 547 50.17 -0.31 11.02
CA ALA K 547 51.00 -1.46 10.70
C ALA K 547 52.47 -1.13 10.77
N ASN K 548 52.87 0.07 10.36
CA ASN K 548 54.27 0.48 10.47
C ASN K 548 54.70 0.67 11.92
N GLU K 549 53.81 1.15 12.78
CA GLU K 549 54.16 1.33 14.19
C GLU K 549 54.50 0.01 14.84
N CYS K 550 53.76 -1.05 14.51
CA CYS K 550 54.01 -2.38 15.04
C CYS K 550 55.00 -3.17 14.20
N GLN K 551 55.52 -2.58 13.13
CA GLN K 551 56.42 -3.26 12.20
C GLN K 551 55.79 -4.57 11.71
N ALA K 552 54.53 -4.51 11.30
CA ALA K 552 53.78 -5.70 10.93
C ALA K 552 53.45 -5.61 9.45
N ASN K 553 53.17 -6.77 8.84
CA ASN K 553 52.82 -6.83 7.44
C ASN K 553 51.40 -6.31 7.26
N PHE K 554 51.04 -5.96 6.03
CA PHE K 554 49.72 -5.37 5.78
C PHE K 554 49.10 -6.05 4.57
N ILE K 555 47.85 -6.48 4.71
CA ILE K 555 47.09 -7.10 3.63
C ILE K 555 45.80 -6.32 3.47
N SER K 556 45.54 -5.83 2.26
CA SER K 556 44.36 -5.04 1.97
C SER K 556 43.43 -5.82 1.05
N ILE K 557 42.16 -5.92 1.45
CA ILE K 557 41.13 -6.57 0.65
C ILE K 557 40.07 -5.53 0.34
N LYS K 558 40.03 -5.06 -0.89
CA LYS K 558 39.10 -4.02 -1.28
C LYS K 558 37.72 -4.61 -1.53
N GLY K 559 36.75 -3.76 -1.83
CA GLY K 559 35.38 -4.19 -2.06
C GLY K 559 35.17 -5.14 -3.22
N PRO K 560 35.74 -4.84 -4.39
CA PRO K 560 35.56 -5.75 -5.54
C PRO K 560 36.01 -7.18 -5.28
N GLU K 561 37.12 -7.40 -4.58
CA GLU K 561 37.53 -8.77 -4.28
C GLU K 561 36.56 -9.48 -3.36
N LEU K 562 35.92 -8.75 -2.45
CA LEU K 562 34.89 -9.33 -1.59
C LEU K 562 33.59 -9.61 -2.31
N LEU K 563 33.19 -8.74 -3.24
CA LEU K 563 31.95 -8.91 -3.97
C LEU K 563 32.07 -9.85 -5.16
N THR K 564 33.30 -10.13 -5.61
CA THR K 564 33.48 -11.07 -6.71
C THR K 564 33.08 -12.49 -6.31
N MET K 565 33.49 -12.92 -5.12
CA MET K 565 33.13 -14.26 -4.67
C MET K 565 31.68 -14.36 -4.25
N TRP K 566 31.03 -13.24 -3.94
CA TRP K 566 29.60 -13.28 -3.67
C TRP K 566 28.80 -13.58 -4.93
N PHE K 567 29.11 -12.88 -6.03
CA PHE K 567 28.42 -13.15 -7.29
C PHE K 567 28.85 -14.48 -7.89
N GLY K 568 30.11 -14.85 -7.75
CA GLY K 568 30.63 -16.05 -8.38
C GLY K 568 30.33 -17.35 -7.68
N GLU K 569 29.75 -17.31 -6.48
CA GLU K 569 29.41 -18.51 -5.71
C GLU K 569 30.64 -19.40 -5.49
N SER K 570 31.81 -18.76 -5.43
CA SER K 570 33.09 -19.44 -5.24
C SER K 570 33.69 -18.87 -3.95
N GLU K 571 33.51 -19.61 -2.85
CA GLU K 571 33.76 -19.07 -1.52
C GLU K 571 34.96 -19.70 -0.83
N ALA K 572 35.81 -20.39 -1.58
CA ALA K 572 37.07 -20.87 -1.03
C ALA K 572 38.14 -19.80 -1.01
N ASN K 573 37.85 -18.61 -1.56
CA ASN K 573 38.85 -17.56 -1.68
C ASN K 573 39.22 -16.95 -0.33
N VAL K 574 38.28 -16.83 0.60
CA VAL K 574 38.61 -16.36 1.95
C VAL K 574 39.52 -17.33 2.68
N ARG K 575 39.49 -18.62 2.32
CA ARG K 575 40.37 -19.60 2.94
C ARG K 575 41.83 -19.22 2.77
N GLU K 576 42.26 -18.99 1.52
CA GLU K 576 43.65 -18.60 1.31
C GLU K 576 43.96 -17.21 1.83
N ILE K 577 42.98 -16.31 1.84
CA ILE K 577 43.22 -14.98 2.41
C ILE K 577 43.60 -15.11 3.88
N PHE K 578 42.79 -15.83 4.65
CA PHE K 578 43.08 -16.01 6.06
C PHE K 578 44.29 -16.91 6.30
N ASP K 579 44.57 -17.83 5.37
CA ASP K 579 45.76 -18.68 5.51
C ASP K 579 47.04 -17.88 5.34
N LYS K 580 47.11 -17.05 4.30
CA LYS K 580 48.30 -16.24 4.07
C LYS K 580 48.37 -15.03 4.98
N ALA K 581 47.26 -14.63 5.61
CA ALA K 581 47.32 -13.61 6.64
C ALA K 581 47.93 -14.11 7.94
N ARG K 582 47.81 -15.41 8.22
CA ARG K 582 48.31 -15.96 9.48
C ARG K 582 49.73 -16.49 9.37
N GLN K 583 50.18 -16.89 8.18
CA GLN K 583 51.55 -17.37 8.04
C GLN K 583 52.55 -16.23 8.06
N ALA K 584 52.12 -15.02 7.72
CA ALA K 584 53.00 -13.85 7.71
C ALA K 584 52.95 -13.13 9.06
N ALA K 585 53.14 -13.89 10.12
CA ALA K 585 53.11 -13.31 11.46
C ALA K 585 54.39 -12.52 11.72
N PRO K 586 54.27 -11.25 12.16
CA PRO K 586 53.01 -10.56 12.43
C PRO K 586 52.43 -9.79 11.24
N CYS K 587 51.11 -9.81 11.12
CA CYS K 587 50.44 -9.21 9.97
C CYS K 587 49.23 -8.43 10.46
N VAL K 588 48.63 -7.68 9.54
CA VAL K 588 47.39 -6.96 9.81
C VAL K 588 46.50 -7.15 8.60
N LEU K 589 45.26 -7.57 8.86
CA LEU K 589 44.29 -7.84 7.81
C LEU K 589 43.30 -6.69 7.75
N PHE K 590 43.14 -6.11 6.57
CA PHE K 590 42.31 -4.93 6.41
C PHE K 590 41.24 -5.21 5.36
N PHE K 591 39.98 -5.02 5.75
CA PHE K 591 38.84 -5.25 4.88
C PHE K 591 38.24 -3.90 4.54
N ASP K 592 38.35 -3.49 3.28
CA ASP K 592 37.84 -2.22 2.82
C ASP K 592 36.39 -2.36 2.37
N GLU K 593 35.59 -1.32 2.66
CA GLU K 593 34.17 -1.26 2.36
C GLU K 593 33.48 -2.59 2.61
N LEU K 594 33.48 -3.04 3.87
CA LEU K 594 32.84 -4.29 4.26
C LEU K 594 31.35 -4.31 3.94
N ASP K 595 30.71 -3.15 3.84
CA ASP K 595 29.28 -3.05 3.56
C ASP K 595 28.96 -3.22 2.09
N SER K 596 29.93 -3.61 1.26
CA SER K 596 29.67 -3.73 -0.18
C SER K 596 28.62 -4.79 -0.47
N ILE K 597 28.69 -5.93 0.20
CA ILE K 597 27.68 -6.98 -0.01
C ILE K 597 26.31 -6.52 0.44
N ALA K 598 26.23 -5.81 1.58
CA ALA K 598 24.95 -5.30 2.05
C ALA K 598 24.36 -4.30 1.06
N LYS K 599 25.19 -3.41 0.52
CA LYS K 599 24.70 -2.48 -0.50
C LYS K 599 24.24 -3.22 -1.75
N ALA K 600 24.99 -4.23 -2.20
CA ALA K 600 24.60 -5.00 -3.36
C ALA K 600 23.31 -5.77 -3.14
N ARG K 601 23.02 -6.18 -1.91
CA ARG K 601 21.79 -6.89 -1.60
C ARG K 601 20.62 -5.98 -1.23
N GLY K 602 20.89 -4.71 -0.93
CA GLY K 602 19.83 -3.78 -0.62
C GLY K 602 20.10 -2.92 0.59
N GLY K 603 20.81 -3.48 1.58
CA GLY K 603 21.17 -2.72 2.76
C GLY K 603 20.39 -3.10 4.01
N ASN K 604 19.70 -2.12 4.60
CA ASN K 604 18.97 -2.35 5.84
C ASN K 604 17.82 -3.33 5.66
N ILE K 605 17.05 -3.20 4.57
CA ILE K 605 15.93 -4.08 4.33
C ILE K 605 16.22 -4.93 3.10
N GLY K 606 16.37 -4.28 1.94
CA GLY K 606 16.64 -4.99 0.71
C GLY K 606 15.58 -6.00 0.34
N ASP K 607 15.93 -7.28 0.39
CA ASP K 607 14.98 -8.35 0.11
C ASP K 607 14.27 -8.78 1.39
N GLY K 608 13.57 -9.91 1.34
CA GLY K 608 12.90 -10.42 2.52
C GLY K 608 13.88 -10.86 3.60
N GLY K 609 15.12 -11.17 3.23
CA GLY K 609 16.12 -11.60 4.18
C GLY K 609 16.65 -10.45 5.02
N GLY K 610 17.49 -10.82 5.99
CA GLY K 610 18.05 -9.84 6.91
C GLY K 610 19.33 -9.22 6.40
N ALA K 611 20.36 -9.19 7.26
CA ALA K 611 21.64 -8.59 6.90
C ALA K 611 22.75 -9.64 6.87
N ALA K 612 22.38 -10.91 6.89
CA ALA K 612 23.34 -12.00 6.88
C ALA K 612 23.47 -12.58 5.49
N ASP K 613 24.72 -12.80 5.06
CA ASP K 613 24.99 -13.44 3.79
C ASP K 613 26.06 -14.49 3.96
N ARG K 614 26.53 -15.06 2.85
CA ARG K 614 27.49 -16.15 2.88
C ARG K 614 28.94 -15.69 3.05
N VAL K 615 29.37 -14.63 2.39
CA VAL K 615 30.77 -14.21 2.48
C VAL K 615 31.11 -13.71 3.86
N ILE K 616 30.25 -12.88 4.46
CA ILE K 616 30.48 -12.45 5.83
C ILE K 616 30.43 -13.64 6.78
N ASN K 617 29.60 -14.64 6.48
CA ASN K 617 29.59 -15.86 7.29
C ASN K 617 30.94 -16.57 7.23
N GLN K 618 31.54 -16.66 6.05
CA GLN K 618 32.86 -17.28 5.95
C GLN K 618 33.91 -16.50 6.73
N ILE K 619 33.86 -15.18 6.66
CA ILE K 619 34.79 -14.36 7.44
C ILE K 619 34.59 -14.60 8.93
N LEU K 620 33.34 -14.67 9.38
CA LEU K 620 33.07 -14.96 10.78
C LEU K 620 33.62 -16.32 11.19
N THR K 621 33.41 -17.34 10.36
CA THR K 621 33.92 -18.66 10.67
C THR K 621 35.45 -18.66 10.75
N GLU K 622 36.11 -17.98 9.82
CA GLU K 622 37.57 -17.94 9.83
C GLU K 622 38.12 -17.15 11.02
N MET K 623 37.45 -16.07 11.40
CA MET K 623 37.87 -15.28 12.56
C MET K 623 37.62 -16.00 13.88
N ASP K 624 36.56 -16.82 13.97
CA ASP K 624 36.29 -17.53 15.20
C ASP K 624 37.35 -18.59 15.47
N GLY K 625 37.91 -19.19 14.43
CA GLY K 625 38.89 -20.23 14.56
C GLY K 625 40.34 -19.79 14.68
N MET K 626 40.59 -18.49 14.72
CA MET K 626 41.96 -18.01 14.82
C MET K 626 42.45 -18.10 16.27
N SER K 627 43.77 -18.08 16.42
CA SER K 627 44.41 -18.14 17.72
C SER K 627 44.73 -16.73 18.21
N THR K 628 44.34 -16.44 19.45
CA THR K 628 44.56 -15.12 20.03
C THR K 628 46.03 -14.85 20.33
N LYS K 629 46.84 -15.89 20.54
CA LYS K 629 48.25 -15.69 20.82
C LYS K 629 49.04 -15.25 19.60
N LYS K 630 48.51 -15.47 18.39
CA LYS K 630 49.14 -14.97 17.19
C LYS K 630 48.91 -13.46 17.09
N ASN K 631 49.79 -12.81 16.31
CA ASN K 631 49.76 -11.36 16.17
C ASN K 631 49.00 -10.89 14.94
N VAL K 632 48.24 -11.78 14.30
CA VAL K 632 47.40 -11.39 13.18
C VAL K 632 46.27 -10.51 13.70
N PHE K 633 45.90 -9.50 12.93
CA PHE K 633 44.91 -8.53 13.35
C PHE K 633 44.02 -8.16 12.17
N ILE K 634 42.72 -8.09 12.42
CA ILE K 634 41.73 -7.82 11.37
C ILE K 634 41.16 -6.43 11.60
N ILE K 635 41.18 -5.60 10.57
CA ILE K 635 40.63 -4.26 10.61
C ILE K 635 39.56 -4.16 9.54
N GLY K 636 38.35 -3.78 9.94
CA GLY K 636 37.24 -3.58 9.02
C GLY K 636 36.99 -2.09 8.82
N ALA K 637 36.80 -1.72 7.56
CA ALA K 637 36.51 -0.35 7.19
C ALA K 637 35.17 -0.27 6.48
N THR K 638 34.35 0.67 6.89
CA THR K 638 33.03 0.85 6.27
C THR K 638 32.65 2.32 6.36
N ASN K 639 31.81 2.74 5.44
CA ASN K 639 31.22 4.07 5.49
C ASN K 639 29.75 4.05 5.90
N ARG K 640 29.08 2.90 5.74
CA ARG K 640 27.72 2.78 6.24
C ARG K 640 27.69 1.68 7.29
N PRO K 641 27.85 2.00 8.57
CA PRO K 641 27.82 0.97 9.62
C PRO K 641 26.43 0.55 10.06
N ASP K 642 25.39 1.23 9.58
CA ASP K 642 24.01 0.87 9.90
C ASP K 642 23.55 -0.38 9.16
N ILE K 643 24.19 -0.72 8.03
CA ILE K 643 23.82 -1.89 7.25
C ILE K 643 24.80 -3.04 7.47
N ILE K 644 25.82 -2.83 8.29
CA ILE K 644 26.73 -3.91 8.66
C ILE K 644 25.98 -4.93 9.50
N ASP K 645 26.21 -6.20 9.23
CA ASP K 645 25.53 -7.26 9.95
C ASP K 645 25.89 -7.18 11.43
N PRO K 646 24.92 -7.28 12.34
CA PRO K 646 25.25 -7.19 13.77
C PRO K 646 26.17 -8.31 14.27
N ALA K 647 26.15 -9.49 13.63
CA ALA K 647 26.92 -10.62 14.16
C ALA K 647 28.42 -10.43 14.02
N ILE K 648 28.88 -9.64 13.04
CA ILE K 648 30.31 -9.41 12.90
C ILE K 648 30.83 -8.49 14.00
N LEU K 649 29.96 -7.71 14.62
CA LEU K 649 30.33 -6.79 15.70
C LEU K 649 30.15 -7.42 17.08
N ARG K 650 29.84 -8.71 17.13
CA ARG K 650 29.69 -9.40 18.40
C ARG K 650 31.02 -9.38 19.17
N PRO K 651 30.97 -9.38 20.49
CA PRO K 651 32.21 -9.40 21.27
C PRO K 651 33.05 -10.62 20.92
N GLY K 652 34.35 -10.38 20.74
CA GLY K 652 35.30 -11.41 20.37
C GLY K 652 35.72 -11.40 18.93
N ARG K 653 34.98 -10.72 18.05
CA ARG K 653 35.36 -10.64 16.64
C ARG K 653 35.72 -9.23 16.22
N LEU K 654 34.82 -8.27 16.36
CA LEU K 654 35.09 -6.88 16.03
C LEU K 654 34.40 -5.98 17.06
N ASP K 655 34.53 -6.34 18.33
CA ASP K 655 33.84 -5.61 19.40
C ASP K 655 34.30 -4.17 19.49
N GLN K 656 35.55 -3.90 19.09
CA GLN K 656 36.09 -2.55 19.20
C GLN K 656 35.68 -1.72 17.98
N LEU K 657 34.89 -0.68 18.22
CA LEU K 657 34.46 0.24 17.17
C LEU K 657 34.98 1.63 17.49
N ILE K 658 35.70 2.22 16.55
CA ILE K 658 36.22 3.58 16.69
C ILE K 658 35.74 4.38 15.50
N TYR K 659 35.53 5.68 15.70
CA TYR K 659 34.96 6.53 14.68
C TYR K 659 36.04 7.42 14.08
N ILE K 660 36.13 7.44 12.76
CA ILE K 660 37.11 8.26 12.05
C ILE K 660 36.39 9.52 11.59
N PRO K 661 36.65 10.67 12.21
CA PRO K 661 35.93 11.89 11.83
C PRO K 661 36.56 12.57 10.64
N LEU K 662 36.04 13.74 10.27
CA LEU K 662 36.70 14.57 9.28
C LEU K 662 38.05 15.03 9.82
N PRO K 663 39.04 15.17 8.96
CA PRO K 663 40.33 15.69 9.42
C PRO K 663 40.19 17.08 10.00
N ASP K 664 40.91 17.32 11.10
CA ASP K 664 40.88 18.63 11.74
C ASP K 664 41.93 19.53 11.07
N GLU K 665 42.14 20.73 11.62
CA GLU K 665 43.09 21.65 11.02
C GLU K 665 44.50 21.06 10.97
N LYS K 666 44.92 20.42 12.05
CA LYS K 666 46.25 19.83 12.09
C LYS K 666 46.40 18.68 11.10
N SER K 667 45.36 17.87 10.91
CA SER K 667 45.41 16.76 9.98
C SER K 667 45.23 17.16 8.52
N ARG K 668 44.52 18.26 8.26
CA ARG K 668 44.35 18.71 6.88
C ARG K 668 45.66 19.19 6.26
N VAL K 669 46.53 19.82 7.04
CA VAL K 669 47.85 20.21 6.51
C VAL K 669 48.60 18.98 6.03
N ALA K 670 48.49 17.87 6.76
CA ALA K 670 49.10 16.63 6.32
C ALA K 670 48.56 16.14 4.99
N ILE K 671 47.24 16.22 4.80
CA ILE K 671 46.66 15.79 3.52
C ILE K 671 47.15 16.68 2.38
N LEU K 672 47.17 18.00 2.60
CA LEU K 672 47.68 18.91 1.56
C LEU K 672 49.13 18.61 1.23
N LYS K 673 49.98 18.47 2.24
CA LYS K 673 51.40 18.25 1.96
C LYS K 673 51.69 16.87 1.40
N ALA K 674 50.86 15.87 1.70
CA ALA K 674 51.01 14.56 1.07
C ALA K 674 50.73 14.64 -0.41
N ASN K 675 49.69 15.38 -0.80
CA ASN K 675 49.37 15.58 -2.20
C ASN K 675 50.43 16.41 -2.92
N LEU K 676 50.98 17.42 -2.24
CA LEU K 676 51.93 18.34 -2.88
C LEU K 676 53.38 17.95 -2.66
N ARG K 677 53.65 16.80 -2.06
CA ARG K 677 55.03 16.40 -1.78
C ARG K 677 55.83 16.13 -3.05
N LYS K 678 55.18 15.91 -4.18
CA LYS K 678 55.86 15.68 -5.44
C LYS K 678 55.77 16.87 -6.39
N SER K 679 55.22 17.99 -5.94
CA SER K 679 55.02 19.12 -6.84
C SER K 679 55.86 20.31 -6.41
N PRO K 680 56.25 21.18 -7.34
CA PRO K 680 56.99 22.39 -6.97
C PRO K 680 56.09 23.40 -6.28
N VAL K 681 56.27 23.56 -4.97
CA VAL K 681 55.43 24.46 -4.19
C VAL K 681 56.19 25.76 -3.97
N ALA K 682 55.54 26.88 -4.26
CA ALA K 682 56.15 28.19 -4.05
C ALA K 682 56.17 28.53 -2.56
N LYS K 683 57.08 29.42 -2.18
CA LYS K 683 57.22 29.81 -0.78
C LYS K 683 55.99 30.52 -0.24
N ASP K 684 55.38 31.40 -1.05
CA ASP K 684 54.24 32.18 -0.58
C ASP K 684 52.98 31.34 -0.42
N VAL K 685 52.94 30.13 -0.99
CA VAL K 685 51.77 29.27 -0.88
C VAL K 685 51.73 28.69 0.52
N ASP K 686 50.89 29.25 1.38
CA ASP K 686 50.79 28.82 2.77
C ASP K 686 49.72 27.75 2.89
N LEU K 687 50.14 26.52 3.20
CA LEU K 687 49.21 25.42 3.38
C LEU K 687 48.47 25.48 4.72
N GLU K 688 49.08 26.09 5.73
CA GLU K 688 48.39 26.23 7.01
C GLU K 688 47.11 27.03 6.88
N PHE K 689 47.16 28.17 6.17
CA PHE K 689 45.98 28.97 5.95
C PHE K 689 44.95 28.24 5.11
N LEU K 690 45.39 27.53 4.07
CA LEU K 690 44.46 26.78 3.23
C LEU K 690 43.74 25.71 4.03
N ALA K 691 44.47 24.97 4.88
CA ALA K 691 43.84 23.98 5.74
C ALA K 691 42.94 24.61 6.78
N LYS K 692 43.28 25.80 7.27
CA LYS K 692 42.40 26.51 8.19
C LYS K 692 41.10 26.93 7.53
N MET K 693 41.14 27.36 6.26
CA MET K 693 39.94 27.83 5.60
C MET K 693 38.93 26.71 5.42
N THR K 694 39.37 25.54 4.97
CA THR K 694 38.48 24.41 4.79
C THR K 694 38.31 23.69 6.12
N ASN K 695 37.07 23.56 6.58
CA ASN K 695 36.77 22.95 7.87
C ASN K 695 36.03 21.63 7.74
N GLY K 696 34.89 21.62 7.06
CA GLY K 696 34.13 20.40 6.90
C GLY K 696 34.53 19.64 5.65
N PHE K 697 35.80 19.74 5.28
CA PHE K 697 36.31 19.16 4.04
C PHE K 697 36.90 17.78 4.32
N SER K 698 36.59 16.83 3.45
CA SER K 698 37.15 15.49 3.56
C SER K 698 38.51 15.45 2.88
N GLY K 699 39.23 14.33 3.08
CA GLY K 699 40.50 14.16 2.40
C GLY K 699 40.36 14.17 0.90
N ALA K 700 39.25 13.61 0.39
CA ALA K 700 38.99 13.65 -1.04
C ALA K 700 38.76 15.07 -1.56
N ASP K 701 38.13 15.93 -0.75
CA ASP K 701 37.90 17.30 -1.17
C ASP K 701 39.21 18.07 -1.30
N LEU K 702 40.11 17.91 -0.34
CA LEU K 702 41.43 18.50 -0.45
C LEU K 702 42.22 17.89 -1.61
N THR K 703 42.05 16.58 -1.85
CA THR K 703 42.76 15.93 -2.94
C THR K 703 42.37 16.53 -4.29
N GLU K 704 41.08 16.71 -4.53
CA GLU K 704 40.66 17.31 -5.79
C GLU K 704 41.03 18.78 -5.88
N ILE K 705 41.10 19.49 -4.76
CA ILE K 705 41.62 20.86 -4.81
C ILE K 705 43.07 20.86 -5.30
N CYS K 706 43.90 19.97 -4.74
CA CYS K 706 45.30 19.89 -5.15
C CYS K 706 45.41 19.47 -6.62
N GLN K 707 44.60 18.50 -7.03
CA GLN K 707 44.64 18.04 -8.42
C GLN K 707 44.21 19.14 -9.38
N ARG K 708 43.20 19.92 -9.03
CA ARG K 708 42.75 21.01 -9.88
C ARG K 708 43.79 22.12 -9.96
N ALA K 709 44.46 22.43 -8.84
CA ALA K 709 45.55 23.39 -8.89
C ALA K 709 46.70 22.90 -9.77
N CYS K 710 47.05 21.62 -9.66
CA CYS K 710 48.09 21.06 -10.52
C CYS K 710 47.66 21.09 -11.98
N LYS K 711 46.39 20.80 -12.27
CA LYS K 711 45.90 20.87 -13.65
C LYS K 711 45.99 22.29 -14.21
N LEU K 712 45.61 23.29 -13.42
CA LEU K 712 45.72 24.67 -13.85
C LEU K 712 47.17 25.06 -14.09
N ALA K 713 48.08 24.66 -13.20
CA ALA K 713 49.49 24.96 -13.40
C ALA K 713 50.03 24.30 -14.65
N ILE K 714 49.69 23.04 -14.89
CA ILE K 714 50.15 22.35 -16.08
C ILE K 714 49.61 23.00 -17.34
N ARG K 715 48.33 23.38 -17.34
CA ARG K 715 47.75 24.02 -18.51
C ARG K 715 48.40 25.37 -18.78
N GLU K 716 48.64 26.17 -17.73
CA GLU K 716 49.32 27.45 -17.94
C GLU K 716 50.73 27.25 -18.47
N SER K 717 51.46 26.26 -17.93
CA SER K 717 52.78 25.95 -18.44
C SER K 717 52.76 25.52 -19.90
N ILE K 718 51.79 24.71 -20.30
CA ILE K 718 51.70 24.27 -21.69
C ILE K 718 51.36 25.43 -22.61
N GLU K 719 50.37 26.25 -22.24
CA GLU K 719 49.97 27.34 -23.11
C GLU K 719 50.99 28.47 -23.15
N SER K 720 51.82 28.62 -22.11
CA SER K 720 52.81 29.67 -22.07
C SER K 720 54.03 29.39 -22.93
N GLU K 721 54.19 28.16 -23.40
CA GLU K 721 55.34 27.82 -24.25
C GLU K 721 55.26 28.52 -25.60
N ILE K 722 54.08 28.58 -26.19
CA ILE K 722 53.91 29.18 -27.51
C ILE K 722 53.91 30.70 -27.41
N VAL K 743 55.51 28.32 -16.60
CA VAL K 743 56.64 28.39 -15.69
C VAL K 743 56.63 27.20 -14.74
N PRO K 744 57.79 26.58 -14.54
CA PRO K 744 57.90 25.35 -13.73
C PRO K 744 57.83 25.59 -12.23
N GLU K 745 56.71 26.16 -11.77
CA GLU K 745 56.49 26.38 -10.35
C GLU K 745 55.01 26.68 -10.13
N ILE K 746 54.39 25.97 -9.20
CA ILE K 746 53.00 26.24 -8.85
C ILE K 746 52.95 27.53 -8.06
N ARG K 747 52.13 28.47 -8.51
CA ARG K 747 52.08 29.80 -7.91
C ARG K 747 50.85 29.92 -7.00
N ARG K 748 50.83 31.02 -6.24
CA ARG K 748 49.73 31.29 -5.33
C ARG K 748 48.40 31.43 -6.07
N ASP K 749 48.43 32.04 -7.25
CA ASP K 749 47.22 32.21 -8.05
C ASP K 749 46.62 30.89 -8.49
N HIS K 750 47.44 29.87 -8.76
CA HIS K 750 46.91 28.57 -9.14
C HIS K 750 46.01 28.00 -8.06
N PHE K 751 46.47 28.01 -6.81
CA PHE K 751 45.66 27.55 -5.69
C PHE K 751 44.50 28.46 -5.38
N GLU K 752 44.67 29.77 -5.50
CA GLU K 752 43.58 30.70 -5.25
C GLU K 752 42.43 30.53 -6.24
N GLU K 753 42.75 30.35 -7.52
CA GLU K 753 41.70 30.17 -8.53
C GLU K 753 41.06 28.80 -8.43
N ALA K 754 41.85 27.75 -8.23
CA ALA K 754 41.33 26.41 -8.07
C ALA K 754 40.53 26.25 -6.78
N MET K 755 40.72 27.16 -5.81
CA MET K 755 39.94 27.16 -4.59
C MET K 755 38.48 27.52 -4.84
N ARG K 756 38.18 28.15 -5.99
CA ARG K 756 36.80 28.53 -6.28
C ARG K 756 35.90 27.32 -6.47
N PHE K 757 36.39 26.30 -7.17
CA PHE K 757 35.63 25.07 -7.39
C PHE K 757 35.83 24.09 -6.23
N ALA K 758 35.59 24.57 -5.01
CA ALA K 758 35.79 23.75 -3.83
C ALA K 758 34.49 23.05 -3.47
N ARG K 759 34.49 21.73 -3.58
CA ARG K 759 33.34 20.90 -3.24
C ARG K 759 33.38 20.51 -1.77
N ARG K 760 32.26 19.98 -1.29
CA ARG K 760 32.17 19.41 0.05
C ARG K 760 31.24 18.21 -0.05
N SER K 761 31.83 17.03 -0.26
CA SER K 761 31.04 15.84 -0.57
C SER K 761 30.30 15.30 0.63
N VAL K 762 30.75 15.61 1.84
CA VAL K 762 30.13 15.08 3.06
C VAL K 762 29.20 16.15 3.63
N SER K 763 27.92 15.81 3.75
CA SER K 763 26.92 16.73 4.25
C SER K 763 26.82 16.64 5.77
N ASP K 764 26.15 17.64 6.36
CA ASP K 764 25.98 17.67 7.81
C ASP K 764 25.06 16.55 8.28
N ASN K 765 24.07 16.19 7.48
CA ASN K 765 23.19 15.08 7.82
C ASN K 765 23.97 13.78 7.98
N ASP K 766 24.98 13.57 7.14
CA ASP K 766 25.85 12.42 7.29
C ASP K 766 26.60 12.44 8.62
N ILE K 767 27.14 13.59 9.02
CA ILE K 767 27.84 13.64 10.30
C ILE K 767 26.87 13.34 11.44
N ARG K 768 25.65 13.88 11.35
CA ARG K 768 24.66 13.62 12.38
C ARG K 768 24.32 12.13 12.47
N LYS K 769 24.15 11.47 11.31
CA LYS K 769 23.80 10.06 11.31
C LYS K 769 24.97 9.18 11.76
N TYR K 770 26.21 9.61 11.54
CA TYR K 770 27.34 8.85 12.09
C TYR K 770 27.41 9.03 13.60
N GLU K 771 27.16 10.24 14.10
CA GLU K 771 27.19 10.43 15.54
C GLU K 771 26.10 9.63 16.23
N MET K 772 24.86 9.67 15.71
CA MET K 772 23.81 8.86 16.32
C MET K 772 24.26 7.42 16.50
N PHE K 773 25.01 6.88 15.52
CA PHE K 773 25.63 5.58 15.69
C PHE K 773 26.71 5.59 16.76
N ALA K 774 27.50 6.68 16.87
CA ALA K 774 28.64 6.67 17.80
C ALA K 774 28.20 6.64 19.26
N GLN K 775 27.51 7.68 19.74
CA GLN K 775 26.96 7.50 21.08
C GLN K 775 25.62 6.75 21.10
N THR K 776 25.31 5.97 20.06
CA THR K 776 24.51 4.76 20.30
C THR K 776 25.29 3.76 21.14
N LEU K 777 26.57 3.55 20.82
CA LEU K 777 27.41 2.62 21.56
C LEU K 777 28.26 3.27 22.65
N GLN K 778 28.23 4.60 22.79
CA GLN K 778 28.99 5.21 23.89
C GLN K 778 28.29 4.98 25.22
N GLN K 779 27.09 5.52 25.39
CA GLN K 779 26.29 5.38 26.61
C GLN K 779 27.10 5.62 27.88
N SER K 780 27.55 6.85 28.10
CA SER K 780 28.31 7.19 29.30
C SER K 780 27.42 7.84 30.35
N ARG K 781 26.16 7.41 30.42
CA ARG K 781 25.19 7.98 31.34
C ARG K 781 24.96 7.02 32.51
N GLY K 782 24.24 7.51 33.52
CA GLY K 782 23.90 6.71 34.67
C GLY K 782 25.02 6.65 35.70
N PHE K 783 26.06 5.87 35.41
CA PHE K 783 27.19 5.70 36.32
C PHE K 783 28.29 6.71 36.06
N GLY K 784 27.96 8.00 36.00
CA GLY K 784 28.97 9.01 35.76
C GLY K 784 29.66 9.49 37.02
N SER K 785 28.97 9.47 38.15
CA SER K 785 29.51 9.89 39.43
C SER K 785 29.36 8.75 40.42
N PHE K 786 30.47 8.10 40.75
CA PHE K 786 30.48 7.01 41.72
C PHE K 786 31.50 7.31 42.81
N ARG K 787 31.12 7.07 44.06
CA ARG K 787 32.01 7.22 45.19
C ARG K 787 32.05 5.91 45.97
N PHE K 788 33.26 5.39 46.18
CA PHE K 788 33.42 4.17 46.97
C PHE K 788 33.27 4.49 48.46
N PRO K 789 32.78 3.53 49.26
CA PRO K 789 32.59 3.80 50.70
C PRO K 789 33.90 4.06 51.43
N SER K 790 34.85 3.16 51.29
CA SER K 790 36.14 3.29 51.97
C SER K 790 37.21 2.44 51.30
N ASN L 36 42.10 -74.38 44.35
CA ASN L 36 42.52 -73.86 43.05
C ASN L 36 43.75 -72.98 43.19
N ARG L 37 44.41 -73.06 44.35
CA ARG L 37 45.60 -72.28 44.67
C ARG L 37 45.36 -70.80 44.42
N PRO L 38 44.57 -70.13 45.27
CA PRO L 38 44.27 -68.70 45.05
C PRO L 38 45.48 -67.81 45.28
N ASN L 39 46.48 -67.93 44.39
CA ASN L 39 47.67 -67.09 44.47
C ASN L 39 48.06 -66.43 43.16
N ARG L 40 47.58 -66.92 42.01
CA ARG L 40 47.92 -66.33 40.72
C ARG L 40 46.84 -65.35 40.29
N LEU L 41 47.25 -64.23 39.72
CA LEU L 41 46.35 -63.20 39.25
C LEU L 41 46.71 -62.81 37.82
N ILE L 42 45.73 -62.26 37.12
CA ILE L 42 45.94 -61.84 35.74
C ILE L 42 46.82 -60.60 35.72
N VAL L 43 47.36 -60.29 34.53
CA VAL L 43 48.27 -59.17 34.34
C VAL L 43 47.59 -58.13 33.47
N ASP L 44 47.82 -56.86 33.79
CA ASP L 44 47.32 -55.76 32.97
C ASP L 44 48.38 -54.66 32.85
N GLU L 45 47.98 -53.51 32.33
CA GLU L 45 48.86 -52.37 32.15
C GLU L 45 48.79 -51.45 33.37
N ALA L 46 49.93 -50.84 33.69
CA ALA L 46 50.03 -49.94 34.83
C ALA L 46 49.98 -48.50 34.36
N ILE L 47 49.13 -47.69 35.01
CA ILE L 47 49.01 -46.28 34.65
C ILE L 47 50.12 -45.43 35.24
N ASN L 48 50.88 -45.95 36.20
CA ASN L 48 51.99 -45.19 36.77
C ASN L 48 53.11 -45.04 35.78
N GLU L 49 53.77 -43.88 35.80
CA GLU L 49 54.87 -43.57 34.89
C GLU L 49 56.24 -43.92 35.47
N ASP L 50 56.28 -44.53 36.64
CA ASP L 50 57.54 -44.90 37.26
C ASP L 50 58.18 -46.08 36.51
N ASN L 51 59.48 -46.27 36.73
CA ASN L 51 60.23 -47.30 36.02
C ASN L 51 60.00 -48.68 36.63
N SER L 52 60.39 -48.85 37.90
CA SER L 52 60.25 -50.13 38.58
C SER L 52 59.39 -49.94 39.82
N VAL L 53 58.06 -50.00 39.61
CA VAL L 53 57.08 -49.87 40.68
C VAL L 53 55.94 -50.84 40.39
N VAL L 54 55.61 -51.66 41.38
CA VAL L 54 54.51 -52.61 41.27
C VAL L 54 53.44 -52.20 42.28
N SER L 55 52.24 -51.93 41.78
CA SER L 55 51.13 -51.49 42.61
C SER L 55 50.11 -52.61 42.76
N LEU L 56 49.61 -52.75 43.99
CA LEU L 56 48.64 -53.79 44.31
C LEU L 56 47.47 -53.14 45.04
N SER L 57 46.54 -53.96 45.52
CA SER L 57 45.39 -53.50 46.27
C SER L 57 45.64 -53.67 47.76
N GLN L 58 44.74 -53.10 48.57
CA GLN L 58 44.88 -53.11 50.03
C GLN L 58 44.94 -54.52 50.60
N PRO L 59 44.05 -55.46 50.22
CA PRO L 59 44.14 -56.81 50.80
C PRO L 59 45.14 -57.71 50.07
N LYS L 60 46.34 -57.17 49.81
CA LYS L 60 47.36 -57.96 49.13
C LYS L 60 48.61 -58.14 49.98
N MET L 61 49.16 -57.03 50.50
CA MET L 61 50.35 -57.15 51.34
C MET L 61 50.00 -57.60 52.75
N ASP L 62 48.73 -57.49 53.16
CA ASP L 62 48.31 -57.94 54.48
C ASP L 62 48.29 -59.46 54.59
N GLU L 63 48.29 -60.18 53.47
CA GLU L 63 48.32 -61.64 53.50
C GLU L 63 49.75 -62.18 53.43
N LEU L 64 50.63 -61.50 52.69
CA LEU L 64 52.02 -61.92 52.54
C LEU L 64 52.96 -61.18 53.47
N GLN L 65 52.42 -60.43 54.44
CA GLN L 65 53.15 -59.65 55.44
C GLN L 65 54.42 -58.99 54.88
N LEU L 66 54.26 -58.27 53.77
CA LEU L 66 55.37 -57.55 53.14
C LEU L 66 55.14 -56.05 53.29
N PHE L 67 56.24 -55.33 53.51
CA PHE L 67 56.18 -53.88 53.70
C PHE L 67 56.28 -53.18 52.34
N ARG L 68 56.39 -51.86 52.37
CA ARG L 68 56.45 -51.06 51.15
C ARG L 68 57.85 -51.02 50.53
N GLY L 69 58.86 -51.53 51.22
CA GLY L 69 60.21 -51.51 50.70
C GLY L 69 60.92 -52.85 50.82
N ASP L 70 60.17 -53.94 50.72
CA ASP L 70 60.72 -55.28 50.86
C ASP L 70 61.19 -55.79 49.50
N THR L 71 61.69 -57.03 49.50
CA THR L 71 62.19 -57.68 48.29
C THR L 71 61.18 -58.71 47.82
N VAL L 72 60.81 -58.62 46.54
CA VAL L 72 59.82 -59.51 45.96
C VAL L 72 60.49 -60.29 44.83
N LEU L 73 60.15 -61.58 44.75
CA LEU L 73 60.69 -62.46 43.73
C LEU L 73 59.55 -63.00 42.88
N LEU L 74 59.65 -62.83 41.57
CA LEU L 74 58.64 -63.26 40.61
C LEU L 74 59.25 -64.25 39.62
N LYS L 75 58.47 -65.24 39.24
CA LYS L 75 58.89 -66.26 38.28
C LYS L 75 58.02 -66.20 37.04
N GLY L 76 58.29 -67.12 36.12
CA GLY L 76 57.53 -67.21 34.89
C GLY L 76 57.94 -68.39 34.05
N LYS L 77 57.89 -68.24 32.72
CA LYS L 77 58.29 -69.29 31.81
C LYS L 77 59.82 -69.26 31.63
N LYS L 78 60.33 -70.23 30.87
CA LYS L 78 61.76 -70.35 30.54
C LYS L 78 62.61 -70.57 31.78
N ARG L 79 62.00 -70.94 32.90
CA ARG L 79 62.70 -71.21 34.16
C ARG L 79 63.57 -70.02 34.57
N ARG L 80 62.95 -68.85 34.59
CA ARG L 80 63.63 -67.61 34.96
C ARG L 80 62.89 -66.95 36.11
N GLU L 81 63.63 -66.17 36.89
CA GLU L 81 63.11 -65.45 38.04
C GLU L 81 63.21 -63.95 37.78
N ALA L 82 62.68 -63.17 38.73
CA ALA L 82 62.72 -61.72 38.65
C ALA L 82 62.69 -61.15 40.06
N VAL L 83 63.12 -59.89 40.18
CA VAL L 83 63.12 -59.20 41.47
C VAL L 83 62.81 -57.73 41.22
N CYS L 84 61.93 -57.17 42.04
CA CYS L 84 61.51 -55.78 41.90
C CYS L 84 61.19 -55.23 43.28
N ILE L 85 60.49 -54.10 43.31
CA ILE L 85 60.08 -53.44 44.55
C ILE L 85 58.57 -53.25 44.51
N VAL L 86 57.89 -53.71 45.55
CA VAL L 86 56.45 -53.59 45.67
C VAL L 86 56.12 -52.25 46.32
N LEU L 87 55.25 -51.48 45.66
CA LEU L 87 54.78 -50.21 46.19
C LEU L 87 53.31 -50.31 46.56
N SER L 88 52.95 -49.76 47.72
CA SER L 88 51.59 -49.81 48.21
C SER L 88 50.76 -48.68 47.63
N ASP L 89 49.55 -49.00 47.17
CA ASP L 89 48.64 -48.01 46.63
C ASP L 89 47.21 -48.47 46.89
N ASP L 90 46.34 -47.51 47.24
CA ASP L 90 44.93 -47.80 47.52
C ASP L 90 44.01 -47.00 46.62
N THR L 91 44.53 -46.41 45.54
CA THR L 91 43.73 -45.62 44.62
C THR L 91 43.64 -46.22 43.23
N CYS L 92 44.52 -47.17 42.89
CA CYS L 92 44.53 -47.78 41.57
C CYS L 92 43.24 -48.54 41.29
N SER L 93 42.96 -49.58 42.08
CA SER L 93 41.77 -50.39 41.87
C SER L 93 41.28 -50.99 43.19
N ASP L 94 40.38 -51.97 43.09
CA ASP L 94 39.82 -52.65 44.26
C ASP L 94 40.59 -53.91 44.62
N GLU L 95 40.83 -54.80 43.66
CA GLU L 95 41.66 -55.99 43.90
C GLU L 95 42.36 -56.33 42.58
N LYS L 96 43.58 -55.81 42.41
CA LYS L 96 44.31 -56.02 41.17
C LYS L 96 45.77 -55.67 41.41
N ILE L 97 46.65 -56.31 40.63
CA ILE L 97 48.09 -56.08 40.71
C ILE L 97 48.55 -55.44 39.40
N ARG L 98 49.27 -54.34 39.52
CA ARG L 98 49.86 -53.63 38.38
C ARG L 98 51.20 -54.26 38.04
N MET L 99 51.69 -53.95 36.83
CA MET L 99 52.88 -54.63 36.35
C MET L 99 53.43 -53.83 35.17
N ASN L 100 54.73 -53.58 35.16
CA ASN L 100 55.32 -52.60 34.25
C ASN L 100 55.76 -53.25 32.93
N ARG L 101 56.07 -52.41 31.95
CA ARG L 101 56.49 -52.85 30.63
C ARG L 101 57.97 -53.21 30.56
N VAL L 102 58.83 -52.48 31.28
CA VAL L 102 60.26 -52.75 31.22
C VAL L 102 60.61 -54.13 31.76
N VAL L 103 59.73 -54.73 32.56
CA VAL L 103 59.96 -56.07 33.09
C VAL L 103 59.03 -57.12 32.49
N ARG L 104 57.94 -56.72 31.82
CA ARG L 104 57.14 -57.69 31.09
C ARG L 104 57.95 -58.38 30.00
N ASN L 105 58.71 -57.61 29.23
CA ASN L 105 59.58 -58.19 28.22
C ASN L 105 60.80 -58.86 28.85
N ASN L 106 61.20 -58.40 30.04
CA ASN L 106 62.37 -58.98 30.69
C ASN L 106 62.08 -60.39 31.22
N LEU L 107 60.94 -60.59 31.85
CA LEU L 107 60.56 -61.90 32.38
C LEU L 107 59.86 -62.74 31.32
N ARG L 108 59.63 -62.19 30.13
CA ARG L 108 58.94 -62.86 29.03
C ARG L 108 57.50 -63.21 29.43
N VAL L 109 56.75 -62.15 29.76
CA VAL L 109 55.35 -62.28 30.15
C VAL L 109 54.52 -61.48 29.16
N ARG L 110 53.36 -62.03 28.80
CA ARG L 110 52.43 -61.33 27.93
C ARG L 110 51.09 -61.20 28.67
N LEU L 111 50.18 -60.44 28.10
CA LEU L 111 48.91 -60.14 28.75
C LEU L 111 48.06 -61.41 28.88
N GLY L 112 47.13 -61.38 29.83
CA GLY L 112 46.25 -62.52 30.03
C GLY L 112 46.94 -63.74 30.60
N ASP L 113 48.03 -63.56 31.33
CA ASP L 113 48.78 -64.66 31.92
C ASP L 113 48.67 -64.59 33.44
N VAL L 114 49.01 -65.70 34.08
CA VAL L 114 48.99 -65.81 35.53
C VAL L 114 50.38 -65.55 36.07
N ILE L 115 50.44 -64.91 37.25
CA ILE L 115 51.70 -64.60 37.90
C ILE L 115 51.56 -64.89 39.39
N SER L 116 52.55 -65.56 39.96
CA SER L 116 52.56 -65.90 41.37
C SER L 116 53.54 -64.99 42.10
N ILE L 117 53.10 -64.44 43.24
CA ILE L 117 53.89 -63.49 44.02
C ILE L 117 54.03 -64.03 45.44
N GLN L 118 55.25 -63.88 45.98
CA GLN L 118 55.52 -64.30 47.34
C GLN L 118 56.65 -63.43 47.88
N PRO L 119 56.65 -63.14 49.18
CA PRO L 119 57.75 -62.35 49.75
C PRO L 119 59.05 -63.15 49.79
N CYS L 120 60.16 -62.43 49.77
CA CYS L 120 61.49 -63.04 49.81
C CYS L 120 62.40 -62.15 50.66
N PRO L 121 62.37 -62.31 51.98
CA PRO L 121 63.22 -61.49 52.87
C PRO L 121 64.66 -61.96 52.90
N ASP L 122 65.38 -61.69 51.81
CA ASP L 122 66.78 -62.07 51.68
C ASP L 122 67.63 -60.81 51.62
N VAL L 123 68.67 -60.76 52.46
CA VAL L 123 69.58 -59.62 52.48
C VAL L 123 70.57 -59.76 51.33
N LYS L 124 70.65 -58.73 50.50
CA LYS L 124 71.51 -58.72 49.33
C LYS L 124 72.43 -57.51 49.37
N TYR L 125 73.60 -57.65 48.75
CA TYR L 125 74.59 -56.58 48.72
C TYR L 125 75.50 -56.79 47.52
N GLY L 126 75.41 -55.89 46.54
CA GLY L 126 76.27 -55.99 45.39
C GLY L 126 77.68 -55.52 45.68
N LYS L 127 78.65 -56.23 45.11
CA LYS L 127 80.06 -55.90 45.29
C LYS L 127 80.71 -55.46 43.98
N ARG L 128 80.62 -56.27 42.93
CA ARG L 128 81.21 -55.95 41.63
C ARG L 128 80.16 -56.17 40.55
N ILE L 129 80.08 -55.22 39.61
CA ILE L 129 79.15 -55.31 38.49
C ILE L 129 79.91 -55.06 37.20
N HIS L 130 79.34 -55.57 36.10
CA HIS L 130 79.96 -55.40 34.79
C HIS L 130 78.84 -55.45 33.76
N VAL L 131 78.42 -54.29 33.27
CA VAL L 131 77.37 -54.18 32.27
C VAL L 131 77.95 -53.57 31.00
N LEU L 132 77.35 -53.92 29.87
CA LEU L 132 77.79 -53.43 28.57
C LEU L 132 76.59 -53.36 27.65
N PRO L 133 76.54 -52.38 26.75
CA PRO L 133 75.38 -52.25 25.86
C PRO L 133 75.51 -53.16 24.64
N ILE L 134 74.41 -53.26 23.91
CA ILE L 134 74.36 -54.02 22.66
C ILE L 134 74.72 -53.07 21.52
N ASP L 135 75.45 -53.60 20.54
CA ASP L 135 75.90 -52.80 19.40
C ASP L 135 74.76 -52.57 18.41
N ASP L 136 73.66 -51.99 18.88
CA ASP L 136 72.53 -51.68 18.01
C ASP L 136 72.00 -50.28 18.29
N THR L 137 72.41 -49.69 19.42
CA THR L 137 71.94 -48.37 19.82
C THR L 137 73.06 -47.51 20.38
N VAL L 138 74.31 -47.79 20.02
CA VAL L 138 75.45 -47.04 20.53
C VAL L 138 76.18 -46.37 19.37
N GLU L 139 75.45 -46.03 18.32
CA GLU L 139 76.04 -45.40 17.15
C GLU L 139 76.30 -43.93 17.44
N GLY L 140 77.54 -43.50 17.25
CA GLY L 140 77.92 -42.13 17.50
C GLY L 140 78.29 -41.78 18.93
N ILE L 141 78.53 -42.78 19.77
CA ILE L 141 78.87 -42.57 21.18
C ILE L 141 80.30 -43.04 21.39
N THR L 142 81.13 -42.15 21.93
CA THR L 142 82.54 -42.44 22.19
C THR L 142 82.91 -41.98 23.60
N GLY L 143 84.04 -42.49 24.08
CA GLY L 143 84.53 -42.14 25.39
C GLY L 143 83.85 -42.93 26.49
N ASN L 144 84.15 -42.53 27.73
CA ASN L 144 83.59 -43.18 28.90
C ASN L 144 82.10 -42.90 29.01
N LEU L 145 81.34 -43.91 29.41
CA LEU L 145 79.90 -43.78 29.57
C LEU L 145 79.36 -44.46 30.81
N PHE L 146 80.22 -44.83 31.77
CA PHE L 146 79.78 -45.51 32.98
C PHE L 146 79.77 -44.63 34.22
N GLU L 147 80.72 -43.70 34.32
CA GLU L 147 80.83 -42.83 35.48
C GLU L 147 80.08 -41.52 35.29
N VAL L 148 79.39 -41.35 34.16
CA VAL L 148 78.68 -40.11 33.88
C VAL L 148 77.17 -40.28 33.77
N TYR L 149 76.66 -41.43 33.34
CA TYR L 149 75.23 -41.68 33.35
C TYR L 149 74.80 -42.72 34.39
N LEU L 150 75.44 -43.88 34.42
CA LEU L 150 75.00 -44.95 35.32
C LEU L 150 75.15 -44.57 36.78
N LYS L 151 76.28 -43.96 37.17
CA LYS L 151 76.46 -43.61 38.58
C LYS L 151 75.42 -42.61 39.07
N PRO L 152 75.10 -41.53 38.34
CA PRO L 152 74.11 -40.57 38.86
C PRO L 152 72.72 -41.16 39.06
N TYR L 153 72.24 -42.02 38.17
CA TYR L 153 70.88 -42.53 38.26
C TYR L 153 70.73 -43.70 39.22
N PHE L 154 71.82 -44.41 39.57
CA PHE L 154 71.70 -45.53 40.48
C PHE L 154 71.48 -45.10 41.93
N LEU L 155 72.06 -43.99 42.35
CA LEU L 155 71.97 -43.58 43.75
C LEU L 155 70.56 -43.17 44.12
N GLU L 156 70.21 -43.40 45.39
CA GLU L 156 68.90 -43.06 45.95
C GLU L 156 67.77 -43.80 45.24
N ALA L 157 68.09 -44.98 44.68
CA ALA L 157 67.09 -45.79 44.01
C ALA L 157 67.05 -47.20 44.59
N TYR L 158 68.22 -47.77 44.87
CA TYR L 158 68.35 -49.13 45.43
C TYR L 158 67.57 -50.14 44.58
N ARG L 159 67.66 -49.98 43.26
CA ARG L 159 66.91 -50.90 42.42
C ARG L 159 67.62 -52.25 42.33
N PRO L 160 66.90 -53.35 42.48
CA PRO L 160 67.50 -54.67 42.37
C PRO L 160 67.71 -55.08 40.92
N ILE L 161 68.54 -56.09 40.73
CA ILE L 161 68.83 -56.63 39.40
C ILE L 161 69.16 -58.09 39.54
N ARG L 162 68.62 -58.92 38.65
CA ARG L 162 68.88 -60.35 38.64
C ARG L 162 69.75 -60.69 37.44
N LYS L 163 70.26 -61.92 37.44
CA LYS L 163 71.17 -62.35 36.39
C LYS L 163 70.42 -62.60 35.09
N GLY L 164 70.95 -62.09 33.98
CA GLY L 164 70.34 -62.30 32.69
C GLY L 164 69.10 -61.46 32.46
N ASP L 165 69.22 -60.14 32.64
CA ASP L 165 68.09 -59.23 32.46
C ASP L 165 68.54 -58.03 31.64
N ILE L 166 67.64 -57.56 30.77
CA ILE L 166 67.94 -56.40 29.93
C ILE L 166 67.10 -55.22 30.40
N PHE L 167 67.66 -54.40 31.30
CA PHE L 167 66.98 -53.21 31.77
C PHE L 167 67.08 -52.10 30.75
N LEU L 168 66.10 -51.20 30.79
CA LEU L 168 66.03 -50.06 29.88
C LEU L 168 65.99 -48.77 30.70
N VAL L 169 66.78 -47.79 30.29
CA VAL L 169 66.89 -46.52 30.99
C VAL L 169 66.66 -45.40 29.99
N ARG L 170 65.83 -44.44 30.39
CA ARG L 170 65.55 -43.26 29.59
C ARG L 170 66.34 -42.06 30.10
N GLY L 171 66.85 -41.28 29.18
CA GLY L 171 67.65 -40.11 29.50
C GLY L 171 68.87 -40.04 28.61
N GLY L 172 69.59 -38.91 28.70
CA GLY L 172 70.77 -38.72 27.88
C GLY L 172 70.48 -38.44 26.43
N MET L 173 69.30 -37.90 26.12
CA MET L 173 68.91 -37.56 24.75
C MET L 173 68.91 -38.80 23.84
N ARG L 174 68.60 -39.95 24.41
CA ARG L 174 68.59 -41.20 23.65
C ARG L 174 67.95 -42.28 24.51
N ALA L 175 67.76 -43.45 23.90
CA ALA L 175 67.19 -44.62 24.58
C ALA L 175 68.19 -45.75 24.39
N VAL L 176 68.94 -46.06 25.45
CA VAL L 176 69.97 -47.10 25.40
C VAL L 176 69.74 -48.07 26.54
N GLU L 177 70.30 -49.27 26.39
CA GLU L 177 70.15 -50.33 27.37
C GLU L 177 71.50 -51.01 27.57
N PHE L 178 71.58 -51.83 28.61
CA PHE L 178 72.79 -52.57 28.93
C PHE L 178 72.42 -53.99 29.33
N LYS L 179 73.38 -54.90 29.18
CA LYS L 179 73.18 -56.31 29.50
C LYS L 179 74.39 -56.83 30.25
N VAL L 180 74.14 -57.59 31.31
CA VAL L 180 75.21 -58.16 32.13
C VAL L 180 75.53 -59.56 31.62
N VAL L 181 76.80 -59.92 31.63
CA VAL L 181 77.24 -61.22 31.14
C VAL L 181 78.03 -61.97 32.19
N GLU L 182 78.64 -61.23 33.12
CA GLU L 182 79.49 -61.85 34.13
C GLU L 182 79.64 -60.89 35.32
N THR L 183 79.15 -61.31 36.48
CA THR L 183 79.29 -60.52 37.70
C THR L 183 79.31 -61.48 38.89
N ASP L 184 79.07 -60.94 40.08
CA ASP L 184 79.01 -61.78 41.27
C ASP L 184 77.85 -62.78 41.16
N PRO L 185 77.99 -63.96 41.76
CA PRO L 185 76.95 -64.99 41.61
C PRO L 185 75.60 -64.52 42.10
N SER L 186 74.55 -64.92 41.39
CA SER L 186 73.20 -64.50 41.73
C SER L 186 72.77 -65.10 43.06
N PRO L 187 72.03 -64.34 43.89
CA PRO L 187 71.67 -62.95 43.64
C PRO L 187 72.69 -61.97 44.22
N TYR L 188 72.38 -61.42 45.40
CA TYR L 188 73.28 -60.52 46.12
C TYR L 188 73.70 -59.34 45.24
N CYS L 189 72.74 -58.81 44.49
CA CYS L 189 72.99 -57.68 43.59
C CYS L 189 72.21 -56.47 44.09
N ILE L 190 72.90 -55.55 44.75
CA ILE L 190 72.30 -54.32 45.25
C ILE L 190 73.20 -53.16 44.83
N VAL L 191 72.61 -52.15 44.18
CA VAL L 191 73.40 -51.02 43.72
C VAL L 191 73.84 -50.17 44.91
N ALA L 192 75.08 -49.72 44.88
CA ALA L 192 75.64 -48.90 45.95
C ALA L 192 76.79 -48.08 45.37
N PRO L 193 76.98 -46.85 45.84
CA PRO L 193 78.09 -46.03 45.32
C PRO L 193 79.46 -46.64 45.56
N ASP L 194 79.61 -47.49 46.58
CA ASP L 194 80.89 -48.14 46.85
C ASP L 194 81.22 -49.23 45.85
N THR L 195 80.23 -49.72 45.09
CA THR L 195 80.47 -50.77 44.11
C THR L 195 81.32 -50.25 42.96
N VAL L 196 82.14 -51.13 42.40
CA VAL L 196 83.01 -50.78 41.29
C VAL L 196 82.46 -51.40 40.02
N ILE L 197 82.91 -50.88 38.87
CA ILE L 197 82.47 -51.37 37.57
C ILE L 197 83.69 -51.45 36.65
N HIS L 198 83.56 -52.24 35.59
CA HIS L 198 84.65 -52.40 34.63
C HIS L 198 84.06 -52.78 33.28
N CYS L 199 84.88 -52.63 32.25
CA CYS L 199 84.47 -52.92 30.87
C CYS L 199 85.60 -53.63 30.15
N GLU L 200 85.23 -54.34 29.09
CA GLU L 200 86.19 -55.06 28.26
C GLU L 200 86.43 -54.37 26.92
N GLY L 201 85.39 -53.83 26.30
CA GLY L 201 85.51 -53.13 25.05
C GLY L 201 85.00 -53.86 23.82
N GLU L 202 84.12 -54.84 23.98
CA GLU L 202 83.57 -55.60 22.85
C GLU L 202 82.11 -55.88 23.12
N PRO L 203 81.20 -55.10 22.54
CA PRO L 203 79.77 -55.35 22.74
C PRO L 203 79.34 -56.65 22.08
N ILE L 204 78.33 -57.28 22.68
CA ILE L 204 77.78 -58.54 22.20
C ILE L 204 76.40 -58.27 21.59
N LYS L 205 76.19 -58.78 20.38
CA LYS L 205 74.93 -58.57 19.69
C LYS L 205 73.80 -59.32 20.39
N ARG L 206 72.59 -58.77 20.26
CA ARG L 206 71.41 -59.37 20.85
C ARG L 206 70.96 -60.58 20.03
N GLU L 207 70.11 -61.41 20.64
CA GLU L 207 69.55 -62.58 20.01
C GLU L 207 68.06 -62.38 19.75
N ASP L 208 67.42 -63.40 19.19
CA ASP L 208 66.01 -63.34 18.86
C ASP L 208 65.11 -63.74 20.02
N GLU L 209 65.68 -64.20 21.14
CA GLU L 209 64.87 -64.56 22.30
C GLU L 209 64.21 -63.35 22.94
N GLU L 210 64.91 -62.22 22.97
CA GLU L 210 64.39 -61.00 23.57
C GLU L 210 63.82 -60.07 22.50
N GLU L 211 63.02 -59.12 22.95
CA GLU L 211 62.39 -58.13 22.09
C GLU L 211 62.85 -56.73 22.49
N SER L 212 63.11 -55.90 21.49
CA SER L 212 63.56 -54.53 21.76
C SER L 212 62.43 -53.73 22.38
N LEU L 213 62.75 -52.97 23.44
CA LEU L 213 61.77 -52.12 24.10
C LEU L 213 61.64 -50.77 23.44
N ASN L 214 62.41 -50.49 22.39
CA ASN L 214 62.32 -49.24 21.67
C ASN L 214 61.06 -49.13 20.82
N GLU L 215 60.33 -50.23 20.66
CA GLU L 215 59.12 -50.24 19.84
C GLU L 215 57.95 -49.66 20.62
N VAL L 216 56.77 -49.70 20.01
CA VAL L 216 55.59 -49.05 20.58
C VAL L 216 54.77 -50.05 21.39
N GLY L 217 54.33 -49.61 22.57
CA GLY L 217 53.44 -50.39 23.41
C GLY L 217 52.26 -49.57 23.88
N TYR L 218 51.46 -50.14 24.79
CA TYR L 218 50.30 -49.42 25.30
C TYR L 218 50.68 -48.16 26.05
N ASP L 219 51.83 -48.14 26.72
CA ASP L 219 52.25 -46.98 27.47
C ASP L 219 52.64 -45.80 26.57
N ASP L 220 52.77 -46.02 25.27
CA ASP L 220 53.18 -44.98 24.34
C ASP L 220 52.00 -44.19 23.80
N ILE L 221 50.78 -44.56 24.16
CA ILE L 221 49.58 -43.87 23.67
C ILE L 221 49.19 -42.84 24.72
N GLY L 222 49.01 -41.59 24.30
CA GLY L 222 48.63 -40.53 25.21
C GLY L 222 47.40 -39.78 24.76
N GLY L 223 46.39 -39.72 25.63
CA GLY L 223 45.18 -38.98 25.32
C GLY L 223 44.00 -39.87 25.01
N CYS L 224 44.24 -40.98 24.31
CA CYS L 224 43.19 -41.92 23.94
C CYS L 224 43.05 -42.94 25.06
N ARG L 225 42.21 -42.62 26.05
CA ARG L 225 41.91 -43.52 27.15
C ARG L 225 40.60 -44.26 26.96
N LYS L 226 39.50 -43.51 26.76
CA LYS L 226 38.21 -44.14 26.53
C LYS L 226 38.18 -44.94 25.24
N GLN L 227 38.77 -44.43 24.17
CA GLN L 227 38.79 -45.14 22.89
C GLN L 227 39.70 -46.35 22.91
N LEU L 228 40.89 -46.25 23.50
CA LEU L 228 41.77 -47.40 23.62
C LEU L 228 41.19 -48.47 24.54
N ALA L 229 40.38 -48.07 25.52
CA ALA L 229 39.77 -49.05 26.42
C ALA L 229 38.84 -50.00 25.67
N GLN L 230 38.22 -49.53 24.58
CA GLN L 230 37.33 -50.40 23.82
C GLN L 230 38.06 -51.51 23.09
N ILE L 231 39.20 -51.23 22.48
CA ILE L 231 39.92 -52.25 21.72
C ILE L 231 40.37 -53.40 22.62
N LYS L 232 40.59 -53.13 23.91
CA LYS L 232 40.96 -54.18 24.85
C LYS L 232 39.88 -55.25 24.95
N GLU L 233 38.60 -54.86 24.96
CA GLU L 233 37.51 -55.82 25.09
C GLU L 233 37.01 -56.31 23.74
N MET L 234 37.76 -56.05 22.66
CA MET L 234 37.42 -56.62 21.36
C MET L 234 38.54 -57.42 20.71
N VAL L 235 39.83 -57.17 21.03
CA VAL L 235 40.91 -57.92 20.40
C VAL L 235 41.69 -58.79 21.36
N GLU L 236 41.46 -58.69 22.67
CA GLU L 236 42.15 -59.53 23.64
C GLU L 236 41.53 -60.92 23.78
N LEU L 237 40.26 -61.08 23.42
CA LEU L 237 39.65 -62.40 23.54
C LEU L 237 40.09 -63.33 22.40
N PRO L 238 40.02 -62.93 21.12
CA PRO L 238 40.40 -63.87 20.06
C PRO L 238 41.90 -64.08 19.93
N LEU L 239 42.72 -63.11 20.30
CA LEU L 239 44.17 -63.23 20.10
C LEU L 239 44.89 -63.87 21.27
N ARG L 240 44.35 -63.75 22.48
CA ARG L 240 45.01 -64.34 23.64
C ARG L 240 44.52 -65.76 23.94
N HIS L 241 43.30 -66.10 23.51
CA HIS L 241 42.69 -67.40 23.80
C HIS L 241 42.15 -67.98 22.51
N PRO L 242 43.03 -68.56 21.67
CA PRO L 242 42.56 -69.10 20.39
C PRO L 242 41.75 -70.38 20.51
N ALA L 243 42.19 -71.31 21.36
CA ALA L 243 41.48 -72.57 21.51
C ALA L 243 40.06 -72.37 22.02
N LEU L 244 39.82 -71.33 22.82
CA LEU L 244 38.47 -71.06 23.30
C LEU L 244 37.56 -70.63 22.16
N PHE L 245 38.10 -69.88 21.20
CA PHE L 245 37.30 -69.49 20.04
C PHE L 245 37.09 -70.61 19.04
N LYS L 246 38.10 -71.47 18.83
CA LYS L 246 37.86 -72.71 18.11
C LYS L 246 37.19 -73.78 18.95
N ALA L 247 36.65 -73.43 20.11
CA ALA L 247 35.77 -74.31 20.88
C ALA L 247 34.34 -73.81 20.93
N ILE L 248 34.13 -72.51 21.11
CA ILE L 248 32.80 -71.93 21.19
C ILE L 248 32.33 -71.52 19.80
N GLY L 249 31.03 -71.28 19.66
CA GLY L 249 30.43 -70.83 18.42
C GLY L 249 30.31 -69.33 18.26
N VAL L 250 30.93 -68.54 19.13
CA VAL L 250 30.86 -67.10 19.04
C VAL L 250 31.71 -66.63 17.87
N LYS L 251 31.17 -65.70 17.07
CA LYS L 251 31.91 -65.14 15.95
C LYS L 251 32.61 -63.86 16.40
N PRO L 252 33.94 -63.80 16.38
CA PRO L 252 34.63 -62.56 16.75
C PRO L 252 34.45 -61.50 15.68
N PRO L 253 34.67 -60.23 16.02
CA PRO L 253 34.63 -59.18 14.99
C PRO L 253 35.69 -59.42 13.93
N ARG L 254 35.31 -59.17 12.67
CA ARG L 254 36.19 -59.42 11.53
C ARG L 254 36.75 -58.12 10.94
N GLY L 255 36.60 -57.02 11.65
CA GLY L 255 37.11 -55.76 11.17
C GLY L 255 36.77 -54.57 12.05
N ILE L 256 37.75 -53.71 12.29
CA ILE L 256 37.60 -52.54 13.15
C ILE L 256 38.07 -51.34 12.36
N LEU L 257 37.26 -50.29 12.32
CA LEU L 257 37.60 -49.08 11.58
C LEU L 257 37.88 -47.95 12.57
N LEU L 258 39.10 -47.44 12.53
CA LEU L 258 39.52 -46.32 13.36
C LEU L 258 39.30 -45.02 12.61
N TYR L 259 39.13 -43.93 13.36
CA TYR L 259 38.77 -42.67 12.73
C TYR L 259 39.64 -41.53 13.20
N GLY L 260 39.27 -40.30 12.85
CA GLY L 260 39.98 -39.13 13.27
C GLY L 260 40.85 -38.55 12.19
N PRO L 261 41.25 -37.29 12.35
CA PRO L 261 42.15 -36.66 11.37
C PRO L 261 43.52 -37.29 11.40
N PRO L 262 44.33 -37.10 10.36
CA PRO L 262 45.66 -37.70 10.35
C PRO L 262 46.52 -37.21 11.51
N GLY L 263 47.34 -38.10 12.03
CA GLY L 263 48.20 -37.81 13.15
C GLY L 263 47.59 -38.06 14.52
N THR L 264 46.32 -38.46 14.59
CA THR L 264 45.71 -38.72 15.88
C THR L 264 46.26 -39.97 16.53
N GLY L 265 46.88 -40.86 15.75
CA GLY L 265 47.51 -42.02 16.32
C GLY L 265 46.85 -43.34 15.97
N LYS L 266 46.26 -43.42 14.78
CA LYS L 266 45.59 -44.63 14.34
C LYS L 266 46.57 -45.76 14.01
N THR L 267 47.85 -45.46 13.86
CA THR L 267 48.81 -46.47 13.42
C THR L 267 49.54 -47.13 14.58
N LEU L 268 50.09 -46.34 15.50
CA LEU L 268 50.80 -46.94 16.62
C LEU L 268 49.86 -47.67 17.56
N ILE L 269 48.57 -47.32 17.57
CA ILE L 269 47.61 -48.11 18.33
C ILE L 269 47.54 -49.54 17.81
N ALA L 270 47.40 -49.68 16.49
CA ALA L 270 47.38 -51.00 15.87
C ALA L 270 48.72 -51.71 16.02
N ARG L 271 49.83 -50.98 15.96
CA ARG L 271 51.12 -51.63 16.15
C ARG L 271 51.33 -52.07 17.60
N ALA L 272 50.82 -51.31 18.57
CA ALA L 272 50.97 -51.68 19.97
C ALA L 272 50.10 -52.85 20.34
N VAL L 273 48.84 -52.87 19.90
CA VAL L 273 47.96 -54.00 20.18
C VAL L 273 48.44 -55.28 19.52
N ALA L 274 49.42 -55.18 18.62
CA ALA L 274 50.07 -56.35 18.02
C ALA L 274 51.39 -56.70 18.70
N ASN L 275 52.19 -55.70 19.05
CA ASN L 275 53.46 -55.94 19.72
C ASN L 275 53.25 -56.55 21.10
N GLU L 276 52.26 -56.06 21.84
CA GLU L 276 52.04 -56.58 23.19
C GLU L 276 51.11 -57.78 23.23
N THR L 277 50.59 -58.23 22.08
CA THR L 277 49.79 -59.44 22.03
C THR L 277 50.45 -60.58 21.29
N GLY L 278 51.62 -60.37 20.71
CA GLY L 278 52.33 -61.43 20.03
C GLY L 278 51.68 -61.87 18.73
N ALA L 279 50.86 -61.03 18.13
CA ALA L 279 50.20 -61.32 16.87
C ALA L 279 51.03 -60.78 15.71
N PHE L 280 51.06 -61.54 14.63
CA PHE L 280 51.82 -61.16 13.45
C PHE L 280 51.21 -59.89 12.85
N PHE L 281 51.90 -58.76 13.03
CA PHE L 281 51.43 -57.48 12.52
C PHE L 281 51.92 -57.33 11.08
N PHE L 282 50.99 -57.09 10.16
CA PHE L 282 51.31 -56.87 8.76
C PHE L 282 50.66 -55.56 8.33
N LEU L 283 51.49 -54.58 7.98
CA LEU L 283 51.02 -53.26 7.63
C LEU L 283 50.99 -53.09 6.12
N ILE L 284 49.86 -52.65 5.60
CA ILE L 284 49.74 -52.19 4.22
C ILE L 284 49.20 -50.76 4.25
N ASN L 285 49.92 -49.86 3.58
CA ASN L 285 49.61 -48.44 3.67
C ASN L 285 48.33 -48.11 2.92
N GLY L 286 48.29 -48.41 1.63
CA GLY L 286 47.15 -48.11 0.80
C GLY L 286 47.51 -47.38 -0.49
N PRO L 287 48.46 -46.45 -0.45
CA PRO L 287 48.97 -45.89 -1.70
C PRO L 287 49.88 -46.83 -2.48
N GLU L 288 50.55 -47.79 -1.81
CA GLU L 288 51.39 -48.72 -2.54
C GLU L 288 50.57 -49.64 -3.43
N ILE L 289 49.32 -49.90 -3.07
CA ILE L 289 48.45 -50.68 -3.93
C ILE L 289 48.24 -49.99 -5.27
N MET L 290 47.98 -48.67 -5.25
CA MET L 290 47.86 -47.92 -6.49
C MET L 290 49.21 -47.57 -7.10
N SER L 291 50.30 -47.72 -6.37
CA SER L 291 51.61 -47.39 -6.91
C SER L 291 52.04 -48.37 -7.99
N LYS L 292 51.72 -49.65 -7.83
CA LYS L 292 52.20 -50.68 -8.74
C LYS L 292 51.28 -50.81 -9.95
N LEU L 293 51.73 -51.59 -10.93
CA LEU L 293 50.99 -51.72 -12.18
C LEU L 293 49.66 -52.44 -11.96
N ALA L 294 48.72 -52.17 -12.87
CA ALA L 294 47.39 -52.77 -12.80
C ALA L 294 47.46 -54.25 -13.17
N GLY L 295 47.20 -55.11 -12.18
CA GLY L 295 47.23 -56.54 -12.42
C GLY L 295 47.94 -57.30 -11.33
N GLU L 296 48.99 -56.71 -10.77
CA GLU L 296 49.72 -57.31 -9.66
C GLU L 296 49.38 -56.66 -8.33
N SER L 297 48.77 -55.48 -8.35
CA SER L 297 48.34 -54.85 -7.11
C SER L 297 47.29 -55.69 -6.41
N GLU L 298 46.32 -56.22 -7.17
CA GLU L 298 45.33 -57.12 -6.58
C GLU L 298 45.99 -58.38 -6.03
N SER L 299 46.92 -58.97 -6.76
CA SER L 299 47.63 -60.14 -6.28
C SER L 299 48.43 -59.87 -5.02
N ASN L 300 48.99 -58.67 -4.87
CA ASN L 300 49.84 -58.40 -3.73
C ASN L 300 49.02 -58.32 -2.44
N LEU L 301 47.93 -57.55 -2.45
CA LEU L 301 47.10 -57.51 -1.25
C LEU L 301 46.24 -58.76 -1.12
N ARG L 302 46.17 -59.58 -2.17
CA ARG L 302 45.62 -60.93 -1.99
C ARG L 302 46.57 -61.79 -1.18
N LYS L 303 47.80 -61.96 -1.66
CA LYS L 303 48.76 -62.80 -0.96
C LYS L 303 49.08 -62.25 0.43
N ALA L 304 48.86 -60.96 0.65
CA ALA L 304 48.96 -60.40 1.99
C ALA L 304 48.02 -61.11 2.97
N PHE L 305 46.83 -61.49 2.52
CA PHE L 305 45.89 -62.16 3.41
C PHE L 305 46.28 -63.60 3.72
N GLU L 306 46.70 -64.38 2.73
CA GLU L 306 47.14 -65.75 3.03
C GLU L 306 48.43 -65.79 3.83
N GLU L 307 49.40 -64.90 3.57
CA GLU L 307 50.61 -64.94 4.38
C GLU L 307 50.31 -64.57 5.83
N ALA L 308 49.29 -63.74 6.07
CA ALA L 308 48.85 -63.46 7.42
C ALA L 308 48.15 -64.64 8.07
N GLU L 309 47.38 -65.41 7.30
CA GLU L 309 46.62 -66.51 7.88
C GLU L 309 47.53 -67.57 8.48
N LYS L 310 48.61 -67.95 7.78
CA LYS L 310 49.47 -69.00 8.30
C LYS L 310 50.29 -68.51 9.49
N ASN L 311 50.41 -67.20 9.67
CA ASN L 311 51.01 -66.63 10.88
C ASN L 311 49.95 -66.33 11.92
N ALA L 312 49.11 -67.32 12.22
CA ALA L 312 48.06 -67.13 13.21
C ALA L 312 48.64 -67.20 14.62
N PRO L 313 48.17 -66.34 15.55
CA PRO L 313 47.19 -65.28 15.27
C PRO L 313 47.84 -64.09 14.60
N ALA L 314 47.08 -63.38 13.76
CA ALA L 314 47.62 -62.29 12.97
C ALA L 314 46.73 -61.06 13.12
N ILE L 315 47.23 -59.93 12.63
CA ILE L 315 46.51 -58.67 12.69
C ILE L 315 46.93 -57.84 11.48
N ILE L 316 45.95 -57.40 10.70
CA ILE L 316 46.17 -56.64 9.48
C ILE L 316 45.64 -55.24 9.68
N PHE L 317 46.46 -54.24 9.39
CA PHE L 317 46.07 -52.84 9.53
C PHE L 317 46.26 -52.15 8.19
N ILE L 318 45.21 -51.48 7.72
CA ILE L 318 45.25 -50.74 6.46
C ILE L 318 45.31 -49.27 6.81
N ASP L 319 46.44 -48.63 6.51
CA ASP L 319 46.67 -47.27 6.96
C ASP L 319 45.80 -46.27 6.19
N GLU L 320 45.91 -46.28 4.87
CA GLU L 320 45.10 -45.42 4.02
C GLU L 320 43.97 -46.26 3.43
N LEU L 321 42.74 -45.94 3.80
CA LEU L 321 41.59 -46.65 3.28
C LEU L 321 40.71 -45.73 2.44
N ASP L 322 40.66 -44.45 2.79
CA ASP L 322 39.94 -43.48 1.96
C ASP L 322 40.58 -43.36 0.59
N ALA L 323 41.86 -43.70 0.47
CA ALA L 323 42.56 -43.73 -0.81
C ALA L 323 42.35 -45.05 -1.55
N ILE L 324 41.66 -46.00 -0.93
CA ILE L 324 41.36 -47.29 -1.55
C ILE L 324 39.95 -47.31 -2.11
N ALA L 325 38.97 -46.86 -1.34
CA ALA L 325 37.56 -46.91 -1.72
C ALA L 325 36.90 -45.55 -1.51
N PRO L 326 37.18 -44.57 -2.38
CA PRO L 326 36.44 -43.31 -2.37
C PRO L 326 35.21 -43.35 -3.28
N LYS L 327 34.31 -44.31 -3.01
CA LYS L 327 33.20 -44.62 -3.92
C LYS L 327 32.05 -43.65 -3.64
N ARG L 328 32.33 -42.37 -3.85
CA ARG L 328 31.28 -41.36 -3.72
C ARG L 328 31.23 -40.42 -4.92
N GLU L 329 32.38 -40.06 -5.46
CA GLU L 329 32.41 -39.10 -6.56
C GLU L 329 33.44 -39.48 -7.61
N LYS L 330 34.19 -40.57 -7.39
CA LYS L 330 35.24 -40.94 -8.34
C LYS L 330 34.61 -41.53 -9.59
N THR L 331 33.96 -42.69 -9.44
CA THR L 331 33.27 -43.37 -10.55
C THR L 331 34.14 -43.43 -11.80
N HIS L 332 35.46 -43.53 -11.60
CA HIS L 332 36.42 -43.44 -12.69
C HIS L 332 37.56 -44.41 -12.43
N GLY L 333 37.89 -45.19 -13.44
CA GLY L 333 38.94 -46.18 -13.31
C GLY L 333 38.40 -47.58 -13.16
N GLU L 334 38.64 -48.42 -14.17
CA GLU L 334 38.21 -49.81 -14.10
C GLU L 334 38.89 -50.55 -12.95
N VAL L 335 40.17 -50.28 -12.72
CA VAL L 335 40.90 -50.99 -11.68
C VAL L 335 40.50 -50.55 -10.28
N GLU L 336 39.99 -49.33 -10.11
CA GLU L 336 39.57 -48.90 -8.78
C GLU L 336 38.47 -49.80 -8.22
N ARG L 337 37.41 -50.01 -9.01
CA ARG L 337 36.35 -50.92 -8.61
C ARG L 337 36.83 -52.35 -8.47
N ARG L 338 37.75 -52.78 -9.31
CA ARG L 338 38.30 -54.13 -9.18
C ARG L 338 39.02 -54.31 -7.85
N ILE L 339 39.84 -53.34 -7.44
CA ILE L 339 40.53 -53.45 -6.16
C ILE L 339 39.54 -53.36 -5.01
N VAL L 340 38.54 -52.47 -5.11
CA VAL L 340 37.56 -52.35 -4.04
C VAL L 340 36.82 -53.68 -3.85
N SER L 341 36.38 -54.29 -4.95
CA SER L 341 35.71 -55.58 -4.87
C SER L 341 36.67 -56.68 -4.40
N GLN L 342 37.95 -56.62 -4.79
CA GLN L 342 38.90 -57.61 -4.33
C GLN L 342 39.06 -57.56 -2.83
N LEU L 343 39.16 -56.35 -2.26
CA LEU L 343 39.15 -56.18 -0.81
C LEU L 343 37.85 -56.68 -0.18
N LEU L 344 36.71 -56.39 -0.81
CA LEU L 344 35.44 -56.86 -0.28
C LEU L 344 35.37 -58.38 -0.25
N THR L 345 35.89 -59.04 -1.30
CA THR L 345 35.91 -60.50 -1.31
C THR L 345 36.87 -61.07 -0.28
N LEU L 346 38.06 -60.47 -0.17
CA LEU L 346 39.05 -60.94 0.80
C LEU L 346 38.57 -60.81 2.25
N MET L 347 37.79 -59.77 2.55
CA MET L 347 37.24 -59.61 3.89
C MET L 347 35.90 -60.31 4.11
N ASP L 348 35.17 -60.61 3.04
CA ASP L 348 33.92 -61.36 3.18
C ASP L 348 34.18 -62.81 3.53
N GLY L 349 35.24 -63.40 2.96
CA GLY L 349 35.57 -64.78 3.23
C GLY L 349 36.42 -64.96 4.46
N LEU L 350 36.08 -64.25 5.54
CA LEU L 350 36.80 -64.37 6.81
C LEU L 350 36.00 -65.27 7.74
N LYS L 351 36.17 -66.57 7.54
CA LYS L 351 35.55 -67.58 8.40
C LYS L 351 36.37 -67.78 9.66
N GLN L 352 36.07 -68.82 10.44
CA GLN L 352 36.80 -69.06 11.68
C GLN L 352 38.28 -69.32 11.39
N ARG L 353 38.57 -70.44 10.72
CA ARG L 353 39.89 -70.77 10.19
C ARG L 353 41.03 -70.39 11.15
N ALA L 354 41.54 -69.17 11.00
CA ALA L 354 42.60 -68.65 11.86
C ALA L 354 42.20 -67.29 12.42
N HIS L 355 42.98 -66.75 13.36
CA HIS L 355 42.64 -65.48 13.99
C HIS L 355 43.35 -64.37 13.22
N VAL L 356 42.61 -63.70 12.36
CA VAL L 356 43.08 -62.51 11.66
C VAL L 356 42.09 -61.39 11.93
N ILE L 357 42.63 -60.24 12.34
CA ILE L 357 41.84 -59.05 12.62
C ILE L 357 42.27 -57.97 11.64
N VAL L 358 41.32 -57.42 10.90
CA VAL L 358 41.59 -56.46 9.84
C VAL L 358 41.14 -55.09 10.32
N MET L 359 42.05 -54.32 10.87
CA MET L 359 41.78 -52.95 11.26
C MET L 359 42.13 -52.01 10.11
N ALA L 360 41.49 -50.84 10.11
CA ALA L 360 41.71 -49.87 9.05
C ALA L 360 41.56 -48.46 9.61
N ALA L 361 42.15 -47.51 8.91
CA ALA L 361 42.12 -46.12 9.35
C ALA L 361 41.72 -45.23 8.18
N THR L 362 40.94 -44.20 8.51
CA THR L 362 40.48 -43.21 7.54
C THR L 362 40.10 -41.95 8.30
N ASN L 363 39.81 -40.87 7.58
CA ASN L 363 39.61 -39.57 8.20
C ASN L 363 38.16 -39.36 8.56
N ARG L 364 37.23 -39.50 7.61
CA ARG L 364 35.81 -39.30 7.86
C ARG L 364 35.04 -40.62 7.77
N PRO L 365 33.96 -40.76 8.54
CA PRO L 365 33.03 -41.87 8.29
C PRO L 365 32.41 -41.89 6.90
N ASN L 366 32.10 -40.75 6.28
CA ASN L 366 31.45 -40.84 4.96
C ASN L 366 32.43 -41.03 3.81
N SER L 367 33.74 -40.95 4.06
CA SER L 367 34.73 -41.06 2.98
C SER L 367 35.10 -42.51 2.68
N ILE L 368 34.24 -43.46 3.03
CA ILE L 368 34.48 -44.88 2.86
C ILE L 368 33.31 -45.47 2.08
N ASP L 369 33.61 -46.42 1.21
CA ASP L 369 32.57 -47.11 0.46
C ASP L 369 31.56 -47.73 1.41
N PRO L 370 30.27 -47.41 1.29
CA PRO L 370 29.27 -48.01 2.20
C PRO L 370 29.21 -49.51 2.14
N ALA L 371 29.60 -50.12 1.02
CA ALA L 371 29.64 -51.58 0.94
C ALA L 371 30.67 -52.18 1.88
N LEU L 372 31.62 -51.38 2.36
CA LEU L 372 32.62 -51.83 3.31
C LEU L 372 32.11 -51.82 4.75
N ARG L 373 30.97 -51.20 5.00
CA ARG L 373 30.41 -51.08 6.34
C ARG L 373 29.40 -52.18 6.65
N ARG L 374 29.20 -53.13 5.73
CA ARG L 374 28.24 -54.20 5.92
C ARG L 374 28.71 -55.14 7.02
N PHE L 375 27.82 -56.03 7.43
CA PHE L 375 28.15 -57.02 8.45
C PHE L 375 29.18 -58.01 7.92
N GLY L 376 30.17 -58.32 8.74
CA GLY L 376 31.24 -59.20 8.35
C GLY L 376 32.45 -58.54 7.73
N ARG L 377 32.36 -57.24 7.42
CA ARG L 377 33.50 -56.51 6.89
C ARG L 377 33.99 -55.43 7.85
N PHE L 378 33.13 -54.48 8.21
CA PHE L 378 33.45 -53.50 9.24
C PHE L 378 32.20 -53.28 10.09
N ASP L 379 32.07 -54.07 11.15
CA ASP L 379 30.93 -53.95 12.04
C ASP L 379 31.26 -53.05 13.24
N ARG L 380 32.46 -53.17 13.77
CA ARG L 380 32.89 -52.37 14.91
C ARG L 380 33.66 -51.15 14.42
N GLU L 381 33.23 -49.97 14.85
CA GLU L 381 33.89 -48.72 14.50
C GLU L 381 34.18 -47.92 15.76
N VAL L 382 35.41 -47.43 15.87
CA VAL L 382 35.83 -46.61 17.01
C VAL L 382 36.35 -45.28 16.47
N ASP L 383 35.81 -44.19 16.98
CA ASP L 383 36.19 -42.85 16.55
C ASP L 383 37.06 -42.20 17.61
N ILE L 384 38.23 -41.74 17.19
CA ILE L 384 39.13 -41.01 18.08
C ILE L 384 39.27 -39.59 17.56
N GLY L 385 39.64 -38.68 18.46
CA GLY L 385 39.68 -37.27 18.13
C GLY L 385 40.83 -36.57 18.83
N ILE L 386 40.71 -35.24 18.89
CA ILE L 386 41.77 -34.41 19.49
C ILE L 386 41.78 -34.61 20.99
N PRO L 387 42.91 -34.95 21.60
CA PRO L 387 42.97 -35.06 23.05
C PRO L 387 42.74 -33.71 23.72
N ASP L 388 42.15 -33.77 24.92
CA ASP L 388 41.92 -32.56 25.69
C ASP L 388 43.19 -32.14 26.42
N ALA L 389 43.09 -31.13 27.28
CA ALA L 389 44.27 -30.67 28.01
C ALA L 389 44.84 -31.78 28.89
N THR L 390 43.97 -32.52 29.58
CA THR L 390 44.44 -33.67 30.35
C THR L 390 45.00 -34.76 29.44
N GLY L 391 44.36 -35.01 28.30
CA GLY L 391 44.85 -35.98 27.35
C GLY L 391 46.14 -35.55 26.70
N ARG L 392 46.26 -34.24 26.44
CA ARG L 392 47.49 -33.71 25.85
C ARG L 392 48.65 -33.69 26.84
N LEU L 393 48.38 -33.50 28.13
CA LEU L 393 49.47 -33.48 29.10
C LEU L 393 50.22 -34.80 29.11
N GLU L 394 49.52 -35.93 29.09
CA GLU L 394 50.17 -37.22 29.15
C GLU L 394 50.85 -37.58 27.83
N ILE L 395 50.61 -36.81 26.77
CA ILE L 395 51.24 -37.09 25.48
C ILE L 395 52.55 -36.33 25.30
N LEU L 396 52.84 -35.35 26.16
CA LEU L 396 54.10 -34.63 26.04
C LEU L 396 55.25 -35.42 26.66
N GLN L 397 55.10 -35.86 27.91
CA GLN L 397 56.22 -36.48 28.60
C GLN L 397 56.66 -37.80 27.96
N ILE L 398 55.76 -38.52 27.28
CA ILE L 398 56.15 -39.73 26.57
C ILE L 398 57.11 -39.41 25.44
N HIS L 399 57.00 -38.24 24.82
CA HIS L 399 57.89 -37.86 23.73
C HIS L 399 59.10 -37.06 24.19
N THR L 400 59.18 -36.67 25.47
CA THR L 400 60.32 -35.93 26.00
C THR L 400 60.99 -36.64 27.17
N LYS L 401 60.67 -37.91 27.40
CA LYS L 401 61.34 -38.65 28.46
C LYS L 401 62.86 -38.71 28.27
N ASN L 402 63.34 -38.66 27.03
CA ASN L 402 64.78 -38.73 26.78
C ASN L 402 65.51 -37.41 26.98
N MET L 403 64.85 -36.28 26.71
CA MET L 403 65.49 -34.98 26.82
C MET L 403 65.18 -34.39 28.20
N LYS L 404 66.24 -34.13 28.97
CA LYS L 404 66.08 -33.60 30.33
C LYS L 404 65.56 -32.16 30.29
N LEU L 405 64.76 -31.82 31.29
CA LEU L 405 64.17 -30.50 31.41
C LEU L 405 64.83 -29.72 32.54
N ALA L 406 64.48 -28.44 32.63
CA ALA L 406 64.96 -27.58 33.70
C ALA L 406 63.92 -27.50 34.81
N ASP L 407 64.32 -26.90 35.93
CA ASP L 407 63.42 -26.77 37.07
C ASP L 407 62.29 -25.78 36.81
N ASP L 408 62.44 -24.89 35.84
CA ASP L 408 61.41 -23.90 35.52
C ASP L 408 60.61 -24.26 34.28
N VAL L 409 60.80 -25.45 33.73
CA VAL L 409 60.11 -25.89 32.51
C VAL L 409 59.01 -26.85 32.93
N ASP L 410 57.76 -26.43 32.72
CA ASP L 410 56.59 -27.24 33.06
C ASP L 410 55.78 -27.49 31.80
N LEU L 411 55.46 -28.76 31.55
CA LEU L 411 54.71 -29.15 30.37
C LEU L 411 53.20 -28.97 30.52
N GLU L 412 52.72 -28.74 31.74
CA GLU L 412 51.28 -28.57 31.94
C GLU L 412 50.78 -27.26 31.35
N GLN L 413 51.46 -26.14 31.60
CA GLN L 413 51.03 -24.85 31.09
C GLN L 413 51.16 -24.74 29.58
N VAL L 414 52.02 -25.53 28.95
CA VAL L 414 52.17 -25.45 27.50
C VAL L 414 51.09 -26.24 26.77
N ALA L 415 50.39 -27.15 27.47
CA ALA L 415 49.29 -27.91 26.89
C ALA L 415 47.94 -27.30 27.22
N ASN L 416 47.92 -26.01 27.56
CA ASN L 416 46.70 -25.33 27.97
C ASN L 416 46.19 -24.37 26.90
N GLU L 417 47.06 -23.50 26.38
CA GLU L 417 46.65 -22.55 25.35
C GLU L 417 46.46 -23.19 23.99
N THR L 418 46.98 -24.40 23.78
CA THR L 418 46.77 -25.13 22.55
C THR L 418 45.55 -26.03 22.66
N HIS L 419 44.70 -25.99 21.65
CA HIS L 419 43.50 -26.81 21.62
C HIS L 419 43.35 -27.52 20.29
N GLY L 420 43.96 -26.96 19.25
CA GLY L 420 43.84 -27.51 17.91
C GLY L 420 45.10 -28.21 17.44
N HIS L 421 45.73 -28.96 18.33
CA HIS L 421 46.95 -29.70 18.02
C HIS L 421 46.64 -31.19 18.00
N VAL L 422 46.94 -31.83 16.87
CA VAL L 422 46.81 -33.28 16.75
C VAL L 422 48.00 -33.94 17.45
N GLY L 423 47.86 -35.23 17.76
CA GLY L 423 48.90 -35.92 18.51
C GLY L 423 50.26 -35.85 17.86
N ALA L 424 50.31 -35.86 16.53
CA ALA L 424 51.56 -35.68 15.79
C ALA L 424 52.08 -34.25 15.83
N ASP L 425 51.19 -33.28 16.03
CA ASP L 425 51.62 -31.88 16.12
C ASP L 425 52.58 -31.68 17.28
N LEU L 426 52.23 -32.19 18.47
CA LEU L 426 53.11 -32.06 19.62
C LEU L 426 54.36 -32.93 19.51
N ALA L 427 54.25 -34.08 18.86
CA ALA L 427 55.44 -34.90 18.60
C ALA L 427 56.45 -34.13 17.75
N ALA L 428 55.95 -33.44 16.72
CA ALA L 428 56.82 -32.56 15.93
C ALA L 428 57.31 -31.37 16.73
N LEU L 429 56.45 -30.79 17.57
CA LEU L 429 56.82 -29.61 18.35
C LEU L 429 57.95 -29.88 19.33
N CYS L 430 57.94 -31.04 19.98
CA CYS L 430 59.02 -31.38 20.91
C CYS L 430 60.37 -31.40 20.20
N SER L 431 60.45 -32.13 19.07
CA SER L 431 61.69 -32.16 18.32
C SER L 431 62.06 -30.77 17.82
N GLU L 432 61.09 -30.01 17.32
CA GLU L 432 61.38 -28.67 16.80
C GLU L 432 61.96 -27.76 17.87
N ALA L 433 61.45 -27.84 19.11
CA ALA L 433 62.06 -27.10 20.21
C ALA L 433 63.46 -27.62 20.50
N ALA L 434 63.69 -28.92 20.31
CA ALA L 434 65.02 -29.47 20.56
C ALA L 434 66.08 -28.86 19.64
N LEU L 435 65.77 -28.65 18.35
CA LEU L 435 66.77 -28.03 17.48
C LEU L 435 67.10 -26.61 17.92
N GLN L 436 66.11 -25.82 18.33
CA GLN L 436 66.42 -24.49 18.84
C GLN L 436 67.26 -24.57 20.11
N ALA L 437 66.94 -25.49 21.00
CA ALA L 437 67.69 -25.64 22.24
C ALA L 437 69.16 -25.96 21.97
N ILE L 438 69.44 -26.82 20.99
CA ILE L 438 70.84 -27.14 20.69
C ILE L 438 71.50 -26.09 19.80
N ARG L 439 70.72 -25.37 18.98
CA ARG L 439 71.26 -24.34 18.12
C ARG L 439 71.70 -23.11 18.90
N LYS L 440 70.98 -22.76 19.96
CA LYS L 440 71.38 -21.60 20.76
C LYS L 440 72.69 -21.81 21.49
N LYS L 441 73.21 -23.03 21.55
CA LYS L 441 74.48 -23.29 22.21
C LYS L 441 75.58 -23.77 21.27
N MET L 442 75.23 -24.39 20.14
CA MET L 442 76.29 -24.84 19.24
C MET L 442 77.06 -23.67 18.63
N ASP L 443 76.44 -22.50 18.49
CA ASP L 443 77.14 -21.34 17.96
C ASP L 443 78.29 -20.92 18.85
N LEU L 444 78.11 -20.98 20.17
CA LEU L 444 79.16 -20.61 21.09
C LEU L 444 80.10 -21.76 21.43
N ILE L 445 79.61 -23.00 21.41
CA ILE L 445 80.47 -24.14 21.69
C ILE L 445 81.52 -24.31 20.59
N ASP L 446 81.10 -24.26 19.33
CA ASP L 446 82.00 -24.33 18.19
C ASP L 446 82.88 -25.57 18.23
N LEU L 447 82.25 -26.74 18.28
CA LEU L 447 82.95 -28.02 18.29
C LEU L 447 82.63 -28.75 17.00
N GLU L 448 83.45 -28.50 15.97
CA GLU L 448 83.28 -29.13 14.66
C GLU L 448 84.29 -30.27 14.55
N ASP L 449 83.77 -31.49 14.42
CA ASP L 449 84.62 -32.68 14.30
C ASP L 449 83.80 -33.78 13.65
N GLU L 450 84.49 -34.89 13.32
CA GLU L 450 83.83 -36.03 12.69
C GLU L 450 82.89 -36.71 13.67
N THR L 451 83.44 -37.19 14.79
CA THR L 451 82.64 -37.85 15.80
C THR L 451 82.36 -36.91 16.97
N ILE L 452 81.09 -36.84 17.36
CA ILE L 452 80.63 -35.95 18.42
C ILE L 452 80.72 -36.69 19.75
N ASP L 453 81.38 -36.06 20.72
CA ASP L 453 81.56 -36.66 22.03
C ASP L 453 80.23 -36.79 22.76
N ALA L 454 80.10 -37.85 23.55
CA ALA L 454 78.88 -38.14 24.30
C ALA L 454 78.84 -37.44 25.65
N GLU L 455 79.84 -36.64 25.98
CA GLU L 455 79.92 -35.94 27.26
C GLU L 455 79.22 -34.59 27.23
N VAL L 456 78.51 -34.27 26.14
CA VAL L 456 77.81 -33.00 26.04
C VAL L 456 76.29 -33.16 26.05
N MET L 457 75.75 -34.32 25.64
CA MET L 457 74.30 -34.52 25.71
C MET L 457 73.76 -34.42 27.14
N ASN L 458 74.58 -34.77 28.14
CA ASN L 458 74.15 -34.63 29.52
C ASN L 458 73.87 -33.19 29.91
N SER L 459 74.48 -32.22 29.22
CA SER L 459 74.26 -30.81 29.49
C SER L 459 73.18 -30.19 28.61
N LEU L 460 72.59 -30.96 27.70
CA LEU L 460 71.55 -30.45 26.81
C LEU L 460 70.23 -30.42 27.59
N ALA L 461 69.94 -29.26 28.18
CA ALA L 461 68.70 -29.04 28.92
C ALA L 461 67.85 -28.03 28.18
N VAL L 462 66.60 -28.41 27.89
CA VAL L 462 65.69 -27.51 27.19
C VAL L 462 65.24 -26.41 28.15
N THR L 463 64.99 -25.23 27.59
CA THR L 463 64.53 -24.09 28.36
C THR L 463 63.10 -23.75 27.98
N MET L 464 62.48 -22.89 28.78
CA MET L 464 61.10 -22.49 28.51
C MET L 464 61.02 -21.63 27.26
N ASP L 465 62.01 -20.77 27.02
CA ASP L 465 62.06 -19.96 25.81
C ASP L 465 62.18 -20.83 24.57
N ASP L 466 62.74 -22.04 24.69
CA ASP L 466 62.73 -22.96 23.56
C ASP L 466 61.31 -23.32 23.15
N PHE L 467 60.40 -23.37 24.13
CA PHE L 467 59.01 -23.69 23.86
C PHE L 467 58.18 -22.46 23.50
N ARG L 468 58.55 -21.28 24.01
CA ARG L 468 57.82 -20.07 23.62
C ARG L 468 57.86 -19.86 22.11
N TRP L 469 59.02 -20.05 21.48
CA TRP L 469 59.12 -19.92 20.04
C TRP L 469 58.42 -21.08 19.33
N ALA L 470 58.27 -22.22 20.00
CA ALA L 470 57.68 -23.40 19.39
C ALA L 470 56.20 -23.23 19.06
N LEU L 471 55.46 -22.45 19.84
CA LEU L 471 54.04 -22.23 19.60
C LEU L 471 53.78 -21.01 18.71
N SER L 472 54.82 -20.40 18.16
CA SER L 472 54.68 -19.22 17.33
C SER L 472 54.72 -19.54 15.84
N GLN L 473 55.78 -20.19 15.38
CA GLN L 473 55.90 -20.50 13.97
C GLN L 473 55.24 -21.83 13.58
N SER L 474 54.84 -22.64 14.55
CA SER L 474 54.21 -23.91 14.25
C SER L 474 52.77 -23.69 13.84
N ASN L 475 52.41 -24.13 12.64
CA ASN L 475 51.06 -23.97 12.13
C ASN L 475 50.34 -25.31 12.23
N PRO L 476 49.41 -25.47 13.17
CA PRO L 476 48.74 -26.77 13.32
C PRO L 476 47.78 -27.03 12.17
N SER L 477 47.46 -28.32 11.99
CA SER L 477 46.62 -28.76 10.89
C SER L 477 45.15 -28.79 11.27
N ALA L 478 44.81 -29.55 12.30
CA ALA L 478 43.41 -29.72 12.71
C ALA L 478 42.98 -28.54 13.57
N LEU L 479 42.31 -27.57 12.95
CA LEU L 479 41.79 -26.42 13.66
C LEU L 479 40.29 -26.25 13.57
N ARG L 480 39.67 -26.62 12.45
CA ARG L 480 38.23 -26.47 12.23
C ARG L 480 37.61 -27.86 12.19
N GLU L 481 37.29 -28.38 13.37
CA GLU L 481 36.67 -29.69 13.51
C GLU L 481 35.80 -29.68 14.76
N THR L 482 35.07 -30.78 14.96
CA THR L 482 34.20 -30.89 16.12
C THR L 482 35.05 -31.26 17.35
N VAL L 483 35.19 -30.32 18.27
CA VAL L 483 35.95 -30.54 19.50
C VAL L 483 35.02 -31.23 20.49
N VAL L 484 35.32 -32.49 20.80
CA VAL L 484 34.49 -33.27 21.71
C VAL L 484 35.28 -33.53 22.98
N GLU L 485 35.14 -32.63 23.97
CA GLU L 485 35.87 -32.73 25.23
C GLU L 485 34.92 -32.46 26.39
N VAL L 486 35.28 -33.00 27.54
CA VAL L 486 34.53 -32.81 28.78
C VAL L 486 34.92 -31.44 29.35
N PRO L 487 33.97 -30.56 29.62
CA PRO L 487 34.32 -29.23 30.11
C PRO L 487 34.88 -29.26 31.53
N GLN L 488 35.39 -28.11 31.95
CA GLN L 488 35.98 -27.95 33.27
C GLN L 488 35.19 -27.02 34.18
N VAL L 489 34.05 -26.51 33.71
CA VAL L 489 33.24 -25.58 34.47
C VAL L 489 32.13 -26.35 35.17
N THR L 490 32.03 -26.19 36.49
CA THR L 490 31.10 -26.91 37.33
C THR L 490 30.01 -25.96 37.82
N TRP L 491 28.98 -26.50 38.47
CA TRP L 491 27.94 -25.67 39.07
C TRP L 491 28.44 -24.85 40.24
N GLU L 492 29.48 -25.32 40.94
CA GLU L 492 30.00 -24.58 42.10
C GLU L 492 30.54 -23.21 41.69
N ASP L 493 31.27 -23.14 40.59
CA ASP L 493 31.83 -21.86 40.15
C ASP L 493 30.76 -20.94 39.56
N ILE L 494 29.55 -21.45 39.31
CA ILE L 494 28.44 -20.63 38.89
C ILE L 494 27.61 -20.29 40.12
N GLY L 495 27.57 -19.00 40.47
CA GLY L 495 26.75 -18.56 41.57
C GLY L 495 25.31 -18.29 41.12
N GLY L 496 24.39 -18.43 42.05
CA GLY L 496 23.00 -18.11 41.74
C GLY L 496 22.40 -19.05 40.71
N LEU L 497 21.37 -18.55 40.04
CA LEU L 497 20.62 -19.32 39.04
C LEU L 497 20.11 -20.64 39.62
N GLU L 498 19.63 -20.55 40.86
CA GLU L 498 19.04 -21.71 41.51
C GLU L 498 17.78 -22.19 40.81
N ASP L 499 17.02 -21.29 40.19
CA ASP L 499 15.84 -21.69 39.43
C ASP L 499 16.20 -22.61 38.27
N VAL L 500 17.25 -22.27 37.53
CA VAL L 500 17.70 -23.11 36.41
C VAL L 500 18.50 -24.31 36.88
N LYS L 501 19.31 -24.17 37.93
CA LYS L 501 20.04 -25.29 38.51
C LYS L 501 19.13 -26.43 38.92
N ARG L 502 17.97 -26.12 39.50
CA ARG L 502 17.04 -27.13 40.00
C ARG L 502 16.32 -27.87 38.89
N GLU L 503 15.99 -27.19 37.79
CA GLU L 503 15.28 -27.87 36.71
C GLU L 503 16.24 -28.61 35.78
N LEU L 504 17.42 -28.06 35.53
CA LEU L 504 18.40 -28.78 34.72
C LEU L 504 18.89 -30.04 35.42
N GLN L 505 19.08 -30.00 36.74
CA GLN L 505 19.51 -31.16 37.50
C GLN L 505 18.44 -32.24 37.55
N GLU L 506 17.16 -31.88 37.42
CA GLU L 506 16.07 -32.85 37.44
C GLU L 506 15.62 -33.25 36.05
N LEU L 507 16.33 -32.83 35.00
CA LEU L 507 15.89 -33.06 33.64
C LEU L 507 16.89 -33.85 32.81
N VAL L 508 18.19 -33.66 33.07
CA VAL L 508 19.21 -34.45 32.39
C VAL L 508 20.10 -35.23 33.36
N GLN L 509 20.29 -34.74 34.59
CA GLN L 509 21.10 -35.47 35.57
C GLN L 509 20.39 -36.70 36.12
N TYR L 510 19.07 -36.60 36.35
CA TYR L 510 18.33 -37.73 36.91
C TYR L 510 18.39 -38.96 36.01
N PRO L 511 18.10 -38.88 34.70
CA PRO L 511 18.20 -40.09 33.87
C PRO L 511 19.61 -40.64 33.74
N VAL L 512 20.63 -39.84 34.02
CA VAL L 512 22.01 -40.31 33.92
C VAL L 512 22.46 -40.99 35.21
N GLU L 513 22.25 -40.35 36.35
CA GLU L 513 22.70 -40.90 37.62
C GLU L 513 21.72 -41.90 38.24
N HIS L 514 20.45 -41.85 37.86
CA HIS L 514 19.44 -42.78 38.37
C HIS L 514 18.62 -43.38 37.21
N PRO L 515 19.24 -44.21 36.37
CA PRO L 515 18.45 -44.89 35.33
C PRO L 515 17.30 -45.73 35.88
N ASP L 516 17.49 -46.43 37.00
CA ASP L 516 16.51 -47.37 37.52
C ASP L 516 15.23 -46.71 37.97
N LYS L 517 15.30 -45.51 38.56
CA LYS L 517 14.11 -44.85 39.06
C LYS L 517 13.19 -44.40 37.93
N PHE L 518 13.67 -44.43 36.69
CA PHE L 518 12.83 -44.06 35.56
C PHE L 518 12.07 -45.27 35.00
N LEU L 519 12.72 -46.42 34.90
CA LEU L 519 12.01 -47.65 34.58
C LEU L 519 11.07 -48.07 35.70
N LYS L 520 11.39 -47.74 36.96
CA LYS L 520 10.48 -48.06 38.05
C LYS L 520 9.19 -47.25 37.94
N PHE L 521 9.31 -45.98 37.54
CA PHE L 521 8.15 -45.11 37.40
C PHE L 521 7.58 -45.11 36.00
N GLY L 522 8.19 -45.82 35.06
CA GLY L 522 7.68 -45.91 33.71
C GLY L 522 7.61 -44.61 32.96
N MET L 523 8.58 -43.72 33.16
CA MET L 523 8.61 -42.43 32.47
C MET L 523 9.86 -42.34 31.61
N THR L 524 9.67 -42.04 30.33
CA THR L 524 10.82 -41.85 29.44
C THR L 524 11.45 -40.49 29.69
N PRO L 525 12.78 -40.40 29.64
CA PRO L 525 13.45 -39.11 29.82
C PRO L 525 13.19 -38.20 28.63
N SER L 526 13.27 -36.90 28.89
CA SER L 526 13.11 -35.91 27.83
C SER L 526 14.30 -35.97 26.87
N LYS L 527 14.03 -35.71 25.60
CA LYS L 527 15.07 -35.77 24.58
C LYS L 527 15.96 -34.54 24.55
N GLY L 528 15.45 -33.38 24.90
CA GLY L 528 16.26 -32.17 24.85
C GLY L 528 15.50 -30.98 25.39
N VAL L 529 16.26 -29.93 25.70
CA VAL L 529 15.71 -28.69 26.24
C VAL L 529 16.35 -27.54 25.46
N LEU L 530 15.52 -26.59 25.03
CA LEU L 530 15.98 -25.35 24.44
C LEU L 530 15.76 -24.22 25.43
N PHE L 531 16.82 -23.48 25.75
CA PHE L 531 16.63 -22.31 26.59
C PHE L 531 16.89 -21.04 25.79
N TYR L 532 16.29 -19.95 26.26
CA TYR L 532 16.30 -18.67 25.58
C TYR L 532 16.61 -17.60 26.61
N GLY L 533 17.18 -16.50 26.13
CA GLY L 533 17.55 -15.41 26.99
C GLY L 533 18.25 -14.31 26.24
N PRO L 534 18.42 -13.16 26.88
CA PRO L 534 19.13 -12.05 26.24
C PRO L 534 20.57 -12.42 25.95
N PRO L 535 21.16 -11.85 24.91
CA PRO L 535 22.51 -12.25 24.52
C PRO L 535 23.53 -11.93 25.60
N GLY L 536 24.60 -12.74 25.61
CA GLY L 536 25.67 -12.56 26.56
C GLY L 536 25.28 -12.80 28.01
N CYS L 537 24.54 -13.88 28.26
CA CYS L 537 24.15 -14.22 29.62
C CYS L 537 24.66 -15.59 30.08
N GLY L 538 25.39 -16.32 29.26
CA GLY L 538 26.02 -17.55 29.72
C GLY L 538 25.26 -18.81 29.39
N LYS L 539 24.51 -18.81 28.28
CA LYS L 539 23.80 -20.01 27.88
C LYS L 539 24.75 -21.15 27.57
N THR L 540 25.84 -20.88 26.84
CA THR L 540 26.84 -21.89 26.57
C THR L 540 27.53 -22.39 27.84
N LEU L 541 27.85 -21.49 28.76
CA LEU L 541 28.44 -21.91 30.03
C LEU L 541 27.48 -22.75 30.86
N LEU L 542 26.20 -22.43 30.85
CA LEU L 542 25.24 -23.25 31.59
C LEU L 542 25.18 -24.66 31.04
N ALA L 543 25.15 -24.79 29.71
CA ALA L 543 25.18 -26.10 29.08
C ALA L 543 26.47 -26.85 29.37
N LYS L 544 27.60 -26.14 29.39
CA LYS L 544 28.85 -26.79 29.76
C LYS L 544 28.83 -27.27 31.20
N ALA L 545 28.30 -26.47 32.12
CA ALA L 545 28.25 -26.85 33.52
C ALA L 545 27.39 -28.07 33.77
N ILE L 546 26.23 -28.15 33.11
CA ILE L 546 25.37 -29.33 33.27
C ILE L 546 26.00 -30.57 32.67
N ALA L 547 26.96 -30.42 31.75
CA ALA L 547 27.70 -31.57 31.24
C ALA L 547 28.69 -32.11 32.26
N ASN L 548 29.33 -31.23 33.02
CA ASN L 548 30.24 -31.67 34.07
C ASN L 548 29.52 -32.36 35.22
N GLU L 549 28.31 -31.91 35.55
CA GLU L 549 27.56 -32.54 36.62
C GLU L 549 27.23 -33.98 36.30
N CYS L 550 26.89 -34.26 35.05
CA CYS L 550 26.59 -35.61 34.60
C CYS L 550 27.84 -36.36 34.13
N GLN L 551 29.01 -35.72 34.17
CA GLN L 551 30.25 -36.31 33.68
C GLN L 551 30.07 -36.78 32.23
N ALA L 552 29.50 -35.92 31.40
CA ALA L 552 29.18 -36.28 30.03
C ALA L 552 30.01 -35.42 29.09
N ASN L 553 30.18 -35.90 27.86
CA ASN L 553 30.94 -35.18 26.85
C ASN L 553 30.12 -34.00 26.36
N PHE L 554 30.77 -33.02 25.73
CA PHE L 554 30.09 -31.82 25.29
C PHE L 554 30.49 -31.50 23.87
N ILE L 555 29.49 -31.26 23.02
CA ILE L 555 29.70 -30.88 21.62
C ILE L 555 28.97 -29.57 21.38
N SER L 556 29.70 -28.57 20.89
CA SER L 556 29.14 -27.25 20.65
C SER L 556 29.11 -26.98 19.16
N ILE L 557 27.94 -26.58 18.65
CA ILE L 557 27.76 -26.21 17.25
C ILE L 557 27.31 -24.76 17.21
N LYS L 558 28.21 -23.87 16.81
CA LYS L 558 27.92 -22.45 16.81
C LYS L 558 27.10 -22.10 15.56
N GLY L 559 26.69 -20.83 15.45
CA GLY L 559 25.89 -20.36 14.36
C GLY L 559 26.51 -20.49 12.98
N PRO L 560 27.77 -20.07 12.82
CA PRO L 560 28.41 -20.18 11.50
C PRO L 560 28.45 -21.60 10.93
N GLU L 561 28.69 -22.62 11.75
CA GLU L 561 28.68 -23.99 11.24
C GLU L 561 27.28 -24.41 10.77
N LEU L 562 26.23 -23.92 11.43
CA LEU L 562 24.88 -24.19 11.00
C LEU L 562 24.47 -23.44 9.75
N LEU L 563 24.92 -22.20 9.59
CA LEU L 563 24.57 -21.39 8.44
C LEU L 563 25.45 -21.66 7.23
N THR L 564 26.61 -22.31 7.42
CA THR L 564 27.46 -22.64 6.29
C THR L 564 26.80 -23.67 5.39
N MET L 565 26.20 -24.71 5.97
CA MET L 565 25.55 -25.72 5.15
C MET L 565 24.22 -25.23 4.58
N TRP L 566 23.63 -24.19 5.15
CA TRP L 566 22.44 -23.61 4.54
C TRP L 566 22.78 -22.90 3.24
N PHE L 567 23.83 -22.07 3.23
CA PHE L 567 24.25 -21.40 2.01
C PHE L 567 24.88 -22.37 1.03
N GLY L 568 25.64 -23.34 1.51
CA GLY L 568 26.37 -24.26 0.64
C GLY L 568 25.57 -25.37 0.02
N GLU L 569 24.31 -25.55 0.43
CA GLU L 569 23.44 -26.60 -0.11
C GLU L 569 24.07 -27.98 0.07
N SER L 570 24.87 -28.12 1.12
CA SER L 570 25.58 -29.36 1.43
C SER L 570 25.11 -29.79 2.82
N GLU L 571 24.15 -30.70 2.86
CA GLU L 571 23.40 -30.98 4.08
C GLU L 571 23.69 -32.35 4.67
N ALA L 572 24.77 -33.00 4.25
CA ALA L 572 25.21 -34.23 4.88
C ALA L 572 26.01 -33.96 6.14
N ASN L 573 26.28 -32.69 6.46
CA ASN L 573 27.12 -32.36 7.60
C ASN L 573 26.46 -32.65 8.94
N VAL L 574 25.14 -32.48 9.05
CA VAL L 574 24.43 -32.85 10.27
C VAL L 574 24.46 -34.36 10.51
N ARG L 575 24.63 -35.15 9.45
CA ARG L 575 24.71 -36.60 9.61
C ARG L 575 25.88 -36.99 10.51
N GLU L 576 27.09 -36.50 10.20
CA GLU L 576 28.23 -36.83 11.03
C GLU L 576 28.16 -36.16 12.40
N ILE L 577 27.55 -34.99 12.50
CA ILE L 577 27.38 -34.34 13.80
C ILE L 577 26.58 -35.24 14.73
N PHE L 578 25.41 -35.70 14.26
CA PHE L 578 24.59 -36.59 15.08
C PHE L 578 25.20 -37.97 15.23
N ASP L 579 26.00 -38.42 14.27
CA ASP L 579 26.66 -39.71 14.40
C ASP L 579 27.72 -39.69 15.50
N LYS L 580 28.57 -38.67 15.50
CA LYS L 580 29.62 -38.56 16.50
C LYS L 580 29.10 -38.07 17.84
N ALA L 581 27.90 -37.47 17.88
CA ALA L 581 27.26 -37.16 19.14
C ALA L 581 26.73 -38.40 19.85
N ARG L 582 26.35 -39.43 19.11
CA ARG L 582 25.75 -40.62 19.69
C ARG L 582 26.78 -41.71 20.02
N GLN L 583 27.92 -41.73 19.33
CA GLN L 583 28.93 -42.73 19.64
C GLN L 583 29.69 -42.39 20.92
N ALA L 584 29.71 -41.11 21.30
CA ALA L 584 30.40 -40.68 22.50
C ALA L 584 29.45 -40.66 23.70
N ALA L 585 28.76 -41.78 23.89
CA ALA L 585 27.82 -41.89 25.00
C ALA L 585 28.57 -42.05 26.32
N PRO L 586 28.25 -41.22 27.32
CA PRO L 586 27.24 -40.17 27.27
C PRO L 586 27.75 -38.81 26.83
N CYS L 587 26.92 -38.10 26.06
CA CYS L 587 27.32 -36.83 25.47
C CYS L 587 26.19 -35.83 25.65
N VAL L 588 26.48 -34.57 25.32
CA VAL L 588 25.48 -33.52 25.30
C VAL L 588 25.71 -32.70 24.04
N LEU L 589 24.64 -32.50 23.27
CA LEU L 589 24.71 -31.77 22.01
C LEU L 589 24.14 -30.38 22.23
N PHE L 590 24.92 -29.36 21.87
CA PHE L 590 24.54 -27.98 22.12
C PHE L 590 24.54 -27.22 20.81
N PHE L 591 23.39 -26.60 20.50
CA PHE L 591 23.22 -25.82 19.29
C PHE L 591 23.14 -24.36 19.67
N ASP L 592 24.15 -23.59 19.29
CA ASP L 592 24.21 -22.16 19.61
C ASP L 592 23.51 -21.36 18.53
N GLU L 593 22.84 -20.29 18.96
CA GLU L 593 22.06 -19.39 18.09
C GLU L 593 21.31 -20.15 17.00
N LEU L 594 20.38 -21.02 17.41
CA LEU L 594 19.58 -21.79 16.48
C LEU L 594 18.78 -20.92 15.52
N ASP L 595 18.48 -19.68 15.90
CA ASP L 595 17.70 -18.77 15.07
C ASP L 595 18.53 -18.11 13.98
N SER L 596 19.77 -18.55 13.77
CA SER L 596 20.62 -17.92 12.76
C SER L 596 20.03 -18.05 11.36
N ILE L 597 19.52 -19.23 11.02
CA ILE L 597 18.91 -19.42 9.71
C ILE L 597 17.66 -18.57 9.56
N ALA L 598 16.84 -18.47 10.60
CA ALA L 598 15.64 -17.63 10.53
C ALA L 598 16.01 -16.17 10.34
N LYS L 599 17.03 -15.69 11.05
CA LYS L 599 17.49 -14.32 10.84
C LYS L 599 18.02 -14.11 9.43
N ALA L 600 18.80 -15.07 8.91
CA ALA L 600 19.32 -14.96 7.56
C ALA L 600 18.21 -14.98 6.50
N ARG L 601 17.10 -15.66 6.78
CA ARG L 601 15.98 -15.70 5.85
C ARG L 601 14.97 -14.58 6.05
N GLY L 602 15.02 -13.89 7.18
CA GLY L 602 14.13 -12.78 7.42
C GLY L 602 13.50 -12.78 8.81
N GLY L 603 13.24 -13.97 9.35
CA GLY L 603 12.69 -14.07 10.68
C GLY L 603 11.23 -14.48 10.72
N ASN L 604 10.39 -13.64 11.33
CA ASN L 604 8.98 -13.97 11.50
C ASN L 604 8.25 -14.04 10.16
N ILE L 605 8.51 -13.11 9.26
CA ILE L 605 7.85 -13.09 7.96
C ILE L 605 8.87 -13.36 6.87
N GLY L 606 9.85 -12.47 6.74
CA GLY L 606 10.89 -12.62 5.73
C GLY L 606 10.34 -12.69 4.32
N ASP L 607 10.46 -13.85 3.69
CA ASP L 607 9.94 -14.06 2.34
C ASP L 607 8.51 -14.57 2.41
N GLY L 608 7.98 -15.03 1.27
CA GLY L 608 6.64 -15.58 1.27
C GLY L 608 6.50 -16.86 2.07
N GLY L 609 7.61 -17.56 2.30
CA GLY L 609 7.59 -18.78 3.06
C GLY L 609 7.43 -18.55 4.55
N GLY L 610 7.29 -19.66 5.27
CA GLY L 610 7.08 -19.59 6.71
C GLY L 610 8.37 -19.56 7.50
N ALA L 611 8.47 -20.41 8.52
CA ALA L 611 9.65 -20.47 9.38
C ALA L 611 10.37 -21.80 9.24
N ALA L 612 10.01 -22.58 8.23
CA ALA L 612 10.61 -23.89 8.01
C ALA L 612 11.67 -23.82 6.92
N ASP L 613 12.82 -24.43 7.19
CA ASP L 613 13.89 -24.50 6.20
C ASP L 613 14.44 -25.92 6.15
N ARG L 614 15.52 -26.11 5.41
CA ARG L 614 16.09 -27.43 5.21
C ARG L 614 16.99 -27.91 6.34
N VAL L 615 17.84 -27.04 6.90
CA VAL L 615 18.77 -27.47 7.93
C VAL L 615 18.03 -27.86 9.21
N ILE L 616 17.08 -27.03 9.64
CA ILE L 616 16.28 -27.40 10.81
C ILE L 616 15.48 -28.68 10.53
N ASN L 617 15.05 -28.89 9.28
CA ASN L 617 14.40 -30.13 8.92
C ASN L 617 15.31 -31.33 9.11
N GLN L 618 16.58 -31.21 8.71
CA GLN L 618 17.52 -32.30 8.92
C GLN L 618 17.73 -32.57 10.41
N ILE L 619 17.84 -31.53 11.22
CA ILE L 619 17.98 -31.71 12.67
C ILE L 619 16.75 -32.40 13.24
N LEU L 620 15.56 -32.02 12.79
CA LEU L 620 14.34 -32.68 13.23
C LEU L 620 14.33 -34.15 12.86
N THR L 621 14.72 -34.47 11.62
CA THR L 621 14.77 -35.86 11.19
C THR L 621 15.77 -36.67 12.02
N GLU L 622 16.93 -36.10 12.30
CA GLU L 622 17.94 -36.82 13.08
C GLU L 622 17.52 -36.99 14.53
N MET L 623 16.86 -36.00 15.12
CA MET L 623 16.36 -36.11 16.48
C MET L 623 15.20 -37.07 16.61
N ASP L 624 14.35 -37.18 15.59
CA ASP L 624 13.23 -38.11 15.66
C ASP L 624 13.69 -39.55 15.67
N GLY L 625 14.79 -39.85 14.99
CA GLY L 625 15.30 -41.19 14.87
C GLY L 625 16.24 -41.64 15.97
N MET L 626 16.49 -40.81 16.98
CA MET L 626 17.38 -41.18 18.05
C MET L 626 16.68 -42.10 19.05
N SER L 627 17.49 -42.82 19.83
CA SER L 627 16.98 -43.74 20.84
C SER L 627 16.94 -43.04 22.19
N THR L 628 15.80 -43.15 22.87
CA THR L 628 15.64 -42.51 24.17
C THR L 628 16.45 -43.18 25.26
N LYS L 629 16.79 -44.46 25.12
CA LYS L 629 17.57 -45.14 26.14
C LYS L 629 19.02 -44.69 26.15
N LYS L 630 19.51 -44.09 25.06
CA LYS L 630 20.84 -43.53 25.06
C LYS L 630 20.87 -42.23 25.86
N ASN L 631 22.07 -41.86 26.31
CA ASN L 631 22.25 -40.69 27.17
C ASN L 631 22.64 -39.44 26.39
N VAL L 632 22.51 -39.45 25.07
CA VAL L 632 22.77 -38.27 24.27
C VAL L 632 21.67 -37.26 24.56
N PHE L 633 22.04 -35.98 24.59
CA PHE L 633 21.11 -34.92 24.96
C PHE L 633 21.37 -33.70 24.09
N ILE L 634 20.29 -33.09 23.60
CA ILE L 634 20.37 -31.95 22.70
C ILE L 634 19.90 -30.70 23.43
N ILE L 635 20.72 -29.67 23.41
CA ILE L 635 20.40 -28.39 24.02
C ILE L 635 20.44 -27.32 22.94
N GLY L 636 19.34 -26.59 22.81
CA GLY L 636 19.24 -25.49 21.85
C GLY L 636 19.32 -24.16 22.58
N ALA L 637 20.11 -23.26 22.03
CA ALA L 637 20.27 -21.92 22.58
C ALA L 637 19.86 -20.89 21.54
N THR L 638 19.06 -19.92 21.96
CA THR L 638 18.61 -18.87 21.07
C THR L 638 18.37 -17.61 21.88
N ASN L 639 18.48 -16.48 21.21
CA ASN L 639 18.13 -15.19 21.80
C ASN L 639 16.82 -14.64 21.26
N ARG L 640 16.38 -15.09 20.09
CA ARG L 640 15.08 -14.71 19.58
C ARG L 640 14.23 -15.96 19.42
N PRO L 641 13.44 -16.33 20.43
CA PRO L 641 12.60 -17.54 20.31
C PRO L 641 11.29 -17.32 19.57
N ASP L 642 10.96 -16.09 19.22
CA ASP L 642 9.76 -15.80 18.44
C ASP L 642 9.89 -16.19 16.98
N ILE L 643 11.12 -16.30 16.46
CA ILE L 643 11.35 -16.67 15.08
C ILE L 643 11.79 -18.13 14.95
N ILE L 644 11.92 -18.83 16.07
CA ILE L 644 12.21 -20.26 16.03
C ILE L 644 11.02 -20.99 15.45
N ASP L 645 11.30 -21.96 14.58
CA ASP L 645 10.22 -22.71 13.93
C ASP L 645 9.43 -23.45 15.00
N PRO L 646 8.09 -23.42 14.94
CA PRO L 646 7.30 -24.12 15.95
C PRO L 646 7.50 -25.64 15.97
N ALA L 647 7.87 -26.25 14.85
CA ALA L 647 7.95 -27.71 14.79
C ALA L 647 9.10 -28.27 15.61
N ILE L 648 10.17 -27.50 15.82
CA ILE L 648 11.28 -27.99 16.63
C ILE L 648 10.91 -28.03 18.11
N LEU L 649 9.90 -27.25 18.52
CA LEU L 649 9.44 -27.20 19.90
C LEU L 649 8.30 -28.16 20.16
N ARG L 650 7.95 -28.99 19.19
CA ARG L 650 6.89 -29.98 19.36
C ARG L 650 7.26 -30.95 20.48
N PRO L 651 6.26 -31.48 21.20
CA PRO L 651 6.56 -32.45 22.26
C PRO L 651 7.33 -33.65 21.70
N GLY L 652 8.37 -34.05 22.42
CA GLY L 652 9.21 -35.16 22.02
C GLY L 652 10.55 -34.76 21.45
N ARG L 653 10.72 -33.50 21.03
CA ARG L 653 12.00 -33.05 20.49
C ARG L 653 12.65 -31.99 21.36
N LEU L 654 11.98 -30.87 21.61
CA LEU L 654 12.50 -29.82 22.48
C LEU L 654 11.34 -29.21 23.28
N ASP L 655 10.49 -30.09 23.81
CA ASP L 655 9.30 -29.64 24.52
C ASP L 655 9.64 -28.83 25.76
N GLN L 656 10.81 -29.09 26.36
CA GLN L 656 11.19 -28.39 27.58
C GLN L 656 11.83 -27.05 27.24
N LEU L 657 11.20 -25.97 27.65
CA LEU L 657 11.72 -24.62 27.43
C LEU L 657 11.93 -23.97 28.79
N ILE L 658 13.15 -23.50 29.04
CA ILE L 658 13.49 -22.79 30.27
C ILE L 658 14.08 -21.44 29.88
N TYR L 659 13.87 -20.45 30.74
CA TYR L 659 14.26 -19.08 30.43
C TYR L 659 15.50 -18.72 31.24
N ILE L 660 16.52 -18.20 30.56
CA ILE L 660 17.76 -17.77 31.20
C ILE L 660 17.67 -16.27 31.41
N PRO L 661 17.49 -15.79 32.63
CA PRO L 661 17.34 -14.34 32.85
C PRO L 661 18.69 -13.65 32.97
N LEU L 662 18.65 -12.36 33.26
CA LEU L 662 19.88 -11.66 33.58
C LEU L 662 20.46 -12.22 34.88
N PRO L 663 21.78 -12.25 35.01
CA PRO L 663 22.37 -12.71 36.27
C PRO L 663 21.95 -11.84 37.42
N ASP L 664 21.67 -12.47 38.56
CA ASP L 664 21.29 -11.74 39.76
C ASP L 664 22.54 -11.31 40.52
N GLU L 665 22.37 -10.75 41.71
CA GLU L 665 23.52 -10.28 42.47
C GLU L 665 24.49 -11.42 42.78
N LYS L 666 23.97 -12.58 43.18
CA LYS L 666 24.82 -13.71 43.50
C LYS L 666 25.57 -14.23 42.28
N SER L 667 24.92 -14.23 41.10
CA SER L 667 25.54 -14.72 39.88
C SER L 667 26.50 -13.71 39.25
N ARG L 668 26.27 -12.41 39.46
CA ARG L 668 27.18 -11.42 38.91
C ARG L 668 28.56 -11.44 39.54
N VAL L 669 28.64 -11.75 40.85
CA VAL L 669 29.95 -11.90 41.47
C VAL L 669 30.75 -13.00 40.80
N ALA L 670 30.07 -14.09 40.42
CA ALA L 670 30.73 -15.16 39.68
C ALA L 670 31.28 -14.69 38.34
N ILE L 671 30.51 -13.88 37.60
CA ILE L 671 31.00 -13.37 36.32
C ILE L 671 32.21 -12.47 36.52
N LEU L 672 32.16 -11.58 37.52
CA LEU L 672 33.31 -10.73 37.79
C LEU L 672 34.54 -11.54 38.16
N LYS L 673 34.40 -12.51 39.07
CA LYS L 673 35.56 -13.28 39.50
C LYS L 673 36.07 -14.23 38.42
N ALA L 674 35.22 -14.70 37.53
CA ALA L 674 35.69 -15.48 36.40
C ALA L 674 36.57 -14.66 35.47
N ASN L 675 36.16 -13.42 35.21
CA ASN L 675 36.97 -12.51 34.41
C ASN L 675 38.27 -12.13 35.10
N LEU L 676 38.24 -11.93 36.41
CA LEU L 676 39.41 -11.45 37.14
C LEU L 676 40.23 -12.57 37.77
N ARG L 677 39.91 -13.83 37.48
CA ARG L 677 40.64 -14.94 38.08
C ARG L 677 42.08 -15.02 37.62
N LYS L 678 42.43 -14.38 36.50
CA LYS L 678 43.80 -14.37 36.01
C LYS L 678 44.50 -13.03 36.21
N SER L 679 43.87 -12.09 36.92
CA SER L 679 44.44 -10.77 37.05
C SER L 679 44.80 -10.48 38.51
N PRO L 680 45.81 -9.64 38.75
CA PRO L 680 46.12 -9.26 40.13
C PRO L 680 45.07 -8.33 40.71
N VAL L 681 44.26 -8.84 41.62
CA VAL L 681 43.18 -8.07 42.23
C VAL L 681 43.63 -7.56 43.60
N ALA L 682 43.46 -6.27 43.83
CA ALA L 682 43.83 -5.68 45.11
C ALA L 682 42.79 -6.05 46.17
N LYS L 683 43.20 -6.00 47.43
CA LYS L 683 42.32 -6.37 48.54
C LYS L 683 41.13 -5.43 48.67
N ASP L 684 41.35 -4.12 48.48
CA ASP L 684 40.26 -3.16 48.66
C ASP L 684 39.23 -3.23 47.56
N VAL L 685 39.54 -3.87 46.44
CA VAL L 685 38.59 -3.96 45.33
C VAL L 685 37.51 -4.97 45.70
N ASP L 686 36.35 -4.48 46.11
CA ASP L 686 35.25 -5.34 46.55
C ASP L 686 34.35 -5.66 45.37
N LEU L 687 34.34 -6.92 44.95
CA LEU L 687 33.50 -7.36 43.85
C LEU L 687 32.04 -7.50 44.26
N GLU L 688 31.75 -7.76 45.53
CA GLU L 688 30.37 -7.85 45.97
C GLU L 688 29.64 -6.54 45.77
N PHE L 689 30.26 -5.42 46.16
CA PHE L 689 29.65 -4.11 45.95
C PHE L 689 29.50 -3.79 44.46
N LEU L 690 30.50 -4.11 43.65
CA LEU L 690 30.41 -3.86 42.22
C LEU L 690 29.27 -4.64 41.59
N ALA L 691 29.11 -5.91 41.96
CA ALA L 691 28.00 -6.71 41.46
C ALA L 691 26.66 -6.21 41.98
N LYS L 692 26.63 -5.69 43.22
CA LYS L 692 25.41 -5.09 43.74
C LYS L 692 25.00 -3.84 42.97
N MET L 693 25.97 -3.01 42.58
CA MET L 693 25.65 -1.77 41.89
C MET L 693 25.00 -2.03 40.53
N THR L 694 25.56 -2.94 39.76
CA THR L 694 24.99 -3.27 38.45
C THR L 694 23.87 -4.28 38.63
N ASN L 695 22.68 -3.93 38.16
CA ASN L 695 21.51 -4.78 38.34
C ASN L 695 21.00 -5.34 37.01
N GLY L 696 20.69 -4.49 36.05
CA GLY L 696 20.21 -4.97 34.77
C GLY L 696 21.33 -5.22 33.77
N PHE L 697 22.49 -5.63 34.29
CA PHE L 697 23.69 -5.80 33.49
C PHE L 697 23.80 -7.25 33.05
N SER L 698 24.15 -7.45 31.79
CA SER L 698 24.37 -8.79 31.26
C SER L 698 25.80 -9.24 31.56
N GLY L 699 26.08 -10.51 31.29
CA GLY L 699 27.44 -11.01 31.46
C GLY L 699 28.42 -10.29 30.56
N ALA L 700 27.99 -9.95 29.35
CA ALA L 700 28.83 -9.18 28.44
C ALA L 700 29.13 -7.79 28.97
N ASP L 701 28.17 -7.15 29.65
CA ASP L 701 28.41 -5.82 30.19
C ASP L 701 29.47 -5.85 31.30
N LEU L 702 29.38 -6.84 32.19
CA LEU L 702 30.42 -7.01 33.19
C LEU L 702 31.75 -7.39 32.56
N THR L 703 31.72 -8.19 31.49
CA THR L 703 32.95 -8.58 30.82
C THR L 703 33.70 -7.38 30.27
N GLU L 704 32.98 -6.49 29.58
CA GLU L 704 33.64 -5.29 29.06
C GLU L 704 34.06 -4.34 30.16
N ILE L 705 33.35 -4.30 31.29
CA ILE L 705 33.84 -3.51 32.42
C ILE L 705 35.19 -4.05 32.89
N CYS L 706 35.30 -5.37 33.06
CA CYS L 706 36.56 -5.96 33.50
C CYS L 706 37.66 -5.73 32.46
N GLN L 707 37.35 -5.87 31.18
CA GLN L 707 38.32 -5.65 30.13
C GLN L 707 38.80 -4.21 30.10
N ARG L 708 37.89 -3.26 30.28
CA ARG L 708 38.27 -1.85 30.29
C ARG L 708 39.13 -1.51 31.51
N ALA L 709 38.80 -2.09 32.67
CA ALA L 709 39.66 -1.90 33.84
C ALA L 709 41.04 -2.47 33.62
N CYS L 710 41.13 -3.67 33.03
CA CYS L 710 42.43 -4.24 32.71
C CYS L 710 43.20 -3.40 31.71
N LYS L 711 42.50 -2.85 30.71
CA LYS L 711 43.16 -1.98 29.73
C LYS L 711 43.71 -0.72 30.39
N LEU L 712 42.94 -0.11 31.29
CA LEU L 712 43.43 1.06 32.01
C LEU L 712 44.63 0.72 32.88
N ALA L 713 44.59 -0.40 33.58
CA ALA L 713 45.72 -0.81 34.39
C ALA L 713 46.97 -1.06 33.55
N ILE L 714 46.81 -1.74 32.40
CA ILE L 714 47.94 -2.00 31.53
C ILE L 714 48.51 -0.70 30.98
N ARG L 715 47.65 0.23 30.57
CA ARG L 715 48.13 1.49 30.06
C ARG L 715 48.86 2.30 31.12
N GLU L 716 48.34 2.34 32.34
CA GLU L 716 49.04 3.04 33.41
C GLU L 716 50.38 2.40 33.72
N SER L 717 50.43 1.07 33.74
CA SER L 717 51.70 0.36 33.94
C SER L 717 52.71 0.66 32.84
N ILE L 718 52.27 0.72 31.59
CA ILE L 718 53.17 1.01 30.48
C ILE L 718 53.68 2.44 30.56
N GLU L 719 52.78 3.40 30.79
CA GLU L 719 53.20 4.80 30.82
C GLU L 719 54.02 5.13 32.05
N SER L 720 53.85 4.40 33.15
CA SER L 720 54.57 4.68 34.37
C SER L 720 56.01 4.21 34.34
N GLU L 721 56.38 3.39 33.35
CA GLU L 721 57.77 2.91 33.25
C GLU L 721 58.73 4.04 32.93
N ILE L 722 58.34 4.94 32.03
CA ILE L 722 59.21 6.02 31.60
C ILE L 722 59.23 7.13 32.65
N VAL L 743 52.42 0.00 37.90
CA VAL L 743 52.55 -0.91 39.04
C VAL L 743 51.79 -2.19 38.77
N PRO L 744 52.40 -3.34 39.09
CA PRO L 744 51.82 -4.65 38.79
C PRO L 744 50.69 -5.07 39.74
N GLU L 745 49.63 -4.27 39.79
CA GLU L 745 48.47 -4.57 40.62
C GLU L 745 47.31 -3.69 40.18
N ILE L 746 46.16 -4.30 39.90
CA ILE L 746 44.97 -3.54 39.55
C ILE L 746 44.45 -2.87 40.82
N ARG L 747 44.27 -1.56 40.76
CA ARG L 747 43.89 -0.79 41.93
C ARG L 747 42.41 -0.45 41.89
N ARG L 748 41.91 0.07 43.01
CA ARG L 748 40.51 0.45 43.13
C ARG L 748 40.13 1.53 42.12
N ASP L 749 41.04 2.48 41.88
CA ASP L 749 40.79 3.55 40.94
C ASP L 749 40.60 3.05 39.51
N HIS L 750 41.31 1.98 39.12
CA HIS L 750 41.11 1.43 37.78
C HIS L 750 39.68 1.00 37.55
N PHE L 751 39.10 0.26 38.49
CA PHE L 751 37.71 -0.16 38.39
C PHE L 751 36.74 0.99 38.56
N GLU L 752 37.03 1.95 39.44
CA GLU L 752 36.16 3.10 39.63
C GLU L 752 36.07 3.95 38.37
N GLU L 753 37.20 4.20 37.71
CA GLU L 753 37.19 5.01 36.50
C GLU L 753 36.58 4.26 35.32
N ALA L 754 36.92 2.99 35.15
CA ALA L 754 36.34 2.18 34.10
C ALA L 754 34.86 1.93 34.30
N MET L 755 34.35 2.11 35.53
CA MET L 755 32.93 2.00 35.81
C MET L 755 32.13 3.12 35.15
N ARG L 756 32.78 4.22 34.76
CA ARG L 756 32.07 5.33 34.15
C ARG L 756 31.50 4.95 32.80
N PHE L 757 32.28 4.23 31.99
CA PHE L 757 31.83 3.77 30.67
C PHE L 757 31.07 2.46 30.78
N ALA L 758 30.06 2.42 31.64
CA ALA L 758 29.29 1.22 31.86
C ALA L 758 28.08 1.18 30.94
N ARG L 759 28.07 0.24 30.01
CA ARG L 759 26.99 0.07 29.06
C ARG L 759 25.94 -0.87 29.63
N ARG L 760 24.77 -0.89 28.98
CA ARG L 760 23.72 -1.85 29.31
C ARG L 760 23.05 -2.24 28.00
N SER L 761 23.55 -3.33 27.40
CA SER L 761 23.14 -3.70 26.05
C SER L 761 21.72 -4.24 25.99
N VAL L 762 21.18 -4.73 27.09
CA VAL L 762 19.85 -5.33 27.10
C VAL L 762 18.87 -4.29 27.64
N SER L 763 17.88 -3.95 26.82
CA SER L 763 16.87 -2.96 27.19
C SER L 763 15.71 -3.61 27.92
N ASP L 764 14.90 -2.77 28.56
CA ASP L 764 13.73 -3.26 29.29
C ASP L 764 12.68 -3.83 28.35
N ASN L 765 12.56 -3.27 27.15
CA ASN L 765 11.63 -3.81 26.17
C ASN L 765 11.97 -5.24 25.81
N ASP L 766 13.26 -5.56 25.73
CA ASP L 766 13.68 -6.94 25.51
C ASP L 766 13.24 -7.86 26.65
N ILE L 767 13.39 -7.43 27.89
CA ILE L 767 12.96 -8.28 28.99
C ILE L 767 11.46 -8.49 28.93
N ARG L 768 10.71 -7.44 28.61
CA ARG L 768 9.27 -7.57 28.49
C ARG L 768 8.88 -8.55 27.39
N LYS L 769 9.54 -8.46 26.24
CA LYS L 769 9.21 -9.36 25.14
C LYS L 769 9.64 -10.80 25.41
N TYR L 770 10.68 -11.02 26.20
CA TYR L 770 11.00 -12.39 26.60
C TYR L 770 9.99 -12.92 27.60
N GLU L 771 9.54 -12.09 28.53
CA GLU L 771 8.53 -12.56 29.47
C GLU L 771 7.23 -12.90 28.76
N MET L 772 6.75 -12.04 27.87
CA MET L 772 5.53 -12.36 27.13
C MET L 772 5.63 -13.75 26.52
N PHE L 773 6.80 -14.13 26.02
CA PHE L 773 7.03 -15.49 25.58
C PHE L 773 7.00 -16.48 26.74
N ALA L 774 7.53 -16.11 27.90
CA ALA L 774 7.66 -17.07 29.01
C ALA L 774 6.31 -17.49 29.57
N GLN L 775 5.56 -16.56 30.16
CA GLN L 775 4.19 -16.97 30.51
C GLN L 775 3.21 -16.87 29.34
N THR L 776 3.68 -16.87 28.09
CA THR L 776 2.88 -17.46 27.02
C THR L 776 2.75 -18.97 27.23
N LEU L 777 3.86 -19.64 27.58
CA LEU L 777 3.84 -21.09 27.80
C LEU L 777 3.68 -21.47 29.27
N GLN L 778 3.66 -20.52 30.21
CA GLN L 778 3.43 -20.91 31.60
C GLN L 778 1.97 -21.29 31.83
N GLN L 779 1.06 -20.33 31.66
CA GLN L 779 -0.38 -20.55 31.85
C GLN L 779 -0.72 -21.31 33.12
N SER L 780 -0.49 -20.71 34.28
CA SER L 780 -0.81 -21.34 35.55
C SER L 780 -2.14 -20.83 36.10
N ARG L 781 -3.09 -20.54 35.21
CA ARG L 781 -4.39 -20.01 35.60
C ARG L 781 -5.44 -21.10 35.50
N GLY L 782 -6.63 -20.79 36.01
CA GLY L 782 -7.75 -21.72 35.95
C GLY L 782 -7.72 -22.75 37.06
N PHE L 783 -6.84 -23.74 36.92
CA PHE L 783 -6.72 -24.82 37.90
C PHE L 783 -5.71 -24.52 38.98
N GLY L 784 -5.81 -23.35 39.62
CA GLY L 784 -4.87 -23.01 40.66
C GLY L 784 -5.26 -23.52 42.03
N SER L 785 -6.56 -23.66 42.28
CA SER L 785 -7.08 -24.15 43.56
C SER L 785 -7.97 -25.34 43.28
N PHE L 786 -7.48 -26.54 43.62
CA PHE L 786 -8.25 -27.77 43.44
C PHE L 786 -8.30 -28.52 44.76
N ARG L 787 -9.49 -29.03 45.10
CA ARG L 787 -9.67 -29.85 46.29
C ARG L 787 -10.29 -31.17 45.89
N PHE L 788 -9.64 -32.26 46.28
CA PHE L 788 -10.18 -33.59 46.00
C PHE L 788 -11.33 -33.90 46.96
N PRO L 789 -12.31 -34.71 46.53
CA PRO L 789 -13.45 -35.02 47.40
C PRO L 789 -13.07 -35.78 48.65
N SER L 790 -12.36 -36.90 48.48
CA SER L 790 -11.96 -37.73 49.61
C SER L 790 -10.78 -38.63 49.22
C22 JDP M . 12.81 18.07 41.08
C21 JDP M . 13.55 16.96 40.71
O01 JDP M . 6.54 11.93 41.56
C02 JDP M . 7.20 12.55 40.80
C03 JDP M . 8.17 13.62 41.31
C04 JDP M . 9.13 14.02 40.41
C05 JDP M . 10.05 14.99 40.79
C06 JDP M . 9.99 15.55 42.05
C07 JDP M . 9.00 15.14 42.95
C08 JDP M . 8.10 14.19 42.59
C09 JDP M . 7.27 13.99 43.65
C10 JDP M . 7.66 14.82 44.67
C11 JDP M . 6.64 14.47 45.74
N12 JDP M . 8.73 15.52 44.24
C13 JDP M . 9.45 16.53 44.99
N14 JDP M . 10.80 16.55 44.99
C15 JDP M . 11.44 17.48 45.66
N16 JDP M . 12.89 17.47 45.65
C17 JDP M . 13.62 18.35 44.76
C18 JDP M . 13.58 17.85 43.33
C19 JDP M . 14.33 16.74 42.97
C20 JDP M . 14.31 16.30 41.66
C23 JDP M . 12.82 18.52 42.38
C24 JDP M . 10.73 18.44 46.36
C25 JDP M . 11.46 19.56 47.19
O26 JDP M . 10.68 20.35 48.06
C27 JDP M . 9.40 20.67 47.54
C28 JDP M . 8.63 19.46 47.13
C29 JDP M . 9.39 18.41 46.36
N30 JDP M . 8.75 17.47 45.67
N31 JDP M . 7.10 12.30 39.37
PB ADP N . -17.05 41.61 47.14
O1B ADP N . -17.41 40.33 46.42
O2B ADP N . -15.71 42.18 46.74
O3B ADP N . -18.17 42.63 47.20
PA ADP N . -18.09 40.63 49.52
O1A ADP N . -18.62 39.40 48.83
O2A ADP N . -19.01 41.79 49.80
O3A ADP N . -16.84 41.18 48.68
O5' ADP N . -17.43 40.18 50.91
C5' ADP N . -18.21 39.42 51.85
C4' ADP N . -17.49 39.38 53.19
O4' ADP N . -16.26 38.67 53.07
C3' ADP N . -17.15 40.79 53.67
O3' ADP N . -17.92 41.10 54.83
C2' ADP N . -15.68 40.76 54.03
O2' ADP N . -15.49 41.11 55.40
C1' ADP N . -15.22 39.34 53.77
N9 ADP N . -14.00 39.36 52.91
C8 ADP N . -13.94 38.93 51.65
N7 ADP N . -12.70 39.09 51.14
C5 ADP N . -11.93 39.63 52.10
C6 ADP N . -10.52 40.06 52.24
N6 ADP N . -9.65 39.93 51.20
N1 ADP N . -10.13 40.58 53.41
C2 ADP N . -10.98 40.70 54.45
N3 ADP N . -12.27 40.35 54.40
C4 ADP N . -12.80 39.81 53.27
C22 JDP O . 20.72 41.25 5.88
C21 JDP O . 21.62 40.22 5.60
O01 JDP O . 19.76 36.52 13.22
C02 JDP O . 19.52 36.52 12.06
C03 JDP O . 19.90 37.73 11.20
C04 JDP O . 19.91 37.52 9.84
C05 JDP O . 20.24 38.55 8.98
C06 JDP O . 20.56 39.80 9.49
C07 JDP O . 20.54 40.01 10.87
C08 JDP O . 20.22 39.00 11.72
C09 JDP O . 20.30 39.48 13.00
C10 JDP O . 20.66 40.80 12.93
C11 JDP O . 20.69 41.17 14.41
N12 JDP O . 20.82 41.13 11.62
C13 JDP O . 21.19 42.42 11.11
N14 JDP O . 22.12 42.52 10.13
C15 JDP O . 22.44 43.71 9.66
N16 JDP O . 23.45 43.80 8.61
C17 JDP O . 23.04 43.92 7.23
C18 JDP O . 22.54 42.60 6.66
C19 JDP O . 23.43 41.58 6.39
C20 JDP O . 22.97 40.39 5.85
C23 JDP O . 21.19 42.44 6.40
C24 JDP O . 21.83 44.84 10.15
C25 JDP O . 22.19 46.28 9.62
O26 JDP O . 21.69 47.40 10.34
C27 JDP O . 20.36 47.21 10.83
C28 JDP O . 20.25 45.97 11.66
C29 JDP O . 20.91 44.72 11.12
N30 JDP O . 20.58 43.52 11.60
N31 JDP O . 18.83 35.41 11.45
PB ADP P . -8.73 61.02 21.10
O1B ADP P . -8.68 59.58 21.53
O2B ADP P . -8.33 61.24 19.67
O3B ADP P . -9.97 61.75 21.53
PA ADP P . -7.66 61.82 23.54
O1A ADP P . -7.73 60.41 24.09
O2A ADP P . -8.73 62.83 23.89
O3A ADP P . -7.55 61.73 21.93
O5' ADP P . -6.24 62.44 23.97
C5' ADP P . -5.88 62.47 25.35
C4' ADP P . -4.66 63.37 25.54
O4' ADP P . -3.52 62.82 24.87
C3' ADP P . -4.91 64.75 24.95
O3' ADP P . -4.97 65.72 26.00
C2' ADP P . -3.72 65.03 24.06
O2' ADP P . -3.05 66.21 24.51
C1' ADP P . -2.80 63.84 24.18
N9 ADP P . -2.46 63.35 22.83
C8 ADP P . -2.87 62.18 22.29
N7 ADP P . -2.38 62.03 21.04
C5 ADP P . -1.64 63.11 20.76
C6 ADP P . -0.85 63.59 19.60
N6 ADP P . -0.74 62.85 18.47
N1 ADP P . -0.22 64.78 19.72
C2 ADP P . -0.32 65.53 20.84
N3 ADP P . -1.02 65.15 21.92
C4 ADP P . -1.69 63.98 21.94
C22 JDP Q . -3.58 36.46 -28.87
C21 JDP Q . -2.58 35.57 -29.23
O01 JDP Q . 1.91 37.65 -22.12
C02 JDP Q . 1.14 36.89 -22.59
C03 JDP Q . 0.35 37.27 -23.84
C04 JDP Q . -0.23 36.21 -24.51
C05 JDP Q . -0.96 36.44 -25.66
C06 JDP Q . -1.11 37.73 -26.13
C07 JDP Q . -0.53 38.80 -25.45
C08 JDP Q . 0.20 38.58 -24.32
C09 JDP Q . 0.66 39.78 -23.86
C10 JDP Q . 0.20 40.76 -24.72
C11 JDP Q . 0.79 42.01 -24.07
N12 JDP Q . -0.51 40.15 -25.70
C13 JDP Q . -1.18 40.81 -26.80
N14 JDP Q . -1.10 40.31 -28.05
C15 JDP Q . -1.72 40.92 -29.03
N16 JDP Q . -1.60 40.37 -30.37
C17 JDP Q . -2.65 39.53 -30.90
C18 JDP Q . -2.62 38.12 -30.30
C19 JDP Q . -1.62 37.24 -30.67
C20 JDP Q . -1.60 35.96 -30.13
C23 JDP Q . -3.61 37.74 -29.42
C24 JDP Q . -2.46 42.05 -28.80
C25 JDP Q . -3.22 42.81 -29.94
O26 JDP Q . -3.76 44.08 -29.67
C27 JDP Q . -4.34 44.18 -28.36
C28 JDP Q . -3.36 43.78 -27.30
C29 JDP Q . -2.55 42.53 -27.55
N30 JDP Q . -1.91 41.92 -26.55
N31 JDP Q . 0.92 35.60 -21.97
PB ADP R . -26.29 59.05 -7.40
O1B ADP R . -25.30 58.22 -6.61
O2B ADP R . -26.83 58.35 -8.62
O3B ADP R . -27.35 59.71 -6.56
PA ADP R . -24.79 61.35 -6.99
O1A ADP R . -23.84 60.62 -6.06
O2A ADP R . -25.91 62.19 -6.42
O3A ADP R . -25.43 60.27 -7.99
O5' ADP R . -23.91 62.27 -7.96
C5' ADP R . -23.01 63.22 -7.40
C4' ADP R . -22.54 64.19 -8.48
O4' ADP R . -21.77 63.49 -9.46
C3' ADP R . -23.71 64.84 -9.19
O3' ADP R . -23.76 66.22 -8.88
C2' ADP R . -23.46 64.64 -10.67
O2' ADP R . -23.39 65.90 -11.32
C1' ADP R . -22.12 63.92 -10.77
N9 ADP R . -22.28 62.73 -11.64
C8 ADP R . -22.21 61.45 -11.22
N7 ADP R . -22.39 60.60 -12.26
C5 ADP R . -22.58 61.33 -13.37
C6 ADP R . -22.83 61.06 -14.80
N6 ADP R . -22.91 59.79 -15.27
N1 ADP R . -22.96 62.12 -15.63
C2 ADP R . -22.88 63.38 -15.17
N3 ADP R . -22.65 63.71 -13.89
C4 ADP R . -22.50 62.74 -12.95
C22 JDP S . -35.79 8.17 -28.73
C21 JDP S . -34.82 7.33 -29.27
O01 JDP S . -29.14 13.88 -29.47
C02 JDP S . -29.52 12.93 -28.86
C03 JDP S . -30.90 12.34 -29.14
C04 JDP S . -31.11 11.06 -28.64
C05 JDP S . -32.32 10.43 -28.85
C06 JDP S . -33.33 11.08 -29.54
C07 JDP S . -33.12 12.37 -30.04
C08 JDP S . -31.92 13.00 -29.84
C09 JDP S . -31.99 14.23 -30.43
C10 JDP S . -33.23 14.37 -30.98
C11 JDP S . -33.14 15.77 -31.57
N12 JDP S . -33.92 13.22 -30.74
C13 JDP S . -35.28 12.95 -31.15
N14 JDP S . -35.61 11.75 -31.69
C15 JDP S . -36.86 11.52 -32.04
N16 JDP S . -37.18 10.23 -32.62
C17 JDP S . -37.75 9.18 -31.81
C18 JDP S . -36.71 8.53 -30.91
C19 JDP S . -35.76 7.69 -31.46
C20 JDP S . -34.81 7.10 -30.64
C23 JDP S . -36.73 8.77 -29.55
C24 JDP S . -37.83 12.48 -31.85
C25 JDP S . -39.32 12.24 -32.25
O26 JDP S . -40.21 13.34 -32.24
C27 JDP S . -39.98 14.23 -31.15
C28 JDP S . -38.56 14.71 -31.10
C29 JDP S . -37.49 13.66 -31.30
N30 JDP S . -36.22 13.90 -30.94
N31 JDP S . -28.69 12.36 -27.82
PB ADP T . -51.93 37.69 -10.02
O1B ADP T . -50.42 37.73 -9.97
O2B ADP T . -52.50 36.31 -10.03
O3B ADP T . -52.61 38.66 -9.09
PA ADP T . -51.94 39.79 -11.85
O1A ADP T . -50.45 39.99 -11.72
O2A ADP T . -52.89 40.69 -11.08
O3A ADP T . -52.29 38.26 -11.49
O5' ADP T . -52.32 39.90 -13.41
C5' ADP T . -51.94 41.05 -14.15
C4' ADP T . -52.66 41.06 -15.49
O4' ADP T . -52.23 39.97 -16.30
C3' ADP T . -54.17 40.94 -15.30
O3' ADP T . -54.81 42.15 -15.69
C2' ADP T . -54.59 39.81 -16.22
O2' ADP T . -55.55 40.29 -17.17
C1' ADP T . -53.33 39.35 -16.94
N9 ADP T . -53.22 37.89 -16.81
C8 ADP T . -52.28 37.25 -16.10
N7 ADP T . -52.44 35.90 -16.18
C5 ADP T . -53.51 35.67 -16.97
C6 ADP T . -54.22 34.47 -17.46
N6 ADP T . -53.81 33.23 -17.13
N1 ADP T . -55.28 34.67 -18.27
C2 ADP T . -55.69 35.90 -18.61
N3 ADP T . -55.09 37.03 -18.19
C4 ADP T . -54.01 36.98 -17.38
C22 JDP U . -43.66 -15.02 6.44
C21 JDP U . -42.85 -15.94 5.80
O01 JDP U . -42.33 -10.80 -1.16
C02 JDP U . -41.80 -11.13 -0.15
C03 JDP U . -42.60 -11.85 0.94
C04 JDP U . -41.84 -12.49 1.89
C05 JDP U . -42.48 -13.17 2.92
C06 JDP U . -43.85 -13.20 3.00
C07 JDP U . -44.62 -12.55 2.02
C08 JDP U . -44.01 -11.88 1.00
C09 JDP U . -44.98 -11.34 0.21
C10 JDP U . -46.20 -11.69 0.73
C11 JDP U . -47.15 -11.02 -0.25
N12 JDP U . -45.97 -12.43 1.85
C13 JDP U . -46.98 -12.98 2.72
N14 JDP U . -46.88 -14.25 3.16
C15 JDP U . -47.80 -14.75 3.97
N16 JDP U . -47.67 -16.12 4.41
C17 JDP U . -47.12 -16.41 5.72
C18 JDP U . -45.61 -16.23 5.74
C19 JDP U . -44.80 -17.17 5.11
C20 JDP U . -43.42 -17.02 5.14
C23 JDP U . -45.04 -15.17 6.41
C24 JDP U . -48.87 -13.96 4.36
C25 JDP U . -49.99 -14.50 5.31
O26 JDP U . -51.15 -13.73 5.49
C27 JDP U . -50.89 -12.32 5.55
C28 JDP U . -50.12 -11.84 4.37
C29 JDP U . -48.95 -12.69 3.92
N30 JDP U . -48.01 -12.21 3.10
N31 JDP U . -40.40 -10.82 0.07
PB ADP V . -60.55 18.28 15.89
O1B ADP V . -59.47 18.42 14.84
O2B ADP V . -60.23 17.28 16.97
O3B ADP V . -61.11 19.59 16.39
PA ADP V . -62.51 18.43 13.93
O1A ADP V . -61.49 18.73 12.86
O2A ADP V . -63.31 19.55 14.55
O3A ADP V . -61.79 17.61 15.10
O5' ADP V . -63.55 17.36 13.31
C5' ADP V . -64.23 17.65 12.10
C4' ADP V . -65.37 16.66 11.90
O4' ADP V . -64.85 15.35 11.72
C3' ADP V . -66.29 16.63 13.11
O3' ADP V . -67.57 17.17 12.77
C2' ADP V . -66.43 15.16 13.48
O2' ADP V . -67.79 14.77 13.42
C1' ADP V . -65.62 14.39 12.45
N9 ADP V . -64.70 13.47 13.16
C8 ADP V . -63.35 13.59 13.19
N7 ADP V . -62.79 12.59 13.91
C5 ADP V . -63.79 11.81 14.35
C6 ADP V . -63.90 10.58 15.18
N6 ADP V . -62.79 9.98 15.68
N1 ADP V . -65.14 10.09 15.41
C2 ADP V . -66.23 10.68 14.92
N3 ADP V . -66.21 11.79 14.17
C4 ADP V . -65.04 12.40 13.85
C22 JDP W . -19.41 -10.02 41.10
C21 JDP W . -18.71 -11.09 40.55
O01 JDP W . -24.51 -11.68 34.14
C02 JDP W . -23.46 -11.23 34.46
C03 JDP W . -23.10 -11.14 35.94
C04 JDP W . -21.75 -10.94 36.21
C05 JDP W . -21.32 -10.83 37.51
C06 JDP W . -22.22 -10.90 38.56
C07 JDP W . -23.59 -11.10 38.29
C08 JDP W . -24.02 -11.21 37.00
C09 JDP W . -25.38 -11.38 37.03
C10 JDP W . -25.77 -11.37 38.34
C11 JDP W . -27.28 -11.57 38.19
N12 JDP W . -24.68 -11.20 39.11
C13 JDP W . -24.64 -11.12 40.55
N14 JDP W . -23.72 -11.79 41.25
C15 JDP W . -23.69 -11.69 42.57
N16 JDP W . -22.69 -12.44 43.30
C17 JDP W . -21.49 -11.77 43.76
C18 JDP W . -20.51 -11.52 42.62
C19 JDP W . -19.80 -12.58 42.07
C20 JDP W . -18.91 -12.36 41.04
C23 JDP W . -20.30 -10.25 42.13
C24 JDP W . -24.62 -10.92 43.22
C25 JDP W . -24.64 -10.78 44.78
O26 JDP W . -25.75 -10.15 45.39
C27 JDP W . -26.24 -9.03 44.65
C28 JDP W . -26.56 -9.39 43.23
C29 JDP W . -25.54 -10.24 42.51
N30 JDP W . -25.56 -10.34 41.18
N31 JDP W . -22.53 -10.78 33.46
PB ADP X . -43.41 20.46 44.84
O1B ADP X . -43.30 20.02 43.41
O2B ADP X . -42.09 20.61 45.55
O3B ADP X . -44.37 21.60 45.09
PA ADP X . -45.62 18.80 45.22
O1A ADP X . -45.66 18.45 43.75
O2A ADP X . -46.55 19.87 45.76
O3A ADP X . -44.11 19.22 45.59
O5' ADP X . -45.86 17.46 46.06
C5' ADP X . -47.02 16.67 45.81
C4' ADP X . -47.19 15.64 46.92
O4' ADP X . -46.11 14.71 46.90
C3' ADP X . -47.20 16.30 48.29
O3' ADP X . -48.49 16.20 48.88
C2' ADP X . -46.18 15.55 49.11
O2' ADP X . -46.81 14.99 50.27
C1' ADP X . -45.65 14.44 48.22
N9 ADP X . -44.17 14.48 48.23
C8 ADP X . -43.39 14.83 47.19
N7 ADP X . -42.08 14.76 47.52
C5 ADP X . -42.00 14.36 48.79
C6 ADP X . -40.92 14.08 49.76
N6 ADP X . -39.62 14.23 49.41
N1 ADP X . -41.27 13.67 51.00
C2 ADP X . -42.56 13.53 51.35
N3 ADP X . -43.60 13.76 50.53
C4 ADP X . -43.39 14.17 49.26
C22 JDP Y . -6.63 -41.40 20.46
C21 JDP Y . -7.34 -40.38 21.04
O01 JDP Y . 0.01 -36.69 23.77
C02 JDP Y . -0.82 -36.70 22.92
C03 JDP Y . -1.74 -37.91 22.76
C04 JDP Y . -2.88 -37.69 22.00
C05 JDP Y . -3.78 -38.72 21.79
C06 JDP Y . -3.54 -39.97 22.33
C07 JDP Y . -2.38 -40.19 23.10
C08 JDP Y . -1.49 -39.17 23.31
C09 JDP Y . -0.48 -39.66 24.08
C10 JDP Y . -0.74 -40.98 24.34
C11 JDP Y . 0.47 -41.36 25.19
N12 JDP Y . -1.91 -41.30 23.74
C13 JDP Y . -2.55 -42.60 23.75
N14 JDP Y . -3.87 -42.70 23.97
C15 JDP Y . -4.45 -43.89 23.97
N16 JDP Y . -5.88 -43.97 24.22
C17 JDP Y . -6.80 -44.09 23.12
C18 JDP Y . -6.98 -42.77 22.39
C19 JDP Y . -7.71 -41.76 22.97
C20 JDP Y . -7.89 -40.56 22.31
C23 JDP Y . -6.45 -42.60 21.12
C24 JDP Y . -3.70 -45.01 23.74
C25 JDP Y . -4.34 -46.45 23.73
O26 JDP Y . -3.48 -47.58 23.71
C27 JDP Y . -2.32 -47.38 22.88
C28 JDP Y . -1.57 -46.15 23.25
C29 JDP Y . -2.38 -44.90 23.52
N30 JDP Y . -1.81 -43.70 23.52
N31 JDP Y . -0.94 -35.57 22.02
PB ADP Z . 22.12 -61.04 4.18
O1B ADP Z . 23.18 -61.73 3.35
O2B ADP Z . 20.71 -61.35 3.78
O3B ADP Z . 22.38 -59.57 4.42
PA ADP Z . 23.70 -61.71 6.36
O1A ADP Z . 24.61 -62.67 5.64
O2A ADP Z . 24.12 -60.28 6.57
O3A ADP Z . 22.27 -61.72 5.63
O5' ADP Z . 23.38 -62.34 7.81
C5' ADP Z . 24.37 -62.29 8.84
C4' ADP Z . 23.96 -63.19 9.99
O4' ADP Z . 22.76 -62.71 10.60
C3' ADP Z . 23.68 -64.60 9.49
O3' ADP Z . 24.67 -65.50 10.00
C2' ADP Z . 22.31 -64.97 10.05
O2' ADP Z . 22.42 -66.13 10.88
C1' ADP Z . 21.87 -63.78 10.89
N9 ADP Z . 20.50 -63.38 10.48
C8 ADP Z . 20.19 -62.25 9.83
N7 ADP Z . 18.85 -62.18 9.59
C5 ADP Z . 18.30 -63.29 10.10
C6 ADP Z . 16.94 -63.86 10.19
N6 ADP Z . 15.86 -63.19 9.68
N1 ADP Z . 16.79 -65.05 10.80
C2 ADP Z . 17.84 -65.72 11.31
N3 ADP Z . 19.10 -65.27 11.26
C4 ADP Z . 19.39 -64.08 10.68
C22 JDP AA . -22.08 -36.44 -19.24
C21 JDP AA . -22.94 -35.57 -18.62
O01 JDP AA . -19.55 -37.68 -10.92
C02 JDP AA . -19.52 -36.91 -11.81
C03 JDP AA . -20.12 -37.28 -13.17
C04 JDP AA . -20.34 -36.22 -14.03
C05 JDP AA . -20.88 -36.44 -15.28
C06 JDP AA . -21.19 -37.74 -15.68
C07 JDP AA . -20.96 -38.81 -14.81
C08 JDP AA . -20.43 -38.59 -13.57
C09 JDP AA . -20.30 -39.79 -12.95
C10 JDP AA . -20.77 -40.76 -13.80
C11 JDP AA . -20.56 -42.02 -12.96
N12 JDP AA . -21.17 -40.16 -14.94
C13 JDP AA . -21.70 -40.81 -16.11
N14 JDP AA . -22.79 -40.30 -16.73
C15 JDP AA . -23.27 -40.91 -17.81
N16 JDP AA . -24.44 -40.35 -18.45
C17 JDP AA . -24.29 -39.50 -19.62
C18 JDP AA . -23.81 -38.11 -19.26
C19 JDP AA . -24.66 -37.22 -18.63
C20 JDP AA . -24.23 -35.95 -18.31
C23 JDP AA . -22.52 -37.72 -19.58
C24 JDP AA . -22.65 -42.04 -18.30
C25 JDP AA . -23.19 -42.79 -19.57
O26 JDP AA . -22.65 -44.06 -19.87
C27 JDP AA . -21.25 -44.15 -19.62
C28 JDP AA . -20.91 -43.78 -18.22
C29 JDP AA . -21.58 -42.53 -17.67
N30 JDP AA . -21.10 -41.92 -16.58
N31 JDP AA . -18.88 -35.61 -11.64
PB ADP BA . 8.25 -59.11 -26.26
O1B ADP BA . 9.51 -59.83 -26.69
O2B ADP BA . 7.55 -58.37 -27.36
O3B ADP BA . 8.40 -58.34 -24.98
PA ADP BA . 7.67 -61.44 -24.84
O1A ADP BA . 8.73 -62.31 -25.48
O2A ADP BA . 7.96 -60.75 -23.52
O3A ADP BA . 7.24 -60.32 -25.90
O5' ADP BA . 6.35 -62.33 -24.65
C5' ADP BA . 6.29 -63.29 -23.61
C4' ADP BA . 5.08 -64.21 -23.83
O4' ADP BA . 3.87 -63.46 -23.72
C3' ADP BA . 5.12 -64.82 -25.23
O3' ADP BA . 5.35 -66.23 -25.13
C2' ADP BA . 3.75 -64.56 -25.82
O2' ADP BA . 3.11 -65.79 -26.16
C1' ADP BA . 2.96 -63.84 -24.75
N9 ADP BA . 2.36 -62.61 -25.33
C8 ADP BA . 2.72 -61.35 -25.01
N7 ADP BA . 1.99 -60.45 -25.71
C5 ADP BA . 1.14 -61.14 -26.50
C6 ADP BA . 0.09 -60.80 -27.48
N6 ADP BA . -0.20 -59.51 -27.78
N1 ADP BA . -0.57 -61.82 -28.07
C2 ADP BA . -0.28 -63.11 -27.78
N3 ADP BA . 0.66 -63.48 -26.90
C4 ADP BA . 1.39 -62.56 -26.23
C22 JDP CA . -3.91 -8.10 -45.75
C21 JDP CA . -4.89 -7.27 -45.27
O01 JDP CA . -8.21 -13.81 -40.65
C02 JDP CA . -7.49 -12.88 -40.62
C03 JDP CA . -6.96 -12.28 -41.92
C04 JDP CA . -6.43 -11.01 -41.82
C05 JDP CA . -5.92 -10.38 -42.95
C06 JDP CA . -5.94 -11.02 -44.17
C07 JDP CA . -6.47 -12.31 -44.27
C08 JDP CA . -6.97 -12.94 -43.17
C09 JDP CA . -7.42 -14.17 -43.55
C10 JDP CA . -7.19 -14.30 -44.90
C11 JDP CA . -7.73 -15.70 -45.15
N12 JDP CA . -6.61 -13.16 -45.33
C13 JDP CA . -6.19 -12.89 -46.69
N14 JDP CA . -6.46 -11.69 -47.26
C15 JDP CA . -6.06 -11.45 -48.49
N16 JDP CA . -6.37 -10.16 -49.08
C17 JDP CA . -5.38 -9.11 -49.11
C18 JDP CA . -5.21 -8.47 -47.74
C19 JDP CA . -6.20 -7.63 -47.25
C20 JDP CA . -6.04 -7.03 -46.01
C23 JDP CA . -4.06 -8.70 -47.00
C24 JDP CA . -5.37 -12.41 -49.20
C25 JDP CA . -4.87 -12.17 -50.66
O26 JDP CA . -4.37 -13.27 -51.39
C27 JDP CA . -3.58 -14.16 -50.60
C28 JDP CA . -4.33 -14.64 -49.39
C29 JDP CA . -5.10 -13.59 -48.62
N30 JDP CA . -5.50 -13.83 -47.37
N31 JDP CA . -7.08 -12.31 -39.35
PB ADP DA . 20.69 -37.34 -49.27
O1B ADP DA . 21.77 -38.40 -49.33
O2B ADP DA . 21.10 -36.00 -49.80
O3B ADP DA . 19.95 -37.28 -47.96
PA ADP DA . 18.98 -39.34 -50.19
O1A ADP DA . 20.05 -40.33 -50.57
O2A ADP DA . 18.30 -39.44 -48.85
O3A ADP DA . 19.59 -37.86 -50.34
O5' ADP DA . 17.85 -39.38 -51.33
C5' ADP DA . 16.92 -40.46 -51.37
C4' ADP DA . 16.16 -40.46 -52.69
O4' ADP DA . 15.35 -39.28 -52.77
C3' ADP DA . 17.11 -40.44 -53.87
O3' ADP DA . 17.03 -41.67 -54.58
C2' ADP DA . 16.66 -39.30 -54.75
O2' ADP DA . 16.33 -39.79 -56.05
C1' ADP DA . 15.43 -38.71 -54.08
N9 ADP DA . 15.60 -37.25 -53.95
C8 ADP DA . 15.77 -36.59 -52.79
N7 ADP DA . 15.90 -35.25 -53.01
C5 ADP DA . 15.81 -35.05 -54.34
C6 ADP DA . 15.85 -33.88 -55.24
N6 ADP DA . 16.03 -32.63 -54.76
N1 ADP DA . 15.71 -34.11 -56.56
C2 ADP DA . 15.54 -35.34 -57.06
N3 ADP DA . 15.49 -36.45 -56.29
C4 ADP DA . 15.61 -36.37 -54.95
C22 JDP EA . 29.64 15.13 -32.62
C21 JDP EA . 28.66 16.05 -32.31
O01 JDP EA . 22.61 10.88 -35.76
C02 JDP EA . 23.16 11.21 -34.77
C03 JDP EA . 24.51 11.94 -34.82
C04 JDP EA . 24.87 12.59 -33.65
C05 JDP EA . 26.07 13.27 -33.59
C06 JDP EA . 26.91 13.30 -34.70
C07 JDP EA . 26.52 12.64 -35.88
C08 JDP EA . 25.34 11.97 -35.94
C09 JDP EA . 25.22 11.43 -37.19
C10 JDP EA . 26.35 11.78 -37.90
C11 JDP EA . 26.06 11.10 -39.24
N12 JDP EA . 27.14 12.53 -37.10
C13 JDP EA . 28.43 13.08 -37.45
N14 JDP EA . 28.73 14.36 -37.12
C15 JDP EA . 29.91 14.85 -37.44
N16 JDP EA . 30.20 16.23 -37.08
C17 JDP EA . 30.97 16.52 -35.89
C18 JDP EA . 30.15 16.35 -34.62
C19 JDP EA . 29.17 17.27 -34.31
C20 JDP EA . 28.42 17.12 -33.15
C23 JDP EA . 30.39 15.28 -33.78
C24 JDP EA . 30.83 14.07 -38.09
C25 JDP EA . 32.25 14.62 -38.49
O26 JDP EA . 33.05 13.84 -39.36
C27 JDP EA . 32.96 12.43 -39.10
C28 JDP EA . 31.55 11.96 -39.12
C29 JDP EA . 30.52 12.81 -38.41
N30 JDP EA . 29.33 12.30 -38.08
N31 JDP EA . 22.56 10.90 -33.48
PB ADP FA . 46.98 -18.18 -41.30
O1B ADP FA . 47.72 -19.49 -41.45
O2B ADP FA . 47.67 -17.17 -40.43
O3B ADP FA . 45.51 -18.34 -41.00
PA ADP FA . 46.50 -18.37 -44.03
O1A ADP FA . 47.47 -19.49 -44.31
O2A ADP FA . 45.04 -18.70 -43.80
O3A ADP FA . 47.03 -17.53 -42.77
O5' ADP FA . 46.58 -17.32 -45.25
C5' ADP FA . 45.98 -17.65 -46.50
C4' ADP FA . 46.46 -16.66 -47.56
O4' ADP FA . 46.00 -15.35 -47.26
C3' ADP FA . 47.97 -16.62 -47.62
O3' ADP FA . 48.43 -17.17 -48.86
C2' ADP FA . 48.34 -15.15 -47.54
O2' ADP FA . 49.08 -14.77 -48.71
C1' ADP FA . 47.03 -14.39 -47.48
N9 ADP FA . 47.06 -13.45 -46.34
C8 ADP FA . 46.32 -13.56 -45.22
N7 ADP FA . 46.59 -12.54 -44.36
C5 ADP FA . 47.52 -11.76 -44.94
C6 ADP FA . 48.24 -10.52 -44.57
N6 ADP FA . 48.02 -9.90 -43.39
N1 ADP FA . 49.13 -10.03 -45.47
C2 ADP FA . 49.37 -10.64 -46.64
N3 ADP FA . 48.74 -11.77 -47.03
C4 ADP FA . 47.83 -12.36 -46.24
C22 JDP GA . 44.88 10.02 6.91
C21 JDP GA . 44.03 11.08 7.20
O01 JDP GA . 41.94 11.70 -1.20
C02 JDP GA . 41.62 11.24 -0.15
C03 JDP GA . 42.64 11.13 0.98
C04 JDP GA . 42.11 10.95 2.25
C05 JDP GA . 42.95 10.84 3.34
C06 JDP GA . 44.33 10.91 3.16
C07 JDP GA . 44.86 11.10 1.88
C08 JDP GA . 44.03 11.20 0.80
C09 JDP GA . 44.81 11.38 -0.31
C10 JDP GA . 46.12 11.37 0.10
C11 JDP GA . 46.84 11.58 -1.24
N12 JDP GA . 46.15 11.20 1.43
C13 JDP GA . 47.34 11.11 2.26
N14 JDP GA . 47.40 11.79 3.42
C15 JDP GA . 48.48 11.70 4.18
N16 JDP GA . 48.53 12.43 5.42
C17 JDP GA . 48.24 11.76 6.67
C18 JDP GA . 46.74 11.52 6.85
C19 JDP GA . 45.90 12.58 7.13
C20 JDP GA . 44.55 12.37 7.30
C23 JDP GA . 46.23 10.24 6.74
C24 JDP GA . 49.54 10.91 3.77
C25 JDP GA . 50.85 10.77 4.63
O26 JDP GA . 51.97 10.15 4.04
C27 JDP GA . 51.62 9.02 3.21
C28 JDP GA . 50.63 9.39 2.17
C29 JDP GA . 49.46 10.25 2.60
N30 JDP GA . 48.37 10.34 1.85
N31 JDP GA . 40.27 10.79 0.07
PB ADP HA . 60.89 -20.25 -10.79
O1B ADP HA . 61.43 -21.54 -11.35
O2B ADP HA . 60.84 -20.22 -9.28
O3B ADP HA . 59.63 -19.77 -11.45
PA ADP HA . 62.45 -18.98 -12.69
O1A ADP HA . 63.27 -20.19 -13.09
O2A ADP HA . 61.23 -18.59 -13.50
O3A ADP HA . 62.00 -19.17 -11.16
O5' ADP HA . 63.44 -17.70 -12.64
C5' ADP HA . 63.86 -17.10 -13.86
C4' ADP HA . 65.01 -16.14 -13.58
O4' ADP HA . 64.56 -15.06 -12.78
C3' ADP HA . 66.13 -16.84 -12.83
O3' ADP HA . 67.29 -16.94 -13.66
C2' ADP HA . 66.43 -15.95 -11.64
O2' ADP HA . 67.80 -15.53 -11.67
C1' ADP HA . 65.51 -14.76 -11.76
N9 ADP HA . 64.79 -14.57 -10.47
C8 ADP HA . 63.47 -14.76 -10.28
N7 ADP HA . 63.13 -14.51 -9.00
C5 ADP HA . 64.24 -14.12 -8.35
C6 ADP HA . 64.58 -13.72 -6.96
N6 ADP HA . 63.63 -13.65 -6.00
N1 ADP HA . 65.87 -13.41 -6.71
C2 ADP HA . 66.81 -13.47 -7.65
N3 ADP HA . 66.58 -13.84 -8.92
C4 ADP HA . 65.34 -14.17 -9.32
C22 JDP IA . 26.94 -18.25 33.51
C21 JDP IA . 26.23 -17.13 33.93
O01 JDP IA . 30.85 -12.09 28.60
C02 JDP IA . 29.85 -12.70 28.72
C03 JDP IA . 29.74 -13.78 29.80
C04 JDP IA . 28.45 -14.18 30.10
C05 JDP IA . 28.24 -15.16 31.07
C06 JDP IA . 29.31 -15.72 31.72
C07 JDP IA . 30.62 -15.32 31.41
C08 JDP IA . 30.83 -14.36 30.46
C09 JDP IA . 32.18 -14.16 30.35
C10 JDP IA . 32.80 -14.99 31.25
C11 JDP IA . 34.27 -14.64 31.01
N12 JDP IA . 31.84 -15.70 31.90
C13 JDP IA . 32.07 -16.71 32.90
N14 JDP IA . 31.31 -16.72 34.02
C15 JDP IA . 31.52 -17.66 34.94
N16 JDP IA . 30.70 -17.65 36.13
C17 JDP IA . 29.55 -18.53 36.24
C18 JDP IA . 28.38 -18.03 35.41
C19 JDP IA . 27.67 -16.92 35.83
C20 JDP IA . 26.59 -16.47 35.09
C23 JDP IA . 28.01 -18.69 34.25
C24 JDP IA . 32.49 -18.62 34.74
C25 JDP IA . 32.77 -19.74 35.80
O26 JDP IA . 33.93 -20.54 35.64
C27 JDP IA . 34.20 -20.86 34.27
C28 JDP IA . 34.29 -19.65 33.42
C29 JDP IA . 33.23 -18.59 33.63
N30 JDP IA . 33.02 -17.64 32.71
N31 JDP IA . 28.73 -12.46 27.84
PB ADP JA . 48.24 -41.91 12.23
O1B ADP JA . 48.83 -42.92 11.27
O2B ADP JA . 47.28 -42.49 13.22
O3B ADP JA . 47.75 -40.65 11.56
PA ADP JA . 50.81 -40.88 12.41
O1A ADP JA . 51.51 -42.03 11.72
O2A ADP JA . 50.43 -39.66 11.62
O3A ADP JA . 49.49 -41.46 13.12
O5' ADP JA . 51.73 -40.41 13.64
C5' ADP JA . 52.90 -39.64 13.39
C4' ADP JA . 53.76 -39.57 14.65
O4' ADP JA . 53.06 -38.86 15.68
C3' ADP JA . 54.05 -40.97 15.17
O3' ADP JA . 55.45 -41.26 15.04
C2' ADP JA . 53.68 -40.94 16.64
O2' ADP JA . 54.81 -41.27 17.44
C1' ADP JA . 53.21 -39.53 16.93
N9 ADP JA . 51.89 -39.58 17.60
C8 ADP JA . 50.73 -39.18 17.06
N7 ADP JA . 49.71 -39.35 17.94
C5 ADP JA . 50.21 -39.89 19.06
C6 ADP JA . 49.67 -40.32 20.37
N6 ADP JA . 48.36 -40.22 20.65
N1 ADP JA . 50.55 -40.82 21.27
C2 ADP JA . 51.87 -40.92 20.99
N3 ADP JA . 52.43 -40.55 19.82
C4 ADP JA . 51.66 -40.03 18.84
#